data_5FQ6
#
_entry.id   5FQ6
#
_cell.length_a   222.027
_cell.length_b   91.941
_cell.length_c   261.219
_cell.angle_alpha   90.00
_cell.angle_beta   98.23
_cell.angle_gamma   90.00
#
_symmetry.space_group_name_H-M   'P 1 21 1'
#
loop_
_entity.id
_entity.type
_entity.pdbx_description
1 polymer 'PUTATIVE LIPOPROTEIN'
2 polymer 'SUSC/RAGA FAMILY TONB-LINKED OUTER MEMBRANE PROTEIN'
3 polymer 'UNCHARACTERIZED PROTEIN'
4 polymer BT_2261
5 non-polymer '3-decanoyloxypropyl decanoate'
6 non-polymer 'SODIUM ION'
7 non-polymer 'CALCIUM ION'
#
loop_
_entity_poly.entity_id
_entity_poly.type
_entity_poly.pdbx_seq_one_letter_code
_entity_poly.pdbx_strand_id
1 'polypeptide(L)'
;CDLNINDDPNYPMNDQVTADLIFPSISASIASAVGGEIYNYAGFFAQYYEQKPESNQYNTLCEYTFTESSQQMDYSYRIL
FAGALEDAKQVLEKTTNPADRFATTILRAYAFQIMVDNTSDSPYSEALQGNANATPKWDTGETVYKGILGEIDAAEAALD
GSGMDVPDLIFNKNIAQWKGFANALRLRMYLRFIDANIDAASYTEKVKTLVQNNEFFTGDVKLDCFLDETDKRNPWYNTN
AVGLTGNHCAAYPLVSYLSSTGDPRIAYGISKTDADGKYVGQLPGGKTHMQSILGTDNWKNKNVSAIDYSIGATKPVYFF
TQAELQFLIAEVYARFHNDDANAKSAYEAGVTADFAVRGFAGQENTILEGACAWSAASTQADKLNLIYMQKWVSLFYMDH
MEAWSEIRRTDCPKLSSYSAAQIQASESVYTPGELVAPWTNGLEAGGLMKRMTYPLSARQQNVNTPAGVPGSTPVWWDIK
;
A,C,H,L
2 'polypeptide(L)'
;MQTQEVAIKPNLKVVLRSDAQQIDEVVVTAMGIKRSEKALGYAATSVGGEKIAESRTSDVMSSLAGKIAGVQISSTSSDP
GASNSVIIRGVSSLSGTNQPLYVVDGVPLNNSTVYSTDGLNSGYDFGNGANAINPDDVANMTILKGAAATALYGSRAANG
VVMITTKSGRKEKGVGIEYNGGVQWSTVLRLPEFQNEFGMGWNGNHTELENGSWGPRFDGSMQLWGNVYNNSQKLKPYVA
MPDNIKDFFDAGFRYSNSLSFNGATDKSDYYVSFSQISDDGMIPTDADSYDKYTFSARGSHKAGALTFSSSLNYAYQKNN
FATTGQGLSMLNSLYQTPRDISIIGLEDQNDPFNTPGYYYTPYGVMNPYYILNNYLNEYESERFYGKFQLDYEFLKYFKF
TYRMGLDTTTGQSDKGKPNLYALYYEGTPNGEGQGSSSPFSGETGQYSEQITRRREINQDIMVNFNMPVNDFNINALVGF
NGNERKVSYQYSEVNDLTIPTWFNLKNSGKTPIVEQHMELRRLMGVFGQFEGSWKNMLYLTVTARNDWSSTLPKENRSFF
YPGITGSFIFSELLNDNLQDVITFGKIRASWGKTGNDADVYMVNPVYAQSSNRIPFGSLTFPLGGVNAYSAGNVLGSNTL
SPEMTTESEVGLNMAFFKNRLSFDVSYYNRNTDKQIFSLAMDPASGYTAQNMNLGKIRNRGIELLISGTPIRTKDFSWEL
TWNFTKNWSKVISLPEELGGITTIYGLNGGTSMYAITGMPVGVFKAQVAERDPQGRIVVNSSTGLPVEASEFGICGDMNN
KYQMGVSTNLKYKGISLGIDFDIRQGGVMYSRTKDINYFTGNAIQTAYNDRNPLIVPNSVNKIVNGENVTYVENTTPITS
SNIYKYWGDGGSDMGSCFLVDKSYVKLRSVVLGWDLPKRWLAKTPFQAVKVSAYGNNLFVWTPSSNTFIDPEMTSFGNDL
EGNYGEYTANPSSRRFGFNLMVKF
;
B,D,I,M
3 'polypeptide(L)'
;CDNDTEPGGTAVEKMAGDWWVTVNAFIDGKEVEDPFGAGHLQMSTYNTASNSETEMWLDDLGNFWEYKLKVNVNYAARTF
STTGFVDNVTYESKVKITDGKVLEKAATTPSGMPADSIVYMVQFDDDEDGLTYKVSGFRRTGFPADDF
;
E,F,J,N
4 'polypeptide(L)' GGGGGGGGGG G,K,O,P
#
loop_
_chem_comp.id
_chem_comp.type
_chem_comp.name
_chem_comp.formula
CA non-polymer 'CALCIUM ION' 'Ca 2'
KR0 non-polymer '3-decanoyloxypropyl decanoate' 'C23 H44 O4'
NA non-polymer 'SODIUM ION' 'Na 1'
#
# COMPACT_ATOMS: atom_id res chain seq x y z
N CYS A 1 67.91 -12.83 -40.20
CA CYS A 1 66.75 -12.07 -40.64
C CYS A 1 65.56 -13.00 -40.90
N ASP A 2 64.92 -13.42 -39.81
CA ASP A 2 63.82 -14.37 -39.87
C ASP A 2 62.54 -13.66 -40.25
N LEU A 3 61.83 -14.19 -41.24
CA LEU A 3 60.68 -13.50 -41.82
C LEU A 3 59.33 -14.03 -41.34
N ASN A 4 59.30 -15.11 -40.59
CA ASN A 4 58.05 -15.66 -40.07
C ASN A 4 57.66 -14.95 -38.79
N ILE A 5 57.57 -13.62 -38.86
CA ILE A 5 57.33 -12.79 -37.70
C ILE A 5 56.00 -12.06 -37.83
N ASN A 6 55.08 -12.63 -38.63
CA ASN A 6 53.82 -11.97 -38.99
C ASN A 6 52.61 -12.57 -38.28
N ASP A 7 52.80 -13.09 -37.07
CA ASP A 7 51.71 -13.31 -36.13
C ASP A 7 51.58 -12.06 -35.27
N ASP A 8 50.36 -11.57 -35.12
CA ASP A 8 50.26 -10.28 -34.44
C ASP A 8 50.54 -10.41 -32.94
N PRO A 9 51.62 -9.81 -32.42
CA PRO A 9 51.92 -9.97 -31.00
C PRO A 9 51.02 -9.16 -30.08
N ASN A 10 50.19 -8.25 -30.60
CA ASN A 10 49.28 -7.49 -29.77
C ASN A 10 47.96 -8.20 -29.51
N TYR A 11 47.81 -9.45 -29.93
CA TYR A 11 46.59 -10.25 -29.73
C TYR A 11 46.98 -11.68 -29.42
N PRO A 12 46.20 -12.38 -28.59
CA PRO A 12 46.63 -13.70 -28.12
C PRO A 12 46.79 -14.70 -29.25
N MET A 13 47.34 -15.87 -28.92
CA MET A 13 47.24 -16.99 -29.85
C MET A 13 45.78 -17.42 -29.93
N ASN A 14 45.30 -17.62 -31.16
CA ASN A 14 43.88 -17.93 -31.35
C ASN A 14 43.46 -19.15 -30.55
N ASP A 15 44.34 -20.14 -30.41
CA ASP A 15 43.92 -21.40 -29.80
C ASP A 15 43.70 -21.27 -28.30
N GLN A 16 44.34 -20.30 -27.63
CA GLN A 16 44.07 -20.16 -26.21
C GLN A 16 43.00 -19.10 -25.93
N VAL A 17 42.20 -18.76 -26.92
CA VAL A 17 41.01 -17.95 -26.72
C VAL A 17 39.81 -18.90 -26.80
N THR A 18 39.17 -19.12 -25.67
CA THR A 18 38.17 -20.18 -25.50
C THR A 18 36.77 -19.60 -25.36
N ALA A 19 35.77 -20.48 -25.41
CA ALA A 19 34.39 -20.00 -25.49
C ALA A 19 34.00 -19.19 -24.26
N ASP A 20 34.55 -19.51 -23.10
CA ASP A 20 34.29 -18.72 -21.91
C ASP A 20 34.97 -17.36 -21.94
N LEU A 21 35.96 -17.17 -22.81
CA LEU A 21 36.55 -15.85 -22.91
C LEU A 21 35.79 -14.97 -23.89
N ILE A 22 35.11 -15.58 -24.86
CA ILE A 22 34.36 -14.86 -25.87
C ILE A 22 32.95 -14.51 -25.39
N PHE A 23 32.32 -15.40 -24.61
CA PHE A 23 30.89 -15.28 -24.38
C PHE A 23 30.41 -13.97 -23.77
N PRO A 24 31.11 -13.34 -22.82
CA PRO A 24 30.56 -12.10 -22.24
C PRO A 24 30.43 -10.94 -23.23
N SER A 25 31.18 -10.96 -24.34
CA SER A 25 31.06 -9.91 -25.35
C SER A 25 29.65 -9.86 -25.93
N ILE A 26 28.97 -11.01 -26.02
CA ILE A 26 27.66 -11.08 -26.65
C ILE A 26 26.66 -10.21 -25.88
N SER A 27 26.47 -10.50 -24.60
CA SER A 27 25.55 -9.74 -23.75
C SER A 27 25.86 -8.24 -23.79
N ALA A 28 27.15 -7.89 -23.75
CA ALA A 28 27.53 -6.48 -23.67
C ALA A 28 27.35 -5.80 -25.01
N SER A 29 27.61 -6.53 -26.10
CA SER A 29 27.46 -5.96 -27.43
C SER A 29 26.00 -5.62 -27.69
N ILE A 30 25.11 -6.55 -27.42
CA ILE A 30 23.69 -6.28 -27.54
C ILE A 30 23.32 -5.07 -26.69
N ALA A 31 23.78 -5.05 -25.44
CA ALA A 31 23.39 -3.98 -24.53
C ALA A 31 23.86 -2.62 -25.03
N SER A 32 25.01 -2.59 -25.72
CA SER A 32 25.56 -1.33 -26.21
C SER A 32 24.76 -0.79 -27.37
N ALA A 33 23.96 -1.64 -28.04
CA ALA A 33 23.05 -1.19 -29.09
C ALA A 33 21.65 -0.92 -28.55
N VAL A 34 20.99 -1.93 -27.98
CA VAL A 34 19.59 -1.77 -27.60
C VAL A 34 19.41 -0.86 -26.39
N GLY A 35 20.46 -0.68 -25.60
CA GLY A 35 20.49 0.33 -24.56
C GLY A 35 21.16 1.63 -24.96
N GLY A 36 21.63 1.73 -26.21
CA GLY A 36 22.37 2.88 -26.69
C GLY A 36 21.64 3.66 -27.76
N GLU A 37 22.15 3.68 -29.00
CA GLU A 37 21.56 4.54 -30.01
C GLU A 37 20.20 4.00 -30.46
N ILE A 38 19.99 2.69 -30.41
CA ILE A 38 18.67 2.14 -30.71
C ILE A 38 17.67 2.59 -29.67
N TYR A 39 17.94 2.29 -28.39
CA TYR A 39 17.18 2.85 -27.27
C TYR A 39 16.90 4.32 -27.48
N ASN A 40 17.89 5.06 -28.00
CA ASN A 40 17.80 6.50 -28.09
C ASN A 40 16.73 6.96 -29.08
N TYR A 41 16.82 6.55 -30.35
CA TYR A 41 15.81 7.00 -31.32
C TYR A 41 14.46 6.37 -31.03
N ALA A 42 14.44 5.14 -30.50
CA ALA A 42 13.16 4.54 -30.13
C ALA A 42 12.46 5.32 -29.04
N GLY A 43 13.21 6.06 -28.21
CA GLY A 43 12.59 6.98 -27.27
C GLY A 43 11.91 8.15 -27.94
N PHE A 44 12.40 8.58 -29.11
CA PHE A 44 11.70 9.63 -29.84
C PHE A 44 10.43 9.09 -30.51
N PHE A 45 10.51 7.87 -31.04
CA PHE A 45 9.37 7.30 -31.75
C PHE A 45 8.27 6.87 -30.78
N ALA A 46 8.66 6.37 -29.59
CA ALA A 46 7.70 6.16 -28.50
C ALA A 46 7.20 7.46 -27.89
N GLN A 47 7.81 8.59 -28.24
CA GLN A 47 7.40 9.93 -27.79
C GLN A 47 7.49 10.07 -26.27
N TYR A 48 8.62 9.61 -25.70
CA TYR A 48 8.95 9.85 -24.30
C TYR A 48 9.67 11.18 -24.10
N TYR A 49 10.66 11.46 -24.95
CA TYR A 49 11.40 12.70 -24.90
C TYR A 49 11.46 13.29 -26.31
N GLU A 50 12.16 14.43 -26.40
CA GLU A 50 12.09 15.36 -27.51
C GLU A 50 13.35 16.22 -27.46
N GLN A 51 13.66 16.88 -28.57
CA GLN A 51 14.88 17.68 -28.64
C GLN A 51 14.79 18.92 -27.76
N LYS A 52 15.74 19.06 -26.82
CA LYS A 52 15.82 20.27 -26.03
C LYS A 52 15.93 21.49 -26.94
N PRO A 53 15.25 22.59 -26.62
CA PRO A 53 15.23 23.73 -27.55
C PRO A 53 16.60 24.37 -27.79
N GLU A 54 17.49 24.43 -26.81
CA GLU A 54 18.70 25.22 -27.02
C GLU A 54 19.86 24.39 -27.60
N SER A 55 19.62 23.15 -28.01
CA SER A 55 20.62 22.28 -28.64
C SER A 55 19.99 21.63 -29.86
N ASN A 56 20.80 20.86 -30.60
CA ASN A 56 20.42 20.51 -31.97
C ASN A 56 20.74 19.07 -32.39
N GLN A 57 21.19 18.19 -31.47
CA GLN A 57 21.71 16.90 -31.89
C GLN A 57 20.68 16.05 -32.63
N TYR A 58 19.41 16.12 -32.23
CA TYR A 58 18.45 15.14 -32.71
C TYR A 58 17.24 15.78 -33.40
N ASN A 59 17.41 16.95 -34.04
CA ASN A 59 16.33 17.52 -34.83
C ASN A 59 15.78 16.52 -35.85
N THR A 60 16.66 15.76 -36.50
CA THR A 60 16.21 14.92 -37.61
C THR A 60 15.47 13.67 -37.14
N LEU A 61 15.77 13.18 -35.94
CA LEU A 61 14.99 12.08 -35.38
C LEU A 61 13.61 12.55 -34.95
N CYS A 62 13.57 13.73 -34.31
CA CYS A 62 12.32 14.27 -33.80
C CYS A 62 11.35 14.57 -34.92
N GLU A 63 11.87 15.13 -36.01
CA GLU A 63 11.04 15.66 -37.09
C GLU A 63 10.88 14.69 -38.23
N TYR A 64 11.27 13.43 -38.04
CA TYR A 64 11.23 12.43 -39.10
C TYR A 64 11.78 13.01 -40.41
N THR A 65 12.90 13.73 -40.36
CA THR A 65 13.53 14.24 -41.58
C THR A 65 14.90 13.59 -41.85
N PHE A 66 15.19 12.46 -41.21
CA PHE A 66 16.40 11.74 -41.54
C PHE A 66 16.16 10.85 -42.75
N THR A 67 17.24 10.28 -43.29
CA THR A 67 17.10 9.40 -44.44
C THR A 67 17.95 8.16 -44.24
N GLU A 68 18.02 7.34 -45.30
CA GLU A 68 18.79 6.11 -45.26
C GLU A 68 20.28 6.38 -45.09
N SER A 69 20.80 7.44 -45.72
CA SER A 69 22.20 7.85 -45.60
C SER A 69 22.46 8.73 -44.38
N SER A 70 21.46 9.01 -43.56
CA SER A 70 21.71 9.57 -42.24
C SER A 70 22.33 8.56 -41.27
N GLN A 71 22.39 7.27 -41.66
CA GLN A 71 23.04 6.21 -40.88
C GLN A 71 22.64 6.21 -39.41
N GLN A 72 21.38 6.46 -39.14
CA GLN A 72 20.95 6.60 -37.76
C GLN A 72 21.01 5.28 -37.01
N MET A 73 21.25 4.18 -37.74
CA MET A 73 21.30 2.83 -37.20
C MET A 73 22.58 2.06 -37.51
N ASP A 74 23.58 2.65 -38.18
CA ASP A 74 24.72 1.85 -38.67
C ASP A 74 25.63 1.39 -37.55
N TYR A 75 25.89 2.24 -36.55
CA TYR A 75 26.71 1.80 -35.41
C TYR A 75 26.12 0.55 -34.77
N SER A 76 24.79 0.53 -34.59
CA SER A 76 24.16 -0.61 -33.92
C SER A 76 24.22 -1.85 -34.80
N TYR A 77 24.04 -1.66 -36.11
CA TYR A 77 24.06 -2.78 -37.02
C TYR A 77 25.44 -3.43 -37.04
N ARG A 78 26.50 -2.60 -37.08
CA ARG A 78 27.85 -3.14 -36.96
C ARG A 78 28.03 -3.89 -35.64
N ILE A 79 27.57 -3.29 -34.53
CA ILE A 79 27.73 -3.91 -33.22
C ILE A 79 27.00 -5.25 -33.14
N LEU A 80 25.76 -5.31 -33.63
CA LEU A 80 25.01 -6.55 -33.45
C LEU A 80 25.48 -7.68 -34.36
N PHE A 81 25.87 -7.37 -35.60
CA PHE A 81 26.26 -8.40 -36.57
C PHE A 81 27.75 -8.69 -36.58
N ALA A 82 28.61 -7.68 -36.61
CA ALA A 82 30.04 -7.95 -36.64
C ALA A 82 30.63 -8.14 -35.25
N GLY A 83 29.87 -7.86 -34.20
CA GLY A 83 30.32 -8.09 -32.84
C GLY A 83 29.60 -9.23 -32.13
N ALA A 84 28.29 -9.08 -31.93
CA ALA A 84 27.58 -10.00 -31.04
C ALA A 84 27.28 -11.32 -31.72
N LEU A 85 26.72 -11.28 -32.93
CA LEU A 85 26.32 -12.51 -33.60
C LEU A 85 27.54 -13.32 -34.04
N GLU A 86 28.65 -12.66 -34.40
CA GLU A 86 29.85 -13.40 -34.75
C GLU A 86 30.45 -14.08 -33.53
N ASP A 87 30.59 -13.34 -32.42
CA ASP A 87 31.12 -13.92 -31.20
C ASP A 87 30.28 -15.10 -30.74
N ALA A 88 28.96 -14.98 -30.88
CA ALA A 88 28.06 -16.08 -30.56
C ALA A 88 28.32 -17.30 -31.43
N LYS A 89 28.61 -17.07 -32.71
CA LYS A 89 28.96 -18.16 -33.63
C LYS A 89 30.23 -18.85 -33.18
N GLN A 90 31.25 -18.06 -32.80
CA GLN A 90 32.49 -18.62 -32.26
C GLN A 90 32.21 -19.48 -31.03
N VAL A 91 31.37 -18.98 -30.12
CA VAL A 91 31.04 -19.74 -28.91
C VAL A 91 30.48 -21.10 -29.28
N LEU A 92 29.54 -21.14 -30.24
CA LEU A 92 28.90 -22.40 -30.60
C LEU A 92 29.77 -23.31 -31.44
N GLU A 93 30.92 -22.82 -31.93
CA GLU A 93 31.95 -23.68 -32.51
C GLU A 93 32.90 -24.23 -31.45
N LYS A 94 32.91 -23.61 -30.26
CA LYS A 94 33.96 -23.82 -29.27
C LYS A 94 33.51 -24.55 -28.01
N THR A 95 32.23 -24.47 -27.64
CA THR A 95 31.74 -25.24 -26.52
C THR A 95 30.72 -26.26 -27.00
N THR A 96 30.63 -27.37 -26.29
CA THR A 96 29.60 -28.37 -26.55
C THR A 96 28.68 -28.55 -25.36
N ASN A 97 28.81 -27.72 -24.33
CA ASN A 97 27.96 -27.73 -23.16
C ASN A 97 26.57 -27.21 -23.52
N PRO A 98 25.53 -28.05 -23.47
CA PRO A 98 24.18 -27.55 -23.83
C PRO A 98 23.73 -26.37 -22.99
N ALA A 99 24.13 -26.28 -21.72
CA ALA A 99 23.72 -25.14 -20.91
C ALA A 99 24.30 -23.83 -21.46
N ASP A 100 25.56 -23.84 -21.91
CA ASP A 100 26.13 -22.63 -22.50
C ASP A 100 25.52 -22.33 -23.86
N ARG A 101 25.35 -23.37 -24.70
CA ARG A 101 24.79 -23.16 -26.03
C ARG A 101 23.41 -22.53 -25.92
N PHE A 102 22.62 -22.99 -24.95
CA PHE A 102 21.28 -22.45 -24.73
C PHE A 102 21.32 -20.95 -24.49
N ALA A 103 22.09 -20.50 -23.50
CA ALA A 103 22.14 -19.08 -23.20
C ALA A 103 22.60 -18.25 -24.39
N THR A 104 23.50 -18.78 -25.24
CA THR A 104 23.93 -17.99 -26.39
C THR A 104 22.83 -17.90 -27.43
N THR A 105 22.19 -19.03 -27.77
CA THR A 105 21.17 -18.96 -28.82
C THR A 105 20.00 -18.08 -28.41
N ILE A 106 19.80 -17.88 -27.11
CA ILE A 106 18.80 -16.93 -26.64
C ILE A 106 19.23 -15.50 -26.95
N LEU A 107 20.49 -15.16 -26.66
CA LEU A 107 20.99 -13.84 -27.01
C LEU A 107 21.16 -13.69 -28.51
N ARG A 108 21.42 -14.80 -29.20
CA ARG A 108 21.39 -14.81 -30.65
C ARG A 108 19.99 -14.46 -31.15
N ALA A 109 18.99 -15.20 -30.70
CA ALA A 109 17.62 -14.91 -31.12
C ALA A 109 17.22 -13.49 -30.77
N TYR A 110 17.54 -13.04 -29.55
CA TYR A 110 17.22 -11.68 -29.13
C TYR A 110 17.77 -10.65 -30.11
N ALA A 111 19.00 -10.83 -30.59
CA ALA A 111 19.60 -9.85 -31.50
C ALA A 111 18.86 -9.80 -32.82
N PHE A 112 18.52 -10.95 -33.39
CA PHE A 112 17.76 -10.95 -34.64
C PHE A 112 16.41 -10.28 -34.46
N GLN A 113 15.71 -10.61 -33.37
CA GLN A 113 14.43 -9.96 -33.11
C GLN A 113 14.57 -8.45 -33.09
N ILE A 114 15.60 -7.92 -32.42
CA ILE A 114 15.80 -6.47 -32.37
C ILE A 114 15.89 -5.91 -33.78
N MET A 115 16.74 -6.51 -34.60
CA MET A 115 16.92 -6.06 -35.98
C MET A 115 15.63 -6.17 -36.77
N VAL A 116 14.90 -7.29 -36.61
CA VAL A 116 13.66 -7.47 -37.37
C VAL A 116 12.66 -6.39 -37.02
N ASP A 117 12.57 -6.02 -35.74
CA ASP A 117 11.67 -4.95 -35.35
C ASP A 117 12.15 -3.56 -35.77
N ASN A 118 13.21 -3.44 -36.57
CA ASN A 118 13.60 -2.17 -37.17
C ASN A 118 13.41 -2.13 -38.68
N THR A 119 13.78 -3.21 -39.36
CA THR A 119 13.83 -3.21 -40.82
C THR A 119 13.03 -4.37 -41.40
N SER A 120 12.11 -4.93 -40.62
CA SER A 120 11.38 -6.13 -41.01
C SER A 120 12.33 -7.22 -41.47
N ASP A 121 12.84 -7.10 -42.70
CA ASP A 121 13.77 -8.08 -43.21
C ASP A 121 15.10 -7.98 -42.50
N SER A 122 15.80 -9.11 -42.39
CA SER A 122 17.13 -9.09 -41.81
C SER A 122 17.94 -10.25 -42.36
N PRO A 123 19.23 -10.07 -42.63
CA PRO A 123 20.05 -11.21 -43.01
C PRO A 123 20.06 -12.21 -41.88
N TYR A 124 20.09 -13.49 -42.24
CA TYR A 124 19.92 -14.52 -41.23
C TYR A 124 20.37 -15.87 -41.75
N SER A 125 19.58 -16.50 -42.61
CA SER A 125 19.94 -17.84 -43.10
C SER A 125 21.27 -17.84 -43.81
N GLU A 126 21.71 -16.70 -44.34
CA GLU A 126 22.98 -16.64 -45.05
C GLU A 126 23.98 -15.70 -44.38
N ALA A 127 23.65 -15.16 -43.22
CA ALA A 127 24.57 -14.24 -42.57
C ALA A 127 25.64 -15.00 -41.80
N LEU A 128 26.70 -14.27 -41.41
CA LEU A 128 27.82 -14.82 -40.63
C LEU A 128 28.56 -15.92 -41.41
N GLN A 129 28.87 -15.66 -42.68
CA GLN A 129 29.62 -16.60 -43.51
C GLN A 129 30.86 -15.99 -44.12
N GLY A 130 31.24 -14.78 -43.71
CA GLY A 130 32.53 -14.23 -44.08
C GLY A 130 32.70 -14.11 -45.57
N ASN A 131 33.88 -14.50 -46.08
CA ASN A 131 34.10 -14.42 -47.50
C ASN A 131 33.32 -15.48 -48.28
N ALA A 132 32.87 -16.54 -47.62
CA ALA A 132 32.09 -17.55 -48.35
C ALA A 132 30.75 -16.98 -48.80
N ASN A 133 30.24 -15.96 -48.11
CA ASN A 133 29.06 -15.22 -48.57
C ASN A 133 29.19 -13.79 -48.05
N ALA A 134 29.74 -12.92 -48.90
CA ALA A 134 29.93 -11.51 -48.54
C ALA A 134 28.62 -10.73 -48.59
N THR A 135 27.62 -11.25 -49.30
CA THR A 135 26.37 -10.57 -49.59
C THR A 135 25.23 -11.53 -49.27
N PRO A 136 24.95 -11.75 -47.98
CA PRO A 136 23.82 -12.61 -47.63
C PRO A 136 22.52 -11.96 -48.06
N LYS A 137 21.54 -12.80 -48.40
CA LYS A 137 20.21 -12.27 -48.70
C LYS A 137 19.52 -11.86 -47.41
N TRP A 138 18.53 -10.97 -47.55
CA TRP A 138 17.76 -10.51 -46.40
C TRP A 138 16.49 -11.34 -46.30
N ASP A 139 16.41 -12.16 -45.26
CA ASP A 139 15.25 -13.01 -45.09
C ASP A 139 14.06 -12.20 -44.60
N THR A 140 12.88 -12.66 -45.00
CA THR A 140 11.62 -12.11 -44.55
C THR A 140 11.63 -11.93 -43.04
N GLY A 141 10.99 -10.87 -42.55
CA GLY A 141 10.90 -10.70 -41.11
C GLY A 141 10.38 -11.94 -40.40
N GLU A 142 9.40 -12.63 -41.01
CA GLU A 142 8.76 -13.77 -40.37
C GLU A 142 9.52 -15.08 -40.52
N THR A 143 10.32 -15.26 -41.58
CA THR A 143 11.16 -16.45 -41.64
C THR A 143 12.11 -16.49 -40.44
N VAL A 144 12.67 -15.33 -40.06
CA VAL A 144 13.65 -15.32 -39.00
C VAL A 144 12.99 -15.39 -37.62
N TYR A 145 11.82 -14.77 -37.45
CA TYR A 145 11.03 -15.01 -36.24
C TYR A 145 10.74 -16.49 -36.07
N LYS A 146 10.36 -17.16 -37.17
CA LYS A 146 10.11 -18.60 -37.13
C LYS A 146 11.42 -19.39 -37.02
N GLY A 147 12.50 -18.87 -37.57
CA GLY A 147 13.76 -19.58 -37.51
C GLY A 147 14.40 -19.55 -36.13
N ILE A 148 14.45 -18.36 -35.51
CA ILE A 148 15.08 -18.23 -34.21
C ILE A 148 14.25 -18.90 -33.12
N LEU A 149 12.92 -18.79 -33.22
CA LEU A 149 12.08 -19.49 -32.25
C LEU A 149 12.24 -20.99 -32.36
N GLY A 150 12.63 -21.50 -33.53
CA GLY A 150 12.98 -22.89 -33.66
C GLY A 150 14.34 -23.21 -33.08
N GLU A 151 15.28 -22.26 -33.16
CA GLU A 151 16.57 -22.47 -32.52
C GLU A 151 16.44 -22.55 -31.01
N ILE A 152 15.59 -21.69 -30.40
CA ILE A 152 15.39 -21.74 -28.95
C ILE A 152 14.74 -23.06 -28.56
N ASP A 153 13.82 -23.55 -29.39
CA ASP A 153 13.18 -24.84 -29.14
C ASP A 153 14.23 -25.94 -29.06
N ALA A 154 14.97 -26.13 -30.16
CA ALA A 154 15.99 -27.17 -30.22
C ALA A 154 17.02 -27.00 -29.10
N ALA A 155 17.48 -25.76 -28.88
CA ALA A 155 18.53 -25.53 -27.90
C ALA A 155 18.05 -25.85 -26.49
N GLU A 156 16.78 -25.54 -26.18
CA GLU A 156 16.21 -25.97 -24.90
C GLU A 156 16.06 -27.48 -24.86
N ALA A 157 15.80 -28.11 -26.01
CA ALA A 157 15.69 -29.57 -26.07
C ALA A 157 17.02 -30.29 -25.79
N ALA A 158 18.16 -29.61 -25.95
CA ALA A 158 19.47 -30.24 -25.82
C ALA A 158 20.00 -30.23 -24.39
N LEU A 159 19.28 -29.60 -23.46
CA LEU A 159 19.74 -29.54 -22.08
C LEU A 159 19.78 -30.94 -21.47
N ASP A 160 20.92 -31.27 -20.84
CA ASP A 160 21.11 -32.54 -20.15
C ASP A 160 21.25 -32.38 -18.65
N GLY A 161 21.00 -31.18 -18.11
CA GLY A 161 21.05 -30.94 -16.69
C GLY A 161 22.35 -30.34 -16.19
N SER A 162 23.44 -30.48 -16.95
CA SER A 162 24.73 -29.94 -16.55
C SER A 162 24.67 -28.42 -16.45
N GLY A 163 25.45 -27.87 -15.52
CA GLY A 163 25.48 -26.44 -15.33
C GLY A 163 26.29 -25.71 -16.39
N MET A 164 26.11 -24.40 -16.44
CA MET A 164 26.90 -23.55 -17.32
C MET A 164 28.30 -23.38 -16.78
N ASP A 165 29.30 -23.37 -17.67
CA ASP A 165 30.69 -23.09 -17.29
CA ASP A 165 30.68 -23.08 -17.28
C ASP A 165 31.20 -21.92 -18.11
N VAL A 166 30.52 -20.79 -18.02
CA VAL A 166 30.81 -19.60 -18.82
C VAL A 166 30.43 -18.36 -17.99
N PRO A 167 31.17 -17.25 -18.04
CA PRO A 167 30.84 -16.12 -17.14
C PRO A 167 29.59 -15.43 -17.66
N ASP A 168 28.62 -15.25 -16.75
CA ASP A 168 27.27 -14.82 -17.10
C ASP A 168 26.93 -13.55 -16.33
N LEU A 169 27.05 -12.39 -16.97
CA LEU A 169 26.77 -11.13 -16.28
C LEU A 169 25.28 -10.82 -16.14
N ILE A 170 24.38 -11.62 -16.73
CA ILE A 170 22.95 -11.37 -16.67
C ILE A 170 22.28 -12.08 -15.49
N PHE A 171 22.46 -13.41 -15.41
CA PHE A 171 21.80 -14.26 -14.42
C PHE A 171 22.76 -15.01 -13.50
N ASN A 172 24.07 -14.97 -13.76
CA ASN A 172 25.07 -15.65 -12.95
C ASN A 172 24.88 -17.16 -13.01
N LYS A 173 24.69 -17.66 -14.24
CA LYS A 173 24.64 -19.09 -14.54
C LYS A 173 23.37 -19.79 -14.09
N ASN A 174 22.34 -19.03 -13.69
CA ASN A 174 21.07 -19.61 -13.20
C ASN A 174 20.26 -20.05 -14.40
N ILE A 175 20.33 -21.34 -14.75
CA ILE A 175 19.67 -21.82 -15.96
C ILE A 175 18.15 -21.75 -15.85
N ALA A 176 17.59 -21.80 -14.65
CA ALA A 176 16.15 -21.60 -14.54
C ALA A 176 15.75 -20.21 -15.04
N GLN A 177 16.60 -19.21 -14.80
CA GLN A 177 16.29 -17.87 -15.28
C GLN A 177 16.53 -17.69 -16.77
N TRP A 178 17.40 -18.51 -17.37
CA TRP A 178 17.55 -18.43 -18.82
C TRP A 178 16.33 -18.96 -19.54
N LYS A 179 15.76 -20.09 -19.08
CA LYS A 179 14.55 -20.57 -19.73
C LYS A 179 13.36 -19.67 -19.41
N GLY A 180 13.42 -18.95 -18.29
CA GLY A 180 12.44 -17.90 -18.05
C GLY A 180 12.59 -16.75 -19.04
N PHE A 181 13.84 -16.35 -19.31
CA PHE A 181 14.09 -15.40 -20.39
C PHE A 181 13.59 -15.95 -21.72
N ALA A 182 13.76 -17.27 -21.94
CA ALA A 182 13.40 -17.87 -23.21
C ALA A 182 11.89 -17.77 -23.46
N ASN A 183 11.10 -18.23 -22.47
CA ASN A 183 9.66 -18.22 -22.61
C ASN A 183 9.12 -16.81 -22.76
N ALA A 184 9.76 -15.83 -22.10
CA ALA A 184 9.30 -14.46 -22.20
C ALA A 184 9.55 -13.89 -23.59
N LEU A 185 10.63 -14.30 -24.25
CA LEU A 185 10.79 -13.95 -25.65
C LEU A 185 9.69 -14.58 -26.52
N ARG A 186 9.28 -15.81 -26.17
CA ARG A 186 8.25 -16.48 -26.96
C ARG A 186 6.90 -15.80 -26.78
N LEU A 187 6.56 -15.46 -25.53
CA LEU A 187 5.35 -14.69 -25.25
C LEU A 187 5.32 -13.41 -26.08
N ARG A 188 6.45 -12.72 -26.16
CA ARG A 188 6.49 -11.48 -26.93
C ARG A 188 6.34 -11.75 -28.42
N MET A 189 7.11 -12.71 -28.96
CA MET A 189 7.05 -12.92 -30.40
C MET A 189 5.78 -13.66 -30.84
N TYR A 190 5.27 -14.59 -30.05
CA TYR A 190 4.01 -15.22 -30.40
C TYR A 190 2.90 -14.18 -30.54
N LEU A 191 2.85 -13.23 -29.59
CA LEU A 191 1.85 -12.17 -29.65
C LEU A 191 2.00 -11.27 -30.87
N ARG A 192 3.21 -11.16 -31.44
CA ARG A 192 3.33 -10.44 -32.71
C ARG A 192 2.68 -11.22 -33.83
N PHE A 193 2.93 -12.53 -33.87
CA PHE A 193 2.38 -13.37 -34.93
C PHE A 193 0.87 -13.21 -35.06
N ILE A 194 0.16 -13.29 -33.94
CA ILE A 194 -1.30 -13.30 -34.02
C ILE A 194 -1.83 -11.90 -34.32
N ASP A 195 -1.24 -10.86 -33.72
CA ASP A 195 -1.72 -9.53 -34.05
C ASP A 195 -1.31 -9.10 -35.46
N ALA A 196 -0.42 -9.86 -36.10
CA ALA A 196 -0.22 -9.76 -37.54
C ALA A 196 -1.14 -10.71 -38.29
N ASN A 197 -1.76 -11.64 -37.58
CA ASN A 197 -2.75 -12.60 -38.09
C ASN A 197 -2.10 -13.59 -39.06
N ILE A 198 -1.04 -14.22 -38.56
CA ILE A 198 -0.32 -15.28 -39.23
C ILE A 198 -0.33 -16.48 -38.30
N ASP A 199 -0.99 -17.56 -38.71
CA ASP A 199 -1.21 -18.73 -37.85
C ASP A 199 -1.69 -18.30 -36.49
N ALA A 200 -2.59 -17.30 -36.48
CA ALA A 200 -3.07 -16.75 -35.23
C ALA A 200 -3.76 -17.82 -34.36
N ALA A 201 -4.31 -18.87 -34.98
CA ALA A 201 -4.88 -19.96 -34.19
C ALA A 201 -3.81 -20.73 -33.44
N SER A 202 -2.67 -21.00 -34.08
CA SER A 202 -1.67 -21.86 -33.47
C SER A 202 -0.91 -21.15 -32.36
N TYR A 203 -0.58 -19.87 -32.56
CA TYR A 203 0.15 -19.15 -31.53
C TYR A 203 -0.75 -18.70 -30.38
N THR A 204 -2.05 -18.50 -30.62
CA THR A 204 -2.98 -18.35 -29.51
C THR A 204 -3.02 -19.62 -28.64
N GLU A 205 -2.98 -20.79 -29.30
CA GLU A 205 -2.86 -22.05 -28.58
C GLU A 205 -1.66 -22.04 -27.64
N LYS A 206 -0.50 -21.59 -28.14
CA LYS A 206 0.74 -21.71 -27.38
C LYS A 206 0.93 -20.55 -26.42
N VAL A 207 0.60 -19.32 -26.83
CA VAL A 207 0.68 -18.17 -25.94
C VAL A 207 -0.02 -18.49 -24.63
N LYS A 208 -1.13 -19.21 -24.73
CA LYS A 208 -1.93 -19.55 -23.58
C LYS A 208 -1.30 -20.67 -22.78
N THR A 209 -0.96 -21.77 -23.44
CA THR A 209 -0.14 -22.82 -22.84
C THR A 209 1.02 -22.23 -22.04
N LEU A 210 1.74 -21.26 -22.61
CA LEU A 210 2.89 -20.68 -21.93
C LEU A 210 2.47 -19.96 -20.64
N VAL A 211 1.43 -19.13 -20.72
CA VAL A 211 1.11 -18.27 -19.57
C VAL A 211 0.51 -19.08 -18.43
N GLN A 212 -0.12 -20.21 -18.72
CA GLN A 212 -0.61 -21.05 -17.63
C GLN A 212 0.55 -21.71 -16.87
N ASN A 213 1.67 -21.96 -17.56
CA ASN A 213 2.83 -22.59 -16.92
C ASN A 213 3.62 -21.63 -16.03
N ASN A 214 3.53 -20.32 -16.27
CA ASN A 214 4.19 -19.30 -15.44
C ASN A 214 5.69 -19.52 -15.31
N GLU A 215 6.28 -20.27 -16.25
CA GLU A 215 7.71 -20.56 -16.22
C GLU A 215 8.50 -19.39 -16.82
N PHE A 216 8.37 -18.23 -16.20
CA PHE A 216 9.08 -17.06 -16.69
C PHE A 216 10.26 -16.74 -15.77
N PHE A 217 10.86 -15.57 -16.00
CA PHE A 217 11.96 -15.07 -15.18
C PHE A 217 11.42 -14.24 -14.02
N THR A 218 12.22 -14.17 -12.96
CA THR A 218 11.98 -13.28 -11.84
C THR A 218 12.85 -12.03 -11.99
N GLY A 219 12.59 -11.03 -11.14
CA GLY A 219 13.29 -9.76 -11.27
C GLY A 219 13.26 -9.27 -12.70
N ASP A 220 14.38 -8.68 -13.15
CA ASP A 220 14.50 -8.20 -14.52
C ASP A 220 15.57 -8.98 -15.26
N VAL A 221 15.45 -9.00 -16.59
CA VAL A 221 16.51 -9.48 -17.47
C VAL A 221 17.32 -8.24 -17.88
N LYS A 222 18.55 -8.14 -17.36
CA LYS A 222 19.31 -6.92 -17.56
C LYS A 222 20.81 -7.21 -17.54
N LEU A 223 21.58 -6.18 -17.91
CA LEU A 223 23.03 -6.17 -17.73
C LEU A 223 23.32 -5.01 -16.80
N ASP A 224 23.78 -5.29 -15.59
CA ASP A 224 23.82 -4.33 -14.49
C ASP A 224 25.22 -4.25 -13.89
N CYS A 225 26.21 -4.13 -14.75
CA CYS A 225 27.61 -4.15 -14.35
C CYS A 225 28.33 -2.91 -14.81
N PHE A 226 27.65 -1.78 -14.84
CA PHE A 226 28.25 -0.54 -15.29
C PHE A 226 28.79 0.21 -14.09
N LEU A 227 29.79 1.06 -14.33
CA LEU A 227 30.36 1.92 -13.30
C LEU A 227 30.51 3.32 -13.90
N ASP A 228 30.60 4.33 -13.02
CA ASP A 228 30.56 5.73 -13.46
C ASP A 228 31.98 6.17 -13.76
N GLU A 229 32.49 5.71 -14.90
CA GLU A 229 33.94 5.70 -15.07
C GLU A 229 34.35 6.31 -16.40
N THR A 230 34.54 5.47 -17.41
CA THR A 230 34.95 5.89 -18.74
C THR A 230 35.02 4.62 -19.54
N ASP A 231 34.26 4.53 -20.62
CA ASP A 231 34.08 3.31 -21.39
C ASP A 231 33.36 2.23 -20.59
N LYS A 232 32.73 2.60 -19.46
CA LYS A 232 32.21 1.66 -18.48
C LYS A 232 30.79 1.97 -18.05
N ARG A 233 30.19 3.02 -18.56
CA ARG A 233 28.86 3.49 -18.19
C ARG A 233 27.78 2.82 -19.03
N ASN A 234 26.54 2.94 -18.56
CA ASN A 234 25.36 2.72 -19.37
C ASN A 234 25.60 3.40 -20.72
N PRO A 235 25.43 2.68 -21.82
CA PRO A 235 25.79 3.27 -23.11
C PRO A 235 24.99 4.51 -23.44
N TRP A 236 23.71 4.56 -23.06
CA TRP A 236 22.90 5.72 -23.41
C TRP A 236 23.40 6.94 -22.65
N TYR A 237 23.52 6.82 -21.34
CA TYR A 237 24.07 7.90 -20.53
C TYR A 237 25.40 8.36 -21.09
N ASN A 238 26.28 7.40 -21.40
CA ASN A 238 27.59 7.67 -21.99
C ASN A 238 27.49 8.60 -23.20
N THR A 239 26.80 8.14 -24.25
CA THR A 239 26.62 8.91 -25.46
C THR A 239 26.02 10.28 -25.18
N ASN A 240 24.96 10.34 -24.38
CA ASN A 240 24.15 11.53 -24.33
C ASN A 240 24.41 12.42 -23.12
N ALA A 241 25.25 12.00 -22.21
CA ALA A 241 25.52 12.86 -21.07
C ALA A 241 26.99 13.19 -20.88
N VAL A 242 27.92 12.33 -21.28
CA VAL A 242 29.32 12.71 -21.25
C VAL A 242 29.84 13.05 -22.64
N GLY A 243 29.46 12.27 -23.66
CA GLY A 243 29.88 12.59 -25.02
C GLY A 243 29.30 13.89 -25.54
N LEU A 244 27.98 14.05 -25.43
CA LEU A 244 27.28 15.23 -25.93
C LEU A 244 26.76 16.05 -24.76
N THR A 245 26.24 17.24 -25.05
CA THR A 245 25.57 17.93 -23.95
C THR A 245 24.13 17.43 -23.84
N GLY A 246 23.41 17.90 -22.82
CA GLY A 246 22.01 17.54 -22.67
C GLY A 246 21.19 17.88 -23.90
N ASN A 247 20.54 16.86 -24.48
CA ASN A 247 19.69 17.04 -25.66
C ASN A 247 18.24 16.64 -25.47
N HIS A 248 17.91 15.81 -24.48
CA HIS A 248 16.57 15.26 -24.32
C HIS A 248 15.73 16.07 -23.32
N CYS A 249 14.60 16.61 -23.79
CA CYS A 249 13.56 17.15 -22.90
C CYS A 249 12.33 16.25 -22.92
N ALA A 250 11.51 16.34 -21.90
CA ALA A 250 10.34 15.47 -21.82
C ALA A 250 9.32 15.78 -22.94
N ALA A 251 8.73 14.72 -23.49
CA ALA A 251 7.73 14.86 -24.55
C ALA A 251 6.32 15.09 -24.00
N TYR A 252 5.53 15.84 -24.74
CA TYR A 252 4.18 16.17 -24.31
C TYR A 252 3.27 14.98 -24.01
N PRO A 253 3.18 13.95 -24.86
CA PRO A 253 2.36 12.77 -24.51
C PRO A 253 2.63 12.17 -23.14
N LEU A 254 3.89 12.00 -22.76
CA LEU A 254 4.20 11.35 -21.50
C LEU A 254 3.89 12.23 -20.30
N VAL A 255 4.34 13.48 -20.32
CA VAL A 255 4.09 14.38 -19.20
C VAL A 255 2.59 14.66 -19.05
N SER A 256 1.87 14.76 -20.17
CA SER A 256 0.43 14.96 -20.11
C SER A 256 -0.28 13.78 -19.50
N TYR A 257 0.23 12.57 -19.71
CA TYR A 257 -0.37 11.40 -19.08
C TYR A 257 -0.09 11.40 -17.59
N LEU A 258 1.18 11.35 -17.21
CA LEU A 258 1.55 11.21 -15.81
C LEU A 258 0.93 12.30 -14.94
N SER A 259 0.70 13.49 -15.50
CA SER A 259 0.07 14.56 -14.73
C SER A 259 -1.42 14.32 -14.52
N SER A 260 -2.10 13.76 -15.52
CA SER A 260 -3.55 13.57 -15.41
C SER A 260 -3.89 12.40 -14.48
N THR A 261 -3.01 11.39 -14.43
CA THR A 261 -3.13 10.28 -13.48
C THR A 261 -2.70 10.65 -12.08
N GLY A 262 -2.04 11.79 -11.89
CA GLY A 262 -1.43 12.05 -10.60
C GLY A 262 -0.38 11.01 -10.27
N ASP A 263 0.42 10.65 -11.27
CA ASP A 263 1.34 9.53 -11.15
C ASP A 263 2.67 10.03 -10.65
N PRO A 264 3.12 9.64 -9.46
CA PRO A 264 4.33 10.23 -8.87
C PRO A 264 5.64 9.67 -9.43
N ARG A 265 5.57 8.68 -10.32
CA ARG A 265 6.70 8.33 -11.18
C ARG A 265 7.14 9.49 -12.09
N ILE A 266 6.36 10.58 -12.11
CA ILE A 266 6.69 11.70 -12.99
C ILE A 266 7.98 12.36 -12.58
N ALA A 267 8.44 12.14 -11.35
CA ALA A 267 9.66 12.74 -10.88
C ALA A 267 10.89 11.91 -11.23
N TYR A 268 10.71 10.65 -11.62
CA TYR A 268 11.82 9.74 -11.93
C TYR A 268 12.23 9.94 -13.38
N GLY A 269 13.35 10.62 -13.59
CA GLY A 269 13.90 10.78 -14.92
C GLY A 269 13.54 12.05 -15.63
N ILE A 270 12.60 12.82 -15.06
CA ILE A 270 12.13 14.09 -15.60
C ILE A 270 12.24 15.10 -14.48
N SER A 271 12.66 16.31 -14.80
CA SER A 271 12.79 17.38 -13.81
C SER A 271 11.76 18.47 -14.03
N LYS A 272 11.43 19.18 -12.95
CA LYS A 272 10.61 20.37 -13.08
C LYS A 272 11.33 21.41 -13.94
N THR A 273 10.54 22.32 -14.51
CA THR A 273 11.08 23.41 -15.34
C THR A 273 11.88 24.38 -14.49
N ASP A 274 13.09 24.70 -14.94
CA ASP A 274 13.86 25.69 -14.21
C ASP A 274 13.15 27.02 -14.11
N ALA A 275 12.07 27.21 -14.87
CA ALA A 275 11.38 28.50 -15.03
C ALA A 275 10.18 28.67 -14.13
N ASP A 276 9.49 27.61 -13.84
CA ASP A 276 8.26 27.71 -13.09
C ASP A 276 8.14 26.69 -11.97
N GLY A 277 8.67 25.49 -12.18
CA GLY A 277 8.50 24.41 -11.23
C GLY A 277 7.38 23.46 -11.53
N LYS A 278 6.98 23.33 -12.78
CA LYS A 278 5.98 22.35 -13.20
C LYS A 278 6.59 21.40 -14.22
N TYR A 279 5.77 20.44 -14.65
CA TYR A 279 6.19 19.43 -15.60
C TYR A 279 5.59 19.80 -16.94
N VAL A 280 6.43 20.30 -17.85
CA VAL A 280 5.99 20.69 -19.18
C VAL A 280 6.70 19.82 -20.19
N GLY A 281 5.94 19.31 -21.16
CA GLY A 281 6.51 18.53 -22.22
C GLY A 281 6.36 19.23 -23.55
N GLN A 282 7.21 18.85 -24.49
CA GLN A 282 7.26 19.47 -25.81
C GLN A 282 6.50 18.59 -26.81
N LEU A 283 5.65 19.21 -27.62
CA LEU A 283 5.01 18.50 -28.71
C LEU A 283 6.07 17.96 -29.67
N PRO A 284 5.95 16.71 -30.14
CA PRO A 284 7.00 16.14 -30.99
C PRO A 284 7.23 16.95 -32.26
N GLY A 285 8.49 17.01 -32.67
CA GLY A 285 8.92 17.73 -33.85
C GLY A 285 8.62 19.21 -33.78
N GLY A 286 8.12 19.64 -32.62
CA GLY A 286 7.61 20.99 -32.44
C GLY A 286 8.59 21.98 -31.85
N LYS A 287 9.88 21.62 -31.75
CA LYS A 287 10.87 22.56 -31.25
C LYS A 287 10.80 23.89 -32.02
N THR A 288 11.03 23.83 -33.34
CA THR A 288 11.15 25.06 -34.11
C THR A 288 9.88 25.88 -34.10
N HIS A 289 8.73 25.20 -34.06
CA HIS A 289 7.43 25.87 -34.11
C HIS A 289 7.15 26.61 -32.81
N MET A 290 7.44 25.98 -31.66
CA MET A 290 7.22 26.68 -30.40
C MET A 290 8.05 27.95 -30.32
N GLN A 291 9.30 27.91 -30.78
CA GLN A 291 10.11 29.13 -30.76
C GLN A 291 9.60 30.17 -31.75
N SER A 292 9.10 29.73 -32.91
CA SER A 292 8.44 30.67 -33.83
C SER A 292 7.31 31.40 -33.12
N ILE A 293 6.49 30.65 -32.39
CA ILE A 293 5.23 31.19 -31.90
C ILE A 293 5.43 32.01 -30.64
N LEU A 294 6.16 31.46 -29.67
CA LEU A 294 6.27 32.08 -28.37
C LEU A 294 7.39 33.10 -28.28
N GLY A 295 8.37 33.02 -29.17
CA GLY A 295 9.55 33.86 -29.13
C GLY A 295 10.79 33.08 -28.71
N THR A 296 11.95 33.65 -29.00
CA THR A 296 13.21 33.02 -28.62
C THR A 296 13.31 32.89 -27.10
N ASP A 297 13.02 33.99 -26.39
CA ASP A 297 13.21 34.04 -24.94
C ASP A 297 12.25 33.09 -24.22
N ASN A 298 11.03 32.93 -24.73
CA ASN A 298 9.98 32.27 -23.97
C ASN A 298 9.88 30.78 -24.24
N TRP A 299 10.77 30.21 -25.06
CA TRP A 299 10.86 28.77 -25.24
C TRP A 299 12.34 28.36 -25.31
N LYS A 300 13.05 28.60 -24.20
CA LYS A 300 14.41 28.13 -23.94
C LYS A 300 14.35 26.85 -23.11
N ASN A 301 15.52 26.26 -22.82
CA ASN A 301 15.56 25.13 -21.90
C ASN A 301 14.84 25.46 -20.58
N LYS A 302 14.83 26.74 -20.20
CA LYS A 302 14.12 27.18 -19.01
C LYS A 302 12.68 26.69 -18.99
N ASN A 303 11.97 26.85 -20.10
CA ASN A 303 10.52 26.69 -20.13
C ASN A 303 10.06 25.26 -20.36
N VAL A 304 10.97 24.28 -20.31
CA VAL A 304 10.56 22.90 -20.53
C VAL A 304 11.33 21.97 -19.60
N SER A 305 10.68 20.87 -19.26
CA SER A 305 11.22 19.86 -18.36
C SER A 305 12.36 19.09 -19.01
N ALA A 306 13.53 19.12 -18.36
CA ALA A 306 14.65 18.36 -18.86
C ALA A 306 14.50 16.89 -18.51
N ILE A 307 15.08 16.03 -19.36
CA ILE A 307 15.34 14.66 -18.94
C ILE A 307 16.53 14.68 -18.03
N ASP A 308 16.42 13.96 -16.91
CA ASP A 308 17.49 13.93 -15.92
C ASP A 308 18.38 12.73 -16.18
N TYR A 309 19.67 12.99 -16.33
CA TYR A 309 20.60 11.92 -16.59
C TYR A 309 21.22 11.35 -15.34
N SER A 310 21.16 12.07 -14.22
CA SER A 310 21.94 11.67 -13.04
C SER A 310 21.63 10.26 -12.58
N ILE A 311 20.46 9.73 -12.91
CA ILE A 311 20.07 8.39 -12.50
C ILE A 311 20.52 7.36 -13.53
N GLY A 312 21.28 7.81 -14.52
CA GLY A 312 21.58 6.95 -15.65
C GLY A 312 23.00 6.45 -15.75
N ALA A 313 23.92 7.09 -15.02
CA ALA A 313 25.34 6.79 -15.15
C ALA A 313 25.62 5.30 -15.06
N THR A 314 25.20 4.65 -13.98
CA THR A 314 25.45 3.24 -13.78
C THR A 314 24.21 2.39 -13.99
N LYS A 315 23.18 2.96 -14.61
CA LYS A 315 21.88 2.30 -14.67
C LYS A 315 21.93 1.10 -15.60
N PRO A 316 21.20 0.03 -15.27
CA PRO A 316 21.28 -1.18 -16.08
C PRO A 316 20.76 -0.93 -17.49
N VAL A 317 21.09 -1.84 -18.38
CA VAL A 317 20.46 -1.93 -19.70
C VAL A 317 19.52 -3.12 -19.67
N TYR A 318 18.27 -2.90 -20.11
CA TYR A 318 17.19 -3.87 -19.93
C TYR A 318 16.92 -4.62 -21.21
N PHE A 319 16.73 -5.93 -21.08
CA PHE A 319 16.27 -6.77 -22.18
C PHE A 319 14.79 -7.10 -22.06
N PHE A 320 14.32 -7.39 -20.84
CA PHE A 320 12.94 -7.76 -20.60
C PHE A 320 12.61 -7.39 -19.17
N THR A 321 11.82 -6.34 -18.98
CA THR A 321 11.45 -5.93 -17.63
C THR A 321 10.38 -6.85 -17.08
N GLN A 322 10.31 -6.96 -15.76
CA GLN A 322 9.27 -7.79 -15.15
C GLN A 322 7.91 -7.16 -15.34
N ALA A 323 7.84 -5.83 -15.19
CA ALA A 323 6.58 -5.15 -15.35
C ALA A 323 6.01 -5.36 -16.75
N GLU A 324 6.87 -5.42 -17.77
CA GLU A 324 6.37 -5.72 -19.12
C GLU A 324 5.94 -7.17 -19.24
N LEU A 325 6.72 -8.10 -18.68
CA LEU A 325 6.29 -9.49 -18.63
C LEU A 325 4.87 -9.62 -18.08
N GLN A 326 4.58 -8.93 -16.97
CA GLN A 326 3.26 -9.06 -16.34
C GLN A 326 2.18 -8.44 -17.21
N PHE A 327 2.46 -7.27 -17.78
CA PHE A 327 1.50 -6.59 -18.64
C PHE A 327 1.16 -7.45 -19.85
N LEU A 328 2.12 -8.25 -20.34
CA LEU A 328 1.80 -9.18 -21.43
C LEU A 328 0.92 -10.31 -20.92
N ILE A 329 1.28 -10.88 -19.77
CA ILE A 329 0.42 -11.88 -19.12
C ILE A 329 -0.98 -11.31 -18.90
N ALA A 330 -1.06 -10.09 -18.36
CA ALA A 330 -2.35 -9.46 -18.09
C ALA A 330 -3.22 -9.41 -19.34
N GLU A 331 -2.60 -9.13 -20.48
CA GLU A 331 -3.33 -9.05 -21.74
C GLU A 331 -3.77 -10.43 -22.22
N VAL A 332 -2.90 -11.44 -22.08
CA VAL A 332 -3.22 -12.77 -22.56
C VAL A 332 -4.42 -13.33 -21.80
N TYR A 333 -4.49 -13.10 -20.49
CA TYR A 333 -5.67 -13.53 -19.77
C TYR A 333 -6.89 -12.69 -20.17
N ALA A 334 -6.70 -11.37 -20.26
CA ALA A 334 -7.80 -10.48 -20.63
C ALA A 334 -8.38 -10.82 -22.01
N ARG A 335 -7.52 -11.16 -22.97
CA ARG A 335 -7.98 -11.30 -24.35
C ARG A 335 -8.28 -12.73 -24.76
N PHE A 336 -7.65 -13.72 -24.13
CA PHE A 336 -7.79 -15.10 -24.60
C PHE A 336 -8.29 -16.08 -23.56
N HIS A 337 -8.26 -15.75 -22.28
CA HIS A 337 -9.15 -16.40 -21.32
C HIS A 337 -10.42 -15.56 -21.20
N ASN A 338 -11.25 -15.89 -20.22
CA ASN A 338 -12.20 -14.89 -19.74
C ASN A 338 -11.87 -14.69 -18.26
N ASP A 339 -10.58 -14.50 -17.96
CA ASP A 339 -10.05 -14.58 -16.61
C ASP A 339 -9.76 -13.17 -16.08
N ASP A 340 -10.83 -12.41 -15.90
CA ASP A 340 -10.72 -11.01 -15.50
C ASP A 340 -9.92 -10.84 -14.21
N ALA A 341 -9.97 -11.81 -13.30
CA ALA A 341 -9.37 -11.64 -11.99
C ALA A 341 -7.87 -11.92 -11.99
N ASN A 342 -7.42 -12.79 -12.87
CA ASN A 342 -5.99 -13.01 -13.08
C ASN A 342 -5.39 -12.01 -14.05
N ALA A 343 -6.19 -11.50 -14.99
CA ALA A 343 -5.76 -10.32 -15.74
C ALA A 343 -5.51 -9.16 -14.80
N LYS A 344 -6.50 -8.84 -13.95
CA LYS A 344 -6.36 -7.77 -12.95
C LYS A 344 -5.13 -7.98 -12.07
N SER A 345 -4.86 -9.23 -11.69
CA SER A 345 -3.74 -9.49 -10.77
C SER A 345 -2.41 -9.32 -11.49
N ALA A 346 -2.31 -9.81 -12.73
CA ALA A 346 -1.08 -9.59 -13.48
C ALA A 346 -0.88 -8.10 -13.76
N TYR A 347 -1.97 -7.38 -14.03
CA TYR A 347 -1.84 -5.95 -14.29
C TYR A 347 -1.33 -5.23 -13.05
N GLU A 348 -1.96 -5.47 -11.88
CA GLU A 348 -1.46 -4.88 -10.64
C GLU A 348 -0.06 -5.40 -10.28
N ALA A 349 0.32 -6.58 -10.79
CA ALA A 349 1.69 -7.04 -10.60
C ALA A 349 2.65 -6.22 -11.43
N GLY A 350 2.24 -5.81 -12.64
CA GLY A 350 3.12 -4.99 -13.45
C GLY A 350 3.30 -3.61 -12.86
N VAL A 351 2.19 -2.95 -12.51
CA VAL A 351 2.27 -1.60 -11.97
C VAL A 351 3.09 -1.59 -10.69
N THR A 352 2.88 -2.57 -9.83
CA THR A 352 3.62 -2.60 -8.58
C THR A 352 5.10 -2.86 -8.85
N ALA A 353 5.41 -3.74 -9.81
CA ALA A 353 6.82 -4.03 -10.10
C ALA A 353 7.54 -2.77 -10.59
N ASP A 354 6.93 -2.04 -11.52
CA ASP A 354 7.59 -0.84 -12.00
C ASP A 354 7.71 0.22 -10.91
N PHE A 355 6.66 0.39 -10.09
CA PHE A 355 6.73 1.37 -9.01
C PHE A 355 7.94 1.11 -8.11
N ALA A 356 8.26 -0.16 -7.88
CA ALA A 356 9.40 -0.52 -7.04
C ALA A 356 10.72 -0.15 -7.70
N VAL A 357 10.89 -0.51 -8.98
CA VAL A 357 12.15 -0.28 -9.67
C VAL A 357 12.56 1.18 -9.69
N ARG A 358 11.60 2.09 -9.78
CA ARG A 358 11.94 3.51 -9.78
C ARG A 358 11.95 4.11 -8.38
N GLY A 359 11.82 3.31 -7.33
CA GLY A 359 11.93 3.86 -6.00
C GLY A 359 10.68 4.48 -5.47
N PHE A 360 9.53 3.92 -5.82
CA PHE A 360 8.24 4.39 -5.32
C PHE A 360 7.38 3.25 -4.79
N ALA A 361 7.99 2.15 -4.36
CA ALA A 361 7.25 1.10 -3.68
C ALA A 361 6.47 1.68 -2.52
N GLY A 362 5.25 1.18 -2.34
CA GLY A 362 4.32 1.75 -1.38
C GLY A 362 3.36 2.78 -1.95
N GLN A 363 3.59 3.23 -3.20
CA GLN A 363 2.73 4.25 -3.78
C GLN A 363 1.99 3.77 -5.03
N GLU A 364 1.92 2.46 -5.26
CA GLU A 364 1.22 1.92 -6.42
C GLU A 364 -0.23 2.35 -6.43
N ASN A 365 -0.86 2.36 -5.26
CA ASN A 365 -2.30 2.63 -5.19
C ASN A 365 -2.68 4.05 -5.64
N THR A 366 -1.71 4.93 -5.92
CA THR A 366 -2.07 6.22 -6.49
C THR A 366 -2.62 6.07 -7.90
N ILE A 367 -2.30 4.97 -8.57
CA ILE A 367 -2.93 4.64 -9.84
C ILE A 367 -3.65 3.29 -9.82
N LEU A 368 -3.40 2.39 -8.87
CA LEU A 368 -4.23 1.20 -8.82
C LEU A 368 -5.60 1.43 -8.15
N GLU A 369 -5.85 2.61 -7.57
CA GLU A 369 -7.14 2.89 -6.93
C GLU A 369 -7.66 4.28 -7.28
N GLY A 370 -7.03 5.00 -8.21
CA GLY A 370 -7.50 6.33 -8.56
C GLY A 370 -8.10 6.47 -9.95
N ALA A 371 -7.35 7.10 -10.86
CA ALA A 371 -7.79 7.19 -12.25
C ALA A 371 -7.79 5.82 -12.92
N CYS A 372 -6.60 5.24 -13.05
CA CYS A 372 -6.40 3.95 -13.70
C CYS A 372 -6.80 2.76 -12.84
N ALA A 373 -7.89 2.88 -12.09
CA ALA A 373 -8.34 1.77 -11.27
C ALA A 373 -8.96 0.71 -12.17
N TRP A 374 -8.50 -0.54 -12.05
CA TRP A 374 -9.14 -1.64 -12.76
C TRP A 374 -10.65 -1.62 -12.50
N SER A 375 -11.05 -1.08 -11.35
CA SER A 375 -12.46 -0.84 -11.04
C SER A 375 -13.15 -0.01 -12.13
N ALA A 376 -12.61 1.18 -12.40
CA ALA A 376 -13.29 2.19 -13.20
C ALA A 376 -13.37 1.86 -14.69
N ALA A 377 -13.11 0.62 -15.05
CA ALA A 377 -12.99 0.20 -16.45
C ALA A 377 -14.25 -0.54 -16.88
N SER A 378 -14.97 0.04 -17.85
CA SER A 378 -16.22 -0.53 -18.35
C SER A 378 -15.98 -1.74 -19.26
N THR A 379 -15.48 -1.48 -20.45
CA THR A 379 -15.41 -2.47 -21.51
C THR A 379 -14.01 -3.09 -21.56
N GLN A 380 -13.94 -4.27 -22.16
CA GLN A 380 -12.65 -4.94 -22.33
C GLN A 380 -11.66 -4.10 -23.14
N ALA A 381 -12.14 -3.23 -24.05
CA ALA A 381 -11.26 -2.30 -24.74
C ALA A 381 -10.76 -1.18 -23.84
N ASP A 382 -11.38 -0.98 -22.68
CA ASP A 382 -10.92 0.03 -21.74
C ASP A 382 -9.86 -0.49 -20.79
N LYS A 383 -9.93 -1.78 -20.40
CA LYS A 383 -8.85 -2.31 -19.59
C LYS A 383 -7.66 -2.79 -20.41
N LEU A 384 -7.90 -3.33 -21.61
CA LEU A 384 -6.79 -3.47 -22.55
C LEU A 384 -6.10 -2.13 -22.75
N ASN A 385 -6.88 -1.04 -22.78
CA ASN A 385 -6.28 0.29 -22.83
C ASN A 385 -5.44 0.54 -21.59
N LEU A 386 -5.92 0.09 -20.43
CA LEU A 386 -5.21 0.32 -19.18
C LEU A 386 -3.92 -0.48 -19.10
N ILE A 387 -3.95 -1.71 -19.62
CA ILE A 387 -2.75 -2.52 -19.69
C ILE A 387 -1.73 -1.89 -20.64
N TYR A 388 -2.17 -1.50 -21.83
CA TYR A 388 -1.23 -0.96 -22.80
C TYR A 388 -0.62 0.34 -22.31
N MET A 389 -1.43 1.24 -21.77
CA MET A 389 -0.91 2.55 -21.37
C MET A 389 0.03 2.45 -20.18
N GLN A 390 -0.25 1.53 -19.26
CA GLN A 390 0.65 1.38 -18.13
C GLN A 390 1.90 0.59 -18.46
N LYS A 391 1.88 -0.16 -19.58
CA LYS A 391 3.09 -0.79 -20.08
C LYS A 391 4.00 0.23 -20.74
N TRP A 392 3.39 1.17 -21.47
CA TRP A 392 4.11 2.27 -22.12
C TRP A 392 4.81 3.15 -21.10
N VAL A 393 4.20 3.39 -19.94
CA VAL A 393 4.92 4.09 -18.86
C VAL A 393 6.01 3.19 -18.30
N SER A 394 5.64 1.94 -17.98
CA SER A 394 6.56 0.96 -17.40
C SER A 394 7.88 0.85 -18.15
N LEU A 395 7.90 1.28 -19.41
CA LEU A 395 9.05 1.11 -20.28
C LEU A 395 9.87 2.37 -20.46
N PHE A 396 9.33 3.54 -20.13
CA PHE A 396 10.10 4.76 -20.22
C PHE A 396 11.30 4.71 -19.28
N TYR A 397 12.47 5.04 -19.82
CA TYR A 397 13.75 5.00 -19.13
C TYR A 397 14.09 3.57 -18.66
N MET A 398 13.69 2.59 -19.46
CA MET A 398 13.87 1.17 -19.15
C MET A 398 14.26 0.40 -20.39
N ASP A 399 13.29 0.26 -21.33
CA ASP A 399 13.48 -0.44 -22.61
C ASP A 399 12.69 0.36 -23.65
N HIS A 400 13.35 1.33 -24.28
CA HIS A 400 12.65 2.16 -25.25
C HIS A 400 12.34 1.40 -26.53
N MET A 401 13.27 0.55 -26.97
CA MET A 401 13.05 -0.19 -28.21
C MET A 401 11.79 -1.04 -28.14
N GLU A 402 11.51 -1.61 -26.97
CA GLU A 402 10.34 -2.45 -26.80
C GLU A 402 9.08 -1.62 -26.67
N ALA A 403 9.18 -0.44 -26.06
CA ALA A 403 8.04 0.47 -26.00
C ALA A 403 7.53 0.78 -27.39
N TRP A 404 8.44 1.14 -28.30
CA TRP A 404 8.06 1.46 -29.67
C TRP A 404 7.56 0.22 -30.43
N SER A 405 8.17 -0.95 -30.20
CA SER A 405 7.68 -2.16 -30.86
C SER A 405 6.25 -2.48 -30.44
N GLU A 406 5.93 -2.30 -29.16
CA GLU A 406 4.58 -2.58 -28.70
C GLU A 406 3.59 -1.50 -29.15
N ILE A 407 4.01 -0.25 -29.19
CA ILE A 407 3.13 0.80 -29.71
C ILE A 407 2.66 0.47 -31.13
N ARG A 408 3.51 -0.13 -31.95
CA ARG A 408 3.07 -0.50 -33.29
C ARG A 408 2.06 -1.64 -33.26
N ARG A 409 2.34 -2.67 -32.44
CA ARG A 409 1.53 -3.89 -32.49
C ARG A 409 0.12 -3.64 -31.97
N THR A 410 -0.01 -3.11 -30.76
CA THR A 410 -1.34 -2.79 -30.23
C THR A 410 -1.88 -1.46 -30.74
N ASP A 411 -1.04 -0.63 -31.34
CA ASP A 411 -1.41 0.72 -31.74
C ASP A 411 -2.09 1.45 -30.59
N CYS A 412 -1.76 1.06 -29.35
CA CYS A 412 -2.05 1.83 -28.16
C CYS A 412 -0.74 2.17 -27.43
N PRO A 413 -0.54 3.44 -27.05
CA PRO A 413 -1.41 4.63 -27.19
C PRO A 413 -1.80 4.94 -28.62
N LYS A 414 -3.06 5.30 -28.87
CA LYS A 414 -3.49 5.62 -30.22
C LYS A 414 -2.97 7.00 -30.65
N LEU A 415 -3.10 7.28 -31.94
CA LEU A 415 -2.59 8.53 -32.52
C LEU A 415 -3.65 9.61 -32.45
N SER A 416 -3.33 10.73 -31.80
CA SER A 416 -4.29 11.82 -31.68
C SER A 416 -4.80 12.22 -33.05
N SER A 417 -6.12 12.40 -33.15
CA SER A 417 -6.72 12.85 -34.39
C SER A 417 -6.37 14.30 -34.70
N TYR A 418 -5.88 15.05 -33.72
CA TYR A 418 -5.57 16.45 -33.88
C TYR A 418 -4.07 16.66 -34.07
N SER A 419 -3.73 17.65 -34.90
CA SER A 419 -2.36 17.95 -35.26
C SER A 419 -1.63 18.62 -34.10
N ALA A 420 -0.33 18.79 -34.27
CA ALA A 420 0.45 19.47 -33.24
C ALA A 420 -0.02 20.91 -33.06
N ALA A 421 -0.19 21.65 -34.16
CA ALA A 421 -0.62 23.04 -34.05
C ALA A 421 -1.99 23.18 -33.41
N GLN A 422 -2.91 22.25 -33.67
CA GLN A 422 -4.21 22.32 -33.03
C GLN A 422 -4.10 22.10 -31.52
N ILE A 423 -3.40 21.04 -31.13
CA ILE A 423 -3.21 20.73 -29.71
C ILE A 423 -2.48 21.87 -29.01
N GLN A 424 -1.63 22.59 -29.74
CA GLN A 424 -1.00 23.80 -29.22
C GLN A 424 -2.01 24.94 -29.08
N ALA A 425 -2.91 25.08 -30.06
CA ALA A 425 -3.84 26.20 -30.04
C ALA A 425 -4.77 26.12 -28.84
N SER A 426 -5.33 24.94 -28.57
CA SER A 426 -6.11 24.73 -27.36
C SER A 426 -5.89 23.31 -26.89
N GLU A 427 -5.49 23.18 -25.61
CA GLU A 427 -5.12 21.92 -24.98
C GLU A 427 -6.31 21.00 -24.73
N SER A 428 -7.50 21.57 -24.48
CA SER A 428 -8.65 20.77 -24.07
C SER A 428 -9.02 19.75 -25.11
N VAL A 429 -8.58 19.98 -26.34
CA VAL A 429 -8.82 19.09 -27.47
C VAL A 429 -8.09 17.77 -27.30
N TYR A 430 -6.95 17.80 -26.63
CA TYR A 430 -6.06 16.66 -26.53
C TYR A 430 -6.50 15.77 -25.37
N THR A 431 -6.60 14.47 -25.64
CA THR A 431 -6.84 13.50 -24.57
C THR A 431 -5.50 12.97 -24.08
N PRO A 432 -5.09 13.27 -22.83
CA PRO A 432 -3.74 12.90 -22.37
C PRO A 432 -3.36 11.47 -22.72
N GLY A 433 -2.11 11.27 -23.15
CA GLY A 433 -1.55 9.97 -23.44
C GLY A 433 -1.51 9.56 -24.90
N GLU A 434 -2.22 10.25 -25.78
CA GLU A 434 -2.17 9.84 -27.16
C GLU A 434 -0.94 10.43 -27.82
N LEU A 435 -0.42 9.72 -28.81
CA LEU A 435 0.72 10.21 -29.55
C LEU A 435 0.28 11.30 -30.52
N VAL A 436 1.21 12.16 -30.88
CA VAL A 436 0.94 13.31 -31.74
C VAL A 436 1.97 13.27 -32.87
N ALA A 437 1.49 13.14 -34.11
CA ALA A 437 2.42 13.12 -35.23
C ALA A 437 3.22 14.42 -35.27
N PRO A 438 4.54 14.35 -35.50
CA PRO A 438 5.38 15.53 -35.27
C PRO A 438 4.94 16.71 -36.12
N TRP A 439 4.89 17.87 -35.46
CA TRP A 439 4.56 19.14 -36.08
C TRP A 439 5.24 19.29 -37.44
N THR A 440 6.57 19.42 -37.45
CA THR A 440 7.33 19.20 -38.67
C THR A 440 7.46 17.69 -38.89
N ASN A 441 7.01 17.22 -40.04
CA ASN A 441 7.03 15.79 -40.33
C ASN A 441 7.56 15.59 -41.73
N GLY A 442 8.67 14.88 -41.85
CA GLY A 442 9.26 14.62 -43.14
C GLY A 442 8.81 13.34 -43.79
N LEU A 443 7.90 12.63 -43.16
CA LEU A 443 7.26 11.51 -43.84
C LEU A 443 6.21 12.07 -44.78
N GLU A 444 6.44 11.91 -46.09
CA GLU A 444 5.48 12.36 -47.08
C GLU A 444 4.07 11.89 -46.75
N ALA A 445 3.93 10.72 -46.14
CA ALA A 445 2.65 10.10 -45.82
C ALA A 445 2.13 10.47 -44.46
N GLY A 446 2.78 11.40 -43.76
CA GLY A 446 2.35 11.74 -42.42
C GLY A 446 2.35 10.56 -41.44
N GLY A 447 1.85 10.83 -40.26
CA GLY A 447 1.76 9.80 -39.24
C GLY A 447 3.04 9.66 -38.44
N LEU A 448 3.23 8.44 -37.92
CA LEU A 448 4.27 8.09 -36.98
C LEU A 448 5.24 7.06 -37.58
N MET A 449 6.47 7.06 -37.07
CA MET A 449 7.48 6.11 -37.54
C MET A 449 7.04 4.67 -37.35
N LYS A 450 7.26 3.86 -38.39
CA LYS A 450 6.86 2.46 -38.38
C LYS A 450 8.02 1.52 -38.64
N ARG A 451 9.13 2.03 -39.18
CA ARG A 451 10.36 1.26 -39.29
C ARG A 451 11.52 2.25 -39.36
N MET A 452 12.73 1.71 -39.13
CA MET A 452 14.00 2.41 -39.27
C MET A 452 14.64 2.05 -40.61
N THR A 453 15.46 2.98 -41.14
CA THR A 453 16.06 2.80 -42.45
C THR A 453 17.00 1.61 -42.46
N TYR A 454 17.27 1.10 -43.66
CA TYR A 454 18.27 0.08 -43.82
C TYR A 454 19.67 0.67 -43.61
N PRO A 455 20.57 -0.09 -43.00
CA PRO A 455 21.90 0.48 -42.70
C PRO A 455 22.67 0.82 -43.97
N LEU A 456 23.17 2.05 -44.02
CA LEU A 456 23.93 2.49 -45.19
C LEU A 456 25.10 1.56 -45.49
N SER A 457 25.74 0.99 -44.46
CA SER A 457 26.79 0.01 -44.73
C SER A 457 26.26 -1.14 -45.58
N ALA A 458 25.08 -1.67 -45.23
CA ALA A 458 24.55 -2.80 -45.98
C ALA A 458 24.22 -2.41 -47.42
N ARG A 459 23.64 -1.23 -47.62
CA ARG A 459 23.26 -0.83 -48.98
C ARG A 459 24.48 -0.69 -49.88
N GLN A 460 25.57 -0.14 -49.35
CA GLN A 460 26.73 0.15 -50.19
C GLN A 460 27.58 -1.09 -50.46
N GLN A 461 27.59 -2.06 -49.55
CA GLN A 461 28.40 -3.25 -49.77
C GLN A 461 27.60 -4.50 -50.12
N ASN A 462 26.28 -4.55 -49.85
CA ASN A 462 25.48 -5.74 -50.04
C ASN A 462 24.43 -5.49 -51.11
N VAL A 463 24.52 -6.24 -52.21
CA VAL A 463 23.63 -6.06 -53.35
C VAL A 463 22.21 -6.53 -53.05
N ASN A 464 22.04 -7.43 -52.07
CA ASN A 464 20.77 -8.09 -51.78
C ASN A 464 19.98 -7.43 -50.66
N THR A 465 20.30 -6.18 -50.31
CA THR A 465 19.57 -5.52 -49.23
C THR A 465 18.37 -4.77 -49.79
N PRO A 466 17.17 -5.05 -49.30
CA PRO A 466 15.94 -4.55 -49.94
C PRO A 466 15.97 -3.05 -50.19
N ALA A 467 15.37 -2.64 -51.31
CA ALA A 467 15.32 -1.23 -51.67
C ALA A 467 14.77 -0.38 -50.53
N GLY A 468 15.34 0.81 -50.38
CA GLY A 468 14.94 1.68 -49.28
C GLY A 468 13.51 2.16 -49.43
N VAL A 469 12.71 1.98 -48.39
CA VAL A 469 11.33 2.48 -48.37
C VAL A 469 11.27 3.62 -47.36
N PRO A 470 10.27 4.50 -47.40
CA PRO A 470 10.19 5.56 -46.40
C PRO A 470 9.75 4.97 -45.07
N GLY A 471 9.94 5.77 -44.02
CA GLY A 471 9.68 5.27 -42.67
C GLY A 471 8.22 5.05 -42.34
N SER A 472 7.31 5.47 -43.22
CA SER A 472 5.88 5.21 -43.06
C SER A 472 5.54 3.75 -43.30
N THR A 473 6.44 2.98 -43.90
CA THR A 473 6.17 1.58 -44.22
C THR A 473 6.19 0.71 -42.96
N PRO A 474 5.10 0.02 -42.62
CA PRO A 474 5.13 -0.91 -41.49
C PRO A 474 6.10 -2.04 -41.73
N VAL A 475 6.55 -2.64 -40.62
CA VAL A 475 7.26 -3.92 -40.63
C VAL A 475 6.20 -5.01 -40.75
N TRP A 476 6.65 -6.26 -40.92
CA TRP A 476 5.72 -7.30 -41.38
C TRP A 476 4.66 -7.67 -40.34
N TRP A 477 4.88 -7.39 -39.06
CA TRP A 477 3.89 -7.75 -38.07
C TRP A 477 3.01 -6.59 -37.63
N ASP A 478 3.29 -5.35 -38.05
CA ASP A 478 2.39 -4.22 -37.80
C ASP A 478 1.48 -4.10 -39.00
N ILE A 479 0.20 -4.45 -38.82
CA ILE A 479 -0.77 -4.46 -39.90
C ILE A 479 -1.85 -3.41 -39.69
N LYS A 480 -1.69 -2.55 -38.68
CA LYS A 480 -2.61 -1.41 -38.46
C LYS A 480 -1.84 -0.28 -37.77
N GLU B 37 75.51 10.60 -64.74
CA GLU B 37 74.19 10.19 -65.23
C GLU B 37 73.23 11.37 -65.37
N LYS B 38 72.10 11.08 -66.04
CA LYS B 38 71.34 11.92 -66.96
C LYS B 38 71.46 11.21 -68.31
N ALA B 39 72.01 9.99 -68.24
CA ALA B 39 71.75 8.89 -69.15
C ALA B 39 70.43 8.17 -68.82
N LEU B 40 69.74 8.62 -67.78
CA LEU B 40 68.54 7.93 -67.32
C LEU B 40 67.41 8.14 -68.31
N GLY B 41 66.45 7.22 -68.29
CA GLY B 41 65.34 7.26 -69.23
C GLY B 41 63.97 7.40 -68.60
N TYR B 42 63.85 8.28 -67.62
CA TYR B 42 62.54 8.67 -67.11
C TYR B 42 62.67 10.04 -66.48
N ALA B 43 61.53 10.69 -66.27
CA ALA B 43 61.52 12.02 -65.71
C ALA B 43 62.19 12.02 -64.34
N ALA B 44 63.00 13.04 -64.09
CA ALA B 44 63.62 13.27 -62.80
C ALA B 44 64.10 14.72 -62.77
N THR B 45 64.01 15.37 -61.62
CA THR B 45 64.44 16.75 -61.51
C THR B 45 65.57 16.87 -60.48
N SER B 46 66.52 17.76 -60.77
CA SER B 46 67.60 18.07 -59.85
C SER B 46 67.44 19.49 -59.35
N VAL B 47 67.45 19.65 -58.03
CA VAL B 47 67.52 20.96 -57.42
C VAL B 47 68.84 21.02 -56.66
N GLY B 48 69.57 22.11 -56.83
CA GLY B 48 70.80 22.30 -56.11
C GLY B 48 70.51 22.74 -54.69
N GLY B 49 71.46 22.45 -53.79
CA GLY B 49 71.33 22.79 -52.39
C GLY B 49 70.91 24.22 -52.17
N GLU B 50 71.54 25.13 -52.92
CA GLU B 50 71.28 26.55 -52.74
C GLU B 50 69.79 26.85 -52.84
N LYS B 51 69.13 26.44 -53.95
CA LYS B 51 67.71 26.76 -54.12
C LYS B 51 66.83 26.18 -53.02
N ILE B 52 67.23 25.05 -52.42
CA ILE B 52 66.47 24.49 -51.31
C ILE B 52 66.43 25.47 -50.15
N ALA B 53 67.51 26.20 -49.94
CA ALA B 53 67.74 26.88 -48.68
C ALA B 53 67.44 28.39 -48.69
N GLU B 54 67.20 29.03 -49.84
CA GLU B 54 66.94 30.47 -49.82
C GLU B 54 65.67 30.80 -49.08
N SER B 55 64.59 30.08 -49.40
CA SER B 55 63.29 30.37 -48.80
C SER B 55 63.34 30.26 -47.29
N ARG B 56 64.41 29.66 -46.76
CA ARG B 56 64.70 29.61 -45.34
C ARG B 56 63.59 28.88 -44.59
N THR B 57 62.95 27.93 -45.25
CA THR B 57 62.00 27.10 -44.54
C THR B 57 62.73 26.26 -43.51
N SER B 58 62.03 25.88 -42.45
CA SER B 58 62.59 24.94 -41.49
C SER B 58 62.68 23.53 -42.07
N ASP B 59 62.13 23.32 -43.26
CA ASP B 59 61.90 22.01 -43.84
C ASP B 59 62.45 21.96 -45.25
N VAL B 60 62.85 20.77 -45.70
CA VAL B 60 63.57 20.63 -46.97
C VAL B 60 62.67 20.57 -48.19
N MET B 61 61.35 20.39 -48.01
CA MET B 61 60.44 20.11 -49.12
C MET B 61 59.41 21.19 -49.40
N SER B 62 58.97 21.95 -48.40
CA SER B 62 57.92 22.93 -48.64
C SER B 62 58.43 24.12 -49.45
N SER B 63 59.74 24.28 -49.57
CA SER B 63 60.28 25.32 -50.42
C SER B 63 60.02 25.05 -51.89
N LEU B 64 59.65 23.82 -52.25
CA LEU B 64 59.50 23.45 -53.64
C LEU B 64 58.05 23.22 -54.06
N ALA B 65 57.10 23.75 -53.29
CA ALA B 65 55.69 23.57 -53.63
C ALA B 65 55.40 24.15 -55.02
N GLY B 66 54.96 23.29 -55.93
CA GLY B 66 54.62 23.75 -57.27
C GLY B 66 55.76 24.38 -58.04
N LYS B 67 56.98 23.87 -57.87
CA LYS B 67 58.10 24.25 -58.71
C LYS B 67 58.58 23.12 -59.59
N ILE B 68 58.12 21.91 -59.34
CA ILE B 68 58.51 20.73 -60.09
C ILE B 68 57.25 20.03 -60.58
N ALA B 69 57.27 19.61 -61.83
CA ALA B 69 56.11 18.93 -62.41
C ALA B 69 56.01 17.51 -61.88
N GLY B 70 54.80 17.13 -61.47
CA GLY B 70 54.54 15.79 -60.99
C GLY B 70 54.65 15.61 -59.50
N VAL B 71 55.22 16.57 -58.77
CA VAL B 71 55.40 16.45 -57.32
C VAL B 71 54.43 17.40 -56.63
N GLN B 72 53.36 16.81 -56.15
CA GLN B 72 52.36 17.56 -55.42
C GLN B 72 52.84 17.72 -54.00
N ILE B 73 53.16 18.96 -53.61
CA ILE B 73 53.73 19.25 -52.30
C ILE B 73 52.83 20.21 -51.54
N SER B 74 52.35 19.78 -50.38
CA SER B 74 51.48 20.59 -49.52
C SER B 74 51.87 20.39 -48.06
N SER B 75 51.61 21.41 -47.25
CA SER B 75 51.69 21.35 -45.80
C SER B 75 50.29 21.14 -45.24
N THR B 76 50.22 20.42 -44.12
CA THR B 76 48.91 20.16 -43.54
C THR B 76 48.33 21.41 -42.86
N SER B 77 49.16 22.36 -42.46
CA SER B 77 48.71 23.55 -41.76
C SER B 77 49.85 24.56 -41.74
N SER B 78 49.58 25.73 -41.16
CA SER B 78 50.62 26.71 -40.88
C SER B 78 51.03 26.67 -39.42
N ASP B 79 50.61 25.64 -38.69
CA ASP B 79 51.06 25.48 -37.32
C ASP B 79 52.52 25.03 -37.32
N PRO B 80 53.35 25.64 -36.47
CA PRO B 80 54.76 25.27 -36.42
C PRO B 80 54.96 23.79 -36.14
N GLY B 81 55.85 23.17 -36.93
CA GLY B 81 56.25 21.80 -36.76
C GLY B 81 55.38 20.78 -37.46
N ALA B 82 54.43 21.21 -38.29
CA ALA B 82 53.46 20.28 -38.85
C ALA B 82 54.04 19.54 -40.06
N SER B 83 53.30 18.52 -40.51
CA SER B 83 53.82 17.66 -41.55
C SER B 83 53.64 18.29 -42.92
N ASN B 84 54.43 17.79 -43.88
CA ASN B 84 54.32 18.15 -45.28
C ASN B 84 53.96 16.89 -46.06
N SER B 85 53.05 17.06 -47.02
CA SER B 85 52.67 15.98 -47.91
C SER B 85 53.45 16.13 -49.19
N VAL B 86 53.90 14.99 -49.72
CA VAL B 86 54.55 14.93 -51.02
C VAL B 86 53.99 13.71 -51.73
N ILE B 87 53.38 13.92 -52.89
CA ILE B 87 52.71 12.86 -53.63
C ILE B 87 53.08 13.01 -55.10
N ILE B 88 53.64 11.95 -55.68
CA ILE B 88 54.19 11.98 -57.02
C ILE B 88 53.26 11.20 -57.92
N ARG B 89 52.88 11.82 -59.03
CA ARG B 89 52.05 11.17 -60.03
C ARG B 89 50.82 10.54 -59.38
N GLY B 90 50.21 11.29 -58.45
CA GLY B 90 48.94 10.94 -57.86
C GLY B 90 48.97 9.76 -56.90
N VAL B 91 47.89 9.63 -56.11
CA VAL B 91 47.72 8.55 -55.15
C VAL B 91 47.64 7.21 -55.87
N SER B 92 48.47 6.26 -55.45
CA SER B 92 48.37 4.89 -55.94
C SER B 92 47.89 3.91 -54.89
N SER B 93 48.17 4.19 -53.62
CA SER B 93 47.84 3.30 -52.53
C SER B 93 46.58 3.83 -51.84
N LEU B 94 45.55 2.99 -51.80
CA LEU B 94 44.24 3.45 -51.37
C LEU B 94 44.20 3.80 -49.90
N SER B 95 45.20 3.35 -49.16
CA SER B 95 45.42 3.79 -47.80
C SER B 95 46.58 2.96 -47.36
N GLY B 96 47.68 3.61 -46.98
CA GLY B 96 47.80 5.07 -47.01
C GLY B 96 49.25 5.52 -47.15
N THR B 97 50.05 4.64 -47.72
CA THR B 97 51.48 4.90 -47.96
C THR B 97 51.63 5.54 -49.35
N ASN B 98 51.71 6.86 -49.42
CA ASN B 98 51.84 7.53 -50.71
C ASN B 98 53.00 8.52 -50.80
N GLN B 99 53.70 8.75 -49.70
CA GLN B 99 54.88 9.57 -49.71
C GLN B 99 55.98 8.91 -50.55
N PRO B 100 56.86 9.70 -51.16
CA PRO B 100 58.00 9.10 -51.85
C PRO B 100 59.04 8.64 -50.83
N LEU B 101 59.83 7.65 -51.25
CA LEU B 101 60.92 7.16 -50.43
C LEU B 101 62.04 8.21 -50.39
N TYR B 102 62.35 8.70 -49.20
CA TYR B 102 63.47 9.63 -49.05
C TYR B 102 64.73 8.82 -48.81
N VAL B 103 65.74 9.09 -49.62
CA VAL B 103 67.00 8.35 -49.60
C VAL B 103 68.09 9.37 -49.37
N VAL B 104 68.76 9.31 -48.22
CA VAL B 104 69.64 10.42 -47.86
C VAL B 104 71.09 10.20 -48.29
N ASP B 105 71.66 9.02 -48.19
CA ASP B 105 73.05 8.97 -48.71
C ASP B 105 73.71 7.65 -49.11
N GLY B 106 73.10 6.80 -49.93
CA GLY B 106 71.70 6.73 -50.15
C GLY B 106 71.18 5.68 -49.17
N VAL B 107 70.77 6.11 -47.99
CA VAL B 107 70.18 5.23 -46.99
C VAL B 107 68.72 5.63 -46.80
N PRO B 108 67.76 4.72 -46.99
CA PRO B 108 66.37 5.03 -46.64
C PRO B 108 66.23 5.74 -45.32
N LEU B 109 65.61 6.92 -45.37
CA LEU B 109 65.38 7.76 -44.21
C LEU B 109 63.97 7.51 -43.68
N ASN B 110 63.81 7.52 -42.37
CA ASN B 110 62.47 7.29 -41.84
C ASN B 110 61.61 8.54 -42.05
N ASN B 111 60.41 8.34 -42.58
CA ASN B 111 59.54 9.48 -42.82
C ASN B 111 58.18 9.34 -42.15
N SER B 112 58.08 8.52 -41.11
CA SER B 112 56.81 8.36 -40.40
C SER B 112 56.27 9.70 -39.88
N THR B 113 54.96 9.78 -39.77
CA THR B 113 54.31 11.03 -39.37
C THR B 113 53.54 10.82 -38.08
N VAL B 114 53.51 11.85 -37.24
CA VAL B 114 52.83 11.80 -35.94
C VAL B 114 51.69 12.80 -35.96
N TYR B 115 50.45 12.34 -36.19
CA TYR B 115 49.28 13.21 -36.23
C TYR B 115 48.07 12.52 -35.59
N SER B 116 47.16 13.34 -35.07
CA SER B 116 46.01 12.88 -34.27
C SER B 116 45.15 11.86 -35.00
N THR B 117 44.83 10.77 -34.31
CA THR B 117 43.96 9.74 -34.85
C THR B 117 42.48 10.06 -34.70
N ASP B 118 42.11 11.20 -34.10
CA ASP B 118 40.73 11.69 -34.14
C ASP B 118 40.73 13.19 -34.46
N GLY B 119 40.69 13.51 -35.75
CA GLY B 119 40.72 14.91 -36.17
C GLY B 119 39.42 15.67 -36.02
N LEU B 120 38.33 15.01 -35.61
CA LEU B 120 37.10 15.77 -35.37
C LEU B 120 37.12 16.45 -34.01
N ASN B 121 37.67 15.80 -32.98
CA ASN B 121 37.56 16.30 -31.62
C ASN B 121 38.85 16.83 -31.03
N SER B 122 40.01 16.39 -31.54
CA SER B 122 41.28 16.83 -31.00
C SER B 122 42.35 16.67 -32.09
N GLY B 123 42.21 17.49 -33.14
CA GLY B 123 43.15 17.43 -34.25
C GLY B 123 44.45 18.12 -33.89
N TYR B 124 45.56 17.47 -34.27
CA TYR B 124 46.92 17.97 -34.11
C TYR B 124 47.83 17.18 -35.04
N ASP B 125 48.88 17.85 -35.53
CA ASP B 125 49.88 17.23 -36.41
C ASP B 125 51.28 17.62 -35.90
N PHE B 126 52.10 16.63 -35.54
CA PHE B 126 53.37 16.91 -34.86
C PHE B 126 54.59 16.81 -35.75
N GLY B 127 54.42 16.43 -37.01
CA GLY B 127 55.46 16.56 -37.99
C GLY B 127 55.71 15.26 -38.70
N ASN B 128 56.62 15.35 -39.65
CA ASN B 128 56.87 14.37 -40.68
C ASN B 128 58.37 14.03 -40.61
N GLY B 129 58.72 12.75 -40.75
CA GLY B 129 60.11 12.32 -40.51
C GLY B 129 61.15 13.09 -41.32
N ALA B 130 60.84 13.45 -42.56
CA ALA B 130 61.77 14.17 -43.43
C ALA B 130 62.06 15.59 -42.97
N ASN B 131 61.22 16.17 -42.10
CA ASN B 131 61.45 17.53 -41.65
C ASN B 131 62.62 17.65 -40.68
N ALA B 132 63.22 16.52 -40.29
CA ALA B 132 64.39 16.53 -39.43
C ALA B 132 65.67 16.84 -40.16
N ILE B 133 65.64 16.82 -41.51
CA ILE B 133 66.80 17.20 -42.29
C ILE B 133 67.02 18.70 -42.19
N ASN B 134 68.27 19.10 -41.98
CA ASN B 134 68.64 20.50 -41.92
C ASN B 134 68.85 20.99 -43.36
N PRO B 135 68.05 21.93 -43.86
CA PRO B 135 68.20 22.35 -45.28
C PRO B 135 69.64 22.70 -45.65
N ASP B 136 70.35 23.45 -44.78
CA ASP B 136 71.70 23.92 -45.07
C ASP B 136 72.69 22.79 -45.27
N ASP B 137 72.33 21.56 -44.96
CA ASP B 137 73.21 20.42 -45.21
C ASP B 137 73.04 19.81 -46.59
N VAL B 138 72.05 20.25 -47.37
CA VAL B 138 71.74 19.59 -48.62
C VAL B 138 72.64 20.15 -49.71
N ALA B 139 73.23 19.26 -50.51
CA ALA B 139 74.05 19.67 -51.64
C ALA B 139 73.32 19.52 -52.96
N ASN B 140 72.54 18.45 -53.11
CA ASN B 140 71.77 18.17 -54.31
C ASN B 140 70.58 17.29 -53.93
N MET B 141 69.41 17.60 -54.48
CA MET B 141 68.22 16.75 -54.39
C MET B 141 67.76 16.36 -55.77
N THR B 142 67.64 15.06 -56.01
CA THR B 142 67.12 14.54 -57.27
C THR B 142 65.86 13.73 -56.99
N ILE B 143 64.75 14.13 -57.61
CA ILE B 143 63.45 13.49 -57.40
C ILE B 143 63.20 12.55 -58.57
N LEU B 144 63.16 11.24 -58.31
CA LEU B 144 62.88 10.23 -59.34
C LEU B 144 61.39 9.93 -59.35
N LYS B 145 60.72 10.22 -60.45
CA LYS B 145 59.28 10.09 -60.54
C LYS B 145 58.81 8.76 -61.12
N GLY B 146 59.70 8.00 -61.75
CA GLY B 146 59.31 6.79 -62.43
C GLY B 146 59.43 5.56 -61.55
N ALA B 147 58.41 4.71 -61.62
CA ALA B 147 58.42 3.40 -60.96
C ALA B 147 58.70 2.27 -61.94
N ALA B 148 59.47 2.53 -62.99
CA ALA B 148 59.90 1.51 -63.93
C ALA B 148 61.26 0.91 -63.60
N ALA B 149 62.12 1.61 -62.84
CA ALA B 149 63.49 1.16 -62.58
C ALA B 149 63.79 1.42 -61.11
N THR B 150 63.23 0.56 -60.25
CA THR B 150 63.27 0.76 -58.81
C THR B 150 64.01 -0.36 -58.09
N ALA B 151 64.86 -1.12 -58.80
CA ALA B 151 65.53 -2.25 -58.19
C ALA B 151 66.59 -1.84 -57.17
N LEU B 152 67.08 -0.60 -57.25
CA LEU B 152 68.08 -0.15 -56.29
C LEU B 152 67.46 0.15 -54.94
N TYR B 153 66.22 0.64 -54.91
CA TYR B 153 65.61 1.05 -53.66
C TYR B 153 64.47 0.17 -53.20
N GLY B 154 63.98 -0.74 -54.04
CA GLY B 154 62.94 -1.65 -53.61
C GLY B 154 61.52 -1.11 -53.68
N SER B 155 60.63 -1.78 -52.93
CA SER B 155 59.19 -1.58 -53.11
C SER B 155 58.78 -0.14 -52.83
N ARG B 156 59.37 0.49 -51.81
CA ARG B 156 58.93 1.82 -51.42
C ARG B 156 59.20 2.86 -52.49
N ALA B 157 59.96 2.51 -53.51
CA ALA B 157 60.33 3.44 -54.57
C ALA B 157 59.28 3.56 -55.67
N ALA B 158 58.16 2.85 -55.58
CA ALA B 158 57.10 3.00 -56.57
C ALA B 158 56.30 4.28 -56.38
N ASN B 159 56.42 4.93 -55.23
CA ASN B 159 55.77 6.19 -54.96
C ASN B 159 56.68 7.37 -55.24
N GLY B 160 57.82 7.13 -55.86
CA GLY B 160 58.80 8.18 -56.04
C GLY B 160 60.02 7.97 -55.17
N VAL B 161 61.11 8.62 -55.55
CA VAL B 161 62.31 8.63 -54.72
C VAL B 161 62.81 10.06 -54.63
N VAL B 162 63.14 10.48 -53.40
CA VAL B 162 63.74 11.79 -53.18
C VAL B 162 65.20 11.58 -52.81
N MET B 163 66.06 11.45 -53.82
CA MET B 163 67.49 11.24 -53.57
C MET B 163 68.10 12.54 -53.09
N ILE B 164 68.61 12.55 -51.87
CA ILE B 164 69.23 13.74 -51.32
C ILE B 164 70.69 13.39 -51.03
N THR B 165 71.55 14.40 -51.17
CA THR B 165 72.99 14.23 -51.10
C THR B 165 73.51 15.41 -50.31
N THR B 166 74.19 15.11 -49.21
CA THR B 166 74.60 16.14 -48.26
C THR B 166 75.96 16.70 -48.65
N LYS B 167 76.26 17.88 -48.11
CA LYS B 167 77.54 18.51 -48.35
C LYS B 167 78.67 17.66 -47.81
N SER B 168 79.81 17.67 -48.50
CA SER B 168 81.02 17.01 -48.08
C SER B 168 82.08 18.06 -47.78
N GLY B 169 83.20 17.63 -47.24
CA GLY B 169 84.33 18.53 -47.08
C GLY B 169 84.74 19.13 -48.41
N ARG B 170 84.97 20.45 -48.40
CA ARG B 170 85.53 21.15 -49.53
C ARG B 170 86.66 22.02 -49.00
N LYS B 171 87.80 21.95 -49.66
CA LYS B 171 88.95 22.77 -49.28
C LYS B 171 88.88 24.10 -50.03
N GLU B 172 88.85 25.19 -49.28
CA GLU B 172 88.79 26.53 -49.83
C GLU B 172 89.59 27.49 -48.98
N LYS B 173 89.16 28.75 -48.90
CA LYS B 173 89.69 29.69 -47.93
C LYS B 173 88.53 30.49 -47.34
N GLY B 174 88.60 30.80 -46.06
CA GLY B 174 89.71 30.43 -45.22
C GLY B 174 89.45 29.17 -44.41
N VAL B 175 88.74 29.30 -43.29
CA VAL B 175 88.79 28.24 -42.29
C VAL B 175 87.71 27.17 -42.48
N GLY B 176 86.67 27.43 -43.26
CA GLY B 176 85.61 26.48 -43.49
C GLY B 176 84.39 26.61 -42.61
N ILE B 177 84.04 27.82 -42.17
CA ILE B 177 82.88 28.05 -41.31
C ILE B 177 81.82 28.80 -42.10
N GLU B 178 80.61 28.24 -42.20
CA GLU B 178 79.45 28.95 -42.73
C GLU B 178 78.42 29.14 -41.62
N TYR B 179 78.05 30.38 -41.35
CA TYR B 179 76.99 30.71 -40.39
C TYR B 179 75.78 31.34 -41.09
N ASN B 180 74.59 30.78 -40.85
CA ASN B 180 73.33 31.34 -41.32
C ASN B 180 72.47 31.69 -40.12
N GLY B 181 72.05 32.95 -40.02
CA GLY B 181 71.21 33.36 -38.92
C GLY B 181 69.97 34.08 -39.42
N GLY B 182 68.78 33.60 -39.05
CA GLY B 182 67.55 34.10 -39.64
C GLY B 182 66.49 34.46 -38.62
N VAL B 183 65.62 35.38 -39.03
CA VAL B 183 64.54 35.90 -38.19
C VAL B 183 63.31 36.06 -39.08
N GLN B 184 62.13 35.65 -38.60
CA GLN B 184 60.97 35.54 -39.47
C GLN B 184 59.67 35.86 -38.73
N TRP B 185 58.73 36.48 -39.44
CA TRP B 185 57.43 36.82 -38.88
C TRP B 185 56.31 36.13 -39.64
N SER B 186 55.27 35.74 -38.90
CA SER B 186 54.10 35.15 -39.50
C SER B 186 52.86 35.89 -39.03
N THR B 187 51.96 36.22 -39.98
CA THR B 187 50.65 36.83 -39.73
C THR B 187 49.58 36.07 -40.48
N VAL B 188 48.35 36.15 -39.97
CA VAL B 188 47.24 35.39 -40.56
C VAL B 188 47.03 35.85 -42.00
N LEU B 189 46.74 34.87 -42.88
CA LEU B 189 46.70 35.09 -44.32
C LEU B 189 45.30 35.46 -44.80
N ARG B 190 44.32 34.62 -44.48
CA ARG B 190 42.94 34.83 -44.89
C ARG B 190 42.05 34.23 -43.80
N LEU B 191 41.28 35.07 -43.13
CA LEU B 191 40.14 34.62 -42.36
C LEU B 191 38.94 34.55 -43.27
N PRO B 192 37.86 33.88 -42.83
CA PRO B 192 36.61 33.94 -43.59
C PRO B 192 36.08 35.36 -43.66
N GLU B 193 35.37 35.65 -44.74
CA GLU B 193 34.76 36.96 -44.92
C GLU B 193 33.42 36.96 -44.20
N PHE B 194 33.23 37.96 -43.34
CA PHE B 194 32.14 37.98 -42.38
C PHE B 194 31.04 38.95 -42.80
N GLN B 195 29.81 38.57 -42.47
CA GLN B 195 28.74 39.55 -42.35
C GLN B 195 29.05 40.51 -41.22
N ASN B 196 28.69 41.78 -41.39
CA ASN B 196 28.78 42.77 -40.32
C ASN B 196 27.47 43.53 -40.15
N GLU B 197 26.35 42.91 -40.49
CA GLU B 197 25.05 43.58 -40.49
C GLU B 197 24.24 43.30 -39.24
N PHE B 198 24.35 42.08 -38.71
CA PHE B 198 23.54 41.60 -37.61
C PHE B 198 24.45 41.02 -36.53
N GLY B 199 24.09 41.24 -35.27
CA GLY B 199 24.86 40.72 -34.16
C GLY B 199 24.24 39.59 -33.35
N MET B 200 24.55 39.58 -32.06
CA MET B 200 24.21 38.46 -31.18
C MET B 200 22.71 38.22 -31.16
N GLY B 201 22.32 36.99 -31.48
CA GLY B 201 20.94 36.60 -31.25
C GLY B 201 20.63 35.29 -31.93
N TRP B 202 19.38 34.89 -31.80
CA TRP B 202 18.88 33.72 -32.53
C TRP B 202 17.46 33.96 -33.01
N ASN B 203 17.08 33.20 -34.05
CA ASN B 203 15.83 33.33 -34.81
C ASN B 203 15.58 34.75 -35.29
N GLY B 204 16.63 35.55 -35.44
CA GLY B 204 16.45 36.96 -35.70
C GLY B 204 16.19 37.81 -34.47
N ASN B 205 16.05 37.21 -33.28
CA ASN B 205 15.75 37.92 -32.04
C ASN B 205 17.00 38.16 -31.20
N HIS B 206 17.00 39.28 -30.48
CA HIS B 206 18.11 39.63 -29.60
C HIS B 206 18.21 38.65 -28.42
N THR B 207 19.45 38.29 -28.08
CA THR B 207 19.83 37.44 -26.95
C THR B 207 21.07 38.03 -26.31
N GLU B 208 21.25 37.75 -25.01
CA GLU B 208 22.44 38.20 -24.30
C GLU B 208 23.52 37.13 -24.19
N LEU B 209 23.27 35.93 -24.69
CA LEU B 209 24.12 34.78 -24.44
C LEU B 209 24.52 33.99 -25.68
N GLU B 210 24.23 34.48 -26.88
CA GLU B 210 24.36 33.62 -28.06
C GLU B 210 25.81 33.47 -28.49
N ASN B 211 26.10 32.30 -29.07
CA ASN B 211 27.38 32.03 -29.70
C ASN B 211 27.37 32.36 -31.18
N GLY B 212 26.30 33.00 -31.65
CA GLY B 212 26.08 33.20 -33.07
C GLY B 212 25.43 34.54 -33.34
N SER B 213 25.40 34.91 -34.61
CA SER B 213 25.01 36.28 -34.96
C SER B 213 23.71 36.33 -35.74
N TRP B 214 22.68 35.59 -35.29
CA TRP B 214 21.35 35.72 -35.86
C TRP B 214 20.48 36.67 -35.05
N GLY B 215 21.00 37.84 -34.72
CA GLY B 215 20.23 38.80 -33.99
C GLY B 215 19.71 39.92 -34.88
N PRO B 216 19.33 41.02 -34.26
CA PRO B 216 18.82 42.18 -35.02
C PRO B 216 19.91 42.84 -35.86
N ARG B 217 19.45 43.66 -36.81
CA ARG B 217 20.35 44.54 -37.53
C ARG B 217 20.94 45.56 -36.57
N PHE B 218 22.19 45.94 -36.82
CA PHE B 218 22.89 46.84 -35.90
C PHE B 218 22.27 48.23 -35.90
N ASP B 219 21.91 48.72 -34.71
CA ASP B 219 21.28 50.02 -34.55
C ASP B 219 22.16 51.09 -33.90
N GLY B 220 23.23 50.69 -33.18
CA GLY B 220 24.06 51.61 -32.44
C GLY B 220 23.65 51.84 -31.01
N SER B 221 22.58 51.20 -30.54
CA SER B 221 22.03 51.42 -29.22
C SER B 221 22.75 50.57 -28.19
N MET B 222 22.47 50.86 -26.91
CA MET B 222 23.09 50.16 -25.79
C MET B 222 22.19 49.03 -25.34
N GLN B 223 22.66 47.80 -25.52
CA GLN B 223 21.95 46.58 -25.15
C GLN B 223 22.86 45.70 -24.32
N LEU B 224 22.27 45.00 -23.36
CA LEU B 224 22.99 44.10 -22.46
C LEU B 224 23.51 42.88 -23.22
N TRP B 225 24.53 42.24 -22.61
CA TRP B 225 25.17 41.07 -23.17
C TRP B 225 25.96 40.37 -22.07
N GLY B 226 26.19 39.08 -22.29
CA GLY B 226 26.95 38.29 -21.34
C GLY B 226 26.13 37.87 -20.14
N ASN B 227 26.73 37.02 -19.31
CA ASN B 227 26.09 36.56 -18.09
C ASN B 227 25.98 37.69 -17.07
N VAL B 228 25.26 37.42 -16.00
CA VAL B 228 25.13 38.35 -14.88
C VAL B 228 26.00 37.85 -13.74
N TYR B 229 26.78 38.76 -13.16
CA TYR B 229 27.72 38.41 -12.09
C TYR B 229 27.55 39.38 -10.93
N ASN B 230 27.09 38.86 -9.79
CA ASN B 230 26.98 39.65 -8.55
C ASN B 230 25.99 40.80 -8.73
N ASN B 231 24.83 40.48 -9.33
CA ASN B 231 23.78 41.45 -9.62
C ASN B 231 24.31 42.64 -10.44
N SER B 232 24.98 42.34 -11.54
CA SER B 232 25.45 43.34 -12.49
C SER B 232 25.73 42.67 -13.83
N GLN B 233 25.68 43.47 -14.89
CA GLN B 233 25.78 42.92 -16.23
C GLN B 233 26.48 43.94 -17.12
N LYS B 234 27.20 43.44 -18.12
CA LYS B 234 27.89 44.33 -19.05
C LYS B 234 26.94 44.92 -20.09
N LEU B 235 27.17 46.19 -20.42
CA LEU B 235 26.29 46.97 -21.31
C LEU B 235 27.16 47.71 -22.32
N LYS B 236 26.81 47.60 -23.61
CA LYS B 236 27.63 48.16 -24.69
C LYS B 236 26.76 48.50 -25.89
N PRO B 237 27.16 49.50 -26.68
CA PRO B 237 26.50 49.75 -27.98
C PRO B 237 26.44 48.51 -28.85
N TYR B 238 25.31 48.33 -29.53
CA TYR B 238 25.06 47.18 -30.39
C TYR B 238 25.57 47.51 -31.79
N VAL B 239 26.88 47.42 -31.93
CA VAL B 239 27.56 47.74 -33.19
C VAL B 239 28.41 46.55 -33.59
N ALA B 240 28.67 46.46 -34.90
CA ALA B 240 29.56 45.42 -35.39
C ALA B 240 30.99 45.74 -35.01
N MET B 241 31.85 44.73 -35.12
CA MET B 241 33.26 44.84 -34.79
C MET B 241 34.02 44.06 -35.85
N PRO B 242 34.23 44.68 -37.02
CA PRO B 242 34.74 43.90 -38.17
C PRO B 242 36.05 43.21 -37.90
N ASP B 243 36.88 43.77 -37.03
CA ASP B 243 38.25 43.32 -36.84
C ASP B 243 38.42 42.46 -35.60
N ASN B 244 37.33 41.94 -35.04
CA ASN B 244 37.44 41.32 -33.72
C ASN B 244 38.21 40.01 -33.78
N ILE B 245 37.88 39.14 -34.74
CA ILE B 245 38.62 37.89 -34.90
C ILE B 245 40.03 38.15 -35.38
N LYS B 246 40.22 39.14 -36.26
CA LYS B 246 41.57 39.38 -36.76
C LYS B 246 42.47 39.96 -35.68
N ASP B 247 41.94 40.89 -34.86
CA ASP B 247 42.65 41.45 -33.72
C ASP B 247 43.15 40.39 -32.74
N PHE B 248 42.60 39.18 -32.80
CA PHE B 248 42.89 38.17 -31.79
C PHE B 248 44.28 37.61 -31.97
N PHE B 249 44.70 37.46 -33.23
CA PHE B 249 45.98 36.86 -33.55
C PHE B 249 47.13 37.85 -33.34
N ASP B 250 48.17 37.38 -32.66
CA ASP B 250 49.43 38.11 -32.54
C ASP B 250 50.20 37.92 -33.85
N ALA B 251 51.46 38.35 -33.87
CA ALA B 251 52.35 38.06 -34.98
C ALA B 251 53.31 36.96 -34.54
N GLY B 252 53.38 35.88 -35.34
CA GLY B 252 54.33 34.82 -35.03
C GLY B 252 55.77 35.27 -35.23
N PHE B 253 56.68 34.72 -34.42
CA PHE B 253 58.10 35.04 -34.51
C PHE B 253 58.90 33.74 -34.45
N ARG B 254 59.87 33.62 -35.35
CA ARG B 254 60.80 32.50 -35.38
C ARG B 254 62.21 33.05 -35.54
N TYR B 255 63.13 32.62 -34.66
CA TYR B 255 64.55 32.89 -34.82
C TYR B 255 65.29 31.57 -35.11
N SER B 256 66.45 31.70 -35.78
CA SER B 256 67.13 30.56 -36.38
C SER B 256 68.63 30.83 -36.38
N ASN B 257 69.43 29.79 -36.11
CA ASN B 257 70.89 29.87 -36.17
C ASN B 257 71.42 28.54 -36.67
N SER B 258 72.27 28.59 -37.69
CA SER B 258 72.86 27.41 -38.29
C SER B 258 74.35 27.63 -38.45
N LEU B 259 75.13 26.59 -38.15
CA LEU B 259 76.57 26.67 -38.22
C LEU B 259 77.13 25.42 -38.89
N SER B 260 78.16 25.60 -39.68
CA SER B 260 78.73 24.50 -40.47
C SER B 260 80.25 24.61 -40.45
N PHE B 261 80.92 23.47 -40.32
CA PHE B 261 82.38 23.40 -40.29
C PHE B 261 82.81 22.36 -41.31
N ASN B 262 83.74 22.71 -42.18
CA ASN B 262 84.06 21.76 -43.22
C ASN B 262 85.48 21.98 -43.71
N GLY B 263 86.20 20.87 -43.92
CA GLY B 263 87.50 20.91 -44.55
C GLY B 263 87.68 19.64 -45.36
N ALA B 264 88.69 19.68 -46.25
CA ALA B 264 89.05 18.49 -47.02
C ALA B 264 90.55 18.46 -47.23
N THR B 265 91.09 17.24 -47.36
CA THR B 265 92.40 16.96 -47.96
C THR B 265 92.17 16.20 -49.27
N ASP B 266 93.25 15.69 -49.85
CA ASP B 266 93.14 14.90 -51.07
C ASP B 266 92.89 13.42 -50.78
N LYS B 267 92.77 13.05 -49.51
CA LYS B 267 92.38 11.70 -49.12
C LYS B 267 91.23 11.68 -48.12
N SER B 268 90.66 12.84 -47.77
CA SER B 268 89.74 12.91 -46.65
C SER B 268 88.85 14.13 -46.80
N ASP B 269 87.69 14.06 -46.16
CA ASP B 269 86.81 15.22 -45.96
C ASP B 269 86.07 15.07 -44.64
N TYR B 270 85.72 16.20 -44.04
CA TYR B 270 85.01 16.21 -42.78
C TYR B 270 84.01 17.39 -42.75
N TYR B 271 82.74 17.09 -42.47
CA TYR B 271 81.69 18.10 -42.37
C TYR B 271 80.93 17.89 -41.06
N VAL B 272 80.84 18.95 -40.26
CA VAL B 272 80.12 18.95 -38.99
C VAL B 272 79.18 20.14 -38.97
N SER B 273 77.91 19.90 -38.64
CA SER B 273 76.90 20.93 -38.80
C SER B 273 75.99 20.98 -37.58
N PHE B 274 75.51 22.19 -37.27
CA PHE B 274 74.55 22.40 -36.19
C PHE B 274 73.45 23.34 -36.68
N SER B 275 72.21 23.05 -36.29
CA SER B 275 71.10 23.93 -36.67
C SER B 275 70.07 24.00 -35.54
N GLN B 276 69.42 25.15 -35.45
CA GLN B 276 68.47 25.44 -34.39
C GLN B 276 67.35 26.33 -34.92
N ILE B 277 66.12 26.02 -34.51
CA ILE B 277 64.94 26.77 -34.94
C ILE B 277 63.95 26.84 -33.79
N SER B 278 63.55 28.06 -33.42
CA SER B 278 62.55 28.30 -32.37
C SER B 278 61.40 29.13 -32.92
N ASP B 279 60.23 28.52 -33.03
CA ASP B 279 59.05 29.15 -33.63
C ASP B 279 57.91 29.23 -32.63
N ASP B 280 57.31 30.42 -32.53
CA ASP B 280 56.10 30.66 -31.74
C ASP B 280 55.09 31.38 -32.64
N GLY B 281 54.04 30.66 -33.09
CA GLY B 281 53.13 31.15 -34.13
C GLY B 281 52.14 32.24 -33.69
N MET B 282 51.29 32.64 -34.65
CA MET B 282 50.39 33.81 -34.56
C MET B 282 49.21 33.64 -33.60
N ILE B 283 48.91 32.43 -33.16
CA ILE B 283 47.90 32.23 -32.12
C ILE B 283 48.44 32.77 -30.80
N PRO B 284 47.67 33.56 -30.04
CA PRO B 284 48.21 34.10 -28.78
C PRO B 284 48.66 32.97 -27.86
N THR B 285 49.61 33.32 -26.97
CA THR B 285 50.36 32.41 -26.10
C THR B 285 51.34 31.54 -26.88
N ASP B 286 52.03 30.67 -26.13
CA ASP B 286 53.05 29.77 -26.64
C ASP B 286 52.48 28.41 -27.03
N ALA B 287 51.17 28.34 -27.27
CA ALA B 287 50.57 27.04 -27.52
C ALA B 287 50.94 26.50 -28.89
N ASP B 288 51.36 27.40 -29.79
CA ASP B 288 51.79 27.04 -31.14
C ASP B 288 53.29 27.22 -31.17
N SER B 289 54.02 26.16 -30.82
CA SER B 289 55.46 26.24 -30.64
C SER B 289 56.15 25.04 -31.28
N TYR B 290 57.36 25.28 -31.76
CA TYR B 290 58.17 24.25 -32.40
C TYR B 290 59.62 24.65 -32.21
N ASP B 291 60.37 23.87 -31.44
CA ASP B 291 61.81 24.04 -31.34
C ASP B 291 62.48 22.84 -31.99
N LYS B 292 63.46 23.11 -32.85
CA LYS B 292 64.14 22.08 -33.59
C LYS B 292 65.65 22.25 -33.39
N TYR B 293 66.35 21.13 -33.18
CA TYR B 293 67.81 21.14 -33.15
C TYR B 293 68.33 19.94 -33.93
N THR B 294 69.27 20.19 -34.84
CA THR B 294 69.97 19.10 -35.49
C THR B 294 71.46 19.28 -35.25
N PHE B 295 72.15 18.14 -35.28
CA PHE B 295 73.60 18.07 -35.26
C PHE B 295 74.04 16.89 -36.11
N SER B 296 75.07 17.10 -36.91
CA SER B 296 75.48 16.13 -37.93
C SER B 296 76.98 16.19 -38.10
N ALA B 297 77.59 15.03 -38.35
CA ALA B 297 79.02 14.98 -38.63
C ALA B 297 79.28 13.86 -39.63
N ARG B 298 79.74 14.24 -40.82
CA ARG B 298 80.03 13.32 -41.90
C ARG B 298 81.50 13.44 -42.24
N GLY B 299 82.16 12.28 -42.36
CA GLY B 299 83.54 12.24 -42.73
C GLY B 299 83.78 11.09 -43.70
N SER B 300 84.87 11.20 -44.44
CA SER B 300 85.30 10.14 -45.32
C SER B 300 86.81 10.13 -45.32
N HIS B 301 87.38 8.94 -45.48
CA HIS B 301 88.83 8.80 -45.57
C HIS B 301 89.15 7.66 -46.50
N LYS B 302 90.09 7.89 -47.40
CA LYS B 302 90.39 7.01 -48.52
C LYS B 302 91.86 6.61 -48.46
N ALA B 303 92.12 5.31 -48.49
CA ALA B 303 93.50 4.80 -48.36
C ALA B 303 93.64 3.55 -49.20
N GLY B 304 94.41 3.64 -50.27
CA GLY B 304 94.69 2.48 -51.11
C GLY B 304 93.59 2.28 -52.13
N ALA B 305 92.97 1.10 -52.09
CA ALA B 305 91.76 0.89 -52.85
C ALA B 305 90.53 1.01 -51.99
N LEU B 306 90.68 1.38 -50.71
CA LEU B 306 89.59 1.32 -49.74
C LEU B 306 89.21 2.72 -49.28
N THR B 307 87.91 2.99 -49.24
CA THR B 307 87.37 4.21 -48.65
C THR B 307 86.27 3.84 -47.67
N PHE B 308 86.35 4.40 -46.48
CA PHE B 308 85.30 4.22 -45.49
C PHE B 308 84.79 5.60 -45.14
N SER B 309 83.49 5.67 -44.90
CA SER B 309 82.84 6.93 -44.64
C SER B 309 81.74 6.67 -43.64
N SER B 310 81.33 7.72 -42.96
CA SER B 310 80.24 7.54 -42.03
C SER B 310 79.47 8.84 -41.96
N SER B 311 78.22 8.73 -41.59
CA SER B 311 77.38 9.89 -41.40
C SER B 311 76.52 9.60 -40.19
N LEU B 312 76.68 10.39 -39.15
CA LEU B 312 75.87 10.27 -37.95
C LEU B 312 75.17 11.59 -37.69
N ASN B 313 73.88 11.52 -37.39
CA ASN B 313 73.03 12.70 -37.27
C ASN B 313 72.11 12.56 -36.08
N TYR B 314 71.98 13.64 -35.31
CA TYR B 314 71.08 13.74 -34.18
C TYR B 314 70.02 14.81 -34.46
N ALA B 315 68.80 14.56 -33.99
CA ALA B 315 67.70 15.48 -34.25
C ALA B 315 66.80 15.56 -33.03
N TYR B 316 66.58 16.77 -32.52
CA TYR B 316 65.70 17.00 -31.39
C TYR B 316 64.57 17.95 -31.76
N GLN B 317 63.38 17.69 -31.22
CA GLN B 317 62.20 18.49 -31.59
C GLN B 317 61.22 18.54 -30.41
N LYS B 318 60.67 19.73 -30.16
CA LYS B 318 59.62 19.91 -29.15
C LYS B 318 58.45 20.73 -29.72
N ASN B 319 57.28 20.10 -29.85
CA ASN B 319 56.10 20.75 -30.40
C ASN B 319 55.06 21.03 -29.33
N ASN B 320 54.44 22.19 -29.42
CA ASN B 320 53.19 22.52 -28.74
C ASN B 320 52.16 22.87 -29.80
N PHE B 321 51.05 22.15 -29.81
CA PHE B 321 49.99 22.35 -30.78
C PHE B 321 48.79 22.97 -30.08
N ALA B 322 48.13 23.89 -30.79
CA ALA B 322 46.84 24.43 -30.37
C ALA B 322 45.78 23.50 -30.96
N THR B 323 45.18 22.67 -30.10
CA THR B 323 44.34 21.58 -30.58
C THR B 323 43.09 22.10 -31.28
N THR B 324 42.77 21.49 -32.42
CA THR B 324 41.59 21.86 -33.20
C THR B 324 40.47 20.83 -32.98
N GLY B 325 39.30 21.15 -33.51
CA GLY B 325 38.19 20.22 -33.46
C GLY B 325 36.91 20.88 -32.99
N GLN B 326 35.86 20.05 -32.88
CA GLN B 326 34.50 20.52 -32.64
C GLN B 326 34.16 20.76 -31.19
N GLY B 327 34.99 20.35 -30.24
CA GLY B 327 34.63 20.52 -28.84
C GLY B 327 35.03 21.86 -28.24
N LEU B 328 35.63 21.83 -27.05
CA LEU B 328 36.18 23.06 -26.48
C LEU B 328 37.61 23.29 -26.97
N SER B 329 37.74 23.49 -28.28
CA SER B 329 39.00 23.90 -28.89
C SER B 329 39.00 25.40 -29.11
N MET B 330 40.20 25.95 -29.34
CA MET B 330 40.33 27.40 -29.47
C MET B 330 39.60 27.92 -30.70
N LEU B 331 39.91 27.34 -31.87
CA LEU B 331 39.38 27.90 -33.11
C LEU B 331 37.87 27.77 -33.15
N ASN B 332 37.36 26.61 -32.74
CA ASN B 332 35.92 26.41 -32.68
C ASN B 332 35.28 27.40 -31.72
N SER B 333 35.94 27.67 -30.60
CA SER B 333 35.40 28.62 -29.64
C SER B 333 35.44 30.04 -30.19
N LEU B 334 36.39 30.31 -31.09
CA LEU B 334 36.58 31.65 -31.67
C LEU B 334 35.57 31.94 -32.77
N TYR B 335 35.33 30.99 -33.67
CA TYR B 335 34.39 31.22 -34.77
C TYR B 335 32.95 31.27 -34.27
N GLN B 336 32.66 30.72 -33.09
CA GLN B 336 31.34 30.88 -32.50
C GLN B 336 31.31 32.11 -31.58
N THR B 337 31.73 33.24 -32.15
CA THR B 337 31.63 34.53 -31.51
C THR B 337 30.68 35.43 -32.29
N PRO B 338 29.69 36.03 -31.65
CA PRO B 338 28.87 37.03 -32.33
C PRO B 338 29.71 38.18 -32.84
N ARG B 339 29.27 38.75 -33.97
CA ARG B 339 30.01 39.76 -34.70
C ARG B 339 30.16 41.06 -33.93
N ASP B 340 29.50 41.22 -32.78
CA ASP B 340 29.57 42.46 -32.01
C ASP B 340 30.48 42.39 -30.79
N ILE B 341 31.00 41.24 -30.43
CA ILE B 341 31.77 41.10 -29.20
C ILE B 341 33.25 41.31 -29.50
N SER B 342 33.91 42.13 -28.68
CA SER B 342 35.36 42.29 -28.77
C SER B 342 36.04 41.05 -28.21
N ILE B 343 36.71 40.29 -29.08
CA ILE B 343 37.33 39.05 -28.62
C ILE B 343 38.53 39.33 -27.74
N ILE B 344 39.25 40.43 -28.00
CA ILE B 344 40.43 40.72 -27.17
C ILE B 344 40.10 41.37 -25.84
N GLY B 345 38.83 41.71 -25.58
CA GLY B 345 38.44 42.10 -24.23
C GLY B 345 38.11 40.93 -23.31
N LEU B 346 38.36 39.71 -23.79
CA LEU B 346 38.10 38.50 -23.03
C LEU B 346 39.34 37.94 -22.37
N GLU B 347 40.53 38.41 -22.73
CA GLU B 347 41.75 37.74 -22.28
C GLU B 347 41.95 37.90 -20.77
N ASP B 348 41.84 39.13 -20.28
CA ASP B 348 41.98 39.40 -18.85
C ASP B 348 41.01 38.53 -18.03
N GLN B 349 41.55 37.69 -17.15
CA GLN B 349 40.73 36.84 -16.31
C GLN B 349 40.56 37.40 -14.89
N ASN B 350 41.12 38.57 -14.60
CA ASN B 350 40.74 39.33 -13.41
C ASN B 350 39.38 39.99 -13.56
N ASP B 351 38.88 40.10 -14.80
CA ASP B 351 37.54 40.61 -15.07
C ASP B 351 36.55 39.44 -14.98
N PRO B 352 35.70 39.41 -13.95
CA PRO B 352 35.01 38.15 -13.62
C PRO B 352 34.20 37.59 -14.76
N PHE B 353 33.67 38.48 -15.61
CA PHE B 353 32.82 38.11 -16.73
C PHE B 353 33.55 37.24 -17.75
N ASN B 354 34.87 37.16 -17.68
CA ASN B 354 35.65 36.32 -18.58
C ASN B 354 36.08 35.01 -17.93
N THR B 355 35.90 34.91 -16.61
CA THR B 355 36.16 33.65 -15.90
C THR B 355 35.21 32.60 -16.46
N PRO B 356 35.63 31.33 -16.45
CA PRO B 356 34.89 30.30 -17.22
C PRO B 356 33.43 30.17 -16.85
N GLY B 357 33.08 30.39 -15.59
CA GLY B 357 31.70 30.23 -15.15
C GLY B 357 30.78 31.38 -15.48
N TYR B 358 31.31 32.49 -16.02
CA TYR B 358 30.49 33.64 -16.40
C TYR B 358 30.74 34.12 -17.83
N TYR B 359 31.60 33.42 -18.59
CA TYR B 359 31.87 33.71 -20.00
C TYR B 359 30.56 33.88 -20.76
N TYR B 360 30.52 34.86 -21.68
CA TYR B 360 29.24 35.35 -22.20
C TYR B 360 28.39 34.24 -22.83
N THR B 361 29.00 33.20 -23.39
CA THR B 361 28.12 32.19 -23.94
C THR B 361 28.32 30.84 -23.25
N PRO B 362 27.26 30.02 -23.16
CA PRO B 362 27.44 28.68 -22.61
C PRO B 362 27.27 27.57 -23.62
N TYR B 363 27.20 27.88 -24.93
CA TYR B 363 26.72 26.90 -25.91
C TYR B 363 27.88 26.13 -26.54
N GLY B 364 28.40 25.15 -25.80
CA GLY B 364 29.40 24.23 -26.29
C GLY B 364 30.76 24.81 -26.59
N VAL B 365 31.05 26.03 -26.12
CA VAL B 365 32.34 26.68 -26.35
C VAL B 365 32.80 27.35 -25.06
N MET B 366 34.03 27.87 -25.08
CA MET B 366 34.64 28.46 -23.91
C MET B 366 35.60 29.56 -24.32
N ASN B 367 35.97 30.37 -23.34
CA ASN B 367 36.91 31.47 -23.60
C ASN B 367 38.16 30.96 -24.30
N PRO B 368 38.47 31.44 -25.51
CA PRO B 368 39.65 30.94 -26.23
C PRO B 368 40.96 31.18 -25.51
N TYR B 369 41.07 32.27 -24.74
CA TYR B 369 42.29 32.53 -23.97
C TYR B 369 42.43 31.56 -22.81
N TYR B 370 41.31 31.06 -22.28
CA TYR B 370 41.40 30.02 -21.27
C TYR B 370 41.89 28.72 -21.91
N ILE B 371 41.31 28.34 -23.04
CA ILE B 371 41.72 27.06 -23.65
C ILE B 371 43.21 27.05 -23.95
N LEU B 372 43.77 28.20 -24.35
CA LEU B 372 45.18 28.24 -24.71
C LEU B 372 46.11 28.27 -23.51
N ASN B 373 45.66 28.83 -22.38
CA ASN B 373 46.48 28.95 -21.19
C ASN B 373 46.29 27.80 -20.20
N ASN B 374 45.53 26.76 -20.55
CA ASN B 374 45.16 25.77 -19.54
C ASN B 374 44.99 24.35 -20.07
N TYR B 375 45.10 24.16 -21.38
CA TYR B 375 45.13 22.82 -21.95
C TYR B 375 46.55 22.51 -22.38
N LEU B 376 46.93 21.24 -22.28
CA LEU B 376 48.27 20.78 -22.60
C LEU B 376 48.21 19.87 -23.82
N ASN B 377 49.03 20.16 -24.84
CA ASN B 377 49.20 19.25 -25.99
C ASN B 377 50.65 19.40 -26.48
N GLU B 378 51.51 18.55 -25.98
CA GLU B 378 52.95 18.68 -26.12
C GLU B 378 53.50 17.39 -26.70
N TYR B 379 54.66 17.50 -27.37
CA TYR B 379 55.32 16.38 -28.02
C TYR B 379 56.80 16.68 -28.05
N GLU B 380 57.63 15.65 -27.90
CA GLU B 380 59.07 15.84 -27.84
C GLU B 380 59.75 14.61 -28.42
N SER B 381 60.62 14.80 -29.39
CA SER B 381 61.33 13.68 -30.01
C SER B 381 62.84 13.86 -29.95
N GLU B 382 63.55 12.74 -29.85
CA GLU B 382 65.00 12.66 -30.02
C GLU B 382 65.25 11.56 -31.04
N ARG B 383 66.19 11.80 -31.92
CA ARG B 383 66.34 10.91 -33.06
C ARG B 383 67.79 10.83 -33.47
N PHE B 384 68.25 9.63 -33.74
CA PHE B 384 69.58 9.39 -34.23
C PHE B 384 69.44 8.58 -35.51
N TYR B 385 70.13 9.01 -36.56
CA TYR B 385 70.21 8.23 -37.77
C TYR B 385 71.60 8.38 -38.35
N GLY B 386 72.04 7.31 -38.98
CA GLY B 386 73.41 7.24 -39.40
C GLY B 386 73.59 6.27 -40.54
N LYS B 387 74.80 6.29 -41.06
CA LYS B 387 75.23 5.47 -42.17
C LYS B 387 76.71 5.16 -41.96
N PHE B 388 77.09 3.93 -42.31
CA PHE B 388 78.48 3.55 -42.49
C PHE B 388 78.62 3.00 -43.90
N GLN B 389 79.66 3.42 -44.62
CA GLN B 389 79.87 2.93 -45.97
C GLN B 389 81.32 2.54 -46.20
N LEU B 390 81.52 1.39 -46.81
CA LEU B 390 82.83 0.89 -47.15
C LEU B 390 82.85 0.64 -48.65
N ASP B 391 83.66 1.41 -49.37
CA ASP B 391 83.90 1.19 -50.80
C ASP B 391 85.29 0.61 -50.99
N TYR B 392 85.38 -0.44 -51.81
CA TYR B 392 86.67 -1.09 -52.09
C TYR B 392 86.78 -1.42 -53.57
N GLU B 393 87.85 -0.93 -54.20
CA GLU B 393 88.07 -1.14 -55.63
C GLU B 393 89.12 -2.21 -55.85
N PHE B 394 88.92 -3.07 -56.84
CA PHE B 394 89.84 -4.17 -57.06
C PHE B 394 89.73 -4.66 -58.51
N LEU B 395 90.88 -4.92 -59.13
CA LEU B 395 90.97 -5.54 -60.46
C LEU B 395 90.50 -4.60 -61.58
N LYS B 396 90.77 -3.29 -61.41
CA LYS B 396 90.64 -2.30 -62.47
C LYS B 396 89.18 -1.90 -62.73
N TYR B 397 88.25 -2.86 -62.68
CA TYR B 397 86.89 -2.61 -63.15
C TYR B 397 85.81 -2.75 -62.08
N PHE B 398 86.13 -3.28 -60.90
CA PHE B 398 85.12 -3.67 -59.93
C PHE B 398 85.20 -2.78 -58.70
N LYS B 399 84.07 -2.65 -58.01
CA LYS B 399 84.01 -1.91 -56.76
C LYS B 399 82.97 -2.59 -55.87
N PHE B 400 83.40 -3.00 -54.68
CA PHE B 400 82.53 -3.61 -53.68
C PHE B 400 82.11 -2.55 -52.66
N THR B 401 80.89 -2.65 -52.18
CA THR B 401 80.34 -1.63 -51.30
C THR B 401 79.50 -2.29 -50.24
N TYR B 402 79.87 -2.09 -48.98
CA TYR B 402 78.96 -2.33 -47.88
C TYR B 402 78.44 -0.99 -47.37
N ARG B 403 77.13 -0.92 -47.16
CA ARG B 403 76.48 0.27 -46.61
C ARG B 403 75.45 -0.18 -45.58
N MET B 404 75.56 0.35 -44.37
CA MET B 404 74.60 0.08 -43.31
C MET B 404 73.99 1.38 -42.83
N GLY B 405 72.68 1.38 -42.68
CA GLY B 405 71.97 2.53 -42.13
C GLY B 405 71.18 2.14 -40.91
N LEU B 406 71.09 3.06 -39.96
CA LEU B 406 70.32 2.85 -38.74
C LEU B 406 69.61 4.14 -38.39
N ASP B 407 68.27 4.07 -38.27
CA ASP B 407 67.46 5.21 -37.88
C ASP B 407 66.59 4.80 -36.70
N THR B 408 66.77 5.48 -35.56
CA THR B 408 66.03 5.16 -34.34
C THR B 408 65.48 6.43 -33.71
N THR B 409 64.30 6.32 -33.13
CA THR B 409 63.53 7.48 -32.70
C THR B 409 62.84 7.13 -31.40
N THR B 410 62.70 8.09 -30.51
CA THR B 410 61.77 7.93 -29.41
C THR B 410 61.08 9.26 -29.18
N GLY B 411 59.75 9.23 -29.15
CA GLY B 411 58.98 10.45 -28.92
C GLY B 411 57.96 10.27 -27.83
N GLN B 412 57.59 11.40 -27.20
CA GLN B 412 56.68 11.41 -26.06
C GLN B 412 55.67 12.53 -26.20
N SER B 413 54.39 12.21 -26.40
CA SER B 413 53.34 13.20 -26.30
C SER B 413 52.75 13.21 -24.90
N ASP B 414 52.30 14.39 -24.47
CA ASP B 414 51.67 14.61 -23.17
C ASP B 414 50.49 15.56 -23.36
N LYS B 415 49.25 15.09 -23.17
CA LYS B 415 48.11 16.02 -23.28
C LYS B 415 47.23 16.00 -22.03
N GLY B 416 46.83 17.19 -21.61
CA GLY B 416 45.88 17.31 -20.51
C GLY B 416 44.80 18.35 -20.77
N LYS B 417 43.64 18.11 -20.20
CA LYS B 417 42.60 19.12 -20.02
C LYS B 417 42.19 19.17 -18.56
N PRO B 418 41.96 20.35 -18.02
CA PRO B 418 41.59 20.47 -16.60
C PRO B 418 40.22 19.90 -16.31
N ASN B 419 39.97 19.66 -15.02
CA ASN B 419 38.66 19.25 -14.51
C ASN B 419 37.79 20.51 -14.36
N LEU B 420 37.16 20.91 -15.47
CA LEU B 420 36.31 22.10 -15.48
C LEU B 420 35.05 21.91 -14.64
N TYR B 421 34.53 20.68 -14.56
CA TYR B 421 33.34 20.44 -13.77
C TYR B 421 33.58 20.79 -12.30
N ALA B 422 34.68 20.27 -11.73
CA ALA B 422 35.00 20.52 -10.32
C ALA B 422 35.43 21.96 -10.09
N LEU B 423 35.91 22.65 -11.13
CA LEU B 423 36.37 24.04 -10.97
C LEU B 423 35.25 25.06 -11.13
N TYR B 424 34.27 24.80 -11.95
CA TYR B 424 33.40 25.89 -12.32
C TYR B 424 31.92 25.53 -12.33
N TYR B 425 31.54 24.30 -12.02
CA TYR B 425 30.15 23.90 -12.24
C TYR B 425 29.20 24.51 -11.22
N GLU B 426 29.33 24.17 -9.95
CA GLU B 426 28.37 24.68 -8.98
C GLU B 426 28.59 26.17 -8.74
N GLY B 427 27.49 26.91 -8.59
CA GLY B 427 27.54 28.31 -8.25
C GLY B 427 27.49 29.26 -9.42
N THR B 428 27.77 28.78 -10.62
CA THR B 428 27.85 29.66 -11.78
C THR B 428 26.69 29.40 -12.74
N PRO B 429 26.33 30.40 -13.56
CA PRO B 429 25.32 30.17 -14.60
C PRO B 429 25.78 29.26 -15.72
N ASN B 430 27.07 29.05 -15.92
CA ASN B 430 27.51 28.36 -17.12
C ASN B 430 27.68 26.82 -17.19
N GLY B 431 27.67 26.03 -16.12
CA GLY B 431 27.30 26.36 -14.76
C GLY B 431 26.26 25.35 -14.33
N GLU B 432 25.87 25.36 -13.05
CA GLU B 432 24.71 24.60 -12.68
C GLU B 432 23.42 25.24 -13.21
N GLY B 433 23.49 26.52 -13.60
CA GLY B 433 22.39 27.18 -14.26
C GLY B 433 22.09 26.64 -15.65
N GLN B 434 22.97 25.82 -16.22
CA GLN B 434 22.73 25.15 -17.49
C GLN B 434 22.54 23.66 -17.35
N GLY B 435 22.68 23.12 -16.14
CA GLY B 435 22.39 21.71 -15.92
C GLY B 435 23.08 20.82 -16.92
N SER B 436 22.34 19.84 -17.46
CA SER B 436 22.90 18.88 -18.41
C SER B 436 23.50 19.54 -19.63
N SER B 437 23.09 20.76 -19.96
CA SER B 437 23.57 21.42 -21.18
C SER B 437 24.80 22.29 -20.94
N SER B 438 25.53 22.05 -19.86
CA SER B 438 26.66 22.89 -19.54
C SER B 438 27.90 22.42 -20.29
N PRO B 439 28.74 23.35 -20.72
CA PRO B 439 30.02 22.96 -21.32
C PRO B 439 30.90 22.16 -20.37
N PHE B 440 30.60 22.15 -19.07
CA PHE B 440 31.50 21.55 -18.08
C PHE B 440 31.19 20.10 -17.77
N SER B 441 30.12 19.54 -18.33
CA SER B 441 29.82 18.12 -18.17
C SER B 441 30.08 17.33 -19.44
N GLY B 442 30.70 16.15 -19.37
CA GLY B 442 31.41 15.70 -18.20
C GLY B 442 32.88 16.00 -18.48
N GLU B 443 33.19 17.29 -18.51
CA GLU B 443 34.58 17.74 -18.57
C GLU B 443 35.19 17.63 -17.16
N THR B 444 35.47 16.40 -16.74
CA THR B 444 36.11 16.17 -15.44
C THR B 444 37.61 16.04 -15.54
N GLY B 445 38.21 16.45 -16.65
CA GLY B 445 39.66 16.45 -16.77
C GLY B 445 40.20 15.15 -17.33
N GLN B 446 41.37 15.26 -17.96
CA GLN B 446 41.99 14.11 -18.57
C GLN B 446 43.47 14.38 -18.74
N TYR B 447 44.28 13.35 -18.53
CA TYR B 447 45.71 13.42 -18.77
C TYR B 447 46.17 12.09 -19.33
N SER B 448 46.97 12.16 -20.38
CA SER B 448 47.53 10.96 -20.97
C SER B 448 48.96 11.27 -21.39
N GLU B 449 49.69 10.20 -21.67
CA GLU B 449 51.10 10.27 -22.03
C GLU B 449 51.42 9.01 -22.80
N GLN B 450 52.16 9.15 -23.89
CA GLN B 450 52.52 8.04 -24.75
C GLN B 450 53.98 8.19 -25.10
N ILE B 451 54.74 7.09 -25.01
CA ILE B 451 56.15 7.07 -25.39
C ILE B 451 56.32 6.06 -26.50
N THR B 452 56.98 6.48 -27.58
CA THR B 452 57.04 5.72 -28.81
C THR B 452 58.47 5.43 -29.23
N ARG B 453 58.69 4.26 -29.80
CA ARG B 453 60.01 3.77 -30.15
C ARG B 453 59.95 3.25 -31.59
N ARG B 454 60.76 3.86 -32.47
CA ARG B 454 60.93 3.44 -33.86
C ARG B 454 62.39 3.07 -34.12
N ARG B 455 62.60 2.02 -34.90
CA ARG B 455 63.97 1.69 -35.28
C ARG B 455 63.95 0.98 -36.62
N GLU B 456 64.63 1.54 -37.61
CA GLU B 456 64.78 0.91 -38.91
C GLU B 456 66.25 0.64 -39.17
N ILE B 457 66.55 -0.54 -39.69
CA ILE B 457 67.91 -0.89 -40.07
C ILE B 457 67.89 -1.36 -41.51
N ASN B 458 68.75 -0.77 -42.33
CA ASN B 458 68.88 -1.14 -43.74
C ASN B 458 70.32 -1.53 -44.03
N GLN B 459 70.51 -2.59 -44.81
CA GLN B 459 71.86 -2.97 -45.23
C GLN B 459 71.88 -3.30 -46.72
N ASP B 460 72.85 -2.71 -47.44
CA ASP B 460 73.07 -2.95 -48.86
C ASP B 460 74.47 -3.50 -49.07
N ILE B 461 74.57 -4.67 -49.70
CA ILE B 461 75.86 -5.21 -50.15
C ILE B 461 75.85 -5.19 -51.67
N MET B 462 76.86 -4.57 -52.28
CA MET B 462 76.91 -4.41 -53.73
C MET B 462 78.31 -4.66 -54.29
N VAL B 463 78.34 -5.14 -55.52
CA VAL B 463 79.56 -5.14 -56.30
C VAL B 463 79.24 -4.60 -57.70
N ASN B 464 80.07 -3.70 -58.20
CA ASN B 464 79.83 -2.90 -59.41
C ASN B 464 80.98 -3.13 -60.39
N PHE B 465 80.65 -3.29 -61.65
CA PHE B 465 81.61 -3.57 -62.72
C PHE B 465 81.44 -2.51 -63.81
N ASN B 466 82.55 -1.95 -64.30
CA ASN B 466 82.50 -0.84 -65.24
C ASN B 466 83.72 -0.91 -66.14
N MET B 467 83.51 -1.32 -67.39
CA MET B 467 84.57 -1.44 -68.39
C MET B 467 84.11 -0.84 -69.71
N PRO B 468 84.90 0.03 -70.33
CA PRO B 468 84.61 0.43 -71.72
C PRO B 468 85.17 -0.59 -72.70
N VAL B 469 84.32 -1.03 -73.62
CA VAL B 469 84.73 -1.88 -74.74
C VAL B 469 84.39 -1.15 -76.04
N ASN B 470 85.40 -0.82 -76.83
CA ASN B 470 85.21 -0.12 -78.11
C ASN B 470 84.61 1.26 -77.81
N ASP B 471 83.68 1.74 -78.63
CA ASP B 471 82.88 2.90 -78.25
C ASP B 471 81.77 2.55 -77.27
N PHE B 472 81.54 1.27 -76.98
CA PHE B 472 80.57 0.86 -75.98
C PHE B 472 81.08 1.15 -74.57
N ASN B 473 80.17 1.00 -73.60
CA ASN B 473 80.50 1.10 -72.19
C ASN B 473 79.54 0.19 -71.42
N ILE B 474 80.07 -0.57 -70.47
CA ILE B 474 79.28 -1.52 -69.68
C ILE B 474 79.28 -1.06 -68.23
N ASN B 475 78.14 -1.23 -67.55
CA ASN B 475 78.07 -1.03 -66.10
C ASN B 475 77.08 -2.02 -65.54
N ALA B 476 77.54 -2.88 -64.63
CA ALA B 476 76.69 -3.93 -64.08
C ALA B 476 76.84 -4.00 -62.56
N LEU B 477 75.70 -3.97 -61.85
CA LEU B 477 75.67 -4.01 -60.38
C LEU B 477 74.85 -5.20 -59.93
N VAL B 478 75.36 -5.89 -58.94
CA VAL B 478 74.54 -6.87 -58.23
C VAL B 478 74.54 -6.46 -56.77
N GLY B 479 73.45 -6.77 -56.07
CA GLY B 479 73.31 -6.34 -54.71
C GLY B 479 72.36 -7.20 -53.93
N PHE B 480 72.59 -7.24 -52.62
CA PHE B 480 71.64 -7.77 -51.65
C PHE B 480 71.18 -6.61 -50.77
N ASN B 481 69.90 -6.60 -50.43
CA ASN B 481 69.34 -5.63 -49.50
C ASN B 481 68.63 -6.39 -48.40
N GLY B 482 68.92 -6.03 -47.16
CA GLY B 482 68.11 -6.48 -46.04
C GLY B 482 67.52 -5.27 -45.35
N ASN B 483 66.25 -5.36 -44.94
CA ASN B 483 65.57 -4.26 -44.27
C ASN B 483 64.77 -4.80 -43.11
N GLU B 484 64.66 -4.00 -42.05
CA GLU B 484 63.87 -4.37 -40.89
C GLU B 484 63.45 -3.09 -40.18
N ARG B 485 62.17 -3.01 -39.89
CA ARG B 485 61.53 -1.82 -39.34
C ARG B 485 60.72 -2.26 -38.13
N LYS B 486 60.82 -1.50 -37.04
CA LYS B 486 60.08 -1.77 -35.82
C LYS B 486 59.49 -0.47 -35.27
N VAL B 487 58.29 -0.57 -34.73
CA VAL B 487 57.67 0.55 -34.01
C VAL B 487 56.92 0.00 -32.79
N SER B 488 56.99 0.72 -31.68
CA SER B 488 56.27 0.30 -30.48
C SER B 488 55.92 1.53 -29.66
N TYR B 489 54.91 1.38 -28.80
CA TYR B 489 54.60 2.47 -27.90
C TYR B 489 53.90 1.90 -26.66
N GLN B 490 54.00 2.66 -25.57
CA GLN B 490 53.26 2.39 -24.36
C GLN B 490 52.43 3.64 -24.06
N TYR B 491 51.14 3.43 -23.77
CA TYR B 491 50.17 4.51 -23.63
C TYR B 491 49.47 4.39 -22.28
N SER B 492 49.40 5.49 -21.53
CA SER B 492 48.67 5.45 -20.28
C SER B 492 47.88 6.75 -20.10
N GLU B 493 46.73 6.64 -19.42
CA GLU B 493 45.77 7.73 -19.36
C GLU B 493 44.95 7.68 -18.08
N VAL B 494 44.59 8.85 -17.55
CA VAL B 494 43.66 8.92 -16.43
C VAL B 494 42.54 9.92 -16.73
N ASN B 495 41.41 9.74 -16.04
CA ASN B 495 40.27 10.62 -16.14
C ASN B 495 39.82 11.04 -14.75
N ASP B 496 39.10 12.17 -14.69
CA ASP B 496 38.58 12.71 -13.44
C ASP B 496 39.74 13.11 -12.53
N LEU B 497 40.37 14.23 -12.82
CA LEU B 497 41.53 14.66 -12.04
C LEU B 497 41.08 15.14 -10.67
N THR B 498 41.68 14.60 -9.61
CA THR B 498 41.19 15.01 -8.31
C THR B 498 41.70 16.40 -7.93
N ILE B 499 42.96 16.71 -8.21
CA ILE B 499 43.40 18.09 -8.24
C ILE B 499 43.22 18.61 -9.66
N PRO B 500 42.34 19.60 -9.88
CA PRO B 500 41.80 19.82 -11.24
C PRO B 500 42.83 20.34 -12.24
N THR B 501 43.75 21.19 -11.80
CA THR B 501 44.73 21.72 -12.75
C THR B 501 45.94 20.80 -12.94
N TRP B 502 46.18 19.84 -12.04
CA TRP B 502 47.44 19.10 -12.03
C TRP B 502 47.38 17.87 -12.95
N PHE B 503 48.20 17.89 -14.01
CA PHE B 503 48.29 16.83 -15.03
C PHE B 503 49.34 15.79 -14.63
N ASN B 504 48.91 14.67 -14.03
CA ASN B 504 49.83 13.63 -13.57
C ASN B 504 49.08 12.33 -13.34
N LEU B 505 49.71 11.20 -13.65
CA LEU B 505 48.99 9.93 -13.65
C LEU B 505 48.45 9.50 -12.27
N LYS B 506 48.91 10.11 -11.18
CA LYS B 506 48.43 9.71 -9.86
C LYS B 506 47.27 10.58 -9.40
N ASN B 507 46.79 11.47 -10.25
CA ASN B 507 45.84 12.49 -9.82
C ASN B 507 44.42 12.12 -10.25
N SER B 508 44.03 10.88 -9.99
CA SER B 508 42.75 10.36 -10.43
C SER B 508 42.29 9.34 -9.40
N GLY B 509 41.06 9.49 -8.92
CA GLY B 509 40.46 8.48 -8.09
C GLY B 509 39.90 7.29 -8.85
N LYS B 510 40.09 7.26 -10.16
CA LYS B 510 39.39 6.34 -11.04
C LYS B 510 40.40 5.46 -11.75
N THR B 511 39.87 4.44 -12.44
CA THR B 511 40.72 3.48 -13.12
C THR B 511 41.57 4.17 -14.18
N PRO B 512 42.84 3.80 -14.31
CA PRO B 512 43.64 4.26 -15.45
C PRO B 512 43.50 3.33 -16.65
N ILE B 513 43.89 3.86 -17.82
CA ILE B 513 43.78 3.14 -19.09
C ILE B 513 45.18 2.97 -19.64
N VAL B 514 45.53 1.75 -20.04
CA VAL B 514 46.86 1.48 -20.57
C VAL B 514 46.76 0.72 -21.88
N GLU B 515 47.63 1.10 -22.83
CA GLU B 515 47.71 0.44 -24.11
C GLU B 515 49.16 0.27 -24.50
N GLN B 516 49.42 -0.80 -25.24
CA GLN B 516 50.75 -1.22 -25.60
C GLN B 516 50.69 -1.77 -27.01
N HIS B 517 51.70 -1.49 -27.83
CA HIS B 517 51.64 -1.91 -29.21
C HIS B 517 53.04 -2.05 -29.77
N MET B 518 53.24 -3.03 -30.65
CA MET B 518 54.52 -3.15 -31.34
C MET B 518 54.31 -3.83 -32.69
N GLU B 519 55.14 -3.45 -33.67
CA GLU B 519 55.09 -4.01 -35.01
C GLU B 519 56.51 -4.36 -35.46
N LEU B 520 56.63 -5.48 -36.17
CA LEU B 520 57.93 -5.89 -36.69
C LEU B 520 57.74 -6.46 -38.09
N ARG B 521 58.58 -6.01 -39.02
CA ARG B 521 58.52 -6.50 -40.39
C ARG B 521 59.94 -6.50 -40.96
N ARG B 522 60.21 -7.43 -41.87
CA ARG B 522 61.52 -7.52 -42.47
C ARG B 522 61.40 -7.77 -43.97
N LEU B 523 62.41 -7.34 -44.70
CA LEU B 523 62.50 -7.68 -46.10
C LEU B 523 63.96 -7.97 -46.44
N MET B 524 64.18 -9.00 -47.25
CA MET B 524 65.45 -9.24 -47.90
C MET B 524 65.24 -9.17 -49.40
N GLY B 525 66.31 -8.87 -50.14
CA GLY B 525 66.18 -8.79 -51.57
C GLY B 525 67.45 -8.95 -52.36
N VAL B 526 67.35 -9.60 -53.50
CA VAL B 526 68.41 -9.66 -54.50
C VAL B 526 68.01 -8.76 -55.66
N PHE B 527 69.00 -8.13 -56.32
CA PHE B 527 68.69 -7.24 -57.42
C PHE B 527 69.91 -7.05 -58.31
N GLY B 528 69.66 -6.79 -59.58
CA GLY B 528 70.71 -6.44 -60.52
C GLY B 528 70.30 -5.28 -61.41
N GLN B 529 71.32 -4.59 -61.95
CA GLN B 529 71.08 -3.44 -62.82
C GLN B 529 72.17 -3.39 -63.89
N PHE B 530 71.76 -3.49 -65.16
CA PHE B 530 72.70 -3.54 -66.28
C PHE B 530 72.61 -2.23 -67.05
N GLU B 531 73.70 -1.46 -67.09
CA GLU B 531 73.72 -0.23 -67.88
C GLU B 531 74.54 -0.45 -69.15
N GLY B 532 73.92 -0.19 -70.30
CA GLY B 532 74.60 -0.22 -71.56
C GLY B 532 74.77 1.20 -72.09
N SER B 533 75.70 1.40 -73.03
CA SER B 533 76.07 2.76 -73.43
C SER B 533 76.87 2.75 -74.72
N TRP B 534 76.45 3.51 -75.73
CA TRP B 534 77.18 3.57 -77.00
C TRP B 534 77.56 5.03 -77.32
N LYS B 535 78.86 5.33 -77.28
CA LYS B 535 79.44 6.56 -77.81
C LYS B 535 78.64 7.80 -77.41
N ASN B 536 78.39 7.93 -76.10
CA ASN B 536 77.70 9.08 -75.53
C ASN B 536 76.38 9.38 -76.25
N MET B 537 75.69 8.34 -76.72
CA MET B 537 74.51 8.56 -77.54
C MET B 537 73.33 7.64 -77.19
N LEU B 538 73.57 6.33 -77.10
CA LEU B 538 72.52 5.36 -76.77
C LEU B 538 72.77 4.82 -75.38
N TYR B 539 71.87 5.11 -74.46
CA TYR B 539 71.93 4.59 -73.11
C TYR B 539 70.79 3.61 -72.90
N LEU B 540 71.11 2.39 -72.47
CA LEU B 540 70.07 1.42 -72.20
C LEU B 540 70.37 0.70 -70.89
N THR B 541 69.35 0.61 -70.03
CA THR B 541 69.46 -0.06 -68.74
C THR B 541 68.32 -1.07 -68.56
N VAL B 542 68.62 -2.18 -67.88
CA VAL B 542 67.61 -3.15 -67.49
C VAL B 542 67.79 -3.45 -66.01
N THR B 543 66.70 -3.38 -65.25
CA THR B 543 66.72 -3.70 -63.83
C THR B 543 65.94 -4.99 -63.59
N ALA B 544 66.25 -5.64 -62.47
CA ALA B 544 65.47 -6.78 -62.02
C ALA B 544 65.71 -6.97 -60.54
N ARG B 545 64.63 -7.21 -59.79
CA ARG B 545 64.75 -7.36 -58.35
C ARG B 545 63.70 -8.34 -57.86
N ASN B 546 64.13 -9.22 -56.96
CA ASN B 546 63.24 -10.15 -56.28
C ASN B 546 63.33 -9.91 -54.79
N ASP B 547 62.19 -9.66 -54.16
CA ASP B 547 62.09 -9.44 -52.72
C ASP B 547 61.50 -10.66 -52.04
N TRP B 548 61.85 -10.84 -50.76
CA TRP B 548 61.08 -11.67 -49.84
C TRP B 548 60.66 -10.81 -48.67
N SER B 549 59.36 -10.80 -48.36
CA SER B 549 58.80 -9.87 -47.38
C SER B 549 58.00 -10.59 -46.30
N SER B 550 58.41 -10.37 -45.04
CA SER B 550 57.74 -10.93 -43.87
C SER B 550 56.22 -10.75 -43.87
N THR B 551 55.72 -9.70 -44.52
CA THR B 551 54.32 -9.27 -44.40
C THR B 551 53.36 -10.01 -45.32
N LEU B 552 53.85 -10.88 -46.19
CA LEU B 552 53.02 -11.63 -47.12
C LEU B 552 52.75 -13.03 -46.58
N PRO B 553 51.84 -13.78 -47.18
CA PRO B 553 51.61 -15.16 -46.72
C PRO B 553 52.85 -15.99 -46.88
N LYS B 554 53.03 -16.93 -45.95
CA LYS B 554 54.25 -17.71 -45.90
C LYS B 554 54.49 -18.49 -47.21
N GLU B 555 53.41 -18.84 -47.91
CA GLU B 555 53.52 -19.67 -49.10
C GLU B 555 53.87 -18.90 -50.36
N ASN B 556 53.87 -17.55 -50.33
CA ASN B 556 54.44 -16.77 -51.44
C ASN B 556 54.79 -15.34 -51.04
N ARG B 557 55.94 -15.14 -50.38
CA ARG B 557 56.45 -13.78 -50.25
C ARG B 557 57.38 -13.39 -51.39
N SER B 558 57.89 -14.35 -52.13
CA SER B 558 58.81 -14.05 -53.21
C SER B 558 58.09 -13.31 -54.34
N PHE B 559 58.50 -12.07 -54.61
CA PHE B 559 57.93 -11.34 -55.73
C PHE B 559 59.03 -10.62 -56.49
N PHE B 560 58.94 -10.69 -57.82
CA PHE B 560 59.98 -10.31 -58.75
C PHE B 560 59.45 -9.22 -59.66
N TYR B 561 60.30 -8.19 -59.95
CA TYR B 561 59.84 -7.09 -60.77
C TYR B 561 60.97 -6.55 -61.63
N PRO B 562 60.94 -6.84 -62.93
CA PRO B 562 61.93 -6.27 -63.86
C PRO B 562 61.52 -4.92 -64.39
N GLY B 563 62.41 -4.30 -65.16
CA GLY B 563 62.11 -3.04 -65.85
C GLY B 563 63.18 -2.79 -66.88
N ILE B 564 62.86 -1.93 -67.83
CA ILE B 564 63.82 -1.61 -68.89
C ILE B 564 63.61 -0.16 -69.32
N THR B 565 64.68 0.63 -69.27
CA THR B 565 64.61 2.01 -69.72
C THR B 565 65.79 2.30 -70.62
N GLY B 566 65.53 3.14 -71.61
CA GLY B 566 66.56 3.53 -72.56
C GLY B 566 66.49 5.03 -72.79
N SER B 567 67.58 5.54 -73.37
CA SER B 567 67.72 6.97 -73.58
C SER B 567 68.63 7.18 -74.77
N PHE B 568 68.20 8.04 -75.68
CA PHE B 568 68.93 8.26 -76.93
C PHE B 568 69.02 9.76 -77.16
N ILE B 569 70.23 10.30 -77.03
CA ILE B 569 70.48 11.72 -77.23
C ILE B 569 70.84 11.91 -78.70
N PHE B 570 69.94 12.53 -79.46
CA PHE B 570 70.13 12.65 -80.90
C PHE B 570 70.82 13.95 -81.31
N SER B 571 71.07 14.87 -80.40
CA SER B 571 71.80 16.09 -80.76
C SER B 571 73.30 15.80 -80.97
N GLN B 579 75.04 23.88 -86.39
CA GLN B 579 73.93 24.04 -85.44
C GLN B 579 74.14 23.20 -84.18
N ASP B 580 74.29 23.80 -82.99
CA ASP B 580 74.37 25.24 -82.66
C ASP B 580 73.10 26.07 -82.92
N VAL B 581 72.00 25.42 -83.27
CA VAL B 581 70.67 25.94 -82.96
C VAL B 581 69.92 25.02 -82.01
N ILE B 582 70.43 23.80 -81.81
CA ILE B 582 69.87 22.76 -80.96
C ILE B 582 71.04 22.30 -80.11
N THR B 583 71.06 22.64 -78.83
CA THR B 583 72.22 22.22 -78.04
C THR B 583 72.08 20.80 -77.56
N PHE B 584 70.89 20.46 -77.08
CA PHE B 584 70.64 19.17 -76.48
C PHE B 584 69.31 18.67 -77.01
N GLY B 585 69.28 17.41 -77.41
CA GLY B 585 68.05 16.78 -77.87
C GLY B 585 67.93 15.34 -77.43
N LYS B 586 67.12 15.06 -76.42
CA LYS B 586 67.08 13.76 -75.77
C LYS B 586 65.69 13.14 -75.83
N ILE B 587 65.64 11.85 -76.13
CA ILE B 587 64.43 11.03 -76.12
C ILE B 587 64.66 9.90 -75.13
N ARG B 588 63.62 9.54 -74.38
CA ARG B 588 63.76 8.44 -73.44
C ARG B 588 62.45 7.68 -73.36
N ALA B 589 62.56 6.40 -73.00
CA ALA B 589 61.41 5.54 -72.81
C ALA B 589 61.70 4.59 -71.67
N SER B 590 60.67 4.21 -70.93
CA SER B 590 60.84 3.21 -69.88
C SER B 590 59.60 2.31 -69.82
N TRP B 591 59.82 1.04 -69.52
CA TRP B 591 58.78 0.07 -69.19
C TRP B 591 59.28 -0.73 -68.00
N GLY B 592 58.50 -0.79 -66.91
CA GLY B 592 58.95 -1.52 -65.75
C GLY B 592 57.87 -1.80 -64.74
N LYS B 593 58.14 -2.78 -63.88
CA LYS B 593 57.29 -3.16 -62.76
C LYS B 593 58.01 -2.88 -61.44
N THR B 594 57.22 -2.67 -60.38
CA THR B 594 57.73 -2.55 -59.02
C THR B 594 56.82 -3.35 -58.11
N GLY B 595 57.34 -4.45 -57.56
CA GLY B 595 56.60 -5.22 -56.59
C GLY B 595 56.38 -4.46 -55.30
N ASN B 596 55.59 -5.05 -54.42
CA ASN B 596 55.32 -4.44 -53.13
C ASN B 596 54.55 -5.45 -52.29
N ASP B 597 54.75 -5.34 -50.99
CA ASP B 597 54.17 -6.23 -50.02
C ASP B 597 53.05 -5.50 -49.29
N ALA B 598 52.50 -6.11 -48.24
CA ALA B 598 51.43 -5.51 -47.46
C ALA B 598 51.95 -4.85 -46.19
N ASP B 599 51.06 -4.14 -45.52
CA ASP B 599 51.33 -3.73 -44.15
C ASP B 599 51.29 -4.96 -43.23
N VAL B 600 51.62 -4.75 -41.95
CA VAL B 600 51.87 -5.86 -41.04
C VAL B 600 50.57 -6.55 -40.66
N TYR B 601 50.64 -7.87 -40.50
CA TYR B 601 49.64 -8.63 -39.75
C TYR B 601 48.28 -8.62 -40.43
N MET B 602 48.29 -8.85 -41.75
CA MET B 602 47.06 -8.84 -42.55
C MET B 602 46.64 -10.24 -42.95
N VAL B 603 47.19 -11.26 -42.32
CA VAL B 603 46.96 -12.64 -42.71
C VAL B 603 46.10 -13.39 -41.69
N ASN B 604 46.50 -13.35 -40.40
CA ASN B 604 45.87 -14.25 -39.46
C ASN B 604 44.67 -13.59 -38.77
N PRO B 605 43.62 -14.33 -38.43
CA PRO B 605 42.54 -13.73 -37.64
C PRO B 605 43.04 -13.42 -36.24
N VAL B 606 42.46 -12.40 -35.61
CA VAL B 606 42.82 -12.04 -34.25
C VAL B 606 41.58 -11.97 -33.38
N TYR B 607 41.79 -12.09 -32.08
CA TYR B 607 40.76 -11.84 -31.09
C TYR B 607 41.18 -10.63 -30.28
N ALA B 608 40.42 -9.56 -30.34
CA ALA B 608 40.77 -8.35 -29.62
C ALA B 608 40.03 -8.29 -28.31
N GLN B 609 40.61 -7.53 -27.37
CA GLN B 609 39.90 -7.25 -26.13
C GLN B 609 38.55 -6.60 -26.45
N SER B 610 37.49 -7.17 -25.90
CA SER B 610 36.11 -6.84 -26.26
C SER B 610 35.76 -5.39 -25.97
N SER B 611 35.58 -4.58 -27.01
CA SER B 611 35.10 -3.21 -26.88
C SER B 611 33.92 -3.00 -27.82
N ASN B 612 33.21 -1.90 -27.64
CA ASN B 612 32.04 -1.61 -28.46
C ASN B 612 32.01 -0.12 -28.71
N ARG B 613 32.17 0.26 -29.96
CA ARG B 613 32.17 1.66 -30.34
C ARG B 613 30.73 2.09 -30.57
N ILE B 614 30.29 3.05 -29.79
CA ILE B 614 28.91 3.54 -29.80
C ILE B 614 29.03 5.01 -30.13
N PRO B 615 27.96 5.71 -30.51
CA PRO B 615 28.11 7.14 -30.79
C PRO B 615 28.76 7.83 -29.62
N PHE B 616 29.84 8.56 -29.91
CA PHE B 616 30.48 9.47 -28.97
C PHE B 616 30.93 8.77 -27.71
N GLY B 617 31.28 7.49 -27.82
CA GLY B 617 31.77 6.80 -26.65
C GLY B 617 32.07 5.35 -26.94
N SER B 618 32.55 4.67 -25.89
CA SER B 618 32.77 3.23 -25.95
C SER B 618 32.18 2.58 -24.71
N LEU B 619 31.91 1.29 -24.83
CA LEU B 619 31.61 0.40 -23.72
C LEU B 619 32.61 -0.73 -23.82
N THR B 620 33.59 -0.77 -22.93
CA THR B 620 34.72 -1.67 -23.06
C THR B 620 34.81 -2.67 -21.91
N PHE B 621 35.57 -3.74 -22.15
CA PHE B 621 35.89 -4.71 -21.12
C PHE B 621 37.23 -4.33 -20.47
N PRO B 622 37.43 -4.67 -19.20
CA PRO B 622 36.66 -5.50 -18.24
C PRO B 622 35.41 -4.90 -17.57
N LEU B 623 34.38 -5.74 -17.55
CA LEU B 623 33.17 -5.58 -16.73
C LEU B 623 32.77 -6.93 -16.14
N GLY B 624 32.37 -6.96 -14.87
CA GLY B 624 32.91 -6.09 -13.88
C GLY B 624 33.85 -7.10 -13.20
N GLY B 625 35.15 -6.90 -13.35
CA GLY B 625 36.10 -7.91 -12.95
C GLY B 625 36.27 -9.06 -13.90
N VAL B 626 35.47 -9.14 -14.95
CA VAL B 626 35.62 -10.13 -15.99
C VAL B 626 36.24 -9.47 -17.21
N ASN B 627 37.10 -10.21 -17.90
CA ASN B 627 37.61 -9.78 -19.20
C ASN B 627 37.06 -10.70 -20.28
N ALA B 628 36.95 -10.14 -21.49
CA ALA B 628 36.42 -10.86 -22.62
C ALA B 628 37.24 -10.52 -23.86
N TYR B 629 37.17 -11.40 -24.83
CA TYR B 629 37.80 -11.21 -26.13
C TYR B 629 36.77 -11.43 -27.22
N SER B 630 36.89 -10.63 -28.28
CA SER B 630 35.92 -10.68 -29.36
C SER B 630 36.64 -11.01 -30.66
N ALA B 631 35.92 -11.59 -31.61
CA ALA B 631 36.49 -11.86 -32.93
C ALA B 631 36.77 -10.55 -33.66
N GLY B 632 38.02 -10.39 -34.11
CA GLY B 632 38.47 -9.15 -34.72
C GLY B 632 37.62 -8.78 -35.92
N ASN B 633 37.24 -7.51 -36.07
CA ASN B 633 36.25 -7.20 -37.10
C ASN B 633 36.81 -7.20 -38.52
N VAL B 634 38.11 -7.39 -38.71
CA VAL B 634 38.73 -7.42 -40.03
C VAL B 634 39.15 -8.84 -40.35
N LEU B 635 38.64 -9.39 -41.43
CA LEU B 635 38.87 -10.78 -41.78
C LEU B 635 40.19 -10.92 -42.51
N GLY B 636 41.12 -11.65 -41.91
CA GLY B 636 42.38 -11.93 -42.55
C GLY B 636 42.23 -12.87 -43.73
N SER B 637 43.29 -12.94 -44.53
CA SER B 637 43.34 -13.82 -45.69
C SER B 637 44.73 -14.39 -45.83
N ASN B 638 44.82 -15.60 -46.39
CA ASN B 638 46.10 -16.23 -46.67
C ASN B 638 46.24 -16.58 -48.14
N THR B 639 45.30 -16.14 -48.96
CA THR B 639 45.33 -16.30 -50.41
C THR B 639 45.90 -15.07 -51.10
N LEU B 640 46.46 -14.12 -50.34
CA LEU B 640 46.94 -12.87 -50.91
C LEU B 640 48.16 -13.06 -51.79
N SER B 641 48.29 -12.18 -52.78
CA SER B 641 49.44 -12.18 -53.67
C SER B 641 50.18 -10.86 -53.52
N PRO B 642 51.39 -10.74 -54.06
CA PRO B 642 52.10 -9.45 -54.00
C PRO B 642 51.48 -8.40 -54.92
N GLU B 643 51.63 -7.14 -54.49
CA GLU B 643 51.26 -5.97 -55.28
C GLU B 643 52.27 -5.76 -56.40
N MET B 644 51.79 -5.23 -57.52
CA MET B 644 52.63 -5.09 -58.70
C MET B 644 52.14 -3.87 -59.48
N THR B 645 52.96 -2.84 -59.52
CA THR B 645 52.65 -1.64 -60.29
C THR B 645 53.48 -1.64 -61.57
N THR B 646 52.82 -1.49 -62.71
CA THR B 646 53.44 -1.43 -64.02
C THR B 646 53.30 -0.02 -64.59
N GLU B 647 54.36 0.50 -65.19
CA GLU B 647 54.38 1.84 -65.71
C GLU B 647 55.07 1.88 -67.06
N SER B 648 54.53 2.69 -67.97
CA SER B 648 55.12 2.97 -69.27
C SER B 648 55.22 4.47 -69.41
N GLU B 649 56.41 4.96 -69.76
CA GLU B 649 56.64 6.39 -69.84
C GLU B 649 57.43 6.68 -71.12
N VAL B 650 57.25 7.90 -71.64
CA VAL B 650 57.99 8.41 -72.79
C VAL B 650 58.29 9.86 -72.48
N GLY B 651 59.45 10.33 -72.95
CA GLY B 651 59.83 11.69 -72.61
C GLY B 651 60.82 12.31 -73.56
N LEU B 652 60.71 13.61 -73.78
CA LEU B 652 61.58 14.32 -74.70
C LEU B 652 62.09 15.59 -74.01
N ASN B 653 63.40 15.77 -74.04
CA ASN B 653 64.08 16.91 -73.45
C ASN B 653 64.90 17.59 -74.54
N MET B 654 64.86 18.92 -74.58
CA MET B 654 65.48 19.66 -75.67
C MET B 654 65.92 21.03 -75.18
N ALA B 655 67.10 21.45 -75.60
CA ALA B 655 67.60 22.78 -75.30
C ALA B 655 68.04 23.44 -76.59
N PHE B 656 67.93 24.76 -76.65
CA PHE B 656 68.32 25.53 -77.82
C PHE B 656 69.21 26.70 -77.36
N PHE B 657 70.29 26.93 -78.11
CA PHE B 657 71.18 28.07 -77.89
C PHE B 657 72.01 27.89 -76.61
N LYS B 658 72.44 26.64 -76.33
CA LYS B 658 73.27 26.22 -75.19
C LYS B 658 72.43 25.82 -73.98
N ASN B 659 71.53 26.71 -73.57
CA ASN B 659 70.56 26.48 -72.51
C ASN B 659 69.94 27.84 -72.28
N ARG B 660 69.53 28.45 -73.38
CA ARG B 660 68.83 29.73 -73.38
C ARG B 660 67.34 29.59 -73.62
N LEU B 661 66.89 28.37 -73.92
CA LEU B 661 65.48 28.01 -74.01
C LEU B 661 65.39 26.49 -74.03
N SER B 662 64.66 25.91 -73.07
CA SER B 662 64.64 24.47 -72.90
C SER B 662 63.21 24.02 -72.59
N PHE B 663 62.98 22.71 -72.76
CA PHE B 663 61.75 22.12 -72.27
C PHE B 663 61.93 20.61 -72.07
N ASP B 664 61.13 20.06 -71.18
CA ASP B 664 61.10 18.62 -70.90
C ASP B 664 59.65 18.21 -70.71
N VAL B 665 59.18 17.22 -71.48
CA VAL B 665 57.82 16.72 -71.34
C VAL B 665 57.83 15.21 -71.17
N SER B 666 56.86 14.71 -70.41
CA SER B 666 56.75 13.30 -70.11
C SER B 666 55.30 12.88 -70.16
N TYR B 667 55.03 11.72 -70.74
CA TYR B 667 53.72 11.11 -70.71
C TYR B 667 53.86 9.74 -70.04
N TYR B 668 53.06 9.51 -69.00
CA TYR B 668 53.21 8.30 -68.20
C TYR B 668 51.89 7.57 -68.07
N ASN B 669 51.97 6.26 -67.91
CA ASN B 669 50.80 5.41 -67.71
C ASN B 669 51.12 4.35 -66.64
N ARG B 670 50.78 4.67 -65.39
CA ARG B 670 51.07 3.81 -64.23
C ARG B 670 49.81 3.11 -63.76
N ASN B 671 49.87 1.78 -63.65
CA ASN B 671 48.80 0.97 -63.04
C ASN B 671 49.38 0.29 -61.82
N THR B 672 48.74 0.48 -60.66
CA THR B 672 49.08 -0.21 -59.41
C THR B 672 48.01 -1.27 -59.18
N ASP B 673 48.36 -2.55 -59.33
CA ASP B 673 47.44 -3.67 -59.31
C ASP B 673 47.59 -4.48 -58.02
N LYS B 674 46.51 -5.17 -57.63
CA LYS B 674 46.56 -6.20 -56.59
C LYS B 674 47.02 -5.67 -55.23
N GLN B 675 46.92 -4.37 -55.02
CA GLN B 675 47.36 -3.81 -53.75
C GLN B 675 46.50 -4.36 -52.61
N ILE B 676 47.19 -4.80 -51.55
CA ILE B 676 46.53 -5.36 -50.38
C ILE B 676 45.83 -4.25 -49.60
N PHE B 677 44.58 -4.48 -49.25
CA PHE B 677 43.78 -3.45 -48.61
C PHE B 677 42.70 -4.12 -47.78
N SER B 678 42.30 -3.43 -46.70
CA SER B 678 41.22 -3.88 -45.83
C SER B 678 39.93 -3.29 -46.40
N LEU B 679 39.35 -4.02 -47.36
CA LEU B 679 38.23 -3.55 -48.17
C LEU B 679 36.94 -3.64 -47.35
N ALA B 680 36.09 -2.63 -47.46
CA ALA B 680 34.87 -2.62 -46.67
C ALA B 680 34.00 -3.83 -47.02
N MET B 681 33.28 -4.32 -46.01
CA MET B 681 32.42 -5.48 -46.16
C MET B 681 31.15 -5.26 -45.35
N ASP B 682 30.04 -5.84 -45.81
CA ASP B 682 28.78 -5.81 -45.06
C ASP B 682 28.95 -6.48 -43.71
N PRO B 683 28.77 -5.75 -42.59
CA PRO B 683 29.00 -6.37 -41.27
C PRO B 683 28.14 -7.61 -41.00
N ALA B 684 27.05 -7.79 -41.74
CA ALA B 684 26.24 -9.01 -41.64
C ALA B 684 27.04 -10.27 -41.94
N SER B 685 28.13 -10.17 -42.70
CA SER B 685 28.99 -11.32 -42.93
C SER B 685 29.73 -11.76 -41.67
N GLY B 686 29.77 -10.92 -40.64
CA GLY B 686 30.55 -11.19 -39.44
C GLY B 686 31.80 -10.35 -39.33
N TYR B 687 32.13 -9.56 -40.35
CA TYR B 687 33.31 -8.71 -40.35
C TYR B 687 32.97 -7.42 -41.10
N THR B 688 33.58 -6.34 -40.66
CA THR B 688 33.38 -5.05 -41.30
C THR B 688 34.35 -4.78 -42.43
N ALA B 689 35.28 -5.70 -42.70
CA ALA B 689 36.28 -5.49 -43.74
C ALA B 689 37.04 -6.78 -44.00
N GLN B 690 37.47 -6.94 -45.24
CA GLN B 690 38.21 -8.13 -45.63
C GLN B 690 39.48 -7.76 -46.38
N ASN B 691 40.60 -8.34 -45.96
CA ASN B 691 41.88 -8.10 -46.61
C ASN B 691 41.91 -8.89 -47.92
N MET B 692 41.94 -8.18 -49.03
CA MET B 692 42.12 -8.81 -50.34
C MET B 692 43.10 -7.98 -51.14
N ASN B 693 43.44 -8.49 -52.32
CA ASN B 693 44.07 -7.69 -53.36
C ASN B 693 43.00 -6.95 -54.13
N LEU B 694 43.24 -5.67 -54.41
CA LEU B 694 42.27 -4.89 -55.15
C LEU B 694 42.49 -5.11 -56.65
N GLY B 695 42.03 -4.16 -57.45
CA GLY B 695 42.39 -4.06 -58.83
C GLY B 695 43.33 -2.90 -59.04
N LYS B 696 43.37 -2.42 -60.27
CA LYS B 696 44.30 -1.37 -60.65
C LYS B 696 43.76 -0.01 -60.21
N ILE B 697 44.64 0.81 -59.64
CA ILE B 697 44.43 2.25 -59.52
C ILE B 697 45.40 2.91 -60.49
N ARG B 698 44.86 3.60 -61.49
CA ARG B 698 45.63 4.10 -62.62
C ARG B 698 45.86 5.60 -62.51
N ASN B 699 47.08 6.03 -62.78
CA ASN B 699 47.42 7.44 -62.91
C ASN B 699 48.08 7.59 -64.27
N ARG B 700 47.44 8.38 -65.16
CA ARG B 700 48.00 8.76 -66.44
C ARG B 700 48.17 10.26 -66.40
N GLY B 701 49.23 10.77 -67.02
CA GLY B 701 49.35 12.21 -67.02
C GLY B 701 50.43 12.74 -67.93
N ILE B 702 50.47 14.07 -68.01
CA ILE B 702 51.52 14.81 -68.72
C ILE B 702 52.28 15.65 -67.70
N GLU B 703 53.60 15.71 -67.87
CA GLU B 703 54.48 16.56 -67.07
C GLU B 703 55.32 17.38 -68.03
N LEU B 704 55.27 18.70 -67.90
CA LEU B 704 55.84 19.61 -68.89
C LEU B 704 56.56 20.73 -68.16
N LEU B 705 57.83 20.90 -68.48
CA LEU B 705 58.65 22.01 -67.99
C LEU B 705 59.24 22.73 -69.19
N ILE B 706 59.12 24.05 -69.24
CA ILE B 706 59.85 24.86 -70.22
C ILE B 706 60.43 26.08 -69.53
N SER B 707 61.69 26.35 -69.81
CA SER B 707 62.43 27.44 -69.19
C SER B 707 63.26 28.13 -70.25
N GLY B 708 63.38 29.45 -70.13
CA GLY B 708 64.06 30.24 -71.13
C GLY B 708 64.64 31.48 -70.49
N THR B 709 65.72 31.98 -71.08
CA THR B 709 66.49 33.09 -70.53
C THR B 709 66.42 34.22 -71.56
N PRO B 710 65.36 35.04 -71.52
CA PRO B 710 65.23 36.18 -72.43
C PRO B 710 66.49 37.04 -72.54
N ILE B 711 67.10 37.39 -71.41
CA ILE B 711 68.18 38.38 -71.39
C ILE B 711 69.31 37.87 -70.53
N ARG B 712 70.53 37.88 -71.07
CA ARG B 712 71.74 37.57 -70.29
C ARG B 712 72.85 38.51 -70.74
N THR B 713 72.86 39.71 -70.16
CA THR B 713 74.03 40.58 -70.10
C THR B 713 75.09 39.89 -69.24
N LYS B 714 76.29 40.47 -69.18
CA LYS B 714 77.21 40.02 -68.15
C LYS B 714 76.70 40.38 -66.75
N ASP B 715 76.26 41.62 -66.54
CA ASP B 715 75.83 42.07 -65.23
C ASP B 715 74.39 41.71 -64.91
N PHE B 716 73.54 41.48 -65.92
CA PHE B 716 72.12 41.23 -65.72
C PHE B 716 71.67 39.99 -66.47
N SER B 717 70.81 39.20 -65.84
CA SER B 717 70.24 38.03 -66.52
C SER B 717 68.85 37.78 -65.96
N TRP B 718 67.98 37.19 -66.79
CA TRP B 718 66.58 36.95 -66.42
C TRP B 718 66.12 35.65 -67.05
N GLU B 719 65.71 34.69 -66.20
CA GLU B 719 65.16 33.41 -66.65
C GLU B 719 63.71 33.29 -66.21
N LEU B 720 62.92 32.62 -67.05
CA LEU B 720 61.51 32.33 -66.79
C LEU B 720 61.33 30.82 -66.79
N THR B 721 60.46 30.34 -65.92
CA THR B 721 60.18 28.91 -65.87
C THR B 721 58.67 28.73 -65.88
N TRP B 722 58.22 27.69 -66.58
CA TRP B 722 56.83 27.28 -66.56
C TRP B 722 56.81 25.76 -66.47
N ASN B 723 56.23 25.23 -65.41
CA ASN B 723 56.00 23.80 -65.33
C ASN B 723 54.49 23.57 -65.28
N PHE B 724 54.07 22.43 -65.82
CA PHE B 724 52.65 22.13 -65.96
C PHE B 724 52.46 20.64 -65.75
N THR B 725 51.54 20.30 -64.87
CA THR B 725 51.22 18.92 -64.56
C THR B 725 49.74 18.72 -64.79
N LYS B 726 49.38 17.59 -65.38
CA LYS B 726 47.98 17.23 -65.48
C LYS B 726 47.87 15.73 -65.29
N ASN B 727 47.11 15.30 -64.27
CA ASN B 727 47.02 13.90 -63.86
C ASN B 727 45.58 13.40 -63.87
N TRP B 728 45.36 12.24 -64.53
CA TRP B 728 44.05 11.58 -64.62
C TRP B 728 43.99 10.32 -63.76
N SER B 729 43.48 10.46 -62.54
CA SER B 729 43.29 9.34 -61.63
C SER B 729 42.04 8.55 -61.97
N LYS B 730 42.13 7.22 -61.83
CA LYS B 730 40.95 6.39 -62.07
C LYS B 730 41.09 5.03 -61.40
N VAL B 731 40.29 4.78 -60.36
CA VAL B 731 40.11 3.40 -59.90
C VAL B 731 39.51 2.59 -61.05
N ILE B 732 39.89 1.32 -61.15
CA ILE B 732 39.44 0.57 -62.32
C ILE B 732 38.62 -0.63 -61.89
N SER B 733 38.85 -1.14 -60.67
CA SER B 733 38.02 -2.21 -60.12
C SER B 733 38.34 -2.49 -58.66
N LEU B 734 37.32 -2.46 -57.80
CA LEU B 734 37.34 -2.97 -56.44
C LEU B 734 36.52 -4.23 -56.38
N PRO B 735 37.10 -5.38 -55.93
CA PRO B 735 36.42 -6.68 -56.05
C PRO B 735 34.92 -6.59 -55.85
N GLU B 736 34.20 -6.97 -56.91
CA GLU B 736 32.78 -6.68 -57.02
C GLU B 736 31.95 -7.38 -55.95
N GLU B 737 32.42 -8.53 -55.48
CA GLU B 737 31.67 -9.34 -54.54
C GLU B 737 31.49 -8.67 -53.18
N LEU B 738 32.14 -7.52 -52.95
CA LEU B 738 31.90 -6.69 -51.77
C LEU B 738 31.30 -5.33 -52.13
N GLY B 739 30.75 -5.20 -53.33
CA GLY B 739 30.38 -3.90 -53.85
C GLY B 739 31.55 -3.24 -54.54
N GLY B 740 31.28 -2.10 -55.16
CA GLY B 740 32.37 -1.45 -55.88
C GLY B 740 32.80 -0.17 -55.21
N ILE B 741 32.72 -0.12 -53.89
CA ILE B 741 32.88 1.13 -53.16
C ILE B 741 33.46 0.81 -51.78
N THR B 742 34.26 1.74 -51.26
CA THR B 742 34.77 1.64 -49.90
C THR B 742 35.05 3.04 -49.39
N THR B 743 34.74 3.27 -48.13
CA THR B 743 34.97 4.58 -47.54
C THR B 743 36.44 4.79 -47.22
N ILE B 744 36.95 5.97 -47.60
CA ILE B 744 38.26 6.46 -47.23
C ILE B 744 38.07 7.22 -45.92
N TYR B 745 37.24 8.25 -45.97
CA TYR B 745 36.93 8.99 -44.76
C TYR B 745 35.56 9.61 -44.95
N GLY B 746 34.83 9.74 -43.86
CA GLY B 746 33.52 10.35 -43.91
C GLY B 746 32.89 10.41 -42.55
N LEU B 747 31.95 11.34 -42.42
CA LEU B 747 31.14 11.46 -41.22
C LEU B 747 29.96 10.51 -41.30
N ASN B 748 29.60 9.95 -40.15
CA ASN B 748 28.37 9.17 -40.06
C ASN B 748 27.19 10.06 -40.41
N GLY B 749 26.41 9.66 -41.43
CA GLY B 749 25.32 10.49 -41.91
C GLY B 749 25.79 11.91 -42.23
N GLY B 750 26.91 12.02 -42.92
CA GLY B 750 27.43 13.30 -43.33
C GLY B 750 28.25 13.11 -44.58
N THR B 751 29.00 14.15 -44.96
CA THR B 751 29.77 14.09 -46.19
C THR B 751 30.85 13.03 -46.06
N SER B 752 30.89 12.12 -47.05
CA SER B 752 31.83 11.01 -47.02
C SER B 752 32.58 10.94 -48.34
N MET B 753 33.87 10.58 -48.27
CA MET B 753 34.79 10.52 -49.39
C MET B 753 35.14 9.06 -49.68
N TYR B 754 35.00 8.65 -50.95
CA TYR B 754 35.03 7.25 -51.32
C TYR B 754 36.08 6.94 -52.38
N ALA B 755 36.31 5.64 -52.55
CA ALA B 755 36.96 5.10 -53.75
C ALA B 755 35.97 4.13 -54.40
N ILE B 756 35.55 4.44 -55.63
CA ILE B 756 34.43 3.75 -56.28
C ILE B 756 34.88 3.24 -57.64
N THR B 757 34.42 2.03 -57.98
CA THR B 757 35.03 1.22 -59.04
C THR B 757 35.34 2.02 -60.30
N GLY B 758 34.41 2.77 -60.83
CA GLY B 758 34.88 3.27 -62.10
C GLY B 758 35.48 4.66 -62.09
N MET B 759 35.67 5.25 -60.92
CA MET B 759 35.81 6.68 -60.74
C MET B 759 37.23 7.08 -60.34
N PRO B 760 37.53 8.37 -60.30
CA PRO B 760 38.78 8.81 -59.68
C PRO B 760 38.85 8.41 -58.21
N VAL B 761 40.05 8.49 -57.65
CA VAL B 761 40.18 8.29 -56.21
C VAL B 761 39.71 9.54 -55.49
N GLY B 762 38.93 9.34 -54.43
CA GLY B 762 38.50 10.43 -53.59
C GLY B 762 37.18 11.07 -54.00
N VAL B 763 36.17 10.26 -54.32
CA VAL B 763 34.89 10.81 -54.76
C VAL B 763 34.05 11.15 -53.54
N PHE B 764 33.52 12.37 -53.50
CA PHE B 764 32.69 12.84 -52.38
C PHE B 764 31.21 12.56 -52.63
N LYS B 765 30.51 12.12 -51.58
CA LYS B 765 29.05 12.06 -51.57
C LYS B 765 28.53 12.97 -50.48
N ALA B 766 27.51 13.77 -50.79
CA ALA B 766 26.98 14.66 -49.79
C ALA B 766 25.49 14.88 -50.02
N GLN B 767 24.84 15.38 -48.96
CA GLN B 767 23.40 15.61 -48.96
C GLN B 767 23.01 16.74 -49.91
N VAL B 768 21.96 16.52 -50.71
CA VAL B 768 21.47 17.51 -51.68
C VAL B 768 19.95 17.63 -51.62
N ALA B 769 19.43 18.69 -52.23
CA ALA B 769 17.98 18.89 -52.25
C ALA B 769 17.31 18.05 -53.32
N GLU B 770 16.15 17.48 -52.96
CA GLU B 770 15.30 16.79 -53.92
C GLU B 770 14.82 17.78 -54.97
N ARG B 771 14.69 17.29 -56.21
CA ARG B 771 14.23 18.11 -57.33
C ARG B 771 13.01 17.46 -57.98
N ASP B 772 12.17 18.27 -58.61
CA ASP B 772 11.05 17.69 -59.32
C ASP B 772 11.51 17.23 -60.70
N PRO B 773 10.64 16.50 -61.44
CA PRO B 773 11.03 15.99 -62.75
C PRO B 773 11.59 17.01 -63.72
N GLN B 774 11.47 18.32 -63.47
CA GLN B 774 12.10 19.27 -64.36
C GLN B 774 13.19 20.14 -63.72
N GLY B 775 13.35 20.12 -62.40
CA GLY B 775 14.48 20.80 -61.79
C GLY B 775 14.21 21.86 -60.73
N ARG B 776 12.94 22.11 -60.42
CA ARG B 776 12.62 23.00 -59.31
C ARG B 776 12.93 22.29 -57.99
N ILE B 777 13.27 23.07 -56.98
CA ILE B 777 13.72 22.50 -55.72
C ILE B 777 12.52 22.27 -54.82
N VAL B 778 12.30 21.02 -54.44
CA VAL B 778 11.19 20.66 -53.56
C VAL B 778 11.41 21.30 -52.19
N VAL B 779 10.33 21.71 -51.54
CA VAL B 779 10.39 22.45 -50.29
C VAL B 779 9.25 22.00 -49.37
N ASN B 780 9.53 21.99 -48.06
CA ASN B 780 8.54 21.57 -47.08
C ASN B 780 7.33 22.53 -47.10
N SER B 781 6.12 21.96 -47.11
CA SER B 781 4.93 22.78 -47.34
C SER B 781 4.61 23.72 -46.18
N SER B 782 5.33 23.63 -45.06
CA SER B 782 5.07 24.48 -43.91
C SER B 782 6.28 25.27 -43.41
N THR B 783 7.47 24.65 -43.36
CA THR B 783 8.64 25.37 -42.91
C THR B 783 9.22 26.28 -43.98
N GLY B 784 9.07 25.91 -45.25
CA GLY B 784 9.73 26.58 -46.35
C GLY B 784 11.13 26.11 -46.68
N LEU B 785 11.63 25.13 -45.98
CA LEU B 785 13.01 24.69 -46.09
C LEU B 785 13.12 23.47 -47.01
N PRO B 786 14.23 23.36 -47.76
CA PRO B 786 14.41 22.21 -48.67
C PRO B 786 14.13 20.85 -48.05
N VAL B 787 13.82 19.88 -48.90
CA VAL B 787 13.61 18.49 -48.50
C VAL B 787 14.79 17.68 -48.99
N GLU B 788 15.31 16.78 -48.15
CA GLU B 788 16.47 15.98 -48.53
C GLU B 788 16.09 14.96 -49.60
N ALA B 789 17.03 14.72 -50.52
CA ALA B 789 16.79 13.68 -51.51
C ALA B 789 16.86 12.30 -50.85
N SER B 790 16.32 11.30 -51.54
CA SER B 790 16.33 9.96 -50.97
C SER B 790 17.74 9.39 -50.97
N GLU B 791 18.62 9.87 -51.85
CA GLU B 791 20.00 9.42 -51.89
C GLU B 791 20.96 10.61 -51.83
N PHE B 792 22.16 10.36 -51.30
CA PHE B 792 23.24 11.34 -51.33
C PHE B 792 23.75 11.53 -52.75
N GLY B 793 24.19 12.75 -53.05
CA GLY B 793 24.65 13.09 -54.38
C GLY B 793 26.17 13.07 -54.52
N ILE B 794 26.63 12.54 -55.64
CA ILE B 794 28.04 12.65 -56.01
C ILE B 794 28.35 14.09 -56.36
N CYS B 795 29.37 14.67 -55.71
CA CYS B 795 29.55 16.12 -55.70
C CYS B 795 30.98 16.56 -55.94
N GLY B 796 31.74 15.80 -56.73
CA GLY B 796 33.12 16.14 -57.03
C GLY B 796 34.09 15.11 -56.48
N ASP B 797 35.37 15.36 -56.75
CA ASP B 797 36.45 14.49 -56.29
C ASP B 797 37.56 15.34 -55.68
N MET B 798 38.53 14.67 -55.08
CA MET B 798 39.61 15.38 -54.39
C MET B 798 40.67 15.92 -55.35
N ASN B 799 40.74 15.41 -56.58
CA ASN B 799 41.86 15.72 -57.46
C ASN B 799 41.75 17.10 -58.09
N ASN B 800 42.87 17.79 -58.16
CA ASN B 800 43.02 18.90 -59.09
C ASN B 800 42.94 18.36 -60.52
N LYS B 801 42.34 19.14 -61.41
CA LYS B 801 42.30 18.71 -62.80
C LYS B 801 43.60 19.04 -63.52
N TYR B 802 44.26 20.12 -63.11
CA TYR B 802 45.63 20.41 -63.54
C TYR B 802 46.26 21.26 -62.44
N GLN B 803 47.59 21.28 -62.43
CA GLN B 803 48.34 22.13 -61.52
C GLN B 803 49.54 22.68 -62.28
N MET B 804 49.89 23.94 -62.00
CA MET B 804 51.04 24.51 -62.70
C MET B 804 51.66 25.64 -61.90
N GLY B 805 52.97 25.79 -62.07
CA GLY B 805 53.70 26.89 -61.46
C GLY B 805 54.46 27.67 -62.50
N VAL B 806 54.60 28.97 -62.24
CA VAL B 806 55.36 29.87 -63.08
C VAL B 806 56.37 30.59 -62.19
N SER B 807 57.63 30.51 -62.56
CA SER B 807 58.73 31.04 -61.78
C SER B 807 59.48 32.05 -62.63
N THR B 808 60.08 33.04 -61.95
CA THR B 808 60.97 33.99 -62.57
C THR B 808 62.14 34.24 -61.62
N ASN B 809 63.32 34.43 -62.19
CA ASN B 809 64.49 34.82 -61.40
C ASN B 809 65.19 35.96 -62.12
N LEU B 810 65.49 37.01 -61.37
CA LEU B 810 66.28 38.15 -61.83
C LEU B 810 67.63 38.09 -61.18
N LYS B 811 68.59 38.80 -61.78
CA LYS B 811 69.95 38.83 -61.25
C LYS B 811 70.72 40.00 -61.87
N TYR B 812 70.86 41.10 -61.14
CA TYR B 812 71.66 42.23 -61.58
C TYR B 812 72.91 42.27 -60.71
N LYS B 813 73.92 41.49 -61.11
CA LYS B 813 75.25 41.56 -60.52
C LYS B 813 75.24 41.41 -59.00
N GLY B 814 75.06 40.19 -58.51
CA GLY B 814 75.13 39.95 -57.09
C GLY B 814 73.87 40.24 -56.31
N ILE B 815 72.85 40.79 -56.96
CA ILE B 815 71.53 40.92 -56.38
C ILE B 815 70.67 39.89 -57.09
N SER B 816 69.82 39.20 -56.33
CA SER B 816 69.02 38.11 -56.86
C SER B 816 67.59 38.30 -56.42
N LEU B 817 66.66 38.19 -57.37
CA LEU B 817 65.23 38.32 -57.09
C LEU B 817 64.49 37.16 -57.74
N GLY B 818 63.77 36.42 -56.94
CA GLY B 818 63.01 35.28 -57.44
C GLY B 818 61.58 35.37 -56.97
N ILE B 819 60.66 35.17 -57.92
CA ILE B 819 59.22 35.14 -57.64
C ILE B 819 58.65 33.87 -58.24
N ASP B 820 57.94 33.08 -57.43
CA ASP B 820 57.37 31.81 -57.86
C ASP B 820 55.88 31.73 -57.50
N PHE B 821 55.02 31.43 -58.48
CA PHE B 821 53.57 31.35 -58.32
C PHE B 821 53.11 29.91 -58.43
N ASP B 822 52.24 29.48 -57.53
CA ASP B 822 51.69 28.14 -57.48
C ASP B 822 50.24 28.21 -57.92
N ILE B 823 49.83 27.37 -58.86
CA ILE B 823 48.45 27.36 -59.34
C ILE B 823 47.92 25.94 -59.27
N ARG B 824 46.79 25.78 -58.60
CA ARG B 824 46.09 24.50 -58.55
C ARG B 824 44.62 24.77 -58.83
N GLN B 825 44.11 24.15 -59.89
CA GLN B 825 42.73 24.30 -60.29
C GLN B 825 42.08 22.92 -60.26
N GLY B 826 40.86 22.85 -59.74
CA GLY B 826 40.08 21.64 -59.75
C GLY B 826 39.85 21.07 -58.36
N GLY B 827 38.87 20.19 -58.29
CA GLY B 827 38.65 19.36 -57.12
C GLY B 827 37.86 20.02 -56.01
N VAL B 828 37.58 19.22 -54.98
CA VAL B 828 36.61 19.58 -53.95
C VAL B 828 37.13 19.12 -52.59
N MET B 829 36.77 19.85 -51.53
CA MET B 829 37.27 19.59 -50.18
C MET B 829 36.23 20.01 -49.15
N TYR B 830 35.95 19.13 -48.17
CA TYR B 830 35.03 19.48 -47.08
C TYR B 830 35.64 20.53 -46.17
N SER B 831 34.88 21.58 -45.87
CA SER B 831 35.38 22.69 -45.06
C SER B 831 34.49 22.94 -43.86
N ARG B 832 34.89 22.45 -42.70
CA ARG B 832 34.11 22.76 -41.51
C ARG B 832 34.12 24.25 -41.22
N THR B 833 35.13 24.98 -41.70
CA THR B 833 35.16 26.42 -41.47
C THR B 833 33.91 27.08 -42.03
N LYS B 834 33.55 26.71 -43.26
CA LYS B 834 32.31 27.16 -43.85
C LYS B 834 31.11 26.74 -42.99
N ASP B 835 30.98 25.42 -42.75
CA ASP B 835 29.91 24.84 -41.95
C ASP B 835 29.67 25.62 -40.65
N ILE B 836 30.73 26.09 -39.99
CA ILE B 836 30.48 26.70 -38.69
C ILE B 836 30.07 28.16 -38.84
N ASN B 837 30.63 28.87 -39.81
CA ASN B 837 30.26 30.27 -40.03
C ASN B 837 28.94 30.39 -40.76
N TYR B 838 28.45 29.30 -41.33
CA TYR B 838 27.07 29.31 -41.77
C TYR B 838 26.14 29.11 -40.58
N PHE B 839 26.35 28.04 -39.81
CA PHE B 839 25.52 27.79 -38.65
C PHE B 839 25.51 28.99 -37.71
N THR B 840 26.69 29.51 -37.40
CA THR B 840 26.83 30.71 -36.58
C THR B 840 26.11 31.93 -37.16
N GLY B 841 25.87 31.95 -38.46
CA GLY B 841 25.38 33.18 -39.05
C GLY B 841 26.41 34.29 -39.07
N ASN B 842 27.67 33.94 -39.30
CA ASN B 842 28.76 34.91 -39.39
C ASN B 842 29.24 35.14 -40.81
N ALA B 843 29.07 34.13 -41.67
CA ALA B 843 29.52 34.22 -43.04
C ALA B 843 28.80 35.36 -43.74
N ILE B 844 29.50 36.00 -44.70
CA ILE B 844 28.85 37.09 -45.43
C ILE B 844 27.62 36.60 -46.17
N GLN B 845 27.62 35.33 -46.61
CA GLN B 845 26.52 34.80 -47.41
C GLN B 845 25.21 34.81 -46.64
N THR B 846 25.27 34.70 -45.32
CA THR B 846 24.08 34.49 -44.51
C THR B 846 23.19 35.72 -44.47
N ALA B 847 23.73 36.90 -44.78
CA ALA B 847 23.00 38.15 -44.86
C ALA B 847 22.20 38.30 -46.20
N TYR B 848 21.99 37.15 -46.86
CA TYR B 848 21.23 37.06 -48.11
C TYR B 848 19.82 37.54 -47.88
N ASN B 849 19.33 38.38 -48.77
CA ASN B 849 17.98 38.91 -48.69
C ASN B 849 17.80 39.85 -47.51
N ASP B 850 18.90 40.37 -46.99
CA ASP B 850 18.86 41.22 -45.80
C ASP B 850 18.01 40.59 -44.68
N ARG B 851 17.97 39.24 -44.70
CA ARG B 851 17.33 38.37 -43.70
C ARG B 851 15.85 38.68 -43.51
N ASN B 852 15.22 38.99 -44.56
CA ASN B 852 13.77 39.10 -44.58
C ASN B 852 13.18 37.75 -45.01
N PRO B 853 11.96 37.42 -44.55
CA PRO B 853 11.37 36.12 -44.93
C PRO B 853 11.30 36.00 -46.45
N LEU B 854 11.41 34.76 -46.94
CA LEU B 854 11.61 34.59 -48.37
C LEU B 854 11.17 33.20 -48.79
N ILE B 855 10.77 33.10 -50.06
CA ILE B 855 10.50 31.83 -50.70
C ILE B 855 11.73 31.44 -51.50
N VAL B 856 12.17 30.20 -51.32
CA VAL B 856 13.24 29.65 -52.14
C VAL B 856 12.86 29.88 -53.59
N PRO B 857 13.66 30.61 -54.38
CA PRO B 857 13.36 30.76 -55.79
C PRO B 857 13.27 29.41 -56.47
N ASN B 858 12.27 29.25 -57.34
CA ASN B 858 12.10 28.05 -58.16
C ASN B 858 11.63 26.86 -57.34
N SER B 859 10.79 27.07 -56.31
CA SER B 859 10.48 26.01 -55.37
C SER B 859 9.07 25.47 -55.58
N VAL B 860 8.94 24.15 -55.41
CA VAL B 860 7.65 23.48 -55.49
C VAL B 860 7.31 22.80 -54.16
N ASN B 861 6.14 22.18 -54.07
CA ASN B 861 5.79 21.28 -52.97
C ASN B 861 5.41 19.94 -53.57
N LYS B 862 5.87 18.86 -52.95
CA LYS B 862 5.42 17.54 -53.37
C LYS B 862 4.06 17.29 -52.74
N ILE B 863 3.11 16.84 -53.55
CA ILE B 863 1.77 16.52 -53.07
C ILE B 863 1.56 15.04 -53.32
N VAL B 864 1.42 14.27 -52.24
CA VAL B 864 1.36 12.81 -52.32
C VAL B 864 -0.04 12.32 -52.00
N ASN B 865 -0.50 11.31 -52.74
CA ASN B 865 -1.62 10.45 -52.35
C ASN B 865 -1.40 9.08 -52.98
N GLY B 866 -1.95 8.05 -52.36
CA GLY B 866 -1.84 6.68 -52.84
C GLY B 866 -0.51 6.29 -53.47
N GLU B 867 -0.25 6.85 -54.65
CA GLU B 867 1.03 6.67 -55.36
C GLU B 867 1.13 7.71 -56.47
N ASN B 868 0.24 8.70 -56.44
CA ASN B 868 0.18 9.78 -57.43
C ASN B 868 0.91 11.00 -56.88
N VAL B 869 2.06 11.27 -57.41
CA VAL B 869 2.88 12.38 -56.96
C VAL B 869 2.63 13.55 -57.88
N THR B 870 2.56 14.75 -57.31
CA THR B 870 2.26 15.93 -58.11
C THR B 870 2.92 17.15 -57.47
N TYR B 871 3.39 18.07 -58.31
CA TYR B 871 4.19 19.20 -57.86
C TYR B 871 3.46 20.50 -58.15
N VAL B 872 3.38 21.37 -57.14
CA VAL B 872 2.67 22.64 -57.24
C VAL B 872 3.62 23.75 -56.83
N GLU B 873 3.31 24.97 -57.27
CA GLU B 873 4.09 26.14 -56.87
C GLU B 873 4.06 26.29 -55.36
N ASN B 874 5.22 26.61 -54.80
CA ASN B 874 5.36 26.80 -53.36
C ASN B 874 5.02 28.24 -52.99
N THR B 875 4.15 28.39 -51.99
CA THR B 875 3.77 29.71 -51.48
C THR B 875 4.13 29.89 -50.02
N THR B 876 4.65 28.86 -49.33
CA THR B 876 5.08 29.12 -47.96
C THR B 876 6.48 29.72 -47.95
N PRO B 877 6.72 30.75 -47.14
CA PRO B 877 8.06 31.32 -47.04
C PRO B 877 8.88 30.59 -45.99
N ILE B 878 10.19 30.85 -46.03
CA ILE B 878 11.05 30.61 -44.89
C ILE B 878 10.82 31.78 -43.94
N THR B 879 10.28 31.52 -42.76
CA THR B 879 10.05 32.61 -41.83
C THR B 879 11.38 33.18 -41.37
N SER B 880 11.36 34.43 -40.91
CA SER B 880 12.58 35.03 -40.39
C SER B 880 13.07 34.28 -39.15
N SER B 881 12.13 33.73 -38.37
CA SER B 881 12.50 32.89 -37.22
C SER B 881 13.34 31.69 -37.65
N ASN B 882 13.17 31.21 -38.88
CA ASN B 882 13.87 30.01 -39.35
C ASN B 882 14.99 30.30 -40.36
N ILE B 883 15.19 31.56 -40.75
CA ILE B 883 16.32 31.89 -41.65
C ILE B 883 17.58 31.21 -41.16
N TYR B 884 17.80 31.21 -39.84
CA TYR B 884 19.01 30.60 -39.26
C TYR B 884 19.15 29.15 -39.71
N LYS B 885 18.07 28.38 -39.58
CA LYS B 885 18.13 26.96 -39.90
C LYS B 885 18.24 26.72 -41.41
N TYR B 886 17.77 27.63 -42.25
CA TYR B 886 18.01 27.48 -43.70
C TYR B 886 19.50 27.44 -44.00
N TRP B 887 20.26 28.41 -43.47
CA TRP B 887 21.68 28.54 -43.79
C TRP B 887 22.53 27.49 -43.08
N GLY B 888 22.21 27.20 -41.82
CA GLY B 888 22.96 26.20 -41.08
C GLY B 888 22.98 24.86 -41.78
N ASP B 889 21.86 24.47 -42.39
CA ASP B 889 21.87 23.19 -43.08
C ASP B 889 22.53 23.27 -44.46
N GLY B 890 22.82 24.48 -44.93
CA GLY B 890 23.62 24.70 -46.12
C GLY B 890 22.92 25.40 -47.26
N GLY B 891 21.89 26.20 -46.95
CA GLY B 891 21.05 26.73 -48.01
C GLY B 891 20.46 25.61 -48.85
N SER B 892 20.27 25.90 -50.14
CA SER B 892 19.63 24.95 -51.05
C SER B 892 20.57 23.85 -51.53
N ASP B 893 21.88 23.97 -51.33
CA ASP B 893 22.78 22.86 -51.56
C ASP B 893 22.74 21.86 -50.43
N MET B 894 22.21 22.28 -49.28
CA MET B 894 22.10 21.44 -48.09
C MET B 894 23.50 20.98 -47.73
N GLY B 895 23.73 19.70 -47.41
CA GLY B 895 25.03 19.27 -46.93
C GLY B 895 26.15 19.50 -47.94
N SER B 896 25.85 19.29 -49.22
CA SER B 896 26.85 19.44 -50.27
C SER B 896 27.42 20.85 -50.34
N CYS B 897 26.73 21.84 -49.78
CA CYS B 897 27.26 23.20 -49.78
C CYS B 897 28.64 23.27 -49.12
N PHE B 898 28.84 22.50 -48.07
CA PHE B 898 30.09 22.58 -47.33
C PHE B 898 31.23 21.80 -48.01
N LEU B 899 31.03 21.36 -49.25
CA LEU B 899 32.14 21.00 -50.13
C LEU B 899 32.61 22.27 -50.83
N VAL B 900 33.86 22.65 -50.62
CA VAL B 900 34.44 23.90 -51.11
C VAL B 900 35.42 23.58 -52.24
N ASP B 901 35.54 24.50 -53.17
CA ASP B 901 36.41 24.30 -54.33
C ASP B 901 37.88 24.42 -53.92
N LYS B 902 38.64 23.34 -54.15
CA LYS B 902 40.06 23.28 -53.81
C LYS B 902 40.87 24.37 -54.51
N SER B 903 40.38 24.90 -55.62
CA SER B 903 41.22 25.67 -56.55
C SER B 903 41.84 26.89 -55.87
N TYR B 904 43.07 27.21 -56.28
CA TYR B 904 43.71 28.44 -55.82
C TYR B 904 44.87 28.84 -56.73
N VAL B 905 45.21 30.12 -56.66
CA VAL B 905 46.46 30.68 -57.15
C VAL B 905 47.14 31.35 -55.98
N LYS B 906 48.43 31.07 -55.80
CA LYS B 906 49.15 31.56 -54.63
C LYS B 906 50.49 32.14 -55.04
N LEU B 907 50.82 33.29 -54.47
CA LEU B 907 52.19 33.80 -54.49
C LEU B 907 53.04 32.94 -53.56
N ARG B 908 53.60 31.87 -54.10
CA ARG B 908 54.25 30.86 -53.27
C ARG B 908 55.42 31.47 -52.51
N SER B 909 56.44 31.95 -53.22
CA SER B 909 57.67 32.39 -52.57
C SER B 909 58.27 33.60 -53.27
N VAL B 910 58.85 34.50 -52.49
CA VAL B 910 59.63 35.64 -52.98
C VAL B 910 60.92 35.70 -52.18
N VAL B 911 62.06 35.75 -52.88
CA VAL B 911 63.36 35.85 -52.22
C VAL B 911 64.17 36.97 -52.86
N LEU B 912 64.45 38.00 -52.08
CA LEU B 912 65.42 39.03 -52.44
C LEU B 912 66.77 38.71 -51.80
N GLY B 913 67.82 38.66 -52.60
CA GLY B 913 69.14 38.32 -52.09
C GLY B 913 70.29 39.18 -52.57
N TRP B 914 71.06 39.74 -51.65
CA TRP B 914 72.16 40.64 -51.98
C TRP B 914 73.49 39.98 -51.63
N ASP B 915 74.17 39.44 -52.64
CA ASP B 915 75.50 38.86 -52.46
C ASP B 915 76.53 39.97 -52.44
N LEU B 916 77.01 40.33 -51.23
CA LEU B 916 77.94 41.44 -51.00
C LEU B 916 79.17 41.39 -51.92
N PRO B 917 79.72 42.56 -52.25
CA PRO B 917 80.85 42.59 -53.18
C PRO B 917 82.12 42.09 -52.49
N LYS B 918 82.74 41.06 -53.06
CA LYS B 918 83.94 40.46 -52.47
C LYS B 918 85.02 41.49 -52.19
N ARG B 919 84.97 42.63 -52.88
CA ARG B 919 85.80 43.79 -52.57
C ARG B 919 85.64 44.15 -51.11
N TRP B 920 84.47 44.69 -50.76
CA TRP B 920 84.10 45.12 -49.41
C TRP B 920 84.67 44.30 -48.27
N LEU B 921 85.10 43.07 -48.54
CA LEU B 921 85.51 42.17 -47.47
C LEU B 921 87.00 41.84 -47.48
N ALA B 922 87.83 42.87 -47.67
CA ALA B 922 89.27 42.63 -47.71
C ALA B 922 89.89 42.74 -46.31
N LYS B 923 89.49 43.77 -45.54
CA LYS B 923 89.95 43.97 -44.18
C LYS B 923 89.06 43.29 -43.15
N THR B 924 88.35 42.23 -43.56
CA THR B 924 87.45 41.47 -42.70
C THR B 924 87.95 40.04 -42.54
N PRO B 925 87.49 39.35 -41.49
CA PRO B 925 87.66 37.89 -41.45
C PRO B 925 86.81 37.15 -42.48
N PHE B 926 85.93 37.87 -43.17
CA PHE B 926 84.85 37.27 -43.94
C PHE B 926 85.27 36.98 -45.38
N GLN B 927 84.93 35.78 -45.85
CA GLN B 927 85.08 35.38 -47.24
C GLN B 927 83.90 35.78 -48.11
N ALA B 928 82.71 35.91 -47.52
CA ALA B 928 81.46 36.19 -48.22
C ALA B 928 80.41 36.58 -47.20
N VAL B 929 79.52 37.49 -47.60
CA VAL B 929 78.31 37.81 -46.83
C VAL B 929 77.15 37.90 -47.81
N LYS B 930 76.03 37.27 -47.48
CA LYS B 930 74.80 37.42 -48.25
C LYS B 930 73.66 37.78 -47.30
N VAL B 931 73.19 39.03 -47.38
CA VAL B 931 71.93 39.41 -46.76
C VAL B 931 70.79 38.94 -47.66
N SER B 932 69.68 38.55 -47.06
CA SER B 932 68.58 37.91 -47.76
C SER B 932 67.28 38.36 -47.10
N ALA B 933 66.30 38.73 -47.91
CA ALA B 933 64.95 39.07 -47.45
C ALA B 933 63.97 38.21 -48.24
N TYR B 934 63.00 37.62 -47.54
CA TYR B 934 62.16 36.61 -48.16
C TYR B 934 60.77 36.63 -47.53
N GLY B 935 59.79 36.17 -48.31
CA GLY B 935 58.41 36.00 -47.89
C GLY B 935 57.84 34.75 -48.52
N ASN B 936 57.02 34.00 -47.79
CA ASN B 936 56.42 32.77 -48.29
C ASN B 936 54.94 32.75 -47.94
N ASN B 937 54.16 32.07 -48.78
CA ASN B 937 52.71 31.97 -48.60
C ASN B 937 52.10 33.37 -48.52
N LEU B 938 52.48 34.23 -49.46
CA LEU B 938 52.32 35.68 -49.30
C LEU B 938 50.90 36.18 -49.58
N PHE B 939 50.22 35.67 -50.62
CA PHE B 939 48.81 35.98 -50.86
C PHE B 939 48.20 34.79 -51.61
N VAL B 940 46.90 34.55 -51.40
CA VAL B 940 46.18 33.48 -52.09
C VAL B 940 44.95 34.07 -52.76
N TRP B 941 44.64 33.58 -53.95
CA TRP B 941 43.42 33.94 -54.68
C TRP B 941 42.58 32.70 -54.93
N THR B 942 41.26 32.84 -54.86
CA THR B 942 40.35 31.72 -54.99
C THR B 942 39.19 32.08 -55.92
N PRO B 943 38.50 31.06 -56.45
CA PRO B 943 37.14 31.31 -56.96
C PRO B 943 36.34 32.13 -55.97
N SER B 944 35.40 32.96 -56.45
CA SER B 944 34.59 33.74 -55.51
C SER B 944 33.68 32.86 -54.68
N SER B 945 33.53 31.58 -55.06
CA SER B 945 32.65 30.69 -54.32
C SER B 945 33.26 30.24 -53.01
N ASN B 946 34.58 30.29 -52.88
CA ASN B 946 35.28 29.96 -51.65
C ASN B 946 35.82 31.26 -51.08
N THR B 947 35.14 31.80 -50.08
CA THR B 947 35.58 32.99 -49.40
C THR B 947 35.94 32.71 -47.94
N PHE B 948 36.30 31.46 -47.63
CA PHE B 948 36.42 30.99 -46.27
C PHE B 948 37.84 30.57 -45.88
N ILE B 949 38.54 29.77 -46.70
CA ILE B 949 39.78 29.17 -46.30
C ILE B 949 40.82 29.20 -47.42
N ASP B 950 42.09 29.19 -47.02
CA ASP B 950 43.16 28.68 -47.86
C ASP B 950 42.93 27.18 -48.01
N PRO B 951 42.74 26.66 -49.24
CA PRO B 951 42.54 25.21 -49.41
C PRO B 951 43.74 24.36 -49.03
N GLU B 952 44.87 24.95 -48.63
CA GLU B 952 46.02 24.15 -48.23
C GLU B 952 45.93 23.88 -46.72
N MET B 953 44.99 23.01 -46.35
CA MET B 953 44.75 22.67 -44.96
C MET B 953 44.22 21.24 -44.87
N THR B 954 44.40 20.63 -43.71
CA THR B 954 43.74 19.38 -43.39
C THR B 954 43.73 19.21 -41.88
N SER B 955 43.03 18.16 -41.44
CA SER B 955 42.97 17.75 -40.06
C SER B 955 43.10 16.24 -39.99
N PHE B 956 43.50 15.62 -41.09
CA PHE B 956 43.38 14.18 -41.21
C PHE B 956 44.62 13.60 -41.84
N GLY B 957 45.74 14.26 -41.65
CA GLY B 957 47.02 13.68 -41.98
C GLY B 957 47.59 14.21 -43.27
N ASN B 958 48.89 13.95 -43.43
CA ASN B 958 49.64 14.32 -44.62
C ASN B 958 49.47 13.32 -45.76
N ASP B 959 48.44 12.47 -45.73
CA ASP B 959 48.28 11.57 -46.87
C ASP B 959 46.88 11.65 -47.47
N LEU B 960 46.28 10.46 -47.68
CA LEU B 960 45.07 10.33 -48.48
C LEU B 960 43.84 10.82 -47.72
N GLU B 961 43.66 10.34 -46.49
CA GLU B 961 42.55 10.82 -45.68
C GLU B 961 42.66 12.31 -45.40
N GLY B 962 43.86 12.89 -45.49
CA GLY B 962 43.98 14.32 -45.40
C GLY B 962 43.17 15.04 -46.45
N ASN B 963 42.98 14.40 -47.61
CA ASN B 963 42.26 15.07 -48.68
C ASN B 963 40.79 15.23 -48.37
N TYR B 964 40.27 14.48 -47.40
CA TYR B 964 38.85 14.57 -47.07
C TYR B 964 38.44 16.01 -46.85
N GLY B 965 39.24 16.78 -46.12
CA GLY B 965 38.95 18.18 -45.96
C GLY B 965 39.65 18.74 -44.75
N GLU B 966 39.09 19.84 -44.26
CA GLU B 966 39.63 20.59 -43.14
C GLU B 966 38.56 20.74 -42.08
N TYR B 967 38.89 20.45 -40.83
CA TYR B 967 37.88 20.39 -39.77
C TYR B 967 38.10 21.52 -38.77
N THR B 968 37.97 22.75 -39.28
CA THR B 968 38.35 23.98 -38.57
C THR B 968 39.80 23.89 -38.10
N ALA B 969 40.66 23.48 -39.02
CA ALA B 969 42.11 23.60 -38.86
C ALA B 969 42.49 25.06 -38.68
N ASN B 970 43.57 25.29 -37.95
CA ASN B 970 43.95 26.66 -37.62
C ASN B 970 44.27 27.45 -38.90
N PRO B 971 43.97 28.75 -38.90
CA PRO B 971 44.14 29.53 -40.15
C PRO B 971 45.57 29.55 -40.66
N SER B 972 45.71 29.41 -41.98
CA SER B 972 46.98 29.50 -42.67
C SER B 972 47.62 30.88 -42.48
N SER B 973 48.95 30.92 -42.63
CA SER B 973 49.73 32.11 -42.30
C SER B 973 50.55 32.58 -43.48
N ARG B 974 50.80 33.89 -43.51
CA ARG B 974 51.72 34.48 -44.45
C ARG B 974 53.02 34.75 -43.69
N ARG B 975 54.16 34.42 -44.31
CA ARG B 975 55.44 34.44 -43.62
C ARG B 975 56.47 35.27 -44.37
N PHE B 976 57.32 35.98 -43.62
CA PHE B 976 58.33 36.85 -44.20
C PHE B 976 59.47 37.06 -43.19
N GLY B 977 60.69 37.19 -43.69
CA GLY B 977 61.80 37.38 -42.78
C GLY B 977 63.08 37.89 -43.42
N PHE B 978 64.17 37.69 -42.69
CA PHE B 978 65.51 38.07 -43.12
C PHE B 978 66.46 36.94 -42.79
N ASN B 979 67.47 36.76 -43.63
CA ASN B 979 68.53 35.79 -43.35
C ASN B 979 69.90 36.40 -43.65
N LEU B 980 70.79 36.27 -42.68
CA LEU B 980 72.17 36.71 -42.76
C LEU B 980 73.06 35.47 -42.85
N MET B 981 73.84 35.35 -43.93
CA MET B 981 74.81 34.25 -44.07
C MET B 981 76.20 34.84 -44.22
N VAL B 982 77.15 34.32 -43.44
CA VAL B 982 78.55 34.72 -43.57
C VAL B 982 79.40 33.47 -43.71
N LYS B 983 80.41 33.53 -44.58
CA LYS B 983 81.41 32.49 -44.75
C LYS B 983 82.70 32.95 -44.12
N PHE B 984 83.34 32.07 -43.35
CA PHE B 984 84.65 32.34 -42.78
C PHE B 984 85.73 31.52 -43.51
N CYS C 1 -70.78 -26.70 25.27
CA CYS C 1 -69.53 -26.57 26.03
C CYS C 1 -68.46 -27.52 25.47
N ASP C 2 -67.91 -27.14 24.32
CA ASP C 2 -66.97 -27.98 23.60
C ASP C 2 -65.63 -27.97 24.32
N LEU C 3 -65.08 -29.16 24.56
CA LEU C 3 -63.89 -29.29 25.39
C LEU C 3 -62.61 -29.53 24.59
N ASN C 4 -62.71 -29.82 23.30
CA ASN C 4 -61.51 -30.00 22.46
C ASN C 4 -60.96 -28.65 22.02
N ILE C 5 -60.59 -27.82 23.00
CA ILE C 5 -60.18 -26.44 22.75
C ILE C 5 -58.76 -26.17 23.27
N ASN C 6 -57.93 -27.20 23.37
CA ASN C 6 -56.64 -27.11 24.03
C ASN C 6 -55.48 -27.16 23.04
N ASP C 7 -55.71 -26.75 21.79
CA ASP C 7 -54.63 -26.48 20.84
C ASP C 7 -54.26 -25.00 20.96
N ASP C 8 -52.99 -24.72 21.24
CA ASP C 8 -52.66 -23.35 21.59
C ASP C 8 -52.94 -22.40 20.43
N PRO C 9 -53.91 -21.49 20.57
CA PRO C 9 -54.20 -20.58 19.47
C PRO C 9 -53.10 -19.56 19.20
N ASN C 10 -52.12 -19.38 20.08
CA ASN C 10 -51.08 -18.39 19.78
C ASN C 10 -49.90 -18.98 19.02
N TYR C 11 -49.94 -20.24 18.64
CA TYR C 11 -48.87 -20.81 17.84
C TYR C 11 -49.49 -21.58 16.69
N PRO C 12 -48.88 -21.50 15.51
CA PRO C 12 -49.47 -22.14 14.33
C PRO C 12 -49.64 -23.64 14.53
N MET C 13 -50.42 -24.26 13.64
CA MET C 13 -50.44 -25.71 13.59
C MET C 13 -49.04 -26.20 13.24
N ASN C 14 -48.60 -27.28 13.91
CA ASN C 14 -47.25 -27.77 13.65
C ASN C 14 -47.08 -28.30 12.23
N ASP C 15 -48.18 -28.70 11.56
CA ASP C 15 -48.07 -29.11 10.16
C ASP C 15 -47.60 -27.97 9.28
N GLN C 16 -47.92 -26.74 9.66
CA GLN C 16 -47.62 -25.59 8.81
C GLN C 16 -46.24 -25.01 9.07
N VAL C 17 -45.51 -25.51 10.06
CA VAL C 17 -44.14 -25.08 10.30
C VAL C 17 -43.21 -26.07 9.60
N THR C 18 -42.59 -25.61 8.52
CA THR C 18 -41.77 -26.43 7.65
C THR C 18 -40.30 -26.03 7.79
N ALA C 19 -39.45 -26.79 7.09
CA ALA C 19 -38.01 -26.69 7.28
C ALA C 19 -37.49 -25.27 7.13
N ASP C 20 -38.00 -24.54 6.13
CA ASP C 20 -37.51 -23.20 5.84
C ASP C 20 -38.04 -22.14 6.79
N LEU C 21 -39.04 -22.46 7.62
CA LEU C 21 -39.38 -21.55 8.70
C LEU C 21 -38.48 -21.77 9.90
N ILE C 22 -38.01 -23.00 10.10
CA ILE C 22 -37.15 -23.28 11.24
C ILE C 22 -35.71 -22.86 10.99
N PHE C 23 -35.24 -22.97 9.73
CA PHE C 23 -33.80 -22.89 9.49
C PHE C 23 -33.14 -21.57 9.88
N PRO C 24 -33.75 -20.39 9.66
CA PRO C 24 -33.06 -19.15 10.06
C PRO C 24 -32.82 -19.03 11.57
N SER C 25 -33.58 -19.72 12.42
CA SER C 25 -33.32 -19.64 13.86
C SER C 25 -31.95 -20.18 14.25
N ILE C 26 -31.37 -21.08 13.45
CA ILE C 26 -30.11 -21.74 13.80
C ILE C 26 -28.95 -20.74 13.79
N SER C 27 -28.70 -20.10 12.65
CA SER C 27 -27.63 -19.12 12.56
C SER C 27 -27.85 -17.96 13.52
N ALA C 28 -29.10 -17.58 13.78
CA ALA C 28 -29.31 -16.44 14.66
C ALA C 28 -29.08 -16.80 16.12
N SER C 29 -29.34 -18.06 16.49
CA SER C 29 -29.21 -18.47 17.88
C SER C 29 -27.74 -18.59 18.25
N ILE C 30 -26.96 -19.25 17.40
CA ILE C 30 -25.53 -19.35 17.64
C ILE C 30 -24.92 -17.97 17.75
N ALA C 31 -25.29 -17.06 16.83
CA ALA C 31 -24.71 -15.72 16.86
C ALA C 31 -25.04 -14.97 18.14
N SER C 32 -26.19 -15.27 18.76
CA SER C 32 -26.57 -14.61 20.02
C SER C 32 -25.72 -15.06 21.19
N ALA C 33 -25.06 -16.22 21.07
CA ALA C 33 -24.15 -16.69 22.10
C ALA C 33 -22.70 -16.44 21.68
N VAL C 34 -22.32 -16.96 20.52
CA VAL C 34 -20.96 -16.78 20.01
C VAL C 34 -20.59 -15.30 19.96
N GLY C 35 -21.52 -14.44 19.56
CA GLY C 35 -21.29 -13.02 19.48
C GLY C 35 -21.81 -12.22 20.66
N GLY C 36 -22.29 -12.89 21.71
CA GLY C 36 -22.90 -12.24 22.85
C GLY C 36 -22.15 -12.44 24.15
N GLU C 37 -22.69 -13.24 25.07
CA GLU C 37 -22.08 -13.31 26.39
C GLU C 37 -20.83 -14.18 26.38
N ILE C 38 -20.76 -15.16 25.46
CA ILE C 38 -19.52 -15.92 25.26
C ILE C 38 -18.44 -15.01 24.72
N TYR C 39 -18.68 -14.42 23.55
CA TYR C 39 -17.86 -13.33 23.00
C TYR C 39 -17.40 -12.38 24.09
N ASN C 40 -18.30 -12.01 25.00
CA ASN C 40 -17.95 -11.00 25.99
C ASN C 40 -16.88 -11.49 26.96
N TYR C 41 -17.13 -12.60 27.65
CA TYR C 41 -16.12 -13.07 28.61
C TYR C 41 -14.87 -13.59 27.91
N ALA C 42 -14.98 -14.03 26.64
CA ALA C 42 -13.80 -14.39 25.85
C ALA C 42 -12.88 -13.20 25.65
N GLY C 43 -13.46 -12.01 25.48
CA GLY C 43 -12.72 -10.77 25.41
C GLY C 43 -11.89 -10.44 26.63
N PHE C 44 -12.32 -10.87 27.83
CA PHE C 44 -11.54 -10.67 29.05
C PHE C 44 -10.41 -11.69 29.19
N PHE C 45 -10.68 -12.95 28.83
CA PHE C 45 -9.66 -13.98 28.91
C PHE C 45 -8.58 -13.76 27.85
N ALA C 46 -8.96 -13.37 26.63
CA ALA C 46 -7.98 -12.98 25.62
C ALA C 46 -7.32 -11.64 25.93
N GLN C 47 -7.77 -10.97 26.99
CA GLN C 47 -7.18 -9.74 27.49
C GLN C 47 -7.24 -8.60 26.48
N TYR C 48 -8.38 -8.46 25.82
CA TYR C 48 -8.59 -7.32 24.94
C TYR C 48 -9.08 -6.10 25.72
N TYR C 49 -10.01 -6.32 26.63
CA TYR C 49 -10.53 -5.21 27.42
C TYR C 49 -10.60 -5.63 28.89
N GLU C 50 -10.89 -4.64 29.72
CA GLU C 50 -10.92 -4.80 31.15
C GLU C 50 -12.19 -4.11 31.67
N GLN C 51 -12.36 -4.02 32.98
CA GLN C 51 -13.54 -3.40 33.55
C GLN C 51 -13.33 -1.90 33.75
N LYS C 52 -14.21 -1.10 33.18
CA LYS C 52 -14.12 0.34 33.35
C LYS C 52 -14.08 0.65 34.85
N PRO C 53 -13.26 1.61 35.28
CA PRO C 53 -13.12 1.84 36.72
C PRO C 53 -14.39 2.25 37.44
N GLU C 54 -15.26 3.04 36.82
CA GLU C 54 -16.38 3.63 37.54
C GLU C 54 -17.66 2.79 37.51
N SER C 55 -17.58 1.54 37.07
CA SER C 55 -18.72 0.63 37.07
C SER C 55 -18.20 -0.74 37.50
N ASN C 56 -19.09 -1.73 37.51
CA ASN C 56 -18.80 -2.94 38.27
C ASN C 56 -19.35 -4.20 37.64
N GLN C 57 -19.90 -4.17 36.43
CA GLN C 57 -20.66 -5.33 35.97
C GLN C 57 -19.79 -6.55 35.76
N TYR C 58 -18.49 -6.41 35.49
CA TYR C 58 -17.69 -7.58 35.17
C TYR C 58 -16.43 -7.69 36.07
N ASN C 59 -16.52 -7.30 37.35
CA ASN C 59 -15.40 -7.51 38.27
C ASN C 59 -14.99 -8.98 38.32
N THR C 60 -15.95 -9.89 38.34
CA THR C 60 -15.60 -11.28 38.57
C THR C 60 -15.07 -11.95 37.30
N LEU C 61 -15.43 -11.45 36.12
CA LEU C 61 -14.77 -11.98 34.93
C LEU C 61 -13.31 -11.54 34.89
N CYS C 62 -13.01 -10.33 35.36
CA CYS C 62 -11.70 -9.73 35.21
C CYS C 62 -10.70 -10.32 36.18
N GLU C 63 -11.16 -10.62 37.39
CA GLU C 63 -10.33 -11.15 38.45
C GLU C 63 -10.46 -12.65 38.60
N TYR C 64 -11.16 -13.30 37.68
CA TYR C 64 -11.37 -14.74 37.71
C TYR C 64 -11.95 -15.20 39.06
N THR C 65 -12.74 -14.34 39.73
CA THR C 65 -13.36 -14.72 41.00
C THR C 65 -14.80 -15.19 40.82
N PHE C 66 -15.13 -15.80 39.68
CA PHE C 66 -16.44 -16.41 39.51
C PHE C 66 -16.37 -17.89 39.82
N THR C 67 -17.54 -18.51 39.99
CA THR C 67 -17.62 -19.93 40.31
C THR C 67 -18.63 -20.59 39.38
N GLU C 68 -18.82 -21.90 39.57
CA GLU C 68 -19.84 -22.62 38.82
C GLU C 68 -21.23 -22.01 39.01
N SER C 69 -21.53 -21.55 40.22
CA SER C 69 -22.86 -21.00 40.47
C SER C 69 -23.01 -19.56 40.01
N SER C 70 -21.97 -18.97 39.42
CA SER C 70 -22.15 -17.65 38.81
C SER C 70 -22.83 -17.72 37.44
N GLN C 71 -23.07 -18.93 36.91
CA GLN C 71 -23.75 -19.18 35.64
C GLN C 71 -23.34 -18.24 34.52
N GLN C 72 -22.03 -18.00 34.37
CA GLN C 72 -21.55 -17.01 33.43
C GLN C 72 -21.79 -17.44 31.98
N MET C 73 -22.24 -18.70 31.81
CA MET C 73 -22.53 -19.30 30.51
C MET C 73 -23.94 -19.89 30.41
N ASP C 74 -24.79 -19.75 31.43
CA ASP C 74 -26.04 -20.50 31.40
C ASP C 74 -26.99 -20.03 30.29
N TYR C 75 -27.04 -18.71 30.04
CA TYR C 75 -27.83 -18.21 28.91
C TYR C 75 -27.34 -18.79 27.60
N SER C 76 -26.02 -18.81 27.40
CA SER C 76 -25.49 -19.26 26.11
C SER C 76 -25.70 -20.75 25.92
N TYR C 77 -25.55 -21.51 27.00
CA TYR C 77 -25.78 -22.95 26.92
C TYR C 77 -27.24 -23.21 26.55
N ARG C 78 -28.15 -22.46 27.16
CA ARG C 78 -29.56 -22.59 26.83
C ARG C 78 -29.81 -22.34 25.35
N ILE C 79 -29.43 -21.16 24.85
CA ILE C 79 -29.75 -20.86 23.47
C ILE C 79 -28.95 -21.69 22.50
N LEU C 80 -27.89 -22.38 22.94
CA LEU C 80 -27.17 -23.23 22.00
C LEU C 80 -27.82 -24.60 21.87
N PHE C 81 -28.31 -25.18 22.96
CA PHE C 81 -28.90 -26.51 22.88
C PHE C 81 -30.42 -26.50 22.74
N ALA C 82 -31.12 -25.71 23.55
CA ALA C 82 -32.57 -25.72 23.46
C ALA C 82 -33.09 -24.86 22.32
N GLY C 83 -32.22 -24.06 21.71
CA GLY C 83 -32.58 -23.25 20.55
C GLY C 83 -31.94 -23.76 19.27
N ALA C 84 -30.66 -23.46 19.08
CA ALA C 84 -29.98 -23.74 17.82
C ALA C 84 -29.98 -25.23 17.50
N LEU C 85 -29.53 -26.07 18.45
CA LEU C 85 -29.30 -27.47 18.12
C LEU C 85 -30.62 -28.25 17.99
N GLU C 86 -31.66 -27.85 18.74
CA GLU C 86 -32.97 -28.48 18.57
C GLU C 86 -33.59 -28.15 17.21
N ASP C 87 -33.53 -26.88 16.81
CA ASP C 87 -34.09 -26.50 15.52
C ASP C 87 -33.38 -27.22 14.39
N ALA C 88 -32.06 -27.38 14.51
CA ALA C 88 -31.29 -28.17 13.57
C ALA C 88 -31.82 -29.61 13.49
N LYS C 89 -32.11 -30.20 14.65
CA LYS C 89 -32.62 -31.57 14.67
C LYS C 89 -33.93 -31.67 13.92
N GLN C 90 -34.79 -30.65 14.06
CA GLN C 90 -36.07 -30.65 13.37
C GLN C 90 -35.89 -30.40 11.88
N VAL C 91 -35.07 -29.41 11.51
CA VAL C 91 -34.73 -29.18 10.11
C VAL C 91 -34.29 -30.49 9.46
N LEU C 92 -33.36 -31.19 10.12
CA LEU C 92 -32.93 -32.51 9.64
C LEU C 92 -34.09 -33.49 9.54
N GLU C 93 -35.13 -33.35 10.38
CA GLU C 93 -36.25 -34.27 10.32
C GLU C 93 -37.25 -33.91 9.24
N LYS C 94 -37.21 -32.68 8.74
CA LYS C 94 -38.25 -32.14 7.86
C LYS C 94 -37.84 -32.00 6.40
N THR C 95 -36.55 -31.90 6.09
CA THR C 95 -36.12 -31.76 4.71
C THR C 95 -35.22 -32.92 4.32
N THR C 96 -35.23 -33.23 3.03
CA THR C 96 -34.41 -34.30 2.47
C THR C 96 -33.44 -33.76 1.43
N ASN C 97 -33.33 -32.44 1.33
CA ASN C 97 -32.50 -31.72 0.39
C ASN C 97 -31.04 -31.69 0.89
N PRO C 98 -30.12 -32.45 0.26
CA PRO C 98 -28.73 -32.50 0.72
C PRO C 98 -28.13 -31.13 1.07
N ALA C 99 -28.30 -30.15 0.19
CA ALA C 99 -27.67 -28.85 0.41
C ALA C 99 -28.18 -28.16 1.66
N ASP C 100 -29.47 -28.29 1.96
CA ASP C 100 -29.98 -27.78 3.23
C ASP C 100 -29.46 -28.61 4.39
N ARG C 101 -29.51 -29.94 4.28
CA ARG C 101 -28.94 -30.78 5.31
C ARG C 101 -27.46 -30.44 5.52
N PHE C 102 -26.73 -30.19 4.42
CA PHE C 102 -25.31 -29.90 4.52
C PHE C 102 -25.06 -28.61 5.31
N ALA C 103 -25.72 -27.51 4.92
CA ALA C 103 -25.51 -26.26 5.63
C ALA C 103 -26.02 -26.32 7.06
N THR C 104 -27.02 -27.14 7.32
CA THR C 104 -27.52 -27.33 8.68
C THR C 104 -26.48 -28.06 9.53
N THR C 105 -25.92 -29.15 8.97
CA THR C 105 -24.90 -29.91 9.68
C THR C 105 -23.71 -29.03 10.05
N ILE C 106 -23.25 -28.17 9.14
CA ILE C 106 -22.15 -27.26 9.44
C ILE C 106 -22.49 -26.34 10.62
N LEU C 107 -23.74 -25.85 10.70
CA LEU C 107 -24.03 -24.95 11.82
C LEU C 107 -24.21 -25.75 13.12
N ARG C 108 -24.66 -27.00 13.00
CA ARG C 108 -24.70 -27.88 14.16
C ARG C 108 -23.30 -28.16 14.67
N ALA C 109 -22.41 -28.58 13.77
CA ALA C 109 -21.04 -28.84 14.17
C ALA C 109 -20.38 -27.59 14.78
N TYR C 110 -20.58 -26.43 14.17
CA TYR C 110 -20.00 -25.22 14.74
C TYR C 110 -20.46 -24.99 16.18
N ALA C 111 -21.70 -25.38 16.51
CA ALA C 111 -22.19 -25.12 17.86
C ALA C 111 -21.54 -26.07 18.87
N PHE C 112 -21.38 -27.35 18.49
CA PHE C 112 -20.67 -28.28 19.34
C PHE C 112 -19.25 -27.81 19.60
N GLN C 113 -18.53 -27.41 18.54
CA GLN C 113 -17.16 -26.96 18.70
C GLN C 113 -17.07 -25.86 19.76
N ILE C 114 -17.99 -24.88 19.70
CA ILE C 114 -17.95 -23.78 20.66
C ILE C 114 -18.03 -24.31 22.08
N MET C 115 -19.02 -25.15 22.34
CA MET C 115 -19.18 -25.72 23.68
C MET C 115 -17.92 -26.47 24.12
N VAL C 116 -17.35 -27.30 23.24
CA VAL C 116 -16.17 -28.05 23.60
C VAL C 116 -15.01 -27.13 23.95
N ASP C 117 -14.83 -26.05 23.19
CA ASP C 117 -13.75 -25.14 23.53
C ASP C 117 -14.03 -24.33 24.78
N ASN C 118 -15.17 -24.55 25.44
CA ASN C 118 -15.46 -23.91 26.71
C ASN C 118 -15.37 -24.86 27.89
N THR C 119 -15.81 -26.11 27.70
CA THR C 119 -15.92 -27.06 28.80
C THR C 119 -15.36 -28.44 28.43
N SER C 120 -14.52 -28.51 27.41
CA SER C 120 -13.96 -29.76 26.90
C SER C 120 -15.06 -30.79 26.64
N ASP C 121 -15.64 -31.34 27.68
CA ASP C 121 -16.73 -32.27 27.47
C ASP C 121 -18.00 -31.50 27.12
N SER C 122 -18.84 -32.13 26.31
CA SER C 122 -20.14 -31.61 25.93
C SER C 122 -21.07 -32.78 25.71
N PRO C 123 -22.37 -32.58 25.95
CA PRO C 123 -23.33 -33.59 25.52
C PRO C 123 -23.30 -33.66 24.01
N TYR C 124 -23.63 -34.84 23.51
CA TYR C 124 -23.50 -35.19 22.11
C TYR C 124 -23.84 -36.66 22.07
N SER C 125 -24.29 -37.15 20.92
CA SER C 125 -24.62 -38.57 20.73
C SER C 125 -25.76 -39.01 21.63
N GLU C 126 -25.96 -38.30 22.74
CA GLU C 126 -27.02 -38.56 23.68
C GLU C 126 -27.84 -37.32 23.96
N ALA C 127 -27.56 -36.21 23.28
CA ALA C 127 -28.31 -34.98 23.48
C ALA C 127 -29.50 -34.89 22.52
N LEU C 128 -30.37 -33.92 22.78
CA LEU C 128 -31.54 -33.65 21.92
C LEU C 128 -32.43 -34.88 21.80
N GLN C 129 -32.68 -35.55 22.92
CA GLN C 129 -33.59 -36.69 22.94
C GLN C 129 -34.80 -36.45 23.83
N GLY C 130 -34.91 -35.26 24.43
CA GLY C 130 -36.12 -34.88 25.13
C GLY C 130 -36.35 -35.77 26.31
N ASN C 131 -37.52 -36.41 26.34
CA ASN C 131 -37.86 -37.24 27.48
C ASN C 131 -37.23 -38.62 27.40
N ALA C 132 -36.78 -39.05 26.21
CA ALA C 132 -36.09 -40.33 26.10
C ALA C 132 -34.75 -40.34 26.84
N ASN C 133 -34.16 -39.16 27.09
CA ASN C 133 -32.93 -39.07 27.89
C ASN C 133 -32.79 -37.61 28.34
N ALA C 134 -33.40 -37.29 29.48
CA ALA C 134 -33.29 -35.95 30.03
C ALA C 134 -31.93 -35.67 30.66
N THR C 135 -31.09 -36.70 30.84
CA THR C 135 -29.78 -36.56 31.47
C THR C 135 -28.75 -37.20 30.56
N PRO C 136 -28.33 -36.49 29.50
CA PRO C 136 -27.40 -37.09 28.54
C PRO C 136 -25.99 -37.12 29.09
N LYS C 137 -25.26 -38.17 28.77
CA LYS C 137 -23.89 -38.24 29.25
C LYS C 137 -23.05 -37.21 28.50
N TRP C 138 -22.03 -36.70 29.17
CA TRP C 138 -21.14 -35.70 28.60
C TRP C 138 -19.98 -36.41 27.92
N ASP C 139 -19.97 -36.40 26.59
CA ASP C 139 -18.88 -37.01 25.84
C ASP C 139 -17.61 -36.18 25.95
N THR C 140 -16.46 -36.85 25.88
CA THR C 140 -15.20 -36.16 25.92
C THR C 140 -15.04 -35.31 24.65
N GLY C 141 -14.47 -34.11 24.80
CA GLY C 141 -14.37 -33.21 23.66
C GLY C 141 -13.81 -33.87 22.41
N GLU C 142 -12.85 -34.78 22.58
CA GLU C 142 -12.26 -35.49 21.44
C GLU C 142 -13.29 -36.35 20.72
N THR C 143 -14.14 -37.07 21.47
CA THR C 143 -15.14 -37.92 20.82
C THR C 143 -16.13 -37.10 20.02
N VAL C 144 -16.39 -35.85 20.42
CA VAL C 144 -17.32 -35.02 19.66
C VAL C 144 -16.61 -34.27 18.52
N TYR C 145 -15.34 -33.90 18.69
CA TYR C 145 -14.61 -33.31 17.57
C TYR C 145 -14.45 -34.29 16.42
N LYS C 146 -14.17 -35.57 16.70
CA LYS C 146 -14.17 -36.54 15.62
C LYS C 146 -15.57 -36.77 15.10
N GLY C 147 -16.57 -36.70 16.00
CA GLY C 147 -17.94 -36.98 15.60
C GLY C 147 -18.49 -35.97 14.62
N ILE C 148 -18.40 -34.67 14.97
CA ILE C 148 -18.95 -33.61 14.12
C ILE C 148 -18.12 -33.44 12.87
N LEU C 149 -16.82 -33.76 12.91
CA LEU C 149 -16.07 -33.78 11.67
C LEU C 149 -16.51 -34.96 10.80
N GLY C 150 -16.95 -36.07 11.40
CA GLY C 150 -17.50 -37.15 10.62
C GLY C 150 -18.82 -36.76 9.99
N GLU C 151 -19.62 -35.97 10.72
CA GLU C 151 -20.93 -35.55 10.21
C GLU C 151 -20.76 -34.63 8.99
N ILE C 152 -19.90 -33.62 9.09
CA ILE C 152 -19.64 -32.74 7.95
C ILE C 152 -19.24 -33.58 6.75
N ASP C 153 -18.27 -34.49 6.93
CA ASP C 153 -17.87 -35.38 5.85
C ASP C 153 -19.08 -36.09 5.23
N ALA C 154 -19.89 -36.74 6.06
CA ALA C 154 -21.00 -37.53 5.53
C ALA C 154 -21.99 -36.64 4.78
N ALA C 155 -22.17 -35.40 5.26
CA ALA C 155 -23.12 -34.48 4.64
C ALA C 155 -22.59 -33.95 3.32
N GLU C 156 -21.31 -33.59 3.25
CA GLU C 156 -20.71 -33.15 2.00
C GLU C 156 -20.85 -34.24 0.93
N ALA C 157 -20.47 -35.48 1.28
CA ALA C 157 -20.60 -36.59 0.34
C ALA C 157 -22.04 -36.85 -0.08
N ALA C 158 -23.02 -36.35 0.69
CA ALA C 158 -24.43 -36.52 0.36
C ALA C 158 -24.93 -35.54 -0.68
N LEU C 159 -24.13 -34.54 -1.06
CA LEU C 159 -24.55 -33.52 -2.01
C LEU C 159 -24.75 -34.10 -3.40
N ASP C 160 -25.76 -33.58 -4.11
CA ASP C 160 -26.24 -34.12 -5.37
C ASP C 160 -26.23 -33.12 -6.51
N GLY C 161 -25.94 -31.84 -6.24
CA GLY C 161 -25.98 -30.79 -7.24
C GLY C 161 -27.19 -29.87 -7.13
N SER C 162 -28.26 -30.29 -6.46
CA SER C 162 -29.46 -29.49 -6.32
C SER C 162 -29.23 -28.35 -5.33
N GLY C 163 -30.02 -27.27 -5.50
CA GLY C 163 -29.79 -26.04 -4.78
C GLY C 163 -30.37 -26.02 -3.38
N MET C 164 -30.03 -24.97 -2.63
CA MET C 164 -30.61 -24.72 -1.32
C MET C 164 -31.95 -24.00 -1.46
N ASP C 165 -33.02 -24.56 -0.87
CA ASP C 165 -34.34 -23.94 -0.92
CA ASP C 165 -34.33 -23.91 -0.92
C ASP C 165 -34.74 -23.49 0.49
N VAL C 166 -33.95 -22.61 1.08
CA VAL C 166 -34.06 -22.27 2.49
C VAL C 166 -33.50 -20.86 2.72
N PRO C 167 -34.08 -20.06 3.60
CA PRO C 167 -33.52 -18.72 3.87
C PRO C 167 -32.18 -18.78 4.58
N ASP C 168 -31.16 -18.27 3.89
CA ASP C 168 -29.75 -18.37 4.30
C ASP C 168 -29.20 -16.96 4.49
N LEU C 169 -29.13 -16.50 5.74
CA LEU C 169 -28.58 -15.18 6.03
C LEU C 169 -27.06 -15.18 6.17
N ILE C 170 -26.40 -16.31 5.96
CA ILE C 170 -24.95 -16.35 6.01
C ILE C 170 -24.35 -16.23 4.63
N PHE C 171 -24.94 -16.93 3.66
CA PHE C 171 -24.34 -17.09 2.35
C PHE C 171 -25.33 -16.97 1.21
N ASN C 172 -26.62 -16.80 1.50
CA ASN C 172 -27.62 -16.55 0.47
C ASN C 172 -27.66 -17.68 -0.56
N LYS C 173 -27.62 -18.93 -0.06
CA LYS C 173 -27.81 -20.14 -0.87
C LYS C 173 -26.61 -20.46 -1.75
N ASN C 174 -25.43 -19.93 -1.41
CA ASN C 174 -24.20 -20.17 -2.17
C ASN C 174 -23.55 -21.44 -1.62
N ILE C 175 -23.84 -22.57 -2.26
CA ILE C 175 -23.31 -23.86 -1.81
C ILE C 175 -21.78 -23.84 -1.78
N ALA C 176 -21.17 -23.25 -2.80
CA ALA C 176 -19.71 -23.15 -2.86
C ALA C 176 -19.14 -22.61 -1.55
N GLN C 177 -19.80 -21.62 -0.94
CA GLN C 177 -19.16 -21.01 0.22
C GLN C 177 -19.50 -21.72 1.51
N TRP C 178 -20.57 -22.50 1.56
CA TRP C 178 -20.73 -23.40 2.69
C TRP C 178 -19.61 -24.42 2.70
N LYS C 179 -19.24 -24.92 1.51
CA LYS C 179 -18.10 -25.83 1.40
C LYS C 179 -16.85 -25.20 1.98
N GLY C 180 -16.65 -23.91 1.73
CA GLY C 180 -15.45 -23.24 2.25
C GLY C 180 -15.54 -23.01 3.74
N PHE C 181 -16.75 -22.73 4.23
CA PHE C 181 -16.95 -22.65 5.68
C PHE C 181 -16.63 -24.00 6.33
N ALA C 182 -16.92 -25.11 5.64
CA ALA C 182 -16.73 -26.42 6.25
C ALA C 182 -15.26 -26.83 6.23
N ASN C 183 -14.55 -26.49 5.15
CA ASN C 183 -13.10 -26.72 5.17
C ASN C 183 -12.40 -25.84 6.19
N ALA C 184 -12.84 -24.58 6.34
CA ALA C 184 -12.19 -23.69 7.31
C ALA C 184 -12.32 -24.24 8.72
N LEU C 185 -13.45 -24.87 9.04
CA LEU C 185 -13.60 -25.49 10.36
C LEU C 185 -12.75 -26.74 10.48
N ARG C 186 -12.63 -27.51 9.40
CA ARG C 186 -11.71 -28.64 9.40
C ARG C 186 -10.30 -28.18 9.71
N LEU C 187 -9.81 -27.18 8.98
CA LEU C 187 -8.52 -26.57 9.27
C LEU C 187 -8.43 -26.23 10.75
N ARG C 188 -9.42 -25.49 11.26
CA ARG C 188 -9.39 -25.05 12.65
C ARG C 188 -9.30 -26.22 13.64
N MET C 189 -10.03 -27.30 13.37
CA MET C 189 -10.04 -28.42 14.31
C MET C 189 -8.89 -29.38 14.04
N TYR C 190 -8.53 -29.57 12.77
CA TYR C 190 -7.36 -30.39 12.46
C TYR C 190 -6.13 -29.89 13.21
N LEU C 191 -5.99 -28.57 13.35
CA LEU C 191 -4.83 -28.06 14.05
C LEU C 191 -4.97 -28.18 15.56
N ARG C 192 -6.20 -28.23 16.08
CA ARG C 192 -6.38 -28.56 17.49
C ARG C 192 -5.81 -29.94 17.82
N PHE C 193 -6.13 -30.94 16.98
CA PHE C 193 -5.60 -32.29 17.20
C PHE C 193 -4.08 -32.32 17.19
N ILE C 194 -3.46 -31.62 16.24
CA ILE C 194 -2.01 -31.71 16.10
C ILE C 194 -1.32 -31.16 17.34
N ASP C 195 -1.69 -29.96 17.78
CA ASP C 195 -1.06 -29.38 18.95
C ASP C 195 -1.49 -30.03 20.25
N ALA C 196 -2.49 -30.92 20.21
CA ALA C 196 -2.80 -31.79 21.34
C ALA C 196 -2.08 -33.11 21.24
N ASN C 197 -1.29 -33.29 20.18
CA ASN C 197 -0.54 -34.52 19.90
C ASN C 197 -1.45 -35.75 20.02
N ILE C 198 -2.56 -35.70 19.29
CA ILE C 198 -3.49 -36.81 19.20
C ILE C 198 -3.67 -37.13 17.73
N ASP C 199 -3.11 -38.26 17.29
CA ASP C 199 -3.11 -38.67 15.88
C ASP C 199 -2.50 -37.58 14.99
N ALA C 200 -1.52 -36.85 15.53
CA ALA C 200 -0.94 -35.72 14.82
C ALA C 200 -0.46 -36.07 13.42
N ALA C 201 0.03 -37.29 13.21
CA ALA C 201 0.61 -37.62 11.91
C ALA C 201 -0.41 -37.44 10.79
N SER C 202 -1.56 -38.11 10.91
CA SER C 202 -2.54 -38.08 9.83
C SER C 202 -3.18 -36.70 9.69
N TYR C 203 -3.60 -36.09 10.80
CA TYR C 203 -4.17 -34.74 10.72
C TYR C 203 -3.18 -33.73 10.18
N THR C 204 -1.88 -34.04 10.22
CA THR C 204 -0.90 -33.18 9.59
C THR C 204 -0.99 -33.28 8.07
N GLU C 205 -1.19 -34.49 7.53
CA GLU C 205 -1.27 -34.59 6.08
C GLU C 205 -2.61 -34.09 5.55
N LYS C 206 -3.69 -34.22 6.33
CA LYS C 206 -4.98 -33.69 5.89
C LYS C 206 -4.97 -32.17 5.88
N VAL C 207 -4.37 -31.54 6.89
CA VAL C 207 -4.29 -30.08 6.92
C VAL C 207 -3.45 -29.56 5.76
N LYS C 208 -2.51 -30.35 5.24
CA LYS C 208 -1.75 -29.89 4.08
C LYS C 208 -2.53 -30.14 2.80
N THR C 209 -3.19 -31.29 2.69
CA THR C 209 -4.10 -31.52 1.58
C THR C 209 -5.19 -30.46 1.53
N LEU C 210 -5.66 -30.03 2.69
CA LEU C 210 -6.68 -28.99 2.77
C LEU C 210 -6.16 -27.68 2.19
N VAL C 211 -4.98 -27.24 2.63
CA VAL C 211 -4.52 -25.89 2.27
C VAL C 211 -4.03 -25.79 0.84
N GLN C 212 -3.61 -26.89 0.21
CA GLN C 212 -3.19 -26.77 -1.17
C GLN C 212 -4.37 -26.83 -2.12
N ASN C 213 -5.50 -27.39 -1.66
CA ASN C 213 -6.74 -27.29 -2.42
C ASN C 213 -7.32 -25.88 -2.40
N ASN C 214 -7.00 -25.10 -1.36
CA ASN C 214 -7.44 -23.72 -1.22
C ASN C 214 -8.95 -23.56 -1.41
N GLU C 215 -9.72 -24.57 -1.03
CA GLU C 215 -11.18 -24.53 -1.21
C GLU C 215 -11.86 -23.96 0.03
N PHE C 216 -11.49 -22.73 0.37
CA PHE C 216 -12.03 -22.08 1.55
C PHE C 216 -13.04 -21.02 1.14
N PHE C 217 -13.56 -20.30 2.13
CA PHE C 217 -14.52 -19.25 1.86
C PHE C 217 -13.79 -17.95 1.51
N THR C 218 -14.44 -17.15 0.65
CA THR C 218 -14.07 -15.77 0.40
C THR C 218 -14.83 -14.85 1.36
N GLY C 219 -14.35 -13.61 1.47
CA GLY C 219 -14.97 -12.71 2.43
C GLY C 219 -14.97 -13.29 3.83
N ASP C 220 -15.99 -12.94 4.61
CA ASP C 220 -16.08 -13.38 5.98
C ASP C 220 -17.29 -14.28 6.17
N VAL C 221 -17.20 -15.20 7.13
CA VAL C 221 -18.37 -15.96 7.56
C VAL C 221 -19.01 -15.18 8.71
N LYS C 222 -20.13 -14.53 8.43
CA LYS C 222 -20.74 -13.62 9.38
C LYS C 222 -22.25 -13.66 9.27
N LEU C 223 -22.94 -13.35 10.36
CA LEU C 223 -24.37 -13.03 10.30
C LEU C 223 -24.43 -11.52 10.32
N ASP C 224 -24.50 -10.93 9.14
CA ASP C 224 -24.62 -9.49 9.02
C ASP C 224 -26.06 -9.25 8.61
N CYS C 225 -26.91 -8.92 9.57
CA CYS C 225 -28.28 -8.58 9.24
C CYS C 225 -28.96 -7.87 10.40
N PHE C 226 -28.18 -7.19 11.22
CA PHE C 226 -28.73 -6.47 12.36
C PHE C 226 -29.09 -5.04 11.99
N LEU C 227 -30.09 -4.50 12.67
CA LEU C 227 -30.47 -3.11 12.57
C LEU C 227 -30.37 -2.44 13.94
N ASP C 228 -30.16 -1.12 13.93
CA ASP C 228 -30.00 -0.35 15.16
C ASP C 228 -31.37 0.08 15.68
N GLU C 229 -32.15 -0.90 16.14
CA GLU C 229 -33.40 -0.47 16.74
C GLU C 229 -33.65 -1.15 18.09
N THR C 230 -34.18 -2.36 18.12
CA THR C 230 -34.59 -2.94 19.39
C THR C 230 -34.87 -4.41 19.16
N ASP C 231 -34.24 -5.26 19.97
CA ASP C 231 -34.24 -6.70 19.78
C ASP C 231 -33.71 -7.12 18.41
N LYS C 232 -32.99 -6.22 17.70
CA LYS C 232 -32.50 -6.51 16.37
C LYS C 232 -31.04 -6.11 16.19
N ARG C 233 -30.34 -5.74 17.26
CA ARG C 233 -28.94 -5.36 17.22
C ARG C 233 -28.02 -6.55 17.39
N ASN C 234 -26.76 -6.35 17.00
CA ASN C 234 -25.62 -7.13 17.45
C ASN C 234 -25.83 -7.50 18.91
N PRO C 235 -25.77 -8.79 19.27
CA PRO C 235 -26.02 -9.17 20.67
C PRO C 235 -25.10 -8.46 21.65
N TRP C 236 -23.79 -8.47 21.40
CA TRP C 236 -22.85 -7.86 22.34
C TRP C 236 -23.18 -6.39 22.56
N TYR C 237 -23.35 -5.64 21.46
CA TYR C 237 -23.74 -4.24 21.56
C TYR C 237 -25.00 -4.06 22.43
N ASN C 238 -26.05 -4.80 22.08
CA ASN C 238 -27.33 -4.65 22.77
C ASN C 238 -27.17 -4.80 24.27
N THR C 239 -26.53 -5.90 24.67
CA THR C 239 -26.26 -6.19 26.08
C THR C 239 -25.41 -5.10 26.73
N ASN C 240 -24.37 -4.64 26.06
CA ASN C 240 -23.41 -3.84 26.78
C ASN C 240 -23.49 -2.36 26.50
N ALA C 241 -24.23 -1.93 25.49
CA ALA C 241 -24.41 -0.50 25.28
C ALA C 241 -25.84 -0.04 25.48
N VAL C 242 -26.81 -0.94 25.36
CA VAL C 242 -28.21 -0.61 25.58
C VAL C 242 -28.70 -1.12 26.93
N GLY C 243 -28.58 -2.43 27.17
CA GLY C 243 -28.99 -3.01 28.45
C GLY C 243 -28.23 -2.46 29.64
N LEU C 244 -26.90 -2.49 29.57
CA LEU C 244 -26.04 -1.99 30.63
C LEU C 244 -25.41 -0.67 30.20
N THR C 245 -24.76 0.01 31.13
CA THR C 245 -23.97 1.14 30.67
C THR C 245 -22.60 0.63 30.22
N GLY C 246 -21.74 1.56 29.78
CA GLY C 246 -20.40 1.20 29.41
C GLY C 246 -19.64 0.51 30.54
N ASN C 247 -19.20 -0.73 30.30
CA ASN C 247 -18.37 -1.46 31.25
C ASN C 247 -16.98 -1.79 30.77
N HIS C 248 -16.66 -1.59 29.48
CA HIS C 248 -15.40 -2.06 28.93
C HIS C 248 -14.40 -0.93 28.71
N CYS C 249 -13.19 -1.09 29.24
CA CYS C 249 -12.05 -0.27 28.85
C CYS C 249 -10.97 -1.14 28.22
N ALA C 250 -10.09 -0.53 27.45
CA ALA C 250 -9.03 -1.31 26.83
C ALA C 250 -8.12 -1.99 27.87
N ALA C 251 -7.71 -3.22 27.58
CA ALA C 251 -6.68 -3.90 28.36
C ALA C 251 -5.28 -3.43 27.96
N TYR C 252 -4.37 -3.52 28.91
CA TYR C 252 -2.96 -3.16 28.78
C TYR C 252 -2.22 -3.94 27.68
N PRO C 253 -2.33 -5.28 27.64
CA PRO C 253 -1.62 -6.00 26.55
C PRO C 253 -1.93 -5.45 25.17
N LEU C 254 -3.21 -5.40 24.80
CA LEU C 254 -3.61 -4.92 23.48
C LEU C 254 -3.08 -3.53 23.22
N VAL C 255 -3.26 -2.61 24.17
CA VAL C 255 -2.90 -1.21 23.91
C VAL C 255 -1.40 -1.06 23.80
N SER C 256 -0.64 -1.79 24.62
CA SER C 256 0.80 -1.65 24.50
C SER C 256 1.31 -2.28 23.22
N TYR C 257 0.69 -3.35 22.74
CA TYR C 257 1.19 -3.99 21.53
C TYR C 257 0.87 -3.15 20.29
N LEU C 258 -0.36 -2.64 20.19
CA LEU C 258 -0.71 -1.82 19.05
C LEU C 258 0.10 -0.53 19.04
N SER C 259 0.32 0.08 20.21
CA SER C 259 1.09 1.31 20.19
C SER C 259 2.57 1.04 19.88
N SER C 260 3.10 -0.11 20.30
CA SER C 260 4.49 -0.47 20.01
C SER C 260 4.73 -0.65 18.53
N THR C 261 3.80 -1.36 17.87
CA THR C 261 3.87 -1.64 16.43
C THR C 261 3.54 -0.42 15.60
N GLY C 262 3.08 0.67 16.20
CA GLY C 262 2.70 1.87 15.49
C GLY C 262 1.51 1.60 14.60
N ASP C 263 0.50 0.93 15.16
CA ASP C 263 -0.60 0.38 14.38
C ASP C 263 -1.73 1.39 14.28
N PRO C 264 -2.18 1.78 13.09
CA PRO C 264 -3.37 2.63 13.00
C PRO C 264 -4.66 1.94 13.41
N ARG C 265 -4.74 0.60 13.37
CA ARG C 265 -5.95 -0.09 13.82
C ARG C 265 -6.31 0.26 15.27
N ILE C 266 -5.38 0.87 16.00
CA ILE C 266 -5.59 1.17 17.42
C ILE C 266 -6.71 2.16 17.63
N ALA C 267 -7.19 2.82 16.58
CA ALA C 267 -8.27 3.77 16.75
C ALA C 267 -9.64 3.13 16.54
N TYR C 268 -9.67 1.88 16.07
CA TYR C 268 -10.90 1.19 15.75
C TYR C 268 -11.37 0.42 16.97
N GLY C 269 -12.45 0.88 17.59
CA GLY C 269 -12.95 0.26 18.80
C GLY C 269 -12.39 0.81 20.09
N ILE C 270 -11.36 1.63 20.03
CA ILE C 270 -10.71 2.17 21.21
C ILE C 270 -10.63 3.69 21.06
N SER C 271 -10.97 4.39 22.14
CA SER C 271 -10.96 5.85 22.17
C SER C 271 -9.79 6.33 23.02
N LYS C 272 -9.28 7.51 22.68
CA LYS C 272 -8.29 8.21 23.50
C LYS C 272 -8.82 8.42 24.92
N THR C 273 -7.92 8.64 25.87
CA THR C 273 -8.34 9.01 27.22
C THR C 273 -8.85 10.44 27.22
N ASP C 274 -9.94 10.68 27.95
CA ASP C 274 -10.42 12.05 28.08
C ASP C 274 -9.48 12.89 28.93
N ALA C 275 -8.74 12.26 29.85
CA ALA C 275 -7.82 12.98 30.73
C ALA C 275 -6.67 13.60 29.95
N ASP C 276 -6.12 12.86 29.01
CA ASP C 276 -4.85 13.26 28.41
C ASP C 276 -4.78 13.07 26.90
N GLY C 277 -5.66 12.27 26.29
CA GLY C 277 -5.64 12.11 24.85
C GLY C 277 -4.72 11.01 24.35
N LYS C 278 -4.39 10.03 25.19
CA LYS C 278 -3.52 8.93 24.81
C LYS C 278 -4.32 7.64 24.80
N TYR C 279 -3.63 6.56 24.42
CA TYR C 279 -4.19 5.22 24.48
C TYR C 279 -3.60 4.54 25.71
N VAL C 280 -4.46 4.19 26.67
CA VAL C 280 -4.06 3.61 27.94
C VAL C 280 -4.90 2.36 28.18
N GLY C 281 -4.25 1.23 28.35
CA GLY C 281 -4.90 0.00 28.78
C GLY C 281 -4.75 -0.18 30.28
N GLN C 282 -5.67 -0.94 30.85
CA GLN C 282 -5.69 -1.32 32.25
C GLN C 282 -5.19 -2.74 32.40
N LEU C 283 -4.30 -2.97 33.38
CA LEU C 283 -3.78 -4.31 33.60
C LEU C 283 -4.91 -5.26 34.05
N PRO C 284 -4.92 -6.49 33.53
CA PRO C 284 -5.99 -7.45 33.86
C PRO C 284 -6.26 -7.58 35.35
N GLY C 285 -7.52 -7.45 35.72
CA GLY C 285 -7.89 -7.59 37.11
C GLY C 285 -7.23 -6.59 38.03
N GLY C 286 -6.79 -5.47 37.48
CA GLY C 286 -6.12 -4.45 38.27
C GLY C 286 -6.90 -3.20 38.55
N LYS C 287 -8.21 -3.17 38.31
CA LYS C 287 -9.01 -2.00 38.62
C LYS C 287 -8.84 -1.56 40.07
N THR C 288 -9.10 -2.47 41.02
CA THR C 288 -9.12 -2.06 42.42
C THR C 288 -7.75 -1.66 42.91
N HIS C 289 -6.70 -2.21 42.28
CA HIS C 289 -5.32 -1.93 42.64
C HIS C 289 -4.86 -0.57 42.12
N MET C 290 -5.29 -0.18 40.92
CA MET C 290 -4.90 1.14 40.43
C MET C 290 -5.57 2.24 41.24
N GLN C 291 -6.84 2.01 41.62
CA GLN C 291 -7.50 2.92 42.55
C GLN C 291 -6.81 2.92 43.92
N SER C 292 -6.35 1.76 44.40
CA SER C 292 -5.63 1.74 45.67
C SER C 292 -4.35 2.56 45.57
N ILE C 293 -3.62 2.40 44.47
CA ILE C 293 -2.27 2.97 44.34
C ILE C 293 -2.34 4.43 43.92
N LEU C 294 -3.17 4.78 42.93
CA LEU C 294 -3.19 6.14 42.40
C LEU C 294 -4.16 7.07 43.10
N GLY C 295 -5.08 6.55 43.92
CA GLY C 295 -6.17 7.34 44.45
C GLY C 295 -7.40 7.33 43.57
N THR C 296 -8.58 7.49 44.21
CA THR C 296 -9.82 7.38 43.47
C THR C 296 -9.91 8.39 42.33
N ASP C 297 -9.39 9.61 42.55
CA ASP C 297 -9.53 10.68 41.58
C ASP C 297 -8.58 10.56 40.40
N ASN C 298 -7.56 9.71 40.49
CA ASN C 298 -6.61 9.57 39.41
C ASN C 298 -6.64 8.19 38.78
N TRP C 299 -7.77 7.50 38.91
CA TRP C 299 -7.99 6.32 38.11
C TRP C 299 -9.51 6.11 38.00
N LYS C 300 -10.15 7.06 37.32
CA LYS C 300 -11.54 7.06 36.88
C LYS C 300 -11.58 6.71 35.39
N ASN C 301 -12.78 6.69 34.81
CA ASN C 301 -12.85 6.44 33.37
C ASN C 301 -12.05 7.46 32.60
N LYS C 302 -11.96 8.68 33.12
CA LYS C 302 -11.19 9.75 32.51
C LYS C 302 -9.79 9.31 32.14
N ASN C 303 -9.17 8.44 32.96
CA ASN C 303 -7.76 8.10 32.84
C ASN C 303 -7.49 6.84 32.03
N VAL C 304 -8.52 6.18 31.51
CA VAL C 304 -8.31 4.92 30.82
C VAL C 304 -9.09 4.96 29.52
N SER C 305 -8.57 4.28 28.51
CA SER C 305 -9.13 4.42 27.18
C SER C 305 -10.34 3.49 27.07
N ALA C 306 -11.49 4.07 26.73
CA ALA C 306 -12.75 3.36 26.69
C ALA C 306 -12.87 2.55 25.40
N ILE C 307 -13.50 1.37 25.51
CA ILE C 307 -13.96 0.69 24.31
C ILE C 307 -15.10 1.47 23.69
N ASP C 308 -15.04 1.67 22.38
CA ASP C 308 -16.03 2.46 21.65
C ASP C 308 -17.15 1.54 21.17
N TYR C 309 -18.36 1.81 21.63
CA TYR C 309 -19.49 1.01 21.24
C TYR C 309 -20.14 1.47 19.94
N SER C 310 -19.88 2.70 19.51
CA SER C 310 -20.66 3.27 18.42
C SER C 310 -20.49 2.48 17.13
N ILE C 311 -19.41 1.72 16.95
CA ILE C 311 -19.25 0.91 15.75
C ILE C 311 -19.95 -0.43 15.88
N GLY C 312 -20.69 -0.66 16.95
CA GLY C 312 -21.17 -2.01 17.17
C GLY C 312 -22.65 -2.25 17.01
N ALA C 313 -23.44 -1.19 16.96
CA ALA C 313 -24.90 -1.30 16.91
C ALA C 313 -25.36 -2.28 15.84
N THR C 314 -24.81 -2.19 14.63
CA THR C 314 -25.22 -3.08 13.55
C THR C 314 -24.11 -3.98 13.08
N LYS C 315 -23.04 -4.10 13.89
CA LYS C 315 -21.86 -4.86 13.52
C LYS C 315 -22.21 -6.33 13.35
N PRO C 316 -21.66 -7.00 12.35
CA PRO C 316 -22.00 -8.41 12.15
C PRO C 316 -21.46 -9.24 13.29
N VAL C 317 -21.79 -10.52 13.26
CA VAL C 317 -21.31 -11.51 14.22
C VAL C 317 -20.54 -12.52 13.40
N TYR C 318 -19.26 -12.71 13.73
CA TYR C 318 -18.35 -13.47 12.87
C TYR C 318 -18.23 -14.88 13.40
N PHE C 319 -18.31 -15.86 12.50
CA PHE C 319 -17.98 -17.23 12.83
C PHE C 319 -16.58 -17.59 12.39
N PHE C 320 -16.12 -17.01 11.27
CA PHE C 320 -14.79 -17.30 10.74
C PHE C 320 -14.36 -16.10 9.89
N THR C 321 -13.52 -15.22 10.46
CA THR C 321 -13.00 -14.10 9.68
C THR C 321 -12.01 -14.62 8.65
N GLN C 322 -11.84 -13.85 7.56
CA GLN C 322 -10.89 -14.20 6.50
C GLN C 322 -9.45 -13.97 6.92
N ALA C 323 -9.20 -12.89 7.67
CA ALA C 323 -7.88 -12.71 8.26
C ALA C 323 -7.48 -13.96 9.04
N GLU C 324 -8.38 -14.48 9.87
CA GLU C 324 -8.07 -15.67 10.64
C GLU C 324 -7.81 -16.86 9.73
N LEU C 325 -8.62 -17.01 8.68
CA LEU C 325 -8.38 -18.10 7.75
C LEU C 325 -6.95 -18.05 7.20
N GLN C 326 -6.52 -16.89 6.70
CA GLN C 326 -5.20 -16.81 6.06
C GLN C 326 -4.10 -17.07 7.08
N PHE C 327 -4.24 -16.49 8.28
CA PHE C 327 -3.26 -16.69 9.34
C PHE C 327 -3.12 -18.16 9.71
N LEU C 328 -4.19 -18.95 9.55
CA LEU C 328 -4.06 -20.39 9.80
C LEU C 328 -3.29 -21.07 8.67
N ILE C 329 -3.56 -20.70 7.41
CA ILE C 329 -2.78 -21.27 6.31
C ILE C 329 -1.32 -20.83 6.41
N ALA C 330 -1.09 -19.53 6.63
CA ALA C 330 0.26 -19.03 6.86
C ALA C 330 0.99 -19.84 7.92
N GLU C 331 0.25 -20.35 8.90
CA GLU C 331 0.86 -21.25 9.87
C GLU C 331 1.15 -22.62 9.26
N VAL C 332 0.19 -23.20 8.54
CA VAL C 332 0.38 -24.52 7.95
C VAL C 332 1.55 -24.52 6.97
N TYR C 333 1.67 -23.46 6.15
CA TYR C 333 2.80 -23.35 5.25
C TYR C 333 4.10 -23.25 6.04
N ALA C 334 4.17 -22.28 6.96
CA ALA C 334 5.39 -21.97 7.70
C ALA C 334 5.89 -23.13 8.53
N ARG C 335 5.07 -24.17 8.72
CA ARG C 335 5.33 -25.12 9.79
C ARG C 335 5.22 -26.57 9.37
N PHE C 336 4.51 -26.91 8.29
CA PHE C 336 4.37 -28.31 7.88
C PHE C 336 4.75 -28.54 6.42
N HIS C 337 4.46 -27.60 5.54
CA HIS C 337 5.32 -27.41 4.39
C HIS C 337 6.56 -26.64 4.84
N ASN C 338 7.44 -26.31 3.93
CA ASN C 338 8.50 -25.35 4.24
C ASN C 338 8.56 -24.41 3.06
N ASP C 339 7.58 -23.51 3.06
CA ASP C 339 7.21 -22.67 1.93
C ASP C 339 7.10 -21.23 2.40
N ASP C 340 8.22 -20.69 2.88
CA ASP C 340 8.30 -19.31 3.35
C ASP C 340 7.56 -18.36 2.42
N ALA C 341 7.81 -18.46 1.11
CA ALA C 341 7.19 -17.55 0.15
C ALA C 341 5.68 -17.58 0.24
N ASN C 342 5.10 -18.78 0.42
CA ASN C 342 3.66 -18.92 0.55
C ASN C 342 3.17 -18.51 1.93
N ALA C 343 3.88 -18.91 2.99
CA ALA C 343 3.51 -18.48 4.35
C ALA C 343 3.41 -16.96 4.42
N LYS C 344 4.46 -16.28 3.96
CA LYS C 344 4.46 -14.82 3.88
C LYS C 344 3.26 -14.30 3.07
N SER C 345 2.92 -15.02 2.00
CA SER C 345 1.76 -14.65 1.19
C SER C 345 0.47 -14.68 2.01
N ALA C 346 0.25 -15.77 2.75
CA ALA C 346 -0.97 -15.86 3.53
C ALA C 346 -0.90 -14.97 4.76
N TYR C 347 0.31 -14.75 5.32
CA TYR C 347 0.43 -13.80 6.42
C TYR C 347 0.02 -12.40 5.97
N GLU C 348 0.56 -11.94 4.84
CA GLU C 348 0.19 -10.61 4.35
C GLU C 348 -1.25 -10.57 3.87
N ALA C 349 -1.77 -11.68 3.34
CA ALA C 349 -3.21 -11.76 3.08
C ALA C 349 -4.01 -11.51 4.35
N GLY C 350 -3.48 -11.94 5.50
CA GLY C 350 -4.20 -11.78 6.75
C GLY C 350 -4.18 -10.34 7.24
N VAL C 351 -3.02 -9.70 7.22
CA VAL C 351 -2.93 -8.34 7.73
C VAL C 351 -3.77 -7.39 6.87
N THR C 352 -3.78 -7.60 5.55
CA THR C 352 -4.51 -6.70 4.66
C THR C 352 -5.99 -6.99 4.62
N ALA C 353 -6.40 -8.23 4.92
CA ALA C 353 -7.82 -8.48 5.13
C ALA C 353 -8.33 -7.69 6.32
N ASP C 354 -7.68 -7.86 7.48
CA ASP C 354 -8.15 -7.19 8.68
C ASP C 354 -7.99 -5.68 8.58
N PHE C 355 -6.99 -5.20 7.83
CA PHE C 355 -6.86 -3.76 7.62
C PHE C 355 -8.01 -3.19 6.81
N ALA C 356 -8.55 -3.95 5.87
CA ALA C 356 -9.68 -3.45 5.08
C ALA C 356 -10.96 -3.46 5.89
N VAL C 357 -11.20 -4.50 6.70
CA VAL C 357 -12.45 -4.60 7.44
C VAL C 357 -12.61 -3.41 8.39
N ARG C 358 -11.57 -3.04 9.11
CA ARG C 358 -11.69 -1.92 10.04
C ARG C 358 -11.64 -0.55 9.36
N GLY C 359 -11.53 -0.50 8.03
CA GLY C 359 -11.53 0.80 7.37
C GLY C 359 -10.16 1.45 7.31
N PHE C 360 -9.12 0.68 7.05
CA PHE C 360 -7.78 1.20 6.95
C PHE C 360 -7.08 0.60 5.72
N ALA C 361 -7.85 0.27 4.69
CA ALA C 361 -7.26 -0.23 3.45
C ALA C 361 -6.29 0.80 2.91
N GLY C 362 -5.13 0.31 2.47
CA GLY C 362 -4.03 1.16 2.07
C GLY C 362 -2.97 1.37 3.14
N GLN C 363 -3.22 0.93 4.38
CA GLN C 363 -2.35 1.27 5.50
C GLN C 363 -1.70 0.07 6.17
N GLU C 364 -1.83 -1.13 5.58
CA GLU C 364 -1.09 -2.28 6.08
C GLU C 364 0.41 -2.05 6.02
N ASN C 365 0.87 -1.11 5.19
CA ASN C 365 2.29 -0.76 5.11
C ASN C 365 2.92 -0.53 6.49
N THR C 366 2.13 -0.05 7.46
CA THR C 366 2.70 0.39 8.74
C THR C 366 3.11 -0.76 9.66
N ILE C 367 2.61 -1.97 9.42
CA ILE C 367 3.15 -3.15 10.07
C ILE C 367 3.65 -4.20 9.08
N LEU C 368 3.39 -4.05 7.78
CA LEU C 368 3.89 -5.04 6.82
C LEU C 368 5.27 -4.70 6.29
N GLU C 369 5.63 -3.41 6.23
CA GLU C 369 6.92 -2.96 5.73
C GLU C 369 7.58 -1.98 6.70
N GLY C 370 7.37 -2.17 8.01
CA GLY C 370 7.69 -1.12 8.96
C GLY C 370 8.71 -1.45 10.04
N ALA C 371 8.80 -2.73 10.39
CA ALA C 371 9.72 -3.30 11.38
C ALA C 371 9.26 -4.72 11.66
N CYS C 372 8.17 -4.87 12.42
CA CYS C 372 7.49 -6.15 12.57
C CYS C 372 7.03 -6.66 11.20
N ALA C 373 7.99 -6.83 10.30
CA ALA C 373 7.77 -7.23 8.93
C ALA C 373 8.36 -8.61 8.73
N TRP C 374 7.77 -9.38 7.81
CA TRP C 374 8.10 -10.80 7.67
C TRP C 374 9.59 -11.07 7.56
N SER C 375 10.40 -10.03 7.38
CA SER C 375 11.84 -10.23 7.15
C SER C 375 12.70 -9.78 8.31
N ALA C 376 12.22 -8.87 9.15
CA ALA C 376 12.96 -8.51 10.36
C ALA C 376 12.75 -9.61 11.41
N ALA C 377 12.60 -10.83 10.93
CA ALA C 377 12.26 -11.99 11.75
C ALA C 377 13.14 -13.13 11.24
N SER C 378 14.16 -13.49 12.02
CA SER C 378 15.17 -14.43 11.54
C SER C 378 14.77 -15.88 11.81
N THR C 379 14.36 -16.18 13.04
CA THR C 379 13.96 -17.54 13.35
C THR C 379 12.63 -17.86 12.68
N GLN C 380 12.39 -19.14 12.48
CA GLN C 380 11.07 -19.56 12.05
C GLN C 380 10.06 -19.40 13.18
N ALA C 381 10.51 -19.39 14.44
CA ALA C 381 9.62 -19.11 15.56
C ALA C 381 9.28 -17.62 15.67
N ASP C 382 10.21 -16.71 15.32
CA ASP C 382 9.86 -15.29 15.31
C ASP C 382 8.78 -14.99 14.28
N LYS C 383 8.70 -15.80 13.23
CA LYS C 383 7.70 -15.58 12.21
C LYS C 383 6.38 -16.23 12.57
N LEU C 384 6.41 -17.40 13.22
CA LEU C 384 5.18 -17.91 13.83
C LEU C 384 4.72 -16.99 14.94
N ASN C 385 5.68 -16.40 15.67
CA ASN C 385 5.32 -15.36 16.62
C ASN C 385 4.59 -14.22 15.93
N LEU C 386 5.03 -13.87 14.72
CA LEU C 386 4.41 -12.79 13.98
C LEU C 386 2.99 -13.16 13.56
N ILE C 387 2.80 -14.40 13.09
CA ILE C 387 1.49 -14.84 12.67
C ILE C 387 0.52 -14.85 13.84
N TYR C 388 0.92 -15.42 14.97
CA TYR C 388 -0.02 -15.53 16.09
C TYR C 388 -0.36 -14.17 16.68
N MET C 389 0.58 -13.23 16.69
CA MET C 389 0.26 -11.93 17.26
C MET C 389 -0.66 -11.13 16.35
N GLN C 390 -0.50 -11.26 15.04
CA GLN C 390 -1.37 -10.54 14.13
C GLN C 390 -2.72 -11.24 13.95
N LYS C 391 -2.75 -12.57 14.09
CA LYS C 391 -4.02 -13.26 14.29
C LYS C 391 -4.75 -12.72 15.51
N TRP C 392 -4.00 -12.45 16.58
CA TRP C 392 -4.59 -11.97 17.83
C TRP C 392 -5.18 -10.57 17.66
N VAL C 393 -4.46 -9.67 16.98
CA VAL C 393 -5.01 -8.35 16.71
C VAL C 393 -6.24 -8.45 15.82
N SER C 394 -6.13 -9.21 14.73
CA SER C 394 -7.22 -9.30 13.77
C SER C 394 -8.50 -9.84 14.38
N LEU C 395 -8.41 -10.51 15.53
CA LEU C 395 -9.60 -11.08 16.17
C LEU C 395 -10.24 -10.15 17.19
N PHE C 396 -9.55 -9.09 17.61
CA PHE C 396 -10.19 -8.10 18.49
C PHE C 396 -11.36 -7.46 17.78
N TYR C 397 -12.49 -7.38 18.49
CA TYR C 397 -13.76 -6.80 17.99
C TYR C 397 -14.30 -7.55 16.77
N MET C 398 -14.17 -8.88 16.75
CA MET C 398 -14.60 -9.68 15.60
C MET C 398 -15.12 -11.04 16.04
N ASP C 399 -14.25 -11.86 16.64
CA ASP C 399 -14.55 -13.23 17.07
C ASP C 399 -13.67 -13.47 18.30
N HIS C 400 -14.19 -13.09 19.47
CA HIS C 400 -13.41 -13.20 20.68
C HIS C 400 -13.30 -14.62 21.19
N MET C 401 -14.34 -15.45 21.00
CA MET C 401 -14.23 -16.84 21.43
C MET C 401 -13.05 -17.52 20.76
N GLU C 402 -12.89 -17.31 19.45
CA GLU C 402 -11.84 -17.97 18.69
C GLU C 402 -10.47 -17.45 19.07
N ALA C 403 -10.37 -16.17 19.47
CA ALA C 403 -9.08 -15.63 19.89
C ALA C 403 -8.58 -16.37 21.13
N TRP C 404 -9.41 -16.42 22.19
CA TRP C 404 -9.09 -17.15 23.41
C TRP C 404 -8.70 -18.60 23.15
N SER C 405 -9.44 -19.30 22.28
CA SER C 405 -9.09 -20.70 22.05
C SER C 405 -7.80 -20.83 21.30
N GLU C 406 -7.51 -19.91 20.39
CA GLU C 406 -6.23 -19.98 19.71
C GLU C 406 -5.09 -19.51 20.61
N ILE C 407 -5.36 -18.55 21.49
CA ILE C 407 -4.39 -18.24 22.56
C ILE C 407 -4.08 -19.50 23.35
N ARG C 408 -5.08 -20.35 23.60
CA ARG C 408 -4.81 -21.54 24.40
C ARG C 408 -3.98 -22.56 23.61
N ARG C 409 -4.23 -22.69 22.30
CA ARG C 409 -3.59 -23.73 21.50
C ARG C 409 -2.14 -23.40 21.22
N THR C 410 -1.87 -22.20 20.70
CA THR C 410 -0.51 -21.76 20.40
C THR C 410 0.22 -21.18 21.59
N ASP C 411 -0.50 -20.85 22.66
CA ASP C 411 0.08 -20.19 23.83
C ASP C 411 0.89 -18.96 23.43
N CYS C 412 0.54 -18.37 22.28
CA CYS C 412 1.07 -17.08 21.86
C CYS C 412 -0.11 -16.13 21.57
N PRO C 413 -0.19 -14.97 22.26
CA PRO C 413 0.80 -14.32 23.13
C PRO C 413 1.18 -15.17 24.33
N LYS C 414 2.45 -15.09 24.72
CA LYS C 414 2.93 -15.80 25.89
C LYS C 414 2.44 -15.11 27.15
N LEU C 415 2.54 -15.82 28.27
CA LEU C 415 2.26 -15.23 29.57
C LEU C 415 3.53 -14.55 30.10
N SER C 416 3.39 -13.29 30.52
CA SER C 416 4.54 -12.55 31.01
C SER C 416 5.09 -13.18 32.29
N SER C 417 6.42 -13.22 32.38
CA SER C 417 7.07 -13.61 33.62
C SER C 417 6.80 -12.62 34.75
N TYR C 418 6.48 -11.37 34.42
CA TYR C 418 6.29 -10.34 35.41
C TYR C 418 4.82 -10.23 35.79
N SER C 419 4.57 -10.07 37.08
CA SER C 419 3.24 -9.95 37.65
C SER C 419 2.68 -8.55 37.42
N ALA C 420 1.36 -8.43 37.54
CA ALA C 420 0.70 -7.15 37.36
C ALA C 420 1.37 -6.06 38.19
N ALA C 421 1.65 -6.36 39.47
CA ALA C 421 2.16 -5.34 40.37
C ALA C 421 3.57 -4.91 39.98
N GLN C 422 4.36 -5.82 39.42
CA GLN C 422 5.69 -5.46 38.93
C GLN C 422 5.61 -4.62 37.66
N ILE C 423 4.83 -5.10 36.68
CA ILE C 423 4.65 -4.37 35.42
C ILE C 423 4.22 -2.94 35.69
N GLN C 424 3.41 -2.73 36.73
CA GLN C 424 2.93 -1.38 37.04
C GLN C 424 4.04 -0.52 37.63
N ALA C 425 4.95 -1.13 38.38
CA ALA C 425 5.98 -0.38 39.10
C ALA C 425 7.06 0.13 38.16
N SER C 426 7.41 -0.64 37.14
CA SER C 426 8.35 -0.22 36.11
C SER C 426 7.97 -0.95 34.84
N GLU C 427 7.41 -0.21 33.88
CA GLU C 427 6.87 -0.82 32.67
C GLU C 427 7.96 -1.39 31.75
N SER C 428 9.23 -1.00 31.96
CA SER C 428 10.29 -1.42 31.05
C SER C 428 10.46 -2.93 31.05
N VAL C 429 10.10 -3.60 32.15
CA VAL C 429 10.24 -5.04 32.24
C VAL C 429 9.32 -5.74 31.26
N TYR C 430 8.26 -5.08 30.86
CA TYR C 430 7.18 -5.69 30.09
C TYR C 430 7.50 -5.63 28.59
N THR C 431 7.38 -6.77 27.91
CA THR C 431 7.45 -6.76 26.45
C THR C 431 6.05 -6.62 25.86
N PRO C 432 5.77 -5.57 25.11
CA PRO C 432 4.38 -5.29 24.72
C PRO C 432 3.79 -6.46 23.95
N GLY C 433 2.63 -6.91 24.39
CA GLY C 433 1.86 -7.92 23.70
C GLY C 433 1.64 -9.20 24.47
N GLU C 434 2.40 -9.47 25.52
CA GLU C 434 2.18 -10.72 26.22
C GLU C 434 1.19 -10.51 27.35
N LEU C 435 0.46 -11.58 27.65
CA LEU C 435 -0.63 -11.51 28.60
C LEU C 435 -0.10 -11.35 30.02
N VAL C 436 -0.96 -10.89 30.91
CA VAL C 436 -0.62 -10.63 32.30
C VAL C 436 -1.64 -11.35 33.17
N ALA C 437 -1.17 -12.22 34.05
CA ALA C 437 -2.09 -12.92 34.93
C ALA C 437 -2.76 -11.92 35.86
N PRO C 438 -4.08 -12.00 36.04
CA PRO C 438 -4.82 -10.92 36.72
C PRO C 438 -4.20 -10.54 38.06
N TRP C 439 -4.25 -9.24 38.36
CA TRP C 439 -3.67 -8.72 39.59
C TRP C 439 -4.29 -9.36 40.83
N THR C 440 -5.61 -9.33 40.97
CA THR C 440 -6.27 -10.28 41.86
C THR C 440 -6.77 -11.43 41.00
N ASN C 441 -6.49 -12.65 41.44
CA ASN C 441 -6.76 -13.85 40.67
C ASN C 441 -7.39 -14.88 41.59
N GLY C 442 -8.66 -15.18 41.34
CA GLY C 442 -9.34 -16.24 42.03
C GLY C 442 -8.96 -17.65 41.62
N LEU C 443 -7.94 -17.85 40.80
CA LEU C 443 -7.48 -19.20 40.51
C LEU C 443 -6.44 -19.61 41.56
N GLU C 444 -6.78 -20.64 42.34
CA GLU C 444 -5.86 -21.12 43.36
C GLU C 444 -4.50 -21.46 42.75
N ALA C 445 -4.47 -21.88 41.48
CA ALA C 445 -3.24 -22.25 40.82
C ALA C 445 -2.65 -21.13 39.97
N GLY C 446 -3.11 -19.89 40.13
CA GLY C 446 -2.69 -18.74 39.33
C GLY C 446 -2.72 -18.96 37.82
N GLY C 447 -2.00 -18.07 37.12
CA GLY C 447 -1.98 -18.14 35.67
C GLY C 447 -3.24 -17.56 35.02
N LEU C 448 -3.49 -18.00 33.80
CA LEU C 448 -4.59 -17.53 32.96
C LEU C 448 -5.75 -18.52 32.91
N MET C 449 -6.92 -18.00 32.54
CA MET C 449 -8.13 -18.80 32.40
C MET C 449 -7.97 -19.82 31.28
N LYS C 450 -8.34 -21.07 31.56
CA LYS C 450 -8.14 -22.17 30.62
C LYS C 450 -9.43 -22.80 30.11
N ARG C 451 -10.57 -22.58 30.78
CA ARG C 451 -11.83 -23.19 30.45
C ARG C 451 -12.91 -22.44 31.20
N MET C 452 -14.15 -22.74 30.87
CA MET C 452 -15.32 -22.15 31.51
C MET C 452 -16.03 -23.20 32.35
N THR C 453 -16.70 -22.75 33.42
CA THR C 453 -17.46 -23.59 34.33
C THR C 453 -18.52 -24.39 33.59
N TYR C 454 -18.96 -25.54 34.12
CA TYR C 454 -20.13 -26.18 33.55
C TYR C 454 -21.38 -25.34 33.85
N PRO C 455 -22.39 -25.40 32.98
CA PRO C 455 -23.62 -24.65 33.24
C PRO C 455 -24.28 -25.13 34.52
N LEU C 456 -24.68 -24.18 35.37
CA LEU C 456 -25.43 -24.53 36.57
C LEU C 456 -26.71 -25.26 36.22
N SER C 457 -27.33 -24.94 35.08
CA SER C 457 -28.53 -25.67 34.68
C SER C 457 -28.20 -27.14 34.46
N ALA C 458 -27.13 -27.42 33.71
CA ALA C 458 -26.72 -28.81 33.56
C ALA C 458 -26.35 -29.44 34.90
N ARG C 459 -25.71 -28.66 35.79
CA ARG C 459 -25.30 -29.23 37.08
C ARG C 459 -26.52 -29.72 37.86
N GLN C 460 -27.55 -28.88 37.97
CA GLN C 460 -28.67 -29.16 38.86
C GLN C 460 -29.65 -30.19 38.30
N GLN C 461 -29.75 -30.36 36.98
CA GLN C 461 -30.75 -31.27 36.44
C GLN C 461 -30.18 -32.46 35.67
N ASN C 462 -28.85 -32.59 35.55
CA ASN C 462 -28.23 -33.70 34.83
C ASN C 462 -27.20 -34.32 35.76
N VAL C 463 -27.51 -35.51 36.28
CA VAL C 463 -26.65 -36.12 37.28
C VAL C 463 -25.27 -36.41 36.69
N ASN C 464 -25.19 -36.56 35.37
CA ASN C 464 -23.98 -37.02 34.70
C ASN C 464 -23.07 -35.88 34.26
N THR C 465 -23.37 -34.65 34.63
CA THR C 465 -22.50 -33.54 34.28
C THR C 465 -21.20 -33.68 35.05
N PRO C 466 -20.05 -33.66 34.37
CA PRO C 466 -18.76 -33.82 35.06
C PRO C 466 -18.61 -32.89 36.25
N ALA C 467 -17.90 -33.35 37.28
CA ALA C 467 -17.69 -32.54 38.46
C ALA C 467 -16.93 -31.26 38.10
N GLY C 468 -17.40 -30.14 38.64
CA GLY C 468 -16.75 -28.85 38.50
C GLY C 468 -15.27 -28.86 38.81
N VAL C 469 -14.44 -28.56 37.81
CA VAL C 469 -13.01 -28.36 38.04
C VAL C 469 -12.76 -26.86 38.10
N PRO C 470 -11.60 -26.41 38.56
CA PRO C 470 -11.34 -24.97 38.58
C PRO C 470 -10.97 -24.47 37.18
N GLY C 471 -11.15 -23.17 37.01
CA GLY C 471 -10.91 -22.52 35.71
C GLY C 471 -9.51 -22.66 35.17
N SER C 472 -8.58 -23.15 35.99
CA SER C 472 -7.19 -23.40 35.59
C SER C 472 -7.02 -24.75 34.93
N THR C 473 -8.05 -25.65 34.97
CA THR C 473 -7.69 -26.89 34.33
C THR C 473 -7.95 -26.76 32.83
N PRO C 474 -7.02 -27.22 32.00
CA PRO C 474 -7.16 -27.00 30.56
C PRO C 474 -8.16 -27.96 29.92
N VAL C 475 -8.70 -27.52 28.79
CA VAL C 475 -9.53 -28.37 27.94
C VAL C 475 -8.64 -29.41 27.26
N TRP C 476 -9.27 -30.41 26.63
CA TRP C 476 -8.55 -31.61 26.22
C TRP C 476 -7.50 -31.35 25.14
N TRP C 477 -7.60 -30.26 24.39
CA TRP C 477 -6.59 -30.01 23.38
C TRP C 477 -5.54 -28.98 23.79
N ASP C 478 -5.74 -28.22 24.87
CA ASP C 478 -4.66 -27.39 25.39
C ASP C 478 -3.76 -28.24 26.27
N ILE C 479 -2.57 -28.58 25.77
CA ILE C 479 -1.67 -29.45 26.51
C ILE C 479 -0.40 -28.74 26.96
N LYS C 480 -0.28 -27.43 26.73
CA LYS C 480 0.76 -26.60 27.38
C LYS C 480 0.27 -25.15 27.58
N GLU D 37 -76.28 -25.62 60.62
CA GLU D 37 -75.38 -25.74 59.47
C GLU D 37 -73.92 -25.69 59.91
N LYS D 38 -73.69 -25.53 61.23
CA LYS D 38 -72.41 -25.89 61.81
C LYS D 38 -72.36 -27.38 62.18
N ALA D 39 -73.03 -28.20 61.37
CA ALA D 39 -72.79 -29.64 61.23
C ALA D 39 -71.57 -29.87 60.32
N LEU D 40 -70.63 -28.94 60.34
CA LEU D 40 -69.52 -28.96 59.42
C LEU D 40 -68.43 -29.88 59.95
N GLY D 41 -67.85 -30.68 59.07
CA GLY D 41 -66.93 -31.69 59.52
C GLY D 41 -65.47 -31.29 59.46
N TYR D 42 -65.19 -29.99 59.41
CA TYR D 42 -63.84 -29.48 59.25
C TYR D 42 -63.81 -28.00 59.64
N ALA D 43 -62.60 -27.47 59.80
CA ALA D 43 -62.46 -26.12 60.33
C ALA D 43 -62.96 -25.08 59.35
N ALA D 44 -63.60 -24.04 59.90
CA ALA D 44 -63.97 -22.85 59.14
C ALA D 44 -64.07 -21.70 60.15
N THR D 45 -64.04 -20.48 59.65
CA THR D 45 -64.17 -19.34 60.53
C THR D 45 -65.15 -18.36 59.95
N SER D 46 -66.00 -17.81 60.80
CA SER D 46 -67.02 -16.86 60.37
C SER D 46 -66.72 -15.51 60.96
N VAL D 47 -66.78 -14.50 60.12
CA VAL D 47 -66.59 -13.11 60.48
C VAL D 47 -67.83 -12.36 60.01
N GLY D 48 -68.39 -11.54 60.89
CA GLY D 48 -69.49 -10.69 60.51
C GLY D 48 -68.97 -9.43 59.84
N GLY D 49 -69.82 -8.87 58.97
CA GLY D 49 -69.41 -7.71 58.20
C GLY D 49 -68.97 -6.55 59.06
N GLU D 50 -69.54 -6.42 60.26
CA GLU D 50 -69.24 -5.25 61.08
C GLU D 50 -67.75 -5.17 61.37
N LYS D 51 -67.11 -6.33 61.60
CA LYS D 51 -65.68 -6.37 61.85
C LYS D 51 -64.85 -6.27 60.57
N ILE D 52 -65.38 -6.73 59.44
CA ILE D 52 -64.67 -6.57 58.19
C ILE D 52 -64.59 -5.11 57.81
N ALA D 53 -65.72 -4.41 57.91
CA ALA D 53 -65.83 -3.02 57.51
C ALA D 53 -65.10 -2.06 58.45
N GLU D 54 -64.91 -2.44 59.71
CA GLU D 54 -64.61 -1.45 60.74
C GLU D 54 -63.19 -0.92 60.62
N SER D 55 -62.28 -1.69 60.02
CA SER D 55 -60.92 -1.21 59.74
C SER D 55 -60.87 -0.19 58.63
N ARG D 56 -62.01 0.00 57.93
CA ARG D 56 -62.16 0.97 56.85
C ARG D 56 -61.12 0.76 55.75
N THR D 57 -60.71 -0.49 55.54
CA THR D 57 -59.73 -0.77 54.52
C THR D 57 -60.40 -0.76 53.15
N SER D 58 -59.64 -0.32 52.14
CA SER D 58 -60.15 -0.33 50.78
C SER D 58 -60.57 -1.73 50.34
N ASP D 59 -60.02 -2.75 50.97
CA ASP D 59 -60.12 -4.13 50.51
C ASP D 59 -60.73 -4.98 51.61
N VAL D 60 -61.33 -6.11 51.21
CA VAL D 60 -62.09 -6.89 52.17
C VAL D 60 -61.19 -7.72 53.09
N MET D 61 -60.05 -8.21 52.60
CA MET D 61 -59.31 -9.23 53.31
C MET D 61 -58.10 -8.73 54.08
N SER D 62 -57.65 -7.49 53.88
CA SER D 62 -56.42 -7.08 54.55
C SER D 62 -56.66 -6.71 56.02
N SER D 63 -57.89 -6.38 56.39
CA SER D 63 -58.21 -6.20 57.81
C SER D 63 -58.13 -7.51 58.58
N LEU D 64 -58.16 -8.66 57.89
CA LEU D 64 -58.15 -9.97 58.53
C LEU D 64 -56.76 -10.53 58.75
N ALA D 65 -55.70 -9.80 58.38
CA ALA D 65 -54.34 -10.31 58.52
C ALA D 65 -54.02 -10.63 59.98
N GLY D 66 -53.67 -11.88 60.24
CA GLY D 66 -53.31 -12.29 61.57
C GLY D 66 -54.45 -12.54 62.53
N LYS D 67 -55.68 -12.64 62.05
CA LYS D 67 -56.82 -12.85 62.93
C LYS D 67 -57.48 -14.21 62.78
N ILE D 68 -57.10 -15.02 61.80
CA ILE D 68 -57.70 -16.32 61.54
C ILE D 68 -56.58 -17.36 61.51
N ALA D 69 -56.74 -18.43 62.28
CA ALA D 69 -55.77 -19.52 62.26
C ALA D 69 -55.73 -20.18 60.89
N GLY D 70 -54.52 -20.41 60.38
CA GLY D 70 -54.36 -21.12 59.12
C GLY D 70 -54.60 -20.29 57.88
N VAL D 71 -54.91 -19.01 58.02
CA VAL D 71 -55.18 -18.14 56.90
C VAL D 71 -54.09 -17.06 56.89
N GLN D 72 -53.12 -17.22 56.01
CA GLN D 72 -52.00 -16.32 55.93
C GLN D 72 -52.33 -15.23 54.92
N ILE D 73 -52.37 -13.97 55.39
CA ILE D 73 -52.89 -12.85 54.61
C ILE D 73 -51.89 -11.70 54.69
N SER D 74 -51.34 -11.31 53.54
CA SER D 74 -50.33 -10.27 53.48
C SER D 74 -50.53 -9.44 52.23
N SER D 75 -50.21 -8.16 52.34
CA SER D 75 -50.25 -7.28 51.18
C SER D 75 -48.89 -7.31 50.48
N THR D 76 -48.91 -7.11 49.17
CA THR D 76 -47.64 -7.04 48.44
C THR D 76 -46.87 -5.77 48.78
N SER D 77 -47.57 -4.67 49.06
CA SER D 77 -46.90 -3.43 49.42
C SER D 77 -47.95 -2.47 49.99
N SER D 78 -47.49 -1.30 50.40
CA SER D 78 -48.36 -0.24 50.86
C SER D 78 -48.75 0.71 49.74
N ASP D 79 -48.23 0.47 48.54
CA ASP D 79 -48.65 1.22 47.37
C ASP D 79 -50.15 1.07 47.16
N PRO D 80 -50.86 2.19 46.96
CA PRO D 80 -52.32 2.14 46.80
C PRO D 80 -52.76 1.27 45.63
N GLY D 81 -53.79 0.45 45.89
CA GLY D 81 -54.30 -0.48 44.91
C GLY D 81 -53.54 -1.78 44.73
N ALA D 82 -52.56 -2.06 45.57
CA ALA D 82 -51.77 -3.27 45.42
C ALA D 82 -52.60 -4.53 45.71
N SER D 83 -52.10 -5.67 45.22
CA SER D 83 -52.72 -6.95 45.49
C SER D 83 -52.58 -7.34 46.96
N ASN D 84 -53.38 -8.32 47.35
CA ASN D 84 -53.27 -8.98 48.66
C ASN D 84 -53.10 -10.47 48.43
N SER D 85 -52.26 -11.07 49.26
CA SER D 85 -51.99 -12.50 49.21
C SER D 85 -52.81 -13.16 50.28
N VAL D 86 -53.40 -14.30 49.94
CA VAL D 86 -54.20 -15.08 50.86
C VAL D 86 -53.87 -16.53 50.55
N ILE D 87 -53.31 -17.23 51.54
CA ILE D 87 -52.85 -18.61 51.39
C ILE D 87 -53.27 -19.36 52.64
N ILE D 88 -53.98 -20.47 52.44
CA ILE D 88 -54.61 -21.27 53.48
C ILE D 88 -53.87 -22.59 53.55
N ARG D 89 -53.40 -22.94 54.75
CA ARG D 89 -52.66 -24.20 55.01
C ARG D 89 -51.53 -24.39 54.02
N GLY D 90 -50.67 -23.38 53.94
CA GLY D 90 -49.46 -23.40 53.12
C GLY D 90 -49.65 -23.53 51.62
N VAL D 91 -48.53 -23.40 50.90
CA VAL D 91 -48.51 -23.54 49.45
C VAL D 91 -48.63 -25.00 49.07
N SER D 92 -49.50 -25.29 48.10
CA SER D 92 -49.57 -26.62 47.53
C SER D 92 -49.16 -26.62 46.07
N SER D 93 -49.41 -25.52 45.38
CA SER D 93 -49.21 -25.43 43.94
C SER D 93 -47.82 -24.87 43.70
N LEU D 94 -46.98 -25.65 43.04
CA LEU D 94 -45.61 -25.21 42.88
C LEU D 94 -45.50 -24.01 41.95
N SER D 95 -46.47 -23.80 41.09
CA SER D 95 -46.51 -22.57 40.30
C SER D 95 -47.82 -22.44 39.56
N GLY D 96 -48.61 -21.42 39.89
CA GLY D 96 -48.38 -20.54 41.04
C GLY D 96 -49.75 -19.98 41.45
N THR D 97 -50.62 -20.90 41.85
CA THR D 97 -52.05 -20.68 42.01
C THR D 97 -52.44 -21.25 43.38
N ASN D 98 -52.29 -20.42 44.42
CA ASN D 98 -52.58 -20.85 45.78
C ASN D 98 -53.63 -20.00 46.45
N GLN D 99 -54.18 -19.02 45.75
CA GLN D 99 -55.26 -18.23 46.32
C GLN D 99 -56.50 -19.09 46.53
N PRO D 100 -57.27 -18.83 47.58
CA PRO D 100 -58.55 -19.53 47.77
C PRO D 100 -59.57 -19.07 46.74
N LEU D 101 -60.44 -20.00 46.36
CA LEU D 101 -61.63 -19.67 45.58
C LEU D 101 -62.50 -18.68 46.33
N TYR D 102 -62.74 -17.51 45.74
CA TYR D 102 -63.69 -16.56 46.30
C TYR D 102 -65.07 -16.79 45.69
N VAL D 103 -66.05 -17.04 46.54
CA VAL D 103 -67.40 -17.36 46.11
C VAL D 103 -68.32 -16.30 46.73
N VAL D 104 -68.90 -15.43 45.91
CA VAL D 104 -69.63 -14.29 46.48
C VAL D 104 -71.11 -14.60 46.72
N ASP D 105 -71.88 -15.10 45.78
CA ASP D 105 -73.27 -15.29 46.24
C ASP D 105 -74.12 -16.43 45.69
N GLY D 106 -73.67 -17.67 45.70
CA GLY D 106 -72.29 -18.06 45.83
C GLY D 106 -71.87 -18.36 44.40
N VAL D 107 -71.32 -17.37 43.72
CA VAL D 107 -70.78 -17.66 42.39
C VAL D 107 -69.27 -17.41 42.44
N PRO D 108 -68.47 -18.26 41.81
CA PRO D 108 -67.04 -18.01 41.71
C PRO D 108 -66.72 -16.59 41.27
N LEU D 109 -66.07 -15.82 42.15
CA LEU D 109 -65.64 -14.46 41.81
C LEU D 109 -64.26 -14.51 41.20
N ASN D 110 -64.05 -13.77 40.11
CA ASN D 110 -62.74 -13.79 39.50
C ASN D 110 -61.73 -13.02 40.34
N ASN D 111 -60.52 -13.53 40.43
CA ASN D 111 -59.57 -12.91 41.33
C ASN D 111 -58.17 -12.97 40.70
N SER D 112 -58.07 -12.56 39.44
CA SER D 112 -56.80 -12.51 38.73
C SER D 112 -55.96 -11.31 39.20
N THR D 113 -54.65 -11.46 39.10
CA THR D 113 -53.74 -10.44 39.58
C THR D 113 -53.10 -9.73 38.39
N VAL D 114 -52.88 -8.42 38.53
CA VAL D 114 -52.20 -7.63 37.52
C VAL D 114 -50.95 -7.04 38.17
N TYR D 115 -49.80 -7.68 37.98
CA TYR D 115 -48.51 -7.18 38.47
C TYR D 115 -47.42 -7.44 37.44
N SER D 116 -46.36 -6.63 37.54
CA SER D 116 -45.27 -6.61 36.54
C SER D 116 -44.61 -7.97 36.33
N THR D 117 -44.48 -8.36 35.07
CA THR D 117 -43.79 -9.60 34.73
C THR D 117 -42.28 -9.50 34.84
N ASP D 118 -41.72 -8.31 35.09
CA ASP D 118 -40.30 -8.13 35.37
C ASP D 118 -40.12 -7.25 36.61
N GLY D 119 -39.96 -7.89 37.77
CA GLY D 119 -39.81 -7.13 38.99
C GLY D 119 -38.42 -6.61 39.29
N LEU D 120 -37.41 -6.98 38.50
CA LEU D 120 -36.08 -6.42 38.71
C LEU D 120 -35.98 -5.01 38.14
N ASN D 121 -36.56 -4.77 36.97
CA ASN D 121 -36.33 -3.50 36.29
C ASN D 121 -37.52 -2.58 36.31
N SER D 122 -38.74 -3.10 36.45
CA SER D 122 -39.92 -2.23 36.41
C SER D 122 -41.05 -2.92 37.17
N GLY D 123 -40.86 -3.05 38.49
CA GLY D 123 -41.86 -3.68 39.33
C GLY D 123 -43.03 -2.74 39.55
N TYR D 124 -44.24 -3.28 39.38
CA TYR D 124 -45.50 -2.60 39.69
C TYR D 124 -46.56 -3.66 39.97
N ASP D 125 -47.49 -3.34 40.87
CA ASP D 125 -48.59 -4.24 41.18
C ASP D 125 -49.90 -3.46 41.18
N PHE D 126 -50.84 -3.88 40.34
CA PHE D 126 -52.04 -3.10 40.08
C PHE D 126 -53.29 -3.67 40.74
N GLY D 127 -53.20 -4.82 41.36
CA GLY D 127 -54.34 -5.22 42.15
C GLY D 127 -54.73 -6.66 41.94
N ASN D 128 -55.72 -7.05 42.73
CA ASN D 128 -56.14 -8.42 42.96
C ASN D 128 -57.65 -8.45 42.74
N GLY D 129 -58.15 -9.52 42.09
CA GLY D 129 -59.56 -9.54 41.71
C GLY D 129 -60.53 -9.37 42.86
N ALA D 130 -60.21 -9.94 44.03
CA ALA D 130 -61.10 -9.79 45.17
C ALA D 130 -61.15 -8.36 45.70
N ASN D 131 -60.16 -7.52 45.36
CA ASN D 131 -60.18 -6.14 45.84
C ASN D 131 -61.40 -5.35 45.41
N ALA D 132 -62.12 -5.81 44.38
CA ALA D 132 -63.22 -5.00 43.86
C ALA D 132 -64.44 -4.98 44.77
N ILE D 133 -64.58 -5.96 45.66
CA ILE D 133 -65.72 -6.02 46.57
C ILE D 133 -65.74 -4.79 47.48
N ASN D 134 -66.90 -4.18 47.60
CA ASN D 134 -67.08 -3.13 48.58
C ASN D 134 -67.20 -3.75 49.96
N PRO D 135 -66.29 -3.47 50.89
CA PRO D 135 -66.38 -4.14 52.21
C PRO D 135 -67.68 -3.82 52.95
N ASP D 136 -68.22 -2.61 52.78
CA ASP D 136 -69.51 -2.22 53.35
C ASP D 136 -70.67 -3.07 52.85
N ASP D 137 -70.49 -3.86 51.80
CA ASP D 137 -71.57 -4.68 51.24
C ASP D 137 -71.62 -6.07 51.84
N VAL D 138 -70.62 -6.44 52.64
CA VAL D 138 -70.47 -7.81 53.11
C VAL D 138 -71.30 -8.01 54.37
N ALA D 139 -72.06 -9.11 54.40
CA ALA D 139 -72.85 -9.50 55.55
C ALA D 139 -72.13 -10.53 56.42
N ASN D 140 -71.65 -11.61 55.80
CA ASN D 140 -70.89 -12.61 56.52
C ASN D 140 -69.85 -13.21 55.59
N MET D 141 -68.63 -13.36 56.08
CA MET D 141 -67.59 -14.10 55.38
C MET D 141 -67.28 -15.39 56.14
N THR D 142 -67.43 -16.52 55.47
CA THR D 142 -67.00 -17.80 56.03
C THR D 142 -65.84 -18.33 55.19
N ILE D 143 -64.72 -18.64 55.84
CA ILE D 143 -63.53 -19.17 55.18
C ILE D 143 -63.42 -20.67 55.48
N LEU D 144 -63.53 -21.48 54.44
CA LEU D 144 -63.50 -22.94 54.57
C LEU D 144 -62.10 -23.43 54.27
N LYS D 145 -61.39 -23.90 55.30
CA LYS D 145 -59.99 -24.27 55.17
C LYS D 145 -59.79 -25.70 54.67
N GLY D 146 -60.83 -26.54 54.69
CA GLY D 146 -60.66 -27.95 54.39
C GLY D 146 -60.86 -28.28 52.93
N ALA D 147 -60.00 -29.16 52.42
CA ALA D 147 -60.10 -29.70 51.07
C ALA D 147 -60.69 -31.11 51.06
N ALA D 148 -61.42 -31.50 52.09
CA ALA D 148 -62.01 -32.83 52.12
C ALA D 148 -63.40 -32.89 51.48
N ALA D 149 -64.15 -31.79 51.49
CA ALA D 149 -65.54 -31.76 51.02
C ALA D 149 -65.71 -30.55 50.10
N THR D 150 -65.34 -30.73 48.82
CA THR D 150 -65.30 -29.64 47.84
C THR D 150 -66.24 -29.86 46.66
N ALA D 151 -67.11 -30.88 46.69
CA ALA D 151 -67.96 -31.17 45.54
C ALA D 151 -68.83 -30.00 45.13
N LEU D 152 -69.10 -29.06 46.04
CA LEU D 152 -69.94 -27.91 45.71
C LEU D 152 -69.23 -26.95 44.76
N TYR D 153 -67.93 -26.73 44.95
CA TYR D 153 -67.25 -25.66 44.22
C TYR D 153 -66.28 -26.15 43.16
N GLY D 154 -65.81 -27.38 43.27
CA GLY D 154 -64.92 -27.96 42.29
C GLY D 154 -63.45 -27.87 42.68
N SER D 155 -62.60 -27.96 41.64
CA SER D 155 -61.17 -28.08 41.85
C SER D 155 -60.59 -26.90 42.64
N ARG D 156 -60.93 -25.67 42.26
CA ARG D 156 -60.27 -24.51 42.86
C ARG D 156 -60.56 -24.36 44.35
N ALA D 157 -61.49 -25.14 44.90
CA ALA D 157 -61.74 -25.08 46.34
C ALA D 157 -60.72 -25.85 47.17
N ALA D 158 -59.73 -26.49 46.53
CA ALA D 158 -58.69 -27.17 47.28
C ALA D 158 -57.71 -26.20 47.94
N ASN D 159 -57.57 -24.99 47.43
CA ASN D 159 -56.79 -23.98 48.16
C ASN D 159 -57.63 -23.30 49.22
N GLY D 160 -58.84 -23.78 49.47
CA GLY D 160 -59.77 -23.16 50.39
C GLY D 160 -60.77 -22.30 49.67
N VAL D 161 -61.81 -21.92 50.40
CA VAL D 161 -62.90 -21.11 49.88
C VAL D 161 -63.09 -19.90 50.78
N VAL D 162 -63.40 -18.76 50.18
CA VAL D 162 -63.82 -17.58 50.92
C VAL D 162 -65.29 -17.35 50.54
N MET D 163 -66.22 -17.79 51.40
CA MET D 163 -67.64 -17.77 51.07
C MET D 163 -68.25 -16.47 51.57
N ILE D 164 -68.22 -15.42 50.73
CA ILE D 164 -68.82 -14.13 51.08
C ILE D 164 -70.33 -14.19 50.86
N THR D 165 -71.08 -13.44 51.67
CA THR D 165 -72.52 -13.26 51.52
C THR D 165 -72.82 -11.78 51.65
N THR D 166 -73.55 -11.23 50.69
CA THR D 166 -73.74 -9.79 50.69
C THR D 166 -75.02 -9.44 51.46
N LYS D 167 -75.10 -8.19 51.91
CA LYS D 167 -76.29 -7.74 52.61
C LYS D 167 -77.52 -7.73 51.70
N SER D 168 -78.68 -7.94 52.31
CA SER D 168 -79.97 -7.96 51.66
C SER D 168 -80.79 -6.85 52.24
N GLY D 169 -81.90 -6.53 51.56
CA GLY D 169 -82.85 -5.60 52.12
C GLY D 169 -83.39 -6.12 53.45
N ARG D 170 -83.78 -5.17 54.31
CA ARG D 170 -84.37 -5.49 55.60
C ARG D 170 -85.40 -4.44 55.97
N LYS D 171 -86.40 -4.85 56.75
CA LYS D 171 -87.32 -3.89 57.33
C LYS D 171 -86.67 -3.27 58.56
N GLU D 172 -86.75 -1.95 58.67
CA GLU D 172 -86.26 -1.21 59.82
C GLU D 172 -86.73 0.22 59.67
N LYS D 173 -86.43 1.03 60.68
CA LYS D 173 -86.70 2.46 60.59
C LYS D 173 -85.39 3.19 60.34
N GLY D 174 -85.40 4.18 59.46
CA GLY D 174 -86.59 4.57 58.75
C GLY D 174 -86.50 4.32 57.26
N VAL D 175 -85.73 5.16 56.54
CA VAL D 175 -85.76 5.10 55.08
C VAL D 175 -84.88 4.01 54.49
N GLY D 176 -83.94 3.45 55.26
CA GLY D 176 -83.05 2.43 54.76
C GLY D 176 -81.78 2.94 54.09
N ILE D 177 -81.28 4.10 54.49
CA ILE D 177 -80.06 4.69 53.93
C ILE D 177 -78.95 4.54 54.97
N GLU D 178 -77.85 3.89 54.59
CA GLU D 178 -76.63 3.96 55.39
C GLU D 178 -75.55 4.73 54.63
N TYR D 179 -74.91 5.68 55.31
CA TYR D 179 -73.78 6.42 54.76
C TYR D 179 -72.50 6.18 55.57
N ASN D 180 -71.37 6.04 54.87
CA ASN D 180 -70.05 5.93 55.50
C ASN D 180 -69.11 6.91 54.81
N GLY D 181 -68.58 7.85 55.57
CA GLY D 181 -67.64 8.82 55.05
C GLY D 181 -66.31 8.69 55.76
N GLY D 182 -65.24 8.44 55.01
CA GLY D 182 -63.94 8.22 55.60
C GLY D 182 -62.88 9.21 55.19
N VAL D 183 -61.83 9.31 55.99
CA VAL D 183 -60.68 10.18 55.73
C VAL D 183 -59.49 9.53 56.39
N GLN D 184 -58.33 9.50 55.73
CA GLN D 184 -57.24 8.77 56.36
C GLN D 184 -55.89 9.21 55.81
N TRP D 185 -54.86 9.13 56.65
CA TRP D 185 -53.52 9.52 56.28
C TRP D 185 -52.58 8.32 56.34
N SER D 186 -51.49 8.39 55.59
CA SER D 186 -50.45 7.38 55.75
C SER D 186 -49.10 8.06 55.79
N THR D 187 -48.21 7.52 56.63
CA THR D 187 -46.82 7.96 56.74
C THR D 187 -45.91 6.74 56.67
N VAL D 188 -44.63 6.99 56.38
CA VAL D 188 -43.68 5.88 56.22
C VAL D 188 -43.37 5.26 57.58
N LEU D 189 -43.32 3.93 57.61
CA LEU D 189 -43.27 3.17 58.86
C LEU D 189 -41.84 2.88 59.30
N ARG D 190 -41.06 2.23 58.43
CA ARG D 190 -39.69 1.84 58.74
C ARG D 190 -38.80 2.09 57.54
N LEU D 191 -37.91 3.05 57.65
CA LEU D 191 -36.84 3.22 56.68
C LEU D 191 -35.61 2.45 57.15
N PRO D 192 -34.68 2.12 56.24
CA PRO D 192 -33.41 1.54 56.69
C PRO D 192 -32.73 2.45 57.68
N GLU D 193 -32.08 1.83 58.67
CA GLU D 193 -31.29 2.58 59.64
C GLU D 193 -29.94 2.90 59.00
N PHE D 194 -29.57 4.18 58.99
CA PHE D 194 -28.42 4.69 58.25
C PHE D 194 -27.24 5.03 59.14
N GLN D 195 -26.04 4.77 58.62
CA GLN D 195 -24.85 5.41 59.14
C GLN D 195 -24.91 6.92 58.92
N ASN D 196 -24.45 7.70 59.91
CA ASN D 196 -24.40 9.15 59.76
C ASN D 196 -22.99 9.70 60.03
N GLU D 197 -21.97 8.90 59.73
CA GLU D 197 -20.60 9.20 60.08
C GLU D 197 -19.76 9.63 58.89
N PHE D 198 -20.03 9.09 57.70
CA PHE D 198 -19.25 9.35 56.50
C PHE D 198 -20.14 9.81 55.36
N GLY D 199 -19.72 10.88 54.69
CA GLY D 199 -20.41 11.47 53.56
C GLY D 199 -19.96 10.96 52.20
N MET D 200 -20.22 11.79 51.19
CA MET D 200 -20.03 11.40 49.80
C MET D 200 -18.57 11.08 49.52
N GLY D 201 -18.32 9.88 49.06
CA GLY D 201 -17.05 9.58 48.46
C GLY D 201 -16.99 8.13 48.04
N TRP D 202 -15.85 7.76 47.49
CA TRP D 202 -15.56 6.36 47.31
C TRP D 202 -14.17 6.04 47.81
N ASN D 203 -13.93 4.73 47.99
CA ASN D 203 -12.67 4.17 48.48
C ASN D 203 -12.20 4.81 49.78
N GLY D 204 -13.12 5.34 50.58
CA GLY D 204 -12.77 6.20 51.68
C GLY D 204 -12.41 7.62 51.32
N ASN D 205 -12.26 7.96 50.04
CA ASN D 205 -11.82 9.28 49.67
C ASN D 205 -12.98 10.16 49.24
N HIS D 206 -12.79 11.46 49.42
CA HIS D 206 -13.81 12.45 49.09
C HIS D 206 -13.92 12.65 47.58
N THR D 207 -15.15 12.57 47.08
CA THR D 207 -15.46 12.86 45.69
C THR D 207 -16.65 13.82 45.68
N GLU D 208 -16.97 14.38 44.52
CA GLU D 208 -18.08 15.32 44.42
C GLU D 208 -19.24 14.81 43.59
N LEU D 209 -19.17 13.60 43.07
CA LEU D 209 -20.25 13.11 42.25
C LEU D 209 -20.65 11.68 42.61
N GLU D 210 -20.40 11.23 43.84
CA GLU D 210 -20.67 9.82 44.14
C GLU D 210 -22.15 9.61 44.48
N ASN D 211 -22.63 8.41 44.20
CA ASN D 211 -23.94 7.98 44.66
C ASN D 211 -23.89 7.30 46.00
N GLY D 212 -22.75 7.36 46.68
CA GLY D 212 -22.52 6.55 47.85
C GLY D 212 -21.81 7.35 48.93
N SER D 213 -21.71 6.74 50.10
CA SER D 213 -21.23 7.46 51.26
C SER D 213 -19.97 6.79 51.82
N TRP D 214 -19.12 6.29 50.93
CA TRP D 214 -17.80 5.81 51.29
C TRP D 214 -16.76 6.91 51.23
N GLY D 215 -17.04 8.07 51.81
CA GLY D 215 -16.04 9.09 51.91
C GLY D 215 -15.56 9.25 53.33
N PRO D 216 -15.02 10.43 53.61
CA PRO D 216 -14.40 10.67 54.90
C PRO D 216 -15.41 10.96 55.99
N ARG D 217 -14.96 10.73 57.23
CA ARG D 217 -15.78 11.07 58.39
C ARG D 217 -16.07 12.56 58.38
N PHE D 218 -17.30 12.91 58.76
CA PHE D 218 -17.77 14.28 58.64
C PHE D 218 -16.92 15.24 59.47
N ASP D 219 -16.57 16.35 58.85
CA ASP D 219 -15.75 17.43 59.38
C ASP D 219 -16.58 18.59 59.90
N GLY D 220 -17.60 18.99 59.14
CA GLY D 220 -18.22 20.30 59.27
C GLY D 220 -17.65 21.34 58.33
N SER D 221 -16.65 20.96 57.54
CA SER D 221 -15.91 21.85 56.67
C SER D 221 -16.68 22.10 55.37
N MET D 222 -16.19 23.09 54.59
CA MET D 222 -16.83 23.51 53.35
C MET D 222 -16.25 22.69 52.19
N GLN D 223 -17.06 21.80 51.61
CA GLN D 223 -16.63 21.00 50.49
C GLN D 223 -17.45 21.32 49.24
N LEU D 224 -16.92 20.94 48.09
CA LEU D 224 -17.63 21.02 46.81
C LEU D 224 -18.40 19.73 46.55
N TRP D 225 -19.55 19.88 45.90
CA TRP D 225 -20.36 18.73 45.53
C TRP D 225 -21.09 19.03 44.23
N GLY D 226 -21.50 17.97 43.54
CA GLY D 226 -22.29 18.08 42.34
C GLY D 226 -21.49 18.56 41.15
N ASN D 227 -22.15 18.54 39.99
CA ASN D 227 -21.53 19.01 38.77
C ASN D 227 -21.29 20.50 38.84
N VAL D 228 -20.57 20.99 37.84
CA VAL D 228 -20.28 22.40 37.68
C VAL D 228 -21.06 22.89 36.47
N TYR D 229 -21.84 23.96 36.66
CA TYR D 229 -22.74 24.47 35.64
C TYR D 229 -22.43 25.94 35.41
N ASN D 230 -22.00 26.28 34.20
CA ASN D 230 -21.70 27.65 33.84
C ASN D 230 -20.56 28.18 34.68
N ASN D 231 -19.54 27.33 34.88
CA ASN D 231 -18.34 27.71 35.63
C ASN D 231 -18.68 28.14 37.06
N SER D 232 -19.49 27.33 37.74
CA SER D 232 -19.79 27.53 39.14
C SER D 232 -20.29 26.21 39.71
N GLN D 233 -20.07 26.03 41.02
CA GLN D 233 -20.28 24.74 41.66
C GLN D 233 -20.85 24.96 43.07
N LYS D 234 -21.62 24.00 43.53
CA LYS D 234 -22.20 24.11 44.87
C LYS D 234 -21.17 23.73 45.94
N LEU D 235 -21.18 24.50 47.04
CA LEU D 235 -20.25 24.36 48.15
C LEU D 235 -21.03 24.43 49.45
N LYS D 236 -21.08 23.33 50.20
CA LYS D 236 -21.88 23.22 51.41
C LYS D 236 -21.08 22.57 52.53
N PRO D 237 -21.48 22.81 53.80
CA PRO D 237 -20.84 22.11 54.93
C PRO D 237 -20.91 20.59 54.81
N TYR D 238 -19.81 19.94 55.15
CA TYR D 238 -19.70 18.49 54.99
C TYR D 238 -20.16 17.81 56.29
N VAL D 239 -21.48 17.89 56.51
CA VAL D 239 -22.13 17.33 57.70
C VAL D 239 -23.17 16.32 57.23
N ALA D 240 -23.61 15.48 58.16
CA ALA D 240 -24.67 14.54 57.83
C ALA D 240 -26.04 15.20 57.93
N MET D 241 -26.96 14.71 57.10
CA MET D 241 -28.37 15.09 57.13
C MET D 241 -29.15 13.83 57.46
N PRO D 242 -29.33 13.53 58.76
CA PRO D 242 -29.91 12.24 59.14
C PRO D 242 -31.30 12.06 58.59
N ASP D 243 -32.06 13.14 58.43
CA ASP D 243 -33.45 13.06 58.01
C ASP D 243 -33.65 13.24 56.50
N ASN D 244 -32.56 13.24 55.70
CA ASN D 244 -32.69 13.62 54.30
C ASN D 244 -33.66 12.69 53.55
N ILE D 245 -33.59 11.38 53.79
CA ILE D 245 -34.53 10.46 53.18
C ILE D 245 -35.88 10.55 53.86
N LYS D 246 -35.91 10.71 55.18
CA LYS D 246 -37.21 10.77 55.85
C LYS D 246 -38.02 11.96 55.33
N ASP D 247 -37.38 13.10 55.08
CA ASP D 247 -38.11 14.31 54.72
C ASP D 247 -38.54 14.36 53.26
N PHE D 248 -38.08 13.40 52.46
CA PHE D 248 -38.51 13.30 51.07
C PHE D 248 -39.95 12.87 50.97
N PHE D 249 -40.42 12.11 51.95
CA PHE D 249 -41.77 11.56 51.88
C PHE D 249 -42.80 12.56 52.36
N ASP D 250 -44.00 12.44 51.79
CA ASP D 250 -45.18 13.20 52.16
C ASP D 250 -46.03 12.36 53.11
N ALA D 251 -47.10 12.96 53.61
CA ALA D 251 -48.19 12.19 54.18
C ALA D 251 -49.15 11.82 53.05
N GLY D 252 -49.35 10.52 52.83
CA GLY D 252 -50.45 10.08 52.00
C GLY D 252 -51.78 10.58 52.55
N PHE D 253 -52.78 10.63 51.67
CA PHE D 253 -54.12 11.08 52.05
C PHE D 253 -55.20 10.38 51.24
N ARG D 254 -56.32 10.07 51.89
CA ARG D 254 -57.29 9.20 51.26
C ARG D 254 -58.69 9.55 51.76
N TYR D 255 -59.59 9.87 50.84
CA TYR D 255 -60.98 10.06 51.21
C TYR D 255 -61.82 8.94 50.62
N SER D 256 -62.88 8.58 51.36
CA SER D 256 -63.79 7.51 50.98
C SER D 256 -65.22 7.93 51.26
N ASN D 257 -66.16 7.38 50.47
CA ASN D 257 -67.58 7.71 50.58
C ASN D 257 -68.39 6.50 50.17
N SER D 258 -69.21 5.99 51.09
CA SER D 258 -70.01 4.82 50.79
C SER D 258 -71.47 5.13 51.10
N LEU D 259 -72.35 4.67 50.21
CA LEU D 259 -73.77 4.91 50.39
C LEU D 259 -74.57 3.66 50.02
N SER D 260 -75.51 3.28 50.85
CA SER D 260 -76.34 2.13 50.51
C SER D 260 -77.82 2.46 50.72
N PHE D 261 -78.66 1.70 50.03
CA PHE D 261 -80.12 1.81 50.11
C PHE D 261 -80.68 0.40 50.24
N ASN D 262 -81.58 0.19 51.21
CA ASN D 262 -82.21 -1.12 51.34
C ASN D 262 -83.65 -0.98 51.81
N GLY D 263 -84.42 -2.00 51.49
CA GLY D 263 -85.79 -2.17 51.93
C GLY D 263 -86.19 -3.61 51.67
N ALA D 264 -87.20 -4.07 52.41
CA ALA D 264 -87.80 -5.35 52.07
C ALA D 264 -89.31 -5.29 52.27
N THR D 265 -89.97 -6.29 51.70
CA THR D 265 -91.34 -6.63 52.09
C THR D 265 -91.30 -8.04 52.65
N ASP D 266 -92.45 -8.70 52.73
CA ASP D 266 -92.45 -10.09 53.16
C ASP D 266 -92.34 -11.04 51.98
N LYS D 267 -92.18 -10.49 50.77
CA LYS D 267 -92.00 -11.26 49.55
C LYS D 267 -90.77 -10.83 48.74
N SER D 268 -90.14 -9.71 49.09
CA SER D 268 -89.05 -9.18 48.29
C SER D 268 -88.03 -8.46 49.16
N ASP D 269 -86.85 -8.23 48.58
CA ASP D 269 -85.86 -7.35 49.17
C ASP D 269 -85.08 -6.67 48.05
N TYR D 270 -84.53 -5.50 48.37
CA TYR D 270 -83.76 -4.73 47.42
C TYR D 270 -82.60 -4.06 48.15
N TYR D 271 -81.39 -4.17 47.61
CA TYR D 271 -80.22 -3.49 48.16
C TYR D 271 -79.45 -2.86 47.00
N VAL D 272 -79.11 -1.59 47.15
CA VAL D 272 -78.31 -0.88 46.15
C VAL D 272 -77.26 -0.07 46.89
N SER D 273 -76.00 -0.17 46.44
CA SER D 273 -74.90 0.47 47.15
C SER D 273 -73.95 1.17 46.19
N PHE D 274 -73.31 2.23 46.67
CA PHE D 274 -72.27 2.93 45.95
C PHE D 274 -71.08 3.12 46.89
N SER D 275 -69.86 2.89 46.38
CA SER D 275 -68.63 3.19 47.12
C SER D 275 -67.58 3.87 46.24
N GLN D 276 -66.94 4.89 46.80
CA GLN D 276 -65.82 5.58 46.16
C GLN D 276 -64.63 5.68 47.12
N ILE D 277 -63.41 5.58 46.56
CA ILE D 277 -62.16 5.61 47.33
C ILE D 277 -61.08 6.31 46.50
N SER D 278 -60.50 7.38 47.05
CA SER D 278 -59.48 8.17 46.36
C SER D 278 -58.21 8.22 47.18
N ASP D 279 -57.19 7.47 46.75
CA ASP D 279 -55.91 7.38 47.46
C ASP D 279 -54.79 8.08 46.71
N ASP D 280 -54.08 8.97 47.41
CA ASP D 280 -52.82 9.53 46.93
C ASP D 280 -51.75 9.29 48.01
N GLY D 281 -50.88 8.29 47.79
CA GLY D 281 -49.91 7.82 48.79
C GLY D 281 -48.78 8.80 49.14
N MET D 282 -47.86 8.31 50.00
CA MET D 282 -46.85 9.16 50.66
C MET D 282 -45.71 9.57 49.74
N ILE D 283 -45.49 8.84 48.64
CA ILE D 283 -44.45 9.22 47.69
C ILE D 283 -44.83 10.55 47.04
N PRO D 284 -43.93 11.54 47.00
CA PRO D 284 -44.33 12.86 46.50
C PRO D 284 -44.89 12.78 45.09
N THR D 285 -45.79 13.72 44.79
CA THR D 285 -46.65 13.77 43.60
C THR D 285 -47.74 12.71 43.56
N ASP D 286 -48.53 12.77 42.50
CA ASP D 286 -49.70 11.93 42.24
C ASP D 286 -49.33 10.55 41.74
N ALA D 287 -48.08 10.12 41.87
CA ALA D 287 -47.75 8.86 41.24
C ALA D 287 -48.20 7.66 42.04
N ASP D 288 -48.39 7.77 43.38
CA ASP D 288 -49.21 6.79 44.10
C ASP D 288 -50.65 7.22 43.98
N SER D 289 -51.43 6.49 43.22
CA SER D 289 -52.81 6.89 43.06
C SER D 289 -53.65 5.67 42.80
N TYR D 290 -54.77 5.61 43.52
CA TYR D 290 -55.73 4.53 43.39
C TYR D 290 -57.08 5.16 43.55
N ASP D 291 -57.94 4.98 42.56
CA ASP D 291 -59.33 5.43 42.59
C ASP D 291 -60.18 4.20 42.39
N LYS D 292 -61.08 3.95 43.34
CA LYS D 292 -61.98 2.81 43.28
C LYS D 292 -63.39 3.37 43.27
N TYR D 293 -64.22 2.83 42.38
CA TYR D 293 -65.64 3.13 42.33
C TYR D 293 -66.37 1.81 42.14
N THR D 294 -67.37 1.55 42.98
CA THR D 294 -68.20 0.37 42.83
C THR D 294 -69.65 0.78 42.92
N PHE D 295 -70.49 0.00 42.26
CA PHE D 295 -71.93 0.15 42.25
C PHE D 295 -72.51 -1.24 42.17
N SER D 296 -73.57 -1.47 42.93
CA SER D 296 -74.14 -2.80 43.02
C SER D 296 -75.60 -2.70 43.38
N ALA D 297 -76.39 -3.64 42.87
CA ALA D 297 -77.84 -3.60 43.02
C ALA D 297 -78.31 -5.05 43.03
N ARG D 298 -78.84 -5.51 44.17
CA ARG D 298 -79.30 -6.88 44.25
C ARG D 298 -80.71 -6.91 44.80
N GLY D 299 -81.46 -7.90 44.34
CA GLY D 299 -82.87 -7.99 44.65
C GLY D 299 -83.34 -9.43 44.57
N SER D 300 -84.43 -9.67 45.28
CA SER D 300 -85.13 -10.95 45.25
C SER D 300 -86.63 -10.67 45.25
N HIS D 301 -87.38 -11.69 44.82
CA HIS D 301 -88.83 -11.61 44.84
C HIS D 301 -89.37 -13.03 44.85
N LYS D 302 -90.14 -13.38 45.88
CA LYS D 302 -90.77 -14.69 45.96
C LYS D 302 -92.24 -14.61 45.53
N ALA D 303 -92.67 -15.57 44.73
CA ALA D 303 -94.07 -15.66 44.30
C ALA D 303 -94.42 -17.14 44.34
N GLY D 304 -95.12 -17.55 45.38
CA GLY D 304 -95.52 -18.95 45.45
C GLY D 304 -94.30 -19.78 45.78
N ALA D 305 -94.12 -20.86 45.04
CA ALA D 305 -92.98 -21.74 45.23
C ALA D 305 -91.73 -21.26 44.49
N LEU D 306 -91.83 -20.16 43.76
CA LEU D 306 -90.73 -19.68 42.91
C LEU D 306 -90.11 -18.43 43.52
N THR D 307 -88.78 -18.39 43.51
CA THR D 307 -88.01 -17.22 43.89
C THR D 307 -86.98 -16.94 42.83
N PHE D 308 -86.92 -15.70 42.37
CA PHE D 308 -85.85 -15.27 41.49
C PHE D 308 -85.13 -14.10 42.15
N SER D 309 -83.81 -14.14 42.06
CA SER D 309 -82.97 -13.09 42.62
C SER D 309 -81.88 -12.79 41.60
N SER D 310 -81.38 -11.57 41.65
CA SER D 310 -80.24 -11.26 40.80
C SER D 310 -79.37 -10.24 41.51
N SER D 311 -78.09 -10.28 41.19
CA SER D 311 -77.11 -9.38 41.75
C SER D 311 -76.19 -8.97 40.63
N LEU D 312 -76.15 -7.69 40.32
CA LEU D 312 -75.33 -7.17 39.26
C LEU D 312 -74.49 -6.03 39.84
N ASN D 313 -73.17 -6.11 39.61
CA ASN D 313 -72.20 -5.22 40.23
C ASN D 313 -71.23 -4.71 39.19
N TYR D 314 -70.86 -3.44 39.31
CA TYR D 314 -69.89 -2.81 38.44
C TYR D 314 -68.75 -2.24 39.27
N ALA D 315 -67.52 -2.40 38.79
CA ALA D 315 -66.36 -1.92 39.53
C ALA D 315 -65.42 -1.17 38.60
N TYR D 316 -65.01 0.02 39.02
CA TYR D 316 -64.03 0.83 38.30
C TYR D 316 -62.78 1.06 39.14
N GLN D 317 -61.64 1.24 38.47
CA GLN D 317 -60.36 1.39 39.14
C GLN D 317 -59.37 2.11 38.22
N LYS D 318 -58.64 3.11 38.77
CA LYS D 318 -57.48 3.71 38.09
C LYS D 318 -56.26 3.75 39.02
N ASN D 319 -55.24 2.93 38.74
CA ASN D 319 -54.01 2.91 39.52
C ASN D 319 -52.88 3.63 38.82
N ASN D 320 -52.07 4.34 39.60
CA ASN D 320 -50.79 4.89 39.15
C ASN D 320 -49.72 4.38 40.10
N PHE D 321 -48.70 3.75 39.55
CA PHE D 321 -47.66 3.10 40.33
C PHE D 321 -46.37 3.87 40.19
N ALA D 322 -45.65 4.02 41.31
CA ALA D 322 -44.27 4.52 41.27
C ALA D 322 -43.35 3.32 41.08
N THR D 323 -42.94 3.07 39.84
CA THR D 323 -42.24 1.84 39.48
C THR D 323 -40.97 1.62 40.30
N THR D 324 -40.76 0.36 40.70
CA THR D 324 -39.60 -0.06 41.46
C THR D 324 -38.57 -0.79 40.59
N GLY D 325 -37.37 -0.96 41.13
CA GLY D 325 -36.38 -1.82 40.49
C GLY D 325 -35.04 -1.13 40.32
N GLN D 326 -34.15 -1.82 39.61
CA GLN D 326 -32.72 -1.50 39.66
C GLN D 326 -32.30 -0.37 38.73
N GLY D 327 -33.12 0.06 37.78
CA GLY D 327 -32.70 1.13 36.89
C GLY D 327 -32.95 2.56 37.34
N LEU D 328 -33.48 3.39 36.44
CA LEU D 328 -33.84 4.75 36.79
C LEU D 328 -35.20 4.78 37.50
N SER D 329 -35.39 3.87 38.45
CA SER D 329 -36.60 3.89 39.24
C SER D 329 -36.45 4.89 40.40
N MET D 330 -37.58 5.27 40.98
CA MET D 330 -37.56 6.33 42.00
C MET D 330 -36.73 5.92 43.22
N LEU D 331 -37.07 4.77 43.81
CA LEU D 331 -36.52 4.41 45.10
C LEU D 331 -35.05 3.99 44.99
N ASN D 332 -34.72 3.23 43.95
CA ASN D 332 -33.31 3.00 43.63
C ASN D 332 -32.57 4.31 43.53
N SER D 333 -33.15 5.29 42.83
CA SER D 333 -32.47 6.58 42.74
C SER D 333 -32.38 7.24 44.12
N LEU D 334 -33.34 6.96 45.00
CA LEU D 334 -33.41 7.67 46.26
C LEU D 334 -32.44 7.09 47.30
N TYR D 335 -32.33 5.76 47.33
CA TYR D 335 -31.43 5.08 48.26
C TYR D 335 -29.97 5.33 47.92
N GLN D 336 -29.64 5.57 46.65
CA GLN D 336 -28.27 5.86 46.26
C GLN D 336 -28.00 7.35 46.41
N THR D 337 -28.14 7.82 47.65
CA THR D 337 -27.87 9.22 47.95
C THR D 337 -26.88 9.32 49.10
N PRO D 338 -25.80 10.06 48.91
CA PRO D 338 -24.86 10.33 50.01
C PRO D 338 -25.56 10.85 51.26
N ARG D 339 -25.01 10.50 52.42
CA ARG D 339 -25.67 10.88 53.66
C ARG D 339 -25.60 12.36 53.95
N ASP D 340 -24.81 13.13 53.20
CA ASP D 340 -24.76 14.58 53.39
C ASP D 340 -25.64 15.35 52.41
N ILE D 341 -26.26 14.68 51.44
CA ILE D 341 -27.05 15.38 50.42
C ILE D 341 -28.47 15.61 50.90
N SER D 342 -28.92 16.86 50.81
CA SER D 342 -30.31 17.16 51.12
C SER D 342 -31.20 16.77 49.95
N ILE D 343 -32.13 15.85 50.18
CA ILE D 343 -32.96 15.33 49.10
C ILE D 343 -34.07 16.30 48.70
N ILE D 344 -34.73 16.94 49.68
CA ILE D 344 -35.79 17.90 49.35
C ILE D 344 -35.25 19.16 48.69
N GLY D 345 -33.93 19.36 48.69
CA GLY D 345 -33.37 20.47 47.93
C GLY D 345 -33.21 20.19 46.47
N LEU D 346 -33.40 18.94 46.05
CA LEU D 346 -33.25 18.51 44.67
C LEU D 346 -34.52 18.66 43.84
N GLU D 347 -35.58 19.27 44.38
CA GLU D 347 -36.88 19.17 43.71
C GLU D 347 -37.07 20.30 42.69
N ASP D 348 -36.76 21.53 43.09
CA ASP D 348 -36.91 22.68 42.21
C ASP D 348 -36.09 22.49 40.93
N GLN D 349 -36.79 22.35 39.79
CA GLN D 349 -36.09 22.20 38.51
C GLN D 349 -35.70 23.53 37.88
N ASN D 350 -36.05 24.66 38.48
CA ASN D 350 -35.50 25.92 38.00
C ASN D 350 -34.08 26.17 38.51
N ASP D 351 -33.63 25.39 39.49
CA ASP D 351 -32.23 25.33 39.91
C ASP D 351 -31.48 24.42 38.94
N PRO D 352 -30.60 24.96 38.11
CA PRO D 352 -30.05 24.16 37.01
C PRO D 352 -29.27 22.95 37.49
N PHE D 353 -28.71 22.99 38.72
CA PHE D 353 -27.95 21.86 39.23
C PHE D 353 -28.82 20.63 39.48
N ASN D 354 -30.14 20.79 39.56
CA ASN D 354 -31.05 19.66 39.66
C ASN D 354 -31.58 19.18 38.30
N THR D 355 -31.37 19.96 37.23
CA THR D 355 -31.70 19.58 35.86
C THR D 355 -31.02 18.26 35.55
N PRO D 356 -31.61 17.39 34.73
CA PRO D 356 -31.09 16.02 34.61
C PRO D 356 -29.67 15.90 34.08
N GLY D 357 -29.18 16.87 33.31
CA GLY D 357 -27.81 16.80 32.85
C GLY D 357 -26.78 17.39 33.78
N TYR D 358 -27.19 17.86 34.97
CA TYR D 358 -26.26 18.34 35.96
C TYR D 358 -26.54 17.79 37.35
N TYR D 359 -27.54 16.93 37.49
CA TYR D 359 -27.83 16.26 38.75
C TYR D 359 -26.54 15.70 39.32
N TYR D 360 -26.38 15.85 40.66
CA TYR D 360 -25.06 15.78 41.28
C TYR D 360 -24.36 14.47 40.99
N THR D 361 -25.11 13.37 40.83
CA THR D 361 -24.41 12.13 40.55
C THR D 361 -24.87 11.53 39.23
N PRO D 362 -23.98 10.86 38.50
CA PRO D 362 -24.40 10.30 37.21
C PRO D 362 -24.37 8.78 37.18
N TYR D 363 -24.27 8.15 38.34
CA TYR D 363 -23.95 6.72 38.40
C TYR D 363 -25.24 5.90 38.35
N GLY D 364 -25.85 5.87 37.16
CA GLY D 364 -26.96 4.96 36.91
C GLY D 364 -28.20 5.22 37.70
N VAL D 365 -28.41 6.46 38.16
CA VAL D 365 -29.61 6.89 38.85
C VAL D 365 -29.92 8.32 38.40
N MET D 366 -31.13 8.79 38.70
CA MET D 366 -31.56 10.13 38.33
C MET D 366 -32.24 10.80 39.51
N ASN D 367 -32.56 12.06 39.33
CA ASN D 367 -33.32 12.79 40.34
C ASN D 367 -34.65 12.07 40.60
N PRO D 368 -34.96 11.70 41.84
CA PRO D 368 -36.26 11.05 42.06
C PRO D 368 -37.44 11.93 41.70
N TYR D 369 -37.35 13.23 41.96
CA TYR D 369 -38.44 14.11 41.57
C TYR D 369 -38.62 14.15 40.05
N TYR D 370 -37.53 14.02 39.27
CA TYR D 370 -37.73 13.98 37.83
C TYR D 370 -38.36 12.68 37.42
N ILE D 371 -37.97 11.56 38.04
CA ILE D 371 -38.58 10.30 37.63
C ILE D 371 -40.08 10.30 37.91
N LEU D 372 -40.51 10.92 39.03
CA LEU D 372 -41.92 10.89 39.42
C LEU D 372 -42.79 11.83 38.60
N ASN D 373 -42.26 12.99 38.19
CA ASN D 373 -43.03 13.94 37.39
C ASN D 373 -42.98 13.67 35.88
N ASN D 374 -42.27 12.64 35.41
CA ASN D 374 -42.01 12.51 33.98
C ASN D 374 -42.10 11.09 33.45
N TYR D 375 -42.39 10.12 34.28
CA TYR D 375 -42.53 8.74 33.85
C TYR D 375 -43.98 8.37 34.06
N LEU D 376 -44.50 7.51 33.19
CA LEU D 376 -45.89 7.13 33.23
C LEU D 376 -46.00 5.63 33.42
N ASN D 377 -46.76 5.24 34.43
CA ASN D 377 -47.22 3.86 34.58
C ASN D 377 -48.65 3.94 35.10
N GLU D 378 -49.61 3.52 34.27
CA GLU D 378 -51.03 3.79 34.53
C GLU D 378 -51.84 2.54 34.21
N TYR D 379 -52.90 2.32 35.00
CA TYR D 379 -53.83 1.23 34.79
C TYR D 379 -55.24 1.73 35.03
N GLU D 380 -56.19 1.21 34.25
CA GLU D 380 -57.61 1.56 34.32
C GLU D 380 -58.41 0.30 34.05
N SER D 381 -59.39 0.04 34.87
CA SER D 381 -60.16 -1.17 34.64
C SER D 381 -61.63 -0.92 34.91
N GLU D 382 -62.49 -1.40 34.02
CA GLU D 382 -63.92 -1.52 34.25
C GLU D 382 -64.29 -2.98 34.27
N ARG D 383 -65.24 -3.33 35.15
CA ARG D 383 -65.53 -4.72 35.45
C ARG D 383 -66.99 -4.85 35.82
N PHE D 384 -67.67 -5.83 35.21
CA PHE D 384 -69.06 -6.11 35.51
C PHE D 384 -69.16 -7.58 35.86
N TYR D 385 -69.76 -7.87 37.01
CA TYR D 385 -70.04 -9.24 37.41
C TYR D 385 -71.41 -9.31 38.05
N GLY D 386 -72.04 -10.47 37.94
CA GLY D 386 -73.30 -10.65 38.60
C GLY D 386 -73.77 -12.09 38.53
N LYS D 387 -74.95 -12.32 39.13
CA LYS D 387 -75.57 -13.63 39.09
C LYS D 387 -77.07 -13.52 38.85
N PHE D 388 -77.62 -14.61 38.32
CA PHE D 388 -79.06 -14.84 38.31
C PHE D 388 -79.34 -16.18 38.98
N GLN D 389 -80.28 -16.18 39.94
CA GLN D 389 -80.61 -17.37 40.70
C GLN D 389 -82.12 -17.55 40.71
N LEU D 390 -82.57 -18.75 40.36
CA LEU D 390 -83.98 -19.12 40.37
C LEU D 390 -84.15 -20.33 41.26
N ASP D 391 -84.93 -20.20 42.33
CA ASP D 391 -85.25 -21.30 43.23
C ASP D 391 -86.72 -21.68 43.06
N TYR D 392 -87.00 -22.98 43.02
CA TYR D 392 -88.37 -23.45 42.83
C TYR D 392 -88.61 -24.68 43.69
N GLU D 393 -89.46 -24.54 44.71
CA GLU D 393 -89.75 -25.62 45.65
C GLU D 393 -90.95 -26.43 45.20
N PHE D 394 -90.84 -27.74 45.29
CA PHE D 394 -91.92 -28.62 44.86
C PHE D 394 -91.96 -29.88 45.72
N LEU D 395 -93.14 -30.50 45.76
CA LEU D 395 -93.36 -31.80 46.42
C LEU D 395 -92.90 -31.79 47.87
N LYS D 396 -92.96 -30.63 48.51
CA LYS D 396 -92.76 -30.43 49.94
C LYS D 396 -91.29 -30.53 50.39
N TYR D 397 -90.50 -31.45 49.82
CA TYR D 397 -89.12 -31.63 50.27
C TYR D 397 -88.06 -31.39 49.20
N PHE D 398 -88.44 -31.06 47.96
CA PHE D 398 -87.45 -30.80 46.93
C PHE D 398 -87.33 -29.30 46.65
N LYS D 399 -86.16 -28.92 46.15
CA LYS D 399 -85.87 -27.55 45.73
C LYS D 399 -84.96 -27.64 44.52
N PHE D 400 -85.39 -27.04 43.42
CA PHE D 400 -84.56 -26.92 42.25
C PHE D 400 -83.88 -25.56 42.27
N THR D 401 -82.68 -25.50 41.73
CA THR D 401 -82.05 -24.19 41.68
C THR D 401 -81.21 -24.08 40.42
N TYR D 402 -81.33 -22.94 39.75
CA TYR D 402 -80.45 -22.60 38.66
C TYR D 402 -79.77 -21.29 39.03
N ARG D 403 -78.45 -21.25 38.83
CA ARG D 403 -77.63 -20.11 39.18
C ARG D 403 -76.62 -19.87 38.07
N MET D 404 -76.64 -18.69 37.46
CA MET D 404 -75.65 -18.31 36.45
C MET D 404 -74.84 -17.13 36.93
N GLY D 405 -73.53 -17.20 36.74
CA GLY D 405 -72.62 -16.11 37.05
C GLY D 405 -71.88 -15.66 35.80
N LEU D 406 -71.63 -14.36 35.72
CA LEU D 406 -70.87 -13.79 34.62
C LEU D 406 -69.94 -12.73 35.18
N ASP D 407 -68.65 -12.86 34.88
CA ASP D 407 -67.62 -11.93 35.33
C ASP D 407 -66.80 -11.53 34.12
N THR D 408 -66.73 -10.23 33.84
CA THR D 408 -66.06 -9.73 32.64
C THR D 408 -65.28 -8.46 32.97
N THR D 409 -64.12 -8.30 32.35
CA THR D 409 -63.24 -7.22 32.72
C THR D 409 -62.52 -6.72 31.50
N THR D 410 -62.32 -5.41 31.44
CA THR D 410 -61.42 -4.82 30.46
C THR D 410 -60.45 -3.92 31.21
N GLY D 411 -59.16 -4.11 30.96
CA GLY D 411 -58.15 -3.30 31.59
C GLY D 411 -57.20 -2.79 30.56
N GLN D 412 -56.60 -1.63 30.86
CA GLN D 412 -55.70 -0.95 29.93
C GLN D 412 -54.50 -0.42 30.69
N SER D 413 -53.31 -0.96 30.43
CA SER D 413 -52.06 -0.40 30.93
C SER D 413 -51.50 0.63 29.95
N ASP D 414 -50.90 1.70 30.48
CA ASP D 414 -50.16 2.69 29.67
C ASP D 414 -48.84 3.07 30.35
N LYS D 415 -47.71 2.58 29.82
CA LYS D 415 -46.37 2.86 30.38
C LYS D 415 -45.50 3.70 29.45
N GLY D 416 -44.90 4.78 29.98
CA GLY D 416 -43.96 5.57 29.20
C GLY D 416 -42.71 6.03 29.95
N LYS D 417 -41.57 6.14 29.21
CA LYS D 417 -40.36 6.84 29.67
C LYS D 417 -39.92 7.89 28.67
N PRO D 418 -39.55 9.08 29.13
CA PRO D 418 -38.97 10.08 28.23
C PRO D 418 -37.73 9.56 27.54
N ASN D 419 -37.44 10.16 26.39
CA ASN D 419 -36.23 9.89 25.61
C ASN D 419 -35.16 10.81 26.18
N LEU D 420 -34.48 10.32 27.22
CA LEU D 420 -33.50 11.12 27.94
C LEU D 420 -32.32 11.45 27.06
N TYR D 421 -32.01 10.57 26.11
CA TYR D 421 -30.82 10.75 25.30
C TYR D 421 -30.92 12.04 24.48
N ALA D 422 -31.98 12.19 23.67
CA ALA D 422 -32.10 13.40 22.89
C ALA D 422 -32.46 14.62 23.72
N LEU D 423 -32.95 14.43 24.94
CA LEU D 423 -33.29 15.58 25.75
C LEU D 423 -32.05 16.22 26.38
N TYR D 424 -31.14 15.41 26.92
CA TYR D 424 -30.11 15.95 27.80
C TYR D 424 -28.67 15.55 27.49
N TYR D 425 -28.42 14.67 26.50
CA TYR D 425 -27.10 14.05 26.39
C TYR D 425 -26.03 15.03 25.90
N GLU D 426 -26.16 15.56 24.70
CA GLU D 426 -25.07 16.43 24.23
C GLU D 426 -25.04 17.73 25.04
N GLY D 427 -23.84 18.15 25.41
CA GLY D 427 -23.62 19.44 26.03
C GLY D 427 -23.51 19.43 27.55
N THR D 428 -23.89 18.32 28.21
CA THR D 428 -23.97 18.24 29.66
C THR D 428 -22.96 17.25 30.24
N PRO D 429 -22.58 17.42 31.51
CA PRO D 429 -21.72 16.43 32.16
C PRO D 429 -22.31 15.04 32.23
N ASN D 430 -23.62 14.88 32.36
CA ASN D 430 -24.15 13.59 32.82
C ASN D 430 -24.49 12.42 31.86
N GLY D 431 -24.60 12.55 30.54
CA GLY D 431 -24.21 13.68 29.73
C GLY D 431 -23.19 13.12 28.75
N GLU D 432 -22.80 13.93 27.76
CA GLU D 432 -21.69 13.52 26.90
C GLU D 432 -20.36 13.53 27.64
N GLY D 433 -20.31 14.21 28.80
CA GLY D 433 -19.17 14.11 29.69
C GLY D 433 -18.96 12.74 30.33
N GLN D 434 -19.94 11.82 30.22
CA GLN D 434 -19.79 10.46 30.73
C GLN D 434 -19.74 9.42 29.63
N GLY D 435 -19.89 9.81 28.37
CA GLY D 435 -19.80 8.87 27.27
C GLY D 435 -20.71 7.66 27.43
N SER D 436 -20.17 6.47 27.16
CA SER D 436 -20.94 5.23 27.22
C SER D 436 -21.45 4.93 28.61
N SER D 437 -20.88 5.52 29.66
CA SER D 437 -21.30 5.29 31.04
C SER D 437 -22.27 6.36 31.53
N SER D 438 -23.11 6.92 30.62
CA SER D 438 -24.13 7.92 30.95
C SER D 438 -25.47 7.23 31.26
N PRO D 439 -26.25 7.82 32.17
CA PRO D 439 -27.58 7.30 32.44
C PRO D 439 -28.55 7.55 31.29
N PHE D 440 -28.15 8.25 30.23
CA PHE D 440 -29.01 8.49 29.09
C PHE D 440 -28.74 7.54 27.94
N SER D 441 -27.89 6.53 28.13
CA SER D 441 -27.66 5.54 27.10
C SER D 441 -28.22 4.17 27.52
N GLY D 442 -28.99 3.52 26.66
CA GLY D 442 -29.63 4.16 25.53
C GLY D 442 -31.09 4.42 25.94
N GLU D 443 -31.23 5.28 26.94
CA GLU D 443 -32.54 5.75 27.36
C GLU D 443 -33.12 6.65 26.26
N THR D 444 -33.59 6.01 25.18
CA THR D 444 -34.15 6.73 24.04
C THR D 444 -35.67 6.82 24.08
N GLY D 445 -36.30 6.65 25.23
CA GLY D 445 -37.75 6.78 25.29
C GLY D 445 -38.49 5.50 24.97
N GLN D 446 -39.62 5.27 25.64
CA GLN D 446 -40.41 4.10 25.31
C GLN D 446 -41.87 4.41 25.68
N TYR D 447 -42.79 3.83 24.92
CA TYR D 447 -44.20 3.93 25.28
C TYR D 447 -44.92 2.68 24.83
N SER D 448 -45.77 2.16 25.68
CA SER D 448 -46.57 1.02 25.29
C SER D 448 -47.94 1.12 25.93
N GLU D 449 -48.85 0.30 25.43
CA GLU D 449 -50.22 0.24 25.91
C GLU D 449 -50.72 -1.17 25.70
N GLN D 450 -51.42 -1.70 26.68
CA GLN D 450 -51.99 -3.02 26.60
C GLN D 450 -53.46 -2.95 26.97
N ILE D 451 -54.29 -3.73 26.29
CA ILE D 451 -55.70 -3.85 26.62
C ILE D 451 -56.00 -5.34 26.83
N THR D 452 -56.63 -5.65 27.97
CA THR D 452 -56.85 -7.02 28.43
C THR D 452 -58.33 -7.24 28.68
N ARG D 453 -58.84 -8.39 28.24
CA ARG D 453 -60.24 -8.75 28.35
C ARG D 453 -60.37 -10.11 29.02
N ARG D 454 -61.02 -10.15 30.18
CA ARG D 454 -61.30 -11.38 30.90
C ARG D 454 -62.80 -11.61 30.95
N ARG D 455 -63.20 -12.89 30.93
CA ARG D 455 -64.61 -13.20 31.05
C ARG D 455 -64.82 -14.63 31.54
N GLU D 456 -65.34 -14.79 32.75
CA GLU D 456 -65.70 -16.09 33.28
C GLU D 456 -67.21 -16.21 33.26
N ILE D 457 -67.71 -17.40 32.92
CA ILE D 457 -69.11 -17.76 33.06
C ILE D 457 -69.18 -19.04 33.87
N ASN D 458 -70.11 -19.09 34.83
CA ASN D 458 -70.32 -20.28 35.63
C ASN D 458 -71.81 -20.61 35.69
N GLN D 459 -72.15 -21.88 35.48
CA GLN D 459 -73.53 -22.32 35.51
C GLN D 459 -73.72 -23.48 36.47
N ASP D 460 -74.72 -23.36 37.34
CA ASP D 460 -75.04 -24.39 38.34
C ASP D 460 -76.48 -24.85 38.18
N ILE D 461 -76.68 -26.16 38.09
CA ILE D 461 -78.01 -26.78 38.10
C ILE D 461 -78.06 -27.76 39.26
N MET D 462 -78.90 -27.48 40.28
CA MET D 462 -78.95 -28.29 41.50
C MET D 462 -80.39 -28.62 41.88
N VAL D 463 -80.63 -29.87 42.26
CA VAL D 463 -81.89 -30.25 42.91
C VAL D 463 -81.56 -30.79 44.30
N ASN D 464 -82.20 -30.21 45.32
CA ASN D 464 -81.95 -30.57 46.72
C ASN D 464 -83.17 -31.26 47.31
N PHE D 465 -82.93 -32.31 48.11
CA PHE D 465 -83.98 -33.06 48.78
C PHE D 465 -83.70 -33.09 50.27
N ASN D 466 -84.72 -32.83 51.10
CA ASN D 466 -84.49 -32.68 52.53
C ASN D 466 -85.74 -33.08 53.31
N MET D 467 -85.68 -34.21 54.02
CA MET D 467 -86.85 -34.77 54.71
C MET D 467 -86.48 -35.37 56.06
N PRO D 468 -87.13 -34.96 57.15
CA PRO D 468 -86.92 -35.65 58.42
C PRO D 468 -87.67 -36.98 58.46
N VAL D 469 -87.00 -38.01 58.98
CA VAL D 469 -87.60 -39.32 59.22
C VAL D 469 -87.23 -39.77 60.63
N ASN D 470 -88.21 -39.88 61.51
CA ASN D 470 -87.97 -40.15 62.95
C ASN D 470 -87.07 -39.02 63.48
N ASP D 471 -86.15 -39.31 64.39
CA ASP D 471 -85.17 -38.33 64.82
C ASP D 471 -84.07 -38.10 63.78
N PHE D 472 -84.08 -38.84 62.67
CA PHE D 472 -83.06 -38.69 61.65
C PHE D 472 -83.46 -37.59 60.68
N ASN D 473 -82.48 -37.15 59.87
CA ASN D 473 -82.71 -36.05 58.94
C ASN D 473 -81.79 -36.25 57.74
N ILE D 474 -82.37 -36.32 56.54
CA ILE D 474 -81.62 -36.60 55.31
C ILE D 474 -81.54 -35.34 54.47
N ASN D 475 -80.33 -34.94 54.09
CA ASN D 475 -80.16 -33.82 53.16
C ASN D 475 -79.39 -34.30 51.94
N ALA D 476 -80.05 -34.36 50.79
CA ALA D 476 -79.44 -34.83 49.55
C ALA D 476 -79.57 -33.78 48.45
N LEU D 477 -78.47 -33.56 47.72
CA LEU D 477 -78.37 -32.55 46.66
C LEU D 477 -77.42 -33.06 45.60
N VAL D 478 -77.90 -33.19 44.37
CA VAL D 478 -77.06 -33.50 43.21
C VAL D 478 -77.07 -32.31 42.26
N GLY D 479 -75.98 -32.14 41.50
CA GLY D 479 -75.85 -30.95 40.70
C GLY D 479 -74.97 -31.09 39.49
N PHE D 480 -75.14 -30.18 38.56
CA PHE D 480 -74.27 -30.05 37.40
C PHE D 480 -73.57 -28.70 37.50
N ASN D 481 -72.35 -28.62 36.97
CA ASN D 481 -71.61 -27.37 36.96
C ASN D 481 -70.91 -27.23 35.61
N GLY D 482 -71.14 -26.11 34.94
CA GLY D 482 -70.38 -25.71 33.77
C GLY D 482 -69.57 -24.48 34.10
N ASN D 483 -68.37 -24.41 33.54
CA ASN D 483 -67.49 -23.26 33.76
C ASN D 483 -66.69 -22.99 32.48
N GLU D 484 -66.47 -21.71 32.21
CA GLU D 484 -65.73 -21.29 31.03
C GLU D 484 -64.97 -20.02 31.39
N ARG D 485 -63.64 -20.08 31.32
CA ARG D 485 -62.82 -18.91 31.56
C ARG D 485 -62.05 -18.58 30.28
N LYS D 486 -61.96 -17.30 29.98
CA LYS D 486 -61.27 -16.82 28.80
C LYS D 486 -60.54 -15.53 29.15
N VAL D 487 -59.32 -15.36 28.64
CA VAL D 487 -58.62 -14.09 28.78
C VAL D 487 -57.85 -13.83 27.50
N SER D 488 -57.73 -12.55 27.14
CA SER D 488 -57.01 -12.18 25.92
C SER D 488 -56.50 -10.76 26.09
N TYR D 489 -55.47 -10.41 25.32
CA TYR D 489 -55.02 -9.04 25.34
C TYR D 489 -54.35 -8.74 24.01
N GLN D 490 -54.17 -7.44 23.74
CA GLN D 490 -53.30 -7.02 22.64
C GLN D 490 -52.42 -5.90 23.15
N TYR D 491 -51.16 -5.91 22.69
CA TYR D 491 -50.07 -5.12 23.27
C TYR D 491 -49.25 -4.48 22.17
N SER D 492 -48.95 -3.21 22.34
CA SER D 492 -48.23 -2.51 21.30
C SER D 492 -47.32 -1.46 21.95
N GLU D 493 -46.12 -1.33 21.39
CA GLU D 493 -45.03 -0.61 22.01
C GLU D 493 -44.18 0.05 20.94
N VAL D 494 -43.74 1.28 21.21
CA VAL D 494 -42.78 1.96 20.37
C VAL D 494 -41.60 2.43 21.22
N ASN D 495 -40.41 2.38 20.63
CA ASN D 495 -39.18 2.91 21.22
C ASN D 495 -38.65 4.08 20.40
N ASP D 496 -37.74 4.84 20.99
CA ASP D 496 -37.10 5.99 20.33
C ASP D 496 -38.12 7.07 20.02
N LEU D 497 -38.60 7.76 21.07
CA LEU D 497 -39.58 8.82 20.90
C LEU D 497 -38.97 9.99 20.14
N THR D 498 -39.65 10.40 19.07
CA THR D 498 -39.20 11.51 18.25
C THR D 498 -39.32 12.82 18.99
N ILE D 499 -40.53 13.22 19.31
CA ILE D 499 -40.75 14.26 20.30
C ILE D 499 -40.58 13.60 21.66
N PRO D 500 -39.58 14.00 22.44
CA PRO D 500 -39.09 13.13 23.52
C PRO D 500 -40.11 12.89 24.63
N THR D 501 -41.00 13.84 24.94
CA THR D 501 -41.85 13.64 26.10
C THR D 501 -43.23 13.07 25.76
N TRP D 502 -43.69 13.18 24.51
CA TRP D 502 -45.04 12.76 24.12
C TRP D 502 -45.13 11.23 24.02
N PHE D 503 -45.97 10.62 24.85
CA PHE D 503 -46.16 9.16 24.85
C PHE D 503 -47.32 8.81 23.90
N ASN D 504 -47.00 8.48 22.65
CA ASN D 504 -48.01 8.15 21.65
C ASN D 504 -47.44 7.19 20.63
N LEU D 505 -48.18 6.14 20.29
CA LEU D 505 -47.67 5.16 19.32
C LEU D 505 -47.19 5.79 18.00
N LYS D 506 -47.56 7.04 17.71
CA LYS D 506 -47.11 7.71 16.50
C LYS D 506 -45.74 8.34 16.65
N ASN D 507 -45.20 8.43 17.86
CA ASN D 507 -44.07 9.31 18.11
C ASN D 507 -42.74 8.56 18.04
N SER D 508 -42.58 7.72 17.03
CA SER D 508 -41.35 6.97 16.88
C SER D 508 -41.07 6.76 15.40
N GLY D 509 -39.79 6.93 15.03
CA GLY D 509 -39.30 6.67 13.70
C GLY D 509 -38.93 5.22 13.45
N LYS D 510 -39.25 4.33 14.38
CA LYS D 510 -38.73 2.97 14.32
C LYS D 510 -39.88 1.98 14.44
N THR D 511 -39.56 0.73 14.17
CA THR D 511 -40.58 -0.30 14.08
C THR D 511 -41.33 -0.41 15.41
N PRO D 512 -42.65 -0.47 15.39
CA PRO D 512 -43.38 -0.87 16.60
C PRO D 512 -43.25 -2.35 16.90
N ILE D 513 -43.56 -2.69 18.16
CA ILE D 513 -43.63 -4.08 18.62
C ILE D 513 -45.07 -4.35 19.01
N VAL D 514 -45.65 -5.46 18.51
CA VAL D 514 -47.02 -5.82 18.82
C VAL D 514 -47.09 -7.26 19.31
N GLU D 515 -48.00 -7.50 20.26
CA GLU D 515 -48.25 -8.83 20.78
C GLU D 515 -49.76 -9.02 20.97
N GLN D 516 -50.22 -10.25 20.79
CA GLN D 516 -51.59 -10.62 21.13
C GLN D 516 -51.60 -12.03 21.69
N HIS D 517 -52.55 -12.27 22.60
CA HIS D 517 -52.61 -13.50 23.37
C HIS D 517 -54.06 -13.80 23.72
N MET D 518 -54.39 -15.09 23.76
CA MET D 518 -55.73 -15.51 24.15
C MET D 518 -55.68 -16.90 24.76
N GLU D 519 -56.37 -17.08 25.88
CA GLU D 519 -56.56 -18.39 26.50
C GLU D 519 -58.06 -18.66 26.61
N LEU D 520 -58.43 -19.92 26.44
CA LEU D 520 -59.79 -20.34 26.71
C LEU D 520 -59.78 -21.75 27.27
N ARG D 521 -60.47 -21.95 28.39
CA ARG D 521 -60.58 -23.27 29.01
C ARG D 521 -62.01 -23.49 29.49
N ARG D 522 -62.42 -24.77 29.49
CA ARG D 522 -63.79 -25.11 29.89
C ARG D 522 -63.78 -26.36 30.76
N LEU D 523 -64.74 -26.38 31.69
CA LEU D 523 -64.96 -27.45 32.66
C LEU D 523 -66.46 -27.75 32.79
N MET D 524 -66.79 -29.04 32.81
CA MET D 524 -68.10 -29.52 33.21
C MET D 524 -67.95 -30.58 34.28
N GLY D 525 -68.98 -30.73 35.12
CA GLY D 525 -68.94 -31.73 36.18
C GLY D 525 -70.29 -31.99 36.82
N VAL D 526 -70.48 -33.18 37.37
CA VAL D 526 -71.65 -33.51 38.17
C VAL D 526 -71.18 -33.86 39.57
N PHE D 527 -72.02 -33.56 40.57
CA PHE D 527 -71.62 -33.71 41.97
C PHE D 527 -72.83 -34.05 42.83
N GLY D 528 -72.58 -34.71 43.95
CA GLY D 528 -73.62 -35.04 44.91
C GLY D 528 -73.10 -34.95 46.33
N GLN D 529 -73.96 -34.49 47.24
CA GLN D 529 -73.55 -34.18 48.62
C GLN D 529 -74.66 -34.63 49.58
N PHE D 530 -74.55 -35.84 50.11
CA PHE D 530 -75.52 -36.41 51.04
C PHE D 530 -75.14 -36.09 52.49
N GLU D 531 -76.10 -35.59 53.27
CA GLU D 531 -75.84 -35.21 54.66
C GLU D 531 -76.86 -35.87 55.60
N GLY D 532 -76.41 -36.83 56.40
CA GLY D 532 -77.25 -37.44 57.42
C GLY D 532 -77.12 -36.78 58.78
N SER D 533 -78.24 -36.70 59.49
CA SER D 533 -78.32 -36.04 60.79
C SER D 533 -79.12 -36.90 61.77
N TRP D 534 -78.68 -36.96 63.02
CA TRP D 534 -79.42 -37.65 64.08
C TRP D 534 -79.51 -36.76 65.32
N LYS D 535 -80.72 -36.26 65.59
CA LYS D 535 -81.10 -35.64 66.86
C LYS D 535 -80.16 -34.49 67.22
N ASN D 536 -79.89 -33.63 66.22
CA ASN D 536 -78.99 -32.49 66.35
C ASN D 536 -77.70 -32.83 67.08
N MET D 537 -77.20 -34.05 66.86
CA MET D 537 -76.13 -34.62 67.68
C MET D 537 -75.04 -35.27 66.83
N LEU D 538 -75.45 -35.99 65.79
CA LEU D 538 -74.55 -36.76 64.93
C LEU D 538 -74.78 -36.33 63.49
N TYR D 539 -73.83 -35.60 62.94
CA TYR D 539 -73.89 -35.16 61.54
C TYR D 539 -72.82 -35.88 60.74
N LEU D 540 -73.23 -36.52 59.64
CA LEU D 540 -72.33 -37.27 58.77
C LEU D 540 -72.65 -36.91 57.33
N THR D 541 -71.66 -36.37 56.61
CA THR D 541 -71.86 -35.97 55.22
C THR D 541 -70.85 -36.67 54.33
N VAL D 542 -71.26 -37.02 53.11
CA VAL D 542 -70.38 -37.59 52.10
C VAL D 542 -70.58 -36.83 50.79
N THR D 543 -69.47 -36.58 50.08
CA THR D 543 -69.46 -35.83 48.84
C THR D 543 -68.86 -36.70 47.74
N ALA D 544 -69.04 -36.28 46.50
CA ALA D 544 -68.58 -37.00 45.31
C ALA D 544 -68.83 -36.19 44.04
N ARG D 545 -67.79 -36.05 43.22
CA ARG D 545 -67.78 -35.09 42.14
C ARG D 545 -66.81 -35.57 41.07
N ASN D 546 -67.26 -35.57 39.82
CA ASN D 546 -66.44 -36.00 38.68
C ASN D 546 -66.45 -34.87 37.66
N ASP D 547 -65.29 -34.26 37.43
CA ASP D 547 -65.13 -33.17 36.48
C ASP D 547 -64.65 -33.70 35.14
N TRP D 548 -64.98 -32.96 34.07
CA TRP D 548 -64.34 -33.11 32.77
C TRP D 548 -63.70 -31.78 32.37
N SER D 549 -62.43 -31.82 31.97
CA SER D 549 -61.65 -30.61 31.76
C SER D 549 -61.06 -30.57 30.36
N SER D 550 -61.03 -29.36 29.79
CA SER D 550 -60.44 -29.18 28.47
C SER D 550 -58.91 -29.28 28.52
N THR D 551 -58.29 -28.93 29.65
CA THR D 551 -56.85 -28.75 29.79
C THR D 551 -56.09 -30.02 30.13
N LEU D 552 -56.74 -31.15 30.16
CA LEU D 552 -56.10 -32.44 30.31
C LEU D 552 -56.03 -33.17 28.98
N PRO D 553 -55.13 -34.15 28.81
CA PRO D 553 -55.07 -34.84 27.52
C PRO D 553 -56.41 -35.49 27.20
N LYS D 554 -56.76 -35.45 25.92
CA LYS D 554 -58.06 -35.91 25.46
C LYS D 554 -58.36 -37.31 25.99
N GLU D 555 -57.36 -38.17 26.01
CA GLU D 555 -57.58 -39.54 26.43
C GLU D 555 -57.87 -39.67 27.92
N ASN D 556 -57.65 -38.60 28.69
CA ASN D 556 -57.85 -38.67 30.14
C ASN D 556 -58.23 -37.30 30.69
N ARG D 557 -59.50 -36.89 30.50
CA ARG D 557 -59.96 -35.64 31.10
C ARG D 557 -60.91 -35.80 32.27
N SER D 558 -61.50 -36.98 32.47
CA SER D 558 -62.42 -37.18 33.58
C SER D 558 -61.63 -37.51 34.84
N PHE D 559 -61.85 -36.74 35.91
CA PHE D 559 -61.32 -37.11 37.20
C PHE D 559 -62.42 -37.08 38.26
N PHE D 560 -62.31 -37.98 39.22
CA PHE D 560 -63.32 -38.24 40.24
C PHE D 560 -62.76 -37.98 41.62
N TYR D 561 -63.53 -37.30 42.47
CA TYR D 561 -63.05 -37.13 43.82
C TYR D 561 -64.15 -37.19 44.88
N PRO D 562 -64.02 -38.11 45.86
CA PRO D 562 -65.03 -38.22 46.91
C PRO D 562 -64.57 -37.59 48.22
N GLY D 563 -65.44 -37.60 49.23
CA GLY D 563 -65.07 -37.06 50.53
C GLY D 563 -66.08 -37.39 51.60
N ILE D 564 -65.60 -37.68 52.82
CA ILE D 564 -66.44 -37.99 53.97
C ILE D 564 -66.10 -37.01 55.08
N THR D 565 -67.11 -36.34 55.63
CA THR D 565 -66.91 -35.57 56.85
C THR D 565 -67.94 -36.01 57.88
N GLY D 566 -67.60 -35.78 59.14
CA GLY D 566 -68.47 -36.15 60.24
C GLY D 566 -68.38 -35.12 61.35
N SER D 567 -69.42 -35.09 62.18
CA SER D 567 -69.51 -34.11 63.25
C SER D 567 -70.38 -34.70 64.36
N PHE D 568 -70.01 -34.42 65.61
CA PHE D 568 -70.68 -35.02 66.75
C PHE D 568 -70.60 -34.07 67.93
N ILE D 569 -71.74 -33.50 68.32
CA ILE D 569 -71.83 -32.51 69.39
C ILE D 569 -72.19 -33.24 70.67
N PHE D 570 -71.17 -33.61 71.46
CA PHE D 570 -71.34 -34.50 72.59
C PHE D 570 -71.92 -33.84 73.83
N SER D 571 -71.87 -32.50 73.95
CA SER D 571 -72.50 -31.89 75.12
C SER D 571 -74.03 -31.92 75.02
N GLU D 572 -74.59 -31.76 73.81
CA GLU D 572 -75.97 -32.12 73.55
C GLU D 572 -76.16 -33.60 73.83
N LEU D 573 -76.96 -33.91 74.85
CA LEU D 573 -77.03 -35.25 75.42
C LEU D 573 -75.62 -35.73 75.80
N LEU D 574 -75.18 -35.21 76.95
CA LEU D 574 -73.85 -35.52 77.48
C LEU D 574 -73.91 -36.86 78.19
N LEU D 578 -77.12 -32.05 83.12
CA LEU D 578 -76.52 -31.46 84.31
C LEU D 578 -76.13 -30.00 84.09
N GLN D 579 -74.82 -29.76 84.13
CA GLN D 579 -74.20 -28.45 83.96
C GLN D 579 -73.53 -28.43 82.57
N ASP D 580 -73.76 -27.45 81.66
CA ASP D 580 -74.22 -26.03 81.79
C ASP D 580 -72.93 -25.19 82.06
N VAL D 581 -71.83 -25.86 82.40
CA VAL D 581 -70.49 -25.28 82.37
C VAL D 581 -69.80 -25.54 81.02
N ILE D 582 -70.19 -26.63 80.36
CA ILE D 582 -69.81 -26.90 78.99
C ILE D 582 -70.97 -26.41 78.12
N THR D 583 -70.87 -25.18 77.63
CA THR D 583 -71.93 -24.59 76.82
C THR D 583 -72.12 -25.38 75.53
N PHE D 584 -71.03 -25.86 74.95
CA PHE D 584 -71.01 -26.45 73.63
C PHE D 584 -69.77 -27.34 73.54
N GLY D 585 -69.92 -28.50 72.91
CA GLY D 585 -68.81 -29.42 72.76
C GLY D 585 -68.89 -30.21 71.46
N LYS D 586 -67.96 -29.99 70.54
CA LYS D 586 -68.06 -30.55 69.20
C LYS D 586 -66.75 -31.20 68.79
N ILE D 587 -66.84 -32.38 68.18
CA ILE D 587 -65.68 -33.11 67.67
C ILE D 587 -65.96 -33.47 66.21
N ARG D 588 -64.96 -33.26 65.36
CA ARG D 588 -65.15 -33.42 63.92
C ARG D 588 -63.99 -34.17 63.29
N ALA D 589 -64.28 -34.78 62.15
CA ALA D 589 -63.34 -35.62 61.43
C ALA D 589 -63.62 -35.46 59.95
N SER D 590 -62.58 -35.51 59.12
CA SER D 590 -62.81 -35.45 57.68
C SER D 590 -61.70 -36.17 56.93
N TRP D 591 -62.10 -36.90 55.88
CA TRP D 591 -61.19 -37.56 54.95
C TRP D 591 -61.74 -37.30 53.55
N GLY D 592 -60.94 -36.73 52.66
CA GLY D 592 -61.48 -36.41 51.34
C GLY D 592 -60.42 -36.01 50.33
N LYS D 593 -60.79 -36.17 49.06
CA LYS D 593 -59.95 -35.82 47.93
C LYS D 593 -60.62 -34.71 47.12
N THR D 594 -59.81 -33.83 46.54
CA THR D 594 -60.28 -32.98 45.46
C THR D 594 -59.35 -33.15 44.26
N GLY D 595 -59.94 -33.16 43.07
CA GLY D 595 -59.16 -33.26 41.86
C GLY D 595 -58.73 -31.91 41.33
N ASN D 596 -57.96 -31.95 40.25
CA ASN D 596 -57.54 -30.70 39.64
C ASN D 596 -56.97 -31.00 38.27
N ASP D 597 -57.20 -30.07 37.35
CA ASP D 597 -56.64 -30.11 36.00
C ASP D 597 -55.44 -29.16 35.92
N ALA D 598 -54.86 -29.10 34.72
CA ALA D 598 -53.70 -28.25 34.45
C ALA D 598 -54.10 -26.84 34.02
N ASP D 599 -53.08 -25.97 33.95
CA ASP D 599 -53.19 -24.73 33.21
C ASP D 599 -53.32 -25.05 31.71
N VAL D 600 -53.63 -24.02 30.93
CA VAL D 600 -54.09 -24.22 29.55
C VAL D 600 -52.91 -24.56 28.64
N TYR D 601 -53.19 -25.35 27.61
CA TYR D 601 -52.23 -25.60 26.52
C TYR D 601 -50.89 -26.12 27.06
N MET D 602 -50.92 -27.31 27.66
CA MET D 602 -49.70 -27.94 28.12
C MET D 602 -49.55 -29.35 27.58
N VAL D 603 -50.35 -29.74 26.58
CA VAL D 603 -50.26 -31.09 26.07
C VAL D 603 -49.41 -31.20 24.81
N ASN D 604 -49.43 -30.15 23.97
CA ASN D 604 -48.91 -30.34 22.63
C ASN D 604 -47.62 -29.54 22.38
N PRO D 605 -46.77 -29.99 21.46
CA PRO D 605 -45.64 -29.16 21.05
C PRO D 605 -46.09 -27.92 20.31
N VAL D 606 -45.46 -26.79 20.62
CA VAL D 606 -45.66 -25.55 19.91
C VAL D 606 -44.36 -25.13 19.22
N TYR D 607 -44.48 -24.26 18.22
CA TYR D 607 -43.34 -23.55 17.64
C TYR D 607 -43.54 -22.07 17.87
N ALA D 608 -42.63 -21.43 18.60
CA ALA D 608 -42.80 -19.99 18.76
C ALA D 608 -42.11 -19.26 17.62
N GLN D 609 -42.37 -17.96 17.56
CA GLN D 609 -41.62 -17.10 16.66
C GLN D 609 -40.23 -16.91 17.27
N SER D 610 -39.20 -17.19 16.47
CA SER D 610 -37.84 -17.36 16.98
C SER D 610 -37.33 -16.12 17.69
N SER D 611 -36.99 -16.27 18.97
CA SER D 611 -36.31 -15.21 19.70
C SER D 611 -35.21 -15.82 20.56
N ASN D 612 -34.31 -14.97 21.06
CA ASN D 612 -33.17 -15.43 21.85
C ASN D 612 -33.01 -14.47 23.01
N ARG D 613 -33.10 -14.98 24.23
CA ARG D 613 -32.90 -14.17 25.41
C ARG D 613 -31.41 -14.13 25.72
N ILE D 614 -30.84 -12.95 25.65
CA ILE D 614 -29.41 -12.77 25.91
C ILE D 614 -29.33 -11.86 27.13
N PRO D 615 -28.22 -11.83 27.86
CA PRO D 615 -28.14 -10.95 29.02
C PRO D 615 -28.67 -9.56 28.72
N PHE D 616 -29.60 -9.12 29.54
CA PHE D 616 -30.15 -7.76 29.44
C PHE D 616 -30.61 -7.40 28.03
N GLY D 617 -31.24 -8.34 27.34
CA GLY D 617 -31.78 -8.05 26.03
C GLY D 617 -32.24 -9.30 25.31
N SER D 618 -32.79 -9.07 24.11
CA SER D 618 -33.17 -10.14 23.20
C SER D 618 -32.57 -9.90 21.84
N LEU D 619 -32.64 -10.92 20.99
CA LEU D 619 -32.47 -10.77 19.55
C LEU D 619 -33.58 -11.58 18.89
N THR D 620 -34.63 -10.90 18.41
CA THR D 620 -35.82 -11.55 17.89
C THR D 620 -35.90 -11.50 16.38
N PHE D 621 -36.71 -12.38 15.83
CA PHE D 621 -37.07 -12.29 14.43
C PHE D 621 -38.28 -11.34 14.33
N PRO D 622 -38.50 -10.73 13.15
CA PRO D 622 -37.87 -10.79 11.82
C PRO D 622 -36.50 -10.13 11.63
N LEU D 623 -35.66 -10.84 10.89
CA LEU D 623 -34.37 -10.35 10.40
C LEU D 623 -34.08 -11.02 9.08
N GLY D 624 -33.53 -10.31 8.10
CA GLY D 624 -33.76 -8.90 7.93
C GLY D 624 -34.80 -9.03 6.82
N GLY D 625 -36.07 -9.04 7.21
CA GLY D 625 -37.12 -9.36 6.28
C GLY D 625 -37.60 -10.79 6.34
N VAL D 626 -36.81 -11.68 6.93
CA VAL D 626 -37.23 -13.06 7.10
C VAL D 626 -37.81 -13.26 8.49
N ASN D 627 -38.78 -14.16 8.57
CA ASN D 627 -39.40 -14.54 9.82
C ASN D 627 -39.13 -16.02 10.05
N ALA D 628 -39.05 -16.41 11.32
CA ALA D 628 -38.61 -17.77 11.61
C ALA D 628 -39.32 -18.29 12.84
N TYR D 629 -39.47 -19.61 12.87
CA TYR D 629 -40.11 -20.30 13.98
C TYR D 629 -39.13 -21.30 14.57
N SER D 630 -38.97 -21.24 15.89
CA SER D 630 -38.15 -22.14 16.68
C SER D 630 -39.06 -23.10 17.46
N ALA D 631 -38.62 -24.35 17.62
CA ALA D 631 -39.32 -25.29 18.49
C ALA D 631 -39.41 -24.76 19.93
N GLY D 632 -40.62 -24.80 20.50
CA GLY D 632 -40.84 -24.21 21.81
C GLY D 632 -40.05 -24.94 22.89
N ASN D 633 -39.52 -24.16 23.84
CA ASN D 633 -38.54 -24.70 24.77
C ASN D 633 -39.14 -25.45 25.96
N VAL D 634 -40.47 -25.61 26.00
CA VAL D 634 -41.14 -26.43 26.99
C VAL D 634 -41.71 -27.65 26.28
N LEU D 635 -41.28 -28.83 26.70
CA LEU D 635 -41.76 -30.05 26.08
C LEU D 635 -43.17 -30.35 26.58
N GLY D 636 -44.09 -30.61 25.66
CA GLY D 636 -45.42 -31.01 26.03
C GLY D 636 -45.49 -32.48 26.37
N SER D 637 -46.60 -32.86 26.98
CA SER D 637 -46.85 -34.26 27.32
C SER D 637 -48.32 -34.58 27.14
N ASN D 638 -48.59 -35.68 26.44
CA ASN D 638 -49.92 -36.24 26.29
C ASN D 638 -50.14 -37.44 27.20
N THR D 639 -49.31 -37.60 28.23
CA THR D 639 -49.43 -38.67 29.21
C THR D 639 -49.85 -38.17 30.59
N LEU D 640 -50.06 -36.86 30.76
CA LEU D 640 -50.40 -36.31 32.06
C LEU D 640 -51.68 -36.92 32.59
N SER D 641 -51.76 -37.02 33.93
CA SER D 641 -52.94 -37.49 34.64
C SER D 641 -53.46 -36.34 35.52
N PRO D 642 -54.67 -36.43 36.07
CA PRO D 642 -55.17 -35.34 36.91
C PRO D 642 -54.35 -35.17 38.18
N GLU D 643 -54.38 -33.96 38.72
CA GLU D 643 -53.85 -33.71 40.06
C GLU D 643 -54.84 -34.25 41.10
N MET D 644 -54.32 -34.76 42.22
CA MET D 644 -55.17 -35.32 43.27
C MET D 644 -54.69 -34.85 44.63
N THR D 645 -55.50 -34.04 45.30
CA THR D 645 -55.19 -33.57 46.65
C THR D 645 -55.97 -34.40 47.67
N THR D 646 -55.25 -35.03 48.62
CA THR D 646 -55.84 -35.83 49.69
C THR D 646 -55.59 -35.16 51.04
N GLU D 647 -56.60 -35.18 51.90
CA GLU D 647 -56.49 -34.50 53.19
C GLU D 647 -57.27 -35.25 54.24
N SER D 648 -56.69 -35.33 55.43
CA SER D 648 -57.36 -35.91 56.60
C SER D 648 -57.19 -34.93 57.74
N GLU D 649 -58.27 -34.68 58.48
CA GLU D 649 -58.29 -33.62 59.47
C GLU D 649 -59.15 -34.09 60.65
N VAL D 650 -58.69 -33.79 61.87
CA VAL D 650 -59.50 -33.93 63.07
C VAL D 650 -59.55 -32.57 63.75
N GLY D 651 -60.58 -32.36 64.56
CA GLY D 651 -60.73 -31.08 65.22
C GLY D 651 -61.68 -31.18 66.41
N LEU D 652 -61.56 -30.18 67.30
CA LEU D 652 -62.36 -30.08 68.51
C LEU D 652 -62.78 -28.64 68.76
N ASN D 653 -64.00 -28.45 69.25
CA ASN D 653 -64.56 -27.12 69.49
C ASN D 653 -65.37 -27.17 70.78
N MET D 654 -64.90 -26.44 71.81
CA MET D 654 -65.57 -26.42 73.11
C MET D 654 -65.76 -24.99 73.62
N ALA D 655 -66.90 -24.76 74.29
CA ALA D 655 -67.27 -23.48 74.85
C ALA D 655 -67.73 -23.66 76.29
N PHE D 656 -67.42 -22.67 77.14
CA PHE D 656 -67.70 -22.77 78.57
C PHE D 656 -68.32 -21.48 79.10
N PHE D 657 -69.22 -21.64 80.10
CA PHE D 657 -69.78 -20.54 80.89
C PHE D 657 -70.55 -19.54 80.03
N LYS D 658 -71.51 -20.04 79.24
CA LYS D 658 -72.32 -19.19 78.36
C LYS D 658 -71.44 -18.42 77.38
N ASN D 659 -70.61 -19.17 76.65
CA ASN D 659 -69.66 -18.63 75.68
C ASN D 659 -68.86 -17.47 76.26
N ARG D 660 -68.35 -17.67 77.46
CA ARG D 660 -67.35 -16.77 78.06
C ARG D 660 -65.94 -17.36 78.00
N LEU D 661 -65.80 -18.55 77.44
CA LEU D 661 -64.48 -19.14 77.19
C LEU D 661 -64.64 -20.21 76.11
N SER D 662 -63.94 -20.02 74.99
CA SER D 662 -64.09 -20.89 73.84
C SER D 662 -62.73 -21.33 73.35
N PHE D 663 -62.69 -22.51 72.72
CA PHE D 663 -61.52 -22.83 71.94
C PHE D 663 -61.89 -23.69 70.75
N ASP D 664 -61.05 -23.61 69.73
CA ASP D 664 -61.14 -24.43 68.53
C ASP D 664 -59.72 -24.89 68.20
N VAL D 665 -59.58 -26.18 67.93
CA VAL D 665 -58.29 -26.73 67.48
C VAL D 665 -58.54 -27.68 66.32
N SER D 666 -57.57 -27.71 65.39
CA SER D 666 -57.63 -28.57 64.23
C SER D 666 -56.24 -29.14 63.96
N TYR D 667 -56.22 -30.39 63.54
CA TYR D 667 -54.99 -31.05 63.12
C TYR D 667 -55.23 -31.57 61.71
N TYR D 668 -54.40 -31.14 60.77
CA TYR D 668 -54.62 -31.46 59.37
C TYR D 668 -53.40 -32.09 58.74
N ASN D 669 -53.65 -32.90 57.71
CA ASN D 669 -52.62 -33.60 56.97
C ASN D 669 -53.03 -33.60 55.51
N ARG D 670 -52.45 -32.68 54.74
CA ARG D 670 -52.80 -32.43 53.34
C ARG D 670 -51.62 -32.78 52.44
N ASN D 671 -51.82 -33.69 51.49
CA ASN D 671 -50.83 -33.88 50.43
C ASN D 671 -51.45 -33.63 49.06
N THR D 672 -50.73 -32.88 48.24
CA THR D 672 -51.12 -32.58 46.86
C THR D 672 -50.21 -33.39 45.95
N ASP D 673 -50.82 -34.34 45.23
CA ASP D 673 -50.10 -35.29 44.40
C ASP D 673 -50.43 -35.10 42.93
N LYS D 674 -49.47 -35.46 42.07
CA LYS D 674 -49.60 -35.47 40.62
C LYS D 674 -49.87 -34.08 40.04
N GLN D 675 -49.64 -33.03 40.81
CA GLN D 675 -49.77 -31.66 40.32
C GLN D 675 -49.01 -31.48 39.01
N ILE D 676 -49.64 -30.82 38.04
CA ILE D 676 -49.05 -30.68 36.71
C ILE D 676 -48.20 -29.42 36.67
N PHE D 677 -46.93 -29.57 36.32
CA PHE D 677 -45.97 -28.49 36.43
C PHE D 677 -44.97 -28.59 35.30
N SER D 678 -44.47 -27.43 34.88
CA SER D 678 -43.42 -27.32 33.86
C SER D 678 -42.06 -27.38 34.54
N LEU D 679 -41.52 -28.60 34.61
CA LEU D 679 -40.44 -28.94 35.50
C LEU D 679 -39.10 -28.83 34.78
N ALA D 680 -38.13 -28.19 35.44
CA ALA D 680 -36.85 -27.87 34.82
C ALA D 680 -36.17 -29.11 34.28
N MET D 681 -35.48 -28.94 33.15
CA MET D 681 -34.83 -30.04 32.46
C MET D 681 -33.52 -29.52 31.85
N ASP D 682 -32.54 -30.40 31.66
CA ASP D 682 -31.25 -29.96 31.14
C ASP D 682 -31.42 -29.49 29.70
N PRO D 683 -31.10 -28.23 29.40
CA PRO D 683 -31.30 -27.72 28.03
C PRO D 683 -30.69 -28.61 26.96
N ALA D 684 -29.70 -29.43 27.29
CA ALA D 684 -29.12 -30.30 26.29
C ALA D 684 -30.05 -31.44 25.89
N SER D 685 -31.18 -31.57 26.56
CA SER D 685 -32.20 -32.47 26.06
C SER D 685 -32.92 -31.91 24.85
N GLY D 686 -32.83 -30.60 24.65
CA GLY D 686 -33.54 -29.90 23.60
C GLY D 686 -34.60 -28.95 24.11
N TYR D 687 -34.97 -29.07 25.40
CA TYR D 687 -35.98 -28.26 26.03
C TYR D 687 -35.44 -27.84 27.40
N THR D 688 -35.95 -26.72 27.91
CA THR D 688 -35.58 -26.26 29.24
C THR D 688 -36.55 -26.72 30.32
N ALA D 689 -37.61 -27.44 29.96
CA ALA D 689 -38.63 -27.88 30.91
C ALA D 689 -39.53 -28.91 30.27
N GLN D 690 -40.09 -29.80 31.10
CA GLN D 690 -41.06 -30.78 30.63
C GLN D 690 -42.29 -30.75 31.52
N ASN D 691 -43.46 -30.73 30.90
CA ASN D 691 -44.71 -30.87 31.63
C ASN D 691 -44.86 -32.31 32.13
N MET D 692 -44.96 -32.47 33.45
CA MET D 692 -45.27 -33.79 33.99
C MET D 692 -46.00 -33.65 35.31
N ASN D 693 -46.45 -34.79 35.82
CA ASN D 693 -47.05 -34.84 37.14
C ASN D 693 -45.93 -34.89 38.18
N LEU D 694 -46.03 -34.03 39.19
CA LEU D 694 -45.00 -34.03 40.23
C LEU D 694 -45.25 -35.15 41.23
N GLY D 695 -44.72 -34.98 42.42
CA GLY D 695 -45.06 -35.82 43.53
C GLY D 695 -45.84 -35.04 44.57
N LYS D 696 -45.80 -35.55 45.79
CA LYS D 696 -46.60 -34.97 46.85
C LYS D 696 -45.92 -33.71 47.39
N ILE D 697 -46.65 -32.61 47.37
CA ILE D 697 -46.35 -31.49 48.25
C ILE D 697 -47.24 -31.65 49.46
N ARG D 698 -46.65 -31.64 50.65
CA ARG D 698 -47.41 -31.90 51.86
C ARG D 698 -47.41 -30.66 52.76
N ASN D 699 -48.56 -30.40 53.38
CA ASN D 699 -48.67 -29.43 54.47
C ASN D 699 -49.42 -30.11 55.62
N ARG D 700 -48.74 -30.31 56.75
CA ARG D 700 -49.34 -30.75 57.99
C ARG D 700 -49.24 -29.61 58.99
N GLY D 701 -50.20 -29.54 59.90
CA GLY D 701 -50.12 -28.41 60.80
C GLY D 701 -51.21 -28.46 61.85
N ILE D 702 -51.17 -27.45 62.71
CA ILE D 702 -52.16 -27.28 63.75
C ILE D 702 -52.68 -25.85 63.67
N GLU D 703 -53.99 -25.73 63.80
CA GLU D 703 -54.66 -24.45 63.91
C GLU D 703 -55.34 -24.43 65.27
N LEU D 704 -55.24 -23.30 65.96
CA LEU D 704 -55.73 -23.26 67.33
C LEU D 704 -56.22 -21.85 67.64
N LEU D 705 -57.44 -21.77 68.16
CA LEU D 705 -58.09 -20.50 68.44
C LEU D 705 -58.67 -20.58 69.83
N ILE D 706 -58.26 -19.65 70.71
CA ILE D 706 -58.81 -19.58 72.06
C ILE D 706 -59.27 -18.15 72.32
N SER D 707 -60.52 -18.01 72.79
CA SER D 707 -61.02 -16.70 73.18
C SER D 707 -61.80 -16.84 74.47
N GLY D 708 -61.92 -15.72 75.19
CA GLY D 708 -62.69 -15.69 76.41
C GLY D 708 -62.95 -14.27 76.86
N THR D 709 -64.03 -14.05 77.60
CA THR D 709 -64.32 -12.73 78.14
C THR D 709 -64.14 -12.78 79.66
N PRO D 710 -62.96 -12.42 80.16
CA PRO D 710 -62.76 -12.36 81.60
C PRO D 710 -63.78 -11.51 82.33
N ILE D 711 -64.19 -10.38 81.77
CA ILE D 711 -65.05 -9.43 82.48
C ILE D 711 -66.27 -9.15 81.62
N ARG D 712 -67.47 -9.22 82.24
CA ARG D 712 -68.74 -8.90 81.56
C ARG D 712 -69.73 -8.42 82.63
N THR D 713 -69.89 -7.11 82.73
CA THR D 713 -70.96 -6.50 83.51
C THR D 713 -72.01 -5.96 82.54
N LYS D 714 -72.91 -5.10 83.02
CA LYS D 714 -73.87 -4.50 82.10
C LYS D 714 -73.19 -3.50 81.18
N ASP D 715 -72.30 -2.66 81.73
CA ASP D 715 -71.71 -1.56 80.99
C ASP D 715 -70.32 -1.87 80.45
N PHE D 716 -69.71 -2.97 80.86
CA PHE D 716 -68.32 -3.22 80.48
C PHE D 716 -68.12 -4.69 80.18
N SER D 717 -67.46 -4.97 79.05
CA SER D 717 -67.05 -6.31 78.70
C SER D 717 -65.63 -6.24 78.16
N TRP D 718 -64.83 -7.25 78.48
CA TRP D 718 -63.47 -7.36 77.98
C TRP D 718 -63.24 -8.77 77.45
N GLU D 719 -62.90 -8.88 76.17
CA GLU D 719 -62.63 -10.17 75.53
C GLU D 719 -61.20 -10.22 74.99
N LEU D 720 -60.52 -11.35 75.19
CA LEU D 720 -59.22 -11.64 74.59
C LEU D 720 -59.36 -12.76 73.56
N THR D 721 -58.46 -12.78 72.59
CA THR D 721 -58.47 -13.82 71.58
C THR D 721 -57.03 -14.14 71.19
N TRP D 722 -56.70 -15.42 71.17
CA TRP D 722 -55.37 -15.89 70.81
C TRP D 722 -55.53 -16.97 69.76
N ASN D 723 -54.92 -16.77 68.60
CA ASN D 723 -54.93 -17.79 67.56
C ASN D 723 -53.49 -18.17 67.22
N PHE D 724 -53.29 -19.43 66.86
CA PHE D 724 -51.94 -19.96 66.69
C PHE D 724 -51.95 -20.93 65.52
N THR D 725 -50.95 -20.82 64.67
CA THR D 725 -50.82 -21.69 63.51
C THR D 725 -49.38 -22.16 63.41
N LYS D 726 -49.19 -23.45 63.15
CA LYS D 726 -47.87 -23.99 62.83
C LYS D 726 -48.06 -24.94 61.67
N ASN D 727 -47.49 -24.60 60.51
CA ASN D 727 -47.59 -25.44 59.32
C ASN D 727 -46.24 -26.02 58.97
N TRP D 728 -46.20 -27.32 58.65
CA TRP D 728 -44.99 -28.03 58.22
C TRP D 728 -45.06 -28.34 56.72
N SER D 729 -44.35 -27.52 55.93
CA SER D 729 -44.22 -27.70 54.49
C SER D 729 -43.16 -28.75 54.15
N LYS D 730 -43.49 -29.64 53.24
CA LYS D 730 -42.49 -30.59 52.74
C LYS D 730 -42.83 -31.04 51.33
N VAL D 731 -42.00 -30.66 50.36
CA VAL D 731 -41.97 -31.39 49.10
C VAL D 731 -41.52 -32.80 49.39
N ILE D 732 -42.20 -33.78 48.80
CA ILE D 732 -41.87 -35.17 49.05
C ILE D 732 -41.04 -35.75 47.92
N SER D 733 -41.40 -35.44 46.68
CA SER D 733 -40.60 -35.91 45.55
C SER D 733 -40.88 -35.03 44.34
N LEU D 734 -39.80 -34.67 43.63
CA LEU D 734 -39.85 -34.15 42.27
C LEU D 734 -39.25 -35.20 41.37
N PRO D 735 -39.96 -35.63 40.31
CA PRO D 735 -39.49 -36.77 39.50
C PRO D 735 -37.99 -36.74 39.27
N GLU D 736 -37.29 -37.73 39.81
CA GLU D 736 -35.85 -37.58 39.92
C GLU D 736 -35.11 -37.77 38.61
N GLU D 737 -35.75 -38.33 37.57
CA GLU D 737 -35.12 -38.43 36.26
C GLU D 737 -34.61 -37.08 35.75
N LEU D 738 -35.16 -35.98 36.28
CA LEU D 738 -34.77 -34.61 35.95
C LEU D 738 -34.05 -33.90 37.09
N GLY D 739 -33.50 -34.66 38.04
CA GLY D 739 -32.97 -34.09 39.27
C GLY D 739 -34.14 -33.83 40.19
N GLY D 740 -33.89 -33.57 41.45
CA GLY D 740 -35.03 -33.37 42.32
C GLY D 740 -35.06 -31.95 42.83
N ILE D 741 -34.65 -31.01 41.96
CA ILE D 741 -34.65 -29.59 42.29
C ILE D 741 -35.18 -28.83 41.07
N THR D 742 -35.89 -27.73 41.33
CA THR D 742 -36.35 -26.86 40.25
C THR D 742 -36.47 -25.44 40.77
N THR D 743 -36.17 -24.48 39.89
CA THR D 743 -36.16 -23.10 40.34
C THR D 743 -37.57 -22.54 40.33
N ILE D 744 -37.91 -21.85 41.41
CA ILE D 744 -39.10 -21.04 41.45
C ILE D 744 -38.80 -19.61 41.01
N TYR D 745 -37.75 -19.03 41.58
CA TYR D 745 -37.33 -17.70 41.18
C TYR D 745 -35.89 -17.49 41.64
N GLY D 746 -35.09 -16.83 40.82
CA GLY D 746 -33.72 -16.55 41.20
C GLY D 746 -33.02 -15.66 40.21
N LEU D 747 -32.02 -14.93 40.71
CA LEU D 747 -31.09 -14.18 39.89
C LEU D 747 -30.04 -15.10 39.27
N ASN D 748 -29.65 -14.79 38.03
CA ASN D 748 -28.59 -15.55 37.37
C ASN D 748 -27.27 -15.35 38.12
N GLY D 749 -26.68 -16.44 38.60
CA GLY D 749 -25.52 -16.34 39.47
C GLY D 749 -25.76 -15.49 40.71
N GLY D 750 -26.92 -15.63 41.34
CA GLY D 750 -27.24 -14.86 42.53
C GLY D 750 -28.25 -15.65 43.31
N THR D 751 -28.83 -15.04 44.34
CA THR D 751 -29.65 -15.79 45.29
C THR D 751 -30.87 -16.37 44.58
N SER D 752 -31.10 -17.66 44.78
CA SER D 752 -32.15 -18.37 44.05
C SER D 752 -32.97 -19.23 45.00
N MET D 753 -34.29 -19.17 44.82
CA MET D 753 -35.24 -19.93 45.62
C MET D 753 -35.73 -21.14 44.82
N TYR D 754 -35.81 -22.28 45.47
CA TYR D 754 -35.96 -23.56 44.80
C TYR D 754 -37.10 -24.39 45.43
N ALA D 755 -37.44 -25.46 44.74
CA ALA D 755 -38.19 -26.57 45.30
C ALA D 755 -37.30 -27.80 45.16
N ILE D 756 -36.92 -28.40 46.28
CA ILE D 756 -35.97 -29.50 46.27
C ILE D 756 -36.63 -30.70 46.95
N THR D 757 -36.27 -31.91 46.50
CA THR D 757 -37.06 -33.10 46.78
C THR D 757 -37.41 -33.26 48.25
N GLY D 758 -36.44 -33.16 49.15
CA GLY D 758 -36.86 -33.57 50.49
C GLY D 758 -37.19 -32.47 51.47
N MET D 759 -37.37 -31.24 51.01
CA MET D 759 -37.33 -30.06 51.86
C MET D 759 -38.57 -29.18 51.76
N PRO D 760 -38.67 -28.13 52.59
CA PRO D 760 -39.84 -27.25 52.51
C PRO D 760 -39.87 -26.50 51.19
N VAL D 761 -41.08 -26.18 50.74
CA VAL D 761 -41.21 -25.35 49.56
C VAL D 761 -40.50 -24.02 49.79
N GLY D 762 -39.66 -23.63 48.84
CA GLY D 762 -39.04 -22.32 48.85
C GLY D 762 -37.74 -22.22 49.61
N VAL D 763 -36.76 -23.09 49.32
CA VAL D 763 -35.47 -23.01 49.99
C VAL D 763 -34.52 -22.15 49.15
N PHE D 764 -33.84 -21.24 49.82
CA PHE D 764 -32.90 -20.35 49.16
C PHE D 764 -31.50 -20.95 49.11
N LYS D 765 -30.80 -20.73 48.01
CA LYS D 765 -29.38 -20.97 47.86
C LYS D 765 -28.70 -19.63 47.62
N ALA D 766 -27.55 -19.41 48.25
CA ALA D 766 -26.86 -18.14 48.12
C ALA D 766 -25.37 -18.38 48.26
N GLN D 767 -24.58 -17.38 47.86
CA GLN D 767 -23.12 -17.55 47.90
C GLN D 767 -22.64 -17.40 49.33
N VAL D 768 -21.65 -18.22 49.71
CA VAL D 768 -21.14 -18.23 51.07
C VAL D 768 -19.62 -18.27 51.06
N ALA D 769 -19.01 -17.77 52.12
CA ALA D 769 -17.55 -17.78 52.20
C ALA D 769 -17.06 -19.20 52.37
N GLU D 770 -15.90 -19.49 51.74
CA GLU D 770 -15.21 -20.75 51.98
C GLU D 770 -14.71 -20.80 53.42
N ARG D 771 -14.61 -22.02 53.93
CA ARG D 771 -14.10 -22.21 55.27
C ARG D 771 -13.20 -23.42 55.34
N ASP D 772 -12.15 -23.33 56.16
CA ASP D 772 -11.21 -24.42 56.33
C ASP D 772 -11.88 -25.54 57.12
N PRO D 773 -11.25 -26.73 57.25
CA PRO D 773 -11.87 -27.80 58.04
C PRO D 773 -12.24 -27.39 59.46
N GLN D 774 -11.75 -26.24 59.92
CA GLN D 774 -11.92 -25.85 61.31
C GLN D 774 -12.90 -24.69 61.49
N GLY D 775 -13.63 -24.31 60.45
CA GLY D 775 -14.55 -23.19 60.59
C GLY D 775 -13.93 -21.82 60.51
N ARG D 776 -12.70 -21.70 60.02
CA ARG D 776 -12.06 -20.40 59.84
C ARG D 776 -12.32 -19.93 58.41
N ILE D 777 -12.52 -18.62 58.25
CA ILE D 777 -12.96 -18.05 56.98
C ILE D 777 -11.74 -17.78 56.09
N VAL D 778 -11.75 -18.37 54.89
CA VAL D 778 -10.62 -18.29 53.97
C VAL D 778 -10.64 -16.93 53.27
N VAL D 779 -9.48 -16.30 53.15
CA VAL D 779 -9.41 -14.90 52.75
C VAL D 779 -8.28 -14.72 51.73
N ASN D 780 -8.52 -13.86 50.74
CA ASN D 780 -7.55 -13.61 49.67
C ASN D 780 -6.28 -12.97 50.22
N SER D 781 -5.12 -13.53 49.84
CA SER D 781 -3.87 -13.16 50.51
C SER D 781 -3.38 -11.78 50.10
N SER D 782 -4.00 -11.16 49.09
CA SER D 782 -3.61 -9.82 48.63
C SER D 782 -4.61 -8.74 49.01
N THR D 783 -5.90 -8.96 48.78
CA THR D 783 -6.87 -7.89 48.99
C THR D 783 -7.46 -7.90 50.38
N GLY D 784 -7.48 -9.07 51.03
CA GLY D 784 -8.06 -9.24 52.34
C GLY D 784 -9.52 -9.67 52.39
N LEU D 785 -10.21 -9.81 51.18
CA LEU D 785 -11.65 -10.04 51.21
C LEU D 785 -11.98 -11.53 51.06
N PRO D 786 -13.12 -11.96 51.61
CA PRO D 786 -13.41 -13.40 51.67
C PRO D 786 -13.52 -14.04 50.30
N VAL D 787 -13.22 -15.33 50.27
CA VAL D 787 -13.20 -16.13 49.04
C VAL D 787 -14.49 -16.93 48.96
N GLU D 788 -15.05 -17.04 47.76
CA GLU D 788 -16.29 -17.78 47.58
C GLU D 788 -16.03 -19.28 47.72
N ALA D 789 -17.05 -19.99 48.16
CA ALA D 789 -16.96 -21.43 48.21
C ALA D 789 -17.27 -22.04 46.84
N SER D 790 -16.91 -23.32 46.69
CA SER D 790 -17.18 -24.03 45.45
C SER D 790 -18.65 -23.95 45.07
N GLU D 791 -19.53 -24.19 46.04
CA GLU D 791 -20.96 -24.23 45.79
C GLU D 791 -21.68 -23.16 46.62
N PHE D 792 -22.91 -22.85 46.20
CA PHE D 792 -23.78 -22.03 47.03
C PHE D 792 -24.24 -22.81 48.25
N GLY D 793 -24.56 -22.08 49.32
CA GLY D 793 -24.99 -22.68 50.57
C GLY D 793 -26.50 -22.60 50.71
N ILE D 794 -27.09 -23.69 51.18
CA ILE D 794 -28.50 -23.70 51.55
C ILE D 794 -28.66 -22.85 52.80
N CYS D 795 -29.49 -21.78 52.70
CA CYS D 795 -29.44 -20.69 53.67
C CYS D 795 -30.79 -20.30 54.23
N GLY D 796 -31.77 -21.21 54.20
CA GLY D 796 -33.08 -20.96 54.74
C GLY D 796 -34.17 -21.33 53.76
N ASP D 797 -35.41 -21.17 54.21
CA ASP D 797 -36.60 -21.33 53.40
C ASP D 797 -37.48 -20.11 53.59
N MET D 798 -38.56 -20.04 52.80
CA MET D 798 -39.48 -18.90 52.83
C MET D 798 -40.50 -18.99 53.96
N ASN D 799 -40.58 -20.13 54.65
CA ASN D 799 -41.68 -20.42 55.55
C ASN D 799 -41.47 -19.86 56.95
N ASN D 800 -42.51 -19.23 57.48
CA ASN D 800 -42.62 -19.07 58.92
C ASN D 800 -42.65 -20.43 59.59
N LYS D 801 -41.89 -20.56 60.67
CA LYS D 801 -42.00 -21.75 61.53
C LYS D 801 -43.34 -21.77 62.28
N TYR D 802 -43.83 -20.60 62.69
CA TYR D 802 -45.14 -20.50 63.30
C TYR D 802 -45.59 -19.05 63.16
N GLN D 803 -46.90 -18.84 63.27
CA GLN D 803 -47.48 -17.50 63.17
C GLN D 803 -48.74 -17.43 64.04
N MET D 804 -48.84 -16.39 64.86
CA MET D 804 -49.94 -16.30 65.81
C MET D 804 -50.38 -14.85 65.96
N GLY D 805 -51.64 -14.68 66.38
CA GLY D 805 -52.17 -13.37 66.69
C GLY D 805 -52.77 -13.31 68.08
N VAL D 806 -52.75 -12.11 68.65
CA VAL D 806 -53.37 -11.83 69.95
C VAL D 806 -54.17 -10.54 69.83
N SER D 807 -55.42 -10.60 70.25
CA SER D 807 -56.39 -9.54 70.04
C SER D 807 -57.09 -9.26 71.35
N THR D 808 -57.60 -8.05 71.49
CA THR D 808 -58.39 -7.66 72.65
C THR D 808 -59.46 -6.70 72.22
N ASN D 809 -60.67 -6.90 72.75
CA ASN D 809 -61.78 -6.00 72.51
C ASN D 809 -62.32 -5.56 73.86
N LEU D 810 -62.57 -4.26 74.00
CA LEU D 810 -63.20 -3.66 75.16
C LEU D 810 -64.42 -2.89 74.72
N LYS D 811 -65.57 -3.18 75.32
CA LYS D 811 -66.74 -2.33 75.15
C LYS D 811 -67.10 -1.72 76.49
N TYR D 812 -67.45 -0.42 76.48
CA TYR D 812 -67.96 0.23 77.68
C TYR D 812 -68.97 1.28 77.25
N LYS D 813 -70.27 0.95 77.36
CA LYS D 813 -71.35 1.91 77.14
C LYS D 813 -71.32 2.44 75.71
N GLY D 814 -71.28 1.51 74.76
CA GLY D 814 -71.23 1.95 73.37
C GLY D 814 -69.92 2.60 72.95
N ILE D 815 -68.85 2.46 73.73
CA ILE D 815 -67.52 2.81 73.29
C ILE D 815 -66.80 1.51 73.02
N SER D 816 -66.09 1.44 71.90
CA SER D 816 -65.52 0.18 71.45
C SER D 816 -64.05 0.40 71.16
N LEU D 817 -63.22 -0.50 71.69
CA LEU D 817 -61.77 -0.41 71.51
C LEU D 817 -61.25 -1.80 71.17
N GLY D 818 -60.64 -1.93 70.00
CA GLY D 818 -60.04 -3.18 69.57
C GLY D 818 -58.56 -2.97 69.32
N ILE D 819 -57.76 -3.97 69.69
CA ILE D 819 -56.31 -3.99 69.45
C ILE D 819 -55.95 -5.37 68.96
N ASP D 820 -55.28 -5.45 67.81
CA ASP D 820 -54.89 -6.74 67.25
C ASP D 820 -53.39 -6.71 66.94
N PHE D 821 -52.68 -7.77 67.36
CA PHE D 821 -51.25 -7.97 67.11
C PHE D 821 -51.03 -9.18 66.22
N ASP D 822 -50.13 -9.05 65.25
CA ASP D 822 -49.82 -10.12 64.31
C ASP D 822 -48.36 -10.50 64.53
N ILE D 823 -48.12 -11.78 64.80
CA ILE D 823 -46.79 -12.31 65.06
C ILE D 823 -46.50 -13.39 64.04
N ARG D 824 -45.39 -13.24 63.31
CA ARG D 824 -44.89 -14.31 62.45
C ARG D 824 -43.39 -14.42 62.60
N GLN D 825 -42.91 -15.63 62.90
CA GLN D 825 -41.52 -15.87 63.23
C GLN D 825 -41.01 -16.99 62.36
N GLY D 826 -39.81 -16.82 61.83
CA GLY D 826 -39.20 -17.84 61.01
C GLY D 826 -39.12 -17.43 59.54
N GLY D 827 -38.21 -18.08 58.82
CA GLY D 827 -38.09 -17.92 57.39
C GLY D 827 -37.21 -16.74 57.00
N VAL D 828 -36.80 -16.74 55.73
CA VAL D 828 -35.95 -15.68 55.21
C VAL D 828 -36.51 -15.19 53.88
N MET D 829 -35.91 -14.10 53.39
CA MET D 829 -36.43 -13.38 52.24
C MET D 829 -35.30 -12.53 51.65
N TYR D 830 -35.13 -12.55 50.33
CA TYR D 830 -34.11 -11.68 49.75
C TYR D 830 -34.52 -10.22 49.92
N SER D 831 -33.57 -9.36 50.25
CA SER D 831 -33.86 -7.93 50.42
C SER D 831 -32.90 -7.08 49.62
N ARG D 832 -33.32 -6.60 48.46
CA ARG D 832 -32.48 -5.64 47.77
C ARG D 832 -32.36 -4.33 48.54
N THR D 833 -33.30 -4.02 49.45
CA THR D 833 -33.17 -2.79 50.22
C THR D 833 -31.85 -2.79 50.97
N LYS D 834 -31.51 -3.93 51.56
CA LYS D 834 -30.24 -4.08 52.27
C LYS D 834 -29.06 -4.02 51.31
N ASP D 835 -29.04 -4.93 50.33
CA ASP D 835 -28.04 -4.98 49.26
C ASP D 835 -27.63 -3.60 48.74
N ILE D 836 -28.58 -2.66 48.62
CA ILE D 836 -28.21 -1.37 48.04
C ILE D 836 -27.57 -0.46 49.08
N ASN D 837 -28.07 -0.49 50.33
CA ASN D 837 -27.54 0.32 51.43
C ASN D 837 -26.26 -0.27 52.01
N TYR D 838 -25.98 -1.54 51.72
CA TYR D 838 -24.64 -2.06 51.91
C TYR D 838 -23.72 -1.55 50.79
N PHE D 839 -24.12 -1.80 49.53
CA PHE D 839 -23.30 -1.33 48.41
C PHE D 839 -23.09 0.17 48.47
N THR D 840 -24.15 0.93 48.73
CA THR D 840 -23.99 2.36 48.75
C THR D 840 -23.26 2.86 50.00
N GLY D 841 -22.98 1.98 50.96
CA GLY D 841 -22.37 2.44 52.20
C GLY D 841 -23.26 3.37 53.01
N ASN D 842 -24.58 3.15 53.00
CA ASN D 842 -25.43 3.95 53.86
C ASN D 842 -25.97 3.20 55.08
N ALA D 843 -25.99 1.86 55.04
CA ALA D 843 -26.43 1.08 56.18
C ALA D 843 -25.51 1.33 57.39
N ILE D 844 -26.12 1.31 58.59
CA ILE D 844 -25.36 1.51 59.82
C ILE D 844 -24.28 0.43 59.98
N GLN D 845 -24.53 -0.77 59.45
CA GLN D 845 -23.58 -1.88 59.61
C GLN D 845 -22.24 -1.58 58.95
N THR D 846 -22.24 -0.74 57.94
CA THR D 846 -21.02 -0.50 57.18
C THR D 846 -20.05 0.44 57.91
N ALA D 847 -20.47 1.06 59.01
CA ALA D 847 -19.61 1.95 59.79
C ALA D 847 -18.78 1.16 60.80
N TYR D 848 -18.63 -0.14 60.52
CA TYR D 848 -18.21 -1.20 61.42
C TYR D 848 -16.91 -0.88 62.14
N ASN D 849 -15.76 -1.18 61.53
CA ASN D 849 -14.54 -1.03 62.31
C ASN D 849 -14.17 0.45 62.43
N ASP D 850 -15.20 1.29 62.45
CA ASP D 850 -15.09 2.73 62.22
C ASP D 850 -14.24 3.03 60.96
N ARG D 851 -14.19 2.01 60.08
CA ARG D 851 -13.65 2.01 58.71
C ARG D 851 -12.13 2.13 58.65
N ASN D 852 -11.50 1.70 59.68
CA ASN D 852 -10.06 1.49 59.78
C ASN D 852 -9.71 0.12 59.22
N PRO D 853 -8.60 0.03 58.48
CA PRO D 853 -8.22 -1.25 57.87
C PRO D 853 -8.25 -2.36 58.90
N LEU D 854 -8.65 -3.55 58.48
CA LEU D 854 -8.97 -4.57 59.46
C LEU D 854 -8.71 -5.93 58.86
N ILE D 855 -8.32 -6.87 59.70
CA ILE D 855 -8.33 -8.26 59.28
C ILE D 855 -9.64 -8.85 59.74
N VAL D 856 -10.36 -9.46 58.81
CA VAL D 856 -11.49 -10.31 59.13
C VAL D 856 -11.08 -11.19 60.31
N PRO D 857 -11.74 -11.07 61.48
CA PRO D 857 -11.43 -11.97 62.59
C PRO D 857 -11.56 -13.41 62.17
N ASN D 858 -10.62 -14.25 62.65
CA ASN D 858 -10.70 -15.71 62.43
C ASN D 858 -10.54 -16.05 60.95
N SER D 859 -9.53 -15.45 60.31
CA SER D 859 -9.31 -15.65 58.88
C SER D 859 -7.96 -16.31 58.63
N VAL D 860 -7.92 -17.11 57.57
CA VAL D 860 -6.74 -17.84 57.13
C VAL D 860 -6.52 -17.59 55.63
N ASN D 861 -5.38 -18.03 55.12
CA ASN D 861 -5.09 -18.09 53.70
C ASN D 861 -4.94 -19.56 53.31
N LYS D 862 -5.48 -19.92 52.15
CA LYS D 862 -5.32 -21.28 51.62
C LYS D 862 -4.04 -21.31 50.80
N ILE D 863 -3.01 -21.96 51.33
CA ILE D 863 -1.77 -22.18 50.60
C ILE D 863 -1.88 -23.53 49.88
N VAL D 864 -1.88 -23.51 48.57
CA VAL D 864 -1.98 -24.72 47.77
C VAL D 864 -0.78 -24.78 46.82
N ASN D 865 0.03 -25.84 46.94
CA ASN D 865 1.11 -26.11 46.00
C ASN D 865 0.79 -27.42 45.26
N GLY D 866 0.19 -27.28 44.08
CA GLY D 866 -0.22 -28.43 43.29
C GLY D 866 -1.34 -29.25 43.92
N GLU D 867 -1.04 -29.97 45.01
CA GLU D 867 -2.08 -30.79 45.63
C GLU D 867 -1.91 -30.98 47.13
N ASN D 868 -1.20 -30.10 47.82
CA ASN D 868 -1.09 -30.15 49.27
C ASN D 868 -1.68 -28.87 49.83
N VAL D 869 -2.92 -28.94 50.29
CA VAL D 869 -3.65 -27.77 50.74
C VAL D 869 -3.36 -27.58 52.22
N THR D 870 -3.06 -26.34 52.59
CA THR D 870 -2.64 -26.00 53.94
C THR D 870 -3.08 -24.58 54.25
N TYR D 871 -3.56 -24.35 55.46
CA TYR D 871 -4.12 -23.07 55.86
C TYR D 871 -3.21 -22.41 56.88
N VAL D 872 -2.91 -21.12 56.66
CA VAL D 872 -2.06 -20.35 57.56
C VAL D 872 -2.80 -19.10 57.99
N GLU D 873 -2.36 -18.51 59.10
CA GLU D 873 -3.05 -17.35 59.63
C GLU D 873 -2.95 -16.19 58.64
N ASN D 874 -4.06 -15.49 58.43
CA ASN D 874 -4.06 -14.39 57.48
C ASN D 874 -3.52 -13.14 58.14
N THR D 875 -2.62 -12.45 57.45
CA THR D 875 -2.04 -11.19 57.92
C THR D 875 -2.27 -10.05 56.95
N THR D 876 -3.07 -10.28 55.90
CA THR D 876 -3.42 -9.24 54.94
C THR D 876 -4.66 -8.48 55.42
N PRO D 877 -4.58 -7.17 55.63
CA PRO D 877 -5.79 -6.42 56.01
C PRO D 877 -6.60 -5.99 54.80
N ILE D 878 -7.89 -5.76 55.03
CA ILE D 878 -8.71 -5.01 54.09
C ILE D 878 -8.26 -3.55 54.15
N THR D 879 -7.78 -3.04 53.02
CA THR D 879 -7.38 -1.65 53.03
C THR D 879 -8.61 -0.74 53.13
N SER D 880 -8.37 0.49 53.58
CA SER D 880 -9.44 1.48 53.58
C SER D 880 -10.05 1.62 52.19
N SER D 881 -9.22 1.65 51.15
CA SER D 881 -9.66 1.76 49.77
C SER D 881 -10.60 0.62 49.36
N ASN D 882 -10.51 -0.56 50.01
CA ASN D 882 -11.37 -1.67 49.63
C ASN D 882 -12.49 -1.96 50.62
N ILE D 883 -12.54 -1.26 51.76
CA ILE D 883 -13.61 -1.44 52.74
C ILE D 883 -14.95 -1.47 52.02
N TYR D 884 -15.12 -0.54 51.05
CA TYR D 884 -16.36 -0.43 50.29
C TYR D 884 -16.76 -1.75 49.68
N LYS D 885 -15.79 -2.49 49.15
CA LYS D 885 -16.12 -3.73 48.48
C LYS D 885 -16.33 -4.89 49.45
N TYR D 886 -15.73 -4.81 50.66
CA TYR D 886 -16.03 -5.83 51.65
C TYR D 886 -17.51 -5.87 51.96
N TRP D 887 -18.11 -4.69 52.14
CA TRP D 887 -19.51 -4.52 52.49
C TRP D 887 -20.45 -4.69 51.30
N GLY D 888 -20.08 -4.17 50.12
CA GLY D 888 -20.94 -4.31 48.97
C GLY D 888 -21.23 -5.75 48.64
N ASP D 889 -20.24 -6.62 48.84
CA ASP D 889 -20.47 -8.02 48.50
C ASP D 889 -21.10 -8.80 49.64
N GLY D 890 -21.22 -8.19 50.82
CA GLY D 890 -22.03 -8.75 51.89
C GLY D 890 -21.24 -9.10 53.13
N GLY D 891 -20.03 -8.57 53.24
CA GLY D 891 -19.18 -8.88 54.39
C GLY D 891 -18.79 -10.35 54.40
N SER D 892 -18.77 -10.94 55.59
CA SER D 892 -18.35 -12.33 55.68
C SER D 892 -19.42 -13.31 55.26
N ASP D 893 -20.69 -12.86 55.17
CA ASP D 893 -21.75 -13.71 54.64
C ASP D 893 -21.68 -13.81 53.11
N MET D 894 -21.13 -12.79 52.47
CA MET D 894 -21.11 -12.64 51.00
C MET D 894 -22.56 -12.48 50.55
N GLY D 895 -23.02 -13.19 49.53
CA GLY D 895 -24.37 -12.97 49.03
C GLY D 895 -25.44 -13.32 50.05
N SER D 896 -25.25 -14.43 50.78
CA SER D 896 -26.24 -14.87 51.76
C SER D 896 -26.57 -13.80 52.79
N CYS D 897 -25.75 -12.76 52.91
CA CYS D 897 -26.06 -11.65 53.81
C CYS D 897 -27.41 -11.01 53.48
N PHE D 898 -27.81 -11.02 52.22
CA PHE D 898 -28.99 -10.28 51.80
C PHE D 898 -30.26 -11.14 51.84
N LEU D 899 -30.14 -12.39 52.26
CA LEU D 899 -31.26 -13.09 52.87
C LEU D 899 -31.50 -12.53 54.26
N VAL D 900 -32.69 -11.96 54.47
CA VAL D 900 -33.07 -11.25 55.69
C VAL D 900 -34.17 -12.04 56.38
N ASP D 901 -34.07 -12.15 57.71
CA ASP D 901 -35.06 -12.81 58.54
C ASP D 901 -36.45 -12.20 58.35
N LYS D 902 -37.39 -13.03 57.91
CA LYS D 902 -38.78 -12.70 57.60
C LYS D 902 -39.62 -12.34 58.82
N SER D 903 -39.10 -12.56 60.04
CA SER D 903 -39.87 -12.49 61.28
C SER D 903 -40.31 -11.07 61.62
N TYR D 904 -41.43 -10.96 62.33
CA TYR D 904 -41.90 -9.68 62.84
C TYR D 904 -43.01 -9.87 63.88
N VAL D 905 -43.16 -8.85 64.72
CA VAL D 905 -44.37 -8.61 65.49
C VAL D 905 -44.91 -7.26 65.05
N LYS D 906 -46.20 -7.20 64.75
CA LYS D 906 -46.83 -5.98 64.27
C LYS D 906 -48.02 -5.62 65.12
N LEU D 907 -48.17 -4.34 65.44
CA LEU D 907 -49.44 -3.82 65.93
C LEU D 907 -50.34 -3.59 64.72
N ARG D 908 -51.10 -4.64 64.38
CA ARG D 908 -51.76 -4.70 63.07
C ARG D 908 -52.85 -3.64 62.92
N SER D 909 -53.82 -3.60 63.85
CA SER D 909 -54.90 -2.63 63.79
C SER D 909 -55.35 -2.21 65.19
N VAL D 910 -55.81 -0.97 65.29
CA VAL D 910 -56.46 -0.44 66.50
C VAL D 910 -57.72 0.29 66.05
N VAL D 911 -58.84 0.03 66.72
CA VAL D 911 -60.13 0.59 66.30
C VAL D 911 -60.86 1.16 67.50
N LEU D 912 -60.94 2.49 67.58
CA LEU D 912 -61.69 3.18 68.60
C LEU D 912 -63.05 3.56 68.01
N GLY D 913 -64.14 3.06 68.60
CA GLY D 913 -65.47 3.27 68.05
C GLY D 913 -66.45 3.78 69.08
N TRP D 914 -67.31 4.72 68.66
CA TRP D 914 -68.29 5.35 69.55
C TRP D 914 -69.67 5.44 68.90
N ASP D 915 -70.58 4.58 69.34
CA ASP D 915 -71.99 4.60 68.92
C ASP D 915 -72.73 5.65 69.73
N LEU D 916 -73.14 6.75 69.10
CA LEU D 916 -73.79 7.83 69.83
C LEU D 916 -75.05 7.32 70.53
N PRO D 917 -75.32 7.77 71.76
CA PRO D 917 -76.52 7.31 72.48
C PRO D 917 -77.78 7.68 71.72
N LYS D 918 -78.72 6.72 71.67
CA LYS D 918 -79.88 6.87 70.81
C LYS D 918 -80.74 8.08 71.18
N ARG D 919 -80.73 8.50 72.46
CA ARG D 919 -81.57 9.64 72.82
C ARG D 919 -81.10 10.94 72.17
N TRP D 920 -79.79 11.12 71.97
CA TRP D 920 -79.31 12.31 71.29
C TRP D 920 -79.93 12.45 69.91
N LEU D 921 -80.30 11.32 69.30
CA LEU D 921 -80.92 11.29 67.99
C LEU D 921 -82.43 11.22 68.20
N ALA D 922 -83.08 12.39 68.23
CA ALA D 922 -84.51 12.40 68.52
C ALA D 922 -85.24 13.43 67.66
N LYS D 923 -84.81 14.70 67.73
CA LYS D 923 -85.27 15.73 66.80
C LYS D 923 -84.40 15.78 65.55
N THR D 924 -83.73 14.68 65.22
CA THR D 924 -82.88 14.54 64.06
C THR D 924 -83.42 13.45 63.12
N PRO D 925 -83.02 13.47 61.85
CA PRO D 925 -83.39 12.39 60.94
C PRO D 925 -82.63 11.09 61.15
N PHE D 926 -81.68 11.06 62.09
CA PHE D 926 -80.74 9.94 62.17
C PHE D 926 -81.29 8.84 63.07
N GLN D 927 -81.22 7.61 62.56
CA GLN D 927 -81.44 6.41 63.37
C GLN D 927 -80.21 6.05 64.20
N ALA D 928 -79.01 6.20 63.66
CA ALA D 928 -77.77 5.83 64.34
C ALA D 928 -76.63 6.71 63.84
N VAL D 929 -75.70 7.00 64.74
CA VAL D 929 -74.44 7.63 64.35
C VAL D 929 -73.33 6.92 65.11
N LYS D 930 -72.23 6.62 64.42
CA LYS D 930 -71.04 6.07 65.05
C LYS D 930 -69.82 6.72 64.43
N VAL D 931 -69.13 7.55 65.20
CA VAL D 931 -67.82 8.04 64.79
C VAL D 931 -66.77 7.01 65.20
N SER D 932 -65.67 6.96 64.44
CA SER D 932 -64.71 5.88 64.50
C SER D 932 -63.33 6.46 64.24
N ALA D 933 -62.32 6.01 65.00
CA ALA D 933 -60.91 6.30 64.74
C ALA D 933 -60.17 4.99 64.67
N TYR D 934 -59.29 4.84 63.68
CA TYR D 934 -58.61 3.58 63.46
C TYR D 934 -57.18 3.84 62.97
N GLY D 935 -56.29 2.91 63.30
CA GLY D 935 -54.97 2.88 62.69
C GLY D 935 -54.68 1.47 62.22
N ASN D 936 -53.96 1.38 61.11
CA ASN D 936 -53.53 0.09 60.58
C ASN D 936 -52.05 0.11 60.30
N ASN D 937 -51.41 -1.05 60.47
CA ASN D 937 -49.99 -1.20 60.17
C ASN D 937 -49.17 -0.18 60.95
N LEU D 938 -49.41 -0.15 62.27
CA LEU D 938 -49.02 0.97 63.10
C LEU D 938 -47.58 0.90 63.59
N PHE D 939 -47.09 -0.28 63.95
CA PHE D 939 -45.68 -0.37 64.30
C PHE D 939 -45.22 -1.82 64.12
N VAL D 940 -43.94 -1.99 63.79
CA VAL D 940 -43.38 -3.31 63.54
C VAL D 940 -42.09 -3.45 64.34
N TRP D 941 -41.92 -4.59 65.00
CA TRP D 941 -40.66 -4.99 65.63
C TRP D 941 -40.12 -6.22 64.92
N THR D 942 -38.80 -6.25 64.73
CA THR D 942 -38.15 -7.30 63.99
C THR D 942 -36.89 -7.69 64.77
N PRO D 943 -36.30 -8.88 64.47
CA PRO D 943 -35.01 -9.23 65.08
C PRO D 943 -33.96 -8.15 64.91
N SER D 944 -32.88 -8.18 65.70
CA SER D 944 -31.86 -7.13 65.56
C SER D 944 -31.11 -7.22 64.22
N SER D 945 -31.09 -8.40 63.59
CA SER D 945 -30.39 -8.59 62.32
C SER D 945 -31.06 -7.91 61.14
N ASN D 946 -32.24 -7.34 61.33
CA ASN D 946 -33.00 -6.67 60.26
C ASN D 946 -33.28 -5.25 60.71
N THR D 947 -32.49 -4.29 60.24
CA THR D 947 -32.82 -2.90 60.45
C THR D 947 -33.18 -2.21 59.13
N PHE D 948 -33.67 -2.98 58.16
CA PHE D 948 -33.84 -2.49 56.79
C PHE D 948 -35.31 -2.33 56.38
N ILE D 949 -36.12 -3.39 56.45
CA ILE D 949 -37.44 -3.43 55.83
C ILE D 949 -38.48 -3.96 56.79
N ASP D 950 -39.73 -3.58 56.52
CA ASP D 950 -40.91 -4.29 57.00
C ASP D 950 -41.00 -5.56 56.15
N PRO D 951 -40.91 -6.75 56.77
CA PRO D 951 -40.89 -7.97 55.95
C PRO D 951 -42.09 -8.13 55.04
N GLU D 952 -43.16 -7.36 55.26
CA GLU D 952 -44.38 -7.47 54.45
C GLU D 952 -44.24 -6.71 53.13
N MET D 953 -43.30 -7.15 52.29
CA MET D 953 -43.06 -6.56 50.98
C MET D 953 -42.77 -7.66 49.98
N THR D 954 -42.98 -7.34 48.69
CA THR D 954 -42.60 -8.21 47.58
C THR D 954 -42.52 -7.38 46.30
N SER D 955 -42.05 -8.01 45.24
CA SER D 955 -41.85 -7.39 43.94
C SER D 955 -42.20 -8.35 42.84
N PHE D 956 -42.67 -9.53 43.20
CA PHE D 956 -42.85 -10.64 42.29
C PHE D 956 -44.21 -11.26 42.51
N GLY D 957 -45.16 -10.46 43.01
CA GLY D 957 -46.55 -10.82 43.03
C GLY D 957 -47.04 -11.26 44.39
N ASN D 958 -48.31 -11.64 44.39
CA ASN D 958 -48.99 -12.03 45.61
C ASN D 958 -49.11 -13.54 45.75
N ASP D 959 -48.36 -14.30 44.98
CA ASP D 959 -48.37 -15.74 45.17
C ASP D 959 -46.98 -16.27 45.52
N LEU D 960 -46.59 -17.41 44.94
CA LEU D 960 -45.40 -18.13 45.40
C LEU D 960 -44.13 -17.35 45.09
N GLU D 961 -43.95 -16.92 43.84
CA GLU D 961 -42.75 -16.17 43.50
C GLU D 961 -42.59 -14.91 44.34
N GLY D 962 -43.65 -14.44 44.99
CA GLY D 962 -43.50 -13.24 45.79
C GLY D 962 -42.65 -13.50 47.01
N ASN D 963 -42.60 -14.75 47.45
CA ASN D 963 -41.83 -15.08 48.64
C ASN D 963 -40.34 -14.95 48.39
N TYR D 964 -39.94 -14.88 47.11
CA TYR D 964 -38.52 -14.73 46.80
C TYR D 964 -37.91 -13.57 47.56
N GLY D 965 -38.63 -12.46 47.66
CA GLY D 965 -38.13 -11.36 48.44
C GLY D 965 -38.66 -10.04 47.93
N GLU D 966 -37.90 -9.00 48.22
CA GLU D 966 -38.31 -7.63 47.92
C GLU D 966 -37.18 -6.97 47.14
N TYR D 967 -37.51 -6.36 46.00
CA TYR D 967 -36.45 -5.87 45.12
C TYR D 967 -36.41 -4.35 45.12
N THR D 968 -36.24 -3.77 46.32
CA THR D 968 -36.45 -2.33 46.58
C THR D 968 -37.89 -1.96 46.28
N ALA D 969 -38.82 -2.76 46.85
CA ALA D 969 -40.20 -2.32 46.97
C ALA D 969 -40.24 -1.01 47.71
N ASN D 970 -41.31 -0.26 47.50
CA ASN D 970 -41.45 0.99 48.22
C ASN D 970 -41.75 0.73 49.69
N PRO D 971 -41.31 1.62 50.58
CA PRO D 971 -41.38 1.34 52.02
C PRO D 971 -42.81 1.33 52.53
N SER D 972 -43.13 0.27 53.29
CA SER D 972 -44.41 0.11 53.97
C SER D 972 -44.83 1.36 54.71
N SER D 973 -46.15 1.56 54.79
CA SER D 973 -46.68 2.75 55.40
C SER D 973 -47.46 2.42 56.67
N ARG D 974 -47.64 3.45 57.48
CA ARG D 974 -48.44 3.41 58.68
C ARG D 974 -49.67 4.28 58.41
N ARG D 975 -50.86 3.73 58.59
CA ARG D 975 -52.10 4.37 58.17
C ARG D 975 -53.03 4.62 59.36
N PHE D 976 -53.58 5.82 59.46
CA PHE D 976 -54.54 6.14 60.52
C PHE D 976 -55.64 7.06 59.99
N GLY D 977 -56.87 6.89 60.49
CA GLY D 977 -57.95 7.73 59.98
C GLY D 977 -59.18 7.81 60.84
N PHE D 978 -60.16 8.56 60.35
CA PHE D 978 -61.48 8.69 60.95
C PHE D 978 -62.54 8.17 60.00
N ASN D 979 -63.69 7.78 60.54
CA ASN D 979 -64.81 7.30 59.74
C ASN D 979 -66.12 7.66 60.41
N LEU D 980 -67.04 8.22 59.63
CA LEU D 980 -68.34 8.64 60.12
C LEU D 980 -69.41 7.75 59.47
N MET D 981 -70.23 7.11 60.31
CA MET D 981 -71.29 6.22 59.83
C MET D 981 -72.60 6.83 60.26
N VAL D 982 -73.49 7.06 59.29
CA VAL D 982 -74.75 7.74 59.53
C VAL D 982 -75.84 6.88 58.93
N LYS D 983 -76.79 6.46 59.76
CA LYS D 983 -77.91 5.67 59.29
C LYS D 983 -79.18 6.50 59.28
N PHE D 984 -79.94 6.41 58.20
CA PHE D 984 -81.20 7.12 58.09
C PHE D 984 -82.35 6.12 58.13
N ASN E 3 -32.51 1.40 71.28
CA ASN E 3 -33.01 1.20 69.92
C ASN E 3 -32.12 1.94 68.90
N ASP E 4 -30.80 1.79 69.04
CA ASP E 4 -29.84 2.31 68.08
C ASP E 4 -28.79 1.25 67.81
N THR E 5 -28.70 0.78 66.58
CA THR E 5 -27.80 -0.32 66.29
C THR E 5 -26.35 0.15 66.35
N GLU E 6 -25.54 -0.57 67.12
CA GLU E 6 -24.11 -0.27 67.20
C GLU E 6 -23.36 -0.96 66.07
N PRO E 7 -22.76 -0.20 65.15
CA PRO E 7 -22.05 -0.81 64.01
C PRO E 7 -21.07 -1.92 64.37
N GLY E 8 -20.31 -1.77 65.45
CA GLY E 8 -19.38 -2.79 65.86
C GLY E 8 -17.94 -2.45 65.56
N GLY E 9 -17.09 -3.45 65.48
CA GLY E 9 -15.68 -3.23 65.22
C GLY E 9 -14.83 -4.35 65.78
N THR E 10 -13.56 -4.32 65.43
CA THR E 10 -12.65 -5.30 66.00
C THR E 10 -12.19 -4.83 67.38
N ALA E 11 -11.32 -5.62 68.01
CA ALA E 11 -11.01 -5.36 69.41
C ALA E 11 -10.20 -4.09 69.60
N VAL E 12 -9.47 -3.67 68.56
CA VAL E 12 -8.61 -2.49 68.65
C VAL E 12 -9.04 -1.43 67.65
N GLU E 13 -10.35 -1.37 67.36
CA GLU E 13 -10.84 -0.52 66.27
C GLU E 13 -10.28 0.90 66.34
N LYS E 14 -10.13 1.46 67.54
CA LYS E 14 -9.83 2.90 67.63
C LYS E 14 -8.36 3.21 67.49
N MET E 15 -7.48 2.21 67.59
CA MET E 15 -6.06 2.39 67.36
C MET E 15 -5.58 1.81 66.02
N ALA E 16 -6.47 1.15 65.28
CA ALA E 16 -6.23 0.81 63.89
C ALA E 16 -6.45 2.04 63.02
N GLY E 17 -5.79 2.07 61.87
CA GLY E 17 -5.94 3.23 61.03
C GLY E 17 -4.94 3.26 59.90
N ASP E 18 -5.08 4.31 59.09
CA ASP E 18 -4.14 4.74 58.07
C ASP E 18 -3.57 6.06 58.57
N TRP E 19 -2.26 6.24 58.43
CA TRP E 19 -1.61 7.39 59.06
C TRP E 19 -0.68 8.06 58.07
N TRP E 20 -0.50 9.37 58.26
CA TRP E 20 0.50 10.17 57.54
C TRP E 20 1.55 10.56 58.55
N VAL E 21 2.72 9.91 58.50
CA VAL E 21 3.78 10.13 59.50
C VAL E 21 5.05 10.64 58.83
N THR E 22 5.93 11.20 59.67
CA THR E 22 7.29 11.54 59.30
C THR E 22 8.23 10.95 60.34
N VAL E 23 9.42 10.57 59.90
CA VAL E 23 10.38 9.86 60.72
C VAL E 23 11.46 10.83 61.16
N ASN E 24 11.57 11.06 62.45
CA ASN E 24 12.66 11.84 63.04
C ASN E 24 13.62 10.89 63.74
N ALA E 25 14.80 11.41 64.07
CA ALA E 25 15.81 10.63 64.76
C ALA E 25 16.36 11.42 65.93
N PHE E 26 16.91 10.69 66.91
CA PHE E 26 17.60 11.26 68.06
C PHE E 26 19.11 11.09 67.86
N ILE E 27 19.78 12.20 67.52
CA ILE E 27 21.18 12.21 67.17
C ILE E 27 21.90 13.08 68.17
N ASP E 28 22.90 12.51 68.85
CA ASP E 28 23.70 13.20 69.86
C ASP E 28 22.81 13.78 70.96
N GLY E 29 21.70 13.13 71.27
CA GLY E 29 20.74 13.60 72.27
C GLY E 29 19.59 14.46 71.76
N LYS E 30 19.86 15.36 70.82
CA LYS E 30 18.86 16.26 70.25
C LYS E 30 18.16 15.57 69.08
N GLU E 31 16.90 15.93 68.85
CA GLU E 31 16.09 15.28 67.83
C GLU E 31 16.16 16.08 66.53
N VAL E 32 16.62 15.43 65.47
CA VAL E 32 16.83 16.06 64.17
C VAL E 32 15.65 15.73 63.28
N GLU E 33 15.15 16.74 62.59
CA GLU E 33 13.95 16.60 61.77
C GLU E 33 14.28 15.89 60.46
N ASP E 34 13.63 14.74 60.23
CA ASP E 34 13.68 13.92 59.03
C ASP E 34 15.09 13.84 58.45
N PRO E 35 15.98 13.06 59.06
CA PRO E 35 17.35 12.98 58.52
C PRO E 35 17.39 12.33 57.14
N PHE E 36 16.51 11.35 56.88
CA PHE E 36 16.55 10.65 55.60
C PHE E 36 15.85 11.39 54.48
N GLY E 37 15.38 12.61 54.73
CA GLY E 37 14.66 13.41 53.75
C GLY E 37 13.57 12.63 53.06
N ALA E 38 12.71 11.96 53.83
CA ALA E 38 11.75 11.04 53.25
C ALA E 38 10.37 11.66 53.09
N GLY E 39 10.11 12.78 53.78
CA GLY E 39 8.84 13.45 53.76
C GLY E 39 7.78 12.63 54.48
N HIS E 40 6.53 12.98 54.20
CA HIS E 40 5.44 12.28 54.86
C HIS E 40 5.26 10.92 54.21
N LEU E 41 4.97 9.92 55.03
CA LEU E 41 4.89 8.54 54.58
C LEU E 41 3.59 7.92 55.09
N GLN E 42 3.13 6.92 54.37
CA GLN E 42 1.89 6.25 54.70
C GLN E 42 2.16 4.96 55.47
N MET E 43 1.39 4.74 56.54
CA MET E 43 1.55 3.62 57.45
C MET E 43 0.18 3.18 57.93
N SER E 44 0.02 1.87 58.13
CA SER E 44 -1.21 1.30 58.63
C SER E 44 -0.97 0.57 59.94
N THR E 45 -1.91 0.72 60.86
CA THR E 45 -2.04 -0.20 61.99
C THR E 45 -3.42 -0.83 61.92
N TYR E 46 -3.52 -2.07 62.39
CA TYR E 46 -4.73 -2.86 62.27
C TYR E 46 -4.65 -4.07 63.15
N ASN E 47 -5.81 -4.66 63.41
CA ASN E 47 -5.98 -5.74 64.36
C ASN E 47 -5.37 -7.04 63.82
N THR E 48 -5.25 -8.02 64.70
CA THR E 48 -4.73 -9.32 64.31
C THR E 48 -5.90 -10.26 64.07
N ALA E 49 -5.64 -11.33 63.31
CA ALA E 49 -6.71 -12.27 63.02
C ALA E 49 -7.31 -12.88 64.29
N SER E 50 -6.54 -12.92 65.37
CA SER E 50 -7.02 -13.40 66.66
C SER E 50 -8.03 -12.46 67.28
N ASN E 51 -8.16 -11.25 66.73
CA ASN E 51 -9.13 -10.25 67.21
C ASN E 51 -9.03 -10.12 68.73
N SER E 52 -7.82 -9.82 69.18
CA SER E 52 -7.51 -9.70 70.58
C SER E 52 -7.39 -8.23 70.98
N GLU E 53 -7.61 -7.95 72.26
CA GLU E 53 -7.33 -6.62 72.79
C GLU E 53 -5.87 -6.43 73.14
N THR E 54 -5.05 -7.47 72.95
CA THR E 54 -3.67 -7.58 73.45
C THR E 54 -2.60 -7.36 72.39
N GLU E 55 -2.93 -7.46 71.11
CA GLU E 55 -1.94 -7.16 70.09
C GLU E 55 -2.62 -6.53 68.87
N MET E 56 -1.79 -5.99 67.98
CA MET E 56 -2.16 -5.11 66.89
C MET E 56 -0.97 -5.07 65.94
N TRP E 57 -1.25 -5.03 64.65
CA TRP E 57 -0.17 -4.93 63.65
C TRP E 57 0.25 -3.48 63.47
N LEU E 58 1.55 -3.28 63.23
CA LEU E 58 2.11 -1.99 62.85
C LEU E 58 2.82 -2.21 61.52
N ASP E 59 2.40 -1.48 60.49
CA ASP E 59 2.79 -1.76 59.11
C ASP E 59 3.24 -0.46 58.45
N ASP E 60 4.55 -0.32 58.21
CA ASP E 60 5.05 0.85 57.51
C ASP E 60 4.78 0.82 56.01
N LEU E 61 4.19 -0.28 55.50
CA LEU E 61 3.75 -0.41 54.11
C LEU E 61 4.89 -0.34 53.10
N GLY E 62 6.10 -0.72 53.50
CA GLY E 62 7.25 -0.66 52.64
C GLY E 62 7.83 0.72 52.41
N ASN E 63 7.40 1.73 53.19
CA ASN E 63 7.70 3.11 52.88
C ASN E 63 8.84 3.71 53.68
N PHE E 64 9.29 3.06 54.74
CA PHE E 64 10.42 3.64 55.44
C PHE E 64 11.57 2.64 55.55
N TRP E 65 11.44 1.68 56.47
CA TRP E 65 12.42 0.64 56.68
C TRP E 65 11.91 -0.72 56.21
N GLU E 66 10.68 -0.80 55.73
CA GLU E 66 10.03 -2.05 55.32
C GLU E 66 9.87 -3.01 56.50
N TYR E 67 9.20 -2.55 57.54
CA TYR E 67 8.93 -3.39 58.71
C TYR E 67 7.43 -3.60 58.91
N LYS E 68 7.12 -4.75 59.51
CA LYS E 68 5.74 -5.08 59.90
C LYS E 68 5.84 -6.10 61.02
N LEU E 69 5.28 -5.76 62.19
CA LEU E 69 5.39 -6.64 63.35
C LEU E 69 4.16 -6.44 64.22
N LYS E 70 3.89 -7.45 65.07
CA LYS E 70 2.85 -7.31 66.09
C LYS E 70 3.41 -6.54 67.28
N VAL E 71 2.65 -5.55 67.75
CA VAL E 71 3.01 -4.84 68.96
C VAL E 71 1.98 -5.15 70.04
N ASN E 72 2.43 -5.10 71.29
CA ASN E 72 1.55 -5.30 72.44
C ASN E 72 0.75 -4.01 72.67
N VAL E 73 -0.53 -4.16 72.97
CA VAL E 73 -1.44 -3.03 73.11
C VAL E 73 -2.11 -3.06 74.48
N ASN E 74 -2.24 -1.88 75.09
CA ASN E 74 -3.16 -1.62 76.19
C ASN E 74 -4.24 -0.72 75.57
N TYR E 75 -5.40 -1.31 75.28
CA TYR E 75 -6.44 -0.56 74.57
C TYR E 75 -6.97 0.60 75.42
N ALA E 76 -7.07 0.41 76.73
CA ALA E 76 -7.64 1.47 77.57
C ALA E 76 -6.75 2.70 77.59
N ALA E 77 -5.44 2.50 77.80
CA ALA E 77 -4.56 3.64 77.81
C ALA E 77 -4.17 4.09 76.41
N ARG E 78 -4.59 3.35 75.38
CA ARG E 78 -4.23 3.62 74.00
C ARG E 78 -2.71 3.74 73.86
N THR E 79 -2.02 2.73 74.38
CA THR E 79 -0.57 2.66 74.27
C THR E 79 -0.20 1.32 73.65
N PHE E 80 1.00 1.27 73.08
CA PHE E 80 1.44 0.06 72.42
C PHE E 80 2.94 0.04 72.41
N SER E 81 3.50 -1.14 72.63
CA SER E 81 4.93 -1.30 72.73
C SER E 81 5.27 -2.74 72.39
N THR E 82 6.56 -3.02 72.33
CA THR E 82 7.06 -4.38 72.22
C THR E 82 7.93 -4.66 73.44
N THR E 83 7.93 -5.92 73.90
CA THR E 83 8.86 -6.35 74.94
C THR E 83 10.18 -6.68 74.27
N GLY E 84 11.10 -5.70 74.24
CA GLY E 84 12.36 -5.86 73.55
C GLY E 84 12.25 -5.83 72.04
N PHE E 85 13.00 -6.68 71.35
CA PHE E 85 12.97 -6.74 69.89
C PHE E 85 12.11 -7.91 69.41
N VAL E 86 11.33 -7.67 68.36
CA VAL E 86 10.32 -8.60 67.86
C VAL E 86 10.64 -8.90 66.40
N ASP E 87 10.19 -10.06 65.94
CA ASP E 87 10.35 -10.47 64.54
C ASP E 87 9.69 -9.50 63.58
N ASN E 88 10.44 -9.10 62.57
CA ASN E 88 9.90 -8.41 61.41
C ASN E 88 9.48 -9.45 60.37
N VAL E 89 8.19 -9.51 60.07
CA VAL E 89 7.71 -10.52 59.14
C VAL E 89 7.97 -10.13 57.70
N THR E 90 8.32 -8.87 57.44
CA THR E 90 8.52 -8.42 56.07
C THR E 90 9.78 -9.01 55.45
N TYR E 91 10.90 -9.04 56.21
CA TYR E 91 12.16 -9.41 55.58
C TYR E 91 13.24 -9.97 56.50
N GLU E 92 12.87 -10.58 57.63
CA GLU E 92 13.87 -11.26 58.45
C GLU E 92 14.82 -10.25 59.11
N SER E 93 14.27 -9.49 60.05
CA SER E 93 14.96 -8.47 60.83
C SER E 93 14.26 -8.40 62.17
N LYS E 94 14.61 -7.40 62.97
CA LYS E 94 14.10 -7.34 64.34
C LYS E 94 13.90 -5.89 64.71
N VAL E 95 12.78 -5.59 65.36
CA VAL E 95 12.37 -4.21 65.58
C VAL E 95 11.89 -4.08 67.01
N LYS E 96 12.06 -2.89 67.58
CA LYS E 96 11.63 -2.61 68.93
C LYS E 96 10.79 -1.33 68.93
N ILE E 97 9.58 -1.43 69.47
CA ILE E 97 8.64 -0.31 69.55
C ILE E 97 8.48 0.09 71.01
N THR E 98 8.70 1.38 71.30
CA THR E 98 8.77 1.90 72.66
C THR E 98 7.93 3.16 72.78
N ASP E 99 7.17 3.25 73.86
CA ASP E 99 6.37 4.43 74.18
C ASP E 99 5.46 4.81 73.01
N GLY E 100 4.60 3.88 72.62
CA GLY E 100 3.65 4.09 71.54
C GLY E 100 2.32 4.56 72.07
N LYS E 101 1.78 5.62 71.44
CA LYS E 101 0.53 6.23 71.88
C LYS E 101 -0.35 6.50 70.66
N VAL E 102 -1.67 6.31 70.81
CA VAL E 102 -2.67 6.84 69.89
C VAL E 102 -3.49 7.84 70.70
N LEU E 103 -3.50 9.10 70.25
CA LEU E 103 -4.04 10.21 71.02
C LEU E 103 -5.22 10.82 70.28
N GLU E 104 -6.42 10.60 70.82
CA GLU E 104 -7.65 10.89 70.10
C GLU E 104 -7.84 12.39 69.86
N LYS E 105 -8.08 12.77 68.60
CA LYS E 105 -8.43 14.12 68.17
C LYS E 105 -7.40 15.16 68.59
N ALA E 106 -6.15 14.73 68.78
CA ALA E 106 -5.13 15.60 69.38
C ALA E 106 -4.29 16.34 68.35
N ALA E 107 -4.16 15.78 67.13
CA ALA E 107 -3.43 16.36 66.02
C ALA E 107 -4.32 17.25 65.17
N THR E 108 -3.71 17.94 64.18
CA THR E 108 -4.45 18.78 63.23
C THR E 108 -3.94 18.53 61.82
N THR E 109 -4.88 18.39 60.89
CA THR E 109 -4.60 18.10 59.48
C THR E 109 -4.13 19.35 58.74
N PRO E 110 -3.50 19.18 57.59
CA PRO E 110 -3.08 20.35 56.79
C PRO E 110 -4.22 21.32 56.49
N SER E 111 -5.47 20.87 56.66
CA SER E 111 -6.64 21.71 56.49
C SER E 111 -7.08 22.40 57.78
N GLY E 112 -6.37 22.19 58.89
CA GLY E 112 -6.72 22.84 60.14
C GLY E 112 -7.83 22.17 60.92
N MET E 113 -7.93 20.84 60.82
CA MET E 113 -9.02 20.10 61.42
C MET E 113 -8.48 19.09 62.43
N PRO E 114 -9.20 18.84 63.52
CA PRO E 114 -8.71 17.85 64.50
C PRO E 114 -8.64 16.46 63.87
N ALA E 115 -7.61 15.71 64.26
CA ALA E 115 -7.33 14.36 63.78
C ALA E 115 -6.62 13.59 64.88
N ASP E 116 -6.73 12.27 64.82
CA ASP E 116 -6.08 11.43 65.80
C ASP E 116 -4.58 11.37 65.55
N SER E 117 -3.78 11.61 66.60
CA SER E 117 -2.31 11.57 66.54
C SER E 117 -1.81 10.18 66.85
N ILE E 118 -0.70 9.81 66.22
CA ILE E 118 0.01 8.58 66.50
C ILE E 118 1.47 8.95 66.74
N VAL E 119 2.10 8.33 67.74
CA VAL E 119 3.53 8.51 68.03
C VAL E 119 4.09 7.19 68.52
N TYR E 120 5.34 6.91 68.13
CA TYR E 120 6.01 5.74 68.69
C TYR E 120 7.50 5.77 68.38
N MET E 121 8.31 5.30 69.33
CA MET E 121 9.75 5.21 69.14
C MET E 121 10.10 3.82 68.60
N VAL E 122 11.06 3.79 67.66
CA VAL E 122 11.41 2.56 66.95
C VAL E 122 12.93 2.44 66.79
N GLN E 123 13.41 1.20 66.88
CA GLN E 123 14.81 0.87 66.62
C GLN E 123 14.82 -0.42 65.79
N PHE E 124 15.89 -0.59 65.03
CA PHE E 124 16.06 -1.76 64.18
C PHE E 124 17.43 -2.34 64.46
N ASP E 125 17.50 -3.69 64.46
CA ASP E 125 18.71 -4.41 64.84
C ASP E 125 19.73 -4.53 63.70
N ASP E 126 19.39 -4.06 62.49
CA ASP E 126 20.36 -3.99 61.40
C ASP E 126 20.71 -2.55 61.04
N ASP E 127 20.27 -1.59 61.85
CA ASP E 127 20.65 -0.18 61.70
C ASP E 127 22.09 -0.03 62.20
N GLU E 128 23.03 0.11 61.26
CA GLU E 128 24.45 0.13 61.61
C GLU E 128 24.77 1.25 62.60
N ASP E 129 23.98 2.32 62.63
CA ASP E 129 24.19 3.44 63.54
C ASP E 129 23.40 3.32 64.84
N GLY E 130 22.49 2.35 64.93
CA GLY E 130 21.83 1.99 66.17
C GLY E 130 21.05 3.07 66.89
N LEU E 131 20.33 3.93 66.18
CA LEU E 131 19.60 5.02 66.81
C LEU E 131 18.14 4.66 67.06
N THR E 132 17.52 5.51 67.86
CA THR E 132 16.09 5.45 68.15
C THR E 132 15.39 6.52 67.32
N TYR E 133 14.41 6.11 66.52
CA TYR E 133 13.64 7.04 65.69
C TYR E 133 12.28 7.29 66.30
N LYS E 134 11.71 8.43 65.93
CA LYS E 134 10.40 8.87 66.40
C LYS E 134 9.48 9.01 65.19
N VAL E 135 8.52 8.09 65.07
CA VAL E 135 7.50 8.10 64.02
C VAL E 135 6.29 8.83 64.58
N SER E 136 5.97 10.00 64.02
CA SER E 136 4.80 10.79 64.43
C SER E 136 3.95 11.16 63.22
N GLY E 137 2.63 11.17 63.44
CA GLY E 137 1.74 11.54 62.37
C GLY E 137 0.31 11.69 62.87
N PHE E 138 -0.61 11.72 61.89
CA PHE E 138 -2.03 11.91 62.15
C PHE E 138 -2.82 10.92 61.29
N ARG E 139 -4.06 10.67 61.68
CA ARG E 139 -4.89 9.74 60.92
C ARG E 139 -5.36 10.39 59.62
N ARG E 140 -5.33 9.62 58.55
CA ARG E 140 -5.63 10.12 57.22
C ARG E 140 -7.13 10.36 57.06
N THR E 141 -7.48 11.51 56.51
CA THR E 141 -8.87 11.95 56.41
C THR E 141 -9.57 11.35 55.22
N GLY E 142 -9.01 11.54 54.02
CA GLY E 142 -9.65 11.17 52.77
C GLY E 142 -9.81 12.32 51.79
N PHE E 143 -9.79 13.55 52.26
CA PHE E 143 -9.70 14.70 51.36
C PHE E 143 -8.32 14.73 50.73
N PRO E 144 -8.20 14.86 49.40
CA PRO E 144 -6.86 14.91 48.80
C PRO E 144 -6.05 16.10 49.26
N ALA E 145 -6.68 17.13 49.82
CA ALA E 145 -5.93 18.26 50.36
C ALA E 145 -5.05 17.85 51.55
N ASP E 146 -5.46 16.82 52.29
CA ASP E 146 -4.71 16.33 53.45
C ASP E 146 -3.69 15.26 53.08
N ASP E 147 -3.47 15.02 51.80
CA ASP E 147 -2.49 14.04 51.36
C ASP E 147 -1.14 14.71 51.11
N PHE E 148 -0.16 13.92 50.71
CA PHE E 148 1.19 14.41 50.48
C PHE E 148 1.82 13.72 49.28
N ASN F 3 36.43 43.15 -54.67
CA ASN F 3 37.07 42.57 -53.50
C ASN F 3 36.15 42.53 -52.27
N ASP F 4 34.84 42.50 -52.49
CA ASP F 4 33.88 42.37 -51.39
C ASP F 4 32.69 41.55 -51.88
N THR F 5 32.45 40.40 -51.25
CA THR F 5 31.36 39.55 -51.69
C THR F 5 30.04 40.16 -51.22
N GLU F 6 29.11 40.35 -52.17
CA GLU F 6 27.78 40.87 -51.87
C GLU F 6 26.85 39.71 -51.62
N PRO F 7 26.20 39.64 -50.44
CA PRO F 7 25.44 38.44 -50.07
C PRO F 7 24.35 38.04 -51.07
N GLY F 8 23.77 39.01 -51.76
CA GLY F 8 22.66 38.74 -52.65
C GLY F 8 21.32 38.95 -51.97
N GLY F 9 20.29 38.40 -52.60
CA GLY F 9 18.93 38.44 -52.12
C GLY F 9 17.96 38.14 -53.26
N THR F 10 16.70 37.85 -52.89
CA THR F 10 15.68 37.61 -53.90
C THR F 10 15.41 38.87 -54.71
N ALA F 11 14.48 38.79 -55.65
CA ALA F 11 14.27 39.89 -56.57
C ALA F 11 13.60 41.09 -55.91
N VAL F 12 12.86 40.89 -54.82
CA VAL F 12 12.16 41.96 -54.12
C VAL F 12 12.71 42.17 -52.70
N GLU F 13 13.94 41.74 -52.45
CA GLU F 13 14.44 41.61 -51.08
C GLU F 13 14.09 42.79 -50.19
N LYS F 14 14.29 44.02 -50.68
CA LYS F 14 14.26 45.14 -49.75
C LYS F 14 12.85 45.61 -49.43
N MET F 15 11.84 45.02 -50.09
CA MET F 15 10.46 45.25 -49.72
C MET F 15 9.87 44.12 -48.90
N ALA F 16 10.51 42.96 -48.88
CA ALA F 16 10.06 41.86 -48.04
C ALA F 16 10.38 42.15 -46.56
N GLY F 17 9.69 41.44 -45.68
CA GLY F 17 10.01 41.56 -44.27
C GLY F 17 8.83 41.19 -43.39
N ASP F 18 9.09 41.28 -42.09
CA ASP F 18 8.09 41.18 -41.04
C ASP F 18 7.75 42.58 -40.56
N TRP F 19 6.47 42.85 -40.34
CA TRP F 19 5.98 44.19 -40.06
C TRP F 19 5.07 44.20 -38.84
N TRP F 20 5.07 45.33 -38.13
CA TRP F 20 4.18 45.59 -36.99
C TRP F 20 3.22 46.71 -37.39
N VAL F 21 1.99 46.37 -37.78
CA VAL F 21 1.06 47.35 -38.33
C VAL F 21 -0.14 47.53 -37.42
N THR F 22 -0.89 48.60 -37.68
CA THR F 22 -2.19 48.84 -37.09
C THR F 22 -3.17 49.23 -38.20
N VAL F 23 -4.41 48.71 -38.12
CA VAL F 23 -5.38 48.86 -39.21
C VAL F 23 -6.35 49.98 -38.84
N ASN F 24 -6.30 51.06 -39.62
CA ASN F 24 -7.26 52.15 -39.53
C ASN F 24 -8.36 52.00 -40.59
N ALA F 25 -9.40 52.79 -40.44
CA ALA F 25 -10.45 52.84 -41.45
C ALA F 25 -10.82 54.29 -41.73
N PHE F 26 -11.21 54.55 -42.98
CA PHE F 26 -11.83 55.81 -43.37
C PHE F 26 -13.34 55.63 -43.31
N ILE F 27 -13.97 56.27 -42.34
CA ILE F 27 -15.43 56.21 -42.17
C ILE F 27 -15.97 57.62 -42.36
N ASP F 28 -16.88 57.78 -43.32
CA ASP F 28 -17.54 59.06 -43.61
C ASP F 28 -16.53 60.15 -43.97
N GLY F 29 -15.42 59.76 -44.60
CA GLY F 29 -14.41 60.69 -45.06
C GLY F 29 -13.18 60.80 -44.18
N LYS F 30 -13.36 60.68 -42.86
CA LYS F 30 -12.27 60.85 -41.91
C LYS F 30 -11.67 59.50 -41.55
N GLU F 31 -10.40 59.52 -41.16
CA GLU F 31 -9.67 58.33 -40.77
C GLU F 31 -9.86 58.10 -39.28
N VAL F 32 -10.52 57.00 -38.92
CA VAL F 32 -10.73 56.64 -37.52
C VAL F 32 -9.64 55.65 -37.13
N GLU F 33 -9.07 55.84 -35.94
CA GLU F 33 -7.98 55.01 -35.48
C GLU F 33 -8.51 53.70 -34.91
N ASP F 34 -7.90 52.58 -35.34
CA ASP F 34 -8.19 51.21 -34.93
C ASP F 34 -9.67 50.96 -34.66
N PRO F 35 -10.51 50.91 -35.70
CA PRO F 35 -11.93 50.57 -35.50
C PRO F 35 -12.17 49.28 -34.71
N PHE F 36 -11.55 48.18 -35.14
CA PHE F 36 -11.82 46.89 -34.52
C PHE F 36 -11.15 46.71 -33.16
N GLY F 37 -10.44 47.71 -32.65
CA GLY F 37 -9.72 47.56 -31.40
C GLY F 37 -8.82 46.33 -31.43
N ALA F 38 -7.78 46.39 -32.24
CA ALA F 38 -6.95 45.22 -32.51
C ALA F 38 -5.50 45.39 -32.08
N GLY F 39 -5.11 46.60 -31.68
CA GLY F 39 -3.74 46.84 -31.33
C GLY F 39 -2.82 46.66 -32.52
N HIS F 40 -1.57 46.32 -32.23
CA HIS F 40 -0.58 46.08 -33.27
C HIS F 40 -0.56 44.61 -33.64
N LEU F 41 -0.56 44.34 -34.94
CA LEU F 41 -0.53 42.99 -35.47
C LEU F 41 0.72 42.78 -36.31
N GLN F 42 1.00 41.51 -36.61
CA GLN F 42 2.15 41.16 -37.43
C GLN F 42 1.72 40.69 -38.81
N MET F 43 2.47 41.14 -39.83
CA MET F 43 2.19 40.78 -41.21
C MET F 43 3.53 40.57 -41.93
N SER F 44 3.49 39.78 -42.99
CA SER F 44 4.69 39.38 -43.71
C SER F 44 4.56 39.71 -45.18
N THR F 45 5.65 40.22 -45.77
CA THR F 45 5.73 40.38 -47.22
C THR F 45 6.96 39.62 -47.70
N TYR F 46 6.88 39.05 -48.90
CA TYR F 46 7.96 38.21 -49.40
C TYR F 46 7.82 37.97 -50.89
N ASN F 47 8.93 37.57 -51.50
CA ASN F 47 9.03 37.26 -52.93
C ASN F 47 8.21 36.03 -53.29
N THR F 48 7.84 35.95 -54.57
CA THR F 48 7.12 34.82 -55.13
C THR F 48 8.12 33.79 -55.64
N ALA F 49 7.70 32.52 -55.66
CA ALA F 49 8.55 31.44 -56.13
C ALA F 49 9.09 31.68 -57.54
N SER F 50 8.51 32.62 -58.28
CA SER F 50 9.06 32.99 -59.58
C SER F 50 10.28 33.88 -59.45
N ASN F 51 10.53 34.37 -58.24
CA ASN F 51 11.55 35.38 -57.97
C ASN F 51 11.46 36.52 -58.97
N SER F 52 10.26 37.04 -59.12
CA SER F 52 10.03 38.14 -60.04
C SER F 52 10.31 39.47 -59.36
N GLU F 53 10.62 40.48 -60.18
CA GLU F 53 10.83 41.83 -59.69
C GLU F 53 9.56 42.66 -59.74
N THR F 54 8.45 42.07 -60.19
CA THR F 54 7.22 42.82 -60.39
C THR F 54 6.03 42.22 -59.65
N GLU F 55 6.23 41.26 -58.75
CA GLU F 55 5.16 40.84 -57.85
C GLU F 55 5.77 40.23 -56.58
N MET F 56 5.09 40.45 -55.45
CA MET F 56 5.47 39.91 -54.14
C MET F 56 4.21 39.45 -53.40
N TRP F 57 4.40 38.77 -52.28
CA TRP F 57 3.29 38.30 -51.45
C TRP F 57 3.01 39.25 -50.30
N LEU F 58 1.73 39.38 -49.97
CA LEU F 58 1.26 40.14 -48.82
C LEU F 58 0.40 39.23 -47.96
N ASP F 59 0.76 39.08 -46.67
CA ASP F 59 0.28 37.97 -45.84
C ASP F 59 0.02 38.51 -44.43
N ASP F 60 -1.24 38.61 -44.05
CA ASP F 60 -1.58 39.13 -42.72
C ASP F 60 -1.46 38.08 -41.62
N LEU F 61 -1.01 36.86 -41.92
CA LEU F 61 -0.71 35.83 -40.93
C LEU F 61 -1.93 35.38 -40.13
N GLY F 62 -3.14 35.64 -40.61
CA GLY F 62 -4.33 35.34 -39.85
C GLY F 62 -4.68 36.37 -38.79
N ASN F 63 -3.96 37.49 -38.71
CA ASN F 63 -4.09 38.41 -37.59
C ASN F 63 -5.17 39.45 -37.78
N PHE F 64 -5.64 39.66 -39.00
CA PHE F 64 -6.68 40.66 -39.22
C PHE F 64 -7.86 40.04 -39.94
N TRP F 65 -7.89 40.16 -41.26
CA TRP F 65 -8.95 39.63 -42.09
C TRP F 65 -8.66 38.23 -42.61
N GLU F 66 -7.51 37.66 -42.26
CA GLU F 66 -7.08 36.35 -42.76
C GLU F 66 -6.97 36.33 -44.28
N TYR F 67 -6.17 37.25 -44.82
CA TYR F 67 -5.97 37.36 -46.25
C TYR F 67 -4.50 37.25 -46.63
N LYS F 68 -4.28 36.76 -47.85
CA LYS F 68 -2.94 36.67 -48.41
C LYS F 68 -3.07 36.59 -49.92
N LEU F 69 -2.38 37.48 -50.63
CA LEU F 69 -2.50 37.57 -52.08
C LEU F 69 -1.16 37.95 -52.69
N LYS F 70 -1.10 37.89 -54.01
CA LYS F 70 0.00 38.44 -54.78
C LYS F 70 -0.36 39.87 -55.17
N VAL F 71 0.50 40.83 -54.81
CA VAL F 71 0.38 42.19 -55.29
C VAL F 71 1.47 42.44 -56.32
N ASN F 72 1.23 43.39 -57.21
CA ASN F 72 2.22 43.78 -58.22
C ASN F 72 3.07 44.91 -57.63
N VAL F 73 4.37 44.85 -57.90
CA VAL F 73 5.33 45.77 -57.28
C VAL F 73 6.16 46.41 -58.38
N ASN F 74 6.49 47.68 -58.17
CA ASN F 74 7.48 48.41 -58.97
C ASN F 74 8.66 48.66 -58.03
N TYR F 75 9.71 47.85 -58.17
CA TYR F 75 10.78 47.82 -57.18
C TYR F 75 11.41 49.21 -57.03
N ALA F 76 11.70 49.87 -58.15
CA ALA F 76 12.43 51.14 -58.10
C ALA F 76 11.65 52.19 -57.31
N ALA F 77 10.37 52.36 -57.60
CA ALA F 77 9.56 53.29 -56.83
C ALA F 77 9.34 52.83 -55.40
N ARG F 78 9.61 51.56 -55.09
CA ARG F 78 9.23 50.93 -53.82
C ARG F 78 7.72 51.03 -53.60
N THR F 79 6.94 50.65 -54.62
CA THR F 79 5.49 50.71 -54.55
C THR F 79 4.87 49.36 -54.94
N PHE F 80 3.70 49.08 -54.37
CA PHE F 80 2.92 47.92 -54.76
C PHE F 80 1.44 48.25 -54.78
N SER F 81 0.72 47.51 -55.60
CA SER F 81 -0.73 47.64 -55.70
C SER F 81 -1.21 46.38 -56.42
N THR F 82 -2.53 46.26 -56.55
CA THR F 82 -3.10 45.22 -57.37
C THR F 82 -4.04 45.86 -58.38
N THR F 83 -4.25 45.15 -59.50
CA THR F 83 -5.05 45.62 -60.64
C THR F 83 -6.51 45.25 -60.38
N GLY F 84 -7.19 46.13 -59.63
CA GLY F 84 -8.49 45.79 -59.10
C GLY F 84 -8.47 44.67 -58.06
N PHE F 85 -9.64 44.09 -57.83
CA PHE F 85 -9.80 43.00 -56.87
C PHE F 85 -9.34 41.67 -57.45
N VAL F 86 -8.50 40.93 -56.70
CA VAL F 86 -8.03 39.61 -57.10
C VAL F 86 -8.12 38.62 -55.94
N ASP F 87 -7.82 37.36 -56.26
CA ASP F 87 -8.19 36.24 -55.41
C ASP F 87 -7.38 36.20 -54.12
N ASN F 88 -8.03 35.73 -53.06
CA ASN F 88 -7.40 35.47 -51.77
C ASN F 88 -7.15 33.96 -51.65
N VAL F 89 -5.90 33.59 -51.39
CA VAL F 89 -5.56 32.17 -51.31
C VAL F 89 -5.86 31.56 -49.96
N THR F 90 -6.29 32.37 -48.99
CA THR F 90 -6.53 31.85 -47.65
C THR F 90 -7.90 31.20 -47.52
N TYR F 91 -8.98 31.92 -47.94
CA TYR F 91 -10.33 31.49 -47.52
C TYR F 91 -11.41 31.93 -48.53
N GLU F 92 -11.12 31.87 -49.83
CA GLU F 92 -12.16 32.06 -50.86
C GLU F 92 -12.84 33.43 -50.74
N SER F 93 -12.04 34.47 -50.93
CA SER F 93 -12.50 35.86 -50.87
C SER F 93 -11.77 36.61 -51.97
N LYS F 94 -11.74 37.94 -51.87
CA LYS F 94 -11.08 38.75 -52.89
C LYS F 94 -10.73 40.10 -52.27
N VAL F 95 -9.57 40.62 -52.61
CA VAL F 95 -8.99 41.76 -51.92
C VAL F 95 -8.36 42.68 -52.94
N LYS F 96 -8.41 44.00 -52.68
CA LYS F 96 -7.85 45.02 -53.56
C LYS F 96 -6.91 45.91 -52.77
N ILE F 97 -5.68 46.01 -53.26
CA ILE F 97 -4.59 46.72 -52.62
C ILE F 97 -4.20 47.88 -53.51
N THR F 98 -4.25 49.09 -52.95
CA THR F 98 -3.99 50.33 -53.65
C THR F 98 -3.04 51.20 -52.86
N ASP F 99 -2.15 51.90 -53.57
CA ASP F 99 -1.21 52.86 -52.97
C ASP F 99 -0.45 52.19 -51.82
N GLY F 100 0.37 51.22 -52.22
CA GLY F 100 1.28 50.54 -51.30
C GLY F 100 2.70 51.04 -51.56
N LYS F 101 3.36 51.48 -50.49
CA LYS F 101 4.74 51.93 -50.57
C LYS F 101 5.50 51.38 -49.38
N VAL F 102 6.78 51.10 -49.60
CA VAL F 102 7.72 50.71 -48.55
C VAL F 102 8.77 51.81 -48.46
N LEU F 103 8.69 52.64 -47.42
CA LEU F 103 9.52 53.83 -47.27
C LEU F 103 10.76 53.53 -46.41
N GLU F 104 11.93 53.57 -47.03
CA GLU F 104 13.18 53.12 -46.40
C GLU F 104 13.61 54.04 -45.26
N LYS F 105 13.88 53.44 -44.09
CA LYS F 105 14.31 54.10 -42.84
C LYS F 105 13.40 55.26 -42.40
N ALA F 106 12.11 55.23 -42.77
CA ALA F 106 11.22 56.37 -42.62
C ALA F 106 10.44 56.37 -41.32
N ALA F 107 10.17 55.19 -40.76
CA ALA F 107 9.43 55.02 -39.51
C ALA F 107 10.37 55.10 -38.31
N THR F 108 9.81 55.08 -37.10
CA THR F 108 10.57 55.04 -35.86
C THR F 108 9.99 53.98 -34.94
N THR F 109 10.87 53.25 -34.27
CA THR F 109 10.46 52.16 -33.41
C THR F 109 9.99 52.66 -32.05
N PRO F 110 9.29 51.82 -31.28
CA PRO F 110 9.02 52.15 -29.87
C PRO F 110 10.29 52.43 -29.06
N SER F 111 11.46 52.02 -29.55
CA SER F 111 12.74 52.34 -28.91
C SER F 111 13.35 53.65 -29.43
N GLY F 112 12.70 54.32 -30.38
CA GLY F 112 13.20 55.61 -30.84
C GLY F 112 14.27 55.57 -31.90
N MET F 113 14.39 54.46 -32.64
CA MET F 113 15.40 54.28 -33.68
C MET F 113 14.74 54.23 -35.06
N PRO F 114 15.45 54.67 -36.12
CA PRO F 114 14.87 54.58 -37.46
C PRO F 114 14.56 53.14 -37.87
N ALA F 115 13.60 53.02 -38.79
CA ALA F 115 13.10 51.74 -39.29
C ALA F 115 12.25 52.01 -40.53
N ASP F 116 12.08 50.96 -41.34
CA ASP F 116 11.30 51.06 -42.57
C ASP F 116 9.82 51.14 -42.25
N SER F 117 9.10 52.03 -42.95
CA SER F 117 7.64 52.18 -42.85
C SER F 117 6.96 51.38 -43.95
N ILE F 118 5.70 51.01 -43.70
CA ILE F 118 4.88 50.27 -44.65
C ILE F 118 3.47 50.88 -44.61
N VAL F 119 2.91 51.17 -45.78
CA VAL F 119 1.51 51.62 -45.87
C VAL F 119 0.89 51.00 -47.12
N TYR F 120 -0.35 50.55 -47.00
CA TYR F 120 -1.15 50.24 -48.17
C TYR F 120 -2.63 50.29 -47.83
N MET F 121 -3.45 50.70 -48.79
CA MET F 121 -4.90 50.65 -48.66
C MET F 121 -5.40 49.27 -49.07
N VAL F 122 -6.42 48.78 -48.38
CA VAL F 122 -6.96 47.44 -48.61
C VAL F 122 -8.49 47.49 -48.63
N GLN F 123 -9.10 46.66 -49.49
CA GLN F 123 -10.55 46.48 -49.53
C GLN F 123 -10.89 45.01 -49.67
N PHE F 124 -11.98 44.60 -49.05
CA PHE F 124 -12.43 43.21 -49.12
C PHE F 124 -13.85 43.16 -49.69
N ASP F 125 -14.10 42.21 -50.60
CA ASP F 125 -15.36 42.10 -51.29
C ASP F 125 -16.44 41.41 -50.47
N ASP F 126 -16.10 40.89 -49.29
CA ASP F 126 -17.08 40.36 -48.35
C ASP F 126 -17.25 41.24 -47.12
N ASP F 127 -16.68 42.45 -47.15
CA ASP F 127 -16.82 43.42 -46.06
C ASP F 127 -18.19 44.07 -46.19
N GLU F 128 -19.14 43.59 -45.38
CA GLU F 128 -20.53 44.02 -45.48
C GLU F 128 -20.69 45.54 -45.40
N ASP F 129 -19.69 46.24 -44.85
CA ASP F 129 -19.73 47.70 -44.76
C ASP F 129 -18.96 48.39 -45.88
N GLY F 130 -18.21 47.67 -46.69
CA GLY F 130 -17.60 48.24 -47.88
C GLY F 130 -16.60 49.35 -47.68
N LEU F 131 -15.77 49.24 -46.66
CA LEU F 131 -14.84 50.30 -46.29
C LEU F 131 -13.44 50.04 -46.83
N THR F 132 -12.71 51.14 -47.01
CA THR F 132 -11.30 51.12 -47.36
C THR F 132 -10.49 51.34 -46.09
N TYR F 133 -9.59 50.40 -45.79
CA TYR F 133 -8.75 50.49 -44.60
C TYR F 133 -7.34 50.89 -44.96
N LYS F 134 -6.65 51.50 -44.01
CA LYS F 134 -5.26 51.91 -44.15
C LYS F 134 -4.42 51.21 -43.08
N VAL F 135 -3.63 50.22 -43.50
CA VAL F 135 -2.72 49.51 -42.60
C VAL F 135 -1.34 50.18 -42.69
N SER F 136 -0.71 50.38 -41.54
CA SER F 136 0.54 51.14 -41.47
C SER F 136 1.37 50.67 -40.28
N GLY F 137 2.65 50.45 -40.53
CA GLY F 137 3.54 50.03 -39.48
C GLY F 137 5.00 50.20 -39.85
N PHE F 138 5.86 49.43 -39.17
CA PHE F 138 7.30 49.53 -39.32
C PHE F 138 7.91 48.13 -39.40
N ARG F 139 9.10 48.04 -40.00
CA ARG F 139 9.81 46.76 -40.05
C ARG F 139 10.23 46.34 -38.66
N ARG F 140 9.97 45.08 -38.31
CA ARG F 140 10.24 44.60 -36.97
C ARG F 140 11.73 44.40 -36.71
N THR F 141 12.19 44.86 -35.54
CA THR F 141 13.62 44.91 -35.27
C THR F 141 14.18 43.55 -34.85
N GLY F 142 13.57 42.91 -33.86
CA GLY F 142 14.10 41.73 -33.21
C GLY F 142 14.35 41.90 -31.73
N PHE F 143 14.44 43.16 -31.26
CA PHE F 143 14.52 43.43 -29.83
C PHE F 143 13.17 43.20 -29.19
N PRO F 144 13.10 42.51 -28.05
CA PRO F 144 11.83 42.35 -27.34
C PRO F 144 11.13 43.67 -27.01
N ALA F 145 11.88 44.76 -26.79
CA ALA F 145 11.26 46.03 -26.44
C ALA F 145 10.45 46.61 -27.59
N ASP F 146 10.78 46.25 -28.84
CA ASP F 146 10.10 46.75 -30.03
C ASP F 146 8.98 45.84 -30.49
N ASP F 147 8.37 45.08 -29.57
CA ASP F 147 7.32 44.12 -29.85
C ASP F 147 6.06 44.53 -29.11
N PHE F 148 4.96 43.82 -29.40
CA PHE F 148 3.64 44.08 -28.79
C PHE F 148 2.92 42.79 -28.42
N GLY G 1 -31.17 -19.80 38.44
CA GLY G 1 -32.02 -18.65 38.13
C GLY G 1 -32.29 -18.27 36.67
N GLY G 2 -32.65 -17.01 36.48
CA GLY G 2 -32.87 -16.35 35.21
C GLY G 2 -32.91 -14.89 35.63
N GLY G 3 -33.13 -14.00 34.69
CA GLY G 3 -33.15 -12.61 35.12
C GLY G 3 -31.78 -12.09 35.49
N GLY G 4 -31.31 -11.07 34.79
CA GLY G 4 -30.06 -10.44 35.11
C GLY G 4 -30.15 -9.59 36.35
N GLY G 5 -29.28 -8.60 36.46
CA GLY G 5 -29.03 -7.80 37.65
C GLY G 5 -27.76 -7.02 37.36
N GLY G 6 -27.75 -5.70 37.48
CA GLY G 6 -26.53 -4.94 37.25
C GLY G 6 -25.86 -4.46 38.53
N GLY G 7 -24.52 -4.46 38.52
CA GLY G 7 -23.82 -3.72 39.55
C GLY G 7 -24.23 -2.25 39.50
N GLY G 8 -23.85 -1.50 40.54
CA GLY G 8 -23.99 -0.06 40.53
C GLY G 8 -22.72 0.66 40.06
N GLY G 9 -22.76 1.98 40.12
CA GLY G 9 -21.60 2.78 39.79
C GLY G 9 -20.93 3.38 41.02
N GLY G 10 -19.59 3.44 40.99
CA GLY G 10 -18.82 4.11 42.03
C GLY G 10 -17.33 4.13 41.73
N CYS H 1 69.59 28.56 -18.71
CA CYS H 1 69.82 27.68 -17.56
C CYS H 1 69.14 28.21 -16.29
N ASP H 2 67.82 28.01 -16.23
CA ASP H 2 67.04 28.32 -15.04
C ASP H 2 67.43 27.38 -13.92
N LEU H 3 67.76 27.93 -12.75
CA LEU H 3 68.07 27.05 -11.62
C LEU H 3 66.90 26.85 -10.66
N ASN H 4 65.82 27.62 -10.78
CA ASN H 4 64.65 27.46 -9.91
C ASN H 4 63.74 26.37 -10.46
N ILE H 5 64.21 25.13 -10.37
CA ILE H 5 63.49 23.99 -10.94
C ILE H 5 63.37 22.87 -9.91
N ASN H 6 63.52 23.23 -8.63
CA ASN H 6 63.61 22.26 -7.55
C ASN H 6 62.30 22.12 -6.78
N ASP H 7 61.17 22.43 -7.41
CA ASP H 7 59.89 22.00 -6.91
C ASP H 7 59.57 20.66 -7.55
N ASP H 8 59.26 19.68 -6.71
CA ASP H 8 59.12 18.31 -7.21
C ASP H 8 57.90 18.20 -8.14
N PRO H 9 58.12 17.94 -9.43
CA PRO H 9 57.00 17.83 -10.36
C PRO H 9 56.20 16.56 -10.19
N ASN H 10 56.67 15.60 -9.40
CA ASN H 10 55.89 14.39 -9.25
C ASN H 10 54.84 14.49 -8.16
N TYR H 11 54.70 15.66 -7.54
CA TYR H 11 53.75 15.85 -6.45
C TYR H 11 53.05 17.20 -6.64
N PRO H 12 51.85 17.34 -6.12
CA PRO H 12 51.10 18.58 -6.35
C PRO H 12 51.70 19.75 -5.60
N MET H 13 51.42 20.96 -6.07
CA MET H 13 51.70 22.14 -5.28
C MET H 13 50.95 22.05 -3.96
N ASN H 14 51.66 22.36 -2.86
CA ASN H 14 51.14 22.16 -1.51
C ASN H 14 49.90 23.00 -1.20
N ASP H 15 49.68 24.11 -1.91
CA ASP H 15 48.39 24.81 -1.80
C ASP H 15 47.24 23.89 -2.18
N GLN H 16 47.35 23.24 -3.33
CA GLN H 16 46.25 22.47 -3.90
C GLN H 16 45.85 21.27 -3.08
N VAL H 17 46.55 20.95 -2.00
CA VAL H 17 46.17 19.79 -1.20
C VAL H 17 45.45 20.32 0.03
N THR H 18 44.13 20.14 0.03
CA THR H 18 43.25 20.66 1.07
C THR H 18 42.83 19.52 2.00
N ALA H 19 42.03 19.87 3.02
CA ALA H 19 41.80 18.92 4.10
C ALA H 19 41.03 17.68 3.63
N ASP H 20 40.29 17.77 2.53
CA ASP H 20 39.51 16.64 2.05
C ASP H 20 40.34 15.67 1.22
N LEU H 21 41.47 16.11 0.67
CA LEU H 21 42.37 15.14 0.06
C LEU H 21 43.17 14.37 1.12
N ILE H 22 43.37 14.95 2.30
CA ILE H 22 44.20 14.32 3.32
C ILE H 22 43.38 13.40 4.24
N PHE H 23 42.12 13.75 4.52
CA PHE H 23 41.38 13.07 5.57
C PHE H 23 41.20 11.57 5.37
N PRO H 24 40.95 11.04 4.17
CA PRO H 24 40.68 9.59 4.09
C PRO H 24 41.90 8.76 4.34
N SER H 25 43.10 9.33 4.25
CA SER H 25 44.30 8.58 4.59
C SER H 25 44.23 8.08 6.01
N ILE H 26 43.61 8.85 6.91
CA ILE H 26 43.68 8.58 8.35
C ILE H 26 43.04 7.23 8.68
N SER H 27 41.83 7.01 8.18
CA SER H 27 41.14 5.75 8.47
C SER H 27 41.86 4.57 7.83
N ALA H 28 42.26 4.70 6.56
CA ALA H 28 42.94 3.61 5.87
C ALA H 28 44.28 3.29 6.52
N SER H 29 45.03 4.33 6.91
CA SER H 29 46.29 4.13 7.61
C SER H 29 46.07 3.33 8.88
N ILE H 30 45.20 3.83 9.75
CA ILE H 30 44.87 3.11 10.97
C ILE H 30 44.47 1.69 10.64
N ALA H 31 43.69 1.50 9.56
CA ALA H 31 43.23 0.14 9.25
C ALA H 31 44.40 -0.76 8.85
N SER H 32 45.36 -0.25 8.08
CA SER H 32 46.45 -1.10 7.60
C SER H 32 47.30 -1.61 8.75
N ALA H 33 47.38 -0.82 9.83
CA ALA H 33 47.99 -1.24 11.08
C ALA H 33 47.13 -2.27 11.83
N VAL H 34 46.02 -1.82 12.44
CA VAL H 34 45.32 -2.66 13.41
C VAL H 34 44.54 -3.80 12.78
N GLY H 35 44.20 -3.72 11.50
CA GLY H 35 43.60 -4.83 10.79
C GLY H 35 44.59 -5.72 10.08
N GLY H 36 45.89 -5.42 10.21
CA GLY H 36 46.97 -6.14 9.55
C GLY H 36 47.93 -6.84 10.49
N GLU H 37 49.14 -6.30 10.71
CA GLU H 37 50.15 -7.00 11.51
C GLU H 37 49.88 -6.91 13.02
N ILE H 38 49.29 -5.80 13.50
CA ILE H 38 48.85 -5.75 14.89
C ILE H 38 47.76 -6.78 15.11
N TYR H 39 46.70 -6.72 14.29
CA TYR H 39 45.69 -7.79 14.23
C TYR H 39 46.34 -9.17 14.19
N ASN H 40 47.43 -9.34 13.43
CA ASN H 40 47.99 -10.67 13.29
C ASN H 40 48.55 -11.19 14.60
N TYR H 41 49.54 -10.50 15.17
CA TYR H 41 50.18 -11.03 16.36
C TYR H 41 49.21 -11.06 17.55
N ALA H 42 48.19 -10.20 17.56
CA ALA H 42 47.21 -10.28 18.63
C ALA H 42 46.35 -11.53 18.50
N GLY H 43 46.21 -12.05 17.28
CA GLY H 43 45.53 -13.32 17.08
C GLY H 43 46.26 -14.51 17.66
N PHE H 44 47.59 -14.44 17.82
CA PHE H 44 48.30 -15.49 18.53
C PHE H 44 48.18 -15.31 20.04
N PHE H 45 48.26 -14.05 20.50
CA PHE H 45 48.22 -13.78 21.93
C PHE H 45 46.84 -14.06 22.51
N ALA H 46 45.80 -13.65 21.80
CA ALA H 46 44.45 -14.05 22.16
C ALA H 46 44.22 -15.54 21.90
N GLN H 47 45.14 -16.20 21.21
CA GLN H 47 45.15 -17.66 21.05
C GLN H 47 44.00 -18.14 20.19
N TYR H 48 43.70 -17.38 19.13
CA TYR H 48 42.76 -17.81 18.12
C TYR H 48 43.40 -18.81 17.17
N TYR H 49 44.59 -18.48 16.66
CA TYR H 49 45.27 -19.30 15.70
C TYR H 49 46.73 -19.50 16.11
N GLU H 50 47.45 -20.24 15.26
CA GLU H 50 48.75 -20.78 15.60
C GLU H 50 49.51 -21.02 14.30
N GLN H 51 50.76 -21.46 14.43
CA GLN H 51 51.61 -21.65 13.25
C GLN H 51 51.36 -23.01 12.61
N LYS H 52 50.94 -22.99 11.34
CA LYS H 52 50.78 -24.19 10.53
C LYS H 52 52.01 -25.08 10.64
N PRO H 53 51.86 -26.39 10.86
CA PRO H 53 53.03 -27.28 10.96
C PRO H 53 54.07 -27.14 9.86
N GLU H 54 53.67 -27.03 8.59
CA GLU H 54 54.61 -27.20 7.49
C GLU H 54 55.19 -25.88 6.96
N SER H 55 55.14 -24.82 7.73
CA SER H 55 55.71 -23.53 7.35
C SER H 55 56.12 -22.84 8.64
N ASN H 56 56.65 -21.63 8.55
CA ASN H 56 57.47 -21.18 9.67
C ASN H 56 57.46 -19.68 9.93
N GLN H 57 56.55 -18.90 9.35
CA GLN H 57 56.68 -17.44 9.43
C GLN H 57 56.58 -16.93 10.87
N TYR H 58 55.75 -17.56 11.72
CA TYR H 58 55.38 -16.91 12.97
C TYR H 58 55.82 -17.71 14.21
N ASN H 59 56.82 -18.58 14.05
CA ASN H 59 57.35 -19.35 15.16
C ASN H 59 57.67 -18.46 16.35
N THR H 60 58.29 -17.30 16.11
CA THR H 60 58.70 -16.46 17.23
C THR H 60 57.50 -15.92 18.00
N LEU H 61 56.45 -15.53 17.29
CA LEU H 61 55.28 -15.00 17.98
C LEU H 61 54.55 -16.09 18.76
N CYS H 62 54.45 -17.28 18.19
CA CYS H 62 53.74 -18.38 18.84
C CYS H 62 54.43 -18.79 20.13
N GLU H 63 55.77 -18.77 20.13
CA GLU H 63 56.59 -19.27 21.22
C GLU H 63 57.18 -18.16 22.08
N TYR H 64 56.72 -16.92 21.91
CA TYR H 64 57.17 -15.77 22.69
C TYR H 64 58.68 -15.58 22.66
N THR H 65 59.36 -16.13 21.67
CA THR H 65 60.81 -15.98 21.54
C THR H 65 61.21 -14.75 20.74
N PHE H 66 60.31 -13.80 20.51
CA PHE H 66 60.74 -12.57 19.89
C PHE H 66 61.31 -11.62 20.94
N THR H 67 62.03 -10.61 20.47
CA THR H 67 62.61 -9.58 21.31
C THR H 67 62.48 -8.24 20.60
N GLU H 68 62.93 -7.19 21.29
CA GLU H 68 62.82 -5.84 20.77
C GLU H 68 63.42 -5.72 19.37
N SER H 69 64.54 -6.40 19.13
CA SER H 69 65.19 -6.28 17.84
C SER H 69 64.43 -7.02 16.73
N SER H 70 63.39 -7.77 17.06
CA SER H 70 62.65 -8.51 16.04
C SER H 70 61.68 -7.63 15.23
N GLN H 71 61.46 -6.38 15.66
CA GLN H 71 60.63 -5.38 14.95
C GLN H 71 59.25 -5.90 14.55
N GLN H 72 58.54 -6.49 15.51
CA GLN H 72 57.27 -7.10 15.18
C GLN H 72 56.15 -6.10 15.10
N MET H 73 56.41 -4.85 15.51
CA MET H 73 55.44 -3.74 15.45
C MET H 73 55.95 -2.53 14.68
N ASP H 74 57.12 -2.61 14.03
CA ASP H 74 57.76 -1.39 13.55
C ASP H 74 57.02 -0.82 12.35
N TYR H 75 56.55 -1.69 11.45
CA TYR H 75 55.75 -1.21 10.33
C TYR H 75 54.54 -0.44 10.85
N SER H 76 53.83 -1.04 11.80
CA SER H 76 52.61 -0.42 12.32
C SER H 76 52.92 0.88 13.07
N TYR H 77 54.05 0.94 13.79
CA TYR H 77 54.38 2.15 14.52
C TYR H 77 54.65 3.30 13.57
N ARG H 78 55.37 3.02 12.48
CA ARG H 78 55.61 4.03 11.45
C ARG H 78 54.30 4.45 10.78
N ILE H 79 53.44 3.48 10.48
CA ILE H 79 52.16 3.75 9.84
C ILE H 79 51.29 4.66 10.71
N LEU H 80 51.08 4.28 11.98
CA LEU H 80 50.14 5.02 12.83
C LEU H 80 50.60 6.46 13.09
N PHE H 81 51.91 6.67 13.29
CA PHE H 81 52.43 8.01 13.62
C PHE H 81 52.80 8.79 12.35
N ALA H 82 53.83 8.33 11.64
CA ALA H 82 54.26 9.05 10.44
C ALA H 82 53.22 9.03 9.33
N GLY H 83 52.23 8.15 9.41
CA GLY H 83 51.06 8.24 8.55
C GLY H 83 49.87 8.88 9.23
N ALA H 84 49.01 8.05 9.85
CA ALA H 84 47.69 8.51 10.29
C ALA H 84 47.77 9.73 11.20
N LEU H 85 48.67 9.74 12.18
CA LEU H 85 48.61 10.80 13.17
C LEU H 85 49.10 12.14 12.62
N GLU H 86 50.07 12.15 11.69
CA GLU H 86 50.50 13.39 11.06
C GLU H 86 49.47 13.93 10.06
N ASP H 87 48.74 13.05 9.37
CA ASP H 87 47.67 13.50 8.49
C ASP H 87 46.56 14.16 9.30
N ALA H 88 46.14 13.50 10.39
CA ALA H 88 45.25 14.11 11.37
C ALA H 88 45.77 15.44 11.87
N LYS H 89 47.09 15.58 12.00
CA LYS H 89 47.63 16.88 12.38
C LYS H 89 47.43 17.88 11.26
N GLN H 90 47.57 17.44 10.01
CA GLN H 90 47.40 18.30 8.85
C GLN H 90 45.94 18.70 8.67
N VAL H 91 45.03 17.75 8.85
CA VAL H 91 43.60 18.05 8.73
C VAL H 91 43.20 19.15 9.71
N LEU H 92 43.57 18.99 10.97
CA LEU H 92 43.11 19.92 11.99
C LEU H 92 43.70 21.31 11.82
N GLU H 93 44.77 21.46 11.04
CA GLU H 93 45.28 22.76 10.64
C GLU H 93 44.59 23.33 9.40
N LYS H 94 43.93 22.49 8.61
CA LYS H 94 43.46 22.90 7.30
C LYS H 94 41.96 23.16 7.21
N THR H 95 41.14 22.57 8.09
CA THR H 95 39.71 22.84 8.12
C THR H 95 39.30 23.29 9.51
N THR H 96 38.26 24.12 9.57
CA THR H 96 37.67 24.52 10.84
C THR H 96 36.20 24.12 10.93
N ASN H 97 35.76 23.23 10.05
CA ASN H 97 34.47 22.58 10.19
C ASN H 97 34.48 21.67 11.41
N PRO H 98 33.76 22.04 12.48
CA PRO H 98 33.86 21.24 13.70
C PRO H 98 33.50 19.78 13.50
N ALA H 99 32.60 19.45 12.59
CA ALA H 99 32.20 18.06 12.38
C ALA H 99 33.34 17.22 11.82
N ASP H 100 34.19 17.80 10.96
CA ASP H 100 35.35 17.06 10.50
C ASP H 100 36.40 16.96 11.58
N ARG H 101 36.66 18.05 12.30
CA ARG H 101 37.59 17.95 13.42
C ARG H 101 37.12 16.90 14.43
N PHE H 102 35.82 16.75 14.57
CA PHE H 102 35.30 15.75 15.50
C PHE H 102 35.60 14.34 15.00
N ALA H 103 35.29 14.06 13.73
CA ALA H 103 35.64 12.76 13.17
C ALA H 103 37.15 12.53 13.19
N THR H 104 37.94 13.58 12.89
CA THR H 104 39.39 13.44 12.88
C THR H 104 39.93 13.17 14.28
N THR H 105 39.39 13.86 15.29
CA THR H 105 39.88 13.67 16.64
C THR H 105 39.55 12.26 17.13
N ILE H 106 38.37 11.74 16.77
CA ILE H 106 38.05 10.36 17.14
C ILE H 106 39.05 9.38 16.54
N LEU H 107 39.31 9.47 15.22
CA LEU H 107 40.29 8.56 14.64
C LEU H 107 41.66 8.75 15.28
N ARG H 108 42.05 10.00 15.49
CA ARG H 108 43.30 10.29 16.15
C ARG H 108 43.38 9.62 17.52
N ALA H 109 42.40 9.90 18.38
CA ALA H 109 42.37 9.27 19.70
C ALA H 109 42.36 7.76 19.64
N TYR H 110 41.84 7.19 18.54
CA TYR H 110 41.83 5.73 18.41
C TYR H 110 43.23 5.19 18.17
N ALA H 111 44.05 5.90 17.40
CA ALA H 111 45.43 5.44 17.19
C ALA H 111 46.19 5.42 18.51
N PHE H 112 46.13 6.51 19.27
CA PHE H 112 46.82 6.57 20.55
C PHE H 112 46.34 5.46 21.48
N GLN H 113 45.04 5.18 21.49
CA GLN H 113 44.54 4.08 22.31
C GLN H 113 45.23 2.77 21.93
N ILE H 114 45.35 2.51 20.63
CA ILE H 114 45.95 1.26 20.17
C ILE H 114 47.44 1.24 20.46
N MET H 115 48.08 2.41 20.53
CA MET H 115 49.51 2.41 20.81
C MET H 115 49.79 2.08 22.27
N VAL H 116 48.94 2.54 23.19
CA VAL H 116 49.21 2.28 24.60
C VAL H 116 48.67 0.92 25.03
N ASP H 117 47.67 0.37 24.35
CA ASP H 117 47.31 -1.02 24.58
C ASP H 117 48.39 -1.99 24.08
N ASN H 118 49.40 -1.52 23.34
CA ASN H 118 50.54 -2.36 22.99
C ASN H 118 51.76 -2.13 23.88
N THR H 119 51.87 -0.94 24.43
CA THR H 119 53.14 -0.37 24.86
C THR H 119 53.01 0.40 26.17
N SER H 120 51.79 0.57 26.69
CA SER H 120 51.47 1.36 27.88
C SER H 120 51.88 2.81 27.65
N ASP H 121 53.16 3.09 27.63
CA ASP H 121 53.58 4.43 27.27
C ASP H 121 53.38 4.67 25.78
N SER H 122 53.56 5.91 25.39
CA SER H 122 53.40 6.29 24.02
C SER H 122 53.76 7.75 23.90
N PRO H 123 54.41 8.17 22.82
CA PRO H 123 54.55 9.59 22.58
C PRO H 123 53.18 10.17 22.30
N TYR H 124 53.07 11.47 22.52
CA TYR H 124 51.83 12.23 22.62
C TYR H 124 52.18 13.35 23.58
N SER H 125 51.92 14.59 23.18
CA SER H 125 52.14 15.83 23.96
C SER H 125 53.40 16.48 23.48
N GLU H 126 54.32 15.67 22.97
CA GLU H 126 55.47 16.15 22.22
C GLU H 126 55.55 15.47 20.87
N ALA H 127 54.68 14.48 20.63
CA ALA H 127 54.68 13.81 19.34
C ALA H 127 54.20 14.74 18.24
N LEU H 128 54.66 14.46 17.02
CA LEU H 128 54.25 15.19 15.81
C LEU H 128 54.69 16.65 15.84
N GLN H 129 55.97 16.88 16.08
CA GLN H 129 56.53 18.22 15.97
C GLN H 129 57.77 18.32 15.09
N GLY H 130 58.16 17.24 14.43
CA GLY H 130 59.19 17.37 13.40
C GLY H 130 60.50 17.85 13.99
N ASN H 131 61.05 18.92 13.44
CA ASN H 131 62.38 19.38 13.85
C ASN H 131 62.37 20.07 15.20
N ALA H 132 61.23 20.58 15.64
CA ALA H 132 61.19 21.21 16.96
C ALA H 132 61.22 20.17 18.07
N ASN H 133 61.21 18.89 17.74
CA ASN H 133 61.40 17.83 18.73
C ASN H 133 61.51 16.49 18.03
N ALA H 134 62.73 16.10 17.65
CA ALA H 134 62.94 14.83 16.98
C ALA H 134 62.74 13.65 17.92
N THR H 135 62.63 13.90 19.21
CA THR H 135 62.79 12.87 20.23
C THR H 135 61.73 13.08 21.29
N PRO H 136 60.45 12.77 20.99
CA PRO H 136 59.40 13.05 21.96
C PRO H 136 59.49 12.15 23.19
N LYS H 137 59.28 12.76 24.35
CA LYS H 137 59.14 11.99 25.57
C LYS H 137 57.96 11.05 25.43
N TRP H 138 58.08 9.87 26.03
CA TRP H 138 57.01 8.90 25.99
C TRP H 138 56.15 9.04 27.23
N ASP H 139 54.87 9.34 27.04
CA ASP H 139 54.01 9.63 28.17
C ASP H 139 53.44 8.36 28.77
N THR H 140 53.12 8.45 30.05
CA THR H 140 52.56 7.29 30.73
C THR H 140 51.16 7.03 30.19
N GLY H 141 50.80 5.75 30.15
CA GLY H 141 49.59 5.33 29.45
C GLY H 141 48.33 6.08 29.86
N GLU H 142 48.15 6.35 31.15
CA GLU H 142 46.92 6.99 31.60
C GLU H 142 46.82 8.44 31.16
N THR H 143 47.91 9.22 31.25
CA THR H 143 47.80 10.61 30.82
C THR H 143 47.47 10.71 29.34
N VAL H 144 47.82 9.67 28.57
CA VAL H 144 47.36 9.57 27.18
C VAL H 144 45.86 9.32 27.15
N TYR H 145 45.39 8.30 27.88
CA TYR H 145 43.95 8.02 27.95
C TYR H 145 43.15 9.24 28.39
N LYS H 146 43.58 9.89 29.47
CA LYS H 146 42.91 11.12 29.90
C LYS H 146 42.98 12.19 28.82
N GLY H 147 44.15 12.33 28.17
CA GLY H 147 44.31 13.41 27.21
C GLY H 147 43.39 13.27 26.02
N ILE H 148 43.34 12.06 25.45
CA ILE H 148 42.58 11.85 24.22
C ILE H 148 41.07 11.86 24.51
N LEU H 149 40.66 11.31 25.66
CA LEU H 149 39.26 11.42 26.08
C LEU H 149 38.86 12.87 26.32
N GLY H 150 39.76 13.67 26.90
CA GLY H 150 39.51 15.10 27.01
C GLY H 150 39.39 15.77 25.65
N GLU H 151 40.20 15.31 24.67
CA GLU H 151 40.13 15.83 23.31
C GLU H 151 38.80 15.50 22.64
N ILE H 152 38.33 14.24 22.79
CA ILE H 152 37.07 13.82 22.20
C ILE H 152 35.92 14.66 22.74
N ASP H 153 35.96 14.97 24.03
CA ASP H 153 34.87 15.76 24.62
C ASP H 153 34.92 17.22 24.17
N ALA H 154 36.12 17.78 23.95
CA ALA H 154 36.21 19.16 23.52
C ALA H 154 35.78 19.32 22.07
N ALA H 155 36.23 18.41 21.21
CA ALA H 155 35.81 18.42 19.82
C ALA H 155 34.30 18.19 19.70
N GLU H 156 33.74 17.33 20.55
CA GLU H 156 32.29 17.12 20.56
C GLU H 156 31.56 18.35 21.07
N ALA H 157 32.15 19.08 22.02
CA ALA H 157 31.54 20.30 22.50
C ALA H 157 31.65 21.46 21.51
N ALA H 158 32.34 21.27 20.39
CA ALA H 158 32.50 22.33 19.40
C ALA H 158 31.53 22.21 18.24
N LEU H 159 30.74 21.14 18.21
CA LEU H 159 29.77 20.92 17.16
C LEU H 159 28.73 22.04 17.14
N ASP H 160 28.41 22.51 15.94
CA ASP H 160 27.49 23.63 15.77
C ASP H 160 26.29 23.26 14.91
N GLY H 161 26.13 21.98 14.56
CA GLY H 161 25.06 21.54 13.70
C GLY H 161 25.44 21.40 12.24
N SER H 162 26.54 22.02 11.81
CA SER H 162 26.95 21.95 10.42
C SER H 162 27.42 20.55 10.04
N GLY H 163 27.25 20.20 8.75
CA GLY H 163 27.56 18.86 8.27
C GLY H 163 29.04 18.66 7.96
N MET H 164 29.41 17.40 7.75
CA MET H 164 30.76 17.06 7.31
C MET H 164 30.91 17.32 5.82
N ASP H 165 32.12 17.71 5.41
CA ASP H 165 32.46 17.96 4.02
CA ASP H 165 32.43 17.94 4.00
C ASP H 165 33.81 17.35 3.68
N VAL H 166 34.02 16.11 4.12
CA VAL H 166 35.23 15.34 3.76
C VAL H 166 34.82 13.89 3.49
N PRO H 167 35.53 13.26 2.57
CA PRO H 167 35.21 11.85 2.26
C PRO H 167 35.40 10.95 3.48
N ASP H 168 34.33 10.23 3.81
CA ASP H 168 34.21 9.45 5.05
C ASP H 168 33.79 8.04 4.63
N LEU H 169 34.77 7.12 4.54
CA LEU H 169 34.56 5.72 4.19
C LEU H 169 34.25 4.85 5.39
N ILE H 170 33.99 5.45 6.55
CA ILE H 170 33.58 4.73 7.74
C ILE H 170 32.08 4.86 7.98
N PHE H 171 31.54 6.07 7.79
CA PHE H 171 30.17 6.42 8.15
C PHE H 171 29.43 7.22 7.10
N ASN H 172 30.11 7.78 6.11
CA ASN H 172 29.47 8.52 5.01
C ASN H 172 28.82 9.80 5.50
N LYS H 173 29.57 10.58 6.27
CA LYS H 173 29.20 11.92 6.75
C LYS H 173 28.10 11.89 7.80
N ASN H 174 27.70 10.71 8.27
CA ASN H 174 26.68 10.55 9.32
C ASN H 174 27.30 10.93 10.67
N ILE H 175 27.03 12.15 11.14
CA ILE H 175 27.68 12.62 12.36
C ILE H 175 27.12 11.92 13.60
N ALA H 176 25.87 11.44 13.54
CA ALA H 176 25.34 10.66 14.67
C ALA H 176 26.21 9.43 14.92
N GLN H 177 26.52 8.69 13.86
CA GLN H 177 27.36 7.50 14.01
C GLN H 177 28.77 7.82 14.47
N TRP H 178 29.24 9.05 14.26
CA TRP H 178 30.50 9.42 14.87
C TRP H 178 30.37 9.73 16.36
N LYS H 179 29.20 10.16 16.82
CA LYS H 179 29.05 10.35 18.25
C LYS H 179 28.91 9.02 18.97
N GLY H 180 28.42 7.99 18.27
CA GLY H 180 28.30 6.68 18.89
C GLY H 180 29.63 5.95 18.94
N PHE H 181 30.42 6.06 17.87
CA PHE H 181 31.80 5.60 17.90
C PHE H 181 32.58 6.32 18.98
N ALA H 182 32.31 7.60 19.20
CA ALA H 182 33.03 8.34 20.23
C ALA H 182 32.59 7.89 21.61
N ASN H 183 31.28 7.69 21.82
CA ASN H 183 30.84 7.17 23.10
C ASN H 183 31.35 5.75 23.31
N ALA H 184 31.45 4.96 22.24
CA ALA H 184 31.81 3.57 22.42
C ALA H 184 33.27 3.44 22.83
N LEU H 185 34.15 4.28 22.27
CA LEU H 185 35.51 4.39 22.77
C LEU H 185 35.52 4.92 24.21
N ARG H 186 34.57 5.77 24.57
CA ARG H 186 34.48 6.23 25.96
C ARG H 186 34.17 5.06 26.89
N LEU H 187 33.25 4.19 26.49
CA LEU H 187 32.93 2.98 27.23
C LEU H 187 34.20 2.15 27.42
N ARG H 188 34.76 1.69 26.30
CA ARG H 188 35.91 0.78 26.31
C ARG H 188 37.04 1.27 27.21
N MET H 189 37.34 2.57 27.18
CA MET H 189 38.41 3.15 27.98
C MET H 189 38.02 3.42 29.42
N TYR H 190 36.72 3.66 29.70
CA TYR H 190 36.26 3.81 31.08
C TYR H 190 36.36 2.49 31.85
N LEU H 191 35.94 1.38 31.24
CA LEU H 191 35.96 0.09 31.92
C LEU H 191 37.36 -0.36 32.32
N ARG H 192 38.40 0.14 31.65
CA ARG H 192 39.74 -0.24 32.03
C ARG H 192 40.29 0.61 33.15
N PHE H 193 39.83 1.87 33.24
CA PHE H 193 40.09 2.65 34.44
C PHE H 193 39.56 1.94 35.69
N ILE H 194 38.30 1.48 35.67
CA ILE H 194 37.72 0.88 36.87
C ILE H 194 38.32 -0.50 37.15
N ASP H 195 38.79 -1.20 36.11
CA ASP H 195 39.36 -2.51 36.34
C ASP H 195 40.87 -2.47 36.58
N ALA H 196 41.53 -1.36 36.20
CA ALA H 196 42.84 -1.02 36.73
C ALA H 196 42.74 -0.24 38.04
N ASN H 197 41.54 0.18 38.41
CA ASN H 197 41.25 0.84 39.67
C ASN H 197 41.97 2.19 39.80
N ILE H 198 41.77 3.03 38.78
CA ILE H 198 42.23 4.41 38.78
C ILE H 198 40.98 5.27 38.72
N ASP H 199 40.61 5.88 39.86
CA ASP H 199 39.42 6.74 39.95
C ASP H 199 38.16 5.96 39.58
N ALA H 200 38.04 4.75 40.14
CA ALA H 200 36.97 3.84 39.75
C ALA H 200 35.58 4.39 40.11
N ALA H 201 35.46 5.17 41.19
CA ALA H 201 34.17 5.74 41.54
C ALA H 201 33.63 6.60 40.40
N SER H 202 34.43 7.56 39.93
CA SER H 202 33.98 8.46 38.85
C SER H 202 33.63 7.68 37.60
N TYR H 203 34.53 6.78 37.19
CA TYR H 203 34.33 6.06 35.94
C TYR H 203 33.24 5.01 36.02
N THR H 204 32.85 4.56 37.23
CA THR H 204 31.71 3.65 37.32
C THR H 204 30.40 4.39 37.14
N GLU H 205 30.27 5.58 37.74
CA GLU H 205 29.09 6.39 37.49
C GLU H 205 29.07 6.90 36.05
N LYS H 206 30.23 7.34 35.54
CA LYS H 206 30.32 7.77 34.14
C LYS H 206 29.92 6.65 33.18
N VAL H 207 30.25 5.40 33.51
CA VAL H 207 29.93 4.29 32.63
C VAL H 207 28.46 3.88 32.71
N LYS H 208 27.76 4.23 33.81
CA LYS H 208 26.34 3.93 33.99
C LYS H 208 25.43 5.00 33.41
N THR H 209 25.81 6.28 33.52
CA THR H 209 25.11 7.33 32.78
C THR H 209 25.22 7.07 31.28
N LEU H 210 26.39 6.61 30.82
CA LEU H 210 26.65 6.48 29.39
C LEU H 210 25.81 5.36 28.77
N VAL H 211 25.70 4.23 29.48
CA VAL H 211 25.00 3.05 28.95
C VAL H 211 23.49 3.25 28.96
N GLN H 212 22.96 4.04 29.90
CA GLN H 212 21.54 4.35 29.92
C GLN H 212 21.18 5.38 28.87
N ASN H 213 22.15 6.13 28.34
CA ASN H 213 21.90 7.01 27.21
C ASN H 213 21.79 6.25 25.89
N ASN H 214 22.44 5.08 25.79
CA ASN H 214 22.42 4.25 24.59
C ASN H 214 22.77 5.03 23.32
N GLU H 215 23.50 6.14 23.45
CA GLU H 215 23.88 6.96 22.30
C GLU H 215 25.10 6.35 21.60
N PHE H 216 24.92 5.12 21.11
CA PHE H 216 26.01 4.37 20.48
C PHE H 216 25.81 4.30 18.96
N PHE H 217 26.64 3.48 18.32
CA PHE H 217 26.62 3.35 16.88
C PHE H 217 25.76 2.16 16.45
N THR H 218 25.33 2.20 15.20
CA THR H 218 24.58 1.16 14.53
C THR H 218 25.53 0.26 13.75
N GLY H 219 25.17 -1.00 13.60
CA GLY H 219 25.97 -1.89 12.78
C GLY H 219 27.35 -2.02 13.36
N ASP H 220 28.37 -1.85 12.52
CA ASP H 220 29.75 -2.05 12.92
C ASP H 220 30.59 -0.87 12.48
N VAL H 221 31.49 -0.40 13.34
CA VAL H 221 32.51 0.56 12.91
C VAL H 221 33.60 -0.20 12.15
N LYS H 222 33.63 -0.01 10.82
CA LYS H 222 34.45 -0.77 9.90
C LYS H 222 35.00 0.18 8.84
N LEU H 223 36.01 -0.29 8.13
CA LEU H 223 36.40 0.29 6.85
C LEU H 223 36.11 -0.82 5.84
N ASP H 224 35.12 -0.62 5.00
CA ASP H 224 34.71 -1.69 4.11
C ASP H 224 34.77 -1.11 2.72
N CYS H 225 35.96 -1.09 2.15
CA CYS H 225 36.13 -0.54 0.81
C CYS H 225 37.24 -1.28 0.10
N PHE H 226 37.36 -2.57 0.37
CA PHE H 226 38.44 -3.36 -0.19
C PHE H 226 37.94 -4.12 -1.42
N LEU H 227 38.78 -4.20 -2.44
CA LEU H 227 38.54 -5.05 -3.58
C LEU H 227 39.62 -6.14 -3.63
N ASP H 228 39.29 -7.28 -4.24
CA ASP H 228 40.25 -8.38 -4.38
C ASP H 228 41.05 -8.25 -5.68
N GLU H 229 41.97 -7.30 -5.69
CA GLU H 229 42.88 -7.20 -6.83
C GLU H 229 44.33 -7.12 -6.38
N THR H 230 44.99 -5.97 -6.41
CA THR H 230 46.26 -5.87 -5.70
C THR H 230 46.38 -4.49 -5.09
N ASP H 231 46.98 -4.43 -3.90
CA ASP H 231 47.08 -3.21 -3.10
C ASP H 231 45.72 -2.72 -2.60
N LYS H 232 44.68 -3.55 -2.73
CA LYS H 232 43.32 -3.09 -2.43
C LYS H 232 42.59 -4.03 -1.49
N ARG H 233 43.27 -5.03 -0.93
CA ARG H 233 42.61 -6.02 -0.10
C ARG H 233 42.69 -5.64 1.37
N ASN H 234 41.92 -6.38 2.16
CA ASN H 234 42.14 -6.51 3.58
C ASN H 234 43.64 -6.61 3.84
N PRO H 235 44.20 -5.78 4.73
CA PRO H 235 45.64 -5.88 5.06
C PRO H 235 46.06 -7.28 5.50
N TRP H 236 45.34 -7.87 6.46
CA TRP H 236 45.74 -9.18 6.98
C TRP H 236 45.73 -10.23 5.89
N TYR H 237 44.68 -10.26 5.08
CA TYR H 237 44.60 -11.24 4.00
C TYR H 237 45.69 -11.00 2.97
N ASN H 238 45.90 -9.75 2.59
CA ASN H 238 46.97 -9.39 1.67
C ASN H 238 48.31 -9.97 2.13
N THR H 239 48.76 -9.54 3.32
CA THR H 239 49.99 -10.08 3.89
C THR H 239 50.01 -11.60 3.84
N ASN H 240 48.99 -12.23 4.40
CA ASN H 240 49.11 -13.61 4.82
C ASN H 240 48.58 -14.61 3.80
N ALA H 241 48.06 -14.15 2.68
CA ALA H 241 47.49 -15.05 1.70
C ALA H 241 47.94 -14.79 0.27
N VAL H 242 48.50 -13.62 -0.04
CA VAL H 242 49.17 -13.40 -1.31
C VAL H 242 50.67 -13.13 -1.13
N GLY H 243 51.06 -12.39 -0.09
CA GLY H 243 52.47 -12.18 0.20
C GLY H 243 53.16 -13.34 0.88
N LEU H 244 52.42 -14.15 1.63
CA LEU H 244 52.97 -15.31 2.31
C LEU H 244 52.12 -16.52 1.97
N THR H 245 52.68 -17.69 2.24
CA THR H 245 51.90 -18.91 2.25
C THR H 245 50.93 -18.89 3.45
N GLY H 246 49.92 -19.75 3.40
CA GLY H 246 49.13 -19.97 4.59
C GLY H 246 49.99 -20.33 5.78
N ASN H 247 50.03 -19.46 6.78
CA ASN H 247 50.83 -19.71 7.96
C ASN H 247 49.98 -20.01 9.18
N HIS H 248 48.66 -19.85 9.10
CA HIS H 248 47.80 -19.90 10.26
C HIS H 248 47.02 -21.20 10.29
N CYS H 249 46.89 -21.76 11.50
CA CYS H 249 46.01 -22.87 11.82
C CYS H 249 45.31 -22.57 13.13
N ALA H 250 44.18 -23.23 13.37
CA ALA H 250 43.37 -22.93 14.55
C ALA H 250 44.11 -23.32 15.83
N ALA H 251 44.02 -22.45 16.84
CA ALA H 251 44.54 -22.72 18.17
C ALA H 251 43.59 -23.62 18.94
N TYR H 252 44.14 -24.34 19.90
CA TYR H 252 43.38 -25.32 20.69
C TYR H 252 42.33 -24.72 21.61
N PRO H 253 42.58 -23.58 22.28
CA PRO H 253 41.54 -23.04 23.15
C PRO H 253 40.28 -22.62 22.40
N LEU H 254 40.41 -22.10 21.19
CA LEU H 254 39.21 -21.70 20.43
C LEU H 254 38.43 -22.92 19.94
N VAL H 255 39.08 -23.85 19.26
CA VAL H 255 38.36 -24.93 18.57
C VAL H 255 37.66 -25.84 19.58
N SER H 256 38.35 -26.22 20.66
CA SER H 256 37.71 -27.08 21.63
C SER H 256 36.54 -26.38 22.31
N TYR H 257 36.61 -25.05 22.44
CA TYR H 257 35.50 -24.32 23.05
C TYR H 257 34.29 -24.30 22.14
N LEU H 258 34.49 -24.03 20.85
CA LEU H 258 33.34 -24.02 19.94
C LEU H 258 32.78 -25.43 19.72
N SER H 259 33.63 -26.45 19.88
CA SER H 259 33.12 -27.83 19.89
C SER H 259 32.33 -28.09 21.17
N SER H 260 32.90 -27.68 22.31
CA SER H 260 32.25 -27.79 23.61
C SER H 260 30.81 -27.26 23.58
N THR H 261 30.61 -26.09 22.97
CA THR H 261 29.32 -25.41 22.98
C THR H 261 28.46 -25.74 21.76
N GLY H 262 28.89 -26.66 20.91
CA GLY H 262 28.11 -26.99 19.73
C GLY H 262 27.94 -25.84 18.77
N ASP H 263 28.88 -24.90 18.78
CA ASP H 263 28.73 -23.66 18.03
C ASP H 263 28.83 -23.92 16.53
N PRO H 264 27.94 -23.31 15.72
CA PRO H 264 28.04 -23.49 14.26
C PRO H 264 28.98 -22.50 13.58
N ARG H 265 29.28 -21.36 14.23
CA ARG H 265 30.29 -20.42 13.73
C ARG H 265 31.67 -21.05 13.59
N ILE H 266 31.85 -22.26 14.10
CA ILE H 266 33.11 -22.97 14.05
C ILE H 266 33.53 -23.28 12.62
N ALA H 267 32.62 -23.11 11.65
CA ALA H 267 32.93 -23.26 10.23
C ALA H 267 33.37 -21.95 9.59
N TYR H 268 33.19 -20.82 10.26
CA TYR H 268 33.49 -19.51 9.69
C TYR H 268 34.96 -19.20 9.90
N GLY H 269 35.74 -19.28 8.84
CA GLY H 269 37.15 -19.01 8.93
C GLY H 269 37.99 -20.16 9.42
N ILE H 270 37.40 -21.35 9.55
CA ILE H 270 38.08 -22.52 10.09
C ILE H 270 37.68 -23.72 9.25
N SER H 271 38.66 -24.53 8.83
CA SER H 271 38.42 -25.66 7.96
C SER H 271 38.57 -26.98 8.70
N LYS H 272 37.80 -27.98 8.26
CA LYS H 272 38.01 -29.34 8.72
C LYS H 272 39.43 -29.79 8.37
N THR H 273 39.98 -30.69 9.18
CA THR H 273 41.22 -31.34 8.81
C THR H 273 41.06 -32.08 7.49
N ASP H 274 42.05 -31.93 6.61
CA ASP H 274 42.05 -32.65 5.33
C ASP H 274 42.39 -34.14 5.48
N ALA H 275 42.36 -34.70 6.70
CA ALA H 275 42.78 -36.06 7.04
C ALA H 275 41.70 -36.87 7.73
N ASP H 276 40.97 -36.29 8.70
CA ASP H 276 39.80 -36.94 9.29
C ASP H 276 38.55 -36.10 9.26
N GLY H 277 38.66 -34.84 8.86
CA GLY H 277 37.48 -34.05 8.57
C GLY H 277 36.63 -33.68 9.77
N LYS H 278 37.24 -33.36 10.90
CA LYS H 278 36.61 -32.50 11.91
C LYS H 278 37.71 -31.63 12.53
N TYR H 279 37.36 -30.87 13.56
CA TYR H 279 38.08 -29.64 13.92
C TYR H 279 39.10 -29.90 15.02
N VAL H 280 40.35 -29.52 14.76
CA VAL H 280 41.51 -29.81 15.60
C VAL H 280 42.34 -28.55 15.72
N GLY H 281 42.51 -28.05 16.94
CA GLY H 281 43.38 -26.93 17.18
C GLY H 281 44.73 -27.39 17.67
N GLN H 282 45.73 -26.52 17.51
CA GLN H 282 47.10 -26.81 17.90
C GLN H 282 47.42 -26.03 19.17
N LEU H 283 48.03 -26.73 20.14
CA LEU H 283 48.28 -26.13 21.43
C LEU H 283 49.31 -25.01 21.30
N PRO H 284 49.08 -23.85 21.91
CA PRO H 284 49.97 -22.70 21.68
C PRO H 284 51.44 -23.02 21.94
N GLY H 285 52.29 -22.48 21.07
CA GLY H 285 53.72 -22.78 21.05
C GLY H 285 54.07 -24.26 20.95
N GLY H 286 53.18 -25.09 20.42
CA GLY H 286 53.42 -26.51 20.46
C GLY H 286 53.58 -27.20 19.13
N LYS H 287 53.98 -26.42 18.09
CA LYS H 287 54.34 -26.95 16.78
C LYS H 287 55.42 -28.01 16.91
N THR H 288 56.62 -27.54 17.26
CA THR H 288 57.79 -28.40 17.42
C THR H 288 57.45 -29.61 18.26
N HIS H 289 56.70 -29.38 19.35
CA HIS H 289 56.46 -30.42 20.32
C HIS H 289 55.49 -31.48 19.79
N MET H 290 54.47 -31.07 19.03
CA MET H 290 53.51 -32.08 18.56
C MET H 290 54.16 -33.01 17.54
N GLN H 291 55.05 -32.50 16.68
CA GLN H 291 55.78 -33.38 15.78
C GLN H 291 56.95 -34.12 16.44
N SER H 292 57.44 -33.67 17.60
CA SER H 292 58.40 -34.48 18.33
C SER H 292 57.75 -35.71 18.94
N ILE H 293 56.53 -35.54 19.47
CA ILE H 293 55.81 -36.63 20.10
C ILE H 293 55.19 -37.55 19.04
N LEU H 294 54.38 -36.98 18.16
CA LEU H 294 53.66 -37.84 17.24
C LEU H 294 54.49 -38.25 16.03
N GLY H 295 55.63 -37.61 15.79
CA GLY H 295 56.42 -37.83 14.58
C GLY H 295 56.03 -36.86 13.48
N THR H 296 56.89 -36.78 12.46
CA THR H 296 56.69 -35.77 11.43
C THR H 296 55.55 -36.14 10.48
N ASP H 297 55.40 -37.42 10.14
CA ASP H 297 54.36 -37.82 9.18
C ASP H 297 52.97 -37.82 9.78
N ASN H 298 52.85 -37.55 11.08
CA ASN H 298 51.57 -37.54 11.78
C ASN H 298 51.25 -36.16 12.36
N TRP H 299 51.96 -35.12 11.94
CA TRP H 299 51.59 -33.76 12.34
C TRP H 299 52.07 -32.79 11.25
N LYS H 300 51.57 -32.99 10.04
CA LYS H 300 51.68 -32.04 8.94
C LYS H 300 50.41 -31.19 8.95
N ASN H 301 50.23 -30.36 7.92
CA ASN H 301 49.03 -29.53 7.87
C ASN H 301 47.74 -30.34 7.77
N LYS H 302 47.80 -31.57 7.23
CA LYS H 302 46.60 -32.40 7.13
C LYS H 302 45.96 -32.68 8.49
N ASN H 303 46.76 -32.72 9.57
CA ASN H 303 46.27 -33.17 10.87
C ASN H 303 45.74 -32.05 11.76
N VAL H 304 45.88 -30.79 11.36
CA VAL H 304 45.35 -29.68 12.14
C VAL H 304 44.45 -28.82 11.25
N SER H 305 43.46 -28.20 11.88
CA SER H 305 42.48 -27.39 11.17
C SER H 305 43.10 -26.06 10.74
N ALA H 306 43.06 -25.76 9.45
CA ALA H 306 43.70 -24.56 8.93
C ALA H 306 42.74 -23.39 8.93
N ILE H 307 43.29 -22.19 9.15
CA ILE H 307 42.48 -20.98 9.05
C ILE H 307 42.11 -20.71 7.59
N ASP H 308 40.82 -20.59 7.32
CA ASP H 308 40.32 -20.35 5.97
C ASP H 308 40.51 -18.89 5.62
N TYR H 309 41.30 -18.63 4.57
CA TYR H 309 41.56 -17.28 4.11
C TYR H 309 40.59 -16.78 3.05
N SER H 310 39.75 -17.66 2.50
CA SER H 310 38.93 -17.25 1.35
C SER H 310 37.93 -16.17 1.72
N ILE H 311 37.45 -16.15 2.95
CA ILE H 311 36.46 -15.16 3.39
C ILE H 311 37.13 -13.83 3.71
N GLY H 312 38.43 -13.72 3.45
CA GLY H 312 39.17 -12.57 3.93
C GLY H 312 39.53 -11.52 2.90
N ALA H 313 39.56 -11.90 1.62
CA ALA H 313 40.04 -11.02 0.55
C ALA H 313 39.44 -9.61 0.63
N THR H 314 38.12 -9.48 0.53
CA THR H 314 37.45 -8.18 0.58
C THR H 314 36.94 -7.82 1.97
N LYS H 315 37.25 -8.63 2.97
CA LYS H 315 36.66 -8.51 4.31
C LYS H 315 37.02 -7.17 4.96
N PRO H 316 36.08 -6.55 5.68
CA PRO H 316 36.38 -5.22 6.25
C PRO H 316 37.38 -5.33 7.38
N VAL H 317 38.04 -4.20 7.68
CA VAL H 317 38.81 -4.04 8.91
C VAL H 317 37.94 -3.31 9.93
N TYR H 318 37.68 -3.96 11.06
CA TYR H 318 36.81 -3.44 12.10
C TYR H 318 37.62 -2.64 13.13
N PHE H 319 37.03 -1.54 13.62
CA PHE H 319 37.56 -0.83 14.77
C PHE H 319 36.77 -1.11 16.03
N PHE H 320 35.46 -1.28 15.88
CA PHE H 320 34.55 -1.54 16.98
C PHE H 320 33.43 -2.38 16.44
N THR H 321 33.30 -3.60 16.95
CA THR H 321 32.25 -4.49 16.45
C THR H 321 31.00 -4.30 17.32
N GLN H 322 29.82 -4.45 16.70
CA GLN H 322 28.58 -4.25 17.46
C GLN H 322 28.45 -5.29 18.54
N ALA H 323 28.73 -6.55 18.21
CA ALA H 323 28.63 -7.61 19.21
C ALA H 323 29.52 -7.34 20.41
N GLU H 324 30.63 -6.62 20.21
CA GLU H 324 31.45 -6.21 21.35
C GLU H 324 30.68 -5.20 22.19
N LEU H 325 30.35 -4.05 21.60
CA LEU H 325 29.55 -3.03 22.28
C LEU H 325 28.41 -3.63 23.12
N GLN H 326 27.63 -4.56 22.55
CA GLN H 326 26.52 -5.15 23.30
C GLN H 326 27.03 -5.97 24.48
N PHE H 327 28.25 -6.49 24.37
CA PHE H 327 28.83 -7.27 25.45
C PHE H 327 29.36 -6.37 26.56
N LEU H 328 29.90 -5.20 26.22
CA LEU H 328 30.31 -4.28 27.26
C LEU H 328 29.11 -3.68 27.97
N ILE H 329 28.02 -3.42 27.23
CA ILE H 329 26.75 -3.05 27.85
C ILE H 329 26.28 -4.16 28.79
N ALA H 330 26.15 -5.39 28.28
CA ALA H 330 25.68 -6.49 29.12
C ALA H 330 26.53 -6.67 30.37
N GLU H 331 27.73 -6.10 30.40
CA GLU H 331 28.61 -6.25 31.55
C GLU H 331 28.43 -5.13 32.56
N VAL H 332 28.11 -3.92 32.11
CA VAL H 332 27.85 -2.87 33.10
C VAL H 332 26.49 -3.07 33.74
N TYR H 333 25.51 -3.57 32.98
CA TYR H 333 24.25 -3.99 33.60
C TYR H 333 24.50 -5.04 34.67
N ALA H 334 25.44 -5.96 34.42
CA ALA H 334 25.59 -7.10 35.33
C ALA H 334 26.33 -6.71 36.60
N ARG H 335 27.13 -5.65 36.53
CA ARG H 335 28.10 -5.36 37.58
C ARG H 335 27.88 -4.04 38.29
N PHE H 336 27.25 -3.06 37.63
CA PHE H 336 27.19 -1.72 38.18
C PHE H 336 25.77 -1.24 38.43
N HIS H 337 24.87 -1.36 37.44
CA HIS H 337 23.48 -1.59 37.82
C HIS H 337 23.41 -3.02 38.39
N ASN H 338 22.26 -3.44 38.83
CA ASN H 338 22.09 -4.87 39.02
C ASN H 338 20.76 -5.18 38.34
N ASP H 339 20.82 -5.06 37.02
CA ASP H 339 19.69 -5.21 36.13
C ASP H 339 19.93 -6.44 35.27
N ASP H 340 19.79 -7.62 35.89
CA ASP H 340 19.94 -8.89 35.19
C ASP H 340 19.16 -8.90 33.88
N ALA H 341 17.90 -8.47 33.93
CA ALA H 341 17.01 -8.57 32.77
C ALA H 341 17.61 -7.90 31.55
N ASN H 342 18.08 -6.66 31.70
CA ASN H 342 18.65 -5.96 30.55
C ASN H 342 20.07 -6.37 30.27
N ALA H 343 20.78 -6.92 31.25
CA ALA H 343 22.04 -7.60 30.97
C ALA H 343 21.82 -8.77 30.03
N LYS H 344 20.72 -9.52 30.24
CA LYS H 344 20.43 -10.63 29.35
C LYS H 344 20.20 -10.14 27.92
N SER H 345 19.35 -9.11 27.75
CA SER H 345 19.04 -8.61 26.42
C SER H 345 20.28 -8.17 25.68
N ALA H 346 21.10 -7.34 26.32
CA ALA H 346 22.37 -6.93 25.72
C ALA H 346 23.22 -8.13 25.36
N TYR H 347 23.28 -9.12 26.25
CA TYR H 347 24.04 -10.34 25.99
C TYR H 347 23.59 -10.98 24.68
N GLU H 348 22.33 -11.41 24.60
CA GLU H 348 21.95 -12.08 23.36
C GLU H 348 21.83 -11.12 22.18
N ALA H 349 21.72 -9.81 22.42
CA ALA H 349 21.88 -8.87 21.32
C ALA H 349 23.29 -8.95 20.72
N GLY H 350 24.29 -9.28 21.53
CA GLY H 350 25.65 -9.50 21.07
C GLY H 350 25.85 -10.81 20.33
N VAL H 351 25.39 -11.92 20.90
CA VAL H 351 25.51 -13.22 20.23
C VAL H 351 24.73 -13.22 18.92
N THR H 352 23.56 -12.58 18.90
CA THR H 352 22.74 -12.57 17.69
C THR H 352 23.41 -11.73 16.61
N ALA H 353 23.89 -10.54 16.95
CA ALA H 353 24.55 -9.70 15.95
C ALA H 353 25.72 -10.44 15.32
N ASP H 354 26.54 -11.11 16.14
CA ASP H 354 27.64 -11.90 15.63
C ASP H 354 27.16 -12.98 14.66
N PHE H 355 26.12 -13.73 15.06
CA PHE H 355 25.66 -14.83 14.23
C PHE H 355 25.29 -14.35 12.82
N ALA H 356 24.76 -13.13 12.73
CA ALA H 356 24.34 -12.63 11.41
C ALA H 356 25.51 -12.09 10.62
N VAL H 357 26.56 -11.62 11.30
CA VAL H 357 27.75 -11.15 10.58
C VAL H 357 28.49 -12.30 9.92
N ARG H 358 28.51 -13.48 10.55
CA ARG H 358 29.17 -14.63 9.96
C ARG H 358 28.25 -15.47 9.07
N GLY H 359 27.04 -14.99 8.80
CA GLY H 359 26.15 -15.65 7.88
C GLY H 359 25.20 -16.65 8.50
N PHE H 360 25.27 -16.86 9.81
CA PHE H 360 24.46 -17.85 10.53
C PHE H 360 23.22 -17.24 11.18
N ALA H 361 22.71 -16.12 10.66
CA ALA H 361 21.47 -15.55 11.18
C ALA H 361 20.40 -16.62 11.29
N GLY H 362 19.65 -16.59 12.40
CA GLY H 362 18.61 -17.56 12.64
C GLY H 362 19.05 -18.78 13.42
N GLN H 363 20.36 -18.95 13.63
CA GLN H 363 20.90 -20.13 14.31
C GLN H 363 21.54 -19.80 15.65
N GLU H 364 21.40 -18.57 16.14
CA GLU H 364 21.92 -18.21 17.46
C GLU H 364 21.30 -19.07 18.57
N ASN H 365 20.07 -19.58 18.36
CA ASN H 365 19.40 -20.43 19.34
C ASN H 365 20.26 -21.62 19.76
N THR H 366 21.23 -22.02 18.92
CA THR H 366 22.13 -23.10 19.30
C THR H 366 22.98 -22.74 20.50
N ILE H 367 23.18 -21.44 20.74
CA ILE H 367 24.02 -20.98 21.84
C ILE H 367 23.22 -20.32 22.96
N LEU H 368 22.02 -19.83 22.68
CA LEU H 368 21.28 -19.08 23.69
C LEU H 368 20.33 -19.93 24.53
N GLU H 369 20.10 -21.20 24.14
CA GLU H 369 19.30 -22.11 24.95
C GLU H 369 19.95 -23.49 25.05
N GLY H 370 21.27 -23.55 25.11
CA GLY H 370 21.96 -24.80 25.33
C GLY H 370 23.03 -24.70 26.41
N ALA H 371 24.28 -24.91 26.02
CA ALA H 371 25.38 -24.78 26.97
C ALA H 371 25.41 -23.37 27.54
N CYS H 372 25.52 -22.37 26.67
CA CYS H 372 25.70 -20.97 27.05
C CYS H 372 24.36 -20.25 27.18
N ALA H 373 23.39 -20.92 27.78
CA ALA H 373 22.12 -20.28 28.06
C ALA H 373 22.33 -19.26 29.17
N TRP H 374 21.57 -18.15 29.15
CA TRP H 374 21.75 -17.18 30.22
C TRP H 374 20.95 -17.59 31.46
N SER H 375 19.85 -18.31 31.24
CA SER H 375 19.27 -19.13 32.29
C SER H 375 20.19 -20.33 32.44
N ALA H 376 19.92 -21.23 33.37
CA ALA H 376 20.82 -22.36 33.61
C ALA H 376 22.22 -21.90 33.99
N ALA H 377 22.44 -20.60 34.11
CA ALA H 377 23.66 -20.03 34.67
C ALA H 377 23.37 -19.51 36.07
N SER H 378 24.41 -19.44 36.89
CA SER H 378 24.22 -19.19 38.32
C SER H 378 24.88 -17.83 38.68
N THR H 379 25.91 -17.86 39.53
CA THR H 379 26.29 -16.66 40.26
C THR H 379 26.55 -15.46 39.33
N GLN H 380 26.68 -14.29 39.97
CA GLN H 380 27.09 -13.05 39.32
C GLN H 380 28.36 -13.25 38.50
N ALA H 381 29.35 -13.95 39.07
CA ALA H 381 30.57 -14.18 38.31
C ALA H 381 30.39 -15.27 37.27
N ASP H 382 29.34 -16.09 37.38
CA ASP H 382 29.16 -17.20 36.45
C ASP H 382 28.83 -16.71 35.05
N LYS H 383 28.15 -15.59 34.93
CA LYS H 383 27.77 -15.13 33.60
C LYS H 383 28.46 -13.85 33.16
N LEU H 384 29.23 -13.19 34.03
CA LEU H 384 30.34 -12.41 33.53
C LEU H 384 31.23 -13.31 32.69
N ASN H 385 31.46 -14.53 33.20
CA ASN H 385 32.13 -15.55 32.40
C ASN H 385 31.39 -15.79 31.09
N LEU H 386 30.07 -15.87 31.14
CA LEU H 386 29.32 -16.18 29.92
C LEU H 386 29.46 -15.09 28.86
N ILE H 387 29.38 -13.82 29.27
CA ILE H 387 29.48 -12.75 28.28
C ILE H 387 30.92 -12.53 27.89
N TYR H 388 31.86 -12.63 28.84
CA TYR H 388 33.29 -12.46 28.51
C TYR H 388 33.75 -13.51 27.52
N MET H 389 33.32 -14.76 27.69
CA MET H 389 33.74 -15.84 26.81
C MET H 389 33.10 -15.74 25.44
N GLN H 390 31.91 -15.14 25.36
CA GLN H 390 31.27 -14.91 24.07
C GLN H 390 31.71 -13.60 23.42
N LYS H 391 32.22 -12.65 24.20
CA LYS H 391 32.94 -11.51 23.64
C LYS H 391 34.20 -11.97 22.93
N TRP H 392 34.90 -12.93 23.53
CA TRP H 392 36.08 -13.51 22.92
C TRP H 392 35.73 -14.13 21.57
N VAL H 393 34.85 -15.14 21.57
CA VAL H 393 34.45 -15.78 20.33
C VAL H 393 34.00 -14.73 19.31
N SER H 394 33.30 -13.70 19.78
CA SER H 394 32.83 -12.66 18.87
C SER H 394 33.95 -12.01 18.08
N LEU H 395 35.13 -11.87 18.69
CA LEU H 395 36.14 -11.02 18.08
C LEU H 395 37.10 -11.79 17.19
N PHE H 396 37.05 -13.13 17.21
CA PHE H 396 37.78 -13.94 16.25
C PHE H 396 37.45 -13.52 14.82
N TYR H 397 38.50 -13.20 14.05
CA TYR H 397 38.38 -12.85 12.64
C TYR H 397 37.60 -11.55 12.46
N MET H 398 37.73 -10.61 13.39
CA MET H 398 37.05 -9.33 13.32
C MET H 398 37.96 -8.22 13.85
N ASP H 399 38.33 -8.32 15.15
CA ASP H 399 39.17 -7.32 15.81
C ASP H 399 40.01 -8.08 16.83
N HIS H 400 41.18 -8.55 16.38
CA HIS H 400 42.00 -9.37 17.26
C HIS H 400 42.73 -8.57 18.32
N MET H 401 43.06 -7.30 18.08
CA MET H 401 43.79 -6.60 19.11
C MET H 401 42.88 -6.07 20.20
N GLU H 402 41.59 -5.95 19.93
CA GLU H 402 40.68 -5.77 21.04
C GLU H 402 40.57 -7.06 21.86
N ALA H 403 40.41 -8.20 21.18
CA ALA H 403 40.36 -9.50 21.84
C ALA H 403 41.53 -9.69 22.78
N TRP H 404 42.74 -9.37 22.32
CA TRP H 404 43.89 -9.46 23.21
C TRP H 404 43.76 -8.50 24.38
N SER H 405 43.32 -7.26 24.12
CA SER H 405 43.19 -6.29 25.20
C SER H 405 42.18 -6.73 26.23
N GLU H 406 41.01 -7.18 25.79
CA GLU H 406 39.95 -7.50 26.73
C GLU H 406 40.33 -8.70 27.57
N ILE H 407 41.03 -9.66 26.97
CA ILE H 407 41.54 -10.78 27.74
C ILE H 407 42.43 -10.29 28.86
N ARG H 408 43.28 -9.30 28.59
CA ARG H 408 44.10 -8.76 29.66
C ARG H 408 43.23 -8.06 30.71
N ARG H 409 42.23 -7.30 30.26
CA ARG H 409 41.44 -6.50 31.20
C ARG H 409 40.62 -7.37 32.16
N THR H 410 39.86 -8.32 31.62
CA THR H 410 38.99 -9.16 32.42
C THR H 410 39.67 -10.45 32.85
N ASP H 411 40.78 -10.82 32.20
CA ASP H 411 41.48 -12.07 32.49
C ASP H 411 40.55 -13.27 32.33
N CYS H 412 39.58 -13.10 31.44
CA CYS H 412 38.78 -14.20 30.94
C CYS H 412 38.76 -14.14 29.41
N PRO H 413 39.06 -15.26 28.73
CA PRO H 413 39.32 -16.62 29.22
C PRO H 413 40.45 -16.71 30.26
N LYS H 414 40.16 -17.41 31.36
CA LYS H 414 41.18 -17.67 32.38
C LYS H 414 42.37 -18.42 31.78
N LEU H 415 43.55 -18.14 32.32
CA LEU H 415 44.74 -18.95 32.03
C LEU H 415 44.61 -20.31 32.70
N SER H 416 44.84 -21.37 31.93
CA SER H 416 44.72 -22.71 32.50
C SER H 416 45.91 -23.02 33.42
N SER H 417 45.61 -23.71 34.52
CA SER H 417 46.63 -24.11 35.48
C SER H 417 47.48 -25.27 35.02
N TYR H 418 47.26 -25.78 33.81
CA TYR H 418 47.87 -27.00 33.32
C TYR H 418 48.70 -26.71 32.08
N SER H 419 49.94 -27.23 32.08
CA SER H 419 50.91 -26.94 31.03
C SER H 419 50.45 -27.49 29.69
N ALA H 420 51.11 -27.01 28.62
CA ALA H 420 50.82 -27.58 27.31
C ALA H 420 51.07 -29.08 27.29
N ALA H 421 52.23 -29.53 27.79
CA ALA H 421 52.54 -30.96 27.77
C ALA H 421 51.50 -31.79 28.52
N GLN H 422 50.97 -31.27 29.64
CA GLN H 422 50.01 -32.05 30.42
C GLN H 422 48.70 -32.19 29.67
N ILE H 423 48.11 -31.07 29.24
CA ILE H 423 46.92 -31.10 28.40
C ILE H 423 47.10 -32.08 27.24
N GLN H 424 48.31 -32.14 26.67
CA GLN H 424 48.56 -33.07 25.57
C GLN H 424 48.56 -34.52 26.04
N ALA H 425 49.16 -34.79 27.19
CA ALA H 425 49.22 -36.15 27.71
C ALA H 425 47.81 -36.72 27.88
N SER H 426 46.90 -35.94 28.47
CA SER H 426 45.55 -36.40 28.76
C SER H 426 44.60 -35.22 28.71
N GLU H 427 43.60 -35.32 27.84
CA GLU H 427 42.78 -34.17 27.47
C GLU H 427 41.90 -33.67 28.63
N SER H 428 41.39 -34.58 29.48
CA SER H 428 40.27 -34.26 30.37
C SER H 428 40.66 -33.26 31.44
N VAL H 429 41.93 -33.22 31.82
CA VAL H 429 42.45 -32.24 32.76
C VAL H 429 42.03 -30.82 32.37
N TYR H 430 41.72 -30.59 31.09
CA TYR H 430 41.56 -29.27 30.49
C TYR H 430 40.07 -28.91 30.40
N THR H 431 39.73 -27.70 30.85
CA THR H 431 38.37 -27.21 30.68
C THR H 431 38.28 -26.36 29.41
N PRO H 432 37.43 -26.68 28.45
CA PRO H 432 37.51 -26.04 27.13
C PRO H 432 37.43 -24.52 27.22
N GLY H 433 38.26 -23.87 26.42
CA GLY H 433 38.21 -22.44 26.23
C GLY H 433 39.11 -21.59 27.12
N GLU H 434 39.92 -22.20 27.95
CA GLU H 434 40.83 -21.39 28.73
C GLU H 434 42.21 -21.43 28.09
N LEU H 435 42.92 -20.31 28.23
CA LEU H 435 44.19 -20.13 27.58
C LEU H 435 45.24 -21.08 28.15
N VAL H 436 46.16 -21.49 27.28
CA VAL H 436 47.27 -22.37 27.64
C VAL H 436 48.55 -21.60 27.39
N ALA H 437 49.39 -21.48 28.41
CA ALA H 437 50.66 -20.78 28.23
C ALA H 437 51.53 -21.57 27.25
N PRO H 438 52.25 -20.89 26.36
CA PRO H 438 52.87 -21.59 25.23
C PRO H 438 53.76 -22.71 25.72
N TRP H 439 53.78 -23.79 24.94
CA TRP H 439 54.60 -24.94 25.26
C TRP H 439 56.06 -24.52 25.32
N THR H 440 56.65 -24.21 24.15
CA THR H 440 57.88 -23.42 24.14
C THR H 440 57.51 -21.98 24.48
N ASN H 441 58.08 -21.46 25.57
CA ASN H 441 57.76 -20.12 26.05
C ASN H 441 59.05 -19.38 26.35
N GLY H 442 59.36 -18.36 25.55
CA GLY H 442 60.51 -17.50 25.74
C GLY H 442 60.37 -16.43 26.80
N LEU H 443 59.31 -16.41 27.59
CA LEU H 443 59.21 -15.43 28.67
C LEU H 443 59.83 -16.05 29.91
N GLU H 444 60.86 -15.40 30.45
CA GLU H 444 61.54 -15.94 31.63
C GLU H 444 60.58 -16.11 32.78
N ALA H 445 59.55 -15.27 32.85
CA ALA H 445 58.57 -15.33 33.92
C ALA H 445 57.40 -16.24 33.61
N GLY H 446 57.36 -16.86 32.44
CA GLY H 446 56.26 -17.73 32.09
C GLY H 446 54.98 -16.95 31.87
N GLY H 447 53.91 -17.68 31.62
CA GLY H 447 52.64 -17.02 31.39
C GLY H 447 52.37 -16.62 29.97
N LEU H 448 51.64 -15.53 29.80
CA LEU H 448 51.09 -15.14 28.50
C LEU H 448 51.42 -13.69 28.20
N MET H 449 51.62 -13.41 26.93
CA MET H 449 52.00 -12.08 26.48
C MET H 449 51.08 -11.00 27.03
N LYS H 450 51.71 -9.98 27.63
CA LYS H 450 51.00 -8.84 28.20
C LYS H 450 51.27 -7.52 27.49
N ARG H 451 52.27 -7.46 26.61
CA ARG H 451 52.76 -6.19 26.11
C ARG H 451 53.74 -6.45 24.98
N MET H 452 53.59 -5.69 23.90
CA MET H 452 54.54 -5.71 22.81
C MET H 452 55.83 -4.94 23.16
N THR H 453 56.91 -5.31 22.46
CA THR H 453 58.18 -4.60 22.57
C THR H 453 58.03 -3.18 22.06
N TYR H 454 58.94 -2.32 22.49
CA TYR H 454 58.97 -0.98 21.93
C TYR H 454 59.55 -1.00 20.52
N PRO H 455 59.05 -0.13 19.64
CA PRO H 455 59.55 -0.10 18.27
C PRO H 455 61.04 0.20 18.24
N LEU H 456 61.74 -0.57 17.42
CA LEU H 456 63.19 -0.36 17.29
C LEU H 456 63.50 0.97 16.63
N SER H 457 62.64 1.43 15.70
CA SER H 457 62.78 2.78 15.14
C SER H 457 62.88 3.82 16.23
N ALA H 458 62.05 3.69 17.26
CA ALA H 458 62.08 4.61 18.39
C ALA H 458 63.26 4.33 19.30
N ARG H 459 63.67 3.06 19.44
CA ARG H 459 64.80 2.77 20.32
C ARG H 459 66.08 3.41 19.79
N GLN H 460 66.35 3.30 18.48
CA GLN H 460 67.63 3.82 18.02
C GLN H 460 67.60 5.28 17.59
N GLN H 461 66.45 5.87 17.35
CA GLN H 461 66.51 7.29 17.04
C GLN H 461 66.05 8.19 18.18
N ASN H 462 65.24 7.67 19.10
CA ASN H 462 64.65 8.47 20.16
C ASN H 462 65.24 8.02 21.49
N VAL H 463 65.95 8.93 22.15
CA VAL H 463 66.72 8.58 23.33
C VAL H 463 65.81 8.38 24.54
N ASN H 464 64.67 9.05 24.56
CA ASN H 464 63.73 9.00 25.67
C ASN H 464 62.79 7.82 25.59
N THR H 465 63.06 6.85 24.70
CA THR H 465 62.20 5.68 24.62
C THR H 465 62.42 4.80 25.85
N PRO H 466 61.36 4.45 26.58
CA PRO H 466 61.53 3.66 27.82
C PRO H 466 62.35 2.40 27.59
N ALA H 467 63.08 2.00 28.63
CA ALA H 467 63.93 0.82 28.50
C ALA H 467 63.10 -0.43 28.25
N GLY H 468 63.59 -1.30 27.38
CA GLY H 468 62.89 -2.54 27.10
C GLY H 468 62.64 -3.37 28.33
N VAL H 469 61.48 -4.01 28.37
CA VAL H 469 61.11 -4.94 29.44
C VAL H 469 60.54 -6.21 28.81
N PRO H 470 60.46 -7.29 29.59
CA PRO H 470 59.95 -8.54 29.03
C PRO H 470 58.47 -8.46 28.70
N GLY H 471 58.04 -9.36 27.81
CA GLY H 471 56.66 -9.39 27.37
C GLY H 471 55.67 -9.70 28.48
N SER H 472 56.14 -10.18 29.64
CA SER H 472 55.29 -10.51 30.76
C SER H 472 55.04 -9.32 31.68
N THR H 473 55.66 -8.18 31.40
CA THR H 473 55.33 -6.96 32.11
C THR H 473 53.95 -6.46 31.68
N PRO H 474 53.05 -6.20 32.62
CA PRO H 474 51.71 -5.75 32.26
C PRO H 474 51.69 -4.29 31.81
N VAL H 475 50.72 -3.95 30.94
CA VAL H 475 50.50 -2.54 30.65
C VAL H 475 49.67 -1.93 31.78
N TRP H 476 49.73 -0.61 31.89
CA TRP H 476 49.29 0.06 33.11
C TRP H 476 47.89 -0.33 33.57
N TRP H 477 47.02 -0.83 32.69
CA TRP H 477 45.65 -1.13 33.09
C TRP H 477 45.37 -2.61 33.32
N ASP H 478 46.36 -3.50 33.18
CA ASP H 478 46.22 -4.88 33.59
C ASP H 478 46.92 -5.02 34.93
N ILE H 479 46.13 -5.15 36.01
CA ILE H 479 46.68 -5.23 37.37
C ILE H 479 46.64 -6.63 37.95
N LYS H 480 46.10 -7.61 37.23
CA LYS H 480 46.22 -9.01 37.65
C LYS H 480 46.08 -9.96 36.45
N LYS I 38 102.67 14.44 -15.95
CA LYS I 38 103.17 14.12 -14.61
C LYS I 38 103.98 15.26 -13.96
N ALA I 39 103.40 16.47 -14.01
CA ALA I 39 103.65 17.53 -13.03
C ALA I 39 102.58 17.52 -11.96
N LEU I 40 101.98 16.34 -11.72
CA LEU I 40 100.77 16.23 -10.94
C LEU I 40 101.10 16.17 -9.46
N GLY I 41 100.24 16.75 -8.64
CA GLY I 41 100.47 16.85 -7.21
C GLY I 41 99.73 15.86 -6.36
N TYR I 42 99.10 14.85 -6.97
CA TYR I 42 98.37 13.84 -6.23
C TYR I 42 98.46 12.52 -6.97
N ALA I 43 98.02 11.44 -6.31
CA ALA I 43 98.12 10.11 -6.91
C ALA I 43 97.28 10.01 -8.18
N ALA I 44 97.84 9.34 -9.20
CA ALA I 44 97.16 9.02 -10.44
C ALA I 44 97.84 7.81 -11.09
N THR I 45 97.05 7.01 -11.79
CA THR I 45 97.53 5.83 -12.50
C THR I 45 97.18 5.98 -13.97
N SER I 46 98.01 5.42 -14.84
CA SER I 46 97.76 5.39 -16.27
C SER I 46 97.88 3.97 -16.77
N VAL I 47 96.93 3.57 -17.59
CA VAL I 47 96.96 2.29 -18.25
C VAL I 47 96.72 2.51 -19.74
N GLY I 48 97.51 1.86 -20.55
CA GLY I 48 97.33 1.95 -21.97
C GLY I 48 96.23 1.03 -22.43
N GLY I 49 95.72 1.35 -23.63
CA GLY I 49 94.62 0.57 -24.17
C GLY I 49 94.94 -0.90 -24.32
N GLU I 50 96.20 -1.22 -24.62
CA GLU I 50 96.58 -2.62 -24.85
C GLU I 50 96.22 -3.49 -23.64
N LYS I 51 96.54 -3.01 -22.43
CA LYS I 51 96.22 -3.79 -21.23
C LYS I 51 94.72 -3.87 -21.01
N ILE I 52 94.02 -2.74 -21.15
CA ILE I 52 92.58 -2.75 -20.92
C ILE I 52 91.89 -3.70 -21.86
N ALA I 53 92.43 -3.86 -23.06
CA ALA I 53 91.82 -4.73 -24.05
C ALA I 53 92.26 -6.18 -23.91
N GLU I 54 93.51 -6.42 -23.50
CA GLU I 54 94.09 -7.75 -23.64
C GLU I 54 93.29 -8.80 -22.88
N SER I 55 92.66 -8.37 -21.76
CA SER I 55 91.88 -9.26 -20.92
C SER I 55 90.59 -9.70 -21.58
N ARG I 56 90.18 -9.00 -22.64
CA ARG I 56 89.08 -9.41 -23.51
C ARG I 56 87.74 -9.35 -22.82
N THR I 57 87.67 -8.67 -21.68
CA THR I 57 86.41 -8.41 -21.02
C THR I 57 85.53 -7.55 -21.91
N SER I 58 84.22 -7.81 -21.87
CA SER I 58 83.23 -6.95 -22.53
C SER I 58 83.16 -5.58 -21.89
N ASP I 59 83.82 -5.38 -20.77
CA ASP I 59 83.74 -4.20 -19.94
C ASP I 59 85.10 -3.52 -19.89
N VAL I 60 85.09 -2.22 -19.60
CA VAL I 60 86.35 -1.48 -19.57
C VAL I 60 87.05 -1.54 -18.21
N MET I 61 86.29 -1.57 -17.10
CA MET I 61 86.91 -1.51 -15.77
C MET I 61 87.18 -2.88 -15.15
N SER I 62 86.43 -3.91 -15.52
CA SER I 62 86.54 -5.18 -14.78
C SER I 62 87.88 -5.87 -15.01
N SER I 63 88.54 -5.60 -16.15
CA SER I 63 89.87 -6.15 -16.39
C SER I 63 90.87 -5.68 -15.34
N LEU I 64 90.73 -4.43 -14.88
CA LEU I 64 91.60 -3.79 -13.90
C LEU I 64 91.21 -4.09 -12.45
N ALA I 65 90.53 -5.18 -12.17
CA ALA I 65 90.13 -5.41 -10.78
C ALA I 65 91.36 -5.84 -9.98
N GLY I 66 91.73 -5.03 -9.01
CA GLY I 66 92.82 -5.39 -8.13
C GLY I 66 94.18 -5.13 -8.70
N LYS I 67 94.32 -4.20 -9.65
CA LYS I 67 95.66 -3.85 -10.09
C LYS I 67 95.95 -2.36 -10.09
N ILE I 68 95.11 -1.54 -9.48
CA ILE I 68 95.43 -0.14 -9.21
C ILE I 68 95.16 0.11 -7.73
N ALA I 69 96.18 0.53 -7.00
CA ALA I 69 96.04 0.80 -5.58
C ALA I 69 95.03 1.92 -5.39
N GLY I 70 94.18 1.76 -4.37
CA GLY I 70 93.16 2.75 -4.04
C GLY I 70 91.92 2.72 -4.89
N VAL I 71 91.85 1.85 -5.91
CA VAL I 71 90.74 1.80 -6.85
C VAL I 71 90.14 0.42 -6.71
N GLN I 72 89.04 0.33 -5.98
CA GLN I 72 88.40 -0.93 -5.68
C GLN I 72 87.34 -1.19 -6.75
N ILE I 73 87.45 -2.33 -7.42
CA ILE I 73 86.66 -2.63 -8.63
C ILE I 73 86.08 -4.01 -8.46
N SER I 74 84.75 -4.09 -8.44
CA SER I 74 84.02 -5.32 -8.21
C SER I 74 82.90 -5.39 -9.22
N SER I 75 82.52 -6.61 -9.59
CA SER I 75 81.37 -6.81 -10.45
C SER I 75 80.23 -7.37 -9.59
N THR I 76 79.02 -6.90 -9.84
CA THR I 76 77.92 -7.23 -8.95
C THR I 76 77.60 -8.72 -8.96
N SER I 77 77.94 -9.41 -10.04
CA SER I 77 77.62 -10.82 -10.22
C SER I 77 78.30 -11.21 -11.51
N SER I 78 78.37 -12.51 -11.77
CA SER I 78 78.86 -12.97 -13.06
C SER I 78 77.75 -13.05 -14.10
N ASP I 79 76.55 -12.57 -13.77
CA ASP I 79 75.42 -12.61 -14.70
C ASP I 79 75.70 -11.71 -15.91
N PRO I 80 75.63 -12.25 -17.13
CA PRO I 80 76.00 -11.43 -18.30
C PRO I 80 75.25 -10.11 -18.31
N GLY I 81 76.00 -9.02 -18.42
CA GLY I 81 75.43 -7.71 -18.51
C GLY I 81 75.36 -6.93 -17.21
N ALA I 82 75.80 -7.52 -16.10
CA ALA I 82 75.59 -6.93 -14.78
C ALA I 82 76.52 -5.72 -14.57
N SER I 83 76.29 -4.99 -13.49
CA SER I 83 77.00 -3.74 -13.25
C SER I 83 78.40 -4.01 -12.73
N ASN I 84 79.17 -2.93 -12.63
CA ASN I 84 80.52 -2.98 -12.11
C ASN I 84 80.65 -1.83 -11.14
N SER I 85 81.21 -2.12 -9.98
CA SER I 85 81.41 -1.13 -8.95
C SER I 85 82.85 -0.62 -9.03
N VAL I 86 83.02 0.69 -9.06
CA VAL I 86 84.34 1.29 -8.98
C VAL I 86 84.28 2.29 -7.84
N ILE I 87 85.10 2.07 -6.82
CA ILE I 87 85.07 2.91 -5.64
C ILE I 87 86.50 3.31 -5.34
N ILE I 88 86.72 4.59 -5.10
CA ILE I 88 88.06 5.15 -5.02
C ILE I 88 88.20 5.83 -3.68
N ARG I 89 89.22 5.41 -2.93
CA ARG I 89 89.46 5.86 -1.55
C ARG I 89 88.19 5.75 -0.72
N GLY I 90 87.62 4.55 -0.74
CA GLY I 90 86.46 4.29 0.09
C GLY I 90 85.21 5.12 -0.19
N VAL I 91 84.22 4.87 0.67
CA VAL I 91 82.89 5.44 0.54
C VAL I 91 82.83 6.75 1.31
N SER I 92 82.59 7.85 0.60
CA SER I 92 82.31 9.14 1.22
C SER I 92 80.82 9.49 1.22
N SER I 93 79.99 8.76 0.49
CA SER I 93 78.58 9.13 0.32
C SER I 93 77.72 8.14 1.09
N LEU I 94 77.00 8.65 2.09
CA LEU I 94 76.27 7.72 2.94
C LEU I 94 75.11 7.09 2.22
N SER I 95 74.66 7.71 1.15
CA SER I 95 73.79 7.06 0.20
C SER I 95 73.51 8.08 -0.86
N GLY I 96 73.96 7.72 -2.05
CA GLY I 96 74.78 6.53 -2.22
C GLY I 96 75.46 6.50 -3.59
N THR I 97 76.14 7.58 -3.94
CA THR I 97 76.87 7.66 -5.20
C THR I 97 78.35 7.84 -4.95
N ASN I 98 79.10 6.76 -4.98
CA ASN I 98 80.52 6.84 -4.78
C ASN I 98 81.30 6.50 -6.03
N GLN I 99 80.62 6.24 -7.15
CA GLN I 99 81.34 5.95 -8.40
C GLN I 99 82.08 7.19 -8.85
N PRO I 100 83.28 7.02 -9.41
CA PRO I 100 84.00 8.17 -9.95
C PRO I 100 83.26 8.68 -11.18
N LEU I 101 83.49 9.96 -11.45
CA LEU I 101 83.08 10.59 -12.70
C LEU I 101 83.88 10.03 -13.85
N TYR I 102 83.21 9.44 -14.84
CA TYR I 102 83.91 9.04 -16.06
C TYR I 102 83.87 10.20 -17.05
N VAL I 103 85.00 10.47 -17.68
CA VAL I 103 85.18 11.61 -18.57
C VAL I 103 85.81 11.05 -19.83
N VAL I 104 85.07 10.99 -20.93
CA VAL I 104 85.64 10.31 -22.09
C VAL I 104 86.41 11.27 -23.01
N ASP I 105 85.91 12.40 -23.47
CA ASP I 105 86.87 13.10 -24.34
C ASP I 105 86.88 14.62 -24.44
N GLY I 106 87.11 15.37 -23.38
CA GLY I 106 86.87 14.98 -22.03
C GLY I 106 85.50 15.54 -21.70
N VAL I 107 84.47 14.77 -21.99
CA VAL I 107 83.09 15.10 -21.67
C VAL I 107 82.59 14.09 -20.62
N PRO I 108 82.00 14.54 -19.52
CA PRO I 108 81.45 13.57 -18.55
C PRO I 108 80.49 12.61 -19.23
N LEU I 109 80.59 11.34 -18.84
CA LEU I 109 79.82 10.26 -19.44
C LEU I 109 78.76 9.77 -18.47
N ASN I 110 77.57 9.47 -18.96
CA ASN I 110 76.55 8.98 -18.04
C ASN I 110 76.92 7.58 -17.59
N ASN I 111 76.64 7.29 -16.33
CA ASN I 111 77.03 6.04 -15.71
C ASN I 111 75.95 5.59 -14.73
N SER I 112 74.71 5.98 -14.99
CA SER I 112 73.58 5.50 -14.20
C SER I 112 73.56 3.99 -14.20
N THR I 113 72.95 3.42 -13.17
CA THR I 113 72.85 1.97 -13.13
C THR I 113 71.37 1.57 -13.19
N VAL I 114 71.13 0.37 -13.69
CA VAL I 114 69.79 -0.19 -13.80
C VAL I 114 69.81 -1.49 -13.04
N TYR I 115 69.17 -1.50 -11.87
CA TYR I 115 69.11 -2.70 -11.05
C TYR I 115 67.87 -2.65 -10.17
N SER I 116 67.52 -3.81 -9.62
CA SER I 116 66.24 -4.01 -8.94
C SER I 116 66.17 -3.28 -7.61
N THR I 117 65.11 -2.48 -7.45
CA THR I 117 64.81 -1.78 -6.20
C THR I 117 64.39 -2.75 -5.10
N ASP I 118 63.97 -3.98 -5.44
CA ASP I 118 63.71 -5.01 -4.42
C ASP I 118 64.61 -6.23 -4.66
N GLY I 119 65.79 -6.23 -4.02
CA GLY I 119 66.65 -7.39 -4.15
C GLY I 119 66.19 -8.61 -3.37
N LEU I 120 65.18 -8.46 -2.50
CA LEU I 120 64.75 -9.60 -1.69
C LEU I 120 63.93 -10.58 -2.50
N ASN I 121 63.10 -10.09 -3.41
CA ASN I 121 62.18 -10.97 -4.12
C ASN I 121 62.40 -11.02 -5.61
N SER I 122 63.08 -10.03 -6.20
CA SER I 122 63.17 -9.88 -7.64
C SER I 122 64.51 -9.23 -7.97
N GLY I 123 65.60 -9.91 -7.66
CA GLY I 123 66.91 -9.35 -7.91
C GLY I 123 67.33 -9.51 -9.37
N TYR I 124 67.86 -8.42 -9.93
CA TYR I 124 68.45 -8.40 -11.25
C TYR I 124 69.32 -7.15 -11.41
N ASP I 125 70.31 -7.23 -12.31
CA ASP I 125 71.16 -6.09 -12.63
C ASP I 125 71.36 -6.02 -14.14
N PHE I 126 70.92 -4.91 -14.74
CA PHE I 126 70.97 -4.77 -16.20
C PHE I 126 72.10 -3.85 -16.64
N GLY I 127 72.96 -3.45 -15.73
CA GLY I 127 74.23 -2.88 -16.13
C GLY I 127 74.43 -1.44 -15.70
N ASN I 128 75.50 -0.88 -16.23
CA ASN I 128 76.17 0.28 -15.69
C ASN I 128 76.55 1.16 -16.87
N GLY I 129 76.41 2.48 -16.71
CA GLY I 129 76.62 3.39 -17.84
C GLY I 129 77.96 3.20 -18.55
N ALA I 130 79.04 3.06 -17.79
CA ALA I 130 80.35 2.94 -18.41
C ALA I 130 80.56 1.60 -19.11
N ASN I 131 79.72 0.59 -18.81
CA ASN I 131 79.84 -0.70 -19.49
C ASN I 131 79.59 -0.61 -21.00
N ALA I 132 79.22 0.56 -21.54
CA ALA I 132 78.93 0.72 -22.96
C ALA I 132 80.15 1.07 -23.81
N ILE I 133 81.22 1.55 -23.19
CA ILE I 133 82.44 1.88 -23.90
C ILE I 133 83.04 0.64 -24.55
N ASN I 134 83.43 0.77 -25.82
CA ASN I 134 84.17 -0.27 -26.49
C ASN I 134 85.59 -0.31 -25.94
N PRO I 135 86.01 -1.38 -25.25
CA PRO I 135 87.40 -1.44 -24.77
C PRO I 135 88.42 -1.29 -25.89
N ASP I 136 88.08 -1.70 -27.11
CA ASP I 136 89.00 -1.58 -28.25
C ASP I 136 89.12 -0.15 -28.75
N ASP I 137 88.35 0.79 -28.22
CA ASP I 137 88.46 2.19 -28.62
C ASP I 137 89.30 2.99 -27.67
N VAL I 138 89.74 2.38 -26.58
CA VAL I 138 90.49 3.07 -25.55
C VAL I 138 91.95 3.11 -25.95
N ALA I 139 92.51 4.32 -25.93
CA ALA I 139 93.93 4.54 -26.16
C ALA I 139 94.69 4.64 -24.85
N ASN I 140 94.19 5.47 -23.94
CA ASN I 140 94.76 5.62 -22.62
C ASN I 140 93.63 5.86 -21.63
N MET I 141 93.87 5.45 -20.39
CA MET I 141 92.96 5.72 -19.28
C MET I 141 93.80 6.24 -18.12
N THR I 142 93.39 7.35 -17.52
CA THR I 142 94.09 7.88 -16.37
C THR I 142 93.10 8.13 -15.25
N ILE I 143 93.23 7.38 -14.17
CA ILE I 143 92.37 7.54 -13.00
C ILE I 143 92.97 8.62 -12.11
N LEU I 144 92.21 9.68 -11.89
CA LEU I 144 92.56 10.67 -10.88
C LEU I 144 91.96 10.23 -9.55
N LYS I 145 92.78 10.24 -8.49
CA LYS I 145 92.34 9.76 -7.18
C LYS I 145 92.16 10.85 -6.14
N GLY I 146 92.87 11.97 -6.24
CA GLY I 146 92.77 13.02 -5.24
C GLY I 146 91.62 13.97 -5.54
N ALA I 147 90.86 14.32 -4.49
CA ALA I 147 89.78 15.30 -4.59
C ALA I 147 90.21 16.68 -4.13
N ALA I 148 91.40 17.13 -4.53
CA ALA I 148 91.91 18.44 -4.13
C ALA I 148 92.01 19.43 -5.27
N ALA I 149 92.06 18.95 -6.51
CA ALA I 149 92.19 19.82 -7.66
C ALA I 149 91.13 19.37 -8.67
N THR I 150 89.87 19.68 -8.37
CA THR I 150 88.74 19.22 -9.16
C THR I 150 88.05 20.35 -9.91
N ALA I 151 88.71 21.52 -10.02
CA ALA I 151 88.10 22.69 -10.65
C ALA I 151 87.72 22.44 -12.11
N LEU I 152 88.34 21.46 -12.76
CA LEU I 152 88.08 21.20 -14.17
C LEU I 152 86.92 20.24 -14.41
N TYR I 153 86.39 19.62 -13.37
CA TYR I 153 85.25 18.73 -13.57
C TYR I 153 84.16 18.90 -12.54
N GLY I 154 84.34 19.73 -11.51
CA GLY I 154 83.28 20.00 -10.56
C GLY I 154 83.07 18.94 -9.48
N SER I 155 81.88 19.00 -8.89
CA SER I 155 81.61 18.25 -7.67
C SER I 155 81.76 16.74 -7.86
N ARG I 156 81.26 16.20 -8.97
CA ARG I 156 81.34 14.76 -9.16
C ARG I 156 82.77 14.22 -9.12
N ALA I 157 83.79 15.07 -9.30
CA ALA I 157 85.16 14.56 -9.27
C ALA I 157 85.66 14.21 -7.87
N ALA I 158 84.90 14.54 -6.81
CA ALA I 158 85.33 14.18 -5.46
C ALA I 158 85.44 12.67 -5.29
N ASN I 159 84.63 11.92 -6.02
CA ASN I 159 84.72 10.47 -5.95
C ASN I 159 85.83 9.92 -6.83
N GLY I 160 86.64 10.80 -7.43
CA GLY I 160 87.63 10.42 -8.41
C GLY I 160 87.16 10.72 -9.83
N VAL I 161 88.10 10.59 -10.77
CA VAL I 161 87.83 10.74 -12.19
C VAL I 161 88.53 9.61 -12.93
N VAL I 162 87.81 8.99 -13.86
CA VAL I 162 88.38 8.04 -14.79
C VAL I 162 88.47 8.75 -16.13
N MET I 163 89.60 9.39 -16.42
CA MET I 163 89.79 10.06 -17.70
C MET I 163 90.14 9.03 -18.76
N ILE I 164 89.22 8.80 -19.71
CA ILE I 164 89.44 7.92 -20.86
C ILE I 164 89.77 8.79 -22.06
N THR I 165 90.68 8.31 -22.91
CA THR I 165 91.00 8.98 -24.16
C THR I 165 90.88 7.96 -25.28
N THR I 166 90.24 8.36 -26.36
CA THR I 166 90.03 7.36 -27.40
C THR I 166 91.08 7.49 -28.50
N LYS I 167 91.29 6.39 -29.19
CA LYS I 167 92.19 6.36 -30.31
C LYS I 167 91.77 7.37 -31.37
N SER I 168 92.71 8.17 -31.86
CA SER I 168 92.46 9.00 -33.03
C SER I 168 92.94 8.21 -34.24
N GLY I 169 92.83 8.80 -35.43
CA GLY I 169 93.41 8.20 -36.62
C GLY I 169 94.91 8.40 -36.69
N ARG I 170 95.57 7.47 -37.38
CA ARG I 170 97.00 7.61 -37.56
C ARG I 170 97.45 6.86 -38.81
N LYS I 171 98.58 7.31 -39.33
CA LYS I 171 99.11 6.83 -40.61
C LYS I 171 100.12 5.71 -40.37
N GLU I 172 99.75 4.49 -40.74
CA GLU I 172 100.62 3.33 -40.79
C GLU I 172 100.38 2.69 -42.14
N LYS I 173 101.05 1.57 -42.39
CA LYS I 173 100.72 0.77 -43.57
C LYS I 173 99.86 -0.40 -43.09
N GLY I 174 98.81 -0.74 -43.83
CA GLY I 174 98.44 -0.05 -45.05
C GLY I 174 97.16 0.75 -44.94
N VAL I 175 96.01 0.07 -44.93
CA VAL I 175 94.73 0.76 -45.11
C VAL I 175 94.19 1.32 -43.79
N GLY I 176 94.39 0.65 -42.67
CA GLY I 176 93.93 1.12 -41.39
C GLY I 176 92.87 0.26 -40.72
N ILE I 177 92.68 -0.98 -41.16
CA ILE I 177 91.65 -1.86 -40.62
C ILE I 177 92.26 -2.72 -39.51
N GLU I 178 91.65 -2.68 -38.33
CA GLU I 178 91.92 -3.63 -37.26
C GLU I 178 90.67 -4.45 -36.98
N TYR I 179 90.78 -5.78 -37.06
CA TYR I 179 89.69 -6.69 -36.72
C TYR I 179 90.00 -7.43 -35.44
N ASN I 180 89.00 -7.60 -34.57
CA ASN I 180 89.12 -8.49 -33.42
C ASN I 180 87.94 -9.46 -33.38
N GLY I 181 88.22 -10.71 -33.07
CA GLY I 181 87.22 -11.75 -32.94
C GLY I 181 87.55 -12.70 -31.82
N GLY I 182 86.69 -12.82 -30.81
CA GLY I 182 86.95 -13.68 -29.68
C GLY I 182 85.83 -14.68 -29.48
N VAL I 183 86.15 -15.73 -28.71
CA VAL I 183 85.14 -16.61 -28.13
C VAL I 183 85.56 -16.88 -26.70
N GLN I 184 84.58 -17.23 -25.86
CA GLN I 184 84.80 -17.37 -24.42
C GLN I 184 83.88 -18.44 -23.86
N TRP I 185 84.31 -19.08 -22.77
CA TRP I 185 83.43 -20.01 -22.09
C TRP I 185 83.34 -19.69 -20.60
N SER I 186 82.15 -19.92 -20.03
CA SER I 186 81.93 -19.80 -18.60
C SER I 186 81.60 -21.17 -18.01
N THR I 187 82.12 -21.44 -16.80
CA THR I 187 81.67 -22.57 -15.98
C THR I 187 81.57 -22.12 -14.53
N VAL I 188 80.79 -22.87 -13.74
CA VAL I 188 80.67 -22.62 -12.29
C VAL I 188 82.05 -22.48 -11.66
N LEU I 189 82.26 -21.37 -10.95
CA LEU I 189 83.53 -21.24 -10.23
C LEU I 189 83.47 -21.91 -8.87
N ARG I 190 82.38 -21.69 -8.13
CA ARG I 190 82.33 -22.26 -6.79
C ARG I 190 80.88 -22.36 -6.32
N LEU I 191 80.45 -23.58 -6.03
CA LEU I 191 79.20 -23.93 -5.37
C LEU I 191 79.46 -24.15 -3.89
N PRO I 192 78.44 -24.04 -3.04
CA PRO I 192 78.66 -24.29 -1.61
C PRO I 192 79.04 -25.74 -1.38
N GLU I 193 79.70 -25.97 -0.26
CA GLU I 193 80.17 -27.33 0.04
C GLU I 193 79.05 -28.09 0.74
N PHE I 194 78.60 -29.16 0.10
CA PHE I 194 77.42 -29.88 0.53
C PHE I 194 77.80 -31.10 1.36
N GLN I 195 76.90 -31.45 2.27
CA GLN I 195 76.92 -32.72 2.96
C GLN I 195 76.25 -33.78 2.10
N ASN I 196 76.82 -34.99 2.07
CA ASN I 196 76.27 -36.10 1.30
C ASN I 196 75.97 -37.30 2.17
N GLU I 197 75.65 -37.04 3.43
CA GLU I 197 75.43 -38.07 4.45
C GLU I 197 73.96 -38.37 4.68
N PHE I 198 73.09 -37.36 4.60
CA PHE I 198 71.67 -37.51 4.90
C PHE I 198 70.85 -36.98 3.72
N GLY I 199 69.70 -37.63 3.48
CA GLY I 199 68.82 -37.31 2.37
C GLY I 199 67.49 -36.65 2.69
N MET I 200 66.51 -36.84 1.80
CA MET I 200 65.24 -36.12 1.88
C MET I 200 64.52 -36.45 3.18
N GLY I 201 64.18 -35.41 3.94
CA GLY I 201 63.44 -35.63 5.16
C GLY I 201 63.41 -34.40 6.04
N TRP I 202 62.80 -34.57 7.22
CA TRP I 202 62.71 -33.50 8.18
C TRP I 202 62.72 -34.12 9.57
N ASN I 203 63.11 -33.32 10.56
CA ASN I 203 63.25 -33.74 11.96
C ASN I 203 64.10 -35.00 12.10
N GLY I 204 64.94 -35.29 11.13
CA GLY I 204 65.61 -36.57 11.06
C GLY I 204 64.81 -37.72 10.52
N ASN I 205 63.54 -37.50 10.14
CA ASN I 205 62.71 -38.59 9.62
C ASN I 205 62.52 -38.46 8.12
N HIS I 206 62.29 -39.61 7.48
CA HIS I 206 62.11 -39.68 6.04
C HIS I 206 60.76 -39.13 5.61
N THR I 207 60.76 -38.40 4.51
CA THR I 207 59.55 -37.88 3.91
C THR I 207 59.67 -38.05 2.41
N GLU I 208 58.56 -37.89 1.71
CA GLU I 208 58.53 -38.05 0.27
C GLU I 208 58.47 -36.73 -0.50
N LEU I 209 58.47 -35.58 0.20
CA LEU I 209 58.24 -34.32 -0.48
C LEU I 209 59.10 -33.17 0.03
N GLU I 210 60.07 -33.40 0.92
CA GLU I 210 60.78 -32.30 1.55
C GLU I 210 61.63 -31.51 0.54
N ASN I 211 61.74 -30.22 0.79
CA ASN I 211 62.66 -29.36 0.08
C ASN I 211 64.06 -29.37 0.69
N GLY I 212 64.29 -30.19 1.73
CA GLY I 212 65.55 -30.17 2.44
C GLY I 212 66.06 -31.58 2.74
N SER I 213 67.22 -31.63 3.39
CA SER I 213 67.95 -32.88 3.56
C SER I 213 68.06 -33.31 5.02
N TRP I 214 67.08 -32.96 5.83
CA TRP I 214 67.09 -33.44 7.22
C TRP I 214 66.45 -34.82 7.37
N GLY I 215 66.72 -35.74 6.45
CA GLY I 215 66.28 -37.10 6.61
C GLY I 215 67.36 -37.97 7.21
N PRO I 216 67.20 -39.28 7.06
CA PRO I 216 68.13 -40.23 7.66
C PRO I 216 69.32 -40.52 6.78
N ARG I 217 70.38 -41.01 7.42
CA ARG I 217 71.62 -41.35 6.74
C ARG I 217 71.35 -42.32 5.61
N PHE I 218 72.14 -42.20 4.55
CA PHE I 218 71.90 -42.99 3.35
C PHE I 218 72.11 -44.47 3.61
N ASP I 219 71.23 -45.29 3.04
CA ASP I 219 71.16 -46.71 3.29
C ASP I 219 71.29 -47.57 2.05
N GLY I 220 71.01 -47.04 0.87
CA GLY I 220 70.99 -47.81 -0.34
C GLY I 220 69.65 -48.43 -0.68
N SER I 221 68.75 -48.53 0.30
CA SER I 221 67.47 -49.17 0.10
C SER I 221 66.59 -48.36 -0.86
N MET I 222 65.51 -49.01 -1.31
CA MET I 222 64.61 -48.45 -2.32
C MET I 222 63.45 -47.77 -1.61
N GLN I 223 63.31 -46.44 -1.78
CA GLN I 223 62.22 -45.68 -1.16
C GLN I 223 61.55 -44.77 -2.18
N LEU I 224 60.28 -44.47 -1.93
CA LEU I 224 59.49 -43.61 -2.79
C LEU I 224 59.81 -42.13 -2.55
N TRP I 225 59.49 -41.32 -3.54
CA TRP I 225 59.73 -39.88 -3.45
C TRP I 225 58.79 -39.18 -4.40
N GLY I 226 58.69 -37.87 -4.25
CA GLY I 226 57.87 -37.06 -5.13
C GLY I 226 56.39 -37.29 -4.90
N ASN I 227 55.59 -36.53 -5.63
CA ASN I 227 54.15 -36.64 -5.52
C ASN I 227 53.65 -37.87 -6.27
N VAL I 228 52.37 -38.19 -6.06
CA VAL I 228 51.75 -39.35 -6.69
C VAL I 228 50.85 -38.85 -7.81
N TYR I 229 50.98 -39.47 -8.98
CA TYR I 229 50.25 -39.09 -10.17
C TYR I 229 49.68 -40.35 -10.78
N ASN I 230 48.35 -40.38 -10.96
CA ASN I 230 47.68 -41.47 -11.67
C ASN I 230 47.95 -42.82 -11.01
N ASN I 231 47.91 -42.86 -9.67
CA ASN I 231 48.16 -44.08 -8.91
C ASN I 231 49.65 -44.49 -8.97
N SER I 232 50.53 -43.60 -9.45
CA SER I 232 51.92 -43.94 -9.67
C SER I 232 52.83 -43.06 -8.81
N GLN I 233 53.98 -43.62 -8.41
CA GLN I 233 54.96 -42.89 -7.64
C GLN I 233 56.37 -43.37 -8.00
N LYS I 234 57.30 -42.42 -8.15
CA LYS I 234 58.66 -42.80 -8.51
C LYS I 234 59.34 -43.48 -7.32
N LEU I 235 60.33 -44.32 -7.62
CA LEU I 235 60.88 -45.26 -6.65
C LEU I 235 62.37 -45.44 -6.96
N LYS I 236 63.23 -44.85 -6.12
CA LYS I 236 64.64 -44.67 -6.40
C LYS I 236 65.49 -45.11 -5.22
N PRO I 237 66.72 -45.56 -5.50
CA PRO I 237 67.68 -45.84 -4.43
C PRO I 237 67.91 -44.62 -3.55
N TYR I 238 67.94 -44.84 -2.22
CA TYR I 238 68.16 -43.74 -1.27
C TYR I 238 69.65 -43.53 -1.09
N VAL I 239 70.26 -42.90 -2.11
CA VAL I 239 71.70 -42.64 -2.16
C VAL I 239 71.93 -41.17 -2.44
N ALA I 240 73.13 -40.70 -2.07
CA ALA I 240 73.48 -39.32 -2.39
C ALA I 240 73.76 -39.18 -3.89
N MET I 241 73.82 -37.93 -4.33
CA MET I 241 74.13 -37.59 -5.72
C MET I 241 74.98 -36.34 -5.69
N PRO I 242 76.28 -36.48 -5.43
CA PRO I 242 77.10 -35.29 -5.12
C PRO I 242 77.19 -34.28 -6.24
N ASP I 243 76.91 -34.64 -7.49
CA ASP I 243 77.02 -33.69 -8.59
C ASP I 243 75.67 -33.13 -9.03
N ASN I 244 74.62 -33.27 -8.22
CA ASN I 244 73.29 -32.90 -8.70
C ASN I 244 73.22 -31.42 -9.05
N ILE I 245 73.62 -30.55 -8.11
CA ILE I 245 73.57 -29.12 -8.41
C ILE I 245 74.61 -28.73 -9.44
N LYS I 246 75.78 -29.38 -9.41
CA LYS I 246 76.85 -29.02 -10.34
C LYS I 246 76.46 -29.33 -11.79
N ASP I 247 75.85 -30.49 -12.00
CA ASP I 247 75.46 -30.90 -13.35
C ASP I 247 74.32 -30.09 -13.92
N PHE I 248 73.62 -29.33 -13.08
CA PHE I 248 72.51 -28.53 -13.57
C PHE I 248 72.99 -27.42 -14.49
N PHE I 249 74.24 -26.99 -14.32
CA PHE I 249 74.75 -25.85 -15.07
C PHE I 249 75.32 -26.29 -16.41
N ASP I 250 75.41 -25.32 -17.32
CA ASP I 250 75.97 -25.51 -18.64
C ASP I 250 77.35 -24.86 -18.70
N ALA I 251 77.98 -24.95 -19.86
CA ALA I 251 79.06 -24.02 -20.18
C ALA I 251 78.44 -22.79 -20.82
N GLY I 252 78.56 -21.64 -20.17
CA GLY I 252 78.27 -20.40 -20.83
C GLY I 252 79.11 -20.23 -22.07
N PHE I 253 78.58 -19.49 -23.05
CA PHE I 253 79.29 -19.26 -24.30
C PHE I 253 79.12 -17.81 -24.72
N ARG I 254 80.18 -17.25 -25.29
CA ARG I 254 80.14 -15.86 -25.71
C ARG I 254 81.06 -15.66 -26.90
N TYR I 255 80.56 -14.99 -27.93
CA TYR I 255 81.39 -14.62 -29.05
C TYR I 255 81.35 -13.10 -29.22
N SER I 256 82.42 -12.55 -29.77
CA SER I 256 82.55 -11.11 -29.94
C SER I 256 83.25 -10.82 -31.27
N ASN I 257 82.99 -9.65 -31.81
CA ASN I 257 83.54 -9.22 -33.09
C ASN I 257 83.72 -7.72 -33.04
N SER I 258 84.96 -7.27 -33.10
CA SER I 258 85.25 -5.85 -33.17
C SER I 258 85.94 -5.54 -34.49
N LEU I 259 85.81 -4.28 -34.92
CA LEU I 259 86.43 -3.88 -36.16
C LEU I 259 86.48 -2.35 -36.22
N SER I 260 87.62 -1.81 -36.63
CA SER I 260 87.80 -0.37 -36.67
C SER I 260 88.55 0.03 -37.94
N PHE I 261 88.24 1.24 -38.42
CA PHE I 261 88.86 1.83 -39.61
C PHE I 261 89.59 3.11 -39.23
N ASN I 262 90.80 3.25 -39.73
CA ASN I 262 91.73 4.20 -39.16
C ASN I 262 92.54 4.89 -40.26
N GLY I 263 92.54 6.22 -40.25
CA GLY I 263 93.39 6.97 -41.17
C GLY I 263 93.65 8.38 -40.66
N ALA I 264 94.65 9.03 -41.26
CA ALA I 264 94.97 10.41 -40.90
C ALA I 264 95.86 11.03 -41.96
N THR I 265 95.89 12.37 -41.95
CA THR I 265 96.74 13.18 -42.82
C THR I 265 97.54 14.14 -41.95
N ASP I 266 98.11 15.19 -42.55
CA ASP I 266 98.90 16.16 -41.80
C ASP I 266 97.98 17.05 -40.97
N LYS I 267 96.69 16.78 -41.03
CA LYS I 267 95.75 17.87 -41.07
C LYS I 267 94.37 17.42 -40.55
N SER I 268 94.12 16.13 -40.68
CA SER I 268 92.88 15.51 -40.27
C SER I 268 93.17 14.13 -39.69
N ASP I 269 92.23 13.62 -38.92
CA ASP I 269 92.23 12.22 -38.54
C ASP I 269 90.78 11.72 -38.54
N TYR I 270 90.65 10.41 -38.72
CA TYR I 270 89.34 9.79 -38.78
C TYR I 270 89.42 8.40 -38.18
N TYR I 271 88.49 8.09 -37.27
CA TYR I 271 88.37 6.77 -36.67
C TYR I 271 86.90 6.38 -36.67
N VAL I 272 86.62 5.17 -37.15
CA VAL I 272 85.29 4.59 -37.11
C VAL I 272 85.42 3.18 -36.58
N SER I 273 84.62 2.83 -35.59
CA SER I 273 84.72 1.50 -35.02
C SER I 273 83.34 0.93 -34.79
N PHE I 274 83.32 -0.39 -34.59
CA PHE I 274 82.09 -1.14 -34.35
C PHE I 274 82.45 -2.36 -33.50
N SER I 275 81.61 -2.67 -32.51
CA SER I 275 81.80 -3.92 -31.80
C SER I 275 80.46 -4.60 -31.54
N GLN I 276 80.56 -5.88 -31.22
CA GLN I 276 79.42 -6.76 -31.05
C GLN I 276 79.78 -7.87 -30.09
N ILE I 277 78.92 -8.10 -29.09
CA ILE I 277 79.16 -9.09 -28.04
C ILE I 277 77.87 -9.87 -27.79
N SER I 278 77.99 -11.18 -27.67
CA SER I 278 76.82 -12.06 -27.49
C SER I 278 77.14 -13.13 -26.46
N ASP I 279 76.51 -13.06 -25.29
CA ASP I 279 76.74 -13.99 -24.20
C ASP I 279 75.45 -14.73 -23.85
N ASP I 280 75.54 -16.05 -23.77
CA ASP I 280 74.55 -16.91 -23.13
C ASP I 280 75.23 -17.60 -21.96
N GLY I 281 74.85 -17.22 -20.73
CA GLY I 281 75.55 -17.63 -19.52
C GLY I 281 75.36 -19.11 -19.16
N MET I 282 76.03 -19.49 -18.06
CA MET I 282 76.13 -20.90 -17.65
C MET I 282 74.80 -21.47 -17.16
N ILE I 283 73.83 -20.64 -16.77
CA ILE I 283 72.52 -21.16 -16.36
C ILE I 283 71.81 -21.74 -17.58
N PRO I 284 71.13 -22.89 -17.48
CA PRO I 284 70.50 -23.48 -18.66
C PRO I 284 69.51 -22.52 -19.33
N THR I 285 69.30 -22.74 -20.63
CA THR I 285 68.47 -21.93 -21.52
C THR I 285 69.03 -20.53 -21.71
N ASP I 286 68.27 -19.68 -22.37
CA ASP I 286 68.70 -18.36 -22.77
C ASP I 286 68.35 -17.30 -21.75
N ALA I 287 68.02 -17.69 -20.53
CA ALA I 287 67.49 -16.70 -19.58
C ALA I 287 68.55 -15.70 -19.17
N ASP I 288 69.83 -16.08 -19.30
CA ASP I 288 70.98 -15.27 -18.90
C ASP I 288 71.67 -14.80 -20.17
N SER I 289 71.37 -13.58 -20.60
CA SER I 289 71.78 -13.15 -21.94
C SER I 289 72.18 -11.69 -21.95
N TYR I 290 73.11 -11.38 -22.86
CA TYR I 290 73.56 -10.02 -23.04
C TYR I 290 74.07 -9.90 -24.46
N ASP I 291 73.44 -9.04 -25.24
CA ASP I 291 73.93 -8.64 -26.55
C ASP I 291 74.33 -7.18 -26.44
N LYS I 292 75.50 -6.86 -26.95
CA LYS I 292 75.98 -5.48 -26.99
C LYS I 292 76.32 -5.12 -28.42
N TYR I 293 76.01 -3.89 -28.81
CA TYR I 293 76.49 -3.37 -30.09
C TYR I 293 76.92 -1.94 -29.88
N THR I 294 78.11 -1.62 -30.34
CA THR I 294 78.54 -0.24 -30.31
C THR I 294 78.93 0.20 -31.71
N PHE I 295 78.90 1.51 -31.93
CA PHE I 295 79.37 2.09 -33.18
C PHE I 295 79.87 3.50 -32.89
N SER I 296 81.03 3.83 -33.44
CA SER I 296 81.60 5.14 -33.15
C SER I 296 82.29 5.72 -34.38
N ALA I 297 82.16 7.03 -34.55
CA ALA I 297 82.91 7.76 -35.57
C ALA I 297 83.46 9.04 -34.96
N ARG I 298 84.80 9.15 -34.90
CA ARG I 298 85.50 10.33 -34.39
C ARG I 298 86.43 10.88 -35.46
N GLY I 299 86.65 12.19 -35.41
CA GLY I 299 87.41 12.84 -36.45
C GLY I 299 87.72 14.27 -36.07
N SER I 300 88.72 14.82 -36.75
CA SER I 300 89.18 16.17 -36.48
C SER I 300 89.80 16.75 -37.75
N HIS I 301 89.94 18.07 -37.73
CA HIS I 301 90.39 18.88 -38.85
C HIS I 301 90.71 20.26 -38.31
N LYS I 302 91.83 20.83 -38.76
CA LYS I 302 92.40 22.04 -38.18
C LYS I 302 92.78 23.02 -39.28
N ALA I 303 91.92 23.97 -39.61
CA ALA I 303 92.27 24.91 -40.68
C ALA I 303 92.96 26.11 -40.04
N GLY I 304 94.28 26.19 -40.22
CA GLY I 304 95.01 27.27 -39.59
C GLY I 304 94.98 27.18 -38.08
N ALA I 305 94.67 28.31 -37.43
CA ALA I 305 94.62 28.34 -35.97
C ALA I 305 93.41 27.62 -35.40
N LEU I 306 92.37 27.38 -36.21
CA LEU I 306 91.15 26.74 -35.74
C LEU I 306 91.20 25.22 -35.95
N THR I 307 90.71 24.48 -34.96
CA THR I 307 90.48 23.03 -35.03
C THR I 307 89.06 22.74 -34.59
N PHE I 308 88.34 21.96 -35.39
CA PHE I 308 87.09 21.37 -34.92
C PHE I 308 87.20 19.86 -35.00
N SER I 309 86.45 19.21 -34.12
CA SER I 309 86.51 17.77 -33.96
C SER I 309 85.21 17.31 -33.33
N SER I 310 84.83 16.08 -33.65
CA SER I 310 83.57 15.53 -33.17
C SER I 310 83.71 14.03 -32.93
N SER I 311 82.90 13.54 -32.00
CA SER I 311 82.89 12.16 -31.57
C SER I 311 81.43 11.80 -31.33
N LEU I 312 80.91 10.84 -32.10
CA LEU I 312 79.50 10.45 -32.05
C LEU I 312 79.39 8.93 -31.89
N ASN I 313 78.56 8.50 -30.94
CA ASN I 313 78.58 7.12 -30.49
C ASN I 313 77.17 6.59 -30.29
N TYR I 314 76.91 5.40 -30.80
CA TYR I 314 75.65 4.71 -30.59
C TYR I 314 75.93 3.39 -29.89
N ALA I 315 75.01 2.99 -29.00
CA ALA I 315 75.23 1.84 -28.15
C ALA I 315 73.90 1.16 -27.90
N TYR I 316 73.83 -0.13 -28.24
CA TYR I 316 72.65 -0.95 -27.99
C TYR I 316 73.00 -2.12 -27.09
N GLN I 317 72.12 -2.41 -26.13
CA GLN I 317 72.22 -3.62 -25.34
C GLN I 317 70.85 -4.27 -25.18
N LYS I 318 70.85 -5.60 -25.08
CA LYS I 318 69.64 -6.36 -24.74
C LYS I 318 70.01 -7.41 -23.70
N ASN I 319 69.58 -7.19 -22.45
CA ASN I 319 69.80 -8.10 -21.34
C ASN I 319 68.56 -8.96 -21.06
N ASN I 320 68.83 -10.17 -20.56
CA ASN I 320 67.86 -11.09 -19.97
C ASN I 320 68.47 -11.64 -18.70
N PHE I 321 67.76 -11.54 -17.59
CA PHE I 321 68.26 -11.90 -16.27
C PHE I 321 67.46 -13.04 -15.68
N ALA I 322 68.13 -13.99 -15.05
CA ALA I 322 67.45 -15.01 -14.25
C ALA I 322 67.33 -14.48 -12.82
N THR I 323 66.12 -14.04 -12.48
CA THR I 323 65.88 -13.26 -11.28
C THR I 323 66.26 -14.02 -10.01
N THR I 324 66.87 -13.30 -9.08
CA THR I 324 67.18 -13.83 -7.76
C THR I 324 66.05 -13.48 -6.80
N GLY I 325 66.09 -14.06 -5.60
CA GLY I 325 65.15 -13.70 -4.57
C GLY I 325 64.64 -14.90 -3.80
N GLN I 326 63.78 -14.61 -2.81
CA GLN I 326 63.34 -15.64 -1.89
C GLN I 326 62.05 -16.32 -2.31
N GLY I 327 61.48 -15.97 -3.45
CA GLY I 327 60.29 -16.67 -3.85
C GLY I 327 60.52 -17.79 -4.83
N LEU I 328 59.88 -17.68 -6.00
CA LEU I 328 59.98 -18.69 -7.03
C LEU I 328 60.99 -18.19 -8.07
N SER I 329 62.25 -18.20 -7.63
CA SER I 329 63.38 -17.82 -8.46
C SER I 329 64.19 -19.07 -8.77
N MET I 330 64.97 -19.01 -9.84
CA MET I 330 65.74 -20.19 -10.26
C MET I 330 66.63 -20.69 -9.14
N LEU I 331 67.43 -19.79 -8.57
CA LEU I 331 68.48 -20.24 -7.66
C LEU I 331 67.91 -20.68 -6.32
N ASN I 332 66.93 -19.92 -5.81
CA ASN I 332 66.32 -20.28 -4.54
C ASN I 332 65.70 -21.66 -4.60
N SER I 333 65.06 -22.02 -5.70
CA SER I 333 64.43 -23.32 -5.73
C SER I 333 65.41 -24.42 -6.05
N LEU I 334 66.59 -24.06 -6.57
CA LEU I 334 67.64 -25.03 -6.86
C LEU I 334 68.31 -25.52 -5.59
N TYR I 335 68.72 -24.58 -4.72
CA TYR I 335 69.37 -24.92 -3.47
C TYR I 335 68.45 -25.67 -2.52
N GLN I 336 67.13 -25.54 -2.67
CA GLN I 336 66.24 -26.30 -1.79
C GLN I 336 65.91 -27.65 -2.39
N THR I 337 66.95 -28.36 -2.81
CA THR I 337 66.82 -29.72 -3.31
C THR I 337 67.45 -30.68 -2.32
N PRO I 338 66.84 -31.81 -2.00
CA PRO I 338 67.50 -32.77 -1.13
C PRO I 338 68.66 -33.44 -1.85
N ARG I 339 69.72 -33.75 -1.09
CA ARG I 339 70.97 -34.20 -1.71
C ARG I 339 70.83 -35.52 -2.48
N ASP I 340 69.69 -36.21 -2.38
CA ASP I 340 69.48 -37.45 -3.12
C ASP I 340 68.68 -37.28 -4.41
N ILE I 341 68.27 -36.05 -4.77
CA ILE I 341 67.42 -35.81 -5.94
C ILE I 341 68.28 -35.48 -7.14
N SER I 342 67.99 -36.13 -8.28
CA SER I 342 68.65 -35.85 -9.56
C SER I 342 68.00 -34.65 -10.24
N ILE I 343 68.68 -33.52 -10.25
CA ILE I 343 68.06 -32.28 -10.75
C ILE I 343 67.93 -32.31 -12.26
N ILE I 344 68.97 -32.77 -12.97
CA ILE I 344 68.95 -32.77 -14.43
C ILE I 344 67.84 -33.66 -14.97
N GLY I 345 67.38 -34.63 -14.18
CA GLY I 345 66.24 -35.46 -14.54
C GLY I 345 64.90 -34.80 -14.34
N LEU I 346 64.88 -33.55 -13.91
CA LEU I 346 63.64 -32.79 -13.77
C LEU I 346 63.31 -31.92 -14.98
N GLU I 347 64.20 -31.82 -15.97
CA GLU I 347 64.00 -30.89 -17.08
C GLU I 347 62.86 -31.34 -17.98
N ASP I 348 62.82 -32.65 -18.29
CA ASP I 348 61.86 -33.18 -19.25
C ASP I 348 60.44 -32.97 -18.74
N GLN I 349 59.77 -31.95 -19.26
CA GLN I 349 58.38 -31.71 -18.88
C GLN I 349 57.43 -32.63 -19.63
N ASN I 350 57.93 -33.65 -20.33
CA ASN I 350 57.05 -34.70 -20.84
C ASN I 350 56.91 -35.86 -19.85
N ASP I 351 57.63 -35.83 -18.73
CA ASP I 351 57.38 -36.72 -17.60
C ASP I 351 56.38 -36.04 -16.68
N PRO I 352 55.18 -36.60 -16.48
CA PRO I 352 54.14 -35.87 -15.71
C PRO I 352 54.62 -35.36 -14.37
N PHE I 353 55.51 -36.10 -13.69
CA PHE I 353 55.95 -35.72 -12.35
C PHE I 353 56.75 -34.43 -12.31
N ASN I 354 57.31 -33.97 -13.43
CA ASN I 354 58.00 -32.69 -13.45
C ASN I 354 57.09 -31.53 -13.81
N THR I 355 55.84 -31.81 -14.22
CA THR I 355 54.84 -30.77 -14.39
C THR I 355 54.61 -30.06 -13.05
N PRO I 356 54.32 -28.75 -13.07
CA PRO I 356 54.29 -28.00 -11.80
C PRO I 356 53.28 -28.51 -10.76
N GLY I 357 52.24 -29.22 -11.18
CA GLY I 357 51.30 -29.74 -10.19
C GLY I 357 51.74 -31.02 -9.52
N TYR I 358 52.90 -31.55 -9.90
CA TYR I 358 53.39 -32.82 -9.37
C TYR I 358 54.87 -32.81 -8.99
N TYR I 359 55.58 -31.70 -9.25
CA TYR I 359 56.94 -31.49 -8.77
C TYR I 359 57.10 -32.01 -7.34
N TYR I 360 58.27 -32.63 -7.06
CA TYR I 360 58.43 -33.42 -5.85
C TYR I 360 58.27 -32.59 -4.58
N THR I 361 58.54 -31.28 -4.65
CA THR I 361 58.33 -30.46 -3.45
C THR I 361 57.16 -29.50 -3.64
N PRO I 362 56.36 -29.28 -2.58
CA PRO I 362 55.39 -28.18 -2.58
C PRO I 362 55.82 -26.93 -1.82
N TYR I 363 56.94 -26.97 -1.12
CA TYR I 363 57.25 -25.97 -0.10
C TYR I 363 57.92 -24.73 -0.69
N GLY I 364 57.10 -23.81 -1.23
CA GLY I 364 57.58 -22.48 -1.55
C GLY I 364 58.58 -22.40 -2.67
N VAL I 365 58.67 -23.43 -3.51
CA VAL I 365 59.67 -23.49 -4.58
C VAL I 365 59.06 -24.25 -5.76
N MET I 366 59.67 -24.07 -6.93
CA MET I 366 59.21 -24.70 -8.16
C MET I 366 60.38 -25.32 -8.89
N ASN I 367 60.06 -26.19 -9.83
CA ASN I 367 61.07 -26.78 -10.70
C ASN I 367 61.87 -25.66 -11.37
N PRO I 368 63.21 -25.65 -11.22
CA PRO I 368 64.00 -24.53 -11.76
C PRO I 368 63.93 -24.42 -13.26
N TYR I 369 63.77 -25.54 -13.96
CA TYR I 369 63.65 -25.48 -15.41
C TYR I 369 62.36 -24.77 -15.82
N TYR I 370 61.26 -24.99 -15.09
CA TYR I 370 60.04 -24.25 -15.42
C TYR I 370 60.25 -22.75 -15.26
N ILE I 371 60.88 -22.32 -14.15
CA ILE I 371 61.04 -20.89 -13.93
C ILE I 371 61.76 -20.24 -15.11
N LEU I 372 62.83 -20.90 -15.61
CA LEU I 372 63.67 -20.30 -16.64
C LEU I 372 63.00 -20.29 -18.02
N ASN I 373 62.17 -21.30 -18.32
CA ASN I 373 61.47 -21.42 -19.59
C ASN I 373 60.17 -20.64 -19.65
N ASN I 374 59.69 -20.07 -18.53
CA ASN I 374 58.36 -19.47 -18.51
C ASN I 374 58.26 -18.13 -17.80
N TYR I 375 59.31 -17.64 -17.15
CA TYR I 375 59.29 -16.29 -16.62
C TYR I 375 59.98 -15.39 -17.61
N LEU I 376 59.74 -14.09 -17.48
CA LEU I 376 60.33 -13.17 -18.45
C LEU I 376 60.81 -11.91 -17.74
N ASN I 377 62.08 -11.61 -17.93
CA ASN I 377 62.71 -10.45 -17.31
C ASN I 377 63.80 -9.98 -18.28
N GLU I 378 63.45 -9.00 -19.09
CA GLU I 378 64.22 -8.59 -20.25
C GLU I 378 64.41 -7.07 -20.20
N TYR I 379 65.52 -6.60 -20.76
CA TYR I 379 65.81 -5.18 -20.80
C TYR I 379 66.51 -4.86 -22.11
N GLU I 380 66.11 -3.77 -22.74
CA GLU I 380 66.70 -3.30 -23.97
C GLU I 380 67.10 -1.85 -23.77
N SER I 381 68.17 -1.43 -24.41
CA SER I 381 68.58 -0.04 -24.27
C SER I 381 69.10 0.48 -25.60
N GLU I 382 68.84 1.74 -25.87
CA GLU I 382 69.48 2.43 -26.98
C GLU I 382 70.02 3.75 -26.48
N ARG I 383 71.18 4.13 -27.00
CA ARG I 383 71.91 5.23 -26.41
C ARG I 383 72.74 5.93 -27.47
N PHE I 384 72.76 7.25 -27.38
CA PHE I 384 73.61 8.10 -28.21
C PHE I 384 74.30 9.11 -27.31
N TYR I 385 75.62 9.17 -27.41
CA TYR I 385 76.42 10.17 -26.73
C TYR I 385 77.51 10.63 -27.68
N GLY I 386 77.96 11.85 -27.45
CA GLY I 386 78.97 12.40 -28.33
C GLY I 386 79.32 13.80 -27.92
N LYS I 387 80.29 14.36 -28.64
CA LYS I 387 80.78 15.67 -28.30
C LYS I 387 81.11 16.45 -29.55
N PHE I 388 81.14 17.75 -29.39
CA PHE I 388 81.69 18.66 -30.37
C PHE I 388 82.70 19.53 -29.66
N GLN I 389 83.80 19.81 -30.33
CA GLN I 389 84.83 20.63 -29.74
C GLN I 389 85.39 21.55 -30.80
N LEU I 390 85.84 22.70 -30.35
CA LEU I 390 86.39 23.71 -31.25
C LEU I 390 87.50 24.45 -30.54
N ASP I 391 88.73 24.26 -31.00
CA ASP I 391 89.86 24.97 -30.44
C ASP I 391 90.30 26.05 -31.40
N TYR I 392 90.52 27.24 -30.87
CA TYR I 392 91.02 28.33 -31.70
C TYR I 392 92.21 28.99 -31.01
N GLU I 393 93.40 28.77 -31.56
CA GLU I 393 94.61 29.43 -31.08
C GLU I 393 94.65 30.85 -31.60
N PHE I 394 95.09 31.78 -30.75
CA PHE I 394 95.18 33.16 -31.18
C PHE I 394 96.25 33.93 -30.42
N LEU I 395 96.87 34.86 -31.13
CA LEU I 395 98.01 35.68 -30.71
C LEU I 395 98.94 34.97 -29.73
N LYS I 396 99.34 33.74 -30.11
CA LYS I 396 100.58 33.07 -29.70
C LYS I 396 100.48 32.30 -28.39
N TYR I 397 99.87 32.89 -27.36
CA TYR I 397 99.78 32.22 -26.08
C TYR I 397 98.43 31.55 -25.85
N PHE I 398 97.38 32.10 -26.44
CA PHE I 398 96.02 31.82 -26.01
C PHE I 398 95.38 30.77 -26.89
N LYS I 399 94.52 29.96 -26.28
CA LYS I 399 93.70 29.00 -27.01
C LYS I 399 92.30 29.02 -26.41
N PHE I 400 91.32 29.42 -27.22
CA PHE I 400 89.91 29.32 -26.84
C PHE I 400 89.37 27.96 -27.22
N THR I 401 88.71 27.30 -26.26
CA THR I 401 88.19 25.94 -26.45
C THR I 401 86.73 25.90 -26.03
N TYR I 402 85.85 25.63 -26.99
CA TYR I 402 84.45 25.35 -26.71
C TYR I 402 84.24 23.85 -26.82
N ARG I 403 83.49 23.27 -25.90
CA ARG I 403 83.21 21.84 -25.97
C ARG I 403 81.80 21.56 -25.49
N MET I 404 81.03 20.78 -26.25
CA MET I 404 79.67 20.44 -25.87
C MET I 404 79.52 18.92 -25.88
N GLY I 405 78.81 18.41 -24.89
CA GLY I 405 78.57 16.99 -24.79
C GLY I 405 77.10 16.74 -24.63
N LEU I 406 76.65 15.66 -25.23
CA LEU I 406 75.28 15.22 -25.08
C LEU I 406 75.30 13.72 -24.89
N ASP I 407 74.42 13.24 -24.02
CA ASP I 407 74.29 11.82 -23.72
C ASP I 407 72.82 11.56 -23.45
N THR I 408 72.15 10.81 -24.34
CA THR I 408 70.73 10.46 -24.25
C THR I 408 70.55 8.95 -24.37
N THR I 409 69.64 8.42 -23.57
CA THR I 409 69.36 6.99 -23.49
C THR I 409 67.85 6.78 -23.47
N THR I 410 67.43 5.65 -24.05
CA THR I 410 66.06 5.14 -23.96
C THR I 410 66.15 3.67 -23.54
N GLY I 411 65.58 3.34 -22.39
CA GLY I 411 65.65 1.97 -21.90
C GLY I 411 64.28 1.43 -21.57
N GLN I 412 64.07 0.13 -21.83
CA GLN I 412 62.75 -0.51 -21.73
C GLN I 412 62.81 -1.85 -21.00
N SER I 413 62.22 -1.91 -19.79
CA SER I 413 62.09 -3.14 -19.01
C SER I 413 60.80 -3.86 -19.37
N ASP I 414 60.86 -5.20 -19.32
CA ASP I 414 59.67 -6.03 -19.55
C ASP I 414 59.77 -7.26 -18.64
N LYS I 415 58.87 -7.35 -17.66
CA LYS I 415 58.88 -8.47 -16.71
C LYS I 415 57.56 -9.23 -16.76
N GLY I 416 57.64 -10.55 -16.52
CA GLY I 416 56.42 -11.35 -16.47
C GLY I 416 56.47 -12.73 -15.82
N LYS I 417 55.44 -13.07 -15.04
CA LYS I 417 55.27 -14.40 -14.47
C LYS I 417 53.91 -14.97 -14.84
N PRO I 418 53.83 -16.26 -15.14
CA PRO I 418 52.54 -16.85 -15.53
C PRO I 418 51.57 -16.88 -14.37
N ASN I 419 50.29 -16.97 -14.72
CA ASN I 419 49.21 -17.18 -13.75
C ASN I 419 49.20 -18.67 -13.39
N LEU I 420 50.18 -19.04 -12.55
CA LEU I 420 50.32 -20.43 -12.11
C LEU I 420 49.01 -20.98 -11.54
N TYR I 421 48.32 -20.18 -10.72
CA TYR I 421 47.10 -20.64 -10.07
C TYR I 421 46.11 -21.18 -11.09
N ALA I 422 45.81 -20.39 -12.12
CA ALA I 422 44.84 -20.76 -13.14
C ALA I 422 45.23 -22.06 -13.87
N LEU I 423 46.53 -22.24 -14.15
CA LEU I 423 46.98 -23.41 -14.91
C LEU I 423 47.10 -24.67 -14.09
N TYR I 424 47.38 -24.58 -12.79
CA TYR I 424 47.85 -25.74 -12.05
C TYR I 424 47.15 -25.99 -10.71
N TYR I 425 46.41 -25.02 -10.18
CA TYR I 425 45.92 -25.15 -8.81
C TYR I 425 44.87 -26.25 -8.69
N GLU I 426 43.89 -26.27 -9.59
CA GLU I 426 42.78 -27.22 -9.45
C GLU I 426 43.21 -28.64 -9.79
N GLY I 427 42.90 -29.57 -8.90
CA GLY I 427 43.01 -30.99 -9.19
C GLY I 427 44.39 -31.57 -9.10
N THR I 428 45.34 -30.87 -8.49
CA THR I 428 46.72 -31.32 -8.36
C THR I 428 47.14 -31.26 -6.90
N PRO I 429 48.13 -32.07 -6.49
CA PRO I 429 48.55 -32.04 -5.08
C PRO I 429 49.29 -30.77 -4.67
N ASN I 430 49.82 -29.99 -5.60
CA ASN I 430 50.72 -28.91 -5.23
C ASN I 430 50.23 -27.46 -4.90
N GLY I 431 49.12 -26.94 -5.40
CA GLY I 431 47.97 -27.67 -5.90
C GLY I 431 46.84 -27.48 -4.89
N GLU I 432 45.66 -28.00 -5.22
CA GLU I 432 44.58 -27.92 -4.25
C GLU I 432 44.90 -28.71 -3.00
N GLY I 433 45.68 -29.78 -3.12
CA GLY I 433 46.08 -30.57 -1.97
C GLY I 433 47.08 -29.91 -1.02
N GLN I 434 47.39 -28.64 -1.22
CA GLN I 434 48.14 -27.87 -0.24
C GLN I 434 47.35 -26.70 0.33
N GLY I 435 46.10 -26.51 -0.09
CA GLY I 435 45.28 -25.44 0.47
C GLY I 435 45.94 -24.09 0.34
N SER I 436 45.81 -23.27 1.40
CA SER I 436 46.47 -21.97 1.42
C SER I 436 47.99 -22.07 1.28
N SER I 437 48.59 -23.24 1.57
CA SER I 437 50.05 -23.40 1.53
C SER I 437 50.60 -23.72 0.15
N SER I 438 49.96 -23.37 -0.83
CA SER I 438 50.50 -23.83 -2.11
C SER I 438 51.44 -22.78 -2.70
N PRO I 439 52.43 -23.23 -3.45
CA PRO I 439 53.28 -22.30 -4.19
C PRO I 439 52.48 -21.39 -5.11
N PHE I 440 51.25 -21.80 -5.45
CA PHE I 440 50.42 -21.13 -6.45
C PHE I 440 49.55 -20.01 -5.90
N SER I 441 49.49 -19.82 -4.59
CA SER I 441 48.72 -18.69 -4.05
C SER I 441 49.59 -17.53 -3.59
N GLY I 442 49.15 -16.31 -3.92
CA GLY I 442 48.22 -16.10 -4.99
C GLY I 442 49.06 -15.73 -6.21
N GLU I 443 49.86 -16.69 -6.70
CA GLU I 443 50.56 -16.42 -7.94
C GLU I 443 49.53 -16.39 -9.06
N THR I 444 48.95 -15.21 -9.32
CA THR I 444 47.90 -15.03 -10.32
C THR I 444 48.43 -14.47 -11.64
N GLY I 445 49.75 -14.36 -11.80
CA GLY I 445 50.31 -13.75 -12.98
C GLY I 445 50.56 -12.26 -12.81
N GLN I 446 51.46 -11.74 -13.64
CA GLN I 446 51.82 -10.33 -13.63
C GLN I 446 52.70 -10.04 -14.83
N TYR I 447 52.56 -8.83 -15.35
CA TYR I 447 53.35 -8.35 -16.46
C TYR I 447 53.49 -6.85 -16.28
N SER I 448 54.68 -6.33 -16.52
CA SER I 448 54.88 -4.89 -16.48
C SER I 448 55.86 -4.50 -17.56
N GLU I 449 55.88 -3.22 -17.86
CA GLU I 449 56.79 -2.65 -18.84
C GLU I 449 57.07 -1.24 -18.38
N GLN I 450 58.34 -0.83 -18.49
CA GLN I 450 58.76 0.52 -18.13
C GLN I 450 59.62 1.04 -19.27
N ILE I 451 59.51 2.34 -19.55
CA ILE I 451 60.32 3.02 -20.55
C ILE I 451 61.00 4.17 -19.83
N THR I 452 62.32 4.21 -19.91
CA THR I 452 63.12 5.19 -19.20
C THR I 452 63.93 6.00 -20.20
N ARG I 453 63.99 7.30 -19.94
CA ARG I 453 64.67 8.26 -20.81
C ARG I 453 65.62 9.10 -19.95
N ARG I 454 66.94 8.93 -20.14
CA ARG I 454 67.96 9.78 -19.55
C ARG I 454 68.47 10.72 -20.61
N ARG I 455 68.80 11.95 -20.20
CA ARG I 455 69.38 12.91 -21.14
C ARG I 455 70.25 13.88 -20.37
N GLU I 456 71.51 14.02 -20.81
CA GLU I 456 72.47 14.90 -20.16
C GLU I 456 73.15 15.76 -21.20
N ILE I 457 73.24 17.05 -20.90
CA ILE I 457 73.96 18.03 -21.70
C ILE I 457 75.06 18.66 -20.85
N ASN I 458 76.26 18.78 -21.42
CA ASN I 458 77.35 19.46 -20.76
C ASN I 458 78.00 20.45 -21.71
N GLN I 459 78.31 21.64 -21.18
CA GLN I 459 78.90 22.71 -21.97
C GLN I 459 80.09 23.30 -21.24
N ASP I 460 81.21 23.44 -21.95
CA ASP I 460 82.43 24.03 -21.39
C ASP I 460 82.96 25.06 -22.35
N ILE I 461 83.25 26.25 -21.83
CA ILE I 461 83.85 27.33 -22.61
C ILE I 461 85.10 27.77 -21.86
N MET I 462 86.27 27.54 -22.46
CA MET I 462 87.56 27.78 -21.80
C MET I 462 88.44 28.66 -22.65
N VAL I 463 89.26 29.47 -21.99
CA VAL I 463 90.38 30.16 -22.62
C VAL I 463 91.63 29.75 -21.88
N ASN I 464 92.66 29.36 -22.63
CA ASN I 464 93.92 28.93 -22.04
C ASN I 464 95.00 29.95 -22.35
N PHE I 465 96.05 29.96 -21.52
CA PHE I 465 97.15 30.90 -21.67
C PHE I 465 98.44 30.19 -21.30
N ASN I 466 99.40 30.16 -22.22
CA ASN I 466 100.66 29.45 -21.99
C ASN I 466 101.81 30.27 -22.56
N MET I 467 102.68 30.76 -21.68
CA MET I 467 103.88 31.49 -22.07
C MET I 467 105.04 31.09 -21.16
N PRO I 468 106.21 30.80 -21.72
CA PRO I 468 107.41 30.62 -20.88
C PRO I 468 108.10 31.95 -20.64
N VAL I 469 108.64 32.11 -19.44
CA VAL I 469 109.30 33.34 -19.01
C VAL I 469 110.60 32.95 -18.30
N ASN I 470 111.73 33.23 -18.93
CA ASN I 470 113.06 32.85 -18.41
C ASN I 470 113.02 31.34 -18.23
N ASP I 471 113.45 30.80 -17.08
CA ASP I 471 113.27 29.38 -16.76
C ASP I 471 111.86 29.06 -16.27
N PHE I 472 111.03 30.06 -15.99
CA PHE I 472 109.69 29.76 -15.51
C PHE I 472 108.77 29.34 -16.65
N ASN I 473 107.55 28.98 -16.29
CA ASN I 473 106.55 28.58 -17.27
C ASN I 473 105.17 28.78 -16.65
N ILE I 474 104.30 29.51 -17.36
CA ILE I 474 102.99 29.88 -16.83
C ILE I 474 101.91 29.25 -17.71
N ASN I 475 100.95 28.58 -17.08
CA ASN I 475 99.76 28.13 -17.76
C ASN I 475 98.57 28.53 -16.90
N ALA I 476 97.58 29.16 -17.53
CA ALA I 476 96.37 29.61 -16.85
C ALA I 476 95.17 29.23 -17.69
N LEU I 477 94.14 28.76 -17.01
CA LEU I 477 92.92 28.25 -17.63
C LEU I 477 91.76 28.88 -16.88
N VAL I 478 90.94 29.65 -17.60
CA VAL I 478 89.70 30.18 -17.07
C VAL I 478 88.57 29.56 -17.89
N GLY I 479 87.49 29.16 -17.22
CA GLY I 479 86.43 28.45 -17.92
C GLY I 479 85.06 28.67 -17.29
N PHE I 480 84.04 28.28 -18.06
CA PHE I 480 82.65 28.25 -17.64
C PHE I 480 82.10 26.86 -17.91
N ASN I 481 81.39 26.30 -16.95
CA ASN I 481 80.79 24.99 -17.13
C ASN I 481 79.28 25.11 -17.01
N GLY I 482 78.57 24.33 -17.81
CA GLY I 482 77.13 24.28 -17.72
C GLY I 482 76.65 22.85 -17.92
N ASN I 483 75.74 22.41 -17.06
CA ASN I 483 75.33 21.02 -17.06
C ASN I 483 73.85 20.95 -16.77
N GLU I 484 73.15 20.04 -17.44
CA GLU I 484 71.73 19.78 -17.22
C GLU I 484 71.51 18.28 -17.30
N ARG I 485 70.79 17.72 -16.33
CA ARG I 485 70.60 16.28 -16.26
C ARG I 485 69.14 15.99 -16.00
N LYS I 486 68.57 15.08 -16.80
CA LYS I 486 67.14 14.76 -16.72
C LYS I 486 66.93 13.27 -16.92
N VAL I 487 66.15 12.69 -16.03
CA VAL I 487 65.72 11.31 -16.11
C VAL I 487 64.22 11.32 -15.97
N SER I 488 63.55 10.39 -16.64
CA SER I 488 62.10 10.29 -16.53
C SER I 488 61.69 8.90 -17.00
N TYR I 489 60.57 8.42 -16.46
CA TYR I 489 60.11 7.12 -16.92
C TYR I 489 58.59 7.03 -16.83
N GLN I 490 58.07 5.97 -17.44
CA GLN I 490 56.66 5.67 -17.47
C GLN I 490 56.51 4.19 -17.23
N TYR I 491 55.58 3.81 -16.36
CA TYR I 491 55.52 2.45 -15.86
C TYR I 491 54.09 1.97 -15.82
N SER I 492 53.87 0.74 -16.25
CA SER I 492 52.51 0.21 -16.25
C SER I 492 52.59 -1.28 -16.02
N GLU I 493 51.61 -1.78 -15.25
CA GLU I 493 51.61 -3.13 -14.70
C GLU I 493 50.19 -3.65 -14.68
N VAL I 494 50.02 -4.94 -14.95
CA VAL I 494 48.74 -5.59 -14.76
C VAL I 494 48.92 -6.90 -14.00
N ASN I 495 47.93 -7.24 -13.19
CA ASN I 495 47.96 -8.46 -12.41
C ASN I 495 46.77 -9.33 -12.77
N ASP I 496 46.86 -10.60 -12.38
CA ASP I 496 45.80 -11.59 -12.59
C ASP I 496 45.53 -11.76 -14.08
N LEU I 497 46.40 -12.49 -14.76
CA LEU I 497 46.39 -12.58 -16.21
C LEU I 497 45.28 -13.51 -16.67
N THR I 498 44.48 -13.03 -17.61
CA THR I 498 43.33 -13.75 -18.14
C THR I 498 43.75 -15.01 -18.89
N ILE I 499 44.42 -14.83 -20.02
CA ILE I 499 45.11 -15.92 -20.70
C ILE I 499 46.37 -16.20 -19.89
N PRO I 500 46.52 -17.43 -19.41
CA PRO I 500 47.56 -17.75 -18.42
C PRO I 500 48.96 -17.23 -18.74
N THR I 501 49.42 -17.39 -19.98
CA THR I 501 50.84 -17.19 -20.25
C THR I 501 51.15 -16.01 -21.15
N TRP I 502 50.15 -15.42 -21.81
CA TRP I 502 50.38 -14.23 -22.62
C TRP I 502 50.75 -13.04 -21.74
N PHE I 503 51.76 -12.27 -22.17
CA PHE I 503 52.35 -11.19 -21.40
C PHE I 503 52.01 -9.88 -22.10
N ASN I 504 50.88 -9.27 -21.74
CA ASN I 504 50.39 -8.11 -22.46
C ASN I 504 49.44 -7.31 -21.56
N LEU I 505 49.54 -5.97 -21.64
CA LEU I 505 48.74 -5.09 -20.78
C LEU I 505 47.23 -5.30 -20.92
N LYS I 506 46.73 -5.83 -22.03
CA LYS I 506 45.29 -6.03 -22.13
C LYS I 506 44.87 -7.39 -21.60
N ASN I 507 45.80 -8.18 -21.06
CA ASN I 507 45.48 -9.53 -20.61
C ASN I 507 45.19 -9.57 -19.12
N SER I 508 44.43 -8.62 -18.60
CA SER I 508 43.93 -8.66 -17.23
C SER I 508 42.49 -8.18 -17.20
N GLY I 509 41.67 -8.79 -16.35
CA GLY I 509 40.34 -8.30 -16.03
C GLY I 509 40.29 -7.37 -14.84
N LYS I 510 41.42 -6.86 -14.36
CA LYS I 510 41.48 -6.10 -13.13
C LYS I 510 42.24 -4.81 -13.39
N THR I 511 42.20 -3.93 -12.41
CA THR I 511 42.68 -2.58 -12.59
C THR I 511 44.17 -2.60 -12.95
N PRO I 512 44.60 -1.80 -13.92
CA PRO I 512 46.03 -1.62 -14.14
C PRO I 512 46.61 -0.59 -13.16
N ILE I 513 47.92 -0.69 -12.97
CA ILE I 513 48.68 0.27 -12.17
C ILE I 513 49.60 1.01 -13.11
N VAL I 514 49.68 2.33 -12.94
CA VAL I 514 50.52 3.20 -13.76
C VAL I 514 51.31 4.13 -12.85
N GLU I 515 52.59 4.33 -13.18
CA GLU I 515 53.47 5.22 -12.46
C GLU I 515 54.28 6.02 -13.46
N GLN I 516 54.52 7.29 -13.14
CA GLN I 516 55.29 8.16 -14.00
C GLN I 516 56.19 9.00 -13.10
N HIS I 517 57.38 9.34 -13.59
CA HIS I 517 58.37 10.01 -12.75
C HIS I 517 59.32 10.85 -13.60
N MET I 518 59.67 12.04 -13.10
CA MET I 518 60.64 12.90 -13.77
C MET I 518 61.50 13.68 -12.77
N GLU I 519 62.82 13.67 -12.97
CA GLU I 519 63.76 14.52 -12.25
C GLU I 519 64.49 15.47 -13.21
N LEU I 520 64.87 16.64 -12.69
CA LEU I 520 65.63 17.58 -13.50
C LEU I 520 66.53 18.42 -12.59
N ARG I 521 67.81 18.49 -12.96
CA ARG I 521 68.78 19.28 -12.20
C ARG I 521 69.71 20.03 -13.14
N ARG I 522 70.10 21.24 -12.74
CA ARG I 522 70.96 22.08 -13.56
C ARG I 522 72.03 22.69 -12.68
N LEU I 523 73.22 22.91 -13.27
CA LEU I 523 74.35 23.51 -12.58
C LEU I 523 75.12 24.41 -13.52
N MET I 524 75.68 25.48 -12.96
CA MET I 524 76.57 26.37 -13.70
C MET I 524 77.75 26.72 -12.81
N GLY I 525 78.93 26.83 -13.42
CA GLY I 525 80.16 27.07 -12.67
C GLY I 525 81.15 27.90 -13.46
N VAL I 526 81.92 28.70 -12.72
CA VAL I 526 83.11 29.37 -13.22
C VAL I 526 84.30 28.79 -12.47
N PHE I 527 85.44 28.68 -13.16
CA PHE I 527 86.62 28.07 -12.54
C PHE I 527 87.89 28.59 -13.19
N GLY I 528 88.98 28.47 -12.43
CA GLY I 528 90.29 28.86 -12.90
C GLY I 528 91.34 27.91 -12.33
N GLN I 529 92.38 27.68 -13.12
CA GLN I 529 93.39 26.70 -12.77
C GLN I 529 94.73 27.23 -13.25
N PHE I 530 95.57 27.67 -12.32
CA PHE I 530 96.87 28.24 -12.62
C PHE I 530 97.94 27.21 -12.35
N GLU I 531 98.90 27.08 -13.27
CA GLU I 531 99.98 26.12 -13.11
C GLU I 531 101.33 26.79 -13.36
N GLY I 532 102.11 26.95 -12.30
CA GLY I 532 103.46 27.50 -12.40
C GLY I 532 104.54 26.43 -12.42
N SER I 533 105.61 26.71 -13.15
CA SER I 533 106.65 25.72 -13.40
C SER I 533 108.02 26.40 -13.34
N TRP I 534 109.03 25.69 -12.82
CA TRP I 534 110.39 26.23 -12.74
C TRP I 534 111.43 25.17 -13.11
N LYS I 535 112.23 25.46 -14.15
CA LYS I 535 113.39 24.67 -14.54
C LYS I 535 113.05 23.18 -14.69
N ASN I 536 111.79 22.87 -14.96
CA ASN I 536 111.33 21.50 -15.17
C ASN I 536 111.49 20.64 -13.92
N MET I 537 111.43 21.26 -12.73
CA MET I 537 111.73 20.52 -11.51
C MET I 537 110.86 20.95 -10.32
N LEU I 538 110.29 22.16 -10.37
CA LEU I 538 109.28 22.61 -9.41
C LEU I 538 107.99 22.88 -10.14
N TYR I 539 106.91 22.23 -9.74
CA TYR I 539 105.61 22.48 -10.33
C TYR I 539 104.63 22.87 -9.23
N LEU I 540 103.97 24.00 -9.40
CA LEU I 540 102.91 24.44 -8.50
C LEU I 540 101.62 24.56 -9.29
N THR I 541 100.49 24.18 -8.66
CA THR I 541 99.18 24.31 -9.26
C THR I 541 98.18 24.85 -8.24
N VAL I 542 97.34 25.79 -8.69
CA VAL I 542 96.27 26.38 -7.88
C VAL I 542 94.97 26.29 -8.67
N THR I 543 93.94 25.73 -8.05
CA THR I 543 92.61 25.63 -8.64
C THR I 543 91.58 26.37 -7.79
N ALA I 544 90.63 27.01 -8.45
CA ALA I 544 89.46 27.61 -7.80
C ALA I 544 88.24 27.34 -8.66
N ARG I 545 87.13 26.99 -8.01
CA ARG I 545 85.90 26.82 -8.77
C ARG I 545 84.75 27.27 -7.89
N ASN I 546 83.69 27.79 -8.53
CA ASN I 546 82.51 28.25 -7.81
C ASN I 546 81.26 27.88 -8.60
N ASP I 547 80.45 27.01 -8.01
CA ASP I 547 79.27 26.41 -8.62
C ASP I 547 77.97 27.00 -8.06
N TRP I 548 76.97 27.04 -8.93
CA TRP I 548 75.59 27.33 -8.58
C TRP I 548 74.78 26.11 -8.98
N SER I 549 74.07 25.51 -8.03
CA SER I 549 73.33 24.27 -8.29
C SER I 549 71.85 24.47 -8.03
N SER I 550 71.02 23.77 -8.80
CA SER I 550 69.58 23.93 -8.70
C SER I 550 69.01 23.23 -7.48
N THR I 551 69.79 22.34 -6.85
CA THR I 551 69.26 21.44 -5.84
C THR I 551 69.41 21.93 -4.41
N LEU I 552 70.30 22.91 -4.18
CA LEU I 552 70.43 23.58 -2.89
C LEU I 552 69.38 24.69 -2.78
N PRO I 553 68.90 24.99 -1.57
CA PRO I 553 67.81 25.96 -1.41
C PRO I 553 68.20 27.30 -2.01
N LYS I 554 67.20 28.03 -2.53
CA LYS I 554 67.53 29.16 -3.41
C LYS I 554 68.33 30.23 -2.69
N GLU I 555 68.05 30.46 -1.41
CA GLU I 555 68.85 31.49 -0.73
C GLU I 555 70.35 31.03 -0.43
N ASN I 556 70.85 29.93 -1.01
CA ASN I 556 72.14 29.37 -0.63
C ASN I 556 72.65 28.38 -1.69
N ARG I 557 72.71 28.81 -2.95
CA ARG I 557 73.02 27.89 -4.04
C ARG I 557 74.48 27.85 -4.40
N SER I 558 75.26 28.84 -4.00
CA SER I 558 76.62 28.99 -4.48
C SER I 558 77.59 28.37 -3.49
N PHE I 559 78.53 27.58 -3.99
CA PHE I 559 79.61 27.09 -3.13
C PHE I 559 80.95 27.21 -3.82
N PHE I 560 81.99 27.51 -3.03
CA PHE I 560 83.34 27.81 -3.54
C PHE I 560 84.32 26.76 -3.05
N TYR I 561 85.11 26.19 -3.97
CA TYR I 561 86.17 25.31 -3.49
C TYR I 561 87.53 25.52 -4.14
N PRO I 562 88.56 25.85 -3.34
CA PRO I 562 89.92 25.97 -3.89
C PRO I 562 90.79 24.75 -3.65
N GLY I 563 91.99 24.76 -4.20
CA GLY I 563 92.92 23.66 -4.05
C GLY I 563 94.31 24.09 -4.44
N ILE I 564 95.31 23.41 -3.87
CA ILE I 564 96.71 23.71 -4.21
C ILE I 564 97.50 22.41 -4.16
N THR I 565 98.33 22.19 -5.18
CA THR I 565 99.13 20.98 -5.27
C THR I 565 100.51 21.35 -5.80
N GLY I 566 101.54 20.68 -5.26
CA GLY I 566 102.90 20.92 -5.67
C GLY I 566 103.63 19.61 -5.96
N SER I 567 104.67 19.73 -6.77
CA SER I 567 105.44 18.60 -7.28
C SER I 567 106.90 19.02 -7.29
N PHE I 568 107.77 18.22 -6.66
CA PHE I 568 109.20 18.54 -6.56
C PHE I 568 109.99 17.37 -7.13
N ILE I 569 110.62 17.57 -8.29
CA ILE I 569 111.45 16.53 -8.89
C ILE I 569 112.85 16.74 -8.35
N PHE I 570 113.12 16.15 -7.18
CA PHE I 570 114.43 16.33 -6.56
C PHE I 570 115.50 15.46 -7.21
N SER I 571 115.14 14.60 -8.16
CA SER I 571 116.11 13.75 -8.84
C SER I 571 117.10 14.58 -9.64
N GLU I 572 116.88 15.88 -9.69
CA GLU I 572 117.73 16.74 -10.52
C GLU I 572 118.39 17.78 -9.61
N LEU I 573 119.11 17.29 -8.64
CA LEU I 573 119.73 18.10 -7.61
C LEU I 573 120.75 17.19 -6.94
N LEU I 574 121.18 16.16 -7.63
CA LEU I 574 122.09 15.19 -7.12
C LEU I 574 123.39 15.20 -7.90
N ASN I 575 124.32 14.33 -7.48
CA ASN I 575 125.68 14.43 -7.98
C ASN I 575 125.79 14.00 -9.44
N ASP I 576 125.21 12.86 -9.79
CA ASP I 576 125.35 12.31 -11.14
C ASP I 576 126.79 12.07 -11.41
N ASN I 577 127.49 11.16 -10.71
CA ASN I 577 127.06 10.20 -9.65
C ASN I 577 125.59 9.85 -9.30
N LEU I 578 125.24 9.91 -8.02
CA LEU I 578 124.04 9.22 -7.53
C LEU I 578 122.83 9.77 -8.27
N GLN I 579 122.72 9.46 -9.57
CA GLN I 579 121.76 10.10 -10.44
C GLN I 579 121.71 9.29 -11.72
N ASP I 580 122.68 8.40 -11.89
CA ASP I 580 122.49 7.27 -12.77
C ASP I 580 122.00 6.07 -11.99
N VAL I 581 121.84 6.22 -10.69
CA VAL I 581 121.13 5.22 -9.89
C VAL I 581 119.68 5.57 -9.76
N ILE I 582 119.42 6.83 -9.44
CA ILE I 582 118.08 7.38 -9.30
C ILE I 582 117.69 8.01 -10.63
N THR I 583 116.99 7.25 -11.46
CA THR I 583 116.58 7.80 -12.75
C THR I 583 115.48 8.83 -12.58
N PHE I 584 114.62 8.68 -11.58
CA PHE I 584 113.55 9.63 -11.29
C PHE I 584 113.23 9.57 -9.81
N GLY I 585 112.93 10.73 -9.25
CA GLY I 585 112.57 10.84 -7.86
C GLY I 585 111.82 12.12 -7.61
N LYS I 586 110.56 12.01 -7.18
CA LYS I 586 109.63 13.12 -7.10
C LYS I 586 108.85 13.04 -5.79
N ILE I 587 108.42 14.20 -5.28
CA ILE I 587 107.62 14.23 -4.05
C ILE I 587 106.46 15.23 -4.25
N ARG I 588 105.23 14.79 -3.94
CA ARG I 588 104.04 15.62 -4.14
C ARG I 588 103.29 15.89 -2.84
N ALA I 589 102.64 17.04 -2.80
CA ALA I 589 101.78 17.36 -1.67
C ALA I 589 100.56 18.10 -2.22
N SER I 590 99.38 17.78 -1.68
CA SER I 590 98.18 18.50 -2.09
C SER I 590 97.30 18.83 -0.89
N TRP I 591 96.75 20.04 -0.88
CA TRP I 591 95.70 20.43 0.05
C TRP I 591 94.59 21.08 -0.77
N GLY I 592 93.37 20.54 -0.67
CA GLY I 592 92.27 21.12 -1.42
C GLY I 592 90.90 20.73 -0.90
N LYS I 593 89.88 21.38 -1.50
CA LYS I 593 88.47 21.14 -1.18
C LYS I 593 87.67 20.97 -2.47
N THR I 594 86.60 20.19 -2.40
CA THR I 594 85.59 20.21 -3.45
C THR I 594 84.20 20.29 -2.82
N GLY I 595 83.42 21.27 -3.24
CA GLY I 595 82.04 21.35 -2.82
C GLY I 595 81.16 20.32 -3.52
N ASN I 596 79.95 20.17 -3.01
CA ASN I 596 78.98 19.27 -3.64
C ASN I 596 77.59 19.76 -3.23
N ASP I 597 76.60 19.41 -4.05
CA ASP I 597 75.20 19.77 -3.82
C ASP I 597 74.40 18.55 -3.35
N ALA I 598 73.08 18.64 -3.49
CA ALA I 598 72.14 17.62 -3.06
C ALA I 598 71.50 16.92 -4.25
N ASP I 599 70.88 15.78 -3.96
CA ASP I 599 69.99 15.18 -4.93
C ASP I 599 68.78 16.08 -5.17
N VAL I 600 68.04 15.76 -6.24
CA VAL I 600 66.91 16.59 -6.64
C VAL I 600 65.83 16.57 -5.58
N TYR I 601 65.22 17.74 -5.36
CA TYR I 601 63.98 17.87 -4.58
C TYR I 601 64.16 17.29 -3.17
N MET I 602 64.89 18.05 -2.35
CA MET I 602 65.00 17.69 -0.93
C MET I 602 64.81 18.90 -0.02
N VAL I 603 64.28 20.00 -0.54
CA VAL I 603 64.07 21.23 0.20
C VAL I 603 62.63 21.38 0.66
N ASN I 604 61.67 21.12 -0.23
CA ASN I 604 60.34 21.50 0.21
C ASN I 604 59.50 20.28 0.58
N PRO I 605 58.52 20.44 1.48
CA PRO I 605 57.59 19.34 1.75
C PRO I 605 56.88 18.89 0.48
N VAL I 606 56.49 17.61 0.45
CA VAL I 606 55.59 17.13 -0.58
C VAL I 606 54.47 16.29 0.05
N TYR I 607 53.40 16.13 -0.72
CA TYR I 607 52.28 15.29 -0.37
C TYR I 607 52.21 14.16 -1.37
N ALA I 608 52.27 12.92 -0.91
CA ALA I 608 52.19 11.80 -1.83
C ALA I 608 50.77 11.26 -1.90
N GLN I 609 50.44 10.65 -3.03
CA GLN I 609 49.20 9.87 -3.09
C GLN I 609 49.33 8.74 -2.07
N SER I 610 48.28 8.59 -1.27
CA SER I 610 48.38 7.87 0.01
C SER I 610 48.57 6.38 -0.23
N SER I 611 49.55 5.80 0.47
CA SER I 611 49.79 4.37 0.40
C SER I 611 50.37 3.92 1.73
N ASN I 612 49.99 2.73 2.15
CA ASN I 612 50.48 2.17 3.40
C ASN I 612 51.20 0.88 3.06
N ARG I 613 52.48 0.82 3.44
CA ARG I 613 53.31 -0.33 3.19
C ARG I 613 53.16 -1.24 4.40
N ILE I 614 52.53 -2.40 4.20
CA ILE I 614 52.34 -3.39 5.25
C ILE I 614 53.32 -4.52 4.98
N PRO I 615 53.59 -5.43 5.91
CA PRO I 615 54.50 -6.54 5.61
C PRO I 615 54.03 -7.30 4.37
N PHE I 616 54.93 -7.37 3.37
CA PHE I 616 54.71 -8.16 2.18
C PHE I 616 53.49 -7.69 1.38
N GLY I 617 53.17 -6.40 1.43
CA GLY I 617 52.07 -5.90 0.62
C GLY I 617 51.91 -4.41 0.80
N SER I 618 50.93 -3.87 0.09
CA SER I 618 50.50 -2.50 0.33
C SER I 618 49.00 -2.47 0.45
N LEU I 619 48.48 -1.37 0.99
CA LEU I 619 47.11 -0.94 0.76
C LEU I 619 47.19 0.51 0.28
N THR I 620 46.96 0.72 -1.00
CA THR I 620 47.07 2.04 -1.61
C THR I 620 45.71 2.62 -1.96
N PHE I 621 45.70 3.93 -2.13
CA PHE I 621 44.58 4.61 -2.73
C PHE I 621 44.77 4.52 -4.25
N PRO I 622 43.66 4.61 -5.01
CA PRO I 622 42.33 4.99 -4.53
C PRO I 622 41.48 3.85 -3.96
N LEU I 623 40.66 4.22 -2.97
CA LEU I 623 39.60 3.38 -2.38
C LEU I 623 38.37 4.21 -2.08
N GLY I 624 37.17 3.72 -2.37
CA GLY I 624 36.86 2.88 -3.48
C GLY I 624 36.19 3.98 -4.27
N GLY I 625 36.90 4.55 -5.24
CA GLY I 625 36.48 5.73 -5.94
C GLY I 625 37.06 7.02 -5.41
N VAL I 626 37.61 7.02 -4.22
CA VAL I 626 38.15 8.23 -3.61
C VAL I 626 39.67 8.22 -3.70
N ASN I 627 40.23 9.36 -4.07
CA ASN I 627 41.67 9.54 -4.05
C ASN I 627 42.04 10.27 -2.78
N ALA I 628 43.30 10.10 -2.38
CA ALA I 628 43.76 10.69 -1.14
C ALA I 628 45.24 10.99 -1.25
N TYR I 629 45.66 12.02 -0.52
CA TYR I 629 47.03 12.45 -0.46
C TYR I 629 47.46 12.43 0.99
N SER I 630 48.75 12.19 1.21
CA SER I 630 49.28 12.07 2.56
C SER I 630 50.56 12.88 2.68
N ALA I 631 50.84 13.34 3.89
CA ALA I 631 52.06 14.10 4.15
C ALA I 631 53.28 13.19 4.00
N GLY I 632 54.26 13.63 3.22
CA GLY I 632 55.41 12.78 2.94
C GLY I 632 56.22 12.52 4.19
N ASN I 633 56.86 11.35 4.24
CA ASN I 633 57.53 10.91 5.45
C ASN I 633 58.99 11.35 5.56
N VAL I 634 59.57 11.99 4.55
CA VAL I 634 60.90 12.58 4.63
C VAL I 634 60.72 14.08 4.81
N LEU I 635 61.01 14.58 6.01
CA LEU I 635 60.89 16.01 6.24
C LEU I 635 61.95 16.77 5.45
N GLY I 636 61.56 17.85 4.78
CA GLY I 636 62.47 18.68 4.03
C GLY I 636 63.13 19.73 4.91
N SER I 637 64.00 20.51 4.28
CA SER I 637 64.76 21.53 5.00
C SER I 637 65.06 22.69 4.06
N ASN I 638 64.81 23.90 4.55
CA ASN I 638 65.28 25.10 3.88
C ASN I 638 66.72 25.43 4.29
N THR I 639 67.10 25.04 5.50
CA THR I 639 68.33 25.51 6.12
C THR I 639 69.61 24.84 5.60
N LEU I 640 69.51 23.91 4.64
CA LEU I 640 70.68 23.16 4.16
C LEU I 640 71.78 24.06 3.59
N SER I 641 73.02 23.66 3.83
CA SER I 641 74.20 24.25 3.23
C SER I 641 74.89 23.25 2.28
N PRO I 642 75.81 23.71 1.43
CA PRO I 642 76.47 22.78 0.50
C PRO I 642 77.40 21.82 1.21
N GLU I 643 77.66 20.69 0.53
CA GLU I 643 78.65 19.74 0.98
C GLU I 643 80.05 20.28 0.71
N MET I 644 81.04 19.85 1.50
CA MET I 644 82.42 20.32 1.35
C MET I 644 83.38 19.20 1.74
N THR I 645 84.01 18.58 0.75
CA THR I 645 85.04 17.59 0.99
C THR I 645 86.41 18.27 1.04
N THR I 646 87.20 17.96 2.08
CA THR I 646 88.56 18.49 2.23
C THR I 646 89.55 17.34 2.31
N GLU I 647 90.62 17.43 1.51
CA GLU I 647 91.59 16.36 1.43
C GLU I 647 93.02 16.88 1.49
N SER I 648 93.85 16.23 2.30
CA SER I 648 95.29 16.43 2.32
C SER I 648 95.98 15.15 1.90
N GLU I 649 97.04 15.29 1.10
CA GLU I 649 97.70 14.14 0.51
C GLU I 649 99.19 14.43 0.33
N VAL I 650 100.01 13.41 0.58
CA VAL I 650 101.47 13.45 0.43
C VAL I 650 101.91 12.24 -0.40
N GLY I 651 102.91 12.43 -1.25
CA GLY I 651 103.27 11.34 -2.14
C GLY I 651 104.76 11.26 -2.37
N LEU I 652 105.18 10.12 -2.92
CA LEU I 652 106.57 9.91 -3.31
C LEU I 652 106.63 8.91 -4.45
N ASN I 653 107.39 9.26 -5.51
CA ASN I 653 107.58 8.41 -6.68
C ASN I 653 109.06 8.37 -7.06
N MET I 654 109.61 7.16 -7.17
CA MET I 654 111.04 6.99 -7.39
C MET I 654 111.29 5.83 -8.35
N ALA I 655 112.38 5.94 -9.10
CA ALA I 655 112.73 4.91 -10.08
C ALA I 655 114.25 4.76 -10.15
N PHE I 656 114.72 3.52 -10.29
CA PHE I 656 116.15 3.23 -10.24
C PHE I 656 116.51 2.30 -11.40
N PHE I 657 117.71 2.50 -11.95
CA PHE I 657 118.37 1.58 -12.89
C PHE I 657 117.57 1.39 -14.18
N LYS I 658 117.55 2.42 -15.04
CA LYS I 658 116.74 2.31 -16.27
C LYS I 658 115.29 1.97 -15.91
N ASN I 659 114.77 2.61 -14.87
CA ASN I 659 113.41 2.32 -14.36
C ASN I 659 113.18 0.82 -14.18
N ARG I 660 114.23 0.06 -13.85
CA ARG I 660 114.05 -1.36 -13.55
C ARG I 660 113.62 -1.63 -12.11
N LEU I 661 113.59 -0.60 -11.26
CA LEU I 661 112.96 -0.66 -9.95
C LEU I 661 112.30 0.68 -9.72
N SER I 662 111.08 0.65 -9.17
CA SER I 662 110.26 1.85 -9.16
C SER I 662 109.17 1.65 -8.12
N PHE I 663 108.90 2.69 -7.34
CA PHE I 663 107.78 2.64 -6.42
C PHE I 663 107.05 3.97 -6.39
N ASP I 664 105.78 3.91 -6.07
CA ASP I 664 104.96 5.08 -5.79
C ASP I 664 104.22 4.79 -4.49
N VAL I 665 104.24 5.75 -3.55
CA VAL I 665 103.56 5.59 -2.28
C VAL I 665 102.83 6.90 -1.97
N SER I 666 101.64 6.79 -1.36
CA SER I 666 100.81 7.96 -1.12
C SER I 666 100.04 7.78 0.19
N TYR I 667 100.02 8.84 1.00
CA TYR I 667 99.16 8.93 2.18
C TYR I 667 98.11 10.02 1.98
N TYR I 668 96.86 9.72 2.33
CA TYR I 668 95.81 10.71 2.14
C TYR I 668 94.94 10.82 3.38
N ASN I 669 94.35 12.01 3.55
CA ASN I 669 93.44 12.26 4.66
C ASN I 669 92.25 13.09 4.16
N ARG I 670 91.14 12.40 3.91
CA ARG I 670 89.96 12.91 3.20
C ARG I 670 88.79 13.04 4.18
N ASN I 671 88.15 14.21 4.20
CA ASN I 671 86.98 14.48 5.06
C ASN I 671 85.80 14.99 4.24
N THR I 672 84.85 14.12 3.93
CA THR I 672 83.59 14.57 3.34
C THR I 672 82.67 15.10 4.44
N ASP I 673 82.35 16.39 4.39
CA ASP I 673 81.63 17.06 5.46
C ASP I 673 80.30 17.63 4.95
N LYS I 674 79.26 17.55 5.78
CA LYS I 674 77.98 18.23 5.59
C LYS I 674 77.25 17.76 4.35
N GLN I 675 77.53 16.53 3.93
CA GLN I 675 76.76 15.86 2.90
C GLN I 675 75.28 15.82 3.28
N ILE I 676 74.43 16.13 2.29
CA ILE I 676 72.97 16.15 2.47
C ILE I 676 72.43 14.74 2.36
N PHE I 677 71.66 14.33 3.38
CA PHE I 677 71.26 12.94 3.52
C PHE I 677 69.89 12.87 4.16
N SER I 678 69.19 11.78 3.84
CA SER I 678 67.87 11.48 4.42
C SER I 678 68.11 10.67 5.68
N LEU I 679 68.23 11.39 6.79
CA LEU I 679 68.68 10.85 8.07
C LEU I 679 67.50 10.30 8.87
N ALA I 680 67.63 9.06 9.36
CA ALA I 680 66.53 8.43 10.08
C ALA I 680 66.14 9.25 11.30
N MET I 681 64.83 9.32 11.57
CA MET I 681 64.33 9.90 12.81
C MET I 681 63.05 9.15 13.20
N ASP I 682 62.62 9.38 14.44
CA ASP I 682 61.60 8.54 15.04
C ASP I 682 60.23 8.85 14.44
N PRO I 683 59.56 7.87 13.85
CA PRO I 683 58.25 8.14 13.26
C PRO I 683 57.32 8.97 14.11
N ALA I 684 57.42 8.90 15.44
CA ALA I 684 56.57 9.74 16.30
C ALA I 684 56.84 11.24 16.10
N SER I 685 57.95 11.58 15.44
CA SER I 685 58.17 12.97 15.06
C SER I 685 57.17 13.45 14.02
N GLY I 686 56.45 12.52 13.40
CA GLY I 686 55.64 12.78 12.23
C GLY I 686 56.25 12.32 10.91
N TYR I 687 57.56 12.04 10.91
CA TYR I 687 58.30 11.66 9.72
C TYR I 687 59.29 10.55 10.09
N THR I 688 59.70 9.78 9.08
CA THR I 688 60.66 8.71 9.31
C THR I 688 62.09 9.15 9.05
N ALA I 689 62.26 10.39 8.64
CA ALA I 689 63.57 10.88 8.24
C ALA I 689 63.48 12.38 8.06
N GLN I 690 64.60 13.04 8.25
CA GLN I 690 64.73 14.45 7.97
C GLN I 690 65.96 14.64 7.10
N ASN I 691 65.92 15.66 6.26
CA ASN I 691 67.05 15.98 5.40
C ASN I 691 67.94 17.00 6.12
N MET I 692 69.19 16.61 6.40
CA MET I 692 70.14 17.55 6.97
C MET I 692 71.54 17.27 6.43
N ASN I 693 72.46 18.16 6.79
CA ASN I 693 73.87 17.97 6.56
C ASN I 693 74.48 17.10 7.66
N LEU I 694 75.21 16.06 7.28
CA LEU I 694 75.83 15.18 8.25
C LEU I 694 77.08 15.82 8.86
N GLY I 695 77.79 15.07 9.69
CA GLY I 695 79.13 15.42 10.10
C GLY I 695 80.12 14.92 9.06
N LYS I 696 81.31 14.56 9.51
CA LYS I 696 82.39 14.17 8.61
C LYS I 696 82.46 12.66 8.45
N ILE I 697 82.56 12.21 7.21
CA ILE I 697 82.94 10.84 6.89
C ILE I 697 84.39 10.89 6.45
N ARG I 698 85.28 10.34 7.27
CA ARG I 698 86.72 10.37 7.02
C ARG I 698 87.17 9.10 6.34
N ASN I 699 88.12 9.24 5.41
CA ASN I 699 88.81 8.10 4.82
C ASN I 699 90.28 8.46 4.75
N ARG I 700 91.11 7.64 5.39
CA ARG I 700 92.56 7.76 5.39
C ARG I 700 93.15 6.49 4.83
N GLY I 701 94.31 6.62 4.22
CA GLY I 701 94.94 5.42 3.71
C GLY I 701 96.32 5.67 3.16
N ILE I 702 97.05 4.57 2.97
CA ILE I 702 98.23 4.51 2.13
C ILE I 702 97.86 3.69 0.89
N GLU I 703 98.38 4.09 -0.25
CA GLU I 703 98.37 3.27 -1.46
C GLU I 703 99.80 3.21 -1.94
N LEU I 704 100.29 2.00 -2.20
CA LEU I 704 101.69 1.76 -2.57
C LEU I 704 101.74 0.89 -3.82
N LEU I 705 102.56 1.27 -4.78
CA LEU I 705 102.81 0.45 -5.95
C LEU I 705 104.31 0.24 -6.05
N ILE I 706 104.73 -1.00 -6.29
CA ILE I 706 106.15 -1.32 -6.50
C ILE I 706 106.26 -2.24 -7.70
N SER I 707 107.24 -1.96 -8.55
CA SER I 707 107.46 -2.73 -9.77
C SER I 707 108.96 -2.79 -10.02
N GLY I 708 109.41 -3.92 -10.53
CA GLY I 708 110.81 -4.07 -10.90
C GLY I 708 110.94 -5.08 -12.01
N THR I 709 111.96 -4.90 -12.85
CA THR I 709 112.25 -5.84 -13.92
C THR I 709 113.50 -6.61 -13.53
N PRO I 710 113.39 -7.80 -12.92
CA PRO I 710 114.61 -8.52 -12.53
C PRO I 710 115.44 -8.98 -13.72
N ILE I 711 114.82 -9.23 -14.87
CA ILE I 711 115.51 -9.75 -16.05
C ILE I 711 115.09 -8.90 -17.24
N ARG I 712 116.07 -8.40 -18.00
CA ARG I 712 115.71 -7.71 -19.24
C ARG I 712 116.86 -7.88 -20.23
N THR I 713 116.91 -9.05 -20.89
CA THR I 713 117.78 -9.17 -22.06
C THR I 713 117.08 -8.45 -23.19
N LYS I 714 117.33 -8.80 -24.44
CA LYS I 714 116.66 -8.13 -25.53
C LYS I 714 115.62 -8.98 -26.23
N ASP I 715 115.68 -10.30 -26.06
CA ASP I 715 114.56 -11.17 -26.40
C ASP I 715 113.67 -11.45 -25.21
N PHE I 716 114.19 -11.48 -24.00
CA PHE I 716 113.43 -11.88 -22.83
C PHE I 716 113.27 -10.72 -21.86
N SER I 717 112.16 -10.69 -21.15
CA SER I 717 112.00 -9.76 -20.05
C SER I 717 111.01 -10.33 -19.06
N TRP I 718 111.24 -10.07 -17.77
CA TRP I 718 110.41 -10.55 -16.69
C TRP I 718 110.08 -9.38 -15.78
N GLU I 719 108.81 -9.15 -15.52
CA GLU I 719 108.39 -8.02 -14.71
C GLU I 719 107.56 -8.49 -13.53
N LEU I 720 107.80 -7.87 -12.38
CA LEU I 720 107.08 -8.15 -11.14
C LEU I 720 106.52 -6.85 -10.62
N THR I 721 105.25 -6.89 -10.21
CA THR I 721 104.68 -5.69 -9.63
C THR I 721 103.72 -6.05 -8.52
N TRP I 722 103.57 -5.10 -7.61
CA TRP I 722 102.87 -5.31 -6.35
C TRP I 722 102.24 -3.97 -6.03
N ASN I 723 100.92 -3.97 -5.84
CA ASN I 723 100.20 -2.79 -5.38
C ASN I 723 99.46 -3.15 -4.10
N PHE I 724 99.34 -2.17 -3.21
CA PHE I 724 98.86 -2.39 -1.86
C PHE I 724 98.04 -1.18 -1.43
N THR I 725 96.87 -1.45 -0.86
CA THR I 725 95.92 -0.44 -0.44
C THR I 725 95.45 -0.73 0.97
N LYS I 726 95.36 0.32 1.79
CA LYS I 726 94.72 0.20 3.09
C LYS I 726 93.98 1.51 3.38
N ASN I 727 92.65 1.43 3.56
CA ASN I 727 91.81 2.58 3.88
C ASN I 727 91.19 2.40 5.25
N TRP I 728 91.10 3.49 6.03
CA TRP I 728 90.42 3.47 7.33
C TRP I 728 89.18 4.34 7.24
N SER I 729 88.04 3.70 7.05
CA SER I 729 86.76 4.38 7.05
C SER I 729 86.38 4.74 8.48
N LYS I 730 86.00 5.98 8.71
CA LYS I 730 85.42 6.31 10.01
C LYS I 730 84.32 7.35 9.84
N VAL I 731 83.09 7.02 10.25
CA VAL I 731 82.10 8.08 10.44
C VAL I 731 82.47 8.85 11.68
N ILE I 732 82.43 10.18 11.61
CA ILE I 732 82.89 11.02 12.71
C ILE I 732 81.74 11.51 13.57
N SER I 733 80.64 11.94 12.93
CA SER I 733 79.40 12.24 13.64
C SER I 733 78.25 12.27 12.64
N LEU I 734 77.12 11.78 13.07
CA LEU I 734 75.80 12.00 12.54
C LEU I 734 75.01 12.82 13.53
N PRO I 735 74.23 13.82 13.09
CA PRO I 735 73.56 14.71 14.05
C PRO I 735 72.86 13.93 15.15
N GLU I 736 73.30 14.13 16.40
CA GLU I 736 72.85 13.29 17.50
C GLU I 736 71.45 13.62 17.96
N GLU I 737 70.96 14.84 17.68
CA GLU I 737 69.56 15.20 17.89
C GLU I 737 68.64 14.07 17.45
N LEU I 738 69.08 13.28 16.47
CA LEU I 738 68.32 12.16 15.93
C LEU I 738 68.90 10.80 16.30
N GLY I 739 69.78 10.76 17.30
CA GLY I 739 70.56 9.57 17.55
C GLY I 739 71.72 9.48 16.60
N GLY I 740 72.74 8.73 17.00
CA GLY I 740 73.93 8.75 16.16
C GLY I 740 73.97 7.56 15.23
N ILE I 741 72.82 7.18 14.68
CA ILE I 741 72.71 5.93 13.93
C ILE I 741 71.62 6.07 12.88
N THR I 742 71.83 5.46 11.71
CA THR I 742 70.86 5.48 10.61
C THR I 742 71.09 4.27 9.70
N THR I 743 70.00 3.61 9.34
CA THR I 743 70.10 2.36 8.61
C THR I 743 70.53 2.64 7.16
N ILE I 744 71.37 1.76 6.63
CA ILE I 744 71.79 1.81 5.24
C ILE I 744 71.08 0.76 4.43
N TYR I 745 70.99 -0.45 4.97
CA TYR I 745 70.20 -1.51 4.36
C TYR I 745 70.04 -2.57 5.41
N GLY I 746 68.83 -3.14 5.51
CA GLY I 746 68.56 -4.08 6.58
C GLY I 746 67.30 -4.88 6.35
N LEU I 747 67.26 -6.07 6.92
CA LEU I 747 66.04 -6.84 7.04
C LEU I 747 65.29 -6.47 8.32
N ASN I 748 63.97 -6.45 8.24
CA ASN I 748 63.12 -6.15 9.39
C ASN I 748 63.21 -7.28 10.41
N GLY I 749 63.70 -6.96 11.60
CA GLY I 749 63.97 -7.98 12.60
C GLY I 749 65.00 -8.98 12.15
N GLY I 750 65.93 -8.54 11.31
CA GLY I 750 67.03 -9.39 10.91
C GLY I 750 68.32 -8.61 10.92
N THR I 751 69.31 -9.13 10.20
CA THR I 751 70.59 -8.46 10.11
C THR I 751 70.44 -7.15 9.35
N SER I 752 71.01 -6.07 9.91
CA SER I 752 70.97 -4.73 9.33
C SER I 752 72.36 -4.10 9.34
N MET I 753 72.69 -3.31 8.32
CA MET I 753 73.97 -2.63 8.27
C MET I 753 73.75 -1.13 8.36
N TYR I 754 74.48 -0.49 9.25
CA TYR I 754 74.22 0.88 9.71
C TYR I 754 75.37 1.83 9.42
N ALA I 755 75.10 3.10 9.64
CA ALA I 755 76.12 4.11 9.86
C ALA I 755 76.00 4.56 11.31
N ILE I 756 77.08 4.46 12.08
CA ILE I 756 77.08 4.75 13.51
C ILE I 756 78.22 5.73 13.81
N THR I 757 77.97 6.64 14.74
CA THR I 757 78.76 7.88 14.87
C THR I 757 80.27 7.63 14.93
N GLY I 758 80.75 6.67 15.72
CA GLY I 758 82.20 6.59 15.84
C GLY I 758 82.89 5.41 15.16
N MET I 759 82.28 4.89 14.10
CA MET I 759 82.56 3.56 13.57
C MET I 759 82.93 3.66 12.10
N PRO I 760 83.42 2.57 11.51
CA PRO I 760 83.57 2.54 10.05
C PRO I 760 82.20 2.58 9.38
N VAL I 761 82.17 3.08 8.14
CA VAL I 761 80.94 3.00 7.39
C VAL I 761 80.54 1.55 7.22
N GLY I 762 79.25 1.27 7.39
CA GLY I 762 78.78 -0.08 7.19
C GLY I 762 78.96 -1.05 8.35
N VAL I 763 78.45 -0.72 9.55
CA VAL I 763 78.51 -1.63 10.68
C VAL I 763 77.31 -2.56 10.66
N PHE I 764 77.56 -3.86 10.76
CA PHE I 764 76.48 -4.84 10.87
C PHE I 764 76.05 -5.05 12.33
N LYS I 765 74.75 -5.28 12.51
CA LYS I 765 74.16 -5.71 13.77
C LYS I 765 73.41 -7.00 13.51
N ALA I 766 73.52 -7.95 14.43
CA ALA I 766 72.88 -9.23 14.19
C ALA I 766 72.51 -9.88 15.52
N GLN I 767 71.65 -10.89 15.44
CA GLN I 767 71.26 -11.60 16.64
C GLN I 767 72.39 -12.51 17.08
N VAL I 768 72.66 -12.51 18.40
CA VAL I 768 73.68 -13.35 19.01
C VAL I 768 73.03 -14.10 20.17
N ALA I 769 73.72 -15.12 20.66
CA ALA I 769 73.20 -15.86 21.81
C ALA I 769 73.54 -15.14 23.10
N GLU I 770 72.69 -15.32 24.10
CA GLU I 770 72.95 -14.76 25.42
C GLU I 770 74.13 -15.46 26.05
N ARG I 771 74.86 -14.74 26.91
CA ARG I 771 76.02 -15.30 27.62
C ARG I 771 75.94 -14.96 29.10
N ASP I 772 76.38 -15.89 29.94
CA ASP I 772 76.44 -15.64 31.38
C ASP I 772 77.66 -14.75 31.65
N PRO I 773 77.86 -14.31 32.90
CA PRO I 773 78.92 -13.32 33.15
C PRO I 773 80.34 -13.81 32.81
N GLN I 774 80.54 -15.11 32.59
CA GLN I 774 81.86 -15.60 32.23
C GLN I 774 81.87 -16.33 30.88
N GLY I 775 80.96 -15.96 29.98
CA GLY I 775 81.09 -16.32 28.58
C GLY I 775 80.46 -17.62 28.12
N ARG I 776 79.70 -18.29 28.97
CA ARG I 776 79.04 -19.51 28.53
C ARG I 776 77.69 -19.18 27.88
N ILE I 777 77.35 -19.95 26.85
CA ILE I 777 76.14 -19.66 26.08
C ILE I 777 74.92 -20.17 26.83
N VAL I 778 73.95 -19.27 27.03
CA VAL I 778 72.74 -19.64 27.76
C VAL I 778 71.84 -20.43 26.83
N VAL I 779 71.15 -21.42 27.37
CA VAL I 779 70.35 -22.30 26.55
C VAL I 779 69.00 -22.56 27.22
N ASN I 780 67.98 -22.73 26.38
CA ASN I 780 66.64 -23.04 26.85
C ASN I 780 66.64 -24.35 27.63
N SER I 781 66.13 -24.29 28.88
CA SER I 781 66.14 -25.41 29.82
C SER I 781 65.42 -26.64 29.30
N SER I 782 64.56 -26.49 28.29
CA SER I 782 63.73 -27.57 27.77
C SER I 782 64.06 -27.98 26.34
N THR I 783 64.26 -27.04 25.42
CA THR I 783 64.54 -27.40 24.04
C THR I 783 66.01 -27.72 23.79
N GLY I 784 66.91 -27.11 24.57
CA GLY I 784 68.34 -27.21 24.36
C GLY I 784 68.91 -26.14 23.46
N LEU I 785 68.07 -25.20 22.96
CA LEU I 785 68.59 -24.30 21.92
C LEU I 785 69.05 -22.97 22.50
N PRO I 786 70.01 -22.31 21.85
CA PRO I 786 70.48 -21.01 22.33
C PRO I 786 69.35 -20.00 22.49
N VAL I 787 69.52 -19.11 23.45
CA VAL I 787 68.55 -18.07 23.74
C VAL I 787 69.09 -16.74 23.25
N GLU I 788 68.21 -15.97 22.60
CA GLU I 788 68.59 -14.70 21.99
C GLU I 788 68.99 -13.68 23.04
N ALA I 789 70.04 -12.93 22.76
CA ALA I 789 70.43 -11.86 23.66
C ALA I 789 69.37 -10.76 23.64
N SER I 790 69.45 -9.88 24.63
CA SER I 790 68.49 -8.79 24.70
C SER I 790 68.63 -7.86 23.51
N GLU I 791 69.87 -7.54 23.14
CA GLU I 791 70.17 -6.68 22.00
C GLU I 791 70.87 -7.48 20.91
N PHE I 792 70.88 -6.90 19.71
CA PHE I 792 71.74 -7.38 18.65
C PHE I 792 73.16 -6.94 18.94
N GLY I 793 74.12 -7.79 18.58
CA GLY I 793 75.51 -7.43 18.71
C GLY I 793 76.04 -6.72 17.49
N ILE I 794 77.09 -5.90 17.69
CA ILE I 794 77.96 -5.47 16.60
C ILE I 794 78.76 -6.68 16.11
N CYS I 795 78.84 -6.85 14.79
CA CYS I 795 79.39 -8.10 14.27
C CYS I 795 80.26 -7.86 13.05
N GLY I 796 80.93 -6.73 13.00
CA GLY I 796 81.83 -6.40 11.92
C GLY I 796 81.25 -5.34 11.01
N ASP I 797 82.11 -4.89 10.09
CA ASP I 797 81.79 -3.88 9.11
C ASP I 797 82.02 -4.43 7.71
N MET I 798 81.68 -3.60 6.72
CA MET I 798 81.80 -3.98 5.33
C MET I 798 83.24 -3.90 4.82
N ASN I 799 84.10 -3.13 5.49
CA ASN I 799 85.39 -2.73 4.92
C ASN I 799 86.42 -3.84 4.95
N ASN I 800 87.07 -4.06 3.81
CA ASN I 800 88.35 -4.75 3.79
C ASN I 800 89.32 -4.05 4.73
N LYS I 801 90.12 -4.85 5.44
CA LYS I 801 91.21 -4.28 6.22
C LYS I 801 92.35 -3.83 5.31
N TYR I 802 92.71 -4.64 4.32
CA TYR I 802 93.62 -4.19 3.25
C TYR I 802 93.26 -4.89 1.95
N GLN I 803 93.78 -4.35 0.86
CA GLN I 803 93.67 -4.96 -0.45
C GLN I 803 94.99 -4.81 -1.18
N MET I 804 95.34 -5.81 -1.97
CA MET I 804 96.62 -5.80 -2.68
C MET I 804 96.52 -6.67 -3.92
N GLY I 805 97.27 -6.30 -4.94
CA GLY I 805 97.47 -7.15 -6.11
C GLY I 805 98.93 -7.47 -6.27
N VAL I 806 99.21 -8.69 -6.73
CA VAL I 806 100.57 -9.07 -7.15
C VAL I 806 100.47 -9.68 -8.54
N SER I 807 101.34 -9.25 -9.43
CA SER I 807 101.25 -9.70 -10.81
C SER I 807 102.64 -9.84 -11.40
N THR I 808 102.71 -10.54 -12.54
CA THR I 808 103.95 -10.69 -13.29
C THR I 808 103.67 -10.69 -14.78
N ASN I 809 104.61 -10.14 -15.55
CA ASN I 809 104.56 -10.13 -17.01
C ASN I 809 105.88 -10.65 -17.57
N LEU I 810 105.82 -11.79 -18.25
CA LEU I 810 106.94 -12.36 -19.00
C LEU I 810 106.80 -12.03 -20.48
N LYS I 811 107.91 -11.61 -21.09
CA LYS I 811 107.97 -11.35 -22.54
C LYS I 811 109.18 -12.07 -23.12
N TYR I 812 108.95 -12.94 -24.10
CA TYR I 812 110.04 -13.58 -24.82
C TYR I 812 109.76 -13.53 -26.31
N LYS I 813 110.54 -12.73 -27.04
CA LYS I 813 110.37 -12.57 -28.48
C LYS I 813 108.96 -12.07 -28.67
N GLY I 814 108.07 -12.79 -29.36
CA GLY I 814 106.71 -12.37 -29.56
C GLY I 814 105.68 -12.97 -28.63
N ILE I 815 106.09 -13.74 -27.62
CA ILE I 815 105.14 -14.31 -26.69
C ILE I 815 105.07 -13.44 -25.46
N SER I 816 103.86 -13.30 -24.89
CA SER I 816 103.67 -12.63 -23.61
C SER I 816 102.95 -13.57 -22.67
N LEU I 817 103.19 -13.37 -21.38
CA LEU I 817 102.46 -14.08 -20.35
C LEU I 817 102.24 -13.11 -19.21
N GLY I 818 100.98 -12.88 -18.85
CA GLY I 818 100.66 -12.04 -17.71
C GLY I 818 99.83 -12.80 -16.70
N ILE I 819 100.16 -12.69 -15.42
CA ILE I 819 99.43 -13.39 -14.36
C ILE I 819 99.20 -12.40 -13.23
N ASP I 820 97.93 -12.22 -12.84
CA ASP I 820 97.55 -11.20 -11.87
C ASP I 820 96.72 -11.83 -10.76
N PHE I 821 97.12 -11.60 -9.50
CA PHE I 821 96.39 -12.06 -8.33
C PHE I 821 95.77 -10.87 -7.61
N ASP I 822 94.58 -11.11 -7.04
CA ASP I 822 93.79 -10.10 -6.33
C ASP I 822 93.56 -10.60 -4.90
N ILE I 823 93.93 -9.79 -3.92
CA ILE I 823 93.82 -10.17 -2.51
C ILE I 823 93.05 -9.07 -1.79
N ARG I 824 91.87 -9.42 -1.28
CA ARG I 824 91.12 -8.56 -0.38
C ARG I 824 90.84 -9.33 0.90
N GLN I 825 91.12 -8.69 2.02
CA GLN I 825 91.06 -9.33 3.31
C GLN I 825 90.34 -8.39 4.27
N GLY I 826 89.43 -8.95 5.05
CA GLY I 826 88.77 -8.21 6.10
C GLY I 826 87.31 -7.96 5.77
N GLY I 827 86.60 -7.51 6.78
CA GLY I 827 85.21 -7.14 6.59
C GLY I 827 84.29 -8.33 6.49
N VAL I 828 83.00 -8.01 6.50
CA VAL I 828 81.95 -8.99 6.68
C VAL I 828 80.83 -8.71 5.68
N MET I 829 80.12 -9.76 5.29
CA MET I 829 79.09 -9.67 4.27
C MET I 829 77.96 -10.66 4.58
N TYR I 830 76.70 -10.22 4.42
CA TYR I 830 75.56 -11.11 4.64
C TYR I 830 75.38 -12.05 3.44
N SER I 831 75.22 -13.34 3.71
CA SER I 831 75.09 -14.33 2.65
C SER I 831 73.89 -15.21 2.90
N ARG I 832 72.85 -15.02 2.11
CA ARG I 832 71.70 -15.91 2.20
C ARG I 832 71.99 -17.28 1.59
N THR I 833 73.01 -17.39 0.73
CA THR I 833 73.39 -18.72 0.22
C THR I 833 73.72 -19.66 1.37
N LYS I 834 74.38 -19.13 2.39
CA LYS I 834 74.66 -19.93 3.58
C LYS I 834 73.38 -20.14 4.37
N ASP I 835 72.69 -19.04 4.68
CA ASP I 835 71.38 -19.09 5.32
C ASP I 835 70.50 -20.19 4.72
N ILE I 836 70.34 -20.22 3.39
CA ILE I 836 69.39 -21.18 2.81
C ILE I 836 69.94 -22.59 2.91
N ASN I 837 71.25 -22.76 2.73
CA ASN I 837 71.84 -24.09 2.82
C ASN I 837 71.86 -24.61 4.26
N TYR I 838 72.00 -23.72 5.24
CA TYR I 838 71.90 -24.19 6.62
C TYR I 838 70.46 -24.60 6.92
N PHE I 839 69.49 -23.73 6.63
CA PHE I 839 68.10 -24.07 6.86
C PHE I 839 67.75 -25.40 6.20
N THR I 840 68.28 -25.63 5.00
CA THR I 840 67.81 -26.75 4.22
C THR I 840 68.55 -28.05 4.54
N GLY I 841 69.62 -27.98 5.33
CA GLY I 841 70.30 -29.18 5.73
C GLY I 841 71.29 -29.72 4.72
N ASN I 842 71.63 -28.95 3.69
CA ASN I 842 72.59 -29.41 2.69
C ASN I 842 74.03 -29.02 3.01
N ALA I 843 74.26 -27.86 3.64
CA ALA I 843 75.60 -27.44 3.99
C ALA I 843 76.32 -28.50 4.83
N ILE I 844 77.63 -28.66 4.59
CA ILE I 844 78.36 -29.73 5.23
C ILE I 844 78.36 -29.57 6.75
N GLN I 845 78.45 -28.33 7.26
CA GLN I 845 78.44 -28.07 8.70
C GLN I 845 77.22 -28.65 9.40
N THR I 846 76.11 -28.86 8.71
CA THR I 846 74.94 -29.38 9.38
C THR I 846 75.12 -30.83 9.78
N ALA I 847 76.07 -31.53 9.18
CA ALA I 847 76.37 -32.91 9.55
C ALA I 847 77.16 -33.02 10.86
N TYR I 848 77.40 -31.90 11.53
CA TYR I 848 78.01 -31.85 12.86
C TYR I 848 77.51 -32.97 13.73
N ASN I 849 78.43 -33.56 14.50
CA ASN I 849 78.08 -34.59 15.48
C ASN I 849 77.31 -35.75 14.85
N ASP I 850 77.46 -35.90 13.55
CA ASP I 850 76.79 -36.95 12.79
C ASP I 850 75.27 -36.92 13.05
N ARG I 851 74.80 -35.76 13.50
CA ARG I 851 73.38 -35.47 13.75
C ARG I 851 72.79 -36.40 14.80
N ASN I 852 73.58 -36.72 15.81
CA ASN I 852 73.05 -37.35 16.99
C ASN I 852 72.71 -36.29 18.02
N PRO I 853 71.87 -36.62 19.02
CA PRO I 853 71.49 -35.62 20.02
C PRO I 853 72.72 -35.03 20.68
N LEU I 854 72.66 -33.75 21.03
CA LEU I 854 73.86 -33.14 21.58
C LEU I 854 73.51 -32.02 22.55
N ILE I 855 74.40 -31.82 23.51
CA ILE I 855 74.34 -30.66 24.38
C ILE I 855 75.36 -29.67 23.85
N VAL I 856 74.91 -28.45 23.57
CA VAL I 856 75.77 -27.36 23.16
C VAL I 856 76.92 -27.25 24.16
N PRO I 857 78.18 -27.33 23.70
CA PRO I 857 79.31 -27.24 24.63
C PRO I 857 79.34 -25.90 25.39
N ASN I 858 79.60 -26.00 26.71
CA ASN I 858 79.65 -24.85 27.63
C ASN I 858 78.32 -24.11 27.68
N SER I 859 77.23 -24.87 27.73
CA SER I 859 75.90 -24.29 27.85
C SER I 859 75.48 -24.25 29.31
N VAL I 860 74.80 -23.18 29.68
CA VAL I 860 74.20 -23.05 30.99
C VAL I 860 72.70 -22.84 30.83
N ASN I 861 71.99 -22.92 31.94
CA ASN I 861 70.59 -22.49 32.00
C ASN I 861 70.51 -21.32 32.98
N LYS I 862 69.89 -20.24 32.54
CA LYS I 862 69.63 -19.13 33.44
C LYS I 862 68.36 -19.43 34.22
N ILE I 863 68.45 -19.33 35.55
CA ILE I 863 67.31 -19.57 36.43
C ILE I 863 66.99 -18.24 37.10
N VAL I 864 65.88 -17.64 36.67
CA VAL I 864 65.49 -16.29 37.09
C VAL I 864 64.19 -16.41 37.85
N ASN I 865 64.21 -15.97 39.12
CA ASN I 865 63.02 -15.88 39.96
C ASN I 865 62.87 -14.45 40.45
N GLY I 866 61.95 -13.71 39.82
CA GLY I 866 61.76 -12.29 40.06
C GLY I 866 62.94 -11.46 39.60
N GLU I 867 63.84 -11.18 40.53
CA GLU I 867 65.07 -10.44 40.25
C GLU I 867 66.27 -11.13 40.92
N ASN I 868 66.34 -12.45 40.84
CA ASN I 868 67.53 -13.18 41.25
C ASN I 868 68.08 -13.99 40.09
N VAL I 869 69.35 -13.79 39.77
CA VAL I 869 69.96 -14.24 38.53
C VAL I 869 71.03 -15.28 38.85
N THR I 870 70.85 -16.51 38.35
CA THR I 870 71.83 -17.56 38.62
C THR I 870 71.87 -18.56 37.47
N TYR I 871 73.06 -19.16 37.26
CA TYR I 871 73.31 -20.02 36.10
C TYR I 871 73.73 -21.42 36.53
N VAL I 872 73.11 -22.42 35.92
CA VAL I 872 73.32 -23.84 36.18
C VAL I 872 73.94 -24.45 34.94
N GLU I 873 74.73 -25.51 35.09
CA GLU I 873 75.23 -26.21 33.91
C GLU I 873 74.08 -26.87 33.16
N ASN I 874 74.11 -26.78 31.83
CA ASN I 874 72.99 -27.29 31.04
C ASN I 874 73.06 -28.81 30.94
N THR I 875 71.91 -29.44 31.18
CA THR I 875 71.74 -30.88 31.05
C THR I 875 70.80 -31.25 29.92
N THR I 876 70.04 -30.30 29.39
CA THR I 876 69.06 -30.57 28.33
C THR I 876 69.74 -30.69 26.99
N PRO I 877 69.52 -31.77 26.24
CA PRO I 877 70.10 -31.88 24.90
C PRO I 877 69.21 -31.21 23.85
N ILE I 878 69.73 -31.16 22.65
CA ILE I 878 68.95 -30.87 21.46
C ILE I 878 68.56 -32.20 20.83
N THR I 879 67.26 -32.40 20.62
CA THR I 879 66.78 -33.67 20.10
C THR I 879 67.20 -33.85 18.65
N SER I 880 67.26 -35.11 18.24
CA SER I 880 67.38 -35.41 16.81
C SER I 880 66.35 -34.65 16.02
N SER I 881 65.12 -34.63 16.53
CA SER I 881 64.00 -33.99 15.85
C SER I 881 64.18 -32.48 15.72
N ASN I 882 64.97 -31.86 16.59
CA ASN I 882 65.17 -30.41 16.56
C ASN I 882 66.54 -29.98 16.03
N ILE I 883 67.40 -30.91 15.62
CA ILE I 883 68.69 -30.54 15.06
C ILE I 883 68.53 -29.56 13.90
N TYR I 884 67.50 -29.78 13.06
CA TYR I 884 67.24 -28.86 11.96
C TYR I 884 67.12 -27.43 12.47
N LYS I 885 66.42 -27.24 13.60
CA LYS I 885 66.20 -25.87 14.05
C LYS I 885 67.44 -25.28 14.70
N TYR I 886 68.29 -26.11 15.32
CA TYR I 886 69.57 -25.57 15.79
C TYR I 886 70.31 -24.90 14.65
N TRP I 887 70.45 -25.62 13.52
CA TRP I 887 71.24 -25.17 12.40
C TRP I 887 70.57 -24.07 11.62
N GLY I 888 69.28 -24.25 11.30
CA GLY I 888 68.56 -23.21 10.58
C GLY I 888 68.66 -21.85 11.27
N ASP I 889 68.62 -21.84 12.60
CA ASP I 889 68.69 -20.54 13.29
C ASP I 889 70.10 -19.98 13.32
N GLY I 890 71.09 -20.74 12.88
CA GLY I 890 72.48 -20.31 12.85
C GLY I 890 73.45 -20.98 13.86
N GLY I 891 73.14 -22.16 14.39
CA GLY I 891 73.99 -22.73 15.43
C GLY I 891 74.16 -21.78 16.61
N SER I 892 75.30 -21.90 17.29
CA SER I 892 75.51 -21.09 18.49
C SER I 892 75.70 -19.60 18.17
N ASP I 893 76.11 -19.25 16.96
CA ASP I 893 76.17 -17.83 16.60
C ASP I 893 74.78 -17.26 16.48
N MET I 894 73.80 -18.11 16.17
CA MET I 894 72.42 -17.76 15.81
C MET I 894 72.44 -16.90 14.54
N GLY I 895 71.84 -15.72 14.52
CA GLY I 895 71.68 -15.02 13.25
C GLY I 895 72.97 -14.45 12.72
N SER I 896 73.86 -14.02 13.61
CA SER I 896 75.19 -13.55 13.22
C SER I 896 75.95 -14.57 12.37
N CYS I 897 75.61 -15.86 12.47
CA CYS I 897 76.32 -16.89 11.70
C CYS I 897 76.29 -16.62 10.20
N PHE I 898 75.31 -15.88 9.73
CA PHE I 898 75.18 -15.73 8.29
C PHE I 898 75.89 -14.50 7.77
N LEU I 899 76.48 -13.69 8.65
CA LEU I 899 77.56 -12.83 8.20
C LEU I 899 78.76 -13.71 7.89
N VAL I 900 79.35 -13.51 6.72
CA VAL I 900 80.45 -14.33 6.26
C VAL I 900 81.65 -13.43 5.96
N ASP I 901 82.84 -13.98 6.16
CA ASP I 901 84.06 -13.24 5.91
C ASP I 901 84.25 -12.92 4.42
N LYS I 902 84.31 -11.62 4.11
CA LYS I 902 84.44 -11.09 2.76
C LYS I 902 85.79 -11.42 2.12
N SER I 903 86.68 -12.15 2.79
CA SER I 903 88.05 -12.32 2.35
C SER I 903 88.17 -13.29 1.18
N TYR I 904 89.03 -12.95 0.22
CA TYR I 904 89.40 -13.90 -0.81
C TYR I 904 90.78 -13.58 -1.34
N VAL I 905 91.44 -14.60 -1.88
CA VAL I 905 92.54 -14.47 -2.82
C VAL I 905 92.05 -15.09 -4.13
N LYS I 906 92.27 -14.38 -5.22
CA LYS I 906 91.70 -14.75 -6.51
C LYS I 906 92.77 -14.67 -7.59
N LEU I 907 92.82 -15.71 -8.45
CA LEU I 907 93.60 -15.66 -9.70
C LEU I 907 92.78 -14.86 -10.69
N ARG I 908 92.93 -13.54 -10.62
CA ARG I 908 92.00 -12.64 -11.30
C ARG I 908 92.07 -12.79 -12.80
N SER I 909 93.28 -12.80 -13.38
CA SER I 909 93.41 -12.82 -14.83
C SER I 909 94.74 -13.46 -15.22
N VAL I 910 94.71 -14.27 -16.28
CA VAL I 910 95.92 -14.77 -16.92
C VAL I 910 95.79 -14.55 -18.42
N VAL I 911 96.83 -14.01 -19.05
CA VAL I 911 96.74 -13.74 -20.48
C VAL I 911 98.00 -14.22 -21.19
N LEU I 912 97.85 -15.18 -22.09
CA LEU I 912 98.93 -15.64 -22.95
C LEU I 912 98.78 -15.02 -24.33
N GLY I 913 99.80 -14.29 -24.78
CA GLY I 913 99.73 -13.59 -26.05
C GLY I 913 100.86 -13.84 -27.03
N TRP I 914 100.51 -14.13 -28.29
CA TRP I 914 101.48 -14.46 -29.33
C TRP I 914 101.37 -13.50 -30.51
N ASP I 915 102.21 -12.48 -30.54
CA ASP I 915 102.38 -11.70 -31.76
C ASP I 915 103.10 -12.54 -32.81
N LEU I 916 102.55 -12.58 -34.03
CA LEU I 916 103.15 -13.43 -35.05
C LEU I 916 104.33 -12.72 -35.70
N PRO I 917 105.32 -13.49 -36.17
CA PRO I 917 106.52 -12.88 -36.77
C PRO I 917 106.17 -12.20 -38.09
N LYS I 918 106.60 -10.93 -38.22
CA LYS I 918 106.29 -10.16 -39.42
C LYS I 918 106.77 -10.85 -40.70
N ARG I 919 107.76 -11.74 -40.59
CA ARG I 919 108.29 -12.46 -41.74
C ARG I 919 107.26 -13.37 -42.36
N TRP I 920 106.34 -13.93 -41.58
CA TRP I 920 105.33 -14.82 -42.14
C TRP I 920 104.17 -14.06 -42.77
N LEU I 921 104.07 -12.76 -42.51
CA LEU I 921 103.02 -11.89 -43.06
C LEU I 921 103.66 -11.00 -44.13
N ALA I 922 103.97 -11.62 -45.27
CA ALA I 922 104.65 -10.93 -46.36
C ALA I 922 104.01 -11.32 -47.68
N LYS I 923 103.65 -12.60 -47.80
CA LYS I 923 102.73 -13.07 -48.84
C LYS I 923 101.27 -13.00 -48.42
N THR I 924 100.93 -12.05 -47.55
CA THR I 924 99.59 -11.89 -47.01
C THR I 924 99.20 -10.43 -46.96
N PRO I 925 97.90 -10.12 -46.96
CA PRO I 925 97.47 -8.72 -46.76
C PRO I 925 97.64 -8.21 -45.33
N PHE I 926 98.11 -9.03 -44.40
CA PHE I 926 98.13 -8.68 -42.99
C PHE I 926 99.40 -7.94 -42.60
N GLN I 927 99.25 -6.89 -41.80
CA GLN I 927 100.38 -6.15 -41.25
C GLN I 927 100.80 -6.68 -39.89
N ALA I 928 99.86 -7.27 -39.17
CA ALA I 928 100.10 -7.82 -37.85
C ALA I 928 99.03 -8.87 -37.60
N VAL I 929 99.39 -9.89 -36.85
CA VAL I 929 98.48 -10.94 -36.39
C VAL I 929 98.91 -11.32 -34.99
N LYS I 930 97.98 -11.35 -34.04
CA LYS I 930 98.28 -11.76 -32.67
C LYS I 930 97.13 -12.62 -32.16
N VAL I 931 97.40 -13.89 -31.90
CA VAL I 931 96.46 -14.73 -31.19
C VAL I 931 96.67 -14.56 -29.69
N SER I 932 95.60 -14.77 -28.92
CA SER I 932 95.63 -14.62 -27.47
C SER I 932 94.70 -15.64 -26.86
N ALA I 933 95.16 -16.33 -25.83
CA ALA I 933 94.33 -17.16 -24.97
C ALA I 933 94.39 -16.58 -23.57
N TYR I 934 93.23 -16.47 -22.91
CA TYR I 934 93.14 -15.80 -21.62
C TYR I 934 92.18 -16.53 -20.70
N GLY I 935 92.19 -16.11 -19.45
CA GLY I 935 91.26 -16.59 -18.44
C GLY I 935 91.03 -15.49 -17.44
N ASN I 936 89.85 -15.51 -16.82
CA ASN I 936 89.48 -14.51 -15.83
C ASN I 936 88.77 -15.23 -14.70
N ASN I 937 88.92 -14.69 -13.49
CA ASN I 937 88.26 -15.22 -12.30
C ASN I 937 88.36 -16.74 -12.29
N LEU I 938 89.62 -17.22 -12.24
CA LEU I 938 89.91 -18.62 -12.51
C LEU I 938 89.85 -19.49 -11.26
N PHE I 939 90.34 -18.97 -10.14
CA PHE I 939 90.32 -19.68 -8.86
C PHE I 939 90.08 -18.67 -7.75
N VAL I 940 89.23 -19.03 -6.81
CA VAL I 940 89.08 -18.24 -5.59
C VAL I 940 89.51 -19.11 -4.41
N TRP I 941 90.16 -18.47 -3.44
CA TRP I 941 90.59 -19.11 -2.20
C TRP I 941 90.07 -18.26 -1.07
N THR I 942 89.36 -18.86 -0.14
CA THR I 942 88.73 -18.10 0.93
C THR I 942 89.10 -18.72 2.26
N PRO I 943 88.95 -17.98 3.36
CA PRO I 943 89.14 -18.58 4.69
C PRO I 943 88.27 -19.83 4.83
N SER I 944 88.56 -20.67 5.81
CA SER I 944 87.79 -21.90 5.88
C SER I 944 86.40 -21.67 6.43
N SER I 945 86.16 -20.52 7.08
CA SER I 945 84.83 -20.25 7.62
C SER I 945 83.83 -20.03 6.51
N ASN I 946 84.32 -19.76 5.31
CA ASN I 946 83.49 -19.48 4.14
C ASN I 946 83.69 -20.63 3.17
N THR I 947 82.80 -21.58 3.24
CA THR I 947 82.75 -22.72 2.33
C THR I 947 81.57 -22.60 1.36
N PHE I 948 81.07 -21.37 1.14
CA PHE I 948 79.79 -21.17 0.46
C PHE I 948 79.88 -20.36 -0.82
N ILE I 949 80.37 -19.12 -0.77
CA ILE I 949 80.25 -18.20 -1.88
C ILE I 949 81.59 -17.61 -2.29
N ASP I 950 81.63 -17.14 -3.52
CA ASP I 950 82.61 -16.15 -3.95
C ASP I 950 82.20 -14.84 -3.30
N PRO I 951 83.05 -14.19 -2.51
CA PRO I 951 82.60 -12.98 -1.81
C PRO I 951 82.23 -11.81 -2.72
N GLU I 952 82.55 -11.90 -4.03
CA GLU I 952 82.29 -10.82 -5.00
C GLU I 952 80.91 -11.02 -5.63
N MET I 953 79.88 -10.69 -4.87
CA MET I 953 78.48 -10.87 -5.26
C MET I 953 77.64 -9.84 -4.51
N THR I 954 76.49 -9.52 -5.08
CA THR I 954 75.53 -8.67 -4.38
C THR I 954 74.20 -8.75 -5.09
N SER I 955 73.17 -8.33 -4.38
CA SER I 955 71.82 -8.30 -4.90
C SER I 955 71.22 -6.92 -4.74
N PHE I 956 72.03 -5.94 -4.33
CA PHE I 956 71.59 -4.62 -3.95
C PHE I 956 72.42 -3.57 -4.65
N GLY I 957 72.92 -3.89 -5.84
CA GLY I 957 73.51 -2.92 -6.73
C GLY I 957 74.97 -2.62 -6.43
N ASN I 958 75.56 -1.82 -7.32
CA ASN I 958 77.00 -1.59 -7.38
C ASN I 958 77.45 -0.42 -6.50
N ASP I 959 76.66 -0.01 -5.52
CA ASP I 959 77.22 0.98 -4.62
C ASP I 959 77.08 0.53 -3.18
N LEU I 960 76.83 1.48 -2.26
CA LEU I 960 77.05 1.24 -0.83
C LEU I 960 76.17 0.13 -0.31
N GLU I 961 74.87 0.25 -0.54
CA GLU I 961 73.94 -0.78 -0.09
C GLU I 961 74.19 -2.13 -0.77
N GLY I 962 75.08 -2.19 -1.75
CA GLY I 962 75.47 -3.49 -2.27
C GLY I 962 76.35 -4.24 -1.29
N ASN I 963 77.06 -3.51 -0.44
CA ASN I 963 77.94 -4.16 0.53
C ASN I 963 77.17 -4.88 1.60
N TYR I 964 75.85 -4.68 1.69
CA TYR I 964 75.08 -5.41 2.68
C TYR I 964 75.25 -6.91 2.50
N GLY I 965 75.21 -7.39 1.27
CA GLY I 965 75.46 -8.79 1.07
C GLY I 965 74.82 -9.32 -0.20
N GLU I 966 74.61 -10.64 -0.21
CA GLU I 966 74.24 -11.41 -1.37
C GLU I 966 72.98 -12.18 -0.99
N TYR I 967 71.93 -12.07 -1.80
CA TYR I 967 70.63 -12.61 -1.44
C TYR I 967 70.27 -13.73 -2.41
N THR I 968 71.09 -14.79 -2.35
CA THR I 968 71.13 -15.87 -3.34
C THR I 968 71.30 -15.31 -4.76
N ALA I 969 72.25 -14.38 -4.88
CA ALA I 969 72.80 -14.02 -6.18
C ALA I 969 73.32 -15.27 -6.87
N ASN I 970 73.33 -15.22 -8.20
CA ASN I 970 73.71 -16.38 -8.96
C ASN I 970 75.20 -16.70 -8.78
N PRO I 971 75.56 -17.97 -8.89
CA PRO I 971 76.95 -18.37 -8.59
C PRO I 971 77.95 -17.71 -9.54
N SER I 972 79.11 -17.35 -9.00
CA SER I 972 80.16 -16.73 -9.79
C SER I 972 80.70 -17.72 -10.81
N SER I 973 81.26 -17.19 -11.91
CA SER I 973 81.78 -18.06 -12.95
C SER I 973 83.26 -17.86 -13.23
N ARG I 974 83.83 -18.89 -13.85
CA ARG I 974 85.21 -18.96 -14.30
C ARG I 974 85.20 -18.80 -15.82
N ARG I 975 85.82 -17.74 -16.33
CA ARG I 975 85.82 -17.43 -17.76
C ARG I 975 87.18 -17.69 -18.40
N PHE I 976 87.17 -18.16 -19.64
CA PHE I 976 88.39 -18.45 -20.41
C PHE I 976 88.06 -18.48 -21.89
N GLY I 977 88.93 -17.88 -22.71
CA GLY I 977 88.62 -17.83 -24.13
C GLY I 977 89.83 -17.50 -24.98
N PHE I 978 89.58 -17.43 -26.30
CA PHE I 978 90.56 -17.08 -27.32
C PHE I 978 90.21 -15.74 -27.96
N ASN I 979 91.22 -15.04 -28.47
CA ASN I 979 91.00 -13.86 -29.29
C ASN I 979 92.00 -13.83 -30.44
N LEU I 980 91.49 -13.57 -31.64
CA LEU I 980 92.31 -13.40 -32.82
C LEU I 980 92.23 -11.95 -33.28
N MET I 981 93.37 -11.29 -33.46
CA MET I 981 93.36 -9.93 -34.01
C MET I 981 94.21 -9.90 -35.27
N VAL I 982 93.70 -9.24 -36.30
CA VAL I 982 94.47 -9.05 -37.54
C VAL I 982 94.38 -7.58 -37.92
N LYS I 983 95.52 -6.98 -38.21
CA LYS I 983 95.58 -5.63 -38.75
C LYS I 983 95.67 -5.72 -40.28
N PHE I 984 95.00 -4.80 -40.95
CA PHE I 984 95.12 -4.68 -42.40
C PHE I 984 95.74 -3.33 -42.74
N ASN J 3 91.26 -30.69 1.39
CA ASN J 3 90.33 -29.86 0.64
C ASN J 3 88.89 -30.37 0.76
N ASP J 4 88.55 -30.92 1.92
CA ASP J 4 87.20 -31.43 2.18
C ASP J 4 86.89 -31.13 3.64
N THR J 5 85.83 -30.35 3.88
CA THR J 5 85.60 -29.86 5.23
C THR J 5 85.03 -30.96 6.10
N GLU J 6 85.66 -31.19 7.19
CA GLU J 6 84.99 -32.13 8.08
C GLU J 6 84.00 -31.37 8.97
N PRO J 7 82.78 -31.89 9.13
CA PRO J 7 81.82 -31.23 10.03
C PRO J 7 82.22 -31.26 11.50
N GLY J 8 83.12 -32.16 11.89
CA GLY J 8 83.42 -32.33 13.29
C GLY J 8 82.25 -32.91 14.06
N GLY J 9 82.16 -32.54 15.33
CA GLY J 9 81.23 -33.13 16.26
C GLY J 9 81.77 -33.10 17.67
N THR J 10 81.01 -33.60 18.64
CA THR J 10 81.45 -33.59 20.02
C THR J 10 82.48 -34.68 20.28
N ALA J 11 83.03 -34.68 21.49
CA ALA J 11 84.07 -35.65 21.82
C ALA J 11 83.56 -37.09 21.80
N VAL J 12 82.24 -37.31 21.92
CA VAL J 12 81.67 -38.65 21.96
C VAL J 12 80.72 -38.91 20.79
N GLU J 13 80.91 -38.19 19.67
CA GLU J 13 79.89 -38.13 18.62
C GLU J 13 79.33 -39.51 18.23
N LYS J 14 80.19 -40.54 18.12
CA LYS J 14 79.74 -41.79 17.52
C LYS J 14 79.14 -42.78 18.53
N MET J 15 79.16 -42.45 19.82
CA MET J 15 78.42 -43.21 20.82
C MET J 15 77.10 -42.55 21.21
N ALA J 16 76.94 -41.26 20.91
CA ALA J 16 75.67 -40.60 21.14
C ALA J 16 74.66 -40.99 20.06
N GLY J 17 73.39 -40.94 20.39
CA GLY J 17 72.36 -41.25 19.42
C GLY J 17 71.00 -41.53 20.04
N ASP J 18 70.05 -41.84 19.16
CA ASP J 18 68.71 -42.32 19.51
C ASP J 18 68.65 -43.82 19.27
N TRP J 19 68.17 -44.58 20.27
CA TRP J 19 68.19 -46.04 20.22
C TRP J 19 66.81 -46.65 20.48
N TRP J 20 66.57 -47.80 19.83
CA TRP J 20 65.39 -48.64 20.05
C TRP J 20 65.84 -49.88 20.80
N VAL J 21 65.50 -49.97 22.08
CA VAL J 21 66.05 -51.01 22.95
C VAL J 21 64.91 -51.79 23.60
N THR J 22 65.27 -52.95 24.14
CA THR J 22 64.38 -53.74 24.98
C THR J 22 65.10 -54.11 26.28
N VAL J 23 64.33 -54.25 27.35
CA VAL J 23 64.86 -54.58 28.68
C VAL J 23 64.58 -56.06 28.92
N ASN J 24 65.64 -56.87 28.94
CA ASN J 24 65.58 -58.25 29.43
C ASN J 24 66.03 -58.27 30.89
N ALA J 25 65.78 -59.39 31.57
CA ALA J 25 66.18 -59.51 32.96
C ALA J 25 66.78 -60.88 33.24
N PHE J 26 67.71 -60.93 34.20
CA PHE J 26 68.30 -62.18 34.65
C PHE J 26 67.76 -62.54 36.02
N ILE J 27 67.03 -63.67 36.09
CA ILE J 27 66.41 -64.18 37.31
C ILE J 27 67.14 -65.42 37.81
N ASP J 28 66.46 -66.58 37.76
CA ASP J 28 67.09 -67.87 38.03
C ASP J 28 68.03 -68.23 36.89
N GLY J 29 69.16 -67.52 36.78
CA GLY J 29 70.13 -67.77 35.72
C GLY J 29 69.50 -67.80 34.34
N LYS J 30 68.44 -67.03 34.18
CA LYS J 30 67.66 -67.00 32.94
C LYS J 30 67.63 -65.59 32.39
N GLU J 31 67.78 -65.47 31.07
CA GLU J 31 67.47 -64.22 30.37
C GLU J 31 66.01 -64.29 29.94
N VAL J 32 65.11 -64.00 30.87
CA VAL J 32 63.71 -63.85 30.51
C VAL J 32 63.58 -62.57 29.69
N GLU J 33 62.96 -62.68 28.53
CA GLU J 33 62.94 -61.60 27.55
C GLU J 33 61.75 -60.69 27.82
N ASP J 34 62.05 -59.45 28.20
CA ASP J 34 61.09 -58.41 28.54
C ASP J 34 60.08 -58.91 29.57
N PRO J 35 60.49 -59.06 30.84
CA PRO J 35 59.52 -59.56 31.83
C PRO J 35 58.34 -58.60 32.01
N PHE J 36 58.59 -57.29 31.98
CA PHE J 36 57.55 -56.32 32.25
C PHE J 36 56.67 -56.03 31.05
N GLY J 37 56.85 -56.72 29.94
CA GLY J 37 56.00 -56.57 28.77
C GLY J 37 55.90 -55.15 28.26
N ALA J 38 57.05 -54.50 28.12
CA ALA J 38 57.11 -53.09 27.74
C ALA J 38 57.35 -52.87 26.25
N GLY J 39 57.70 -53.91 25.50
CA GLY J 39 58.05 -53.79 24.09
C GLY J 39 59.30 -52.94 23.87
N HIS J 40 59.46 -52.50 22.63
CA HIS J 40 60.60 -51.67 22.26
C HIS J 40 60.43 -50.25 22.81
N LEU J 41 61.47 -49.72 23.41
CA LEU J 41 61.41 -48.37 23.99
C LEU J 41 62.43 -47.46 23.33
N GLN J 42 62.30 -46.16 23.61
CA GLN J 42 63.18 -45.14 23.05
C GLN J 42 64.07 -44.54 24.14
N MET J 43 65.38 -44.53 23.89
CA MET J 43 66.36 -44.01 24.83
C MET J 43 67.42 -43.26 24.04
N SER J 44 68.13 -42.36 24.71
CA SER J 44 69.16 -41.58 24.03
C SER J 44 70.45 -41.51 24.83
N THR J 45 71.56 -41.48 24.10
CA THR J 45 72.89 -41.18 24.65
C THR J 45 73.39 -39.90 24.01
N TYR J 46 74.09 -39.09 24.80
CA TYR J 46 74.59 -37.83 24.27
C TYR J 46 75.64 -37.25 25.22
N ASN J 47 76.39 -36.29 24.70
CA ASN J 47 77.55 -35.74 25.36
C ASN J 47 77.18 -34.87 26.57
N THR J 48 78.16 -34.71 27.45
CA THR J 48 78.12 -33.78 28.59
C THR J 48 78.39 -32.36 28.10
N ALA J 49 77.92 -31.38 28.85
CA ALA J 49 78.22 -29.99 28.51
C ALA J 49 79.70 -29.68 28.59
N SER J 50 80.50 -30.49 29.28
CA SER J 50 81.94 -30.26 29.29
C SER J 50 82.61 -30.75 28.02
N ASN J 51 81.96 -31.62 27.26
CA ASN J 51 82.51 -32.15 26.02
C ASN J 51 83.85 -32.86 26.26
N SER J 52 83.91 -33.70 27.29
CA SER J 52 85.06 -34.58 27.48
C SER J 52 84.81 -35.89 26.77
N GLU J 53 85.89 -36.61 26.46
CA GLU J 53 85.71 -37.93 25.86
C GLU J 53 85.74 -39.03 26.89
N THR J 54 85.47 -38.70 28.16
CA THR J 54 85.52 -39.66 29.26
C THR J 54 84.19 -39.85 29.98
N GLU J 55 83.17 -39.04 29.70
CA GLU J 55 81.84 -39.27 30.26
C GLU J 55 80.76 -38.91 29.25
N MET J 56 79.55 -39.43 29.50
CA MET J 56 78.45 -39.35 28.56
C MET J 56 77.15 -39.58 29.31
N TRP J 57 76.09 -38.92 28.85
CA TRP J 57 74.76 -39.04 29.43
C TRP J 57 74.06 -40.28 28.86
N LEU J 58 73.41 -41.03 29.73
CA LEU J 58 72.56 -42.14 29.37
C LEU J 58 71.18 -41.78 29.89
N ASP J 59 70.17 -41.87 29.02
CA ASP J 59 68.87 -41.25 29.28
C ASP J 59 67.77 -42.15 28.75
N ASP J 60 67.02 -42.78 29.65
CA ASP J 60 65.89 -43.61 29.24
C ASP J 60 64.67 -42.78 28.87
N LEU J 61 64.76 -41.45 29.00
CA LEU J 61 63.68 -40.53 28.61
C LEU J 61 62.36 -40.86 29.31
N GLY J 62 62.44 -41.49 30.48
CA GLY J 62 61.25 -41.81 31.23
C GLY J 62 60.42 -42.92 30.62
N ASN J 63 61.06 -43.83 29.88
CA ASN J 63 60.32 -44.88 29.19
C ASN J 63 60.40 -46.23 29.88
N PHE J 64 61.31 -46.41 30.83
CA PHE J 64 61.36 -47.64 31.62
C PHE J 64 61.39 -47.30 33.10
N TRP J 65 62.59 -47.19 33.69
CA TRP J 65 62.72 -46.90 35.12
C TRP J 65 62.70 -45.40 35.42
N GLU J 66 62.64 -44.55 34.39
CA GLU J 66 62.75 -43.10 34.56
C GLU J 66 64.08 -42.74 35.23
N TYR J 67 65.16 -43.04 34.51
CA TYR J 67 66.51 -42.77 34.98
C TYR J 67 67.33 -42.10 33.91
N LYS J 68 68.31 -41.32 34.37
CA LYS J 68 69.25 -40.64 33.50
C LYS J 68 70.46 -40.28 34.34
N LEU J 69 71.65 -40.69 33.91
CA LEU J 69 72.84 -40.49 34.73
C LEU J 69 74.03 -40.23 33.83
N LYS J 70 75.12 -39.81 34.47
CA LYS J 70 76.42 -39.76 33.81
C LYS J 70 77.04 -41.14 33.80
N VAL J 71 77.54 -41.53 32.64
CA VAL J 71 78.23 -42.80 32.46
C VAL J 71 79.69 -42.49 32.12
N ASN J 72 80.62 -43.20 32.74
CA ASN J 72 82.01 -43.10 32.32
C ASN J 72 82.21 -43.88 31.04
N VAL J 73 82.98 -43.31 30.11
CA VAL J 73 83.05 -43.81 28.75
C VAL J 73 84.50 -43.85 28.31
N ASN J 74 84.86 -44.92 27.62
CA ASN J 74 86.14 -45.05 26.95
C ASN J 74 85.89 -45.07 25.44
N TYR J 75 86.33 -44.01 24.74
CA TYR J 75 85.83 -43.77 23.39
C TYR J 75 86.42 -44.73 22.37
N ALA J 76 87.73 -44.99 22.44
CA ALA J 76 88.33 -45.88 21.44
C ALA J 76 87.87 -47.33 21.60
N ALA J 77 87.51 -47.77 22.81
CA ALA J 77 87.01 -49.14 22.93
C ALA J 77 85.52 -49.27 22.71
N ARG J 78 84.81 -48.15 22.55
CA ARG J 78 83.36 -48.16 22.38
C ARG J 78 82.67 -48.89 23.55
N THR J 79 83.07 -48.54 24.77
CA THR J 79 82.53 -49.13 25.98
C THR J 79 82.13 -48.04 26.96
N PHE J 80 81.20 -48.36 27.85
CA PHE J 80 80.79 -47.42 28.88
C PHE J 80 80.29 -48.19 30.10
N SER J 81 80.43 -47.57 31.26
CA SER J 81 80.08 -48.21 32.53
C SER J 81 80.08 -47.18 33.64
N THR J 82 79.39 -47.51 34.74
CA THR J 82 79.49 -46.70 35.93
C THR J 82 80.61 -47.25 36.79
N THR J 83 80.90 -46.57 37.88
CA THR J 83 81.82 -47.09 38.88
C THR J 83 81.14 -46.89 40.23
N GLY J 84 80.49 -47.93 40.72
CA GLY J 84 79.69 -47.81 41.91
C GLY J 84 78.28 -47.39 41.56
N PHE J 85 77.45 -47.23 42.60
CA PHE J 85 76.09 -46.75 42.39
C PHE J 85 76.12 -45.23 42.35
N VAL J 86 75.83 -44.66 41.20
CA VAL J 86 75.91 -43.22 41.01
C VAL J 86 74.50 -42.64 41.09
N ASP J 87 74.43 -41.35 41.43
CA ASP J 87 73.15 -40.68 41.57
C ASP J 87 72.39 -40.66 40.25
N ASN J 88 71.09 -40.88 40.34
CA ASN J 88 70.17 -40.52 39.27
C ASN J 88 69.81 -39.06 39.41
N VAL J 89 69.64 -38.37 38.29
CA VAL J 89 69.22 -36.98 38.31
C VAL J 89 67.76 -36.81 37.94
N THR J 90 67.06 -37.88 37.53
CA THR J 90 65.63 -37.76 37.26
C THR J 90 64.82 -37.71 38.54
N TYR J 91 65.11 -38.61 39.53
CA TYR J 91 64.20 -38.68 40.68
C TYR J 91 64.86 -39.14 41.99
N GLU J 92 66.14 -38.86 42.21
CA GLU J 92 66.77 -39.19 43.50
C GLU J 92 66.83 -40.70 43.74
N SER J 93 67.57 -41.42 42.91
CA SER J 93 67.83 -42.83 43.10
C SER J 93 69.29 -43.07 42.71
N LYS J 94 69.71 -44.34 42.66
CA LYS J 94 71.08 -44.64 42.25
C LYS J 94 71.10 -45.81 41.28
N VAL J 95 71.80 -45.61 40.17
CA VAL J 95 71.85 -46.56 39.07
C VAL J 95 73.27 -47.07 38.93
N LYS J 96 73.37 -48.30 38.43
CA LYS J 96 74.64 -48.96 38.22
C LYS J 96 74.64 -49.52 36.80
N ILE J 97 75.46 -48.95 35.94
CA ILE J 97 75.62 -49.38 34.56
C ILE J 97 76.90 -50.22 34.50
N THR J 98 76.86 -51.31 33.76
CA THR J 98 78.00 -52.23 33.72
C THR J 98 78.09 -52.91 32.37
N ASP J 99 79.31 -53.02 31.85
CA ASP J 99 79.57 -53.82 30.65
C ASP J 99 78.83 -53.25 29.45
N GLY J 100 78.77 -51.92 29.39
CA GLY J 100 78.16 -51.27 28.24
C GLY J 100 79.12 -51.20 27.07
N LYS J 101 78.58 -51.35 25.86
CA LYS J 101 79.38 -51.31 24.64
C LYS J 101 78.48 -50.87 23.49
N VAL J 102 79.03 -50.03 22.61
CA VAL J 102 78.37 -49.60 21.38
C VAL J 102 79.09 -50.27 20.22
N LEU J 103 78.43 -51.22 19.58
CA LEU J 103 79.04 -52.04 18.53
C LEU J 103 78.62 -51.49 17.19
N GLU J 104 79.57 -50.93 16.45
CA GLU J 104 79.24 -50.23 15.22
C GLU J 104 78.76 -51.21 14.14
N LYS J 105 77.73 -50.79 13.40
CA LYS J 105 77.16 -51.52 12.26
C LYS J 105 76.90 -52.99 12.57
N ALA J 106 76.57 -53.30 13.83
CA ALA J 106 76.54 -54.68 14.30
C ALA J 106 75.16 -55.29 14.40
N ALA J 107 74.11 -54.48 14.46
CA ALA J 107 72.73 -54.94 14.60
C ALA J 107 71.97 -54.78 13.28
N THR J 108 70.74 -55.30 13.25
CA THR J 108 69.89 -55.22 12.07
C THR J 108 68.57 -54.54 12.42
N THR J 109 68.16 -53.60 11.59
CA THR J 109 66.91 -52.91 11.75
C THR J 109 65.77 -53.82 11.30
N PRO J 110 64.52 -53.44 11.59
CA PRO J 110 63.38 -54.20 11.04
C PRO J 110 63.37 -54.25 9.51
N SER J 111 63.88 -53.22 8.83
CA SER J 111 63.89 -53.17 7.37
C SER J 111 64.99 -54.04 6.76
N GLY J 112 65.85 -54.65 7.57
CA GLY J 112 66.89 -55.53 7.06
C GLY J 112 68.20 -54.85 6.71
N MET J 113 68.59 -53.80 7.41
CA MET J 113 69.78 -53.04 7.09
C MET J 113 70.71 -52.96 8.30
N PRO J 114 72.01 -52.76 8.05
CA PRO J 114 72.96 -52.53 9.15
C PRO J 114 72.63 -51.31 10.01
N ALA J 115 72.73 -51.51 11.33
CA ALA J 115 72.70 -50.40 12.29
C ALA J 115 73.66 -50.72 13.43
N ASP J 116 73.97 -49.69 14.22
CA ASP J 116 74.81 -49.90 15.41
C ASP J 116 74.01 -50.60 16.51
N SER J 117 74.57 -51.67 17.07
CA SER J 117 74.03 -52.29 18.27
C SER J 117 74.48 -51.50 19.50
N ILE J 118 73.68 -51.58 20.56
CA ILE J 118 74.01 -51.01 21.86
C ILE J 118 73.52 -52.02 22.89
N VAL J 119 74.37 -52.34 23.86
CA VAL J 119 74.03 -53.25 24.94
C VAL J 119 74.68 -52.72 26.20
N TYR J 120 73.95 -52.75 27.29
CA TYR J 120 74.53 -52.46 28.59
C TYR J 120 73.65 -53.15 29.62
N MET J 121 74.20 -53.33 30.81
CA MET J 121 73.44 -53.87 31.93
C MET J 121 73.32 -52.83 33.02
N VAL J 122 72.26 -52.96 33.82
CA VAL J 122 71.80 -51.89 34.69
C VAL J 122 71.15 -52.49 35.93
N GLN J 123 71.33 -51.84 37.07
CA GLN J 123 70.53 -52.17 38.23
C GLN J 123 70.31 -50.92 39.07
N PHE J 124 69.29 -50.97 39.92
CA PHE J 124 68.82 -49.81 40.65
C PHE J 124 68.80 -50.06 42.16
N ASP J 125 69.49 -49.17 42.87
CA ASP J 125 69.27 -48.82 44.27
C ASP J 125 67.92 -49.27 44.82
N ASP J 126 66.83 -48.86 44.17
CA ASP J 126 65.49 -49.04 44.74
C ASP J 126 64.69 -50.16 44.09
N ASP J 127 65.35 -51.07 43.39
CA ASP J 127 64.68 -52.25 42.85
C ASP J 127 64.53 -53.28 43.95
N GLU J 128 63.31 -53.40 44.50
CA GLU J 128 63.10 -54.27 45.66
C GLU J 128 63.33 -55.75 45.34
N ASP J 129 63.30 -56.12 44.07
CA ASP J 129 63.70 -57.48 43.67
C ASP J 129 65.20 -57.58 43.38
N GLY J 130 65.88 -56.47 43.12
CA GLY J 130 67.33 -56.44 43.08
C GLY J 130 68.00 -57.05 41.86
N LEU J 131 67.32 -57.10 40.72
CA LEU J 131 67.89 -57.83 39.59
C LEU J 131 68.80 -56.96 38.73
N THR J 132 69.45 -57.64 37.77
CA THR J 132 70.35 -57.03 36.81
C THR J 132 69.70 -57.16 35.43
N TYR J 133 69.42 -56.02 34.79
CA TYR J 133 68.68 -55.97 33.54
C TYR J 133 69.63 -55.81 32.35
N LYS J 134 69.16 -56.27 31.18
CA LYS J 134 69.93 -56.15 29.94
C LYS J 134 69.11 -55.30 28.95
N VAL J 135 69.56 -54.07 28.75
CA VAL J 135 69.06 -53.18 27.72
C VAL J 135 69.90 -53.42 26.47
N SER J 136 69.30 -54.05 25.45
CA SER J 136 69.93 -54.20 24.14
C SER J 136 69.05 -53.58 23.08
N GLY J 137 69.66 -53.13 21.98
CA GLY J 137 68.89 -52.52 20.90
C GLY J 137 69.81 -51.92 19.85
N PHE J 138 69.22 -51.08 19.00
CA PHE J 138 69.90 -50.53 17.83
C PHE J 138 69.60 -49.04 17.65
N ARG J 139 70.46 -48.36 16.89
CA ARG J 139 70.28 -46.93 16.67
C ARG J 139 69.16 -46.66 15.67
N ARG J 140 68.32 -45.68 16.00
CA ARG J 140 67.14 -45.39 15.19
C ARG J 140 67.55 -44.87 13.82
N THR J 141 66.91 -45.42 12.78
CA THR J 141 67.21 -45.03 11.41
C THR J 141 66.61 -43.67 11.08
N GLY J 142 65.29 -43.54 11.26
CA GLY J 142 64.54 -42.40 10.80
C GLY J 142 63.45 -42.75 9.83
N PHE J 143 63.29 -44.03 9.51
CA PHE J 143 62.34 -44.49 8.49
C PHE J 143 61.04 -44.90 9.15
N PRO J 144 59.96 -45.05 8.36
CA PRO J 144 58.69 -45.45 8.97
C PRO J 144 58.76 -46.88 9.51
N ALA J 145 59.30 -47.80 8.71
CA ALA J 145 59.24 -49.24 9.02
C ALA J 145 60.12 -49.65 10.19
N ASP J 146 61.12 -48.84 10.55
CA ASP J 146 62.01 -49.16 11.66
C ASP J 146 61.52 -48.58 12.99
N ASP J 147 60.32 -48.02 13.02
CA ASP J 147 59.75 -47.55 14.28
C ASP J 147 58.89 -48.61 14.95
N PHE J 148 58.46 -48.32 16.17
CA PHE J 148 57.57 -49.21 16.90
C PHE J 148 56.44 -48.39 17.51
N GLY K 1 66.16 -1.64 10.35
CA GLY K 1 65.87 -1.47 8.93
C GLY K 1 64.77 -2.33 8.32
N GLY K 2 64.02 -1.80 7.35
CA GLY K 2 62.82 -2.44 6.85
C GLY K 2 63.02 -3.25 5.59
N GLY K 3 62.39 -4.41 5.54
CA GLY K 3 62.40 -5.25 4.37
C GLY K 3 62.26 -6.67 4.86
N GLY K 4 61.17 -7.35 4.55
CA GLY K 4 60.90 -8.63 5.17
C GLY K 4 61.29 -9.81 4.30
N GLY K 5 61.68 -10.89 4.96
CA GLY K 5 61.84 -12.17 4.31
C GLY K 5 60.94 -13.22 4.92
N GLY K 6 60.47 -14.14 4.10
CA GLY K 6 59.75 -15.28 4.65
C GLY K 6 60.67 -16.43 5.10
N GLY K 7 60.08 -17.39 5.82
CA GLY K 7 60.71 -18.65 6.10
C GLY K 7 60.39 -19.63 4.98
N GLY K 8 60.74 -20.89 5.17
CA GLY K 8 60.38 -21.92 4.23
C GLY K 8 59.45 -22.97 4.83
N GLY K 9 59.01 -23.89 3.99
CA GLY K 9 58.27 -25.04 4.45
C GLY K 9 59.15 -26.21 4.85
N GLY K 10 58.70 -26.93 5.87
CA GLY K 10 59.33 -28.17 6.29
C GLY K 10 58.58 -28.85 7.43
N CYS L 1 -65.90 18.48 36.69
CA CYS L 1 -66.19 18.42 35.25
C CYS L 1 -65.38 19.48 34.50
N ASP L 2 -64.11 19.19 34.26
CA ASP L 2 -63.22 20.12 33.58
C ASP L 2 -63.61 20.23 32.11
N LEU L 3 -63.91 21.45 31.65
CA LEU L 3 -64.27 21.64 30.24
C LEU L 3 -63.09 21.97 29.32
N ASN L 4 -61.88 22.17 29.87
CA ASN L 4 -60.71 22.56 29.08
C ASN L 4 -59.92 21.34 28.65
N ILE L 5 -60.54 20.54 27.78
CA ILE L 5 -59.97 19.25 27.40
C ILE L 5 -59.96 19.11 25.89
N ASN L 6 -60.03 20.24 25.16
CA ASN L 6 -60.25 20.22 23.72
C ASN L 6 -58.96 20.34 22.91
N ASP L 7 -57.80 20.30 23.56
CA ASP L 7 -56.54 20.08 22.86
C ASP L 7 -56.48 18.62 22.43
N ASP L 8 -56.26 18.39 21.13
CA ASP L 8 -56.35 17.03 20.64
C ASP L 8 -55.23 16.17 21.22
N PRO L 9 -55.56 15.14 22.02
CA PRO L 9 -54.50 14.29 22.59
C PRO L 9 -53.83 13.42 21.55
N ASN L 10 -54.44 13.27 20.39
CA ASN L 10 -53.87 12.42 19.37
C ASN L 10 -52.75 13.09 18.57
N TYR L 11 -52.44 14.35 18.83
CA TYR L 11 -51.41 15.03 18.06
C TYR L 11 -50.55 15.86 19.02
N PRO L 12 -49.29 16.09 18.68
CA PRO L 12 -48.36 16.67 19.65
C PRO L 12 -48.70 18.13 19.95
N MET L 13 -48.10 18.65 21.01
CA MET L 13 -48.27 20.07 21.29
C MET L 13 -47.55 20.87 20.20
N ASN L 14 -48.19 21.95 19.76
CA ASN L 14 -47.69 22.66 18.59
C ASN L 14 -46.28 23.22 18.81
N ASP L 15 -45.90 23.51 20.06
CA ASP L 15 -44.53 23.91 20.36
C ASP L 15 -43.53 22.83 20.00
N GLN L 16 -43.84 21.59 20.36
CA GLN L 16 -42.86 20.52 20.21
C GLN L 16 -42.54 20.18 18.75
N VAL L 17 -43.32 20.65 17.80
CA VAL L 17 -43.08 20.31 16.40
C VAL L 17 -42.19 21.38 15.80
N THR L 18 -40.95 20.99 15.48
CA THR L 18 -39.87 21.88 15.08
C THR L 18 -39.62 21.77 13.58
N ALA L 19 -38.70 22.59 13.08
CA ALA L 19 -38.48 22.61 11.63
C ALA L 19 -37.91 21.30 11.13
N ASP L 20 -37.14 20.59 11.98
CA ASP L 20 -36.57 19.31 11.55
C ASP L 20 -37.59 18.20 11.57
N LEU L 21 -38.70 18.37 12.28
CA LEU L 21 -39.77 17.41 12.19
C LEU L 21 -40.66 17.61 10.97
N ILE L 22 -40.74 18.84 10.45
CA ILE L 22 -41.60 19.11 9.30
C ILE L 22 -40.84 18.92 7.97
N PHE L 23 -39.54 19.25 7.91
CA PHE L 23 -38.86 19.33 6.61
C PHE L 23 -38.86 18.05 5.79
N PRO L 24 -38.73 16.85 6.37
CA PRO L 24 -38.64 15.66 5.49
C PRO L 24 -39.94 15.36 4.78
N SER L 25 -41.06 15.90 5.28
CA SER L 25 -42.34 15.72 4.61
C SER L 25 -42.34 16.36 3.22
N ILE L 26 -41.54 17.40 3.01
CA ILE L 26 -41.64 18.20 1.78
C ILE L 26 -41.24 17.38 0.56
N SER L 27 -40.12 16.67 0.65
CA SER L 27 -39.65 15.87 -0.47
C SER L 27 -40.54 14.65 -0.69
N ALA L 28 -40.92 13.98 0.40
CA ALA L 28 -41.75 12.79 0.29
C ALA L 28 -43.12 13.12 -0.31
N SER L 29 -43.71 14.23 0.13
CA SER L 29 -44.93 14.75 -0.51
C SER L 29 -44.71 14.95 -2.00
N ILE L 30 -43.67 15.72 -2.37
CA ILE L 30 -43.44 15.98 -3.79
C ILE L 30 -43.19 14.67 -4.51
N ALA L 31 -42.47 13.74 -3.90
CA ALA L 31 -42.18 12.48 -4.59
C ALA L 31 -43.45 11.66 -4.78
N SER L 32 -44.33 11.62 -3.77
CA SER L 32 -45.51 10.78 -3.88
C SER L 32 -46.40 11.20 -5.05
N ALA L 33 -46.33 12.48 -5.42
CA ALA L 33 -47.08 13.00 -6.56
C ALA L 33 -46.34 12.73 -7.86
N VAL L 34 -45.18 13.38 -8.05
CA VAL L 34 -44.56 13.37 -9.37
C VAL L 34 -43.90 12.05 -9.71
N GLY L 35 -43.68 11.17 -8.74
CA GLY L 35 -43.29 9.80 -9.01
C GLY L 35 -44.44 8.84 -8.94
N GLY L 36 -45.68 9.33 -8.78
CA GLY L 36 -46.87 8.52 -8.71
C GLY L 36 -47.86 8.77 -9.84
N GLU L 37 -48.97 9.45 -9.56
CA GLU L 37 -50.02 9.56 -10.57
C GLU L 37 -49.69 10.57 -11.66
N ILE L 38 -48.90 11.61 -11.37
CA ILE L 38 -48.41 12.50 -12.42
C ILE L 38 -47.46 11.75 -13.35
N TYR L 39 -46.38 11.20 -12.77
CA TYR L 39 -45.51 10.28 -13.50
C TYR L 39 -46.32 9.28 -14.33
N ASN L 40 -47.46 8.84 -13.80
CA ASN L 40 -48.24 7.82 -14.46
C ASN L 40 -48.80 8.34 -15.77
N TYR L 41 -49.69 9.34 -15.70
CA TYR L 41 -50.34 9.87 -16.89
C TYR L 41 -49.36 10.55 -17.83
N ALA L 42 -48.21 11.00 -17.32
CA ALA L 42 -47.19 11.53 -18.21
C ALA L 42 -46.56 10.43 -19.05
N GLY L 43 -46.47 9.21 -18.52
CA GLY L 43 -45.97 8.10 -19.31
C GLY L 43 -46.87 7.75 -20.47
N PHE L 44 -48.17 8.03 -20.35
CA PHE L 44 -49.07 7.86 -21.49
C PHE L 44 -48.90 8.99 -22.51
N PHE L 45 -48.76 10.23 -22.02
CA PHE L 45 -48.64 11.37 -22.93
C PHE L 45 -47.32 11.36 -23.67
N ALA L 46 -46.24 10.95 -23.01
CA ALA L 46 -44.95 10.76 -23.66
C ALA L 46 -44.89 9.46 -24.44
N GLN L 47 -45.90 8.61 -24.31
CA GLN L 47 -46.08 7.42 -25.14
C GLN L 47 -45.04 6.34 -24.87
N TYR L 48 -44.65 6.19 -23.59
CA TYR L 48 -43.83 5.06 -23.17
C TYR L 48 -44.66 3.79 -23.09
N TYR L 49 -45.86 3.87 -22.52
CA TYR L 49 -46.68 2.70 -22.29
C TYR L 49 -48.14 3.00 -22.64
N GLU L 50 -48.95 1.95 -22.52
CA GLU L 50 -50.30 1.92 -23.08
C GLU L 50 -51.13 0.98 -22.23
N GLN L 51 -52.44 1.13 -22.28
CA GLN L 51 -53.34 0.29 -21.50
C GLN L 51 -53.26 -1.17 -21.93
N LYS L 52 -53.02 -2.05 -20.96
CA LYS L 52 -53.04 -3.48 -21.23
C LYS L 52 -54.38 -3.88 -21.85
N PRO L 53 -54.37 -4.80 -22.81
CA PRO L 53 -55.62 -5.27 -23.43
C PRO L 53 -56.72 -5.75 -22.47
N GLU L 54 -56.41 -6.64 -21.52
CA GLU L 54 -57.45 -7.33 -20.77
C GLU L 54 -57.85 -6.60 -19.49
N SER L 55 -57.56 -5.31 -19.38
CA SER L 55 -57.98 -4.53 -18.22
C SER L 55 -58.14 -3.09 -18.67
N ASN L 56 -58.69 -2.23 -17.78
CA ASN L 56 -59.30 -1.01 -18.29
C ASN L 56 -59.11 0.22 -17.40
N GLN L 57 -58.10 0.22 -16.51
CA GLN L 57 -58.00 1.33 -15.56
C GLN L 57 -57.81 2.68 -16.25
N TYR L 58 -57.05 2.71 -17.35
CA TYR L 58 -56.55 3.97 -17.92
C TYR L 58 -56.96 4.16 -19.39
N ASN L 59 -58.01 3.47 -19.85
CA ASN L 59 -58.62 3.77 -21.15
C ASN L 59 -58.70 5.27 -21.38
N THR L 60 -59.22 5.99 -20.39
CA THR L 60 -59.55 7.39 -20.58
C THR L 60 -58.31 8.24 -20.79
N LEU L 61 -57.17 7.82 -20.26
CA LEU L 61 -55.94 8.59 -20.48
C LEU L 61 -55.30 8.25 -21.82
N CYS L 62 -55.35 6.98 -22.24
CA CYS L 62 -54.77 6.57 -23.51
C CYS L 62 -55.46 7.25 -24.68
N GLU L 63 -56.78 7.39 -24.60
CA GLU L 63 -57.61 7.89 -25.67
C GLU L 63 -57.96 9.36 -25.49
N TYR L 64 -57.32 10.05 -24.55
CA TYR L 64 -57.58 11.47 -24.28
C TYR L 64 -59.08 11.76 -24.13
N THR L 65 -59.87 10.77 -23.72
CA THR L 65 -61.29 10.96 -23.47
C THR L 65 -61.60 11.45 -22.06
N PHE L 66 -60.61 11.93 -21.31
CA PHE L 66 -60.88 12.44 -19.97
C PHE L 66 -61.30 13.91 -20.03
N THR L 67 -62.03 14.35 -19.01
CA THR L 67 -62.35 15.77 -18.90
C THR L 67 -61.98 16.30 -17.53
N GLU L 68 -62.31 17.57 -17.29
CA GLU L 68 -61.97 18.21 -16.03
C GLU L 68 -62.61 17.50 -14.85
N SER L 69 -63.82 16.96 -15.01
CA SER L 69 -64.44 16.26 -13.90
C SER L 69 -63.85 14.87 -13.65
N SER L 70 -62.97 14.37 -14.54
CA SER L 70 -62.32 13.09 -14.27
C SER L 70 -61.30 13.18 -13.13
N GLN L 71 -60.88 14.38 -12.75
CA GLN L 71 -59.98 14.62 -11.62
C GLN L 71 -58.67 13.84 -11.77
N GLN L 72 -58.03 14.01 -12.91
CA GLN L 72 -56.90 13.17 -13.23
C GLN L 72 -55.64 13.57 -12.48
N MET L 73 -55.60 14.78 -11.89
CA MET L 73 -54.52 15.12 -10.98
C MET L 73 -55.02 15.78 -9.69
N ASP L 74 -56.22 15.41 -9.21
CA ASP L 74 -56.76 16.09 -8.03
C ASP L 74 -56.11 15.61 -6.75
N TYR L 75 -55.66 14.34 -6.73
CA TYR L 75 -54.86 13.86 -5.62
C TYR L 75 -53.53 14.61 -5.54
N SER L 76 -52.82 14.68 -6.65
CA SER L 76 -51.47 15.26 -6.63
C SER L 76 -51.53 16.75 -6.35
N TYR L 77 -52.59 17.43 -6.79
CA TYR L 77 -52.72 18.85 -6.52
C TYR L 77 -52.93 19.09 -5.02
N ARG L 78 -53.72 18.24 -4.39
CA ARG L 78 -53.85 18.31 -2.94
C ARG L 78 -52.52 17.99 -2.24
N ILE L 79 -51.76 17.04 -2.78
CA ILE L 79 -50.50 16.63 -2.16
C ILE L 79 -49.45 17.74 -2.27
N LEU L 80 -49.24 18.26 -3.49
CA LEU L 80 -48.22 19.30 -3.69
C LEU L 80 -48.56 20.60 -2.98
N PHE L 81 -49.84 20.95 -2.87
CA PHE L 81 -50.22 22.24 -2.29
C PHE L 81 -50.56 22.15 -0.82
N ALA L 82 -51.60 21.38 -0.46
CA ALA L 82 -51.95 21.27 0.95
C ALA L 82 -50.97 20.43 1.75
N GLY L 83 -49.99 19.81 1.08
CA GLY L 83 -48.99 19.00 1.76
C GLY L 83 -47.59 19.61 1.71
N ALA L 84 -46.92 19.51 0.57
CA ALA L 84 -45.55 19.98 0.48
C ALA L 84 -45.43 21.48 0.66
N LEU L 85 -46.19 22.26 -0.12
CA LEU L 85 -46.02 23.70 -0.11
C LEU L 85 -46.40 24.33 1.23
N GLU L 86 -47.41 23.81 1.92
CA GLU L 86 -47.73 24.36 3.23
C GLU L 86 -46.63 24.02 4.24
N ASP L 87 -46.17 22.76 4.25
CA ASP L 87 -45.07 22.39 5.13
C ASP L 87 -43.82 23.23 4.86
N ALA L 88 -43.49 23.41 3.58
CA ALA L 88 -42.40 24.32 3.25
C ALA L 88 -42.65 25.72 3.78
N LYS L 89 -43.90 26.18 3.76
CA LYS L 89 -44.20 27.49 4.35
C LYS L 89 -43.88 27.51 5.84
N GLN L 90 -44.16 26.40 6.53
CA GLN L 90 -43.97 26.32 7.98
C GLN L 90 -42.49 26.21 8.34
N VAL L 91 -41.74 25.37 7.61
CA VAL L 91 -40.29 25.29 7.81
C VAL L 91 -39.68 26.68 7.71
N LEU L 92 -40.11 27.46 6.71
CA LEU L 92 -39.58 28.80 6.48
C LEU L 92 -39.95 29.77 7.58
N GLU L 93 -40.96 29.45 8.41
CA GLU L 93 -41.30 30.26 9.57
C GLU L 93 -40.64 29.79 10.85
N LYS L 94 -40.08 28.59 10.85
CA LYS L 94 -39.63 27.96 12.09
C LYS L 94 -38.12 27.87 12.22
N THR L 95 -37.36 28.08 11.13
CA THR L 95 -35.90 28.04 11.20
C THR L 95 -35.30 29.27 10.53
N THR L 96 -34.15 29.70 11.04
CA THR L 96 -33.42 30.84 10.46
C THR L 96 -32.15 30.43 9.73
N ASN L 97 -31.80 29.15 9.77
CA ASN L 97 -30.63 28.60 9.10
C ASN L 97 -30.71 28.79 7.59
N PRO L 98 -29.84 29.61 7.01
CA PRO L 98 -29.91 29.82 5.54
C PRO L 98 -29.79 28.53 4.75
N ALA L 99 -29.01 27.56 5.24
CA ALA L 99 -28.85 26.32 4.48
C ALA L 99 -30.18 25.57 4.35
N ASP L 100 -30.87 25.35 5.47
CA ASP L 100 -32.18 24.71 5.43
C ASP L 100 -33.17 25.50 4.58
N ARG L 101 -33.13 26.83 4.69
CA ARG L 101 -34.02 27.66 3.89
C ARG L 101 -33.73 27.53 2.41
N PHE L 102 -32.46 27.45 2.05
CA PHE L 102 -32.10 27.18 0.67
C PHE L 102 -32.73 25.85 0.21
N ALA L 103 -32.55 24.81 1.01
CA ALA L 103 -32.96 23.48 0.59
C ALA L 103 -34.48 23.33 0.51
N THR L 104 -35.22 24.10 1.31
CA THR L 104 -36.68 24.13 1.16
C THR L 104 -37.09 24.96 -0.05
N THR L 105 -36.46 26.12 -0.25
CA THR L 105 -36.83 26.99 -1.35
C THR L 105 -36.67 26.28 -2.70
N ILE L 106 -35.60 25.50 -2.86
CA ILE L 106 -35.49 24.66 -4.06
C ILE L 106 -36.66 23.68 -4.13
N LEU L 107 -36.90 22.91 -3.06
CA LEU L 107 -37.98 21.91 -3.07
C LEU L 107 -39.32 22.58 -3.35
N ARG L 108 -39.58 23.72 -2.72
CA ARG L 108 -40.77 24.49 -3.03
C ARG L 108 -40.79 24.92 -4.49
N ALA L 109 -39.69 25.50 -4.97
CA ALA L 109 -39.69 25.99 -6.35
C ALA L 109 -39.85 24.85 -7.35
N TYR L 110 -39.42 23.65 -6.99
CA TYR L 110 -39.65 22.50 -7.85
C TYR L 110 -41.13 22.15 -7.97
N ALA L 111 -41.88 22.28 -6.87
CA ALA L 111 -43.31 21.95 -6.94
C ALA L 111 -44.05 22.91 -7.85
N PHE L 112 -43.83 24.22 -7.68
CA PHE L 112 -44.46 25.17 -8.58
C PHE L 112 -44.09 24.89 -10.03
N GLN L 113 -42.84 24.51 -10.27
CA GLN L 113 -42.46 24.16 -11.63
C GLN L 113 -43.32 23.01 -12.16
N ILE L 114 -43.58 22.00 -11.34
CA ILE L 114 -44.31 20.83 -11.82
C ILE L 114 -45.77 21.19 -12.08
N MET L 115 -46.38 21.96 -11.19
CA MET L 115 -47.78 22.36 -11.38
C MET L 115 -47.93 23.28 -12.59
N VAL L 116 -46.93 24.11 -12.88
CA VAL L 116 -46.97 24.99 -14.05
C VAL L 116 -46.84 24.19 -15.34
N ASP L 117 -45.89 23.25 -15.38
CA ASP L 117 -45.78 22.33 -16.50
C ASP L 117 -47.04 21.53 -16.75
N ASN L 118 -48.02 21.56 -15.84
CA ASN L 118 -49.26 20.82 -16.02
C ASN L 118 -50.42 21.68 -16.47
N THR L 119 -50.62 22.83 -15.82
CA THR L 119 -51.76 23.69 -16.11
C THR L 119 -51.31 25.05 -16.63
N SER L 120 -50.02 25.21 -16.95
CA SER L 120 -49.47 26.46 -17.46
C SER L 120 -49.69 27.62 -16.51
N ASP L 121 -50.33 27.36 -15.39
CA ASP L 121 -50.94 28.41 -14.59
C ASP L 121 -51.09 27.85 -13.19
N SER L 122 -50.75 28.66 -12.20
CA SER L 122 -50.83 28.12 -10.87
C SER L 122 -51.04 29.25 -9.90
N PRO L 123 -51.81 29.04 -8.83
CA PRO L 123 -51.79 30.00 -7.75
C PRO L 123 -50.38 30.08 -7.18
N TYR L 124 -49.95 31.28 -6.84
CA TYR L 124 -48.58 31.48 -6.40
C TYR L 124 -48.52 32.72 -5.51
N SER L 125 -48.48 33.91 -6.10
CA SER L 125 -48.55 35.17 -5.38
C SER L 125 -49.47 35.13 -4.15
N GLU L 126 -50.61 34.44 -4.23
CA GLU L 126 -51.56 34.44 -3.12
C GLU L 126 -51.84 33.06 -2.52
N ALA L 127 -51.13 32.02 -2.94
CA ALA L 127 -51.38 30.70 -2.40
C ALA L 127 -50.85 30.58 -0.98
N LEU L 128 -51.37 29.58 -0.25
CA LEU L 128 -50.91 29.25 1.10
C LEU L 128 -51.16 30.37 2.09
N GLN L 129 -52.31 31.03 1.99
CA GLN L 129 -52.68 32.06 2.96
C GLN L 129 -53.93 31.71 3.77
N GLY L 130 -54.45 30.49 3.61
CA GLY L 130 -55.44 30.01 4.55
C GLY L 130 -56.68 30.87 4.53
N ASN L 131 -57.19 31.21 5.71
CA ASN L 131 -58.47 31.91 5.74
C ASN L 131 -58.33 33.40 5.43
N ALA L 132 -57.12 33.95 5.39
CA ALA L 132 -56.99 35.32 4.90
C ALA L 132 -57.25 35.43 3.41
N ASN L 133 -57.19 34.30 2.69
CA ASN L 133 -57.63 34.23 1.29
C ASN L 133 -57.81 32.78 0.85
N ALA L 134 -59.04 32.28 0.92
CA ALA L 134 -59.38 30.92 0.51
C ALA L 134 -59.44 30.76 -1.00
N THR L 135 -59.35 31.86 -1.74
CA THR L 135 -59.64 31.90 -3.18
C THR L 135 -58.45 32.49 -3.92
N PRO L 136 -57.32 31.80 -3.94
CA PRO L 136 -56.10 32.38 -4.51
C PRO L 136 -56.23 32.66 -6.01
N LYS L 137 -55.71 33.81 -6.41
CA LYS L 137 -55.56 34.09 -7.83
C LYS L 137 -54.60 33.08 -8.44
N TRP L 138 -54.83 32.75 -9.71
CA TRP L 138 -53.96 31.84 -10.45
C TRP L 138 -53.00 32.66 -11.30
N ASP L 139 -51.72 32.63 -10.94
CA ASP L 139 -50.72 33.42 -11.64
C ASP L 139 -50.44 32.85 -13.02
N THR L 140 -50.15 33.75 -13.97
CA THR L 140 -49.61 33.32 -15.24
C THR L 140 -48.31 32.57 -14.99
N GLY L 141 -48.04 31.57 -15.82
CA GLY L 141 -46.98 30.62 -15.52
C GLY L 141 -45.61 31.22 -15.29
N GLU L 142 -45.33 32.42 -15.84
CA GLU L 142 -43.99 32.98 -15.80
C GLU L 142 -43.83 34.10 -14.79
N THR L 143 -44.91 34.71 -14.30
CA THR L 143 -44.72 35.41 -13.04
C THR L 143 -44.24 34.44 -11.97
N VAL L 144 -44.66 33.16 -12.02
CA VAL L 144 -44.20 32.17 -11.06
C VAL L 144 -42.88 31.52 -11.50
N TYR L 145 -42.65 31.33 -12.81
CA TYR L 145 -41.34 30.84 -13.24
C TYR L 145 -40.25 31.85 -12.90
N LYS L 146 -40.50 33.13 -13.20
CA LYS L 146 -39.59 34.20 -12.82
C LYS L 146 -39.66 34.48 -11.33
N GLY L 147 -40.77 34.13 -10.70
CA GLY L 147 -40.85 34.28 -9.26
C GLY L 147 -39.93 33.33 -8.52
N ILE L 148 -40.01 32.04 -8.85
CA ILE L 148 -39.34 31.02 -8.06
C ILE L 148 -37.86 30.92 -8.39
N LEU L 149 -37.44 31.30 -9.59
CA LEU L 149 -36.02 31.49 -9.85
C LEU L 149 -35.50 32.73 -9.14
N GLY L 150 -36.36 33.72 -8.93
CA GLY L 150 -36.00 34.84 -8.08
C GLY L 150 -35.86 34.46 -6.62
N GLU L 151 -36.63 33.46 -6.18
CA GLU L 151 -36.48 32.92 -4.84
C GLU L 151 -35.17 32.16 -4.69
N ILE L 152 -34.97 31.13 -5.54
CA ILE L 152 -33.76 30.30 -5.50
C ILE L 152 -32.51 31.17 -5.51
N ASP L 153 -32.50 32.23 -6.32
CA ASP L 153 -31.39 33.17 -6.30
C ASP L 153 -31.24 33.81 -4.92
N ALA L 154 -32.33 34.33 -4.35
CA ALA L 154 -32.24 35.09 -3.10
C ALA L 154 -31.83 34.21 -1.93
N ALA L 155 -32.44 33.03 -1.83
CA ALA L 155 -32.04 32.07 -0.80
C ALA L 155 -30.62 31.57 -1.03
N GLU L 156 -30.14 31.54 -2.27
CA GLU L 156 -28.73 31.18 -2.49
C GLU L 156 -27.82 32.28 -1.98
N ALA L 157 -28.18 33.54 -2.23
CA ALA L 157 -27.35 34.66 -1.76
C ALA L 157 -27.40 34.86 -0.25
N ALA L 158 -28.20 34.08 0.48
CA ALA L 158 -28.24 34.18 1.94
C ALA L 158 -27.32 33.18 2.62
N LEU L 159 -26.76 32.22 1.89
CA LEU L 159 -25.87 31.23 2.47
C LEU L 159 -24.66 31.89 3.14
N ASP L 160 -24.45 31.57 4.41
CA ASP L 160 -23.34 32.12 5.16
C ASP L 160 -22.23 31.11 5.45
N GLY L 161 -22.36 29.87 4.97
CA GLY L 161 -21.37 28.84 5.22
C GLY L 161 -21.79 27.80 6.22
N SER L 162 -22.82 28.06 7.03
CA SER L 162 -23.23 27.14 8.08
C SER L 162 -23.94 25.93 7.50
N GLY L 163 -23.91 24.83 8.26
CA GLY L 163 -24.37 23.56 7.75
C GLY L 163 -25.85 23.42 7.87
N MET L 164 -26.37 22.33 7.30
CA MET L 164 -27.79 21.99 7.39
C MET L 164 -28.06 21.13 8.63
N ASP L 165 -29.11 21.48 9.38
CA ASP L 165 -29.52 20.72 10.56
CA ASP L 165 -29.51 20.70 10.56
C ASP L 165 -30.96 20.26 10.44
N VAL L 166 -31.34 19.69 9.30
CA VAL L 166 -32.64 19.02 9.17
C VAL L 166 -32.46 17.73 8.36
N PRO L 167 -33.20 16.66 8.69
CA PRO L 167 -32.99 15.38 7.97
C PRO L 167 -33.25 15.51 6.47
N ASP L 168 -32.24 15.15 5.69
CA ASP L 168 -32.23 15.34 4.23
C ASP L 168 -32.07 13.98 3.58
N LEU L 169 -33.18 13.44 3.05
CA LEU L 169 -33.16 12.13 2.40
C LEU L 169 -32.90 12.21 0.89
N ILE L 170 -32.59 13.38 0.37
CA ILE L 170 -32.17 13.53 -1.02
C ILE L 170 -30.65 13.60 -1.14
N PHE L 171 -30.01 14.40 -0.27
CA PHE L 171 -28.58 14.63 -0.35
C PHE L 171 -27.83 14.40 0.94
N ASN L 172 -28.50 14.18 2.05
CA ASN L 172 -27.85 13.93 3.33
C ASN L 172 -27.03 15.13 3.78
N LYS L 173 -27.67 16.31 3.77
CA LYS L 173 -27.09 17.54 4.28
C LYS L 173 -25.94 18.06 3.43
N ASN L 174 -25.70 17.45 2.28
CA ASN L 174 -24.64 17.87 1.36
C ASN L 174 -25.10 19.12 0.62
N ILE L 175 -24.80 20.29 1.17
CA ILE L 175 -25.18 21.53 0.50
C ILE L 175 -24.52 21.68 -0.88
N ALA L 176 -23.42 20.96 -1.15
CA ALA L 176 -22.88 21.00 -2.51
C ALA L 176 -23.88 20.47 -3.51
N GLN L 177 -24.61 19.42 -3.17
CA GLN L 177 -25.53 18.84 -4.12
C GLN L 177 -26.82 19.64 -4.26
N TRP L 178 -27.20 20.39 -3.22
CA TRP L 178 -28.25 21.40 -3.37
C TRP L 178 -27.83 22.54 -4.29
N LYS L 179 -26.53 22.88 -4.30
CA LYS L 179 -26.03 23.85 -5.26
C LYS L 179 -26.37 23.40 -6.67
N GLY L 180 -26.06 22.13 -6.97
CA GLY L 180 -26.23 21.63 -8.32
C GLY L 180 -27.67 21.38 -8.71
N PHE L 181 -28.50 20.97 -7.73
CA PHE L 181 -29.93 20.82 -7.99
C PHE L 181 -30.57 22.18 -8.31
N ALA L 182 -30.11 23.26 -7.65
CA ALA L 182 -30.68 24.57 -7.94
C ALA L 182 -30.26 25.06 -9.32
N ASN L 183 -28.98 24.90 -9.68
CA ASN L 183 -28.52 25.31 -11.00
C ASN L 183 -29.11 24.42 -12.10
N ALA L 184 -29.36 23.16 -11.79
CA ALA L 184 -29.94 22.25 -12.79
C ALA L 184 -31.36 22.66 -13.12
N LEU L 185 -32.15 23.05 -12.12
CA LEU L 185 -33.48 23.59 -12.38
C LEU L 185 -33.39 24.95 -13.06
N ARG L 186 -32.31 25.70 -12.82
CA ARG L 186 -32.10 26.92 -13.57
C ARG L 186 -31.84 26.59 -15.04
N LEU L 187 -31.01 25.58 -15.29
CA LEU L 187 -30.74 25.18 -16.68
C LEU L 187 -32.04 24.77 -17.39
N ARG L 188 -32.89 23.97 -16.75
CA ARG L 188 -34.10 23.49 -17.44
C ARG L 188 -35.19 24.56 -17.54
N MET L 189 -35.29 25.46 -16.56
CA MET L 189 -36.26 26.54 -16.68
C MET L 189 -35.75 27.69 -17.56
N TYR L 190 -34.42 27.83 -17.72
CA TYR L 190 -33.92 28.83 -18.66
C TYR L 190 -34.16 28.42 -20.10
N LEU L 191 -33.86 27.15 -20.42
CA LEU L 191 -34.07 26.65 -21.78
C LEU L 191 -35.49 26.88 -22.28
N ARG L 192 -36.49 26.78 -21.40
CA ARG L 192 -37.86 26.90 -21.87
C ARG L 192 -38.26 28.36 -22.07
N PHE L 193 -37.70 29.27 -21.28
CA PHE L 193 -37.80 30.69 -21.65
C PHE L 193 -37.31 30.90 -23.08
N ILE L 194 -36.24 30.21 -23.46
CA ILE L 194 -35.67 30.37 -24.79
C ILE L 194 -36.62 29.80 -25.83
N ASP L 195 -36.82 28.49 -25.79
CA ASP L 195 -37.63 27.88 -26.84
C ASP L 195 -39.09 28.35 -26.82
N ALA L 196 -39.47 29.19 -25.86
CA ALA L 196 -40.71 29.95 -25.91
C ALA L 196 -40.48 31.39 -26.35
N ASN L 197 -39.22 31.79 -26.52
CA ASN L 197 -38.85 33.13 -27.00
C ASN L 197 -39.44 34.23 -26.12
N ILE L 198 -39.22 34.10 -24.81
CA ILE L 198 -39.44 35.17 -23.84
C ILE L 198 -38.08 35.57 -23.30
N ASP L 199 -37.70 36.84 -23.54
CA ASP L 199 -36.38 37.37 -23.21
C ASP L 199 -35.26 36.43 -23.64
N ALA L 200 -35.40 35.91 -24.86
CA ALA L 200 -34.54 34.85 -25.36
C ALA L 200 -33.07 35.27 -25.39
N ALA L 201 -32.78 36.58 -25.47
CA ALA L 201 -31.40 37.03 -25.35
C ALA L 201 -30.88 36.77 -23.94
N SER L 202 -31.62 37.22 -22.92
CA SER L 202 -31.11 37.17 -21.56
C SER L 202 -30.97 35.74 -21.04
N TYR L 203 -31.83 34.83 -21.48
CA TYR L 203 -31.75 33.48 -20.92
C TYR L 203 -30.81 32.58 -21.69
N THR L 204 -30.57 32.84 -22.98
CA THR L 204 -29.41 32.21 -23.59
C THR L 204 -28.13 32.73 -22.95
N GLU L 205 -28.05 34.05 -22.70
CA GLU L 205 -26.93 34.64 -21.96
C GLU L 205 -26.58 33.80 -20.75
N LYS L 206 -27.60 33.46 -19.95
CA LYS L 206 -27.41 32.78 -18.68
C LYS L 206 -27.16 31.29 -18.84
N VAL L 207 -27.77 30.63 -19.83
CA VAL L 207 -27.44 29.21 -20.05
C VAL L 207 -26.02 29.07 -20.57
N LYS L 208 -25.51 30.06 -21.32
CA LYS L 208 -24.07 30.07 -21.61
C LYS L 208 -23.27 30.12 -20.31
N THR L 209 -23.56 31.11 -19.45
CA THR L 209 -22.82 31.31 -18.21
C THR L 209 -23.44 30.59 -17.01
N LEU L 210 -24.02 29.41 -17.20
CA LEU L 210 -24.21 28.45 -16.12
C LEU L 210 -23.67 27.07 -16.49
N VAL L 211 -23.62 26.72 -17.78
CA VAL L 211 -22.85 25.56 -18.22
C VAL L 211 -21.37 25.86 -18.23
N GLN L 212 -21.00 27.14 -18.30
CA GLN L 212 -19.65 27.62 -18.01
C GLN L 212 -19.02 26.88 -16.84
N ASN L 213 -19.84 26.59 -15.83
CA ASN L 213 -19.42 26.33 -14.48
C ASN L 213 -19.31 24.86 -14.14
N ASN L 214 -20.10 24.01 -14.80
CA ASN L 214 -20.29 22.63 -14.39
C ASN L 214 -20.70 22.51 -12.91
N GLU L 215 -21.16 23.61 -12.30
CA GLU L 215 -21.59 23.64 -10.90
C GLU L 215 -22.94 22.96 -10.74
N PHE L 216 -23.02 21.72 -11.20
CA PHE L 216 -24.24 20.93 -11.15
C PHE L 216 -24.08 19.82 -10.12
N PHE L 217 -25.09 18.97 -10.02
CA PHE L 217 -25.03 17.87 -9.08
C PHE L 217 -24.27 16.69 -9.69
N THR L 218 -23.89 15.76 -8.83
CA THR L 218 -23.39 14.44 -9.23
C THR L 218 -24.41 13.40 -8.83
N GLY L 219 -24.37 12.26 -9.53
CA GLY L 219 -25.40 11.25 -9.29
C GLY L 219 -26.74 11.73 -9.80
N ASP L 220 -27.81 11.22 -9.18
CA ASP L 220 -29.18 11.58 -9.53
C ASP L 220 -29.79 12.35 -8.36
N VAL L 221 -30.70 13.27 -8.65
CA VAL L 221 -31.44 13.95 -7.59
C VAL L 221 -32.72 13.14 -7.36
N LYS L 222 -32.75 12.35 -6.28
CA LYS L 222 -33.82 11.40 -6.06
C LYS L 222 -34.22 11.33 -4.59
N LEU L 223 -35.30 10.61 -4.35
CA LEU L 223 -35.67 10.15 -3.02
C LEU L 223 -35.63 8.64 -3.11
N ASP L 224 -34.53 8.06 -2.66
CA ASP L 224 -34.39 6.62 -2.62
C ASP L 224 -34.41 6.27 -1.14
N CYS L 225 -35.54 5.75 -0.66
CA CYS L 225 -35.71 5.47 0.76
C CYS L 225 -36.87 4.52 0.94
N PHE L 226 -37.21 3.79 -0.11
CA PHE L 226 -38.41 2.97 -0.16
C PHE L 226 -38.08 1.52 0.22
N LEU L 227 -38.98 0.90 0.97
CA LEU L 227 -38.93 -0.52 1.25
C LEU L 227 -40.14 -1.18 0.62
N ASP L 228 -39.97 -2.43 0.18
CA ASP L 228 -41.10 -3.21 -0.33
C ASP L 228 -41.90 -3.80 0.83
N GLU L 229 -42.62 -2.93 1.52
CA GLU L 229 -43.58 -3.40 2.51
C GLU L 229 -44.88 -2.66 2.28
N THR L 230 -45.49 -2.05 3.28
CA THR L 230 -46.80 -1.44 3.09
C THR L 230 -46.73 0.05 3.39
N ASP L 231 -47.25 0.87 2.47
CA ASP L 231 -47.22 2.33 2.54
C ASP L 231 -45.80 2.88 2.46
N LYS L 232 -44.84 2.05 2.02
CA LYS L 232 -43.44 2.42 1.99
C LYS L 232 -42.79 2.23 0.62
N ARG L 233 -43.53 1.80 -0.39
CA ARG L 233 -42.91 1.61 -1.68
C ARG L 233 -42.98 2.87 -2.53
N ASN L 234 -42.24 2.84 -3.65
CA ASN L 234 -42.39 3.74 -4.78
C ASN L 234 -43.86 4.04 -5.00
N PRO L 235 -44.27 5.30 -5.05
CA PRO L 235 -45.70 5.58 -5.27
C PRO L 235 -46.25 4.96 -6.54
N TRP L 236 -45.50 4.98 -7.66
CA TRP L 236 -46.06 4.46 -8.91
C TRP L 236 -46.26 2.95 -8.85
N TYR L 237 -45.27 2.22 -8.32
CA TYR L 237 -45.42 0.78 -8.16
C TYR L 237 -46.52 0.47 -7.17
N ASN L 238 -46.57 1.21 -6.07
CA ASN L 238 -47.63 1.02 -5.08
C ASN L 238 -49.00 1.04 -5.75
N THR L 239 -49.36 2.20 -6.32
CA THR L 239 -50.63 2.37 -7.02
C THR L 239 -50.90 1.24 -8.03
N ASN L 240 -49.93 0.94 -8.86
CA ASN L 240 -50.19 0.19 -10.08
C ASN L 240 -49.87 -1.29 -9.98
N ALA L 241 -49.24 -1.72 -8.91
CA ALA L 241 -48.84 -3.12 -8.81
C ALA L 241 -49.33 -3.80 -7.53
N VAL L 242 -49.80 -3.06 -6.54
CA VAL L 242 -50.51 -3.66 -5.42
C VAL L 242 -51.96 -3.17 -5.34
N GLY L 243 -52.20 -1.88 -5.50
CA GLY L 243 -53.58 -1.38 -5.45
C GLY L 243 -54.40 -1.78 -6.67
N LEU L 244 -53.78 -1.78 -7.84
CA LEU L 244 -54.38 -2.23 -9.08
C LEU L 244 -53.67 -3.50 -9.54
N THR L 245 -54.18 -4.12 -10.59
CA THR L 245 -53.37 -5.10 -11.27
C THR L 245 -52.63 -4.42 -12.41
N GLY L 246 -51.90 -5.21 -13.18
CA GLY L 246 -51.14 -4.61 -14.25
C GLY L 246 -52.07 -3.93 -15.24
N ASN L 247 -51.85 -2.65 -15.50
CA ASN L 247 -52.56 -1.98 -16.57
C ASN L 247 -51.65 -1.47 -17.66
N HIS L 248 -50.33 -1.60 -17.52
CA HIS L 248 -49.39 -0.97 -18.44
C HIS L 248 -48.74 -2.00 -19.35
N CYS L 249 -48.78 -1.73 -20.67
CA CYS L 249 -47.99 -2.44 -21.68
C CYS L 249 -47.15 -1.43 -22.42
N ALA L 250 -46.06 -1.89 -23.03
CA ALA L 250 -45.18 -1.00 -23.77
C ALA L 250 -45.88 -0.47 -25.00
N ALA L 251 -45.61 0.81 -25.32
CA ALA L 251 -46.21 1.52 -26.44
C ALA L 251 -45.37 1.36 -27.71
N TYR L 252 -46.05 1.47 -28.83
CA TYR L 252 -45.38 1.30 -30.13
C TYR L 252 -44.23 2.27 -30.39
N PRO L 253 -44.30 3.56 -30.05
CA PRO L 253 -43.19 4.46 -30.40
C PRO L 253 -41.89 4.13 -29.70
N LEU L 254 -41.93 3.80 -28.42
CA LEU L 254 -40.70 3.47 -27.70
C LEU L 254 -40.16 2.11 -28.13
N VAL L 255 -41.02 1.08 -28.13
CA VAL L 255 -40.57 -0.28 -28.41
C VAL L 255 -39.93 -0.37 -29.80
N SER L 256 -40.49 0.33 -30.80
CA SER L 256 -39.92 0.25 -32.15
C SER L 256 -38.60 1.01 -32.22
N TYR L 257 -38.53 2.20 -31.60
CA TYR L 257 -37.28 2.94 -31.57
C TYR L 257 -36.15 2.15 -30.93
N LEU L 258 -36.44 1.42 -29.87
CA LEU L 258 -35.36 0.71 -29.21
C LEU L 258 -35.00 -0.57 -29.96
N SER L 259 -35.96 -1.18 -30.65
CA SER L 259 -35.62 -2.29 -31.53
C SER L 259 -34.83 -1.79 -32.73
N SER L 260 -35.23 -0.64 -33.28
CA SER L 260 -34.53 -0.01 -34.39
C SER L 260 -33.06 0.18 -34.11
N THR L 261 -32.73 0.68 -32.92
CA THR L 261 -31.36 0.95 -32.53
C THR L 261 -30.66 -0.26 -31.92
N GLY L 262 -31.33 -1.41 -31.83
CA GLY L 262 -30.71 -2.56 -31.21
C GLY L 262 -30.35 -2.31 -29.77
N ASP L 263 -31.07 -1.40 -29.12
CA ASP L 263 -30.79 -1.03 -27.74
C ASP L 263 -30.98 -2.23 -26.82
N PRO L 264 -30.09 -2.46 -25.85
CA PRO L 264 -30.35 -3.48 -24.83
C PRO L 264 -31.11 -2.97 -23.61
N ARG L 265 -31.24 -1.65 -23.44
CA ARG L 265 -32.19 -1.07 -22.48
C ARG L 265 -33.61 -1.50 -22.79
N ILE L 266 -33.81 -2.08 -23.97
CA ILE L 266 -35.02 -2.72 -24.43
C ILE L 266 -35.63 -3.63 -23.37
N ALA L 267 -34.80 -4.23 -22.53
CA ALA L 267 -35.26 -5.22 -21.58
C ALA L 267 -35.46 -4.68 -20.17
N TYR L 268 -35.11 -3.43 -19.92
CA TYR L 268 -35.19 -2.89 -18.55
C TYR L 268 -36.56 -2.25 -18.37
N GLY L 269 -37.48 -3.02 -17.78
CA GLY L 269 -38.84 -2.59 -17.54
C GLY L 269 -39.85 -3.07 -18.55
N ILE L 270 -39.43 -3.92 -19.49
CA ILE L 270 -40.23 -4.35 -20.63
C ILE L 270 -39.95 -5.82 -20.88
N SER L 271 -41.00 -6.63 -20.98
CA SER L 271 -40.88 -8.08 -21.11
C SER L 271 -41.16 -8.50 -22.55
N LYS L 272 -40.59 -9.64 -22.95
CA LYS L 272 -40.98 -10.24 -24.21
C LYS L 272 -42.44 -10.68 -24.13
N THR L 273 -43.10 -10.76 -25.30
CA THR L 273 -44.50 -11.19 -25.31
C THR L 273 -44.62 -12.64 -24.84
N ASP L 274 -45.66 -12.93 -24.06
CA ASP L 274 -45.86 -14.27 -23.54
C ASP L 274 -46.24 -15.28 -24.63
N ALA L 275 -46.35 -14.86 -25.89
CA ALA L 275 -46.78 -15.73 -26.98
C ALA L 275 -45.64 -16.10 -27.92
N ASP L 276 -44.90 -15.11 -28.43
CA ASP L 276 -43.79 -15.37 -29.35
C ASP L 276 -42.43 -14.92 -28.82
N GLY L 277 -42.36 -14.34 -27.63
CA GLY L 277 -41.09 -13.89 -27.08
C GLY L 277 -40.41 -12.75 -27.81
N LYS L 278 -41.17 -11.80 -28.34
CA LYS L 278 -40.66 -10.64 -29.06
C LYS L 278 -41.19 -9.36 -28.41
N TYR L 279 -40.80 -8.22 -28.94
CA TYR L 279 -41.12 -6.92 -28.36
C TYR L 279 -42.14 -6.20 -29.21
N VAL L 280 -43.32 -5.99 -28.62
CA VAL L 280 -44.47 -5.46 -29.32
C VAL L 280 -45.02 -4.32 -28.48
N GLY L 281 -45.07 -3.13 -29.04
CA GLY L 281 -45.74 -2.02 -28.43
C GLY L 281 -47.11 -1.84 -29.07
N GLN L 282 -48.02 -1.25 -28.32
CA GLN L 282 -49.37 -1.01 -28.78
C GLN L 282 -49.51 0.45 -29.15
N LEU L 283 -50.03 0.69 -30.34
CA LEU L 283 -50.14 2.05 -30.84
C LEU L 283 -51.06 2.86 -29.93
N PRO L 284 -50.70 4.10 -29.60
CA PRO L 284 -51.49 4.94 -28.69
C PRO L 284 -53.00 4.95 -28.94
N GLY L 285 -53.75 4.73 -27.86
CA GLY L 285 -55.21 4.76 -27.91
C GLY L 285 -55.77 3.68 -28.80
N GLY L 286 -54.95 2.68 -29.11
CA GLY L 286 -55.35 1.66 -30.04
C GLY L 286 -55.79 0.38 -29.40
N LYS L 287 -55.98 0.37 -28.08
CA LYS L 287 -56.47 -0.81 -27.39
C LYS L 287 -57.69 -1.42 -28.09
N THR L 288 -58.75 -0.61 -28.31
CA THR L 288 -60.00 -1.19 -28.81
C THR L 288 -59.98 -1.44 -30.31
N HIS L 289 -59.21 -0.64 -31.05
CA HIS L 289 -59.17 -0.80 -32.49
C HIS L 289 -58.42 -2.06 -32.88
N MET L 290 -57.45 -2.48 -32.08
CA MET L 290 -56.67 -3.65 -32.45
C MET L 290 -57.44 -4.94 -32.24
N GLN L 291 -58.20 -5.03 -31.14
CA GLN L 291 -59.02 -6.22 -30.97
C GLN L 291 -60.18 -6.26 -31.96
N SER L 292 -60.54 -5.13 -32.58
CA SER L 292 -61.53 -5.14 -33.66
C SER L 292 -60.93 -5.68 -34.96
N ILE L 293 -59.70 -5.27 -35.29
CA ILE L 293 -59.07 -5.73 -36.52
C ILE L 293 -58.55 -7.15 -36.37
N LEU L 294 -57.96 -7.48 -35.23
CA LEU L 294 -57.29 -8.77 -35.11
C LEU L 294 -58.19 -9.85 -34.53
N GLY L 295 -59.18 -9.48 -33.74
CA GLY L 295 -60.04 -10.42 -33.05
C GLY L 295 -59.73 -10.48 -31.56
N THR L 296 -60.70 -10.97 -30.79
CA THR L 296 -60.57 -11.01 -29.34
C THR L 296 -59.44 -11.93 -28.90
N ASP L 297 -59.45 -13.19 -29.37
CA ASP L 297 -58.44 -14.17 -29.01
C ASP L 297 -57.05 -13.80 -29.51
N ASN L 298 -56.92 -12.79 -30.36
CA ASN L 298 -55.65 -12.50 -31.02
C ASN L 298 -55.07 -11.13 -30.66
N TRP L 299 -55.59 -10.49 -29.62
CA TRP L 299 -54.96 -9.29 -29.06
C TRP L 299 -55.24 -9.24 -27.55
N LYS L 300 -55.00 -10.37 -26.87
CA LYS L 300 -55.00 -10.44 -25.41
C LYS L 300 -53.70 -9.81 -24.88
N ASN L 301 -53.42 -10.00 -23.58
CA ASN L 301 -52.14 -9.51 -23.07
C ASN L 301 -50.94 -10.31 -23.55
N LYS L 302 -51.13 -11.56 -23.98
CA LYS L 302 -50.01 -12.35 -24.44
C LYS L 302 -49.48 -11.89 -25.79
N ASN L 303 -50.16 -10.98 -26.47
CA ASN L 303 -49.71 -10.50 -27.77
C ASN L 303 -49.08 -9.12 -27.71
N VAL L 304 -48.80 -8.60 -26.51
CA VAL L 304 -48.20 -7.28 -26.39
C VAL L 304 -47.24 -7.31 -25.22
N SER L 305 -46.24 -6.44 -25.27
CA SER L 305 -45.16 -6.45 -24.30
C SER L 305 -45.66 -5.81 -23.00
N ALA L 306 -45.59 -6.56 -21.90
CA ALA L 306 -46.05 -5.99 -20.65
C ALA L 306 -44.99 -5.09 -20.06
N ILE L 307 -45.41 -4.17 -19.21
CA ILE L 307 -44.46 -3.39 -18.44
C ILE L 307 -44.10 -4.18 -17.19
N ASP L 308 -42.82 -4.50 -17.05
CA ASP L 308 -42.36 -5.23 -15.87
C ASP L 308 -42.40 -4.31 -14.66
N TYR L 309 -43.21 -4.68 -13.66
CA TYR L 309 -43.26 -3.91 -12.44
C TYR L 309 -42.21 -4.32 -11.41
N SER L 310 -41.57 -5.49 -11.58
CA SER L 310 -40.77 -6.10 -10.52
C SER L 310 -39.60 -5.23 -10.09
N ILE L 311 -39.02 -4.46 -11.03
CA ILE L 311 -37.90 -3.57 -10.72
C ILE L 311 -38.33 -2.28 -10.05
N GLY L 312 -39.60 -2.14 -9.68
CA GLY L 312 -40.06 -0.86 -9.20
C GLY L 312 -40.42 -0.78 -7.73
N ALA L 313 -40.64 -1.94 -7.11
CA ALA L 313 -41.06 -2.00 -5.72
C ALA L 313 -40.31 -0.99 -4.85
N THR L 314 -38.98 -1.08 -4.83
CA THR L 314 -38.12 -0.20 -4.04
C THR L 314 -37.51 0.94 -4.84
N LYS L 315 -37.88 1.09 -6.10
CA LYS L 315 -37.10 1.91 -7.04
C LYS L 315 -37.28 3.40 -6.74
N PRO L 316 -36.21 4.19 -6.82
CA PRO L 316 -36.28 5.59 -6.36
C PRO L 316 -37.25 6.41 -7.20
N VAL L 317 -37.71 7.53 -6.64
CA VAL L 317 -38.42 8.56 -7.39
C VAL L 317 -37.43 9.67 -7.73
N TYR L 318 -37.25 9.95 -9.03
CA TYR L 318 -36.27 10.90 -9.52
C TYR L 318 -36.90 12.26 -9.77
N PHE L 319 -36.22 13.32 -9.37
CA PHE L 319 -36.60 14.69 -9.75
C PHE L 319 -35.71 15.25 -10.86
N PHE L 320 -34.49 14.73 -11.01
CA PHE L 320 -33.56 15.25 -12.01
C PHE L 320 -32.56 14.16 -12.33
N THR L 321 -32.71 13.58 -13.52
CA THR L 321 -31.85 12.50 -13.98
C THR L 321 -30.50 13.10 -14.36
N GLN L 322 -29.42 12.45 -13.91
CA GLN L 322 -28.10 12.86 -14.37
C GLN L 322 -28.02 12.77 -15.89
N ALA L 323 -28.41 11.61 -16.43
CA ALA L 323 -28.41 11.44 -17.87
C ALA L 323 -29.23 12.53 -18.55
N GLU L 324 -30.24 13.06 -17.87
CA GLU L 324 -30.97 14.19 -18.42
C GLU L 324 -30.14 15.46 -18.35
N LEU L 325 -29.63 15.79 -17.15
CA LEU L 325 -28.74 16.93 -16.98
C LEU L 325 -27.68 17.10 -18.09
N GLN L 326 -27.00 16.02 -18.46
CA GLN L 326 -25.96 16.23 -19.45
C GLN L 326 -26.50 16.21 -20.86
N PHE L 327 -27.69 15.66 -21.07
CA PHE L 327 -28.38 15.84 -22.33
C PHE L 327 -28.78 17.29 -22.54
N LEU L 328 -29.11 18.01 -21.47
CA LEU L 328 -29.44 19.42 -21.61
C LEU L 328 -28.21 20.25 -21.94
N ILE L 329 -27.09 19.98 -21.25
CA ILE L 329 -25.81 20.60 -21.60
C ILE L 329 -25.47 20.32 -23.06
N ALA L 330 -25.42 19.03 -23.43
CA ALA L 330 -25.10 18.65 -24.81
C ALA L 330 -25.92 19.44 -25.81
N GLU L 331 -27.14 19.86 -25.45
CA GLU L 331 -27.89 20.65 -26.41
C GLU L 331 -27.54 22.12 -26.36
N VAL L 332 -27.06 22.63 -25.22
CA VAL L 332 -26.58 24.01 -25.25
C VAL L 332 -25.19 24.08 -25.89
N TYR L 333 -24.39 23.01 -25.79
CA TYR L 333 -23.10 22.98 -26.50
C TYR L 333 -23.32 22.97 -28.00
N ALA L 334 -24.33 22.24 -28.49
CA ALA L 334 -24.54 22.11 -29.92
C ALA L 334 -25.33 23.27 -30.51
N ARG L 335 -25.95 24.11 -29.68
CA ARG L 335 -26.83 25.16 -30.15
C ARG L 335 -26.37 26.57 -29.83
N PHE L 336 -25.79 26.80 -28.65
CA PHE L 336 -25.52 28.15 -28.18
C PHE L 336 -24.05 28.49 -28.01
N HIS L 337 -23.19 27.49 -27.83
CA HIS L 337 -21.81 27.60 -28.31
C HIS L 337 -21.85 27.19 -29.78
N ASN L 338 -20.75 26.70 -30.32
CA ASN L 338 -20.89 25.61 -31.29
C ASN L 338 -19.60 24.81 -31.10
N ASP L 339 -19.63 23.98 -30.08
CA ASP L 339 -18.51 23.24 -29.54
C ASP L 339 -18.83 21.78 -29.73
N ASP L 340 -18.71 21.31 -30.97
CA ASP L 340 -19.10 19.94 -31.30
C ASP L 340 -18.43 18.93 -30.38
N ALA L 341 -17.11 19.02 -30.24
CA ALA L 341 -16.37 18.04 -29.44
C ALA L 341 -16.85 18.02 -28.00
N ASN L 342 -17.19 19.19 -27.45
CA ASN L 342 -17.72 19.28 -26.09
C ASN L 342 -19.13 18.70 -26.01
N ALA L 343 -19.99 19.09 -26.95
CA ALA L 343 -21.31 18.48 -27.07
C ALA L 343 -21.22 16.97 -27.16
N LYS L 344 -20.27 16.47 -27.95
CA LYS L 344 -20.20 15.03 -28.20
C LYS L 344 -20.01 14.25 -26.91
N SER L 345 -19.26 14.80 -25.95
CA SER L 345 -18.92 14.08 -24.74
C SER L 345 -19.85 14.41 -23.58
N ALA L 346 -20.74 15.38 -23.77
CA ALA L 346 -21.91 15.50 -22.91
C ALA L 346 -22.96 14.49 -23.33
N TYR L 347 -23.26 14.42 -24.62
CA TYR L 347 -24.12 13.38 -25.15
C TYR L 347 -23.65 11.99 -24.71
N GLU L 348 -22.43 11.61 -25.10
CA GLU L 348 -21.90 10.30 -24.74
C GLU L 348 -21.97 10.02 -23.24
N ALA L 349 -21.92 11.05 -22.42
CA ALA L 349 -22.00 10.84 -20.99
C ALA L 349 -23.45 10.71 -20.50
N GLY L 350 -24.41 11.29 -21.23
CA GLY L 350 -25.80 11.01 -20.91
C GLY L 350 -26.19 9.57 -21.19
N VAL L 351 -25.71 9.01 -22.29
CA VAL L 351 -26.00 7.61 -22.60
C VAL L 351 -25.30 6.68 -21.62
N THR L 352 -24.00 6.93 -21.36
CA THR L 352 -23.25 6.07 -20.45
C THR L 352 -23.84 6.11 -19.06
N ALA L 353 -24.36 7.27 -18.66
CA ALA L 353 -24.99 7.39 -17.35
C ALA L 353 -26.28 6.57 -17.29
N ASP L 354 -27.11 6.65 -18.33
CA ASP L 354 -28.33 5.86 -18.37
C ASP L 354 -28.02 4.38 -18.37
N PHE L 355 -27.13 3.95 -19.26
CA PHE L 355 -26.79 2.53 -19.40
C PHE L 355 -26.41 1.92 -18.06
N ALA L 356 -25.73 2.71 -17.21
CA ALA L 356 -25.27 2.18 -15.94
C ALA L 356 -26.42 2.05 -14.96
N VAL L 357 -27.36 3.00 -15.00
CA VAL L 357 -28.46 2.99 -14.03
C VAL L 357 -29.38 1.79 -14.25
N ARG L 358 -29.49 1.31 -15.48
CA ARG L 358 -30.34 0.17 -15.77
C ARG L 358 -29.61 -1.16 -15.66
N GLY L 359 -28.35 -1.14 -15.25
CA GLY L 359 -27.58 -2.34 -15.12
C GLY L 359 -26.98 -2.86 -16.40
N PHE L 360 -26.74 -1.98 -17.38
CA PHE L 360 -26.10 -2.36 -18.63
C PHE L 360 -24.81 -1.59 -18.84
N ALA L 361 -24.11 -1.25 -17.75
CA ALA L 361 -22.85 -0.55 -17.87
C ALA L 361 -21.90 -1.37 -18.73
N GLY L 362 -21.06 -0.68 -19.50
CA GLY L 362 -20.18 -1.37 -20.41
C GLY L 362 -20.76 -1.72 -21.77
N GLN L 363 -22.05 -1.44 -22.01
CA GLN L 363 -22.68 -1.79 -23.28
C GLN L 363 -23.22 -0.58 -24.04
N GLU L 364 -23.04 0.64 -23.51
CA GLU L 364 -23.31 1.87 -24.27
C GLU L 364 -22.65 1.90 -25.63
N ASN L 365 -21.64 1.05 -25.86
CA ASN L 365 -21.06 0.94 -27.20
C ASN L 365 -22.13 0.59 -28.23
N THR L 366 -23.15 -0.17 -27.82
CA THR L 366 -24.16 -0.66 -28.75
C THR L 366 -24.99 0.49 -29.34
N ILE L 367 -25.04 1.64 -28.68
CA ILE L 367 -25.67 2.82 -29.23
C ILE L 367 -24.64 3.87 -29.67
N LEU L 368 -23.47 3.94 -29.00
CA LEU L 368 -22.51 5.01 -29.26
C LEU L 368 -21.63 4.76 -30.47
N GLU L 369 -21.62 3.53 -31.00
CA GLU L 369 -20.85 3.18 -32.18
C GLU L 369 -21.72 2.62 -33.31
N GLY L 370 -23.04 2.79 -33.26
CA GLY L 370 -23.89 2.18 -34.28
C GLY L 370 -24.84 3.10 -35.02
N ALA L 371 -26.14 2.87 -34.84
CA ALA L 371 -27.16 3.71 -35.47
C ALA L 371 -27.11 5.14 -34.94
N CYS L 372 -27.04 5.29 -33.62
CA CYS L 372 -27.00 6.58 -32.96
C CYS L 372 -25.58 7.04 -32.67
N ALA L 373 -24.65 6.75 -33.58
CA ALA L 373 -23.29 7.26 -33.44
C ALA L 373 -23.27 8.75 -33.78
N TRP L 374 -22.53 9.52 -32.98
CA TRP L 374 -22.33 10.93 -33.28
C TRP L 374 -21.56 11.12 -34.58
N SER L 375 -20.96 10.04 -35.11
CA SER L 375 -20.27 10.10 -36.40
C SER L 375 -21.24 10.38 -37.54
N ALA L 376 -22.32 9.59 -37.63
CA ALA L 376 -23.25 9.67 -38.76
C ALA L 376 -24.21 10.85 -38.67
N ALA L 377 -24.09 11.69 -37.64
CA ALA L 377 -25.01 12.80 -37.43
C ALA L 377 -24.59 13.97 -38.32
N SER L 378 -25.16 14.00 -39.53
CA SER L 378 -24.82 15.00 -40.53
C SER L 378 -25.13 16.42 -40.06
N THR L 379 -26.40 16.82 -40.08
CA THR L 379 -26.80 18.19 -39.83
C THR L 379 -26.54 18.59 -38.38
N GLN L 380 -26.64 19.90 -38.13
CA GLN L 380 -26.81 20.35 -36.76
C GLN L 380 -28.09 19.77 -36.16
N ALA L 381 -29.20 19.88 -36.89
CA ALA L 381 -30.47 19.33 -36.40
C ALA L 381 -30.44 17.81 -36.29
N ASP L 382 -29.58 17.14 -37.05
CA ASP L 382 -29.44 15.70 -36.90
C ASP L 382 -28.83 15.35 -35.55
N LYS L 383 -27.85 16.14 -35.10
CA LYS L 383 -27.26 15.93 -33.77
C LYS L 383 -28.30 16.15 -32.67
N LEU L 384 -29.10 17.21 -32.79
CA LEU L 384 -30.10 17.49 -31.76
C LEU L 384 -31.20 16.45 -31.77
N ASN L 385 -31.58 15.98 -32.95
CA ASN L 385 -32.46 14.83 -33.02
C ASN L 385 -31.87 13.68 -32.22
N LEU L 386 -30.55 13.50 -32.30
CA LEU L 386 -29.91 12.47 -31.50
C LEU L 386 -29.94 12.82 -30.01
N ILE L 387 -29.69 14.10 -29.67
CA ILE L 387 -29.68 14.51 -28.27
C ILE L 387 -31.04 14.26 -27.65
N TYR L 388 -32.08 14.80 -28.30
CA TYR L 388 -33.44 14.73 -27.79
C TYR L 388 -33.98 13.31 -27.77
N MET L 389 -33.73 12.54 -28.82
CA MET L 389 -34.36 11.23 -28.85
C MET L 389 -33.68 10.21 -27.97
N GLN L 390 -32.48 10.51 -27.49
CA GLN L 390 -31.84 9.71 -26.45
C GLN L 390 -32.10 10.29 -25.07
N LYS L 391 -32.42 11.57 -24.98
CA LYS L 391 -33.05 12.08 -23.77
C LYS L 391 -34.35 11.34 -23.50
N TRP L 392 -35.26 11.37 -24.47
CA TRP L 392 -36.58 10.76 -24.34
C TRP L 392 -36.50 9.33 -23.85
N VAL L 393 -35.54 8.55 -24.36
CA VAL L 393 -35.36 7.20 -23.85
C VAL L 393 -34.87 7.25 -22.41
N SER L 394 -33.95 8.15 -22.11
CA SER L 394 -33.33 8.19 -20.79
C SER L 394 -34.34 8.39 -19.67
N LEU L 395 -35.45 9.06 -19.96
CA LEU L 395 -36.39 9.35 -18.91
C LEU L 395 -37.44 8.25 -18.73
N PHE L 396 -37.50 7.30 -19.66
CA PHE L 396 -38.41 6.18 -19.49
C PHE L 396 -38.09 5.42 -18.21
N TYR L 397 -39.13 5.22 -17.40
CA TYR L 397 -39.03 4.54 -16.12
C TYR L 397 -38.19 5.32 -15.12
N MET L 398 -38.02 6.62 -15.30
CA MET L 398 -37.20 7.40 -14.38
C MET L 398 -37.93 8.67 -13.96
N ASP L 399 -38.32 9.50 -14.94
CA ASP L 399 -38.98 10.79 -14.65
C ASP L 399 -39.92 11.10 -15.82
N HIS L 400 -41.10 10.50 -15.81
CA HIS L 400 -41.99 10.65 -16.95
C HIS L 400 -42.55 12.07 -17.06
N MET L 401 -42.67 12.79 -15.95
CA MET L 401 -43.31 14.10 -16.02
C MET L 401 -42.44 15.09 -16.77
N GLU L 402 -41.13 14.94 -16.67
CA GLU L 402 -40.24 15.78 -17.46
C GLU L 402 -40.20 15.31 -18.90
N ALA L 403 -40.11 13.99 -19.09
CA ALA L 403 -40.03 13.42 -20.43
C ALA L 403 -41.12 13.96 -21.31
N TRP L 404 -42.31 14.11 -20.77
CA TRP L 404 -43.40 14.67 -21.54
C TRP L 404 -43.22 16.17 -21.68
N SER L 405 -42.79 16.86 -20.62
CA SER L 405 -42.52 18.29 -20.73
C SER L 405 -41.54 18.60 -21.85
N GLU L 406 -40.39 17.93 -21.84
CA GLU L 406 -39.36 18.29 -22.81
C GLU L 406 -39.76 17.88 -24.22
N ILE L 407 -40.59 16.85 -24.35
CA ILE L 407 -41.18 16.53 -25.63
C ILE L 407 -41.95 17.74 -26.20
N ARG L 408 -42.64 18.50 -25.35
CA ARG L 408 -43.41 19.63 -25.88
C ARG L 408 -42.55 20.82 -26.24
N ARG L 409 -41.46 21.06 -25.51
CA ARG L 409 -40.62 22.23 -25.78
C ARG L 409 -39.77 22.05 -27.03
N THR L 410 -39.09 20.92 -27.16
CA THR L 410 -38.26 20.69 -28.32
C THR L 410 -39.06 20.11 -29.47
N ASP L 411 -40.22 19.55 -29.16
CA ASP L 411 -41.15 18.99 -30.14
C ASP L 411 -40.47 17.94 -30.97
N CYS L 412 -39.44 17.33 -30.37
CA CYS L 412 -38.86 16.09 -30.84
C CYS L 412 -38.80 15.18 -29.62
N PRO L 413 -39.24 13.91 -29.73
CA PRO L 413 -39.83 13.23 -30.89
C PRO L 413 -41.06 13.96 -31.42
N LYS L 414 -41.35 13.78 -32.70
CA LYS L 414 -42.40 14.52 -33.36
C LYS L 414 -43.55 13.60 -33.75
N LEU L 415 -44.69 14.23 -33.93
CA LEU L 415 -45.92 13.62 -34.40
C LEU L 415 -45.75 13.01 -35.78
N SER L 416 -45.68 11.69 -35.86
CA SER L 416 -45.73 11.03 -37.15
C SER L 416 -46.98 11.48 -37.85
N SER L 417 -46.83 12.21 -38.96
CA SER L 417 -47.98 12.78 -39.65
C SER L 417 -48.93 11.73 -40.22
N TYR L 418 -48.83 10.50 -39.73
CA TYR L 418 -49.63 9.37 -40.18
C TYR L 418 -50.53 8.87 -39.05
N SER L 419 -51.78 8.55 -39.38
CA SER L 419 -52.71 8.17 -38.33
C SER L 419 -52.36 6.78 -37.81
N ALA L 420 -52.91 6.45 -36.64
CA ALA L 420 -52.68 5.14 -36.05
C ALA L 420 -53.13 4.02 -36.98
N ALA L 421 -54.26 4.23 -37.68
CA ALA L 421 -54.84 3.18 -38.53
C ALA L 421 -53.94 2.87 -39.72
N GLN L 422 -53.32 3.90 -40.32
CA GLN L 422 -52.38 3.68 -41.42
C GLN L 422 -51.20 2.84 -40.95
N ILE L 423 -50.50 3.32 -39.92
CA ILE L 423 -49.35 2.61 -39.38
C ILE L 423 -49.72 1.17 -39.04
N GLN L 424 -50.96 0.93 -38.62
CA GLN L 424 -51.42 -0.45 -38.44
C GLN L 424 -51.42 -1.22 -39.76
N ALA L 425 -51.92 -0.58 -40.83
CA ALA L 425 -52.18 -1.25 -42.11
C ALA L 425 -50.93 -1.49 -42.94
N SER L 426 -49.86 -0.74 -42.68
CA SER L 426 -48.54 -1.08 -43.23
C SER L 426 -47.50 -0.40 -42.37
N GLU L 427 -46.65 -1.19 -41.72
CA GLU L 427 -45.72 -0.62 -40.75
C GLU L 427 -44.60 0.15 -41.43
N SER L 428 -44.21 -0.27 -42.63
CA SER L 428 -43.03 0.25 -43.31
C SER L 428 -43.05 1.76 -43.45
N VAL L 429 -44.23 2.37 -43.33
CA VAL L 429 -44.40 3.80 -43.45
C VAL L 429 -43.85 4.56 -42.25
N TYR L 430 -43.89 3.96 -41.06
CA TYR L 430 -43.63 4.64 -39.81
C TYR L 430 -42.13 4.76 -39.54
N THR L 431 -41.63 5.98 -39.35
CA THR L 431 -40.26 6.14 -38.88
C THR L 431 -40.18 5.79 -37.40
N PRO L 432 -39.41 4.77 -37.02
CA PRO L 432 -39.43 4.33 -35.62
C PRO L 432 -39.09 5.48 -34.68
N GLY L 433 -39.84 5.54 -33.57
CA GLY L 433 -39.55 6.46 -32.48
C GLY L 433 -40.25 7.80 -32.53
N GLU L 434 -41.11 8.05 -33.50
CA GLU L 434 -41.87 9.29 -33.52
C GLU L 434 -43.30 9.01 -33.12
N LEU L 435 -43.97 10.04 -32.61
CA LEU L 435 -45.18 9.83 -31.84
C LEU L 435 -46.39 9.69 -32.75
N VAL L 436 -47.33 8.86 -32.30
CA VAL L 436 -48.56 8.57 -33.00
C VAL L 436 -49.70 9.20 -32.19
N ALA L 437 -50.40 10.15 -32.79
CA ALA L 437 -51.61 10.65 -32.17
C ALA L 437 -52.58 9.50 -31.92
N PRO L 438 -53.25 9.48 -30.76
CA PRO L 438 -54.01 8.28 -30.36
C PRO L 438 -55.06 7.92 -31.39
N TRP L 439 -55.24 6.61 -31.55
CA TRP L 439 -56.21 6.10 -32.51
C TRP L 439 -57.60 6.64 -32.20
N THR L 440 -58.18 6.26 -31.06
CA THR L 440 -59.28 7.02 -30.51
C THR L 440 -58.73 8.25 -29.80
N ASN L 441 -59.23 9.43 -30.18
CA ASN L 441 -58.77 10.70 -29.64
C ASN L 441 -59.97 11.59 -29.33
N GLY L 442 -60.19 11.87 -28.04
CA GLY L 442 -61.22 12.77 -27.54
C GLY L 442 -60.92 14.25 -27.62
N LEU L 443 -59.77 14.66 -28.13
CA LEU L 443 -59.51 16.08 -28.32
C LEU L 443 -60.10 16.51 -29.64
N GLU L 444 -61.05 17.45 -29.60
CA GLU L 444 -61.73 17.86 -30.84
C GLU L 444 -60.71 18.29 -31.88
N ALA L 445 -59.64 18.96 -31.44
CA ALA L 445 -58.62 19.49 -32.34
C ALA L 445 -57.62 18.44 -32.83
N GLY L 446 -57.68 17.21 -32.33
CA GLY L 446 -56.75 16.17 -32.73
C GLY L 446 -55.36 16.47 -32.23
N GLY L 447 -54.40 15.56 -32.42
CA GLY L 447 -53.07 15.84 -31.90
C GLY L 447 -52.67 15.11 -30.64
N LEU L 448 -51.69 15.66 -29.92
CA LEU L 448 -51.10 15.05 -28.73
C LEU L 448 -51.42 15.88 -27.50
N MET L 449 -51.63 15.20 -26.36
CA MET L 449 -51.94 15.91 -25.12
C MET L 449 -50.88 16.95 -24.78
N LYS L 450 -51.33 18.17 -24.44
CA LYS L 450 -50.45 19.29 -24.16
C LYS L 450 -50.64 19.98 -22.82
N ARG L 451 -51.55 19.51 -21.96
CA ARG L 451 -52.00 20.29 -20.81
C ARG L 451 -53.03 19.52 -20.00
N MET L 452 -52.73 19.24 -18.74
CA MET L 452 -53.66 18.54 -17.88
C MET L 452 -54.85 19.45 -17.53
N THR L 453 -55.95 18.84 -17.10
CA THR L 453 -57.15 19.59 -16.74
C THR L 453 -56.89 20.39 -15.47
N TYR L 454 -57.76 21.27 -15.19
CA TYR L 454 -57.49 21.88 -13.90
C TYR L 454 -58.15 21.10 -12.78
N PRO L 455 -57.51 21.12 -11.61
CA PRO L 455 -58.08 20.44 -10.43
C PRO L 455 -59.55 20.75 -10.24
N LEU L 456 -60.39 19.72 -10.19
CA LEU L 456 -61.78 19.96 -9.87
C LEU L 456 -61.94 20.54 -8.46
N SER L 457 -61.08 20.17 -7.50
CA SER L 457 -61.18 20.78 -6.18
C SER L 457 -60.97 22.28 -6.25
N ALA L 458 -60.12 22.74 -7.17
CA ALA L 458 -59.97 24.17 -7.42
C ALA L 458 -61.18 24.72 -8.17
N ARG L 459 -61.65 23.99 -9.18
CA ARG L 459 -62.82 24.43 -9.94
C ARG L 459 -64.01 24.69 -9.03
N GLN L 460 -64.23 23.81 -8.05
CA GLN L 460 -65.44 23.89 -7.25
C GLN L 460 -65.34 24.97 -6.18
N GLN L 461 -64.22 25.06 -5.48
CA GLN L 461 -64.22 25.98 -4.36
C GLN L 461 -63.51 27.31 -4.62
N ASN L 462 -62.71 27.41 -5.67
CA ASN L 462 -61.94 28.62 -5.94
C ASN L 462 -62.51 29.27 -7.20
N VAL L 463 -63.25 30.38 -7.02
CA VAL L 463 -63.89 31.01 -8.17
C VAL L 463 -62.88 31.60 -9.15
N ASN L 464 -61.65 31.85 -8.73
CA ASN L 464 -60.69 32.51 -9.59
C ASN L 464 -59.87 31.52 -10.41
N THR L 465 -60.33 30.28 -10.52
CA THR L 465 -59.63 29.28 -11.32
C THR L 465 -59.92 29.51 -12.79
N PRO L 466 -58.90 29.58 -13.65
CA PRO L 466 -59.13 29.77 -15.09
C PRO L 466 -60.16 28.81 -15.66
N ALA L 467 -60.91 29.30 -16.64
CA ALA L 467 -61.93 28.50 -17.30
C ALA L 467 -61.30 27.32 -18.02
N GLY L 468 -61.86 26.12 -17.79
CA GLY L 468 -61.39 24.91 -18.43
C GLY L 468 -61.17 25.06 -19.92
N VAL L 469 -60.13 24.43 -20.43
CA VAL L 469 -59.81 24.48 -21.84
C VAL L 469 -59.47 23.06 -22.29
N PRO L 470 -59.58 22.77 -23.59
CA PRO L 470 -59.29 21.41 -24.04
C PRO L 470 -57.82 21.06 -23.83
N GLY L 471 -57.54 19.77 -23.84
CA GLY L 471 -56.17 19.33 -23.62
C GLY L 471 -55.25 19.78 -24.73
N SER L 472 -55.84 20.18 -25.85
CA SER L 472 -55.07 20.52 -27.04
C SER L 472 -54.32 21.84 -26.90
N THR L 473 -54.63 22.69 -25.85
CA THR L 473 -54.12 24.06 -25.90
C THR L 473 -52.84 24.18 -25.08
N PRO L 474 -51.76 24.71 -25.67
CA PRO L 474 -50.43 24.46 -25.12
C PRO L 474 -50.21 25.18 -23.81
N VAL L 475 -49.26 24.66 -23.04
CA VAL L 475 -48.77 25.40 -21.89
C VAL L 475 -47.95 26.58 -22.42
N TRP L 476 -47.86 27.63 -21.60
CA TRP L 476 -47.31 28.90 -22.05
C TRP L 476 -45.99 28.75 -22.82
N TRP L 477 -45.16 27.78 -22.44
CA TRP L 477 -43.86 27.66 -23.09
C TRP L 477 -43.87 26.77 -24.32
N ASP L 478 -44.92 26.00 -24.57
CA ASP L 478 -44.98 25.27 -25.83
C ASP L 478 -45.56 26.23 -26.86
N ILE L 479 -44.73 26.64 -27.81
CA ILE L 479 -45.13 27.56 -28.87
C ILE L 479 -45.22 26.85 -30.22
N LYS L 480 -44.62 25.68 -30.36
CA LYS L 480 -44.73 24.88 -31.57
C LYS L 480 -45.14 23.42 -31.26
N GLU M 37 -99.39 13.63 30.45
CA GLU M 37 -98.89 13.81 29.09
C GLU M 37 -100.07 13.83 28.09
N LYS M 38 -99.80 14.34 26.87
CA LYS M 38 -100.74 14.66 25.79
C LYS M 38 -101.43 16.00 26.03
N ALA M 39 -100.89 16.78 26.98
CA ALA M 39 -100.89 18.23 26.95
C ALA M 39 -99.70 18.77 26.17
N LEU M 40 -99.07 17.92 25.37
CA LEU M 40 -97.89 18.28 24.61
C LEU M 40 -98.27 19.24 23.49
N GLY M 41 -97.32 20.08 23.09
CA GLY M 41 -97.61 21.09 22.09
C GLY M 41 -96.98 20.86 20.73
N TYR M 42 -96.67 19.61 20.38
CA TYR M 42 -95.99 19.31 19.13
C TYR M 42 -96.20 17.84 18.79
N ALA M 43 -95.73 17.44 17.61
CA ALA M 43 -96.04 16.11 17.10
C ALA M 43 -95.30 15.05 17.89
N ALA M 44 -96.02 14.00 18.30
CA ALA M 44 -95.42 12.88 19.02
C ALA M 44 -96.27 11.64 18.84
N THR M 45 -95.60 10.51 18.59
CA THR M 45 -96.26 9.24 18.41
C THR M 45 -95.93 8.34 19.59
N SER M 46 -96.87 7.46 19.93
CA SER M 46 -96.66 6.50 21.01
C SER M 46 -97.00 5.12 20.50
N VAL M 47 -96.12 4.18 20.77
CA VAL M 47 -96.30 2.79 20.39
C VAL M 47 -96.19 1.95 21.65
N GLY M 48 -97.02 0.93 21.74
CA GLY M 48 -96.96 0.02 22.85
C GLY M 48 -96.00 -1.11 22.59
N GLY M 49 -95.48 -1.69 23.69
CA GLY M 49 -94.59 -2.81 23.56
C GLY M 49 -95.12 -3.93 22.68
N GLU M 50 -96.37 -4.32 22.91
CA GLU M 50 -96.98 -5.40 22.13
C GLU M 50 -96.78 -5.20 20.62
N LYS M 51 -96.96 -3.96 20.14
CA LYS M 51 -96.77 -3.70 18.71
C LYS M 51 -95.30 -3.78 18.33
N ILE M 52 -94.43 -3.11 19.09
CA ILE M 52 -92.98 -3.24 18.90
C ILE M 52 -92.60 -4.70 18.77
N ALA M 53 -93.05 -5.54 19.71
CA ALA M 53 -92.57 -6.91 19.74
C ALA M 53 -93.26 -7.83 18.74
N GLU M 54 -94.50 -7.52 18.33
CA GLU M 54 -95.28 -8.48 17.54
C GLU M 54 -94.56 -8.89 16.27
N SER M 55 -93.74 -8.00 15.73
CA SER M 55 -93.02 -8.26 14.51
C SER M 55 -91.88 -9.24 14.72
N ARG M 56 -91.41 -9.38 15.97
CA ARG M 56 -90.35 -10.31 16.36
C ARG M 56 -89.03 -9.98 15.68
N THR M 57 -88.84 -8.72 15.29
CA THR M 57 -87.51 -8.30 14.88
C THR M 57 -86.57 -8.41 16.07
N SER M 58 -85.29 -8.70 15.78
CA SER M 58 -84.25 -8.57 16.78
C SER M 58 -84.07 -7.12 17.23
N ASP M 59 -84.42 -6.17 16.38
CA ASP M 59 -84.22 -4.75 16.59
C ASP M 59 -85.51 -4.11 17.07
N VAL M 60 -85.41 -2.98 17.75
CA VAL M 60 -86.61 -2.32 18.27
C VAL M 60 -87.23 -1.34 17.26
N MET M 61 -86.42 -0.71 16.40
CA MET M 61 -86.93 0.31 15.48
C MET M 61 -87.39 -0.23 14.13
N SER M 62 -86.83 -1.35 13.67
CA SER M 62 -87.05 -1.77 12.28
C SER M 62 -88.48 -2.27 12.05
N SER M 63 -89.17 -2.73 13.07
CA SER M 63 -90.57 -3.08 12.91
C SER M 63 -91.44 -1.84 12.77
N LEU M 64 -90.95 -0.68 13.18
CA LEU M 64 -91.68 0.56 13.01
C LEU M 64 -91.43 1.24 11.66
N ALA M 65 -90.83 0.52 10.72
CA ALA M 65 -90.43 1.16 9.48
C ALA M 65 -91.67 1.41 8.60
N GLY M 66 -91.86 2.66 8.22
CA GLY M 66 -92.99 3.05 7.39
C GLY M 66 -94.28 3.24 8.15
N LYS M 67 -94.21 3.31 9.48
CA LYS M 67 -95.43 3.31 10.29
C LYS M 67 -95.65 4.57 11.10
N ILE M 68 -94.75 5.55 11.04
CA ILE M 68 -94.86 6.77 11.85
C ILE M 68 -94.51 7.95 10.96
N ALA M 69 -95.36 8.98 10.97
CA ALA M 69 -95.10 10.15 10.14
C ALA M 69 -93.88 10.92 10.67
N GLY M 70 -93.00 11.31 9.76
CA GLY M 70 -91.82 12.08 10.12
C GLY M 70 -90.65 11.27 10.65
N VAL M 71 -90.78 9.95 10.73
CA VAL M 71 -89.77 9.10 11.32
C VAL M 71 -89.39 8.10 10.24
N GLN M 72 -88.34 8.44 9.50
CA GLN M 72 -87.84 7.63 8.39
C GLN M 72 -86.90 6.57 8.95
N ILE M 73 -87.22 5.30 8.70
CA ILE M 73 -86.50 4.18 9.30
C ILE M 73 -86.12 3.19 8.21
N SER M 74 -84.81 3.03 7.98
CA SER M 74 -84.31 2.04 7.02
C SER M 74 -83.25 1.17 7.68
N SER M 75 -83.06 -0.04 7.15
CA SER M 75 -81.96 -0.88 7.58
C SER M 75 -80.85 -0.89 6.53
N THR M 76 -79.59 -0.82 6.97
CA THR M 76 -78.50 -0.60 6.02
C THR M 76 -78.37 -1.77 5.05
N SER M 77 -78.79 -2.96 5.47
CA SER M 77 -78.75 -4.15 4.62
C SER M 77 -79.47 -5.23 5.40
N SER M 78 -79.85 -6.30 4.71
CA SER M 78 -80.42 -7.46 5.37
C SER M 78 -79.37 -8.38 5.95
N ASP M 79 -78.11 -7.95 5.96
CA ASP M 79 -77.00 -8.72 6.55
C ASP M 79 -77.16 -8.81 8.07
N PRO M 80 -77.24 -10.01 8.65
CA PRO M 80 -77.52 -10.12 10.08
C PRO M 80 -76.60 -9.25 10.94
N GLY M 81 -77.21 -8.42 11.77
CA GLY M 81 -76.51 -7.57 12.69
C GLY M 81 -76.35 -6.14 12.24
N ALA M 82 -76.79 -5.80 11.03
CA ALA M 82 -76.48 -4.50 10.44
C ALA M 82 -77.17 -3.36 11.19
N SER M 83 -76.81 -2.13 10.82
CA SER M 83 -77.34 -0.97 11.53
C SER M 83 -78.72 -0.60 11.00
N ASN M 84 -79.38 0.29 11.75
CA ASN M 84 -80.65 0.88 11.36
C ASN M 84 -80.52 2.41 11.42
N SER M 85 -81.05 3.03 10.37
CA SER M 85 -81.17 4.48 10.28
C SER M 85 -82.54 4.90 10.81
N VAL M 86 -82.56 5.89 11.68
CA VAL M 86 -83.78 6.57 12.08
C VAL M 86 -83.52 8.06 11.94
N ILE M 87 -84.33 8.72 11.13
CA ILE M 87 -84.10 10.13 10.77
C ILE M 87 -85.43 10.84 10.94
N ILE M 88 -85.44 11.89 11.76
CA ILE M 88 -86.64 12.65 12.11
C ILE M 88 -86.57 13.96 11.36
N ARG M 89 -87.59 14.21 10.52
CA ARG M 89 -87.76 15.47 9.79
C ARG M 89 -86.52 15.84 8.97
N GLY M 90 -86.02 14.85 8.23
CA GLY M 90 -84.89 15.12 7.38
C GLY M 90 -83.56 15.36 8.07
N VAL M 91 -82.52 15.36 7.23
CA VAL M 91 -81.16 15.67 7.61
C VAL M 91 -81.03 17.15 7.94
N SER M 92 -80.60 17.44 9.16
CA SER M 92 -80.10 18.76 9.52
C SER M 92 -78.58 18.83 9.65
N SER M 93 -77.90 17.72 9.93
CA SER M 93 -76.47 17.73 10.14
C SER M 93 -75.76 17.27 8.87
N LEU M 94 -74.91 18.12 8.33
CA LEU M 94 -74.14 17.71 7.17
C LEU M 94 -72.96 16.84 7.57
N SER M 95 -72.55 16.92 8.83
CA SER M 95 -71.40 16.20 9.34
C SER M 95 -71.77 14.84 9.89
N GLY M 96 -72.92 14.31 9.51
CA GLY M 96 -73.19 12.90 9.72
C GLY M 96 -73.65 12.47 11.09
N THR M 97 -74.45 13.28 11.78
CA THR M 97 -75.00 12.90 13.09
C THR M 97 -76.46 13.33 13.12
N ASN M 98 -77.35 12.47 12.61
CA ASN M 98 -78.77 12.78 12.47
C ASN M 98 -79.67 11.77 13.17
N GLN M 99 -79.11 10.90 14.05
CA GLN M 99 -80.08 10.03 14.66
C GLN M 99 -80.70 10.70 15.88
N PRO M 100 -81.94 10.33 16.22
CA PRO M 100 -82.54 10.85 17.45
C PRO M 100 -81.74 10.37 18.65
N LEU M 101 -81.75 11.20 19.69
CA LEU M 101 -81.32 10.76 21.01
C LEU M 101 -82.23 9.65 21.52
N TYR M 102 -81.67 8.47 21.80
CA TYR M 102 -82.42 7.43 22.51
C TYR M 102 -82.26 7.64 24.01
N VAL M 103 -83.36 7.52 24.72
CA VAL M 103 -83.48 7.83 26.14
C VAL M 103 -84.27 6.68 26.76
N VAL M 104 -83.63 5.85 27.59
CA VAL M 104 -84.30 4.65 28.04
C VAL M 104 -85.05 4.84 29.36
N ASP M 105 -84.46 5.42 30.39
CA ASP M 105 -85.40 5.52 31.53
C ASP M 105 -85.38 6.64 32.59
N GLY M 106 -85.14 7.91 32.27
CA GLY M 106 -84.74 8.42 31.01
C GLY M 106 -83.27 8.77 31.12
N VAL M 107 -82.45 7.78 30.84
CA VAL M 107 -81.01 7.94 30.72
C VAL M 107 -80.68 7.85 29.24
N PRO M 108 -79.99 8.82 28.67
CA PRO M 108 -79.61 8.71 27.26
C PRO M 108 -78.78 7.45 27.05
N LEU M 109 -78.98 6.83 25.88
CA LEU M 109 -78.44 5.52 25.58
C LEU M 109 -77.47 5.61 24.41
N ASN M 110 -76.28 5.05 24.56
CA ASN M 110 -75.29 5.16 23.48
C ASN M 110 -75.84 4.60 22.17
N ASN M 111 -75.66 5.37 21.08
CA ASN M 111 -76.17 4.94 19.79
C ASN M 111 -75.06 4.82 18.75
N SER M 112 -73.86 4.48 19.18
CA SER M 112 -72.76 4.47 18.24
C SER M 112 -72.95 3.40 17.18
N THR M 113 -72.27 3.58 16.06
CA THR M 113 -72.40 2.63 14.98
C THR M 113 -71.02 2.18 14.57
N VAL M 114 -70.91 0.90 14.24
CA VAL M 114 -69.65 0.30 13.84
C VAL M 114 -69.80 -0.13 12.40
N TYR M 115 -69.18 0.62 11.49
CA TYR M 115 -69.24 0.25 10.08
C TYR M 115 -67.98 0.72 9.35
N SER M 116 -67.71 0.04 8.24
CA SER M 116 -66.47 0.21 7.51
C SER M 116 -66.17 1.66 7.14
N THR M 117 -64.92 2.05 7.37
CA THR M 117 -64.44 3.35 6.93
C THR M 117 -64.31 3.39 5.41
N ASP M 118 -64.10 2.25 4.79
CA ASP M 118 -63.84 2.15 3.36
C ASP M 118 -64.92 1.27 2.73
N GLY M 119 -66.05 1.90 2.37
CA GLY M 119 -67.11 1.13 1.77
C GLY M 119 -66.80 0.57 0.39
N LEU M 120 -65.70 1.01 -0.23
CA LEU M 120 -65.44 0.65 -1.62
C LEU M 120 -64.70 -0.66 -1.75
N ASN M 121 -63.76 -0.97 -0.86
CA ASN M 121 -63.04 -2.22 -0.98
C ASN M 121 -63.34 -3.22 0.13
N SER M 122 -63.86 -2.76 1.27
CA SER M 122 -64.17 -3.60 2.42
C SER M 122 -65.37 -3.05 3.19
N GLY M 123 -66.55 -3.14 2.58
CA GLY M 123 -67.77 -2.64 3.24
C GLY M 123 -68.35 -3.68 4.18
N TYR M 124 -68.75 -3.22 5.37
CA TYR M 124 -69.36 -4.08 6.37
C TYR M 124 -69.98 -3.20 7.46
N ASP M 125 -71.08 -3.67 8.04
CA ASP M 125 -71.76 -2.92 9.08
C ASP M 125 -72.08 -3.85 10.25
N PHE M 126 -71.54 -3.53 11.42
CA PHE M 126 -71.62 -4.42 12.56
C PHE M 126 -72.68 -4.03 13.58
N GLY M 127 -73.40 -2.93 13.36
CA GLY M 127 -74.53 -2.65 14.21
C GLY M 127 -74.54 -1.24 14.76
N ASN M 128 -75.56 -0.98 15.54
CA ASN M 128 -75.96 0.34 15.96
C ASN M 128 -76.21 0.29 17.47
N GLY M 129 -75.91 1.38 18.18
CA GLY M 129 -76.05 1.37 19.65
C GLY M 129 -77.42 0.88 20.10
N ALA M 130 -78.48 1.41 19.49
CA ALA M 130 -79.82 1.02 19.95
C ALA M 130 -80.16 -0.45 19.66
N ASN M 131 -79.48 -1.11 18.72
CA ASN M 131 -79.84 -2.50 18.42
C ASN M 131 -79.67 -3.43 19.62
N ALA M 132 -79.18 -2.92 20.75
CA ALA M 132 -78.94 -3.71 21.96
C ALA M 132 -80.21 -3.96 22.78
N ILE M 133 -81.10 -2.96 22.87
CA ILE M 133 -82.37 -3.08 23.56
C ILE M 133 -83.08 -4.37 23.19
N ASN M 134 -83.56 -5.08 24.22
CA ASN M 134 -84.43 -6.23 24.03
C ASN M 134 -85.83 -5.75 23.69
N PRO M 135 -86.37 -6.08 22.50
CA PRO M 135 -87.76 -5.66 22.17
C PRO M 135 -88.79 -6.06 23.24
N ASP M 136 -88.67 -7.27 23.81
CA ASP M 136 -89.57 -7.75 24.84
C ASP M 136 -89.53 -6.93 26.13
N ASP M 137 -88.51 -6.10 26.36
CA ASP M 137 -88.47 -5.31 27.58
C ASP M 137 -89.15 -3.96 27.45
N VAL M 138 -89.67 -3.64 26.28
CA VAL M 138 -90.23 -2.33 25.99
C VAL M 138 -91.70 -2.33 26.40
N ALA M 139 -92.07 -1.36 27.23
CA ALA M 139 -93.45 -1.12 27.65
C ALA M 139 -94.13 -0.11 26.74
N ASN M 140 -93.49 1.04 26.56
CA ASN M 140 -94.01 2.07 25.69
C ASN M 140 -92.82 2.78 25.04
N MET M 141 -93.02 3.26 23.83
CA MET M 141 -92.06 4.14 23.16
C MET M 141 -92.78 5.40 22.70
N THR M 142 -92.12 6.55 22.83
CA THR M 142 -92.74 7.82 22.46
C THR M 142 -91.72 8.69 21.75
N ILE M 143 -91.90 8.85 20.45
CA ILE M 143 -90.96 9.58 19.61
C ILE M 143 -91.31 11.06 19.69
N LEU M 144 -90.45 11.86 20.30
CA LEU M 144 -90.63 13.29 20.27
C LEU M 144 -90.07 13.82 18.95
N LYS M 145 -90.92 14.42 18.13
CA LYS M 145 -90.48 14.84 16.80
C LYS M 145 -90.13 16.32 16.71
N GLY M 146 -90.48 17.11 17.72
CA GLY M 146 -90.24 18.55 17.66
C GLY M 146 -88.93 18.94 18.33
N ALA M 147 -88.22 19.90 17.73
CA ALA M 147 -86.97 20.39 18.28
C ALA M 147 -87.12 21.74 18.97
N ALA M 148 -88.30 22.02 19.53
CA ALA M 148 -88.61 23.33 20.11
C ALA M 148 -88.59 23.33 21.62
N ALA M 149 -88.81 22.17 22.26
CA ALA M 149 -88.84 22.02 23.71
C ALA M 149 -87.95 20.82 24.06
N THR M 150 -86.65 21.07 24.12
CA THR M 150 -85.66 20.03 24.34
C THR M 150 -84.85 20.24 25.63
N ALA M 151 -85.23 21.23 26.46
CA ALA M 151 -84.47 21.55 27.66
C ALA M 151 -84.26 20.35 28.56
N LEU M 152 -85.12 19.35 28.51
CA LEU M 152 -84.94 18.16 29.32
C LEU M 152 -83.84 17.25 28.81
N TYR M 153 -83.37 17.42 27.58
CA TYR M 153 -82.29 16.55 27.08
C TYR M 153 -81.17 17.30 26.38
N GLY M 154 -81.29 18.62 26.20
CA GLY M 154 -80.24 19.39 25.56
C GLY M 154 -80.11 19.12 24.06
N SER M 155 -78.91 19.46 23.55
CA SER M 155 -78.68 19.57 22.11
C SER M 155 -79.13 18.33 21.35
N ARG M 156 -78.65 17.16 21.74
CA ARG M 156 -78.91 15.96 20.93
C ARG M 156 -80.39 15.73 20.67
N ALA M 157 -81.28 16.42 21.37
CA ALA M 157 -82.70 16.24 21.08
C ALA M 157 -83.18 17.02 19.85
N ALA M 158 -82.38 17.93 19.29
CA ALA M 158 -82.81 18.59 18.06
C ALA M 158 -83.05 17.59 16.93
N ASN M 159 -82.41 16.44 16.98
CA ASN M 159 -82.64 15.42 15.98
C ASN M 159 -83.84 14.57 16.30
N GLY M 160 -84.59 14.89 17.35
CA GLY M 160 -85.63 14.01 17.83
C GLY M 160 -85.22 13.26 19.09
N VAL M 161 -86.21 12.61 19.70
CA VAL M 161 -86.02 11.77 20.88
C VAL M 161 -86.88 10.53 20.71
N VAL M 162 -86.29 9.36 20.99
CA VAL M 162 -87.05 8.13 21.10
C VAL M 162 -87.07 7.81 22.59
N MET M 163 -88.16 8.19 23.28
CA MET M 163 -88.29 7.91 24.71
C MET M 163 -88.81 6.49 24.88
N ILE M 164 -87.98 5.62 25.41
CA ILE M 164 -88.38 4.25 25.71
C ILE M 164 -88.65 4.13 27.19
N THR M 165 -89.60 3.27 27.54
CA THR M 165 -89.94 2.95 28.92
C THR M 165 -90.02 1.43 29.02
N THR M 166 -89.40 0.89 30.05
CA THR M 166 -89.32 -0.57 30.16
C THR M 166 -90.38 -1.10 31.12
N LYS M 167 -90.76 -2.35 30.89
CA LYS M 167 -91.73 -3.00 31.75
C LYS M 167 -91.23 -3.02 33.17
N SER M 168 -92.14 -2.91 34.14
CA SER M 168 -91.81 -3.02 35.57
C SER M 168 -92.51 -4.24 36.15
N GLY M 169 -92.30 -4.44 37.44
CA GLY M 169 -93.02 -5.50 38.14
C GLY M 169 -94.50 -5.16 38.26
N ARG M 170 -95.33 -6.19 38.07
CA ARG M 170 -96.78 -6.09 38.20
C ARG M 170 -97.30 -7.35 38.84
N LYS M 171 -98.22 -7.19 39.78
CA LYS M 171 -98.91 -8.34 40.35
C LYS M 171 -99.94 -8.85 39.36
N GLU M 172 -99.78 -10.09 38.95
CA GLU M 172 -100.72 -10.76 38.06
C GLU M 172 -100.83 -12.19 38.57
N LYS M 173 -101.56 -13.04 37.85
CA LYS M 173 -101.51 -14.46 38.12
C LYS M 173 -100.66 -15.12 37.04
N GLY M 174 -99.82 -16.08 37.42
CA GLY M 174 -99.60 -16.42 38.81
C GLY M 174 -98.17 -16.25 39.28
N VAL M 175 -97.18 -16.63 38.46
CA VAL M 175 -95.78 -16.70 38.90
C VAL M 175 -94.97 -15.52 38.39
N GLY M 176 -95.34 -14.97 37.23
CA GLY M 176 -94.65 -13.84 36.66
C GLY M 176 -93.60 -14.21 35.64
N ILE M 177 -93.74 -15.35 34.97
CA ILE M 177 -92.77 -15.84 34.00
C ILE M 177 -93.40 -15.76 32.61
N GLU M 178 -92.85 -14.92 31.74
CA GLU M 178 -93.16 -14.94 30.31
C GLU M 178 -91.99 -15.52 29.53
N TYR M 179 -92.27 -16.54 28.72
CA TYR M 179 -91.30 -17.10 27.79
C TYR M 179 -91.69 -16.82 26.34
N ASN M 180 -90.73 -16.38 25.51
CA ASN M 180 -90.94 -16.23 24.07
C ASN M 180 -89.89 -17.06 23.32
N GLY M 181 -90.34 -17.85 22.35
CA GLY M 181 -89.43 -18.73 21.65
C GLY M 181 -89.63 -18.82 20.15
N GLY M 182 -88.81 -18.09 19.38
CA GLY M 182 -89.06 -17.96 17.96
C GLY M 182 -88.15 -18.69 16.99
N VAL M 183 -88.58 -18.77 15.75
CA VAL M 183 -87.86 -19.42 14.67
C VAL M 183 -88.22 -18.69 13.37
N GLN M 184 -87.22 -18.36 12.55
CA GLN M 184 -87.40 -17.49 11.39
C GLN M 184 -86.54 -17.96 10.22
N TRP M 185 -86.99 -17.67 8.99
CA TRP M 185 -86.20 -18.02 7.80
C TRP M 185 -85.98 -16.81 6.89
N SER M 186 -84.80 -16.75 6.29
CA SER M 186 -84.46 -15.73 5.28
C SER M 186 -84.41 -16.37 3.90
N THR M 187 -84.80 -15.58 2.89
CA THR M 187 -84.67 -15.96 1.50
C THR M 187 -84.46 -14.68 0.71
N VAL M 188 -83.78 -14.80 -0.44
CA VAL M 188 -83.41 -13.60 -1.20
C VAL M 188 -84.66 -12.92 -1.74
N LEU M 189 -84.71 -11.59 -1.56
CA LEU M 189 -85.92 -10.86 -1.93
C LEU M 189 -85.90 -10.51 -3.41
N ARG M 190 -84.78 -9.97 -3.91
CA ARG M 190 -84.72 -9.51 -5.29
C ARG M 190 -83.29 -9.49 -5.81
N LEU M 191 -83.02 -10.30 -6.77
CA LEU M 191 -81.79 -10.31 -7.55
C LEU M 191 -81.99 -9.47 -8.82
N PRO M 192 -80.93 -8.88 -9.36
CA PRO M 192 -81.09 -8.09 -10.59
C PRO M 192 -81.63 -8.97 -11.72
N GLU M 193 -82.31 -8.32 -12.66
CA GLU M 193 -82.89 -9.05 -13.77
C GLU M 193 -81.81 -9.21 -14.84
N PHE M 194 -81.57 -10.46 -15.23
CA PHE M 194 -80.50 -10.84 -16.15
C PHE M 194 -81.04 -11.11 -17.55
N GLN M 195 -80.25 -10.74 -18.53
CA GLN M 195 -80.40 -11.31 -19.85
C GLN M 195 -79.89 -12.75 -19.85
N ASN M 196 -80.54 -13.62 -20.60
CA ASN M 196 -80.12 -15.00 -20.77
C ASN M 196 -79.92 -15.35 -22.24
N GLU M 197 -79.48 -14.36 -23.02
CA GLU M 197 -79.45 -14.48 -24.48
C GLU M 197 -78.03 -14.62 -25.01
N PHE M 198 -77.03 -14.15 -24.27
CA PHE M 198 -75.63 -14.22 -24.66
C PHE M 198 -74.79 -14.77 -23.51
N GLY M 199 -73.86 -15.68 -23.84
CA GLY M 199 -73.07 -16.36 -22.85
C GLY M 199 -71.64 -15.85 -22.78
N MET M 200 -70.79 -16.65 -22.10
CA MET M 200 -69.39 -16.32 -21.88
C MET M 200 -68.74 -15.74 -23.13
N GLY M 201 -68.04 -14.63 -22.96
CA GLY M 201 -67.28 -14.08 -24.06
C GLY M 201 -67.13 -12.57 -23.94
N TRP M 202 -66.48 -12.00 -24.95
CA TRP M 202 -66.27 -10.56 -25.01
C TRP M 202 -66.30 -10.15 -26.47
N ASN M 203 -66.50 -8.84 -26.68
CA ASN M 203 -66.59 -8.21 -28.00
C ASN M 203 -67.67 -8.83 -28.89
N GLY M 204 -68.53 -9.68 -28.32
CA GLY M 204 -69.39 -10.53 -29.11
C GLY M 204 -68.81 -11.88 -29.45
N ASN M 205 -67.57 -12.18 -29.04
CA ASN M 205 -66.92 -13.41 -29.44
C ASN M 205 -66.71 -14.33 -28.25
N HIS M 206 -66.77 -15.63 -28.52
CA HIS M 206 -66.59 -16.65 -27.50
C HIS M 206 -65.17 -16.61 -26.94
N THR M 207 -65.08 -16.68 -25.62
CA THR M 207 -63.83 -16.96 -24.94
C THR M 207 -64.06 -18.14 -24.02
N GLU M 208 -62.99 -18.56 -23.33
CA GLU M 208 -63.03 -19.66 -22.37
C GLU M 208 -62.76 -19.20 -20.94
N LEU M 209 -62.60 -17.89 -20.72
CA LEU M 209 -62.21 -17.43 -19.39
C LEU M 209 -62.82 -16.08 -18.99
N GLU M 210 -63.88 -15.61 -19.66
CA GLU M 210 -64.38 -14.28 -19.33
C GLU M 210 -65.15 -14.26 -18.00
N ASN M 211 -65.12 -13.09 -17.38
CA ASN M 211 -65.96 -12.76 -16.24
C ASN M 211 -67.28 -12.14 -16.66
N GLY M 212 -67.66 -12.28 -17.92
CA GLY M 212 -68.82 -11.59 -18.46
C GLY M 212 -69.50 -12.37 -19.58
N SER M 213 -70.55 -11.76 -20.11
CA SER M 213 -71.45 -12.48 -21.01
C SER M 213 -71.59 -11.76 -22.35
N TRP M 214 -70.54 -11.09 -22.81
CA TRP M 214 -70.59 -10.54 -24.16
C TRP M 214 -70.09 -11.56 -25.18
N GLY M 215 -70.62 -12.77 -25.12
CA GLY M 215 -70.35 -13.77 -26.14
C GLY M 215 -71.48 -13.84 -27.15
N PRO M 216 -71.53 -14.95 -27.89
CA PRO M 216 -72.56 -15.12 -28.92
C PRO M 216 -73.85 -15.73 -28.38
N ARG M 217 -74.89 -15.63 -29.20
CA ARG M 217 -76.20 -16.13 -28.81
C ARG M 217 -76.16 -17.65 -28.66
N PHE M 218 -76.69 -18.13 -27.53
CA PHE M 218 -76.60 -19.54 -27.17
C PHE M 218 -77.04 -20.46 -28.30
N ASP M 219 -76.22 -21.47 -28.56
CA ASP M 219 -76.40 -22.48 -29.61
C ASP M 219 -77.00 -23.76 -29.09
N GLY M 220 -76.73 -24.10 -27.83
CA GLY M 220 -76.80 -25.47 -27.35
C GLY M 220 -75.66 -26.36 -27.84
N SER M 221 -74.72 -25.79 -28.60
CA SER M 221 -73.49 -26.47 -29.00
C SER M 221 -72.56 -26.64 -27.80
N MET M 222 -71.56 -27.51 -27.95
CA MET M 222 -70.60 -27.76 -26.90
C MET M 222 -69.32 -26.98 -27.18
N GLN M 223 -68.85 -26.26 -26.15
CA GLN M 223 -67.80 -25.26 -26.24
C GLN M 223 -67.01 -25.30 -24.95
N LEU M 224 -65.67 -25.34 -25.05
CA LEU M 224 -64.81 -25.44 -23.89
C LEU M 224 -64.91 -24.20 -23.03
N TRP M 225 -64.63 -24.37 -21.74
CA TRP M 225 -64.60 -23.24 -20.83
C TRP M 225 -63.61 -23.51 -19.72
N GLY M 226 -63.19 -22.44 -19.05
CA GLY M 226 -62.32 -22.55 -17.90
C GLY M 226 -60.87 -22.79 -18.26
N ASN M 227 -60.01 -22.56 -17.27
CA ASN M 227 -58.59 -22.83 -17.44
C ASN M 227 -58.37 -24.32 -17.67
N VAL M 228 -57.15 -24.66 -18.05
CA VAL M 228 -56.80 -26.03 -18.41
C VAL M 228 -55.87 -26.58 -17.33
N TYR M 229 -56.22 -27.76 -16.81
CA TYR M 229 -55.51 -28.39 -15.70
C TYR M 229 -55.16 -29.80 -16.12
N ASN M 230 -53.88 -30.16 -16.04
CA ASN M 230 -53.40 -31.51 -16.36
C ASN M 230 -53.66 -31.85 -17.82
N ASN M 231 -53.55 -30.85 -18.70
CA ASN M 231 -53.87 -31.00 -20.13
C ASN M 231 -55.28 -31.57 -20.34
N SER M 232 -56.22 -31.06 -19.54
CA SER M 232 -57.62 -31.43 -19.62
C SER M 232 -58.46 -30.16 -19.47
N GLN M 233 -59.58 -30.12 -20.18
CA GLN M 233 -60.44 -28.94 -20.13
C GLN M 233 -61.88 -29.37 -19.94
N LYS M 234 -62.65 -28.57 -19.20
CA LYS M 234 -64.07 -28.81 -19.07
C LYS M 234 -64.80 -28.42 -20.37
N LEU M 235 -65.93 -29.07 -20.60
CA LEU M 235 -66.60 -28.97 -21.89
C LEU M 235 -68.08 -29.28 -21.70
N LYS M 236 -68.95 -28.29 -21.94
CA LYS M 236 -70.36 -28.41 -21.60
C LYS M 236 -71.18 -27.66 -22.64
N PRO M 237 -72.47 -27.99 -22.78
CA PRO M 237 -73.30 -27.31 -23.77
C PRO M 237 -73.48 -25.83 -23.44
N TYR M 238 -73.46 -25.02 -24.50
CA TYR M 238 -73.45 -23.57 -24.41
C TYR M 238 -74.89 -23.07 -24.38
N VAL M 239 -75.44 -23.02 -23.17
CA VAL M 239 -76.83 -22.64 -22.96
C VAL M 239 -76.92 -21.92 -21.62
N ALA M 240 -77.93 -21.06 -21.49
CA ALA M 240 -78.16 -20.29 -20.27
C ALA M 240 -78.50 -21.19 -19.10
N MET M 241 -78.22 -20.68 -17.90
CA MET M 241 -78.69 -21.26 -16.64
C MET M 241 -79.23 -20.11 -15.81
N PRO M 242 -80.50 -19.77 -15.97
CA PRO M 242 -81.01 -18.50 -15.42
C PRO M 242 -81.15 -18.48 -13.92
N ASP M 243 -81.09 -19.65 -13.25
CA ASP M 243 -81.12 -19.72 -11.79
C ASP M 243 -79.73 -19.92 -11.16
N ASN M 244 -78.65 -19.74 -11.91
CA ASN M 244 -77.33 -20.01 -11.35
C ASN M 244 -77.04 -19.14 -10.13
N ILE M 245 -77.36 -17.84 -10.19
CA ILE M 245 -77.10 -16.96 -9.06
C ILE M 245 -78.14 -17.17 -7.97
N LYS M 246 -79.37 -17.48 -8.35
CA LYS M 246 -80.38 -17.70 -7.33
C LYS M 246 -80.11 -18.98 -6.55
N ASP M 247 -79.70 -20.05 -7.24
CA ASP M 247 -79.40 -21.29 -6.55
C ASP M 247 -78.28 -21.11 -5.55
N PHE M 248 -77.36 -20.18 -5.82
CA PHE M 248 -76.22 -19.93 -4.95
C PHE M 248 -76.62 -19.71 -3.50
N PHE M 249 -77.78 -19.07 -3.27
CA PHE M 249 -78.13 -18.66 -1.93
C PHE M 249 -78.85 -19.79 -1.20
N ASP M 250 -78.55 -19.92 0.09
CA ASP M 250 -79.20 -20.87 0.97
C ASP M 250 -80.48 -20.22 1.51
N ALA M 251 -81.09 -20.87 2.50
CA ALA M 251 -82.14 -20.27 3.31
C ALA M 251 -81.53 -19.81 4.63
N GLY M 252 -81.64 -18.51 4.91
CA GLY M 252 -81.30 -18.00 6.21
C GLY M 252 -82.05 -18.72 7.32
N PHE M 253 -81.52 -18.69 8.54
CA PHE M 253 -82.21 -19.30 9.66
C PHE M 253 -81.81 -18.61 10.95
N ARG M 254 -82.76 -18.51 11.87
CA ARG M 254 -82.55 -17.73 13.09
C ARG M 254 -83.46 -18.29 14.15
N TYR M 255 -82.92 -18.55 15.34
CA TYR M 255 -83.76 -18.91 16.47
C TYR M 255 -83.53 -17.94 17.61
N SER M 256 -84.57 -17.76 18.42
CA SER M 256 -84.52 -16.81 19.53
C SER M 256 -85.23 -17.40 20.75
N ASN M 257 -84.81 -16.90 21.92
CA ASN M 257 -85.35 -17.32 23.21
C ASN M 257 -85.26 -16.13 24.13
N SER M 258 -86.38 -15.75 24.73
CA SER M 258 -86.37 -14.75 25.77
C SER M 258 -87.22 -15.22 26.93
N LEU M 259 -86.76 -14.90 28.12
CA LEU M 259 -87.46 -15.20 29.35
C LEU M 259 -87.52 -13.94 30.19
N SER M 260 -88.63 -13.69 30.87
CA SER M 260 -88.66 -12.60 31.83
C SER M 260 -89.27 -13.08 33.14
N PHE M 261 -88.90 -12.41 34.24
CA PHE M 261 -89.41 -12.70 35.57
C PHE M 261 -89.90 -11.40 36.20
N ASN M 262 -91.09 -11.44 36.78
CA ASN M 262 -91.87 -10.24 37.07
C ASN M 262 -92.61 -10.41 38.39
N GLY M 263 -92.68 -9.33 39.17
CA GLY M 263 -93.38 -9.35 40.44
C GLY M 263 -93.34 -7.99 41.09
N ALA M 264 -94.36 -7.73 41.92
CA ALA M 264 -94.40 -6.47 42.65
C ALA M 264 -95.20 -6.62 43.94
N THR M 265 -95.10 -5.60 44.79
CA THR M 265 -95.87 -5.43 46.00
C THR M 265 -96.34 -3.99 46.04
N ASP M 266 -97.03 -3.59 47.11
CA ASP M 266 -97.47 -2.20 47.17
C ASP M 266 -96.33 -1.22 47.39
N LYS M 267 -95.11 -1.71 47.58
CA LYS M 267 -93.96 -0.87 47.90
C LYS M 267 -92.80 -1.00 46.93
N SER M 268 -92.80 -2.01 46.06
CA SER M 268 -91.61 -2.37 45.32
C SER M 268 -92.04 -3.14 44.08
N ASP M 269 -91.12 -3.26 43.13
CA ASP M 269 -91.32 -4.12 41.97
C ASP M 269 -89.95 -4.60 41.48
N TYR M 270 -89.98 -5.69 40.72
CA TYR M 270 -88.75 -6.34 40.29
C TYR M 270 -88.96 -7.02 38.95
N TYR M 271 -88.05 -6.75 38.01
CA TYR M 271 -88.16 -7.31 36.66
C TYR M 271 -86.78 -7.74 36.19
N VAL M 272 -86.68 -8.99 35.75
CA VAL M 272 -85.44 -9.55 35.26
C VAL M 272 -85.75 -10.31 33.98
N SER M 273 -84.96 -10.04 32.94
CA SER M 273 -85.16 -10.60 31.62
C SER M 273 -83.84 -11.05 31.00
N PHE M 274 -83.98 -11.99 30.08
CA PHE M 274 -82.84 -12.53 29.33
C PHE M 274 -83.33 -12.80 27.91
N SER M 275 -82.57 -12.34 26.93
CA SER M 275 -82.90 -12.62 25.55
C SER M 275 -81.69 -13.25 24.86
N GLN M 276 -81.98 -13.92 23.75
CA GLN M 276 -80.91 -14.58 22.99
C GLN M 276 -81.36 -14.77 21.53
N ILE M 277 -80.50 -14.40 20.58
CA ILE M 277 -80.79 -14.50 19.15
C ILE M 277 -79.58 -15.05 18.41
N SER M 278 -79.79 -16.06 17.58
CA SER M 278 -78.76 -16.63 16.72
C SER M 278 -79.26 -16.65 15.29
N ASP M 279 -78.62 -15.88 14.42
CA ASP M 279 -78.91 -15.82 13.00
C ASP M 279 -77.71 -16.28 12.18
N ASP M 280 -77.96 -17.16 11.22
CA ASP M 280 -77.04 -17.45 10.12
C ASP M 280 -77.81 -17.16 8.83
N GLY M 281 -77.36 -16.15 8.09
CA GLY M 281 -78.14 -15.60 7.00
C GLY M 281 -78.23 -16.44 5.73
N MET M 282 -78.64 -15.73 4.67
CA MET M 282 -79.05 -16.29 3.38
C MET M 282 -77.84 -16.76 2.57
N ILE M 283 -76.69 -16.15 2.81
CA ILE M 283 -75.41 -16.38 2.15
C ILE M 283 -74.83 -17.72 2.59
N PRO M 284 -74.28 -18.53 1.67
CA PRO M 284 -73.76 -19.85 2.07
C PRO M 284 -72.73 -19.71 3.17
N THR M 285 -72.59 -20.78 3.97
CA THR M 285 -71.71 -20.88 5.14
C THR M 285 -72.12 -19.99 6.33
N ASP M 286 -71.26 -19.97 7.35
CA ASP M 286 -71.32 -19.23 8.59
C ASP M 286 -70.97 -17.76 8.44
N ALA M 287 -70.61 -17.31 7.23
CA ALA M 287 -69.99 -15.99 7.09
C ALA M 287 -70.90 -14.86 7.52
N ASP M 288 -72.21 -15.08 7.45
CA ASP M 288 -73.29 -14.11 7.68
C ASP M 288 -73.91 -14.43 9.04
N SER M 289 -73.31 -13.90 10.10
CA SER M 289 -73.69 -14.36 11.43
C SER M 289 -73.87 -13.23 12.44
N TYR M 290 -74.88 -13.39 13.30
CA TYR M 290 -75.17 -12.44 14.35
C TYR M 290 -75.64 -13.26 15.54
N ASP M 291 -75.04 -13.06 16.70
CA ASP M 291 -75.50 -13.67 17.94
C ASP M 291 -75.66 -12.56 18.96
N LYS M 292 -76.84 -12.46 19.54
CA LYS M 292 -77.10 -11.46 20.57
C LYS M 292 -77.55 -12.14 21.85
N TYR M 293 -77.07 -11.63 22.97
CA TYR M 293 -77.51 -12.04 24.30
C TYR M 293 -77.74 -10.77 25.10
N THR M 294 -78.88 -10.68 25.79
CA THR M 294 -79.07 -9.60 26.74
C THR M 294 -79.50 -10.16 28.08
N PHE M 295 -79.20 -9.41 29.13
CA PHE M 295 -79.67 -9.72 30.47
C PHE M 295 -79.98 -8.40 31.16
N SER M 296 -81.12 -8.34 31.83
CA SER M 296 -81.54 -7.09 32.47
C SER M 296 -82.16 -7.39 33.82
N ALA M 297 -81.96 -6.47 34.76
CA ALA M 297 -82.57 -6.56 36.08
C ALA M 297 -82.92 -5.15 36.52
N ARG M 298 -84.21 -4.84 36.59
CA ARG M 298 -84.67 -3.53 37.01
C ARG M 298 -85.51 -3.70 38.27
N GLY M 299 -85.52 -2.67 39.09
CA GLY M 299 -86.22 -2.79 40.35
C GLY M 299 -86.36 -1.45 41.02
N SER M 300 -87.38 -1.33 41.87
CA SER M 300 -87.60 -0.15 42.67
C SER M 300 -88.11 -0.56 44.03
N HIS M 301 -87.95 0.33 45.00
CA HIS M 301 -88.54 0.15 46.31
C HIS M 301 -88.89 1.52 46.83
N LYS M 302 -90.10 1.68 47.37
CA LYS M 302 -90.55 2.93 47.95
C LYS M 302 -90.71 2.75 49.46
N ALA M 303 -90.32 3.77 50.20
CA ALA M 303 -90.33 3.72 51.66
C ALA M 303 -90.54 5.15 52.13
N GLY M 304 -91.69 5.40 52.73
CA GLY M 304 -92.01 6.78 53.10
C GLY M 304 -91.94 7.68 51.88
N ALA M 305 -91.38 8.87 52.07
CA ALA M 305 -91.29 9.86 50.99
C ALA M 305 -90.26 9.50 49.94
N LEU M 306 -89.35 8.58 50.25
CA LEU M 306 -88.20 8.29 49.40
C LEU M 306 -88.44 7.05 48.56
N THR M 307 -88.07 7.13 47.27
CA THR M 307 -88.06 5.97 46.38
C THR M 307 -86.68 5.86 45.77
N PHE M 308 -86.10 4.67 45.81
CA PHE M 308 -84.87 4.44 45.08
C PHE M 308 -85.09 3.31 44.08
N SER M 309 -84.37 3.38 42.98
CA SER M 309 -84.57 2.42 41.92
C SER M 309 -83.30 2.33 41.09
N SER M 310 -83.18 1.22 40.40
CA SER M 310 -81.97 0.96 39.66
C SER M 310 -82.32 0.08 38.45
N SER M 311 -81.53 0.23 37.39
CA SER M 311 -81.68 -0.60 36.19
C SER M 311 -80.29 -0.91 35.67
N LEU M 312 -79.95 -2.20 35.58
CA LEU M 312 -78.64 -2.62 35.09
C LEU M 312 -78.81 -3.65 33.98
N ASN M 313 -78.09 -3.43 32.88
CA ASN M 313 -78.24 -4.22 31.66
C ASN M 313 -76.88 -4.59 31.09
N TYR M 314 -76.77 -5.83 30.61
CA TYR M 314 -75.59 -6.34 29.93
C TYR M 314 -75.97 -6.83 28.56
N ALA M 315 -75.12 -6.56 27.57
CA ALA M 315 -75.40 -6.89 26.19
C ALA M 315 -74.14 -7.44 25.54
N TYR M 316 -74.25 -8.61 24.91
CA TYR M 316 -73.16 -9.23 24.17
C TYR M 316 -73.59 -9.55 22.76
N GLN M 317 -72.76 -9.19 21.78
CA GLN M 317 -73.01 -9.53 20.39
C GLN M 317 -71.77 -10.12 19.73
N LYS M 318 -72.01 -10.98 18.73
CA LYS M 318 -70.92 -11.56 17.93
C LYS M 318 -71.34 -11.55 16.46
N ASN M 319 -70.77 -10.62 15.68
CA ASN M 319 -71.06 -10.50 14.27
C ASN M 319 -69.98 -11.16 13.41
N ASN M 320 -70.40 -11.69 12.26
CA ASN M 320 -69.56 -12.11 11.15
C ASN M 320 -70.21 -11.61 9.86
N PHE M 321 -69.43 -10.91 9.03
CA PHE M 321 -69.94 -10.18 7.89
C PHE M 321 -69.20 -10.64 6.62
N ALA M 322 -69.95 -10.94 5.56
CA ALA M 322 -69.36 -11.28 4.27
C ALA M 322 -69.13 -9.97 3.54
N THR M 323 -67.88 -9.49 3.62
CA THR M 323 -67.53 -8.14 3.18
C THR M 323 -67.90 -7.89 1.73
N THR M 324 -68.30 -6.64 1.45
CA THR M 324 -68.60 -6.18 0.11
C THR M 324 -67.45 -5.34 -0.42
N GLY M 325 -67.51 -5.01 -1.69
CA GLY M 325 -66.49 -4.14 -2.23
C GLY M 325 -66.14 -4.45 -3.67
N GLN M 326 -65.20 -3.69 -4.23
CA GLN M 326 -64.85 -3.87 -5.63
C GLN M 326 -63.70 -4.82 -5.82
N GLY M 327 -63.19 -5.40 -4.75
CA GLY M 327 -62.03 -6.28 -4.87
C GLY M 327 -62.41 -7.73 -5.01
N LEU M 328 -61.81 -8.57 -4.19
CA LEU M 328 -62.14 -9.99 -4.15
C LEU M 328 -63.10 -10.27 -3.01
N SER M 329 -64.31 -9.71 -3.11
CA SER M 329 -65.40 -9.95 -2.16
C SER M 329 -66.41 -10.91 -2.78
N MET M 330 -67.26 -11.51 -1.94
CA MET M 330 -68.19 -12.54 -2.44
C MET M 330 -69.09 -12.03 -3.55
N LEU M 331 -69.76 -10.91 -3.32
CA LEU M 331 -70.86 -10.53 -4.22
C LEU M 331 -70.31 -10.03 -5.54
N ASN M 332 -69.34 -9.10 -5.48
CA ASN M 332 -68.59 -8.70 -6.66
C ASN M 332 -68.12 -9.91 -7.43
N SER M 333 -67.49 -10.86 -6.73
CA SER M 333 -67.06 -12.07 -7.41
C SER M 333 -68.23 -12.84 -8.00
N LEU M 334 -69.41 -12.72 -7.39
CA LEU M 334 -70.55 -13.57 -7.75
C LEU M 334 -71.30 -13.03 -8.96
N TYR M 335 -71.52 -11.71 -9.02
CA TYR M 335 -72.16 -11.09 -10.17
C TYR M 335 -71.28 -11.09 -11.41
N GLN M 336 -69.97 -11.27 -11.27
CA GLN M 336 -69.11 -11.36 -12.45
C GLN M 336 -68.96 -12.81 -12.89
N THR M 337 -70.11 -13.46 -13.08
CA THR M 337 -70.20 -14.80 -13.65
C THR M 337 -70.86 -14.74 -15.01
N PRO M 338 -70.36 -15.45 -16.01
CA PRO M 338 -71.12 -15.55 -17.26
C PRO M 338 -72.44 -16.27 -17.03
N ARG M 339 -73.46 -15.89 -17.82
CA ARG M 339 -74.80 -16.40 -17.63
C ARG M 339 -74.92 -17.90 -17.92
N ASP M 340 -73.88 -18.52 -18.47
CA ASP M 340 -73.92 -19.93 -18.81
C ASP M 340 -73.18 -20.81 -17.82
N ILE M 341 -72.53 -20.22 -16.80
CA ILE M 341 -71.78 -20.96 -15.79
C ILE M 341 -72.71 -21.38 -14.66
N SER M 342 -72.51 -22.60 -14.16
CA SER M 342 -73.24 -23.11 -13.02
C SER M 342 -72.48 -22.78 -11.74
N ILE M 343 -72.98 -21.79 -10.99
CA ILE M 343 -72.22 -21.27 -9.85
C ILE M 343 -72.11 -22.29 -8.73
N ILE M 344 -73.14 -23.11 -8.51
CA ILE M 344 -73.05 -24.10 -7.44
C ILE M 344 -72.11 -25.23 -7.82
N GLY M 345 -71.79 -25.37 -9.10
CA GLY M 345 -70.82 -26.36 -9.54
C GLY M 345 -69.38 -25.98 -9.23
N LEU M 346 -69.22 -24.88 -8.49
CA LEU M 346 -67.92 -24.36 -8.12
C LEU M 346 -67.56 -24.58 -6.66
N GLU M 347 -68.50 -25.10 -5.84
CA GLU M 347 -68.24 -25.16 -4.41
C GLU M 347 -67.24 -26.27 -4.07
N ASP M 348 -67.29 -27.39 -4.79
CA ASP M 348 -66.48 -28.56 -4.47
C ASP M 348 -65.02 -28.25 -4.79
N GLN M 349 -64.22 -27.95 -3.76
CA GLN M 349 -62.82 -27.65 -4.02
C GLN M 349 -61.99 -28.88 -4.32
N ASN M 350 -62.56 -30.08 -4.16
CA ASN M 350 -61.88 -31.31 -4.59
C ASN M 350 -61.90 -31.49 -6.10
N ASP M 351 -62.62 -30.65 -6.82
CA ASP M 351 -62.55 -30.56 -8.27
C ASP M 351 -61.51 -29.50 -8.61
N PRO M 352 -60.37 -29.88 -9.19
CA PRO M 352 -59.23 -28.93 -9.25
C PRO M 352 -59.53 -27.65 -9.99
N PHE M 353 -60.39 -27.70 -11.01
CA PHE M 353 -60.84 -26.53 -11.79
C PHE M 353 -61.57 -25.48 -10.95
N ASN M 354 -61.86 -25.73 -9.67
CA ASN M 354 -62.43 -24.70 -8.80
C ASN M 354 -61.45 -24.21 -7.74
N THR M 355 -60.29 -24.87 -7.63
CA THR M 355 -59.22 -24.37 -6.79
C THR M 355 -58.76 -23.03 -7.36
N PRO M 356 -58.20 -22.14 -6.51
CA PRO M 356 -57.95 -20.76 -6.96
C PRO M 356 -57.01 -20.64 -8.15
N GLY M 357 -56.07 -21.56 -8.32
CA GLY M 357 -55.20 -21.43 -9.46
C GLY M 357 -55.77 -21.92 -10.76
N TYR M 358 -56.98 -22.49 -10.75
CA TYR M 358 -57.62 -22.91 -11.99
C TYR M 358 -59.07 -22.46 -12.12
N TYR M 359 -59.61 -21.74 -11.13
CA TYR M 359 -60.90 -21.08 -11.25
C TYR M 359 -61.06 -20.48 -12.65
N TYR M 360 -62.26 -20.64 -13.22
CA TYR M 360 -62.42 -20.42 -14.66
C TYR M 360 -62.08 -19.01 -15.09
N THR M 361 -61.99 -18.04 -14.17
CA THR M 361 -61.68 -16.71 -14.64
C THR M 361 -60.61 -16.04 -13.78
N PRO M 362 -59.76 -15.22 -14.41
CA PRO M 362 -58.69 -14.51 -13.69
C PRO M 362 -58.91 -13.03 -13.44
N TYR M 363 -60.05 -12.47 -13.82
CA TYR M 363 -60.19 -11.02 -13.96
C TYR M 363 -60.71 -10.39 -12.67
N GLY M 364 -59.81 -10.24 -11.70
CA GLY M 364 -60.11 -9.45 -10.51
C GLY M 364 -61.16 -10.03 -9.60
N VAL M 365 -61.49 -11.31 -9.76
CA VAL M 365 -62.51 -11.99 -8.96
C VAL M 365 -62.03 -13.40 -8.65
N MET M 366 -62.62 -14.00 -7.62
CA MET M 366 -62.29 -15.35 -7.19
C MET M 366 -63.55 -16.18 -6.97
N ASN M 367 -63.35 -17.47 -6.77
CA ASN M 367 -64.43 -18.36 -6.37
C ASN M 367 -65.14 -17.80 -5.13
N PRO M 368 -66.45 -17.51 -5.21
CA PRO M 368 -67.14 -16.97 -4.02
C PRO M 368 -67.11 -17.91 -2.85
N TYR M 369 -67.11 -19.22 -3.11
CA TYR M 369 -67.06 -20.18 -2.00
C TYR M 369 -65.72 -20.11 -1.29
N TYR M 370 -64.62 -19.91 -2.04
CA TYR M 370 -63.32 -19.74 -1.39
C TYR M 370 -63.30 -18.52 -0.50
N ILE M 371 -63.79 -17.38 -1.00
CA ILE M 371 -63.78 -16.16 -0.19
C ILE M 371 -64.48 -16.40 1.15
N LEU M 372 -65.69 -16.96 1.11
CA LEU M 372 -66.47 -17.07 2.33
C LEU M 372 -65.94 -18.12 3.28
N ASN M 373 -65.15 -19.08 2.77
CA ASN M 373 -64.60 -20.12 3.63
C ASN M 373 -63.24 -19.78 4.18
N ASN M 374 -62.57 -18.75 3.65
CA ASN M 374 -61.18 -18.48 3.96
C ASN M 374 -60.86 -17.04 4.33
N TYR M 375 -61.78 -16.10 4.14
CA TYR M 375 -61.56 -14.78 4.70
C TYR M 375 -62.19 -14.70 6.10
N LEU M 376 -61.84 -13.65 6.83
CA LEU M 376 -62.30 -13.45 8.20
C LEU M 376 -62.67 -12.00 8.41
N ASN M 377 -63.91 -11.77 8.87
CA ASN M 377 -64.31 -10.42 9.28
C ASN M 377 -65.32 -10.61 10.39
N GLU M 378 -64.91 -10.34 11.63
CA GLU M 378 -65.61 -10.74 12.83
C GLU M 378 -65.59 -9.58 13.82
N TYR M 379 -66.63 -9.52 14.65
CA TYR M 379 -66.75 -8.46 15.64
C TYR M 379 -67.41 -9.05 16.87
N GLU M 380 -66.97 -8.60 18.04
CA GLU M 380 -67.56 -9.00 19.31
C GLU M 380 -67.66 -7.75 20.17
N SER M 381 -68.76 -7.63 20.91
CA SER M 381 -68.96 -6.49 21.77
C SER M 381 -69.54 -6.96 23.10
N GLU M 382 -69.00 -6.47 24.20
CA GLU M 382 -69.62 -6.59 25.50
C GLU M 382 -69.98 -5.20 25.99
N ARG M 383 -71.16 -5.08 26.59
CA ARG M 383 -71.67 -3.78 26.92
C ARG M 383 -72.43 -3.82 28.23
N PHE M 384 -72.22 -2.79 29.04
CA PHE M 384 -72.94 -2.62 30.30
C PHE M 384 -73.50 -1.21 30.33
N TYR M 385 -74.78 -1.08 30.63
CA TYR M 385 -75.40 0.22 30.82
C TYR M 385 -76.42 0.12 31.93
N GLY M 386 -76.63 1.23 32.63
CA GLY M 386 -77.49 1.20 33.80
C GLY M 386 -77.83 2.58 34.30
N LYS M 387 -78.77 2.61 35.25
CA LYS M 387 -79.27 3.84 35.83
C LYS M 387 -79.39 3.66 37.33
N PHE M 388 -79.20 4.75 38.07
CA PHE M 388 -79.66 4.81 39.45
C PHE M 388 -80.45 6.09 39.59
N GLN M 389 -81.64 5.97 40.17
CA GLN M 389 -82.57 7.09 40.30
C GLN M 389 -83.11 7.07 41.72
N LEU M 390 -83.11 8.24 42.34
CA LEU M 390 -83.60 8.41 43.69
C LEU M 390 -84.59 9.56 43.69
N ASP M 391 -85.81 9.31 44.15
CA ASP M 391 -86.85 10.33 44.24
C ASP M 391 -87.17 10.60 45.70
N TYR M 392 -87.33 11.87 46.05
CA TYR M 392 -87.69 12.23 47.41
C TYR M 392 -88.77 13.30 47.38
N GLU M 393 -89.98 12.96 47.84
CA GLU M 393 -91.09 13.91 47.89
C GLU M 393 -91.07 14.67 49.21
N PHE M 394 -91.20 15.98 49.15
CA PHE M 394 -91.10 16.76 50.37
C PHE M 394 -91.96 18.02 50.30
N LEU M 395 -92.61 18.35 51.42
CA LEU M 395 -93.38 19.58 51.57
C LEU M 395 -94.54 19.68 50.59
N LYS M 396 -95.34 18.61 50.54
CA LYS M 396 -96.61 18.60 49.82
C LYS M 396 -96.47 18.65 48.30
N TYR M 397 -95.72 19.61 47.77
CA TYR M 397 -95.71 19.86 46.33
C TYR M 397 -94.39 19.52 45.64
N PHE M 398 -93.29 19.40 46.38
CA PHE M 398 -91.98 19.28 45.75
C PHE M 398 -91.53 17.83 45.63
N LYS M 399 -90.67 17.59 44.64
CA LYS M 399 -90.04 16.29 44.46
C LYS M 399 -88.60 16.52 44.02
N PHE M 400 -87.65 15.86 44.69
CA PHE M 400 -86.24 15.90 44.32
C PHE M 400 -85.86 14.60 43.64
N THR M 401 -85.15 14.71 42.52
CA THR M 401 -84.83 13.55 41.69
C THR M 401 -83.36 13.64 41.31
N TYR M 402 -82.60 12.63 41.70
CA TYR M 402 -81.24 12.45 41.23
C TYR M 402 -81.26 11.25 40.27
N ARG M 403 -80.59 11.38 39.13
CA ARG M 403 -80.56 10.26 38.21
C ARG M 403 -79.17 10.18 37.61
N MET M 404 -78.61 8.98 37.60
CA MET M 404 -77.24 8.80 37.12
C MET M 404 -77.23 7.67 36.10
N GLY M 405 -76.56 7.92 34.99
CA GLY M 405 -76.55 6.92 33.95
C GLY M 405 -75.14 6.60 33.53
N LEU M 406 -74.87 5.32 33.31
CA LEU M 406 -73.57 4.86 32.86
C LEU M 406 -73.78 4.02 31.61
N ASP M 407 -72.86 4.10 30.68
CA ASP M 407 -72.94 3.26 29.49
C ASP M 407 -71.51 3.04 29.00
N THR M 408 -71.04 1.80 29.09
CA THR M 408 -69.66 1.43 28.76
C THR M 408 -69.63 0.21 27.85
N THR M 409 -68.81 0.29 26.82
CA THR M 409 -68.66 -0.73 25.81
C THR M 409 -67.18 -1.01 25.57
N THR M 410 -66.86 -2.26 25.29
CA THR M 410 -65.61 -2.66 24.69
C THR M 410 -65.98 -3.56 23.53
N GLY M 411 -65.51 -3.24 22.33
CA GLY M 411 -65.76 -4.05 21.16
C GLY M 411 -64.45 -4.39 20.48
N GLN M 412 -64.45 -5.53 19.80
CA GLN M 412 -63.21 -6.08 19.22
C GLN M 412 -63.44 -6.59 17.80
N SER M 413 -62.78 -5.95 16.82
CA SER M 413 -62.83 -6.38 15.43
C SER M 413 -61.60 -7.22 15.08
N ASP M 414 -61.81 -8.26 14.26
CA ASP M 414 -60.73 -9.11 13.77
C ASP M 414 -60.94 -9.42 12.28
N LYS M 415 -60.06 -8.92 11.41
CA LYS M 415 -60.20 -9.18 9.97
C LYS M 415 -58.96 -9.83 9.39
N GLY M 416 -59.16 -10.88 8.60
CA GLY M 416 -58.04 -11.53 7.92
C GLY M 416 -58.34 -11.87 6.47
N LYS M 417 -57.28 -11.81 5.64
CA LYS M 417 -57.30 -12.37 4.28
C LYS M 417 -56.03 -13.19 4.03
N PRO M 418 -56.12 -14.29 3.28
CA PRO M 418 -54.96 -15.17 3.11
C PRO M 418 -53.93 -14.57 2.15
N ASN M 419 -52.72 -15.11 2.26
CA ASN M 419 -51.61 -14.75 1.39
C ASN M 419 -51.78 -15.55 0.10
N LEU M 420 -52.63 -15.02 -0.79
CA LEU M 420 -52.94 -15.74 -2.01
C LEU M 420 -51.70 -15.92 -2.88
N TYR M 421 -50.79 -14.95 -2.86
CA TYR M 421 -49.59 -15.05 -3.68
C TYR M 421 -48.78 -16.30 -3.29
N ALA M 422 -48.55 -16.50 -2.00
CA ALA M 422 -47.72 -17.65 -1.63
C ALA M 422 -48.45 -18.97 -1.88
N LEU M 423 -49.77 -18.97 -1.85
CA LEU M 423 -50.47 -20.24 -1.93
C LEU M 423 -50.63 -20.71 -3.37
N TYR M 424 -50.85 -19.77 -4.30
CA TYR M 424 -51.40 -20.15 -5.59
C TYR M 424 -50.71 -19.53 -6.80
N TYR M 425 -49.75 -18.62 -6.62
CA TYR M 425 -49.24 -17.89 -7.78
C TYR M 425 -48.37 -18.78 -8.67
N GLU M 426 -47.36 -19.44 -8.09
CA GLU M 426 -46.40 -20.14 -8.91
C GLU M 426 -47.03 -21.37 -9.57
N GLY M 427 -46.73 -21.54 -10.86
CA GLY M 427 -47.11 -22.72 -11.59
C GLY M 427 -48.57 -22.84 -12.00
N THR M 428 -49.40 -21.83 -11.75
CA THR M 428 -50.82 -21.88 -12.10
C THR M 428 -51.16 -20.84 -13.16
N PRO M 429 -52.19 -21.09 -13.98
CA PRO M 429 -52.61 -20.09 -14.97
C PRO M 429 -53.03 -18.75 -14.38
N ASN M 430 -53.58 -18.72 -13.17
CA ASN M 430 -54.28 -17.53 -12.71
C ASN M 430 -53.56 -16.34 -12.01
N GLY M 431 -52.40 -16.46 -11.37
CA GLY M 431 -51.42 -17.51 -11.54
C GLY M 431 -50.17 -16.83 -12.08
N GLU M 432 -49.07 -17.58 -12.15
CA GLU M 432 -47.90 -17.08 -12.86
C GLU M 432 -48.24 -16.76 -14.31
N GLY M 433 -49.21 -17.47 -14.87
CA GLY M 433 -49.63 -17.30 -16.26
C GLY M 433 -50.22 -15.94 -16.57
N GLN M 434 -50.64 -15.18 -15.57
CA GLN M 434 -51.19 -13.84 -15.79
C GLN M 434 -50.22 -12.73 -15.41
N GLY M 435 -49.07 -13.05 -14.81
CA GLY M 435 -48.09 -12.01 -14.53
C GLY M 435 -48.66 -10.95 -13.61
N SER M 436 -48.28 -9.69 -13.85
CA SER M 436 -48.73 -8.57 -13.03
C SER M 436 -50.26 -8.43 -13.00
N SER M 437 -51.00 -9.06 -13.90
CA SER M 437 -52.46 -8.95 -13.93
C SER M 437 -53.18 -10.06 -13.18
N SER M 438 -52.48 -10.85 -12.37
CA SER M 438 -53.14 -11.91 -11.62
C SER M 438 -53.91 -11.34 -10.44
N PRO M 439 -55.03 -11.96 -10.07
CA PRO M 439 -55.78 -11.48 -8.89
C PRO M 439 -54.97 -11.57 -7.62
N PHE M 440 -53.91 -12.38 -7.59
CA PHE M 440 -53.06 -12.60 -6.43
C PHE M 440 -51.98 -11.54 -6.25
N SER M 441 -51.97 -10.50 -7.06
CA SER M 441 -51.01 -9.43 -6.89
C SER M 441 -51.69 -8.17 -6.36
N GLY M 442 -51.13 -7.57 -5.31
CA GLY M 442 -50.17 -8.24 -4.47
C GLY M 442 -51.00 -8.68 -3.27
N GLU M 443 -51.77 -9.75 -3.45
CA GLU M 443 -52.57 -10.26 -2.34
C GLU M 443 -51.66 -11.17 -1.51
N THR M 444 -50.89 -10.54 -0.63
CA THR M 444 -49.90 -11.25 0.18
C THR M 444 -50.40 -11.50 1.60
N GLY M 445 -51.69 -11.36 1.84
CA GLY M 445 -52.20 -11.61 3.17
C GLY M 445 -52.24 -10.36 4.02
N GLN M 446 -53.12 -10.40 5.01
CA GLN M 446 -53.31 -9.30 5.94
C GLN M 446 -54.10 -9.81 7.13
N TYR M 447 -53.81 -9.24 8.30
CA TYR M 447 -54.58 -9.51 9.50
C TYR M 447 -54.51 -8.29 10.39
N SER M 448 -55.65 -7.91 10.96
CA SER M 448 -55.66 -6.78 11.86
C SER M 448 -56.63 -7.07 13.00
N GLU M 449 -56.50 -6.27 14.05
CA GLU M 449 -57.33 -6.44 15.22
C GLU M 449 -57.47 -5.07 15.83
N GLN M 450 -58.67 -4.75 16.29
CA GLN M 450 -58.90 -3.47 16.93
C GLN M 450 -59.74 -3.73 18.18
N ILE M 451 -59.39 -3.07 19.27
CA ILE M 451 -60.21 -3.04 20.47
C ILE M 451 -60.61 -1.58 20.66
N THR M 452 -61.91 -1.34 20.76
CA THR M 452 -62.42 -0.01 20.97
C THR M 452 -63.16 -0.03 22.30
N ARG M 453 -63.16 1.11 22.98
CA ARG M 453 -63.76 1.23 24.30
C ARG M 453 -64.53 2.54 24.37
N ARG M 454 -65.80 2.47 24.75
CA ARG M 454 -66.61 3.67 24.84
C ARG M 454 -67.14 3.76 26.26
N ARG M 455 -67.35 4.99 26.72
CA ARG M 455 -67.89 5.16 28.06
C ARG M 455 -68.58 6.51 28.15
N GLU M 456 -69.86 6.51 28.57
CA GLU M 456 -70.65 7.72 28.72
C GLU M 456 -71.25 7.76 30.12
N ILE M 457 -71.10 8.92 30.77
CA ILE M 457 -71.73 9.20 32.05
C ILE M 457 -72.69 10.36 31.86
N ASN M 458 -73.87 10.25 32.46
CA ASN M 458 -74.84 11.31 32.48
C ASN M 458 -75.37 11.51 33.89
N GLN M 459 -75.54 12.77 34.30
CA GLN M 459 -76.03 13.05 35.63
C GLN M 459 -77.10 14.13 35.59
N ASP M 460 -78.22 13.88 36.27
CA ASP M 460 -79.35 14.79 36.31
C ASP M 460 -79.76 15.01 37.75
N ILE M 461 -79.79 16.28 38.18
CA ILE M 461 -80.28 16.66 39.50
C ILE M 461 -81.42 17.65 39.27
N MET M 462 -82.64 17.25 39.64
CA MET M 462 -83.84 18.04 39.36
C MET M 462 -84.72 18.14 40.60
N VAL M 463 -85.37 19.29 40.76
CA VAL M 463 -86.46 19.46 41.71
C VAL M 463 -87.70 19.88 40.95
N ASN M 464 -88.83 19.22 41.23
CA ASN M 464 -90.09 19.48 40.58
C ASN M 464 -91.12 19.94 41.60
N PHE M 465 -91.99 20.85 41.17
CA PHE M 465 -92.98 21.50 42.03
C PHE M 465 -94.32 21.50 41.31
N ASN M 466 -95.36 20.99 41.99
CA ASN M 466 -96.66 20.83 41.37
C ASN M 466 -97.74 21.19 42.37
N MET M 467 -98.51 22.21 42.04
CA MET M 467 -99.58 22.74 42.86
C MET M 467 -100.76 23.14 41.99
N PRO M 468 -101.97 22.63 42.25
CA PRO M 468 -103.17 23.22 41.64
C PRO M 468 -103.61 24.44 42.42
N VAL M 469 -103.95 25.52 41.70
CA VAL M 469 -104.49 26.74 42.30
C VAL M 469 -105.80 27.07 41.58
N ASN M 470 -106.91 26.93 42.29
CA ASN M 470 -108.25 27.11 41.69
C ASN M 470 -108.32 26.14 40.50
N ASP M 471 -108.77 26.58 39.32
CA ASP M 471 -108.80 25.69 38.17
C ASP M 471 -107.41 25.51 37.56
N PHE M 472 -106.52 26.49 37.75
CA PHE M 472 -105.20 26.43 37.15
C PHE M 472 -104.39 25.26 37.71
N ASN M 473 -103.33 24.93 37.01
CA ASN M 473 -102.42 23.92 37.49
C ASN M 473 -101.02 24.36 37.09
N ILE M 474 -100.09 24.27 38.03
CA ILE M 474 -98.74 24.77 37.84
C ILE M 474 -97.77 23.63 38.09
N ASN M 475 -96.83 23.46 37.17
CA ASN M 475 -95.76 22.49 37.36
C ASN M 475 -94.45 23.12 36.89
N ALA M 476 -93.51 23.28 37.82
CA ALA M 476 -92.20 23.86 37.55
C ALA M 476 -91.14 22.83 37.82
N LEU M 477 -90.03 22.94 37.08
CA LEU M 477 -88.97 21.94 37.12
C LEU M 477 -87.66 22.62 36.78
N VAL M 478 -86.76 22.71 37.74
CA VAL M 478 -85.42 23.24 37.51
C VAL M 478 -84.44 22.11 37.74
N GLY M 479 -83.39 22.05 36.91
CA GLY M 479 -82.50 20.92 36.94
C GLY M 479 -81.10 21.25 36.49
N PHE M 480 -80.18 20.34 36.82
CA PHE M 480 -78.80 20.39 36.39
C PHE M 480 -78.50 19.12 35.60
N ASN M 481 -77.78 19.26 34.48
CA ASN M 481 -77.37 18.11 33.70
C ASN M 481 -75.86 18.14 33.49
N GLY M 482 -75.23 17.00 33.65
CA GLY M 482 -73.80 16.86 33.40
C GLY M 482 -73.56 15.58 32.63
N ASN M 483 -72.60 15.64 31.71
CA ASN M 483 -72.42 14.59 30.73
C ASN M 483 -70.96 14.51 30.34
N GLU M 484 -70.47 13.30 30.10
CA GLU M 484 -69.09 13.08 29.71
C GLU M 484 -69.06 11.86 28.81
N ARG M 485 -68.47 12.02 27.63
CA ARG M 485 -68.41 10.94 26.67
C ARG M 485 -66.96 10.70 26.30
N LYS M 486 -66.61 9.44 26.09
CA LYS M 486 -65.21 9.08 25.84
C LYS M 486 -65.17 7.84 24.96
N VAL M 487 -64.41 7.92 23.88
CA VAL M 487 -64.14 6.73 23.09
C VAL M 487 -62.63 6.64 22.90
N SER M 488 -62.14 5.41 22.80
CA SER M 488 -60.74 5.21 22.51
C SER M 488 -60.62 3.89 21.78
N TYR M 489 -59.54 3.73 21.03
CA TYR M 489 -59.26 2.40 20.50
C TYR M 489 -57.76 2.27 20.28
N GLN M 490 -57.34 1.03 20.09
CA GLN M 490 -55.98 0.76 19.68
C GLN M 490 -56.03 -0.32 18.61
N TYR M 491 -55.20 -0.13 17.58
CA TYR M 491 -55.30 -0.87 16.34
C TYR M 491 -53.95 -1.39 15.90
N SER M 492 -53.92 -2.66 15.51
CA SER M 492 -52.70 -3.28 15.07
C SER M 492 -52.99 -4.18 13.88
N GLU M 493 -52.02 -4.25 12.96
CA GLU M 493 -52.18 -4.86 11.65
C GLU M 493 -50.83 -5.37 11.20
N VAL M 494 -50.77 -6.60 10.67
CA VAL M 494 -49.58 -7.06 9.97
C VAL M 494 -49.95 -7.51 8.57
N ASN M 495 -49.04 -7.26 7.62
CA ASN M 495 -49.18 -7.69 6.24
C ASN M 495 -48.15 -8.76 5.92
N ASP M 496 -48.38 -9.45 4.79
CA ASP M 496 -47.47 -10.46 4.27
C ASP M 496 -47.30 -11.58 5.29
N LEU M 497 -48.22 -12.54 5.23
CA LEU M 497 -48.32 -13.58 6.25
C LEU M 497 -47.29 -14.67 5.93
N THR M 498 -46.44 -14.98 6.91
CA THR M 498 -45.45 -16.03 6.70
C THR M 498 -46.12 -17.37 6.44
N ILE M 499 -46.90 -17.86 7.40
CA ILE M 499 -47.78 -19.01 7.19
C ILE M 499 -49.07 -18.49 6.57
N PRO M 500 -49.38 -18.86 5.33
CA PRO M 500 -50.32 -18.05 4.52
C PRO M 500 -51.76 -18.05 5.02
N THR M 501 -52.12 -18.97 5.91
CA THR M 501 -53.51 -19.07 6.35
C THR M 501 -53.73 -18.70 7.81
N TRP M 502 -52.68 -18.67 8.63
CA TRP M 502 -52.82 -18.38 10.05
C TRP M 502 -52.93 -16.87 10.28
N PHE M 503 -53.98 -16.45 10.98
CA PHE M 503 -54.27 -15.04 11.22
C PHE M 503 -53.77 -14.61 12.61
N ASN M 504 -52.49 -14.26 12.70
CA ASN M 504 -51.93 -13.84 13.97
C ASN M 504 -50.86 -12.76 13.75
N LEU M 505 -50.81 -11.79 14.68
CA LEU M 505 -49.79 -10.76 14.61
C LEU M 505 -48.35 -11.27 14.63
N LYS M 506 -48.11 -12.55 14.97
CA LYS M 506 -46.75 -13.07 14.88
C LYS M 506 -46.39 -13.49 13.47
N ASN M 507 -47.37 -13.62 12.59
CA ASN M 507 -47.18 -14.36 11.35
C ASN M 507 -46.71 -13.48 10.19
N SER M 508 -45.88 -12.47 10.47
CA SER M 508 -45.37 -11.61 9.41
C SER M 508 -43.87 -11.40 9.61
N GLY M 509 -43.14 -11.34 8.49
CA GLY M 509 -41.76 -10.90 8.46
C GLY M 509 -41.57 -9.42 8.19
N LYS M 510 -42.65 -8.67 8.06
CA LYS M 510 -42.54 -7.25 7.75
C LYS M 510 -43.03 -6.42 8.94
N THR M 511 -42.84 -5.12 8.81
CA THR M 511 -43.21 -4.17 9.84
C THR M 511 -44.69 -4.31 10.19
N PRO M 512 -45.04 -4.24 11.47
CA PRO M 512 -46.43 -3.98 11.87
C PRO M 512 -46.81 -2.52 11.72
N ILE M 513 -48.13 -2.31 11.64
CA ILE M 513 -48.71 -0.98 11.72
C ILE M 513 -49.47 -0.91 13.04
N VAL M 514 -49.33 0.21 13.77
CA VAL M 514 -50.11 0.40 14.99
C VAL M 514 -50.70 1.81 14.99
N GLU M 515 -51.97 1.88 15.37
CA GLU M 515 -52.71 3.13 15.48
C GLU M 515 -53.43 3.14 16.82
N GLN M 516 -53.59 4.33 17.39
CA GLN M 516 -54.27 4.49 18.67
C GLN M 516 -55.06 5.80 18.61
N HIS M 517 -56.23 5.83 19.26
CA HIS M 517 -57.09 7.01 19.20
C HIS M 517 -57.88 7.20 20.47
N MET M 518 -58.02 8.45 20.91
CA MET M 518 -58.92 8.78 22.01
C MET M 518 -59.58 10.13 21.77
N GLU M 519 -60.88 10.25 22.08
CA GLU M 519 -61.49 11.56 22.22
C GLU M 519 -62.30 11.64 23.50
N LEU M 520 -62.38 12.87 24.03
CA LEU M 520 -63.07 13.11 25.31
C LEU M 520 -63.84 14.42 25.22
N ARG M 521 -65.13 14.39 25.57
CA ARG M 521 -65.98 15.58 25.52
C ARG M 521 -66.85 15.65 26.77
N ARG M 522 -67.08 16.88 27.23
CA ARG M 522 -67.81 17.10 28.46
C ARG M 522 -68.77 18.27 28.27
N LEU M 523 -69.76 18.33 29.15
CA LEU M 523 -70.85 19.32 29.05
C LEU M 523 -71.65 19.35 30.35
N MET M 524 -71.91 20.55 30.87
CA MET M 524 -72.90 20.72 31.90
C MET M 524 -73.95 21.73 31.44
N GLY M 525 -75.14 21.65 32.05
CA GLY M 525 -76.22 22.54 31.70
C GLY M 525 -77.18 22.73 32.84
N VAL M 526 -77.79 23.91 32.89
CA VAL M 526 -78.93 24.17 33.76
C VAL M 526 -80.15 24.40 32.87
N PHE M 527 -81.32 24.00 33.36
CA PHE M 527 -82.54 24.10 32.58
C PHE M 527 -83.74 24.31 33.50
N GLY M 528 -84.84 24.74 32.89
CA GLY M 528 -86.13 24.95 33.54
C GLY M 528 -87.33 24.79 32.62
N GLN M 529 -88.41 24.18 33.14
CA GLN M 529 -89.57 23.84 32.34
C GLN M 529 -90.82 24.15 33.15
N PHE M 530 -91.52 25.18 32.74
CA PHE M 530 -92.74 25.66 33.38
C PHE M 530 -93.91 25.25 32.50
N GLU M 531 -94.82 24.44 33.04
CA GLU M 531 -96.03 24.12 32.29
C GLU M 531 -97.27 24.55 33.09
N GLY M 532 -98.13 25.33 32.44
CA GLY M 532 -99.34 25.81 33.06
C GLY M 532 -100.58 25.25 32.38
N SER M 533 -101.71 25.31 33.06
CA SER M 533 -102.83 24.48 32.62
C SER M 533 -104.11 25.05 33.23
N TRP M 534 -105.13 25.29 32.40
CA TRP M 534 -106.41 25.81 32.86
C TRP M 534 -107.51 24.82 32.47
N LYS M 535 -108.28 24.40 33.48
CA LYS M 535 -109.50 23.59 33.34
C LYS M 535 -109.33 22.37 32.43
N ASN M 536 -108.12 21.86 32.29
CA ASN M 536 -107.86 20.70 31.43
C ASN M 536 -108.21 21.01 29.97
N MET M 537 -107.98 22.26 29.58
CA MET M 537 -108.42 22.81 28.30
C MET M 537 -107.36 23.64 27.60
N LEU M 538 -106.68 24.53 28.30
CA LEU M 538 -105.49 25.21 27.77
C LEU M 538 -104.25 24.66 28.45
N TYR M 539 -103.26 24.30 27.65
CA TYR M 539 -101.96 23.95 28.21
C TYR M 539 -100.88 24.85 27.62
N LEU M 540 -99.99 25.32 28.48
CA LEU M 540 -98.90 26.21 28.09
C LEU M 540 -97.59 25.72 28.70
N THR M 541 -96.53 25.67 27.91
CA THR M 541 -95.25 25.17 28.39
C THR M 541 -94.13 26.09 27.93
N VAL M 542 -93.26 26.44 28.87
CA VAL M 542 -92.09 27.29 28.63
C VAL M 542 -90.85 26.50 29.07
N THR M 543 -89.87 26.41 28.17
CA THR M 543 -88.61 25.74 28.49
C THR M 543 -87.45 26.70 28.22
N ALA M 544 -86.48 26.71 29.14
CA ALA M 544 -85.25 27.46 28.98
C ALA M 544 -84.08 26.58 29.41
N ARG M 545 -82.95 26.75 28.73
CA ARG M 545 -81.80 25.91 29.04
C ARG M 545 -80.53 26.63 28.60
N ASN M 546 -79.45 26.43 29.35
CA ASN M 546 -78.17 27.01 28.98
C ASN M 546 -77.08 25.98 29.23
N ASP M 547 -76.30 25.71 28.20
CA ASP M 547 -75.27 24.68 28.23
C ASP M 547 -73.88 25.31 28.16
N TRP M 548 -72.91 24.59 28.72
CA TRP M 548 -71.50 24.86 28.48
C TRP M 548 -70.84 23.59 27.96
N SER M 549 -70.29 23.65 26.76
CA SER M 549 -69.70 22.48 26.14
C SER M 549 -68.18 22.59 26.12
N SER M 550 -67.52 21.43 26.13
CA SER M 550 -66.07 21.44 26.04
C SER M 550 -65.55 21.58 24.61
N THR M 551 -66.41 21.48 23.59
CA THR M 551 -65.91 21.38 22.21
C THR M 551 -65.95 22.70 21.45
N LEU M 552 -66.43 23.75 22.06
CA LEU M 552 -66.46 25.10 21.54
C LEU M 552 -65.27 25.89 22.09
N PRO M 553 -64.87 26.97 21.40
CA PRO M 553 -63.72 27.76 21.85
C PRO M 553 -63.91 28.28 23.26
N LYS M 554 -62.79 28.36 24.00
CA LYS M 554 -62.85 28.66 25.43
C LYS M 554 -63.62 29.94 25.71
N GLU M 555 -63.52 30.95 24.85
CA GLU M 555 -64.15 32.23 25.12
C GLU M 555 -65.60 32.28 24.64
N ASN M 556 -66.20 31.14 24.32
CA ASN M 556 -67.53 31.10 23.72
C ASN M 556 -68.17 29.72 23.91
N ARG M 557 -68.18 29.24 25.17
CA ARG M 557 -68.60 27.90 25.49
C ARG M 557 -70.10 27.80 25.76
N SER M 558 -70.69 28.89 26.19
CA SER M 558 -72.03 28.91 26.74
C SER M 558 -73.01 29.27 25.64
N PHE M 559 -74.08 28.47 25.52
CA PHE M 559 -75.18 28.81 24.62
C PHE M 559 -76.52 28.57 25.32
N PHE M 560 -77.50 29.40 24.97
CA PHE M 560 -78.79 29.44 25.64
C PHE M 560 -79.88 29.22 24.62
N TYR M 561 -80.96 28.52 25.01
CA TYR M 561 -82.05 28.32 24.08
C TYR M 561 -83.38 28.12 24.76
N PRO M 562 -84.38 28.97 24.46
CA PRO M 562 -85.70 28.76 25.05
C PRO M 562 -86.68 28.11 24.08
N GLY M 563 -87.88 27.78 24.59
CA GLY M 563 -88.97 27.32 23.75
C GLY M 563 -90.32 27.69 24.34
N ILE M 564 -91.38 27.45 23.58
CA ILE M 564 -92.72 27.74 24.04
C ILE M 564 -93.71 26.91 23.23
N THR M 565 -94.63 26.23 23.92
CA THR M 565 -95.63 25.41 23.26
C THR M 565 -96.98 25.66 23.90
N GLY M 566 -98.03 25.44 23.11
CA GLY M 566 -99.38 25.66 23.57
C GLY M 566 -100.29 24.58 23.05
N SER M 567 -101.25 24.19 23.89
CA SER M 567 -102.26 23.19 23.56
C SER M 567 -103.62 23.77 23.90
N PHE M 568 -104.60 23.47 23.06
CA PHE M 568 -105.97 23.99 23.25
C PHE M 568 -106.94 22.87 22.90
N ILE M 569 -107.50 22.23 23.94
CA ILE M 569 -108.47 21.16 23.72
C ILE M 569 -109.82 21.84 23.51
N PHE M 570 -110.09 22.30 22.29
CA PHE M 570 -111.32 23.06 22.08
C PHE M 570 -112.58 22.19 22.04
N SER M 571 -112.46 20.86 22.05
CA SER M 571 -113.63 20.01 22.28
C SER M 571 -114.34 20.42 23.56
N GLU M 572 -113.57 20.75 24.60
CA GLU M 572 -114.14 21.00 25.91
C GLU M 572 -115.11 22.17 25.91
N LEU M 573 -115.25 22.92 24.82
CA LEU M 573 -116.27 23.95 24.77
C LEU M 573 -117.02 23.92 23.44
N LEU M 574 -117.74 22.83 23.20
CA LEU M 574 -118.57 22.63 22.03
C LEU M 574 -120.02 22.53 22.50
N ASN M 575 -120.96 22.34 21.57
CA ASN M 575 -122.36 22.12 21.93
C ASN M 575 -122.49 20.84 22.73
N ASP M 576 -123.68 20.54 23.26
CA ASP M 576 -123.82 19.23 23.89
C ASP M 576 -123.93 18.14 22.85
N ASN M 577 -124.63 18.41 21.74
CA ASN M 577 -124.69 17.42 20.67
C ASN M 577 -123.46 17.49 19.77
N LEU M 578 -123.06 18.70 19.42
CA LEU M 578 -121.95 18.86 18.48
C LEU M 578 -120.72 18.19 19.05
N GLN M 579 -120.63 18.08 20.36
CA GLN M 579 -119.56 17.36 20.99
C GLN M 579 -119.96 15.91 21.32
N ASP M 580 -121.05 15.44 20.72
CA ASP M 580 -121.34 14.02 20.64
C ASP M 580 -120.83 13.41 19.34
N VAL M 581 -120.44 14.24 18.38
CA VAL M 581 -119.80 13.76 17.15
C VAL M 581 -118.29 13.84 17.25
N ILE M 582 -117.78 14.85 17.94
CA ILE M 582 -116.36 15.09 18.08
C ILE M 582 -115.94 14.60 19.46
N THR M 583 -115.29 13.42 19.51
CA THR M 583 -114.81 12.94 20.81
C THR M 583 -113.69 13.83 21.33
N PHE M 584 -112.80 14.28 20.45
CA PHE M 584 -111.61 14.99 20.86
C PHE M 584 -111.20 15.97 19.77
N GLY M 585 -110.80 17.17 20.20
CA GLY M 585 -110.33 18.19 19.27
C GLY M 585 -109.31 19.11 19.90
N LYS M 586 -108.04 18.92 19.52
CA LYS M 586 -106.91 19.66 20.06
C LYS M 586 -106.21 20.43 18.95
N ILE M 587 -105.77 21.65 19.26
CA ILE M 587 -104.89 22.41 18.38
C ILE M 587 -103.62 22.78 19.13
N ARG M 588 -102.47 22.71 18.46
CA ARG M 588 -101.19 22.91 19.14
C ARG M 588 -100.23 23.75 18.32
N ALA M 589 -99.36 24.48 19.02
CA ALA M 589 -98.40 25.32 18.32
C ALA M 589 -97.15 25.48 19.16
N SER M 590 -95.99 25.33 18.53
CA SER M 590 -94.71 25.51 19.22
C SER M 590 -93.76 26.41 18.44
N TRP M 591 -93.00 27.22 19.16
CA TRP M 591 -91.88 27.98 18.62
C TRP M 591 -90.73 27.87 19.62
N GLY M 592 -89.55 27.44 19.17
CA GLY M 592 -88.44 27.31 20.10
C GLY M 592 -87.11 27.11 19.41
N LYS M 593 -86.05 27.11 20.22
CA LYS M 593 -84.67 26.93 19.76
C LYS M 593 -84.00 25.76 20.49
N THR M 594 -82.98 25.20 19.83
CA THR M 594 -82.11 24.18 20.43
C THR M 594 -80.68 24.45 20.01
N GLY M 595 -79.82 24.74 20.99
CA GLY M 595 -78.42 24.96 20.71
C GLY M 595 -77.64 23.66 20.53
N ASN M 596 -76.45 23.79 19.98
CA ASN M 596 -75.64 22.62 19.72
C ASN M 596 -74.18 23.01 19.69
N ASP M 597 -73.32 22.04 19.99
CA ASP M 597 -71.89 22.25 20.00
C ASP M 597 -71.24 21.55 18.79
N ALA M 598 -69.93 21.37 18.86
CA ALA M 598 -69.11 20.84 17.78
C ALA M 598 -68.61 19.44 18.12
N ASP M 599 -68.03 18.79 17.11
CA ASP M 599 -67.31 17.58 17.40
C ASP M 599 -65.96 17.94 18.05
N VAL M 600 -65.33 16.92 18.66
CA VAL M 600 -64.16 17.17 19.48
C VAL M 600 -63.01 17.68 18.63
N TYR M 601 -62.22 18.59 19.19
CA TYR M 601 -60.96 18.99 18.59
C TYR M 601 -61.16 19.54 17.18
N MET M 602 -61.86 20.68 17.11
CA MET M 602 -62.05 21.36 15.84
C MET M 602 -61.62 22.82 15.91
N VAL M 603 -61.05 23.24 17.03
CA VAL M 603 -60.59 24.60 17.24
C VAL M 603 -59.09 24.75 16.92
N ASN M 604 -58.22 23.80 17.47
CA ASN M 604 -56.81 24.18 17.37
C ASN M 604 -56.12 23.55 16.18
N PRO M 605 -55.08 24.18 15.64
CA PRO M 605 -54.22 23.52 14.65
C PRO M 605 -53.68 22.21 15.18
N VAL M 606 -53.30 21.35 14.25
CA VAL M 606 -52.76 20.03 14.55
C VAL M 606 -51.65 19.73 13.54
N TYR M 607 -50.63 19.00 14.00
CA TYR M 607 -49.59 18.46 13.13
C TYR M 607 -49.69 16.94 13.15
N ALA M 608 -49.93 16.34 12.00
CA ALA M 608 -50.09 14.90 11.93
C ALA M 608 -48.77 14.24 11.55
N GLN M 609 -48.61 12.99 11.97
CA GLN M 609 -47.54 12.19 11.39
C GLN M 609 -47.72 12.22 9.88
N SER M 610 -46.67 12.53 9.17
CA SER M 610 -46.85 12.92 7.78
C SER M 610 -47.11 11.69 6.91
N SER M 611 -48.16 11.77 6.10
CA SER M 611 -48.59 10.69 5.24
C SER M 611 -49.11 11.28 3.94
N ASN M 612 -48.92 10.57 2.83
CA ASN M 612 -49.45 11.04 1.56
C ASN M 612 -50.38 9.98 0.99
N ARG M 613 -51.64 10.36 0.78
CA ARG M 613 -52.62 9.48 0.15
C ARG M 613 -52.47 9.61 -1.36
N ILE M 614 -52.10 8.53 -2.01
CA ILE M 614 -51.98 8.45 -3.46
C ILE M 614 -53.11 7.55 -3.95
N PRO M 615 -53.41 7.48 -5.25
CA PRO M 615 -54.44 6.56 -5.73
C PRO M 615 -54.12 5.13 -5.34
N PHE M 616 -55.03 4.54 -4.55
CA PHE M 616 -54.98 3.12 -4.17
C PHE M 616 -53.76 2.80 -3.32
N GLY M 617 -53.42 3.69 -2.41
CA GLY M 617 -52.35 3.40 -1.47
C GLY M 617 -51.92 4.65 -0.74
N SER M 618 -50.89 4.47 0.10
CA SER M 618 -50.25 5.60 0.77
C SER M 618 -48.73 5.48 0.64
N LEU M 619 -48.07 6.58 0.97
CA LEU M 619 -46.63 6.61 1.23
C LEU M 619 -46.49 7.35 2.55
N THR M 620 -46.26 6.63 3.64
CA THR M 620 -46.30 7.23 4.96
C THR M 620 -44.94 7.18 5.63
N PHE M 621 -44.80 8.01 6.65
CA PHE M 621 -43.61 7.98 7.45
C PHE M 621 -43.85 6.97 8.58
N PRO M 622 -42.77 6.39 9.13
CA PRO M 622 -41.35 6.70 8.91
C PRO M 622 -40.68 6.21 7.62
N LEU M 623 -39.72 7.02 7.16
CA LEU M 623 -38.83 6.73 6.03
C LEU M 623 -37.46 7.39 6.21
N GLY M 624 -36.36 6.69 5.96
CA GLY M 624 -36.25 5.28 6.20
C GLY M 624 -35.54 5.51 7.51
N GLY M 625 -36.21 5.24 8.62
CA GLY M 625 -35.66 5.56 9.93
C GLY M 625 -35.95 6.96 10.41
N VAL M 626 -36.46 7.85 9.56
CA VAL M 626 -36.83 9.20 9.98
C VAL M 626 -38.35 9.30 10.12
N ASN M 627 -38.79 10.04 11.13
CA ASN M 627 -40.18 10.38 11.36
C ASN M 627 -40.39 11.81 10.94
N ALA M 628 -41.64 12.17 10.69
CA ALA M 628 -41.95 13.49 10.17
C ALA M 628 -43.40 13.84 10.46
N TYR M 629 -43.61 15.08 10.86
CA TYR M 629 -44.94 15.61 11.11
C TYR M 629 -45.27 16.65 10.06
N SER M 630 -46.53 16.69 9.67
CA SER M 630 -47.02 17.54 8.60
C SER M 630 -48.16 18.39 9.13
N ALA M 631 -48.23 19.64 8.71
CA ALA M 631 -49.39 20.47 9.06
C ALA M 631 -50.68 19.80 8.60
N GLY M 632 -51.60 19.61 9.55
CA GLY M 632 -52.86 18.96 9.22
C GLY M 632 -53.69 19.77 8.24
N ASN M 633 -54.54 19.06 7.50
CA ASN M 633 -55.18 19.69 6.33
C ASN M 633 -56.52 20.36 6.62
N VAL M 634 -57.07 20.23 7.82
CA VAL M 634 -58.31 20.92 8.19
C VAL M 634 -57.92 22.11 9.06
N LEU M 635 -58.02 23.32 8.52
CA LEU M 635 -57.71 24.49 9.32
C LEU M 635 -58.78 24.68 10.38
N GLY M 636 -58.35 24.90 11.63
CA GLY M 636 -59.26 25.07 12.74
C GLY M 636 -59.61 26.53 12.98
N SER M 637 -60.49 26.77 13.94
CA SER M 637 -60.99 28.12 14.16
C SER M 637 -61.23 28.34 15.64
N ASN M 638 -60.94 29.56 16.11
CA ASN M 638 -61.46 30.00 17.41
C ASN M 638 -62.53 31.07 17.23
N THR M 639 -62.98 31.27 15.99
CA THR M 639 -64.08 32.16 15.64
C THR M 639 -65.45 31.53 15.85
N LEU M 640 -65.52 30.20 15.85
CA LEU M 640 -66.79 29.47 15.86
C LEU M 640 -67.72 29.91 16.99
N SER M 641 -68.99 30.10 16.65
CA SER M 641 -70.11 30.30 17.55
C SER M 641 -70.93 29.01 17.67
N PRO M 642 -71.82 28.92 18.64
CA PRO M 642 -72.61 27.68 18.79
C PRO M 642 -73.60 27.50 17.65
N GLU M 643 -73.95 26.24 17.39
CA GLU M 643 -75.07 25.94 16.51
C GLU M 643 -76.38 26.36 17.17
N MET M 644 -77.41 26.60 16.33
CA MET M 644 -78.73 26.99 16.83
C MET M 644 -79.80 26.54 15.84
N THR M 645 -80.71 25.68 16.28
CA THR M 645 -81.83 25.23 15.46
C THR M 645 -83.08 25.97 15.94
N THR M 646 -83.78 26.63 15.03
CA THR M 646 -85.06 27.26 15.33
C THR M 646 -86.20 26.54 14.60
N GLU M 647 -87.30 26.28 15.31
CA GLU M 647 -88.40 25.54 14.72
C GLU M 647 -89.74 26.12 15.14
N SER M 648 -90.66 26.22 14.16
CA SER M 648 -92.06 26.52 14.37
C SER M 648 -92.88 25.31 13.94
N GLU M 649 -94.03 25.12 14.59
CA GLU M 649 -94.86 23.96 14.31
C GLU M 649 -96.28 24.24 14.77
N VAL M 650 -97.25 23.89 13.92
CA VAL M 650 -98.67 23.86 14.28
C VAL M 650 -99.21 22.48 13.94
N GLY M 651 -100.18 22.04 14.74
CA GLY M 651 -100.75 20.72 14.56
C GLY M 651 -102.20 20.71 15.00
N LEU M 652 -102.92 19.72 14.47
CA LEU M 652 -104.34 19.55 14.75
C LEU M 652 -104.61 18.07 14.96
N ASN M 653 -105.39 17.76 15.99
CA ASN M 653 -105.72 16.38 16.33
C ASN M 653 -107.19 16.32 16.67
N MET M 654 -107.93 15.44 15.98
CA MET M 654 -109.35 15.30 16.15
C MET M 654 -109.72 13.83 16.06
N ALA M 655 -110.68 13.45 16.88
CA ALA M 655 -111.25 12.12 16.85
C ALA M 655 -112.77 12.26 16.83
N PHE M 656 -113.44 11.28 16.22
CA PHE M 656 -114.88 11.35 16.00
C PHE M 656 -115.51 10.01 16.33
N PHE M 657 -116.74 10.07 16.86
CA PHE M 657 -117.59 8.91 17.12
C PHE M 657 -116.90 7.79 17.89
N LYS M 658 -116.77 7.85 19.21
CA LYS M 658 -116.12 6.76 19.98
C LYS M 658 -114.63 6.65 19.65
N ASN M 659 -114.04 7.62 18.96
CA ASN M 659 -112.70 7.44 18.41
C ASN M 659 -112.73 6.34 17.34
N ARG M 660 -113.80 6.32 16.53
CA ARG M 660 -113.90 5.46 15.36
C ARG M 660 -113.31 6.08 14.11
N LEU M 661 -113.08 7.39 14.10
CA LEU M 661 -112.34 8.07 13.05
C LEU M 661 -111.45 9.13 13.71
N SER M 662 -110.18 9.16 13.33
CA SER M 662 -109.19 9.99 14.02
C SER M 662 -108.13 10.46 13.02
N PHE M 663 -107.71 11.72 13.15
CA PHE M 663 -106.54 12.16 12.39
C PHE M 663 -105.67 13.09 13.23
N ASP M 664 -104.42 13.20 12.81
CA ASP M 664 -103.44 14.14 13.34
C ASP M 664 -102.71 14.73 12.15
N VAL M 665 -102.63 16.07 12.08
CA VAL M 665 -101.80 16.73 11.06
C VAL M 665 -100.92 17.74 11.76
N SER M 666 -99.73 17.92 11.20
CA SER M 666 -98.75 18.85 11.74
C SER M 666 -97.98 19.47 10.60
N TYR M 667 -97.65 20.74 10.76
CA TYR M 667 -96.78 21.43 9.82
C TYR M 667 -95.61 22.06 10.55
N TYR M 668 -94.39 21.80 10.09
CA TYR M 668 -93.19 22.29 10.76
C TYR M 668 -92.31 23.07 9.79
N ASN M 669 -91.55 24.00 10.35
CA ASN M 669 -90.59 24.80 9.60
C ASN M 669 -89.35 24.95 10.49
N ARG M 670 -88.31 24.17 10.18
CA ARG M 670 -87.14 24.00 11.05
C ARG M 670 -85.89 24.54 10.35
N ASN M 671 -85.10 25.35 11.06
CA ASN M 671 -83.85 25.90 10.50
C ASN M 671 -82.66 25.63 11.41
N THR M 672 -81.87 24.60 11.08
CA THR M 672 -80.57 24.42 11.69
C THR M 672 -79.59 25.48 11.16
N ASP M 673 -79.03 26.29 12.05
CA ASP M 673 -78.17 27.39 11.63
C ASP M 673 -76.82 27.34 12.33
N LYS M 674 -75.76 27.69 11.58
CA LYS M 674 -74.40 27.89 12.08
C LYS M 674 -73.76 26.60 12.56
N GLN M 675 -74.28 25.45 12.13
CA GLN M 675 -73.67 24.17 12.43
C GLN M 675 -72.20 24.16 12.05
N ILE M 676 -71.38 23.62 12.94
CA ILE M 676 -69.92 23.63 12.80
C ILE M 676 -69.49 22.48 11.90
N PHE M 677 -68.70 22.78 10.88
CA PHE M 677 -68.46 21.82 9.81
C PHE M 677 -67.11 22.06 9.14
N SER M 678 -66.49 20.97 8.67
CA SER M 678 -65.24 21.04 7.92
C SER M 678 -65.60 21.23 6.45
N LEU M 679 -65.61 22.49 6.04
CA LEU M 679 -66.11 22.91 4.74
C LEU M 679 -64.98 22.87 3.72
N ALA M 680 -65.20 22.20 2.60
CA ALA M 680 -64.13 22.03 1.62
C ALA M 680 -63.56 23.38 1.20
N MET M 681 -62.25 23.43 1.10
CA MET M 681 -61.49 24.62 0.76
C MET M 681 -60.53 24.23 -0.35
N ASP M 682 -60.11 25.22 -1.15
CA ASP M 682 -59.19 24.96 -2.25
C ASP M 682 -57.82 24.60 -1.68
N PRO M 683 -57.31 23.39 -1.92
CA PRO M 683 -56.03 23.01 -1.30
C PRO M 683 -54.91 24.02 -1.55
N ALA M 684 -55.00 24.84 -2.62
CA ALA M 684 -53.97 25.85 -2.85
C ALA M 684 -53.92 26.89 -1.75
N SER M 685 -55.00 27.03 -0.98
CA SER M 685 -54.95 27.81 0.24
C SER M 685 -54.03 27.18 1.27
N GLY M 686 -53.61 25.93 1.06
CA GLY M 686 -52.78 25.22 2.01
C GLY M 686 -53.53 24.26 2.91
N TYR M 687 -54.86 24.24 2.84
CA TYR M 687 -55.72 23.34 3.59
C TYR M 687 -56.84 22.88 2.67
N THR M 688 -57.33 21.65 2.89
CA THR M 688 -58.43 21.13 2.09
C THR M 688 -59.78 21.43 2.70
N ALA M 689 -59.82 22.05 3.88
CA ALA M 689 -61.08 22.30 4.56
C ALA M 689 -60.84 23.25 5.71
N GLN M 690 -61.84 24.05 6.03
CA GLN M 690 -61.79 24.93 7.19
C GLN M 690 -63.04 24.74 8.02
N ASN M 691 -62.86 24.73 9.34
CA ASN M 691 -63.97 24.57 10.29
C ASN M 691 -64.68 25.91 10.48
N MET M 692 -65.90 26.04 9.95
CA MET M 692 -66.69 27.23 10.19
C MET M 692 -68.15 26.89 10.44
N ASN M 693 -68.88 27.92 10.84
CA ASN M 693 -70.33 27.83 10.98
C ASN M 693 -70.97 28.03 9.62
N LEU M 694 -71.79 27.07 9.22
CA LEU M 694 -72.52 27.15 7.96
C LEU M 694 -73.71 28.10 8.08
N GLY M 695 -74.50 28.17 7.03
CA GLY M 695 -75.78 28.85 7.06
C GLY M 695 -76.89 27.92 7.47
N LYS M 696 -78.10 28.23 7.02
CA LYS M 696 -79.28 27.47 7.40
C LYS M 696 -79.45 26.24 6.52
N ILE M 697 -79.75 25.11 7.16
CA ILE M 697 -80.31 23.93 6.51
C ILE M 697 -81.75 23.85 6.99
N ARG M 698 -82.70 23.97 6.08
CA ARG M 698 -84.12 24.00 6.42
C ARG M 698 -84.80 22.71 6.00
N ASN M 699 -85.69 22.23 6.85
CA ASN M 699 -86.60 21.15 6.48
C ASN M 699 -88.00 21.63 6.88
N ARG M 700 -88.90 21.74 5.90
CA ARG M 700 -90.31 21.98 6.16
C ARG M 700 -91.10 20.75 5.75
N GLY M 701 -92.23 20.54 6.40
CA GLY M 701 -92.93 19.31 6.09
C GLY M 701 -94.34 19.25 6.62
N ILE M 702 -95.06 18.25 6.09
CA ILE M 702 -96.40 17.88 6.53
C ILE M 702 -96.32 16.46 7.08
N GLU M 703 -96.92 16.25 8.25
CA GLU M 703 -97.07 14.93 8.85
C GLU M 703 -98.56 14.73 9.04
N LEU M 704 -99.09 13.65 8.47
CA LEU M 704 -100.53 13.35 8.48
C LEU M 704 -100.73 11.90 8.90
N LEU M 705 -101.49 11.68 9.96
CA LEU M 705 -101.95 10.36 10.36
C LEU M 705 -103.47 10.33 10.30
N ILE M 706 -104.04 9.22 9.83
CA ILE M 706 -105.50 9.08 9.73
C ILE M 706 -105.90 7.65 10.02
N SER M 707 -106.73 7.44 11.04
CA SER M 707 -107.17 6.10 11.39
C SER M 707 -108.69 6.04 11.45
N GLY M 708 -109.20 4.83 11.28
CA GLY M 708 -110.61 4.62 11.45
C GLY M 708 -111.00 3.18 11.62
N THR M 709 -112.14 2.96 12.26
CA THR M 709 -112.59 1.61 12.54
C THR M 709 -113.90 1.37 11.82
N PRO M 710 -113.89 1.00 10.55
CA PRO M 710 -115.17 0.71 9.86
C PRO M 710 -116.07 -0.27 10.62
N ILE M 711 -115.51 -1.29 11.24
CA ILE M 711 -116.30 -2.30 11.93
C ILE M 711 -115.74 -2.51 13.33
N ARG M 712 -116.61 -2.42 14.35
CA ARG M 712 -116.29 -2.81 15.73
C ARG M 712 -117.56 -3.41 16.34
N THR M 713 -117.78 -4.71 16.09
CA THR M 713 -118.73 -5.47 16.89
C THR M 713 -118.03 -5.83 18.21
N LYS M 714 -118.47 -6.88 18.91
CA LYS M 714 -117.72 -7.29 20.08
C LYS M 714 -116.75 -8.41 19.76
N ASP M 715 -117.06 -9.25 18.78
CA ASP M 715 -116.12 -10.29 18.39
C ASP M 715 -115.29 -9.93 17.17
N PHE M 716 -115.61 -8.87 16.45
CA PHE M 716 -114.83 -8.55 15.26
C PHE M 716 -114.53 -7.07 15.26
N SER M 717 -113.33 -6.72 14.76
CA SER M 717 -112.94 -5.33 14.58
C SER M 717 -112.01 -5.21 13.39
N TRP M 718 -112.18 -4.13 12.63
CA TRP M 718 -111.42 -3.84 11.41
C TRP M 718 -110.92 -2.41 11.52
N GLU M 719 -109.59 -2.22 11.49
CA GLU M 719 -109.03 -0.88 11.57
C GLU M 719 -108.17 -0.63 10.34
N LEU M 720 -108.18 0.63 9.88
CA LEU M 720 -107.43 1.09 8.73
C LEU M 720 -106.62 2.30 9.15
N THR M 721 -105.37 2.34 8.73
CA THR M 721 -104.48 3.44 9.08
C THR M 721 -103.74 3.90 7.84
N TRP M 722 -103.56 5.21 7.76
CA TRP M 722 -102.85 5.82 6.66
C TRP M 722 -102.02 6.95 7.28
N ASN M 723 -100.70 6.87 7.15
CA ASN M 723 -99.84 7.96 7.57
C ASN M 723 -99.12 8.50 6.33
N PHE M 724 -98.88 9.82 6.33
CA PHE M 724 -98.29 10.49 5.18
C PHE M 724 -97.29 11.54 5.64
N THR M 725 -96.17 11.63 4.90
CA THR M 725 -95.05 12.52 5.21
C THR M 725 -94.49 13.13 3.94
N LYS M 726 -94.27 14.44 3.97
CA LYS M 726 -93.56 15.14 2.91
C LYS M 726 -92.58 16.10 3.56
N ASN M 727 -91.27 15.92 3.30
CA ASN M 727 -90.27 16.87 3.75
C ASN M 727 -89.60 17.55 2.57
N TRP M 728 -89.32 18.87 2.70
CA TRP M 728 -88.62 19.65 1.69
C TRP M 728 -87.28 20.13 2.25
N SER M 729 -86.21 19.45 1.83
CA SER M 729 -84.86 19.84 2.19
C SER M 729 -84.38 21.01 1.35
N LYS M 730 -83.77 21.99 2.00
CA LYS M 730 -83.07 23.04 1.24
C LYS M 730 -81.90 23.54 2.06
N VAL M 731 -80.68 23.34 1.56
CA VAL M 731 -79.56 24.13 2.05
C VAL M 731 -79.79 25.56 1.60
N ILE M 732 -79.67 26.50 2.51
CA ILE M 732 -80.00 27.89 2.23
C ILE M 732 -78.76 28.72 1.93
N SER M 733 -77.64 28.45 2.64
CA SER M 733 -76.34 29.03 2.31
C SER M 733 -75.22 28.20 2.93
N LEU M 734 -74.21 27.92 2.13
CA LEU M 734 -72.87 27.55 2.58
C LEU M 734 -71.96 28.75 2.36
N PRO M 735 -71.11 29.09 3.34
CA PRO M 735 -70.26 30.31 3.21
C PRO M 735 -69.63 30.47 1.83
N GLU M 736 -70.02 31.54 1.11
CA GLU M 736 -69.63 31.72 -0.29
C GLU M 736 -68.15 32.02 -0.46
N GLU M 737 -67.44 32.40 0.61
CA GLU M 737 -65.99 32.60 0.51
C GLU M 737 -65.29 31.35 0.00
N LEU M 738 -65.81 30.17 0.30
CA LEU M 738 -65.18 28.90 -0.06
C LEU M 738 -65.92 28.19 -1.18
N GLY M 739 -66.57 28.97 -2.06
CA GLY M 739 -67.53 28.41 -2.99
C GLY M 739 -68.84 28.21 -2.27
N GLY M 740 -69.82 27.67 -2.98
CA GLY M 740 -71.03 27.33 -2.25
C GLY M 740 -71.33 25.86 -2.34
N ILE M 741 -70.31 25.02 -2.24
CA ILE M 741 -70.47 23.60 -2.53
C ILE M 741 -69.33 22.83 -1.84
N THR M 742 -69.69 21.73 -1.19
CA THR M 742 -68.73 20.85 -0.54
C THR M 742 -69.21 19.42 -0.72
N THR M 743 -68.28 18.53 -1.02
CA THR M 743 -68.61 17.12 -1.22
C THR M 743 -69.02 16.48 0.09
N ILE M 744 -70.06 15.66 0.06
CA ILE M 744 -70.42 14.81 1.19
C ILE M 744 -69.87 13.41 1.00
N TYR M 745 -70.07 12.86 -0.18
CA TYR M 745 -69.45 11.60 -0.53
C TYR M 745 -69.35 11.55 -2.03
N GLY M 746 -68.21 11.07 -2.52
CA GLY M 746 -67.97 11.06 -3.96
C GLY M 746 -66.82 10.18 -4.37
N LEU M 747 -66.93 9.66 -5.59
CA LEU M 747 -65.85 8.93 -6.25
C LEU M 747 -65.01 9.88 -7.07
N ASN M 748 -63.69 9.73 -6.99
CA ASN M 748 -62.78 10.58 -7.75
C ASN M 748 -62.97 10.31 -9.25
N GLY M 749 -63.37 11.36 -9.98
CA GLY M 749 -63.66 11.23 -11.39
C GLY M 749 -64.92 10.47 -11.69
N GLY M 750 -65.93 10.60 -10.84
CA GLY M 750 -67.15 9.86 -10.99
C GLY M 750 -68.23 10.48 -10.15
N THR M 751 -69.32 9.72 -9.98
CA THR M 751 -70.54 10.27 -9.39
C THR M 751 -70.29 10.70 -7.95
N SER M 752 -70.57 11.97 -7.65
CA SER M 752 -70.39 12.51 -6.32
C SER M 752 -71.66 13.20 -5.85
N MET M 753 -71.92 13.14 -4.55
CA MET M 753 -73.10 13.74 -3.96
C MET M 753 -72.68 14.91 -3.08
N TYR M 754 -73.30 16.06 -3.30
CA TYR M 754 -72.83 17.30 -2.68
C TYR M 754 -73.90 17.91 -1.80
N ALA M 755 -73.51 18.97 -1.10
CA ALA M 755 -74.45 19.93 -0.55
C ALA M 755 -74.14 21.26 -1.22
N ILE M 756 -75.17 21.82 -1.89
CA ILE M 756 -75.07 23.02 -2.71
C ILE M 756 -76.07 24.05 -2.19
N THR M 757 -75.68 25.32 -2.23
CA THR M 757 -76.38 26.35 -1.44
C THR M 757 -77.84 26.53 -1.86
N GLY M 758 -78.19 26.28 -3.11
CA GLY M 758 -79.57 26.52 -3.43
C GLY M 758 -80.50 25.33 -3.36
N MET M 759 -80.01 24.16 -2.98
CA MET M 759 -80.65 22.91 -3.35
C MET M 759 -80.93 22.06 -2.13
N PRO M 760 -81.64 20.95 -2.28
CA PRO M 760 -81.78 20.01 -1.16
C PRO M 760 -80.44 19.38 -0.84
N VAL M 761 -80.29 18.87 0.39
CA VAL M 761 -79.04 18.19 0.69
C VAL M 761 -79.02 16.87 -0.05
N GLY M 762 -77.85 16.55 -0.62
CA GLY M 762 -77.68 15.32 -1.36
C GLY M 762 -77.93 15.44 -2.86
N VAL M 763 -77.51 16.54 -3.47
CA VAL M 763 -77.51 16.67 -4.92
C VAL M 763 -76.42 15.80 -5.52
N PHE M 764 -76.78 14.90 -6.42
CA PHE M 764 -75.78 14.15 -7.17
C PHE M 764 -75.37 14.91 -8.43
N LYS M 765 -74.10 14.78 -8.80
CA LYS M 765 -73.61 15.19 -10.11
C LYS M 765 -73.00 13.98 -10.79
N ALA M 766 -73.27 13.83 -12.08
CA ALA M 766 -72.73 12.67 -12.78
C ALA M 766 -72.42 13.05 -14.22
N GLN M 767 -71.64 12.22 -14.89
CA GLN M 767 -71.31 12.51 -16.29
C GLN M 767 -72.54 12.30 -17.17
N VAL M 768 -72.74 13.20 -18.13
CA VAL M 768 -73.84 13.11 -19.07
C VAL M 768 -73.27 13.25 -20.48
N ALA M 769 -74.04 12.78 -21.45
CA ALA M 769 -73.62 12.92 -22.84
C ALA M 769 -73.77 14.37 -23.29
N GLU M 770 -72.82 14.84 -24.09
CA GLU M 770 -72.91 16.16 -24.66
C GLU M 770 -74.08 16.20 -25.63
N ARG M 771 -74.75 17.33 -25.67
CA ARG M 771 -75.86 17.51 -26.58
C ARG M 771 -75.73 18.86 -27.28
N ASP M 772 -76.22 18.91 -28.50
CA ASP M 772 -76.10 20.10 -29.33
C ASP M 772 -77.30 20.99 -29.01
N PRO M 773 -77.41 22.19 -29.61
CA PRO M 773 -78.40 23.16 -29.11
C PRO M 773 -79.84 22.70 -29.29
N GLN M 774 -80.09 21.61 -30.02
CA GLN M 774 -81.45 21.15 -30.25
C GLN M 774 -81.73 19.80 -29.59
N GLY M 775 -80.82 19.29 -28.75
CA GLY M 775 -81.13 18.19 -27.86
C GLY M 775 -80.65 16.82 -28.29
N ARG M 776 -79.92 16.73 -29.41
CA ARG M 776 -79.44 15.44 -29.85
C ARG M 776 -78.05 15.15 -29.30
N ILE M 777 -77.83 13.87 -29.01
CA ILE M 777 -76.63 13.43 -28.32
C ILE M 777 -75.47 13.37 -29.32
N VAL M 778 -74.44 14.18 -29.07
CA VAL M 778 -73.25 14.21 -29.91
C VAL M 778 -72.47 12.92 -29.72
N VAL M 779 -71.94 12.39 -30.82
CA VAL M 779 -71.29 11.09 -30.82
C VAL M 779 -69.99 11.18 -31.61
N ASN M 780 -68.99 10.44 -31.14
CA ASN M 780 -67.70 10.32 -31.80
C ASN M 780 -67.87 9.80 -33.24
N SER M 781 -67.18 10.46 -34.18
CA SER M 781 -67.28 10.18 -35.61
C SER M 781 -66.75 8.80 -36.00
N SER M 782 -65.95 8.15 -35.16
CA SER M 782 -65.32 6.88 -35.54
C SER M 782 -65.81 5.69 -34.74
N THR M 783 -66.05 5.85 -33.43
CA THR M 783 -66.51 4.77 -32.59
C THR M 783 -68.02 4.57 -32.67
N GLY M 784 -68.78 5.67 -32.70
CA GLY M 784 -70.21 5.63 -32.53
C GLY M 784 -70.69 5.87 -31.11
N LEU M 785 -69.79 5.94 -30.17
CA LEU M 785 -70.14 6.02 -28.76
C LEU M 785 -70.29 7.48 -28.32
N PRO M 786 -71.13 7.71 -27.32
CA PRO M 786 -71.40 9.08 -26.86
C PRO M 786 -70.14 9.83 -26.44
N VAL M 787 -70.18 11.13 -26.62
CA VAL M 787 -69.09 11.99 -26.19
C VAL M 787 -69.48 12.63 -24.87
N GLU M 788 -68.51 12.79 -23.99
CA GLU M 788 -68.80 13.38 -22.68
C GLU M 788 -69.04 14.87 -22.82
N ALA M 789 -70.03 15.36 -22.06
CA ALA M 789 -70.17 16.79 -21.87
C ALA M 789 -68.97 17.32 -21.07
N SER M 790 -68.78 18.64 -21.12
CA SER M 790 -67.60 19.22 -20.48
C SER M 790 -67.77 19.22 -18.96
N GLU M 791 -68.98 19.44 -18.49
CA GLU M 791 -69.26 19.37 -17.07
C GLU M 791 -70.12 18.16 -16.76
N PHE M 792 -70.12 17.75 -15.50
CA PHE M 792 -71.18 16.88 -15.00
C PHE M 792 -72.47 17.69 -14.89
N GLY M 793 -73.59 17.01 -15.06
CA GLY M 793 -74.89 17.61 -14.79
C GLY M 793 -75.39 17.30 -13.39
N ILE M 794 -76.35 18.11 -12.92
CA ILE M 794 -77.17 17.70 -11.79
C ILE M 794 -78.10 16.58 -12.24
N CYS M 795 -78.31 15.59 -11.36
CA CYS M 795 -79.04 14.40 -11.79
C CYS M 795 -79.95 13.87 -10.71
N GLY M 796 -80.48 14.74 -9.87
CA GLY M 796 -81.35 14.32 -8.79
C GLY M 796 -80.70 14.51 -7.43
N ASP M 797 -81.51 14.31 -6.41
CA ASP M 797 -81.07 14.40 -5.05
C ASP M 797 -81.41 13.10 -4.33
N MET M 798 -81.02 13.02 -3.07
CA MET M 798 -81.21 11.82 -2.26
C MET M 798 -82.61 11.73 -1.67
N ASN M 799 -83.32 12.85 -1.59
CA ASN M 799 -84.58 12.92 -0.86
C ASN M 799 -85.73 12.24 -1.61
N ASN M 800 -86.50 11.44 -0.87
CA ASN M 800 -87.85 11.10 -1.29
C ASN M 800 -88.69 12.36 -1.45
N LYS M 801 -89.62 12.33 -2.41
CA LYS M 801 -90.59 13.43 -2.53
C LYS M 801 -91.71 13.29 -1.52
N TYR M 802 -92.15 12.06 -1.25
CA TYR M 802 -93.05 11.79 -0.14
C TYR M 802 -92.83 10.36 0.34
N GLN M 803 -93.44 10.05 1.48
CA GLN M 803 -93.38 8.75 2.12
C GLN M 803 -94.73 8.52 2.77
N MET M 804 -95.24 7.30 2.68
CA MET M 804 -96.52 7.02 3.32
C MET M 804 -96.62 5.54 3.69
N GLY M 805 -97.43 5.26 4.70
CA GLY M 805 -97.74 3.90 5.10
C GLY M 805 -99.23 3.69 5.12
N VAL M 806 -99.66 2.49 4.73
CA VAL M 806 -101.06 2.09 4.81
C VAL M 806 -101.11 0.70 5.42
N SER M 807 -102.00 0.52 6.39
CA SER M 807 -101.95 -0.66 7.24
C SER M 807 -103.36 -0.97 7.71
N THR M 808 -103.60 -2.24 8.02
CA THR M 808 -104.91 -2.66 8.50
C THR M 808 -104.76 -3.78 9.51
N ASN M 809 -105.57 -3.72 10.59
CA ASN M 809 -105.56 -4.72 11.66
C ASN M 809 -106.93 -5.35 11.82
N LEU M 810 -107.02 -6.65 11.59
CA LEU M 810 -108.23 -7.42 11.80
C LEU M 810 -108.16 -8.17 13.12
N LYS M 811 -109.15 -7.96 13.99
CA LYS M 811 -109.26 -8.73 15.21
C LYS M 811 -110.59 -9.49 15.18
N TYR M 812 -110.52 -10.82 15.24
CA TYR M 812 -111.73 -11.63 15.45
C TYR M 812 -111.50 -12.52 16.66
N LYS M 813 -112.30 -12.29 17.70
CA LYS M 813 -112.14 -12.87 19.03
C LYS M 813 -110.68 -12.70 19.46
N GLY M 814 -109.85 -13.72 19.27
CA GLY M 814 -108.45 -13.68 19.64
C GLY M 814 -107.49 -13.99 18.51
N ILE M 815 -107.98 -14.12 17.28
CA ILE M 815 -107.10 -14.03 16.12
C ILE M 815 -106.84 -12.56 15.84
N SER M 816 -105.64 -12.25 15.35
CA SER M 816 -105.36 -10.92 14.84
C SER M 816 -104.63 -11.08 13.51
N LEU M 817 -104.83 -10.10 12.63
CA LEU M 817 -104.15 -10.07 11.34
C LEU M 817 -103.74 -8.63 11.08
N GLY M 818 -102.45 -8.39 10.98
CA GLY M 818 -101.90 -7.08 10.67
C GLY M 818 -101.23 -7.14 9.32
N ILE M 819 -101.38 -6.08 8.53
CA ILE M 819 -100.77 -5.99 7.21
C ILE M 819 -100.36 -4.53 7.03
N ASP M 820 -99.08 -4.30 6.70
CA ASP M 820 -98.54 -2.94 6.65
C ASP M 820 -97.72 -2.76 5.37
N PHE M 821 -98.09 -1.76 4.58
CA PHE M 821 -97.39 -1.38 3.35
C PHE M 821 -96.60 -0.11 3.60
N ASP M 822 -95.44 -0.01 2.96
CA ASP M 822 -94.52 1.11 3.13
C ASP M 822 -94.23 1.66 1.74
N ILE M 823 -94.38 2.97 1.59
CA ILE M 823 -94.32 3.60 0.27
C ILE M 823 -93.38 4.78 0.34
N ARG M 824 -92.24 4.67 -0.34
CA ARG M 824 -91.28 5.76 -0.49
C ARG M 824 -91.11 6.03 -1.97
N GLN M 825 -91.26 7.29 -2.36
CA GLN M 825 -91.16 7.65 -3.75
C GLN M 825 -90.31 8.90 -3.89
N GLY M 826 -89.48 8.93 -4.92
CA GLY M 826 -88.76 10.12 -5.31
C GLY M 826 -87.30 10.05 -4.90
N GLY M 827 -86.49 10.84 -5.59
CA GLY M 827 -85.08 10.86 -5.33
C GLY M 827 -84.33 9.72 -6.00
N VAL M 828 -83.02 9.80 -5.88
CA VAL M 828 -82.14 8.98 -6.70
C VAL M 828 -80.97 8.52 -5.83
N MET M 829 -80.29 7.47 -6.30
CA MET M 829 -79.29 6.77 -5.48
C MET M 829 -78.35 5.96 -6.38
N TYR M 830 -77.04 6.02 -6.09
CA TYR M 830 -76.04 5.28 -6.88
C TYR M 830 -76.08 3.79 -6.57
N SER M 831 -75.89 2.95 -7.57
CA SER M 831 -76.01 1.50 -7.38
C SER M 831 -74.94 0.79 -8.20
N ARG M 832 -73.88 0.32 -7.55
CA ARG M 832 -72.89 -0.46 -8.26
C ARG M 832 -73.48 -1.76 -8.77
N THR M 833 -74.55 -2.25 -8.17
CA THR M 833 -75.12 -3.50 -8.66
C THR M 833 -75.55 -3.35 -10.12
N LYS M 834 -76.11 -2.20 -10.49
CA LYS M 834 -76.42 -1.93 -11.87
C LYS M 834 -75.16 -1.67 -12.68
N ASP M 835 -74.23 -0.93 -12.08
CA ASP M 835 -72.94 -0.66 -12.73
C ASP M 835 -72.21 -1.93 -13.12
N ILE M 836 -72.27 -2.97 -12.31
CA ILE M 836 -71.47 -4.12 -12.62
C ILE M 836 -72.19 -5.04 -13.57
N ASN M 837 -73.52 -5.13 -13.47
CA ASN M 837 -74.24 -5.99 -14.39
C ASN M 837 -74.37 -5.36 -15.77
N TYR M 838 -74.32 -4.03 -15.87
CA TYR M 838 -74.15 -3.41 -17.18
C TYR M 838 -72.75 -3.72 -17.73
N PHE M 839 -71.70 -3.47 -16.93
CA PHE M 839 -70.35 -3.74 -17.40
C PHE M 839 -70.16 -5.21 -17.76
N THR M 840 -70.93 -6.09 -17.14
CA THR M 840 -70.75 -7.53 -17.27
C THR M 840 -71.47 -8.12 -18.48
N GLY M 841 -72.42 -7.38 -19.07
CA GLY M 841 -73.28 -7.96 -20.08
C GLY M 841 -74.34 -8.91 -19.55
N ASN M 842 -74.72 -8.78 -18.28
CA ASN M 842 -75.67 -9.70 -17.66
C ASN M 842 -77.04 -9.07 -17.46
N ALA M 843 -77.07 -7.78 -17.09
CA ALA M 843 -78.30 -7.01 -17.05
C ALA M 843 -79.14 -7.27 -18.30
N ILE M 844 -80.47 -7.33 -18.12
CA ILE M 844 -81.35 -7.56 -19.27
C ILE M 844 -81.28 -6.39 -20.24
N GLN M 845 -81.03 -5.18 -19.73
CA GLN M 845 -81.00 -4.01 -20.59
C GLN M 845 -79.98 -4.14 -21.72
N THR M 846 -78.87 -4.85 -21.48
CA THR M 846 -77.77 -4.90 -22.44
C THR M 846 -78.06 -5.78 -23.64
N ALA M 847 -79.08 -6.63 -23.60
CA ALA M 847 -79.47 -7.36 -24.79
C ALA M 847 -80.32 -6.52 -25.73
N TYR M 848 -80.23 -5.21 -25.60
CA TYR M 848 -80.85 -4.24 -26.50
C TYR M 848 -80.39 -4.44 -27.94
N ASN M 849 -81.31 -4.21 -28.87
CA ASN M 849 -81.05 -4.35 -30.30
C ASN M 849 -80.58 -5.75 -30.66
N ASP M 850 -80.81 -6.71 -29.78
CA ASP M 850 -80.31 -8.06 -29.97
C ASP M 850 -78.81 -8.06 -30.30
N ARG M 851 -78.12 -7.02 -29.81
CA ARG M 851 -76.67 -6.80 -29.96
C ARG M 851 -76.22 -6.95 -31.41
N ASN M 852 -76.91 -6.35 -32.23
CA ASN M 852 -76.54 -6.11 -33.60
C ASN M 852 -76.03 -4.67 -33.74
N PRO M 853 -75.11 -4.43 -34.68
CA PRO M 853 -74.57 -3.07 -34.86
C PRO M 853 -75.65 -2.01 -34.85
N LEU M 854 -75.38 -0.84 -34.29
CA LEU M 854 -76.46 0.12 -34.13
C LEU M 854 -75.92 1.54 -34.12
N ILE M 855 -76.73 2.46 -34.64
CA ILE M 855 -76.49 3.89 -34.51
C ILE M 855 -77.36 4.41 -33.38
N VAL M 856 -76.75 5.11 -32.43
CA VAL M 856 -77.46 5.75 -31.33
C VAL M 856 -78.60 6.58 -31.91
N PRO M 857 -79.86 6.26 -31.61
CA PRO M 857 -80.98 6.98 -32.23
C PRO M 857 -80.91 8.46 -31.95
N ASN M 858 -81.09 9.25 -33.01
CA ASN M 858 -80.99 10.72 -32.97
C ASN M 858 -79.63 11.17 -32.44
N SER M 859 -78.58 10.69 -33.09
CA SER M 859 -77.22 11.11 -32.80
C SER M 859 -76.70 12.02 -33.92
N VAL M 860 -75.73 12.85 -33.58
CA VAL M 860 -75.08 13.75 -34.52
C VAL M 860 -73.57 13.61 -34.34
N ASN M 861 -72.81 14.18 -35.29
CA ASN M 861 -71.38 14.38 -35.12
C ASN M 861 -71.12 15.87 -35.00
N LYS M 862 -70.24 16.24 -34.07
CA LYS M 862 -69.82 17.63 -33.95
C LYS M 862 -68.66 17.84 -34.91
N ILE M 863 -68.75 18.85 -35.76
CA ILE M 863 -67.71 19.14 -36.74
C ILE M 863 -67.20 20.54 -36.46
N VAL M 864 -65.99 20.62 -35.90
CA VAL M 864 -65.46 21.90 -35.41
C VAL M 864 -63.98 21.98 -35.79
N ASN M 865 -63.63 22.96 -36.64
CA ASN M 865 -62.23 23.29 -36.95
C ASN M 865 -61.93 24.66 -36.36
N GLY M 866 -61.18 24.70 -35.26
CA GLY M 866 -60.83 25.94 -34.59
C GLY M 866 -61.93 26.61 -33.78
N GLU M 867 -62.92 27.18 -34.48
CA GLU M 867 -63.90 28.08 -33.88
C GLU M 867 -65.30 27.96 -34.47
N ASN M 868 -65.49 27.24 -35.58
CA ASN M 868 -66.78 27.10 -36.24
C ASN M 868 -67.43 25.80 -35.78
N VAL M 869 -68.58 25.89 -35.12
CA VAL M 869 -69.18 24.73 -34.49
C VAL M 869 -70.37 24.29 -35.32
N THR M 870 -70.34 23.06 -35.81
CA THR M 870 -71.42 22.59 -36.67
C THR M 870 -71.72 21.13 -36.34
N TYR M 871 -72.97 20.72 -36.58
CA TYR M 871 -73.41 19.35 -36.26
C TYR M 871 -73.99 18.69 -37.51
N VAL M 872 -73.66 17.41 -37.67
CA VAL M 872 -74.01 16.63 -38.85
C VAL M 872 -74.71 15.36 -38.36
N GLU M 873 -75.68 14.88 -39.12
CA GLU M 873 -76.30 13.60 -38.80
C GLU M 873 -75.23 12.52 -38.65
N ASN M 874 -75.29 11.77 -37.55
CA ASN M 874 -74.33 10.71 -37.35
C ASN M 874 -74.62 9.54 -38.27
N THR M 875 -73.55 9.01 -38.88
CA THR M 875 -73.61 7.85 -39.77
C THR M 875 -72.85 6.65 -39.21
N THR M 876 -71.92 6.89 -38.30
CA THR M 876 -71.11 5.84 -37.71
C THR M 876 -71.94 4.93 -36.81
N PRO M 877 -71.88 3.62 -36.99
CA PRO M 877 -72.49 2.70 -36.03
C PRO M 877 -71.58 2.41 -34.86
N ILE M 878 -72.15 1.78 -33.85
CA ILE M 878 -71.39 1.12 -32.80
C ILE M 878 -71.27 -0.34 -33.21
N THR M 879 -70.04 -0.86 -33.26
CA THR M 879 -69.84 -2.21 -33.74
C THR M 879 -70.34 -3.24 -32.73
N SER M 880 -70.62 -4.45 -33.21
CA SER M 880 -70.69 -5.59 -32.31
C SER M 880 -69.50 -5.58 -31.35
N SER M 881 -68.30 -5.36 -31.88
CA SER M 881 -67.09 -5.38 -31.08
C SER M 881 -67.17 -4.40 -29.92
N ASN M 882 -67.83 -3.25 -30.11
CA ASN M 882 -67.79 -2.17 -29.14
C ASN M 882 -69.08 -2.02 -28.35
N ILE M 883 -70.07 -2.89 -28.54
CA ILE M 883 -71.33 -2.77 -27.80
C ILE M 883 -71.08 -2.90 -26.31
N TYR M 884 -70.12 -3.75 -25.92
CA TYR M 884 -69.83 -3.91 -24.49
C TYR M 884 -69.48 -2.57 -23.86
N LYS M 885 -68.68 -1.76 -24.56
CA LYS M 885 -68.23 -0.50 -24.00
C LYS M 885 -69.39 0.47 -23.88
N TYR M 886 -70.27 0.50 -24.88
CA TYR M 886 -71.46 1.35 -24.82
C TYR M 886 -72.23 1.13 -23.53
N TRP M 887 -72.51 -0.13 -23.20
CA TRP M 887 -73.27 -0.44 -21.99
C TRP M 887 -72.41 -0.32 -20.74
N GLY M 888 -71.13 -0.73 -20.84
CA GLY M 888 -70.25 -0.61 -19.71
C GLY M 888 -70.18 0.82 -19.21
N ASP M 889 -70.29 1.78 -20.12
CA ASP M 889 -70.23 3.18 -19.72
C ASP M 889 -71.59 3.74 -19.33
N GLY M 890 -72.68 3.03 -19.63
CA GLY M 890 -74.01 3.45 -19.26
C GLY M 890 -74.99 3.87 -20.41
N GLY M 891 -74.78 3.41 -21.63
CA GLY M 891 -75.66 3.85 -22.70
C GLY M 891 -75.55 5.33 -22.97
N SER M 892 -76.65 5.93 -23.42
CA SER M 892 -76.58 7.35 -23.74
C SER M 892 -76.58 8.25 -22.51
N ASP M 893 -76.93 7.70 -21.33
CA ASP M 893 -76.85 8.48 -20.10
C ASP M 893 -75.43 8.61 -19.59
N MET M 894 -74.54 7.72 -20.05
CA MET M 894 -73.15 7.65 -19.57
C MET M 894 -73.17 7.21 -18.11
N GLY M 895 -72.40 7.83 -17.22
CA GLY M 895 -72.34 7.37 -15.85
C GLY M 895 -73.56 7.74 -15.03
N SER M 896 -74.32 8.77 -15.46
CA SER M 896 -75.55 9.11 -14.78
C SER M 896 -76.57 7.99 -14.83
N CYS M 897 -76.36 7.00 -15.71
CA CYS M 897 -77.27 5.86 -15.80
C CYS M 897 -77.30 5.07 -14.49
N PHE M 898 -76.23 5.09 -13.73
CA PHE M 898 -76.15 4.31 -12.51
C PHE M 898 -76.61 5.09 -11.29
N LEU M 899 -77.21 6.26 -11.49
CA LEU M 899 -78.15 6.74 -10.52
C LEU M 899 -79.48 6.05 -10.78
N VAL M 900 -79.97 5.29 -9.80
CA VAL M 900 -81.22 4.54 -9.90
C VAL M 900 -82.29 5.26 -9.08
N ASP M 901 -83.55 5.07 -9.46
CA ASP M 901 -84.69 5.66 -8.74
C ASP M 901 -84.92 4.91 -7.42
N LYS M 902 -84.69 5.61 -6.32
CA LYS M 902 -84.81 5.13 -4.94
C LYS M 902 -86.26 4.75 -4.54
N SER M 903 -87.22 4.72 -5.46
CA SER M 903 -88.63 4.58 -5.11
C SER M 903 -88.98 3.11 -4.93
N TYR M 904 -89.87 2.83 -3.97
CA TYR M 904 -90.41 1.48 -3.82
C TYR M 904 -91.75 1.52 -3.11
N VAL M 905 -92.56 0.50 -3.39
CA VAL M 905 -93.68 0.09 -2.55
C VAL M 905 -93.32 -1.27 -2.00
N LYS M 906 -93.55 -1.47 -0.72
CA LYS M 906 -93.07 -2.67 -0.06
C LYS M 906 -94.16 -3.22 0.86
N LEU M 907 -94.39 -4.54 0.81
CA LEU M 907 -95.17 -5.23 1.86
C LEU M 907 -94.26 -5.40 3.06
N ARG M 908 -94.25 -4.37 3.92
CA ARG M 908 -93.25 -4.31 5.00
C ARG M 908 -93.40 -5.47 5.97
N SER M 909 -94.59 -5.63 6.60
CA SER M 909 -94.83 -6.68 7.59
C SER M 909 -96.25 -7.24 7.53
N VAL M 910 -96.38 -8.54 7.76
CA VAL M 910 -97.66 -9.20 8.03
C VAL M 910 -97.52 -10.05 9.28
N VAL M 911 -98.52 -10.01 10.17
CA VAL M 911 -98.47 -10.79 11.41
C VAL M 911 -99.85 -11.40 11.70
N LEU M 912 -99.89 -12.73 11.82
CA LEU M 912 -101.11 -13.48 12.12
C LEU M 912 -100.99 -14.09 13.51
N GLY M 913 -101.73 -13.54 14.48
CA GLY M 913 -101.61 -13.95 15.88
C GLY M 913 -102.86 -14.57 16.48
N TRP M 914 -102.67 -15.63 17.26
CA TRP M 914 -103.79 -16.35 17.90
C TRP M 914 -103.54 -16.52 19.40
N ASP M 915 -104.15 -15.65 20.21
CA ASP M 915 -104.30 -15.90 21.64
C ASP M 915 -105.16 -17.14 21.86
N LEU M 916 -104.63 -18.15 22.53
CA LEU M 916 -105.45 -19.35 22.77
C LEU M 916 -106.49 -19.07 23.85
N PRO M 917 -107.70 -19.61 23.72
CA PRO M 917 -108.77 -19.28 24.67
C PRO M 917 -108.42 -19.74 26.08
N LYS M 918 -108.53 -18.81 27.04
CA LYS M 918 -108.18 -19.07 28.43
C LYS M 918 -108.83 -20.36 28.96
N ARG M 919 -110.03 -20.69 28.48
CA ARG M 919 -110.69 -21.93 28.89
C ARG M 919 -109.87 -23.17 28.53
N TRP M 920 -109.08 -23.13 27.44
CA TRP M 920 -108.19 -24.25 27.17
C TRP M 920 -106.93 -24.21 28.02
N LEU M 921 -106.87 -23.34 29.02
CA LEU M 921 -105.68 -23.19 29.84
C LEU M 921 -106.14 -23.15 31.29
N ALA M 922 -106.41 -24.35 31.83
CA ALA M 922 -107.09 -24.50 33.11
C ALA M 922 -106.52 -25.71 33.83
N LYS M 923 -106.40 -26.81 33.11
CA LYS M 923 -105.60 -27.96 33.49
C LYS M 923 -104.11 -27.76 33.17
N THR M 924 -103.71 -26.54 32.86
CA THR M 924 -102.35 -26.20 32.48
C THR M 924 -101.71 -25.28 33.49
N PRO M 925 -100.38 -25.25 33.56
CA PRO M 925 -99.70 -24.19 34.32
C PRO M 925 -99.76 -22.83 33.64
N PHE M 926 -100.29 -22.76 32.42
CA PHE M 926 -100.18 -21.56 31.60
C PHE M 926 -101.29 -20.59 31.92
N GLN M 927 -100.94 -19.32 32.10
CA GLN M 927 -101.91 -18.25 32.23
C GLN M 927 -102.38 -17.72 30.88
N ALA M 928 -101.57 -17.89 29.83
CA ALA M 928 -101.87 -17.41 28.49
C ALA M 928 -100.91 -18.11 27.52
N VAL M 929 -101.36 -18.27 26.29
CA VAL M 929 -100.57 -18.84 25.21
C VAL M 929 -100.93 -18.12 23.93
N LYS M 930 -99.94 -17.57 23.23
CA LYS M 930 -100.16 -16.97 21.91
C LYS M 930 -99.14 -17.52 20.92
N VAL M 931 -99.60 -18.19 19.90
CA VAL M 931 -98.73 -18.50 18.78
C VAL M 931 -98.94 -17.46 17.70
N SER M 932 -97.89 -17.22 16.91
CA SER M 932 -97.83 -16.06 16.04
C SER M 932 -97.02 -16.43 14.81
N ALA M 933 -97.51 -16.07 13.62
CA ALA M 933 -96.76 -16.19 12.38
C ALA M 933 -96.67 -14.82 11.72
N TYR M 934 -95.47 -14.48 11.26
CA TYR M 934 -95.18 -13.14 10.75
C TYR M 934 -94.27 -13.23 9.54
N GLY M 935 -94.26 -12.16 8.76
CA GLY M 935 -93.36 -11.99 7.64
C GLY M 935 -92.92 -10.54 7.56
N ASN M 936 -91.67 -10.31 7.20
CA ASN M 936 -91.14 -8.98 7.06
C ASN M 936 -90.58 -8.84 5.66
N ASN M 937 -90.48 -7.60 5.20
CA ASN M 937 -89.78 -7.30 3.95
C ASN M 937 -90.18 -8.29 2.85
N LEU M 938 -91.50 -8.42 2.65
CA LEU M 938 -92.05 -9.62 2.00
C LEU M 938 -92.01 -9.53 0.47
N PHE M 939 -92.57 -8.47 -0.10
CA PHE M 939 -92.42 -8.19 -1.52
C PHE M 939 -91.96 -6.74 -1.67
N VAL M 940 -91.24 -6.45 -2.75
CA VAL M 940 -90.92 -5.07 -3.10
C VAL M 940 -91.25 -4.87 -4.57
N TRP M 941 -91.95 -3.77 -4.85
CA TRP M 941 -92.28 -3.37 -6.21
C TRP M 941 -91.63 -2.01 -6.46
N THR M 942 -90.92 -1.89 -7.57
CA THR M 942 -90.20 -0.67 -7.88
C THR M 942 -90.55 -0.22 -9.28
N PRO M 943 -90.30 1.05 -9.61
CA PRO M 943 -90.51 1.53 -10.99
C PRO M 943 -89.82 0.65 -12.04
N SER M 944 -90.24 0.81 -13.29
CA SER M 944 -89.70 -0.03 -14.34
C SER M 944 -88.21 0.22 -14.57
N SER M 945 -87.75 1.46 -14.35
CA SER M 945 -86.36 1.84 -14.61
C SER M 945 -85.37 1.05 -13.77
N ASN M 946 -85.84 0.43 -12.70
CA ASN M 946 -85.03 -0.19 -11.67
C ASN M 946 -85.44 -1.66 -11.59
N THR M 947 -84.65 -2.52 -12.20
CA THR M 947 -84.81 -3.96 -12.08
C THR M 947 -83.61 -4.60 -11.40
N PHE M 948 -82.92 -3.86 -10.52
CA PHE M 948 -81.63 -4.30 -10.02
C PHE M 948 -81.60 -4.54 -8.51
N ILE M 949 -82.03 -3.57 -7.71
CA ILE M 949 -81.85 -3.66 -6.26
C ILE M 949 -83.16 -3.38 -5.54
N ASP M 950 -83.22 -3.84 -4.30
CA ASP M 950 -84.09 -3.23 -3.33
C ASP M 950 -83.43 -1.91 -2.93
N PRO M 951 -84.07 -0.77 -3.14
CA PRO M 951 -83.43 0.52 -2.83
C PRO M 951 -83.06 0.72 -1.36
N GLU M 952 -83.39 -0.22 -0.48
CA GLU M 952 -83.10 -0.09 0.96
C GLU M 952 -81.77 -0.77 1.28
N MET M 953 -80.70 -0.23 0.72
CA MET M 953 -79.36 -0.75 0.89
C MET M 953 -78.39 0.40 0.96
N THR M 954 -77.20 0.11 1.49
CA THR M 954 -76.11 1.09 1.47
C THR M 954 -74.83 0.34 1.80
N SER M 955 -73.72 1.05 1.59
CA SER M 955 -72.41 0.56 2.01
C SER M 955 -71.66 1.65 2.75
N PHE M 956 -72.33 2.73 3.12
CA PHE M 956 -71.69 3.88 3.72
C PHE M 956 -72.37 4.30 5.01
N GLY M 957 -73.07 3.36 5.66
CA GLY M 957 -73.58 3.61 6.98
C GLY M 957 -75.00 4.12 7.01
N ASN M 958 -75.48 4.29 8.24
CA ASN M 958 -76.87 4.61 8.56
C ASN M 958 -77.10 6.10 8.77
N ASP M 959 -76.26 6.96 8.22
CA ASP M 959 -76.50 8.39 8.30
C ASP M 959 -76.35 8.98 6.90
N LEU M 960 -76.09 10.29 6.86
CA LEU M 960 -76.12 11.09 5.64
C LEU M 960 -75.37 10.41 4.49
N GLU M 961 -74.07 10.19 4.65
CA GLU M 961 -73.31 9.57 3.55
C GLU M 961 -73.86 8.22 3.15
N GLY M 962 -74.74 7.62 3.95
CA GLY M 962 -75.37 6.40 3.52
C GLY M 962 -76.20 6.61 2.27
N ASN M 963 -76.79 7.80 2.13
CA ASN M 963 -77.68 8.06 1.00
C ASN M 963 -76.94 8.09 -0.34
N TYR M 964 -75.61 8.10 -0.34
CA TYR M 964 -74.88 8.14 -1.60
C TYR M 964 -75.25 6.95 -2.47
N GLY M 965 -75.29 5.76 -1.91
CA GLY M 965 -75.69 4.61 -2.67
C GLY M 965 -75.20 3.33 -2.03
N GLU M 966 -75.44 2.24 -2.73
CA GLU M 966 -74.95 0.93 -2.35
C GLU M 966 -73.79 0.55 -3.26
N TYR M 967 -72.79 -0.14 -2.71
CA TYR M 967 -71.61 -0.50 -3.49
C TYR M 967 -71.50 -2.03 -3.54
N THR M 968 -72.43 -2.65 -4.28
CA THR M 968 -72.62 -4.11 -4.29
C THR M 968 -72.75 -4.62 -2.86
N ALA M 969 -73.56 -3.90 -2.09
CA ALA M 969 -74.13 -4.40 -0.86
C ALA M 969 -74.85 -5.71 -1.12
N ASN M 970 -74.92 -6.53 -0.08
CA ASN M 970 -75.51 -7.84 -0.24
C ASN M 970 -77.01 -7.72 -0.52
N PRO M 971 -77.56 -8.61 -1.33
CA PRO M 971 -78.99 -8.52 -1.68
C PRO M 971 -79.88 -8.56 -0.45
N SER M 972 -80.87 -7.68 -0.42
CA SER M 972 -81.81 -7.64 0.69
C SER M 972 -82.65 -8.92 0.74
N SER M 973 -83.29 -9.14 1.88
CA SER M 973 -83.82 -10.47 2.17
C SER M 973 -85.31 -10.43 2.51
N ARG M 974 -85.95 -11.57 2.33
CA ARG M 974 -87.36 -11.77 2.66
C ARG M 974 -87.41 -12.66 3.90
N ARG M 975 -88.03 -12.17 4.97
CA ARG M 975 -88.05 -12.88 6.25
C ARG M 975 -89.47 -13.34 6.61
N PHE M 976 -89.57 -14.54 7.22
CA PHE M 976 -90.85 -15.06 7.69
C PHE M 976 -90.63 -16.07 8.81
N GLY M 977 -91.40 -15.97 9.90
CA GLY M 977 -91.20 -16.88 11.01
C GLY M 977 -92.39 -17.14 11.91
N PHE M 978 -92.18 -18.00 12.91
CA PHE M 978 -93.15 -18.25 13.97
C PHE M 978 -92.63 -17.72 15.29
N ASN M 979 -93.55 -17.59 16.25
CA ASN M 979 -93.15 -17.27 17.62
C ASN M 979 -94.18 -17.83 18.58
N LEU M 980 -93.69 -18.41 19.68
CA LEU M 980 -94.55 -19.02 20.70
C LEU M 980 -94.38 -18.25 22.01
N MET M 981 -95.47 -17.75 22.56
CA MET M 981 -95.43 -17.04 23.82
C MET M 981 -96.16 -17.86 24.88
N VAL M 982 -95.66 -17.83 26.12
CA VAL M 982 -96.23 -18.58 27.23
C VAL M 982 -96.07 -17.77 28.49
N LYS M 983 -97.17 -17.44 29.13
CA LYS M 983 -97.14 -16.77 30.43
C LYS M 983 -97.34 -17.82 31.51
N PHE M 984 -96.64 -17.64 32.62
CA PHE M 984 -96.73 -18.52 33.76
C PHE M 984 -97.21 -17.69 34.96
N ASN N 3 -94.28 -9.08 -16.53
CA ASN N 3 -93.46 -9.71 -15.50
C ASN N 3 -92.00 -9.89 -15.97
N ASP N 4 -91.74 -9.57 -17.24
CA ASP N 4 -90.42 -9.74 -17.82
C ASP N 4 -90.04 -8.50 -18.63
N THR N 5 -88.83 -8.02 -18.38
CA THR N 5 -88.38 -6.80 -19.03
C THR N 5 -87.97 -7.07 -20.47
N GLU N 6 -88.45 -6.22 -21.36
CA GLU N 6 -88.07 -6.30 -22.76
C GLU N 6 -86.90 -5.36 -23.00
N PRO N 7 -85.73 -5.89 -23.35
CA PRO N 7 -84.61 -5.02 -23.70
C PRO N 7 -84.89 -4.11 -24.87
N GLY N 8 -85.85 -4.46 -25.73
CA GLY N 8 -86.08 -3.69 -26.94
C GLY N 8 -84.91 -3.70 -27.90
N GLY N 9 -84.71 -2.56 -28.53
CA GLY N 9 -83.85 -2.48 -29.70
C GLY N 9 -84.32 -1.34 -30.59
N THR N 10 -83.64 -1.21 -31.73
CA THR N 10 -83.97 -0.16 -32.69
C THR N 10 -85.13 -0.58 -33.57
N ALA N 11 -85.59 0.35 -34.39
CA ALA N 11 -86.76 0.08 -35.21
C ALA N 11 -86.53 -1.04 -36.23
N VAL N 12 -85.27 -1.30 -36.61
CA VAL N 12 -84.95 -2.32 -37.60
C VAL N 12 -84.04 -3.41 -37.03
N GLU N 13 -84.14 -3.66 -35.71
CA GLU N 13 -83.18 -4.50 -35.00
C GLU N 13 -82.94 -5.84 -35.69
N LYS N 14 -84.00 -6.53 -36.12
CA LYS N 14 -83.84 -7.93 -36.55
C LYS N 14 -83.31 -8.07 -37.97
N MET N 15 -83.26 -6.99 -38.74
CA MET N 15 -82.64 -7.02 -40.06
C MET N 15 -81.27 -6.38 -40.06
N ALA N 16 -80.81 -5.89 -38.91
CA ALA N 16 -79.49 -5.31 -38.73
C ALA N 16 -78.56 -6.39 -38.19
N GLY N 17 -77.31 -6.37 -38.63
CA GLY N 17 -76.35 -7.33 -38.11
C GLY N 17 -75.03 -7.24 -38.83
N ASP N 18 -74.12 -8.15 -38.45
CA ASP N 18 -72.87 -8.41 -39.14
C ASP N 18 -73.03 -9.65 -40.01
N TRP N 19 -72.46 -9.64 -41.22
CA TRP N 19 -72.73 -10.72 -42.15
C TRP N 19 -71.46 -11.25 -42.78
N TRP N 20 -71.41 -12.57 -42.95
CA TRP N 20 -70.37 -13.26 -43.73
C TRP N 20 -70.95 -13.60 -45.09
N VAL N 21 -70.62 -12.80 -46.10
CA VAL N 21 -71.22 -12.92 -47.43
C VAL N 21 -70.15 -13.20 -48.49
N THR N 22 -70.62 -13.77 -49.61
CA THR N 22 -69.81 -13.97 -50.82
C THR N 22 -70.49 -13.26 -51.98
N VAL N 23 -69.72 -12.94 -53.01
CA VAL N 23 -70.20 -12.11 -54.13
C VAL N 23 -70.18 -12.94 -55.41
N ASN N 24 -71.36 -13.35 -55.87
CA ASN N 24 -71.56 -14.03 -57.14
C ASN N 24 -72.04 -13.03 -58.19
N ALA N 25 -71.91 -13.42 -59.46
CA ALA N 25 -72.25 -12.52 -60.57
C ALA N 25 -72.97 -13.27 -61.66
N PHE N 26 -74.01 -12.64 -62.21
CA PHE N 26 -74.71 -13.15 -63.39
C PHE N 26 -73.98 -12.69 -64.64
N ILE N 27 -73.31 -13.60 -65.34
CA ILE N 27 -72.71 -13.31 -66.65
C ILE N 27 -73.30 -14.25 -67.68
N ASP N 28 -73.88 -13.68 -68.74
CA ASP N 28 -74.46 -14.45 -69.84
C ASP N 28 -75.54 -15.39 -69.34
N GLY N 29 -76.36 -14.90 -68.40
CA GLY N 29 -77.50 -15.64 -67.91
C GLY N 29 -77.15 -16.63 -66.80
N LYS N 30 -76.02 -17.30 -66.96
CA LYS N 30 -75.52 -18.19 -65.92
C LYS N 30 -74.91 -17.38 -64.79
N GLU N 31 -75.08 -17.84 -63.56
CA GLU N 31 -74.52 -17.16 -62.41
C GLU N 31 -73.19 -17.82 -62.06
N VAL N 32 -72.11 -17.05 -62.17
CA VAL N 32 -70.75 -17.55 -61.95
C VAL N 32 -70.39 -17.30 -60.49
N GLU N 33 -69.71 -18.28 -59.87
CA GLU N 33 -69.43 -18.32 -58.45
C GLU N 33 -68.85 -17.02 -57.91
N ASP N 34 -67.53 -16.91 -57.77
CA ASP N 34 -66.92 -15.67 -57.27
C ASP N 34 -66.03 -15.06 -58.34
N PRO N 35 -66.54 -14.10 -59.13
CA PRO N 35 -65.72 -13.55 -60.22
C PRO N 35 -64.42 -12.94 -59.74
N PHE N 36 -64.50 -11.88 -58.95
CA PHE N 36 -63.30 -11.18 -58.50
C PHE N 36 -62.41 -12.05 -57.62
N GLY N 37 -62.88 -13.20 -57.17
CA GLY N 37 -62.07 -14.06 -56.33
C GLY N 37 -61.79 -13.49 -54.95
N ALA N 38 -62.87 -13.14 -54.24
CA ALA N 38 -62.73 -12.41 -52.98
C ALA N 38 -62.87 -13.28 -51.74
N GLY N 39 -63.40 -14.49 -51.86
CA GLY N 39 -63.69 -15.30 -50.68
C GLY N 39 -64.91 -14.81 -49.92
N HIS N 40 -64.93 -15.06 -48.62
CA HIS N 40 -65.98 -14.54 -47.76
C HIS N 40 -65.59 -13.17 -47.23
N LEU N 41 -66.54 -12.25 -47.24
CA LEU N 41 -66.27 -10.86 -46.86
C LEU N 41 -67.27 -10.40 -45.80
N GLN N 42 -66.76 -9.60 -44.87
CA GLN N 42 -67.56 -9.07 -43.78
C GLN N 42 -68.29 -7.80 -44.22
N MET N 43 -69.60 -7.78 -43.98
CA MET N 43 -70.35 -6.55 -44.12
C MET N 43 -71.34 -6.45 -42.97
N SER N 44 -71.94 -5.28 -42.84
CA SER N 44 -72.89 -5.02 -41.77
C SER N 44 -74.07 -4.24 -42.31
N THR N 45 -75.17 -4.31 -41.58
CA THR N 45 -76.35 -3.51 -41.87
C THR N 45 -76.92 -3.02 -40.56
N TYR N 46 -77.47 -1.81 -40.55
CA TYR N 46 -77.84 -1.18 -39.29
C TYR N 46 -78.82 -0.04 -39.50
N ASN N 47 -79.43 0.37 -38.39
CA ASN N 47 -80.44 1.41 -38.36
C ASN N 47 -79.90 2.77 -38.72
N THR N 48 -80.76 3.60 -39.31
CA THR N 48 -80.45 4.99 -39.54
C THR N 48 -80.47 5.73 -38.20
N ALA N 49 -79.99 6.97 -38.19
CA ALA N 49 -80.09 7.78 -36.99
C ALA N 49 -81.49 8.32 -36.76
N SER N 50 -82.37 8.24 -37.76
CA SER N 50 -83.76 8.61 -37.56
C SER N 50 -84.56 7.53 -36.85
N ASN N 51 -83.99 6.33 -36.72
CA ASN N 51 -84.65 5.19 -36.06
C ASN N 51 -86.04 4.96 -36.64
N SER N 52 -86.12 4.91 -37.97
CA SER N 52 -87.35 4.59 -38.66
C SER N 52 -87.36 3.13 -39.07
N GLU N 53 -88.55 2.56 -39.20
CA GLU N 53 -88.68 1.22 -39.75
C GLU N 53 -88.90 1.22 -41.26
N THR N 54 -88.57 2.33 -41.94
CA THR N 54 -88.68 2.43 -43.40
C THR N 54 -87.33 2.41 -44.11
N GLU N 55 -86.22 2.63 -43.42
CA GLU N 55 -84.90 2.59 -44.06
C GLU N 55 -83.86 2.05 -43.10
N MET N 56 -82.76 1.56 -43.67
CA MET N 56 -81.59 1.11 -42.90
C MET N 56 -80.36 1.22 -43.79
N TRP N 57 -79.19 1.08 -43.17
CA TRP N 57 -77.90 1.09 -43.88
C TRP N 57 -77.47 -0.33 -44.27
N LEU N 58 -76.89 -0.47 -45.46
CA LEU N 58 -76.33 -1.73 -45.95
C LEU N 58 -74.88 -1.48 -46.34
N ASP N 59 -73.93 -2.05 -45.58
CA ASP N 59 -72.57 -1.52 -45.47
C ASP N 59 -71.54 -2.60 -45.75
N ASP N 60 -70.83 -2.49 -46.88
CA ASP N 60 -69.80 -3.48 -47.22
C ASP N 60 -68.53 -3.33 -46.39
N LEU N 61 -68.40 -2.24 -45.64
CA LEU N 61 -67.23 -1.91 -44.84
C LEU N 61 -65.94 -1.91 -45.66
N GLY N 62 -66.04 -1.56 -46.94
CA GLY N 62 -64.86 -1.42 -47.77
C GLY N 62 -64.28 -2.70 -48.31
N ASN N 63 -64.90 -3.85 -48.06
CA ASN N 63 -64.32 -5.11 -48.46
C ASN N 63 -64.58 -5.46 -49.92
N PHE N 64 -65.73 -5.08 -50.50
CA PHE N 64 -65.96 -5.41 -51.89
C PHE N 64 -65.79 -4.20 -52.80
N TRP N 65 -66.81 -3.35 -52.89
CA TRP N 65 -66.76 -2.19 -53.76
C TRP N 65 -66.53 -0.89 -52.99
N GLU N 66 -66.32 -0.96 -51.69
CA GLU N 66 -66.25 0.24 -50.84
C GLU N 66 -67.49 1.09 -51.06
N TYR N 67 -68.65 0.50 -50.76
CA TYR N 67 -69.93 1.15 -51.00
C TYR N 67 -70.76 1.18 -49.74
N LYS N 68 -71.55 2.25 -49.59
CA LYS N 68 -72.42 2.40 -48.43
C LYS N 68 -73.54 3.40 -48.72
N LEU N 69 -74.78 2.92 -48.65
CA LEU N 69 -75.97 3.71 -48.94
C LEU N 69 -77.09 3.28 -47.99
N LYS N 70 -78.10 4.12 -47.81
CA LYS N 70 -79.28 3.63 -47.10
C LYS N 70 -80.20 2.89 -48.04
N VAL N 71 -80.90 1.90 -47.50
CA VAL N 71 -81.74 0.98 -48.26
C VAL N 71 -83.18 1.10 -47.78
N ASN N 72 -84.13 1.13 -48.71
CA ASN N 72 -85.55 1.05 -48.33
C ASN N 72 -85.86 -0.32 -47.75
N VAL N 73 -86.55 -0.35 -46.59
CA VAL N 73 -86.90 -1.59 -45.91
C VAL N 73 -88.38 -1.61 -45.59
N ASN N 74 -89.05 -2.70 -45.98
CA ASN N 74 -90.35 -3.09 -45.44
C ASN N 74 -90.08 -4.13 -44.36
N TYR N 75 -90.32 -3.75 -43.09
CA TYR N 75 -89.79 -4.52 -41.97
C TYR N 75 -90.52 -5.85 -41.79
N ALA N 76 -91.85 -5.85 -41.88
CA ALA N 76 -92.61 -7.09 -41.74
C ALA N 76 -92.26 -8.12 -42.82
N ALA N 77 -92.00 -7.69 -44.05
CA ALA N 77 -91.68 -8.65 -45.11
C ALA N 77 -90.34 -9.34 -44.89
N ARG N 78 -89.40 -8.66 -44.22
CA ARG N 78 -88.00 -9.05 -44.20
C ARG N 78 -87.40 -8.87 -45.60
N THR N 79 -87.62 -7.69 -46.18
CA THR N 79 -87.11 -7.37 -47.51
C THR N 79 -86.57 -5.95 -47.52
N PHE N 80 -85.67 -5.68 -48.46
CA PHE N 80 -85.10 -4.35 -48.62
C PHE N 80 -84.67 -4.18 -50.07
N SER N 81 -84.68 -2.93 -50.53
CA SER N 81 -84.34 -2.63 -51.93
C SER N 81 -84.02 -1.14 -52.07
N THR N 82 -83.64 -0.76 -53.28
CA THR N 82 -83.43 0.63 -53.69
C THR N 82 -84.53 1.06 -54.67
N THR N 83 -84.61 2.38 -54.91
CA THR N 83 -85.48 2.99 -55.91
C THR N 83 -84.61 3.59 -57.01
N GLY N 84 -84.45 2.87 -58.12
CA GLY N 84 -83.55 3.40 -59.13
C GLY N 84 -82.18 3.61 -58.53
N PHE N 85 -81.41 4.53 -59.10
CA PHE N 85 -80.02 4.76 -58.68
C PHE N 85 -79.91 5.90 -57.66
N VAL N 86 -79.31 5.61 -56.51
CA VAL N 86 -79.12 6.55 -55.40
C VAL N 86 -77.64 6.59 -54.99
N ASP N 87 -77.30 7.64 -54.23
CA ASP N 87 -75.91 7.99 -53.96
C ASP N 87 -75.24 6.97 -53.05
N ASN N 88 -74.02 6.61 -53.41
CA ASN N 88 -73.06 6.08 -52.45
C ASN N 88 -72.47 7.27 -51.71
N VAL N 89 -72.27 7.12 -50.41
CA VAL N 89 -71.69 8.16 -49.57
C VAL N 89 -70.27 7.81 -49.13
N THR N 90 -69.75 6.65 -49.53
CA THR N 90 -68.33 6.36 -49.26
C THR N 90 -67.44 7.12 -50.24
N TYR N 91 -67.68 6.98 -51.56
CA TYR N 91 -66.72 7.56 -52.49
C TYR N 91 -67.32 8.24 -53.73
N GLU N 92 -68.61 8.61 -53.73
CA GLU N 92 -69.26 9.29 -54.86
C GLU N 92 -69.45 8.34 -56.05
N SER N 93 -70.30 7.34 -55.87
CA SER N 93 -70.79 6.48 -56.93
C SER N 93 -72.29 6.33 -56.70
N LYS N 94 -72.92 5.34 -57.36
CA LYS N 94 -74.34 5.04 -57.15
C LYS N 94 -74.52 3.54 -57.32
N VAL N 95 -75.25 2.90 -56.39
CA VAL N 95 -75.11 1.46 -56.16
C VAL N 95 -76.47 0.83 -55.88
N LYS N 96 -76.95 -0.03 -56.79
CA LYS N 96 -78.37 -0.38 -56.86
C LYS N 96 -78.71 -1.77 -56.38
N ILE N 97 -79.60 -1.82 -55.39
CA ILE N 97 -79.99 -3.05 -54.70
C ILE N 97 -81.45 -3.35 -55.01
N THR N 98 -81.75 -4.62 -55.27
CA THR N 98 -83.13 -5.08 -55.37
C THR N 98 -83.22 -6.53 -54.92
N ASP N 99 -84.45 -6.94 -54.57
CA ASP N 99 -84.76 -8.32 -54.13
C ASP N 99 -83.92 -8.70 -52.90
N GLY N 100 -83.67 -7.73 -52.04
CA GLY N 100 -82.93 -7.99 -50.82
C GLY N 100 -83.86 -8.54 -49.76
N LYS N 101 -83.45 -9.65 -49.15
CA LYS N 101 -84.26 -10.26 -48.11
C LYS N 101 -83.35 -10.74 -46.98
N VAL N 102 -83.92 -10.76 -45.77
CA VAL N 102 -83.26 -11.33 -44.59
C VAL N 102 -84.16 -12.48 -44.13
N LEU N 103 -83.69 -13.71 -44.30
CA LEU N 103 -84.48 -14.91 -44.06
C LEU N 103 -84.04 -15.53 -42.74
N GLU N 104 -84.97 -15.57 -41.77
CA GLU N 104 -84.62 -15.90 -40.40
C GLU N 104 -84.33 -17.39 -40.25
N LYS N 105 -83.19 -17.70 -39.62
CA LYS N 105 -82.75 -19.07 -39.32
C LYS N 105 -82.76 -19.96 -40.56
N ALA N 106 -82.58 -19.35 -41.73
CA ALA N 106 -82.67 -20.11 -42.97
C ALA N 106 -81.33 -20.72 -43.39
N ALA N 107 -80.23 -20.04 -43.11
CA ALA N 107 -78.90 -20.47 -43.52
C ALA N 107 -78.26 -21.39 -42.47
N THR N 108 -77.08 -21.93 -42.83
CA THR N 108 -76.32 -22.83 -41.98
C THR N 108 -74.92 -22.26 -41.79
N THR N 109 -74.42 -22.31 -40.54
CA THR N 109 -73.06 -21.87 -40.22
C THR N 109 -72.05 -22.94 -40.62
N PRO N 110 -70.77 -22.59 -40.68
CA PRO N 110 -69.75 -23.63 -40.93
C PRO N 110 -69.78 -24.74 -39.90
N SER N 111 -70.07 -24.42 -38.63
CA SER N 111 -70.25 -25.41 -37.58
C SER N 111 -71.58 -26.17 -37.70
N GLY N 112 -72.36 -25.91 -38.74
CA GLY N 112 -73.57 -26.67 -39.00
C GLY N 112 -74.75 -26.35 -38.10
N MET N 113 -74.93 -25.08 -37.74
CA MET N 113 -76.02 -24.62 -36.89
C MET N 113 -76.79 -23.51 -37.59
N PRO N 114 -78.08 -23.40 -37.34
CA PRO N 114 -78.89 -22.43 -38.11
C PRO N 114 -78.51 -20.98 -37.81
N ALA N 115 -78.53 -20.15 -38.86
CA ALA N 115 -78.30 -18.72 -38.75
C ALA N 115 -79.20 -18.01 -39.74
N ASP N 116 -79.30 -16.69 -39.60
CA ASP N 116 -80.10 -15.88 -40.51
C ASP N 116 -79.35 -15.71 -41.84
N SER N 117 -80.00 -16.08 -42.94
CA SER N 117 -79.46 -15.85 -44.28
C SER N 117 -79.72 -14.39 -44.70
N ILE N 118 -78.93 -13.93 -45.65
CA ILE N 118 -79.13 -12.63 -46.29
C ILE N 118 -78.74 -12.78 -47.76
N VAL N 119 -79.51 -12.14 -48.64
CA VAL N 119 -79.28 -12.18 -50.09
C VAL N 119 -79.75 -10.86 -50.68
N TYR N 120 -79.00 -10.35 -51.65
CA TYR N 120 -79.49 -9.19 -52.41
C TYR N 120 -78.70 -9.02 -53.70
N MET N 121 -79.37 -8.42 -54.70
CA MET N 121 -78.76 -8.11 -55.99
C MET N 121 -78.30 -6.66 -55.98
N VAL N 122 -77.12 -6.40 -56.55
CA VAL N 122 -76.50 -5.08 -56.51
C VAL N 122 -75.87 -4.76 -57.86
N GLN N 123 -76.01 -3.49 -58.28
CA GLN N 123 -75.35 -2.94 -59.46
C GLN N 123 -74.65 -1.64 -59.09
N PHE N 124 -73.61 -1.30 -59.85
CA PHE N 124 -72.84 -0.09 -59.57
C PHE N 124 -72.83 0.83 -60.79
N ASP N 125 -73.05 2.12 -60.52
CA ASP N 125 -72.96 3.21 -61.49
C ASP N 125 -71.72 3.08 -62.38
N ASP N 126 -70.54 2.98 -61.76
CA ASP N 126 -69.29 3.02 -62.51
C ASP N 126 -68.73 1.63 -62.85
N ASP N 127 -69.54 0.58 -62.75
CA ASP N 127 -69.20 -0.73 -63.30
C ASP N 127 -69.15 -0.62 -64.83
N GLU N 128 -67.94 -0.67 -65.40
CA GLU N 128 -67.78 -0.57 -66.85
C GLU N 128 -68.36 -1.79 -67.58
N ASP N 129 -68.41 -2.94 -66.90
CA ASP N 129 -69.13 -4.09 -67.45
C ASP N 129 -70.64 -3.95 -67.24
N GLY N 130 -71.06 -3.24 -66.19
CA GLY N 130 -72.47 -2.98 -65.95
C GLY N 130 -73.24 -4.16 -65.40
N LEU N 131 -72.59 -5.07 -64.69
CA LEU N 131 -73.26 -6.30 -64.33
C LEU N 131 -74.06 -6.15 -63.03
N THR N 132 -74.82 -7.20 -62.72
CA THR N 132 -75.60 -7.30 -61.49
C THR N 132 -75.01 -8.45 -60.67
N TYR N 133 -74.67 -8.18 -59.41
CA TYR N 133 -74.05 -9.16 -58.55
C TYR N 133 -75.04 -9.62 -57.47
N LYS N 134 -74.85 -10.85 -57.01
CA LYS N 134 -75.65 -11.41 -55.92
C LYS N 134 -74.77 -11.70 -54.72
N VAL N 135 -74.96 -10.95 -53.64
CA VAL N 135 -74.27 -11.20 -52.38
C VAL N 135 -75.14 -12.10 -51.50
N SER N 136 -74.57 -13.20 -51.03
CA SER N 136 -75.29 -14.10 -50.15
C SER N 136 -74.43 -14.42 -48.94
N GLY N 137 -75.06 -14.56 -47.78
CA GLY N 137 -74.33 -14.94 -46.59
C GLY N 137 -75.24 -15.11 -45.40
N PHE N 138 -74.62 -15.17 -44.22
CA PHE N 138 -75.33 -15.45 -42.97
C PHE N 138 -74.86 -14.51 -41.87
N ARG N 139 -75.54 -14.60 -40.73
CA ARG N 139 -75.26 -13.73 -39.60
C ARG N 139 -74.05 -14.23 -38.83
N ARG N 140 -73.08 -13.36 -38.63
CA ARG N 140 -71.87 -13.74 -37.90
C ARG N 140 -72.22 -14.22 -36.49
N THR N 141 -71.86 -15.48 -36.20
CA THR N 141 -72.21 -16.06 -34.90
C THR N 141 -71.42 -15.44 -33.76
N GLY N 142 -70.09 -15.40 -33.90
CA GLY N 142 -69.19 -14.95 -32.86
C GLY N 142 -68.15 -15.99 -32.45
N PHE N 143 -68.41 -17.27 -32.72
CA PHE N 143 -67.39 -18.28 -32.51
C PHE N 143 -66.29 -18.13 -33.56
N PRO N 144 -65.04 -18.44 -33.20
CA PRO N 144 -63.97 -18.33 -34.20
C PRO N 144 -64.09 -19.38 -35.30
N ALA N 145 -64.73 -20.52 -35.01
CA ALA N 145 -64.89 -21.54 -36.03
C ALA N 145 -65.81 -21.11 -37.17
N ASP N 146 -66.62 -20.07 -36.97
CA ASP N 146 -67.57 -19.59 -37.97
C ASP N 146 -67.02 -18.40 -38.76
N ASP N 147 -65.72 -18.12 -38.65
CA ASP N 147 -65.10 -16.99 -39.31
C ASP N 147 -64.27 -17.45 -40.50
N PHE N 148 -63.81 -16.47 -41.27
CA PHE N 148 -62.98 -16.75 -42.44
C PHE N 148 -61.75 -15.83 -42.43
N GLY O 1 -64.98 14.37 -5.25
CA GLY O 1 -64.84 13.71 -3.97
C GLY O 1 -63.78 12.64 -3.88
N GLY O 2 -63.33 12.35 -2.67
CA GLY O 2 -62.24 11.41 -2.37
C GLY O 2 -62.19 10.07 -3.08
N GLY O 3 -62.76 9.00 -2.49
CA GLY O 3 -62.51 7.61 -2.83
C GLY O 3 -62.34 7.25 -4.31
N GLY O 4 -61.71 6.11 -4.61
CA GLY O 4 -61.37 5.75 -5.97
C GLY O 4 -61.70 4.29 -6.30
N GLY O 5 -62.19 4.01 -7.52
CA GLY O 5 -62.53 2.65 -7.92
C GLY O 5 -61.76 2.18 -9.14
N GLY O 6 -61.62 0.86 -9.27
CA GLY O 6 -61.02 0.29 -10.48
C GLY O 6 -62.03 -0.19 -11.51
N GLY O 7 -61.61 -0.25 -12.77
CA GLY O 7 -62.37 -0.92 -13.80
C GLY O 7 -62.24 -2.43 -13.63
N GLY O 8 -62.98 -3.16 -14.45
CA GLY O 8 -62.94 -4.61 -14.48
C GLY O 8 -61.88 -5.15 -15.43
N GLY O 9 -61.97 -6.45 -15.68
CA GLY O 9 -61.09 -7.12 -16.62
C GLY O 9 -61.90 -7.77 -17.73
N GLY O 10 -61.38 -7.70 -18.95
CA GLY O 10 -62.00 -8.36 -20.09
C GLY O 10 -61.19 -8.10 -21.35
N GLY P 1 30.38 6.42 -43.59
CA GLY P 1 31.59 6.07 -42.85
C GLY P 1 31.60 6.53 -41.40
N GLY P 2 32.40 5.90 -40.54
CA GLY P 2 32.34 6.16 -39.10
C GLY P 2 32.59 7.61 -38.73
N GLY P 3 32.50 7.94 -37.45
CA GLY P 3 32.91 9.25 -36.97
C GLY P 3 31.73 10.20 -37.00
N GLY P 4 31.35 10.76 -35.85
CA GLY P 4 30.17 11.61 -35.73
C GLY P 4 30.53 13.03 -35.33
N GLY P 5 29.72 14.00 -35.71
CA GLY P 5 29.83 15.34 -35.15
C GLY P 5 28.61 15.68 -34.31
N GLY P 6 28.77 16.65 -33.42
CA GLY P 6 27.64 17.22 -32.73
C GLY P 6 27.17 18.51 -33.38
N GLY P 7 25.87 18.76 -33.33
CA GLY P 7 25.37 20.09 -33.63
C GLY P 7 25.90 21.08 -32.61
N GLY P 8 25.59 22.36 -32.82
CA GLY P 8 25.89 23.42 -31.89
C GLY P 8 24.69 23.83 -31.03
N GLY P 9 24.93 24.89 -30.25
CA GLY P 9 23.87 25.45 -29.45
C GLY P 9 23.50 26.82 -29.96
N GLY P 10 22.27 27.24 -29.67
CA GLY P 10 21.80 28.55 -30.02
C GLY P 10 20.28 28.66 -29.96
C1 KR0 Q . 69.11 -7.05 -42.46
O1 KR0 Q . 69.17 -8.43 -42.77
C2 KR0 Q . 67.82 -6.72 -41.72
C3 KR0 Q . 68.00 -6.76 -40.21
C4 KR0 Q . 73.40 -7.27 -37.20
O4 KR0 Q . 69.34 -6.43 -39.85
C5 KR0 Q . 69.82 -6.53 -38.47
C6 KR0 Q . 74.19 -6.71 -38.39
C7 KR0 Q . 70.42 -9.19 -42.56
C8 KR0 Q . 75.62 -6.31 -38.03
O8 KR0 Q . 69.05 -6.78 -37.56
C9 KR0 Q . 76.32 -5.54 -39.14
O9 KR0 Q . 70.34 -10.39 -42.38
C10 KR0 Q . 71.29 -6.33 -38.15
C11 KR0 Q . 71.94 -7.56 -37.54
C12 KR0 Q . 71.77 -8.51 -42.57
C13 KR0 Q . 72.81 -9.43 -43.20
C14 KR0 Q . 77.84 -5.44 -38.93
C15 KR0 Q . 78.47 -4.27 -39.70
C16 KR0 Q . 79.97 -4.17 -39.59
C17 KR0 Q . 74.04 -8.65 -43.72
C18 KR0 Q . 75.19 -8.47 -42.72
C19 KR0 Q . 76.35 -7.73 -43.39
C20 KR0 Q . 77.64 -7.65 -42.57
C21 KR0 Q . 78.80 -7.12 -43.44
C22 KR0 Q . 80.11 -6.90 -42.68
C23 KR0 Q . 81.24 -6.39 -43.58
NA NA R . 33.89 -8.98 -34.29
CA CA S . 52.01 32.33 -30.31
C1 KR0 T . -71.24 -23.93 30.64
O1 KR0 T . -71.57 -25.08 29.86
C2 KR0 T . -69.83 -23.44 30.33
C3 KR0 T . -69.97 -22.11 29.60
C4 KR0 T . -75.18 -19.80 27.20
O4 KR0 T . -71.35 -21.86 29.29
C5 KR0 T . -71.60 -20.65 28.53
C6 KR0 T . -76.07 -20.09 28.40
C7 KR0 T . -72.96 -25.47 29.71
C8 KR0 T . -77.36 -19.27 28.47
O8 KR0 T . -70.63 -20.13 28.01
C9 KR0 T . -78.17 -19.63 29.74
O9 KR0 T . -73.23 -26.42 29.00
C10 KR0 T . -72.98 -20.02 28.40
C11 KR0 T . -73.86 -20.58 27.29
C12 KR0 T . -74.08 -24.73 30.40
C13 KR0 T . -75.38 -24.83 29.59
C14 KR0 T . -79.54 -18.93 29.82
C15 KR0 T . -80.04 -18.75 31.25
C16 KR0 T . -81.44 -18.14 31.33
C17 KR0 T . -76.56 -24.89 30.54
C18 KR0 T . -77.45 -23.64 30.56
C19 KR0 T . -78.51 -23.75 31.68
C20 KR0 T . -79.91 -23.18 31.36
C21 KR0 T . -80.91 -23.36 32.52
C22 KR0 T . -82.32 -22.84 32.19
C23 KR0 T . -83.30 -22.93 33.36
NA NA U . -36.17 -23.90 21.12
CA CA V . -48.23 10.94 46.61
C1 KR0 W . 74.11 24.66 -19.88
O1 KR0 W . 73.88 26.04 -19.62
C2 KR0 W . 73.06 23.79 -19.20
C3 KR0 W . 72.27 23.06 -20.26
C4 KR0 W . 71.37 25.12 -26.07
O4 KR0 W . 72.50 23.75 -21.51
C5 KR0 W . 71.68 23.37 -22.64
C6 KR0 W . 72.89 25.36 -26.30
C7 KR0 W . 74.04 27.06 -20.66
C8 KR0 W . 73.22 25.41 -27.81
O8 KR0 W . 70.72 22.65 -22.42
C9 KR0 W . 74.71 25.29 -28.13
O9 KR0 W . 73.56 28.15 -20.46
C10 KR0 W . 72.03 23.83 -24.04
C11 KR0 W . 71.01 24.79 -24.64
C12 KR0 W . 74.80 26.84 -21.95
C13 KR0 W . 74.96 28.18 -22.70
C14 KR0 W . 75.05 25.34 -29.62
C15 KR0 W . 76.56 25.37 -29.92
C16 KR0 W . 76.96 25.18 -31.37
C17 KR0 W . 76.37 28.37 -23.32
C18 KR0 W . 76.39 28.35 -24.87
C19 KR0 W . 77.79 28.32 -25.49
C20 KR0 W . 77.81 28.63 -27.00
C21 KR0 W . 79.25 28.80 -27.56
C22 KR0 W . 79.36 28.74 -29.09
C23 KR0 W . 80.76 28.89 -29.67
NA NA X . 52.92 10.20 5.93
CA CA Y . 72.46 -20.31 -20.58
C1 KR0 Z . -70.79 15.08 35.30
O1 KR0 Z . -70.40 16.30 35.94
C2 KR0 Z . -69.86 14.76 34.13
C3 KR0 Z . -69.48 13.31 34.23
C4 KR0 Z . -68.38 11.18 39.96
O4 KR0 Z . -69.71 12.94 35.59
C5 KR0 Z . -68.74 12.04 36.18
C6 KR0 Z . -69.84 11.27 40.42
C7 KR0 Z . -70.57 16.49 37.37
C8 KR0 Z . -70.23 10.24 41.51
O8 KR0 Z . -67.73 11.84 35.52
C9 KR0 Z . -71.70 10.34 41.91
O9 KR0 Z . -70.10 17.50 37.87
C10 KR0 Z . -68.95 11.36 37.51
C11 KR0 Z . -68.12 11.94 38.65
C12 KR0 Z . -71.29 15.49 38.25
C13 KR0 Z . -71.46 16.11 39.65
C14 KR0 Z . -72.10 9.42 43.08
C15 KR0 Z . -73.61 9.37 43.33
C16 KR0 Z . -74.09 8.20 44.17
C17 KR0 Z . -72.87 15.91 40.18
C18 KR0 Z . -72.92 14.80 41.23
C19 KR0 Z . -74.29 14.74 41.94
C20 KR0 Z . -74.38 13.66 43.03
C21 KR0 Z . -75.68 13.75 43.84
C22 KR0 Z . -75.83 12.64 44.90
C23 KR0 Z . -77.07 12.73 45.76
NA NA AA . -50.99 19.62 5.27
CA CA BA . -75.51 -18.80 5.74
#